data_6WVV
#
_entry.id   6WVV
#
_cell.length_a   117.035
_cell.length_b   201.549
_cell.length_c   166.224
_cell.angle_alpha   90.000
_cell.angle_beta   106.013
_cell.angle_gamma   90.000
#
_symmetry.space_group_name_H-M   'P 1 21 1'
#
loop_
_entity.id
_entity.type
_entity.pdbx_description
1 polymer 'M17 leucyl aminopeptidase'
2 non-polymer GLYCEROL
3 non-polymer DI(HYDROXYETHYL)ETHER
4 non-polymer 'ZINC ION'
5 non-polymer 'SULFATE ION'
6 water water
#
_entity_poly.entity_id   1
_entity_poly.type   'polypeptide(L)'
_entity_poly.pdbx_seq_one_letter_code
;MATTVPQVVSLDPTTIPIDYHTPIDDLSIEVKDISAEACPADEGLIVFLLNSQIKINSSVKDNTINEFLKEGNMENFTGK
LGTSKSFYIANDQKKYVSLAYVGCGPANEETELEIRKVAYALVTLLHDSKHKKVSIIFEIKIEEALFRFFLEHLFYEYVT
DERFKSADKSTETDFIKNLSLHIANADAYKGQIDKARVYFYGTYYAAQLIAAPSNYCNPVSLSNAAVELAQKVNLECKIL
DVKELEELKMGAYLSVGKGSMYPNKFIHLTYKGAQTGASQNEKKKIALIGKGITFDSGGYNLKAAPGSMIDLMKFDMSGC
AAVLGCAYCIGTIKPDNVEVHFLSAVCENMVSKNSYRPGDIITASNGKTIEVGNTDAEGRLTLADALVYAEKLGVDYIVD
IATLTGAMLYSLGTSYAGVFGNNDQLINKILSSSKTSNEPVWWLPIINEYRSSLNSKYADLNNISSSVKASSVVASLFLK
EFIENTPWAHIDIAGVSWNFKARKPKGFGVRLLTEFVLNDAVHHHHHH
;
_entity_poly.pdbx_strand_id   A,B,C,D,E,F,G,H,I,J,K,L
#
loop_
_chem_comp.id
_chem_comp.type
_chem_comp.name
_chem_comp.formula
GOL non-polymer GLYCEROL 'C3 H8 O3'
PEG non-polymer DI(HYDROXYETHYL)ETHER 'C4 H10 O3'
SO4 non-polymer 'SULFATE ION' 'O4 S -2'
ZN non-polymer 'ZINC ION' 'Zn 2'
#
# COMPACT_ATOMS: atom_id res chain seq x y z
N ALA A 2 4.30 39.94 7.98
CA ALA A 2 4.22 41.07 7.07
C ALA A 2 5.59 41.68 6.82
N THR A 3 6.37 41.91 7.88
CA THR A 3 7.75 42.37 7.74
C THR A 3 8.75 41.22 7.70
N THR A 4 8.34 40.03 8.18
CA THR A 4 9.20 38.86 8.09
C THR A 4 9.35 38.42 6.64
N VAL A 5 10.58 38.09 6.25
CA VAL A 5 10.86 37.53 4.94
C VAL A 5 10.66 36.01 5.05
N PRO A 6 9.69 35.43 4.34
CA PRO A 6 9.54 33.97 4.38
C PRO A 6 10.69 33.28 3.68
N GLN A 7 11.03 32.09 4.20
CA GLN A 7 12.13 31.29 3.67
C GLN A 7 11.63 29.89 3.38
N VAL A 8 12.22 29.27 2.35
CA VAL A 8 11.98 27.86 2.08
C VAL A 8 12.98 26.99 2.84
N VAL A 9 14.23 27.45 2.92
CA VAL A 9 15.26 26.82 3.74
C VAL A 9 15.91 27.92 4.57
N SER A 10 16.55 27.51 5.66
CA SER A 10 17.13 28.47 6.59
C SER A 10 18.27 29.27 5.94
N LEU A 11 18.84 28.78 4.85
CA LEU A 11 19.93 29.49 4.19
C LEU A 11 19.45 30.59 3.25
N ASP A 12 18.15 30.70 3.03
CA ASP A 12 17.63 31.79 2.19
C ASP A 12 17.92 33.13 2.86
N PRO A 13 18.42 34.12 2.13
CA PRO A 13 18.68 35.44 2.74
C PRO A 13 17.39 36.11 3.17
N THR A 14 17.51 36.99 4.16
CA THR A 14 16.37 37.72 4.72
C THR A 14 16.55 39.23 4.66
N THR A 15 17.62 39.70 4.01
CA THR A 15 17.86 41.14 3.88
C THR A 15 18.66 41.39 2.60
N ILE A 16 18.47 42.57 2.04
CA ILE A 16 19.28 43.04 0.93
C ILE A 16 20.50 43.74 1.50
N PRO A 17 21.71 43.23 1.28
CA PRO A 17 22.91 43.96 1.72
C PRO A 17 23.05 45.25 0.92
N ILE A 18 23.32 46.34 1.63
CA ILE A 18 23.40 47.66 1.02
C ILE A 18 24.63 48.37 1.59
N ASP A 19 25.48 48.88 0.72
CA ASP A 19 26.62 49.70 1.12
C ASP A 19 26.15 51.14 1.27
N TYR A 20 26.00 51.59 2.51
CA TYR A 20 25.64 52.98 2.79
C TYR A 20 26.86 53.88 2.89
N HIS A 21 28.05 53.32 2.76
CA HIS A 21 29.30 54.09 2.82
C HIS A 21 30.19 53.63 1.68
N THR A 22 30.63 54.56 0.84
CA THR A 22 31.52 54.27 -0.26
C THR A 22 32.85 54.98 -0.05
N PRO A 23 33.90 54.59 -0.77
CA PRO A 23 35.18 55.32 -0.67
C PRO A 23 35.05 56.80 -1.03
N ILE A 24 34.00 57.18 -1.76
CA ILE A 24 33.82 58.60 -2.08
C ILE A 24 33.57 59.40 -0.81
N ASP A 25 32.92 58.80 0.18
CA ASP A 25 32.66 59.49 1.44
C ASP A 25 33.94 59.79 2.22
N ASP A 26 35.05 59.16 1.87
CA ASP A 26 36.33 59.41 2.51
C ASP A 26 37.30 60.16 1.60
N LEU A 27 36.81 60.73 0.51
CA LEU A 27 37.63 61.43 -0.47
C LEU A 27 37.38 62.92 -0.35
N SER A 28 38.44 63.69 -0.14
CA SER A 28 38.34 65.14 -0.19
C SER A 28 38.41 65.60 -1.63
N ILE A 29 37.52 66.53 -1.98
CA ILE A 29 37.46 67.08 -3.34
C ILE A 29 37.55 68.59 -3.25
N GLU A 30 38.36 69.18 -4.13
CA GLU A 30 38.55 70.63 -4.18
C GLU A 30 38.55 71.07 -5.63
N VAL A 31 37.94 72.23 -5.88
CA VAL A 31 37.97 72.88 -7.19
C VAL A 31 38.84 74.12 -7.07
N LYS A 32 39.89 74.20 -7.86
CA LYS A 32 40.82 75.33 -7.85
C LYS A 32 40.93 75.91 -9.25
N ASP A 33 41.13 77.23 -9.32
CA ASP A 33 41.22 77.89 -10.61
C ASP A 33 42.50 77.44 -11.33
N ILE A 34 42.36 77.15 -12.63
CA ILE A 34 43.49 76.61 -13.38
C ILE A 34 44.62 77.62 -13.53
N SER A 35 44.35 78.91 -13.33
CA SER A 35 45.35 79.95 -13.49
C SER A 35 45.74 80.59 -12.16
N ALA A 36 44.76 81.10 -11.41
CA ALA A 36 45.08 81.76 -10.14
C ALA A 36 45.54 80.79 -9.07
N GLU A 37 45.22 79.50 -9.22
CA GLU A 37 45.63 78.48 -8.26
C GLU A 37 46.17 77.26 -9.03
N ALA A 38 47.18 77.52 -9.87
CA ALA A 38 47.74 76.46 -10.70
C ALA A 38 48.20 75.29 -9.83
N CYS A 39 48.01 74.08 -10.36
CA CYS A 39 48.49 72.87 -9.71
C CYS A 39 49.95 73.08 -9.32
N PRO A 40 50.42 72.49 -8.22
CA PRO A 40 51.85 72.58 -7.93
C PRO A 40 52.67 71.46 -8.54
N ALA A 41 52.02 70.36 -8.91
CA ALA A 41 52.73 69.17 -9.38
C ALA A 41 53.81 68.75 -8.38
N ASP A 42 53.48 68.86 -7.09
CA ASP A 42 54.44 68.55 -6.04
C ASP A 42 54.40 67.09 -5.63
N GLU A 43 53.26 66.43 -5.75
CA GLU A 43 53.13 65.05 -5.28
C GLU A 43 51.97 64.39 -6.01
N GLY A 44 51.88 63.07 -5.89
CA GLY A 44 50.74 62.33 -6.40
C GLY A 44 50.75 62.19 -7.91
N LEU A 45 49.55 62.03 -8.46
CA LEU A 45 49.35 61.82 -9.89
C LEU A 45 48.64 63.02 -10.49
N ILE A 46 49.14 63.52 -11.61
CA ILE A 46 48.59 64.67 -12.30
C ILE A 46 48.10 64.23 -13.68
N VAL A 47 46.83 64.49 -13.97
CA VAL A 47 46.22 64.08 -15.23
C VAL A 47 45.72 65.31 -15.96
N PHE A 48 46.13 65.46 -17.21
CA PHE A 48 45.67 66.55 -18.07
C PHE A 48 44.61 66.01 -19.03
N LEU A 49 43.46 66.64 -19.05
CA LEU A 49 42.40 66.33 -20.01
C LEU A 49 42.57 67.24 -21.21
N LEU A 50 42.90 66.66 -22.36
CA LEU A 50 43.28 67.42 -23.54
C LEU A 50 42.45 67.02 -24.74
N ASN A 51 42.24 67.98 -25.63
CA ASN A 51 41.57 67.72 -26.90
C ASN A 51 42.59 67.32 -27.96
N SER A 52 42.09 66.70 -29.02
CA SER A 52 42.97 66.15 -30.04
C SER A 52 43.74 67.25 -30.74
N GLN A 53 45.05 67.05 -30.88
CA GLN A 53 45.92 67.94 -31.63
C GLN A 53 46.01 69.33 -31.01
N ILE A 54 45.92 69.41 -29.69
CA ILE A 54 45.99 70.66 -28.95
C ILE A 54 47.10 70.55 -27.91
N LYS A 55 48.02 71.50 -27.92
CA LYS A 55 49.15 71.47 -27.01
C LYS A 55 48.73 71.86 -25.60
N ILE A 56 49.58 71.47 -24.63
CA ILE A 56 49.35 71.85 -23.24
C ILE A 56 49.41 73.37 -23.14
N ASN A 57 48.34 73.97 -22.60
CA ASN A 57 48.26 75.42 -22.46
C ASN A 57 48.35 75.89 -21.01
N SER A 58 47.99 75.05 -20.05
CA SER A 58 48.09 75.44 -18.65
C SER A 58 49.51 75.21 -18.14
N SER A 59 49.86 75.94 -17.10
CA SER A 59 51.17 75.86 -16.47
C SER A 59 51.02 75.28 -15.06
N VAL A 60 52.16 74.95 -14.45
CA VAL A 60 52.18 74.36 -13.12
C VAL A 60 53.38 74.92 -12.36
N LYS A 61 53.26 74.94 -11.03
CA LYS A 61 54.22 75.68 -10.22
C LYS A 61 55.62 75.06 -10.26
N ASP A 62 55.71 73.73 -10.25
CA ASP A 62 57.00 73.07 -10.30
C ASP A 62 57.69 73.41 -11.62
N ASN A 63 58.88 74.01 -11.54
CA ASN A 63 59.55 74.52 -12.73
C ASN A 63 60.09 73.40 -13.60
N THR A 64 60.54 72.30 -12.99
CA THR A 64 60.99 71.16 -13.79
C THR A 64 59.82 70.59 -14.59
N ILE A 65 58.71 70.29 -13.92
CA ILE A 65 57.55 69.74 -14.60
C ILE A 65 57.03 70.72 -15.64
N ASN A 66 56.95 72.00 -15.26
CA ASN A 66 56.43 73.00 -16.19
C ASN A 66 57.32 73.10 -17.43
N GLU A 67 58.63 72.93 -17.26
CA GLU A 67 59.52 72.92 -18.42
C GLU A 67 59.26 71.68 -19.28
N PHE A 68 59.03 70.53 -18.63
CA PHE A 68 58.65 69.33 -19.38
C PHE A 68 57.39 69.58 -20.18
N LEU A 69 56.46 70.37 -19.64
CA LEU A 69 55.18 70.59 -20.32
C LEU A 69 55.36 71.50 -21.53
N LYS A 70 56.14 72.57 -21.40
CA LYS A 70 56.34 73.48 -22.52
C LYS A 70 57.01 72.76 -23.68
N GLU A 71 57.87 71.80 -23.40
CA GLU A 71 58.32 70.85 -24.42
C GLU A 71 57.22 69.83 -24.65
N GLY A 72 56.97 69.49 -25.91
CA GLY A 72 55.86 68.62 -26.26
C GLY A 72 55.80 67.33 -25.47
N ASN A 73 56.62 66.35 -25.86
CA ASN A 73 56.59 65.00 -25.29
C ASN A 73 55.28 64.30 -25.60
N MET A 74 54.62 64.69 -26.70
CA MET A 74 53.38 64.08 -27.16
C MET A 74 53.57 63.30 -28.46
N GLU A 75 54.70 62.59 -28.58
CA GLU A 75 55.07 62.04 -29.87
C GLU A 75 54.08 60.98 -30.36
N ASN A 76 53.47 60.23 -29.45
CA ASN A 76 52.48 59.22 -29.81
C ASN A 76 51.10 59.51 -29.25
N PHE A 77 50.91 60.66 -28.61
CA PHE A 77 49.63 61.02 -28.00
C PHE A 77 48.88 61.95 -28.93
N THR A 78 47.73 61.49 -29.44
CA THR A 78 46.92 62.26 -30.36
C THR A 78 45.91 63.16 -29.67
N GLY A 79 45.64 62.94 -28.40
CA GLY A 79 44.44 63.50 -27.81
C GLY A 79 43.17 62.82 -28.25
N LYS A 80 43.30 61.69 -28.96
CA LYS A 80 42.13 60.92 -29.38
C LYS A 80 41.34 60.43 -28.18
N LEU A 81 40.02 60.36 -28.35
CA LEU A 81 39.14 59.99 -27.25
C LEU A 81 39.55 58.66 -26.63
N GLY A 82 39.83 58.69 -25.33
CA GLY A 82 40.14 57.50 -24.57
C GLY A 82 41.60 57.11 -24.55
N THR A 83 42.42 57.67 -25.44
CA THR A 83 43.85 57.36 -25.44
C THR A 83 44.54 58.07 -24.27
N SER A 84 45.74 57.60 -23.95
CA SER A 84 46.46 58.14 -22.81
C SER A 84 47.96 57.93 -22.98
N LYS A 85 48.72 58.56 -22.10
CA LYS A 85 50.17 58.43 -22.06
C LYS A 85 50.62 58.84 -20.66
N SER A 86 51.42 58.00 -20.01
CA SER A 86 51.85 58.20 -18.64
C SER A 86 53.35 58.46 -18.56
N PHE A 87 53.74 59.26 -17.57
CA PHE A 87 55.13 59.63 -17.37
C PHE A 87 55.49 59.49 -15.90
N TYR A 88 56.75 59.12 -15.65
CA TYR A 88 57.41 59.30 -14.36
C TYR A 88 58.44 60.41 -14.54
N ILE A 89 58.28 61.50 -13.79
CA ILE A 89 59.10 62.70 -13.99
C ILE A 89 59.64 63.16 -12.64
N ALA A 90 60.93 63.50 -12.62
CA ALA A 90 61.55 64.08 -11.43
C ALA A 90 61.20 65.55 -11.33
N ASN A 91 60.76 65.98 -10.15
CA ASN A 91 60.36 67.37 -9.93
C ASN A 91 61.57 68.17 -9.45
N ASP A 92 61.33 69.42 -9.03
CA ASP A 92 62.42 70.27 -8.56
C ASP A 92 63.17 69.63 -7.40
N GLN A 93 62.48 68.87 -6.56
CA GLN A 93 63.09 68.19 -5.42
C GLN A 93 63.54 66.77 -5.77
N LYS A 94 63.59 66.43 -7.06
CA LYS A 94 64.19 65.20 -7.56
C LYS A 94 63.44 63.96 -7.10
N LYS A 95 62.17 64.09 -6.75
CA LYS A 95 61.29 62.95 -6.52
C LYS A 95 60.45 62.71 -7.76
N TYR A 96 60.20 61.45 -8.08
CA TYR A 96 59.42 61.11 -9.26
C TYR A 96 57.95 61.44 -9.05
N VAL A 97 57.32 62.01 -10.07
CA VAL A 97 55.92 62.36 -10.06
C VAL A 97 55.23 61.65 -11.22
N SER A 98 54.01 61.18 -10.98
CA SER A 98 53.22 60.53 -12.01
C SER A 98 52.38 61.58 -12.75
N LEU A 99 52.53 61.62 -14.07
CA LEU A 99 51.80 62.56 -14.91
C LEU A 99 51.26 61.82 -16.12
N ALA A 100 50.02 62.13 -16.50
CA ALA A 100 49.37 61.42 -17.59
C ALA A 100 48.54 62.37 -18.44
N TYR A 101 48.50 62.10 -19.75
CA TYR A 101 47.61 62.79 -20.67
C TYR A 101 46.43 61.87 -20.99
N VAL A 102 45.27 62.48 -21.22
CA VAL A 102 44.05 61.75 -21.55
C VAL A 102 43.35 62.48 -22.68
N GLY A 103 43.08 61.77 -23.78
CA GLY A 103 42.43 62.39 -24.92
C GLY A 103 40.92 62.45 -24.76
N CYS A 104 40.34 63.59 -25.11
CA CYS A 104 38.90 63.82 -25.03
C CYS A 104 38.26 64.07 -26.39
N GLY A 105 39.01 63.91 -27.48
CA GLY A 105 38.46 64.09 -28.80
C GLY A 105 38.47 65.53 -29.25
N PRO A 106 37.75 65.82 -30.34
CA PRO A 106 37.75 67.20 -30.87
C PRO A 106 37.20 68.20 -29.86
N ALA A 107 37.72 69.41 -29.93
CA ALA A 107 37.32 70.47 -29.01
C ALA A 107 35.88 70.90 -29.27
N ASN A 108 35.20 71.29 -28.18
CA ASN A 108 33.83 71.78 -28.22
C ASN A 108 32.87 70.76 -28.80
N GLU A 109 33.21 69.47 -28.74
CA GLU A 109 32.33 68.41 -29.23
C GLU A 109 31.99 67.38 -28.14
N GLU A 110 32.32 67.66 -26.89
CA GLU A 110 32.12 66.69 -25.81
C GLU A 110 30.66 66.64 -25.41
N THR A 111 30.10 65.44 -25.40
CA THR A 111 28.78 65.16 -24.86
C THR A 111 28.91 64.11 -23.76
N GLU A 112 27.77 63.71 -23.20
CA GLU A 112 27.78 62.66 -22.19
C GLU A 112 28.49 61.41 -22.68
N LEU A 113 28.40 61.13 -23.99
CA LEU A 113 29.08 59.97 -24.54
C LEU A 113 30.59 60.08 -24.36
N GLU A 114 31.17 61.20 -24.80
CA GLU A 114 32.62 61.37 -24.68
C GLU A 114 33.05 61.40 -23.22
N ILE A 115 32.30 62.11 -22.37
CA ILE A 115 32.67 62.23 -20.97
C ILE A 115 32.67 60.86 -20.30
N ARG A 116 31.71 60.00 -20.66
CA ARG A 116 31.68 58.66 -20.10
C ARG A 116 32.96 57.90 -20.45
N LYS A 117 33.45 58.07 -21.68
CA LYS A 117 34.65 57.36 -22.10
C LYS A 117 35.90 57.93 -21.42
N VAL A 118 35.94 59.25 -21.24
CA VAL A 118 37.08 59.87 -20.57
C VAL A 118 37.13 59.44 -19.11
N ALA A 119 35.97 59.45 -18.44
CA ALA A 119 35.92 59.02 -17.05
C ALA A 119 36.39 57.59 -16.90
N TYR A 120 35.97 56.71 -17.82
CA TYR A 120 36.42 55.32 -17.79
C TYR A 120 37.94 55.24 -17.96
N ALA A 121 38.47 55.96 -18.95
CA ALA A 121 39.91 55.92 -19.18
C ALA A 121 40.68 56.31 -17.94
N LEU A 122 40.18 57.28 -17.18
CA LEU A 122 40.91 57.75 -16.01
C LEU A 122 40.78 56.79 -14.83
N VAL A 123 39.63 56.12 -14.69
CA VAL A 123 39.51 55.10 -13.65
C VAL A 123 40.57 54.02 -13.83
N THR A 124 40.93 53.72 -15.08
CA THR A 124 42.01 52.77 -15.31
C THR A 124 43.33 53.28 -14.72
N LEU A 125 43.63 54.56 -14.93
CA LEU A 125 44.87 55.12 -14.39
C LEU A 125 44.85 55.17 -12.86
N LEU A 126 43.68 55.40 -12.26
CA LEU A 126 43.60 55.40 -10.81
C LEU A 126 43.77 53.98 -10.26
N HIS A 127 43.24 52.99 -10.97
CA HIS A 127 43.42 51.61 -10.55
C HIS A 127 44.87 51.17 -10.71
N ASP A 128 45.55 51.65 -11.75
CA ASP A 128 46.92 51.28 -12.04
C ASP A 128 47.94 52.17 -11.32
N SER A 129 47.49 53.02 -10.40
CA SER A 129 48.37 53.92 -9.67
C SER A 129 48.11 53.81 -8.18
N LYS A 130 49.18 53.79 -7.40
CA LYS A 130 49.07 53.73 -5.95
C LYS A 130 49.10 55.10 -5.29
N HIS A 131 49.20 56.17 -6.08
CA HIS A 131 49.09 57.52 -5.53
C HIS A 131 47.69 57.74 -4.99
N LYS A 132 47.59 58.29 -3.78
CA LYS A 132 46.30 58.60 -3.18
C LYS A 132 45.98 60.09 -3.21
N LYS A 133 46.81 60.90 -3.88
CA LYS A 133 46.51 62.30 -4.16
C LYS A 133 46.49 62.47 -5.66
N VAL A 134 45.39 62.98 -6.19
CA VAL A 134 45.18 63.06 -7.64
C VAL A 134 44.75 64.48 -7.99
N SER A 135 45.33 65.01 -9.07
CA SER A 135 44.99 66.34 -9.57
C SER A 135 44.60 66.22 -11.03
N ILE A 136 43.38 66.64 -11.36
CA ILE A 136 42.87 66.61 -12.72
C ILE A 136 42.84 68.04 -13.24
N ILE A 137 43.56 68.28 -14.35
CA ILE A 137 43.62 69.59 -14.97
C ILE A 137 42.72 69.54 -16.20
N PHE A 138 41.69 70.38 -16.20
CA PHE A 138 40.69 70.40 -17.27
C PHE A 138 41.11 71.44 -18.32
N GLU A 139 41.76 70.97 -19.38
CA GLU A 139 42.06 71.82 -20.54
C GLU A 139 41.00 71.65 -21.63
N ILE A 140 39.74 71.44 -21.24
CA ILE A 140 38.62 71.31 -22.18
C ILE A 140 37.49 72.21 -21.70
N LYS A 141 36.62 72.58 -22.64
CA LYS A 141 35.48 73.43 -22.35
C LYS A 141 34.30 72.56 -21.96
N ILE A 142 33.87 72.65 -20.71
CA ILE A 142 32.74 71.90 -20.19
C ILE A 142 31.83 72.86 -19.43
N GLU A 143 30.52 72.70 -19.64
CA GLU A 143 29.53 73.42 -18.87
C GLU A 143 29.38 72.78 -17.48
N GLU A 144 28.69 73.48 -16.59
CA GLU A 144 28.59 73.03 -15.20
C GLU A 144 27.97 71.63 -15.11
N ALA A 145 26.85 71.41 -15.80
CA ALA A 145 26.12 70.16 -15.64
C ALA A 145 26.92 68.97 -16.15
N LEU A 146 27.59 69.12 -17.29
CA LEU A 146 28.41 68.02 -17.81
C LEU A 146 29.64 67.80 -16.93
N PHE A 147 30.21 68.88 -16.38
CA PHE A 147 31.30 68.73 -15.41
C PHE A 147 30.85 67.90 -14.22
N ARG A 148 29.65 68.15 -13.70
CA ARG A 148 29.11 67.32 -12.64
C ARG A 148 28.95 65.88 -13.11
N PHE A 149 28.42 65.69 -14.31
CA PHE A 149 28.24 64.35 -14.86
C PHE A 149 29.57 63.60 -14.92
N PHE A 150 30.67 64.30 -15.19
CA PHE A 150 31.97 63.66 -15.25
C PHE A 150 32.34 63.06 -13.90
N LEU A 151 32.15 63.81 -12.83
CA LEU A 151 32.47 63.29 -11.50
C LEU A 151 31.52 62.15 -11.12
N GLU A 152 30.23 62.31 -11.41
CA GLU A 152 29.28 61.25 -11.10
C GLU A 152 29.69 59.93 -11.76
N HIS A 153 30.00 59.98 -13.05
CA HIS A 153 30.38 58.75 -13.75
C HIS A 153 31.74 58.23 -13.31
N LEU A 154 32.66 59.14 -12.99
CA LEU A 154 33.94 58.72 -12.43
C LEU A 154 33.73 57.87 -11.19
N PHE A 155 32.87 58.34 -10.27
CA PHE A 155 32.58 57.57 -9.06
C PHE A 155 31.87 56.27 -9.40
N TYR A 156 30.96 56.31 -10.37
CA TYR A 156 30.20 55.13 -10.76
C TYR A 156 31.13 54.01 -11.23
N GLU A 157 32.15 54.36 -12.01
CA GLU A 157 33.11 53.37 -12.50
C GLU A 157 34.20 53.05 -11.48
N TYR A 158 34.43 53.94 -10.52
CA TYR A 158 35.51 53.73 -9.55
C TYR A 158 35.11 52.73 -8.48
N VAL A 159 33.88 52.80 -8.00
CA VAL A 159 33.39 51.94 -6.92
C VAL A 159 32.85 50.65 -7.54
N THR A 160 33.21 49.51 -6.96
CA THR A 160 32.78 48.21 -7.44
C THR A 160 31.87 47.54 -6.41
N ASP A 161 30.96 46.71 -6.91
CA ASP A 161 30.00 46.00 -6.07
C ASP A 161 30.60 44.65 -5.70
N GLU A 162 30.93 44.47 -4.42
CA GLU A 162 31.54 43.24 -3.93
C GLU A 162 30.66 42.54 -2.90
N ARG A 163 29.38 42.92 -2.79
CA ARG A 163 28.53 42.40 -1.73
C ARG A 163 28.35 40.88 -1.80
N PHE A 164 28.52 40.28 -2.98
CA PHE A 164 28.26 38.86 -3.18
C PHE A 164 29.51 38.07 -3.54
N LYS A 165 30.69 38.67 -3.41
CA LYS A 165 31.95 37.95 -3.54
C LYS A 165 32.32 37.33 -2.20
N SER A 166 32.93 36.15 -2.24
CA SER A 166 33.35 35.50 -1.01
C SER A 166 34.71 36.00 -0.51
N ALA A 167 35.46 36.70 -1.35
CA ALA A 167 36.75 37.24 -0.94
C ALA A 167 36.55 38.67 -0.41
N ASP A 168 37.61 39.46 -0.37
CA ASP A 168 37.53 40.85 0.07
C ASP A 168 38.21 41.77 -0.93
N THR A 173 40.83 48.90 2.85
CA THR A 173 40.21 49.67 1.78
C THR A 173 41.14 50.78 1.29
N ASP A 174 41.91 50.49 0.25
CA ASP A 174 42.89 51.42 -0.30
C ASP A 174 42.29 52.11 -1.52
N PHE A 175 41.98 53.40 -1.38
CA PHE A 175 41.43 54.21 -2.46
C PHE A 175 42.07 55.59 -2.39
N ILE A 176 41.73 56.44 -3.37
CA ILE A 176 42.24 57.81 -3.36
C ILE A 176 41.61 58.58 -2.21
N LYS A 177 42.40 59.49 -1.61
CA LYS A 177 41.94 60.29 -0.49
C LYS A 177 41.83 61.78 -0.79
N ASN A 178 42.53 62.28 -1.80
CA ASN A 178 42.51 63.69 -2.15
C ASN A 178 42.40 63.86 -3.65
N LEU A 179 41.39 64.63 -4.09
CA LEU A 179 41.15 64.88 -5.51
C LEU A 179 41.05 66.38 -5.73
N SER A 180 41.94 66.93 -6.54
CA SER A 180 41.96 68.35 -6.89
C SER A 180 41.56 68.51 -8.34
N LEU A 181 40.57 69.38 -8.58
CA LEU A 181 40.04 69.62 -9.92
C LEU A 181 40.40 71.04 -10.34
N HIS A 182 41.22 71.17 -11.39
CA HIS A 182 41.73 72.45 -11.84
C HIS A 182 41.08 72.80 -13.18
N ILE A 183 40.32 73.89 -13.19
CA ILE A 183 39.55 74.29 -14.37
C ILE A 183 39.40 75.80 -14.36
N ALA A 184 39.26 76.38 -15.55
CA ALA A 184 39.06 77.81 -15.67
C ALA A 184 37.73 78.21 -15.03
N ASN A 185 37.71 79.37 -14.39
CA ASN A 185 36.52 79.90 -13.72
C ASN A 185 35.97 78.87 -12.72
N ALA A 186 36.85 78.45 -11.82
CA ALA A 186 36.50 77.38 -10.89
C ALA A 186 35.34 77.75 -9.98
N ASP A 187 35.19 79.03 -9.65
CA ASP A 187 34.13 79.43 -8.73
C ASP A 187 32.76 78.99 -9.23
N ALA A 188 32.56 78.92 -10.54
CA ALA A 188 31.27 78.53 -11.10
C ALA A 188 31.00 77.03 -11.02
N TYR A 189 32.01 76.21 -10.70
CA TYR A 189 31.84 74.77 -10.64
C TYR A 189 31.81 74.22 -9.21
N LYS A 190 32.08 75.06 -8.20
CA LYS A 190 32.25 74.53 -6.85
C LYS A 190 30.94 73.98 -6.28
N GLY A 191 29.80 74.51 -6.72
CA GLY A 191 28.53 74.00 -6.23
C GLY A 191 28.17 72.64 -6.76
N GLN A 192 28.80 72.20 -7.85
CA GLN A 192 28.51 70.89 -8.42
C GLN A 192 29.14 69.74 -7.63
N ILE A 193 30.02 70.03 -6.68
CA ILE A 193 30.70 68.97 -5.96
C ILE A 193 29.74 68.25 -5.02
N ASP A 194 29.07 68.99 -4.15
CA ASP A 194 28.12 68.37 -3.24
C ASP A 194 26.99 67.71 -4.01
N LYS A 195 26.55 68.33 -5.11
CA LYS A 195 25.50 67.74 -5.92
C LYS A 195 25.95 66.42 -6.53
N ALA A 196 27.18 66.38 -7.07
CA ALA A 196 27.69 65.15 -7.66
C ALA A 196 27.80 64.04 -6.62
N ARG A 197 28.16 64.40 -5.38
CA ARG A 197 28.20 63.41 -4.30
C ARG A 197 26.83 62.78 -4.08
N VAL A 198 25.79 63.61 -3.98
CA VAL A 198 24.46 63.10 -3.71
C VAL A 198 23.92 62.35 -4.94
N TYR A 199 24.06 62.95 -6.11
CA TYR A 199 23.57 62.30 -7.33
C TYR A 199 24.26 60.96 -7.55
N PHE A 200 25.54 60.86 -7.20
CA PHE A 200 26.24 59.60 -7.38
C PHE A 200 25.66 58.51 -6.50
N TYR A 201 25.54 58.78 -5.19
CA TYR A 201 25.08 57.73 -4.29
C TYR A 201 23.65 57.31 -4.62
N GLY A 202 22.81 58.25 -5.02
CA GLY A 202 21.45 57.90 -5.45
C GLY A 202 21.46 56.94 -6.63
N THR A 203 22.26 57.25 -7.65
CA THR A 203 22.47 56.31 -8.74
C THR A 203 23.08 55.01 -8.24
N TYR A 204 24.09 55.11 -7.38
CA TYR A 204 24.78 53.93 -6.86
C TYR A 204 23.84 53.07 -6.03
N TYR A 205 22.96 53.72 -5.26
CA TYR A 205 22.00 52.98 -4.44
C TYR A 205 21.01 52.22 -5.30
N ALA A 206 20.50 52.86 -6.36
CA ALA A 206 19.55 52.19 -7.23
C ALA A 206 20.21 51.00 -7.93
N ALA A 207 21.45 51.16 -8.38
CA ALA A 207 22.15 50.06 -9.03
C ALA A 207 22.37 48.90 -8.07
N GLN A 208 22.54 49.18 -6.78
CA GLN A 208 22.71 48.09 -5.81
C GLN A 208 21.41 47.31 -5.65
N LEU A 209 20.27 48.00 -5.62
CA LEU A 209 19.00 47.29 -5.51
C LEU A 209 18.73 46.45 -6.75
N ILE A 210 19.08 46.96 -7.93
CA ILE A 210 18.83 46.23 -9.17
C ILE A 210 19.75 45.01 -9.26
N ALA A 211 21.03 45.21 -8.95
CA ALA A 211 21.99 44.11 -9.04
C ALA A 211 21.71 43.01 -8.04
N ALA A 212 21.03 43.31 -6.94
CA ALA A 212 20.73 42.29 -5.94
C ALA A 212 19.92 41.16 -6.58
N PRO A 213 20.33 39.90 -6.43
CA PRO A 213 19.55 38.80 -7.01
C PRO A 213 18.16 38.72 -6.41
N SER A 214 17.28 38.01 -7.12
CA SER A 214 15.88 37.96 -6.74
C SER A 214 15.64 37.21 -5.42
N ASN A 215 16.55 36.32 -5.03
CA ASN A 215 16.41 35.66 -3.74
C ASN A 215 16.83 36.56 -2.58
N TYR A 216 17.66 37.57 -2.83
CA TYR A 216 17.95 38.59 -1.84
C TYR A 216 16.90 39.71 -1.86
N CYS A 217 16.57 40.20 -3.07
CA CYS A 217 15.64 41.30 -3.26
C CYS A 217 14.30 40.73 -3.69
N ASN A 218 13.44 40.49 -2.71
CA ASN A 218 12.06 40.07 -2.89
C ASN A 218 11.12 41.17 -2.42
N PRO A 219 9.82 41.03 -2.65
CA PRO A 219 8.90 42.12 -2.29
C PRO A 219 9.00 42.53 -0.83
N VAL A 220 9.26 41.59 0.08
CA VAL A 220 9.34 41.94 1.50
C VAL A 220 10.64 42.66 1.81
N SER A 221 11.78 42.05 1.44
CA SER A 221 13.06 42.67 1.77
C SER A 221 13.24 44.01 1.05
N LEU A 222 12.60 44.19 -0.11
CA LEU A 222 12.72 45.45 -0.82
C LEU A 222 11.92 46.55 -0.14
N SER A 223 10.70 46.24 0.32
CA SER A 223 9.93 47.23 1.06
C SER A 223 10.61 47.55 2.38
N ASN A 224 11.23 46.55 3.02
CA ASN A 224 11.99 46.80 4.24
C ASN A 224 13.17 47.73 3.97
N ALA A 225 13.82 47.58 2.82
CA ALA A 225 14.90 48.49 2.47
C ALA A 225 14.38 49.91 2.32
N ALA A 226 13.18 50.07 1.75
CA ALA A 226 12.60 51.39 1.64
C ALA A 226 12.33 51.98 3.03
N VAL A 227 11.85 51.15 3.95
CA VAL A 227 11.65 51.62 5.33
C VAL A 227 12.96 52.12 5.91
N GLU A 228 14.03 51.36 5.72
CA GLU A 228 15.34 51.77 6.21
C GLU A 228 15.81 53.06 5.53
N LEU A 229 15.61 53.15 4.21
CA LEU A 229 16.00 54.36 3.50
C LEU A 229 15.25 55.57 4.05
N ALA A 230 13.95 55.43 4.29
CA ALA A 230 13.15 56.55 4.78
C ALA A 230 13.62 57.02 6.16
N GLN A 231 14.15 56.10 6.97
CA GLN A 231 14.68 56.48 8.27
C GLN A 231 16.00 57.23 8.13
N LYS A 232 16.91 56.70 7.31
CA LYS A 232 18.23 57.31 7.18
C LYS A 232 18.15 58.72 6.61
N VAL A 233 17.11 59.00 5.82
CA VAL A 233 16.96 60.29 5.15
C VAL A 233 15.70 61.01 5.61
N ASN A 234 15.01 60.49 6.63
CA ASN A 234 13.91 61.18 7.30
C ASN A 234 12.81 61.55 6.31
N LEU A 235 12.15 60.51 5.80
CA LEU A 235 10.95 60.65 4.99
C LEU A 235 9.81 59.89 5.66
N GLU A 236 8.58 60.32 5.38
CA GLU A 236 7.43 59.57 5.85
C GLU A 236 7.27 58.30 5.03
N CYS A 237 7.08 57.18 5.71
CA CYS A 237 7.02 55.87 5.09
C CYS A 237 5.70 55.19 5.42
N LYS A 238 5.06 54.64 4.39
CA LYS A 238 3.77 53.97 4.53
C LYS A 238 3.81 52.74 3.63
N ILE A 239 3.75 51.55 4.22
CA ILE A 239 3.77 50.29 3.50
C ILE A 239 2.40 49.66 3.61
N LEU A 240 1.71 49.50 2.48
CA LEU A 240 0.38 48.92 2.46
C LEU A 240 0.46 47.42 2.20
N ASP A 241 -0.14 46.64 3.09
CA ASP A 241 -0.10 45.19 3.01
C ASP A 241 -1.36 44.67 2.30
N VAL A 242 -1.43 43.35 2.16
CA VAL A 242 -2.43 42.74 1.28
C VAL A 242 -3.85 43.11 1.70
N LYS A 243 -4.13 43.08 3.01
CA LYS A 243 -5.50 43.33 3.44
C LYS A 243 -5.97 44.71 3.00
N GLU A 244 -5.15 45.74 3.25
CA GLU A 244 -5.52 47.09 2.83
C GLU A 244 -5.62 47.18 1.30
N LEU A 245 -4.75 46.46 0.60
CA LEU A 245 -4.80 46.46 -0.86
C LEU A 245 -6.09 45.85 -1.36
N GLU A 246 -6.59 44.81 -0.68
CA GLU A 246 -7.88 44.24 -1.04
C GLU A 246 -9.01 45.23 -0.76
N GLU A 247 -8.94 45.95 0.36
CA GLU A 247 -9.92 46.98 0.64
C GLU A 247 -9.94 48.03 -0.45
N LEU A 248 -8.76 48.45 -0.92
CA LEU A 248 -8.68 49.40 -2.01
C LEU A 248 -9.02 48.78 -3.36
N LYS A 249 -9.28 47.48 -3.40
CA LYS A 249 -9.79 46.82 -4.61
C LYS A 249 -8.77 46.88 -5.75
N MET A 250 -7.50 46.67 -5.42
CA MET A 250 -6.44 46.66 -6.43
C MET A 250 -6.29 45.25 -6.99
N GLY A 251 -7.29 44.87 -7.80
CA GLY A 251 -7.32 43.51 -8.31
C GLY A 251 -6.24 43.23 -9.35
N ALA A 252 -5.94 44.22 -10.19
CA ALA A 252 -4.89 44.02 -11.19
C ALA A 252 -3.55 43.77 -10.52
N TYR A 253 -3.13 44.66 -9.62
CA TYR A 253 -1.86 44.50 -8.92
C TYR A 253 -1.84 43.21 -8.12
N LEU A 254 -2.92 42.91 -7.40
CA LEU A 254 -2.93 41.71 -6.55
C LEU A 254 -2.96 40.43 -7.38
N SER A 255 -3.53 40.47 -8.58
CA SER A 255 -3.57 39.25 -9.40
C SER A 255 -2.18 38.82 -9.82
N VAL A 256 -1.27 39.77 -10.05
CA VAL A 256 0.07 39.43 -10.54
C VAL A 256 0.85 38.65 -9.49
N GLY A 257 0.70 39.02 -8.22
CA GLY A 257 1.43 38.39 -7.15
C GLY A 257 0.79 37.15 -6.56
N LYS A 258 -0.32 36.69 -7.12
CA LYS A 258 -1.02 35.53 -6.55
C LYS A 258 -0.11 34.31 -6.51
N GLY A 259 0.70 34.10 -7.54
CA GLY A 259 1.55 32.94 -7.65
C GLY A 259 2.89 33.03 -6.95
N SER A 260 3.10 34.04 -6.12
CA SER A 260 4.37 34.24 -5.44
C SER A 260 4.28 33.79 -3.99
N MET A 261 5.41 33.34 -3.45
CA MET A 261 5.49 33.05 -2.01
C MET A 261 5.63 34.31 -1.17
N TYR A 262 5.92 35.46 -1.79
CA TYR A 262 6.06 36.72 -1.07
C TYR A 262 4.80 37.56 -1.25
N PRO A 263 4.25 38.14 -0.18
CA PRO A 263 3.05 38.96 -0.34
C PRO A 263 3.34 40.29 -0.99
N ASN A 264 2.34 40.82 -1.67
CA ASN A 264 2.48 42.13 -2.31
C ASN A 264 2.75 43.20 -1.26
N LYS A 265 3.63 44.15 -1.61
CA LYS A 265 3.97 45.27 -0.75
C LYS A 265 3.91 46.54 -1.59
N PHE A 266 3.09 47.50 -1.17
CA PHE A 266 2.97 48.79 -1.85
C PHE A 266 3.74 49.83 -1.03
N ILE A 267 4.81 50.36 -1.62
CA ILE A 267 5.65 51.35 -0.95
C ILE A 267 5.10 52.74 -1.22
N HIS A 268 5.00 53.54 -0.15
CA HIS A 268 4.54 54.92 -0.28
C HIS A 268 5.43 55.78 0.63
N LEU A 269 6.42 56.44 0.03
CA LEU A 269 7.26 57.39 0.73
C LEU A 269 6.83 58.80 0.38
N THR A 270 6.91 59.71 1.35
CA THR A 270 6.43 61.08 1.16
C THR A 270 7.45 62.08 1.68
N TYR A 271 7.81 63.04 0.83
CA TYR A 271 8.63 64.16 1.21
C TYR A 271 7.80 65.44 1.16
N LYS A 272 7.93 66.27 2.19
CA LYS A 272 7.24 67.55 2.25
C LYS A 272 8.28 68.62 2.57
N GLY A 273 8.55 69.49 1.60
CA GLY A 273 9.55 70.53 1.79
C GLY A 273 9.03 71.67 2.64
N ALA A 274 9.98 72.43 3.19
CA ALA A 274 9.62 73.55 4.04
C ALA A 274 8.85 74.60 3.24
N GLN A 275 7.83 75.19 3.88
CA GLN A 275 7.05 76.24 3.25
C GLN A 275 7.76 77.57 3.39
N THR A 276 7.85 78.31 2.29
CA THR A 276 8.50 79.61 2.28
C THR A 276 7.52 80.69 1.83
N LYS A 283 4.01 75.48 -4.49
CA LYS A 283 3.45 74.38 -3.72
C LYS A 283 3.01 73.24 -4.64
N LYS A 284 3.90 72.83 -5.54
CA LYS A 284 3.59 71.76 -6.49
C LYS A 284 3.66 70.41 -5.80
N LYS A 285 2.79 69.50 -6.22
CA LYS A 285 2.72 68.15 -5.70
C LYS A 285 3.02 67.17 -6.82
N ILE A 286 4.00 66.31 -6.62
CA ILE A 286 4.46 65.36 -7.63
C ILE A 286 4.29 63.95 -7.10
N ALA A 287 3.93 63.03 -7.99
CA ALA A 287 3.87 61.60 -7.70
C ALA A 287 4.81 60.87 -8.65
N LEU A 288 5.76 60.13 -8.09
CA LEU A 288 6.72 59.35 -8.87
C LEU A 288 6.46 57.87 -8.62
N ILE A 289 6.14 57.13 -9.69
CA ILE A 289 5.78 55.72 -9.61
C ILE A 289 6.86 54.91 -10.30
N GLY A 290 7.36 53.88 -9.62
CA GLY A 290 8.33 52.98 -10.20
C GLY A 290 7.80 51.56 -10.32
N LYS A 291 8.00 50.94 -11.47
CA LYS A 291 7.64 49.54 -11.63
C LYS A 291 8.53 48.68 -10.76
N GLY A 292 7.91 47.83 -9.93
CA GLY A 292 8.65 47.06 -8.96
C GLY A 292 8.36 45.57 -8.95
N ILE A 293 8.67 44.90 -10.05
CA ILE A 293 8.56 43.45 -10.14
C ILE A 293 9.93 42.88 -9.77
N THR A 294 10.01 42.24 -8.60
CA THR A 294 11.31 41.78 -8.11
C THR A 294 11.84 40.63 -8.94
N PHE A 295 10.96 39.84 -9.55
CA PHE A 295 11.37 38.87 -10.56
C PHE A 295 10.19 38.60 -11.48
N ASP A 296 10.45 38.60 -12.78
CA ASP A 296 9.42 38.38 -13.80
C ASP A 296 9.81 37.14 -14.60
N SER A 297 9.22 36.01 -14.24
CA SER A 297 9.35 34.80 -15.04
C SER A 297 8.46 34.84 -16.28
N GLY A 298 7.53 35.79 -16.35
CA GLY A 298 6.52 35.83 -17.39
C GLY A 298 5.20 35.22 -16.99
N GLY A 299 5.14 34.55 -15.84
CA GLY A 299 3.94 33.82 -15.49
C GLY A 299 3.79 32.59 -16.36
N TYR A 300 2.55 32.11 -16.44
CA TYR A 300 2.27 30.96 -17.30
C TYR A 300 2.66 31.24 -18.75
N ASN A 301 2.67 32.50 -19.15
CA ASN A 301 3.33 32.93 -20.39
C ASN A 301 4.85 32.98 -20.15
N LEU A 302 5.41 31.81 -19.83
CA LEU A 302 6.78 31.73 -19.34
C LEU A 302 7.76 32.28 -20.37
N LYS A 303 8.82 32.90 -19.86
CA LYS A 303 9.91 33.42 -20.69
C LYS A 303 10.81 32.24 -21.08
N ALA A 304 10.38 31.51 -22.10
CA ALA A 304 11.14 30.38 -22.61
C ALA A 304 11.65 30.56 -24.02
N ALA A 305 11.23 31.60 -24.74
CA ALA A 305 11.68 31.80 -26.11
C ALA A 305 13.12 32.29 -26.14
N PRO A 306 13.88 31.91 -27.16
CA PRO A 306 15.27 32.40 -27.26
C PRO A 306 15.33 33.91 -27.21
N GLY A 307 16.22 34.43 -26.38
CA GLY A 307 16.40 35.86 -26.23
C GLY A 307 15.47 36.53 -25.25
N SER A 308 14.70 35.77 -24.47
CA SER A 308 13.81 36.37 -23.48
C SER A 308 14.53 36.78 -22.20
N MET A 309 15.80 36.40 -22.03
CA MET A 309 16.66 36.91 -20.97
C MET A 309 16.04 36.71 -19.59
N ILE A 310 15.56 35.49 -19.32
CA ILE A 310 14.93 35.23 -18.03
C ILE A 310 15.94 35.33 -16.89
N ASP A 311 17.24 35.16 -17.17
CA ASP A 311 18.25 35.20 -16.12
C ASP A 311 18.55 36.62 -15.64
N LEU A 312 18.13 37.64 -16.38
CA LEU A 312 18.38 39.03 -16.01
C LEU A 312 17.14 39.74 -15.48
N MET A 313 16.00 39.05 -15.37
CA MET A 313 14.76 39.74 -15.01
C MET A 313 14.68 40.13 -13.54
N LYS A 314 15.77 40.04 -12.79
CA LYS A 314 15.84 40.74 -11.50
C LYS A 314 15.75 42.25 -11.68
N PHE A 315 16.01 42.76 -12.90
CA PHE A 315 16.01 44.19 -13.18
C PHE A 315 14.62 44.74 -13.48
N ASP A 316 13.57 43.93 -13.38
CA ASP A 316 12.22 44.41 -13.64
C ASP A 316 11.70 45.31 -12.53
N MET A 317 12.51 45.59 -11.51
CA MET A 317 12.21 46.60 -10.51
C MET A 317 13.09 47.83 -10.67
N SER A 318 13.69 48.01 -11.85
CA SER A 318 14.59 49.14 -12.09
C SER A 318 13.87 50.47 -11.91
N GLY A 319 12.58 50.54 -12.25
CA GLY A 319 11.83 51.75 -12.02
C GLY A 319 11.70 52.06 -10.54
N CYS A 320 11.30 51.07 -9.75
CA CYS A 320 11.24 51.25 -8.30
C CYS A 320 12.57 51.72 -7.74
N ALA A 321 13.68 51.13 -8.22
CA ALA A 321 15.00 51.52 -7.76
C ALA A 321 15.30 52.97 -8.10
N ALA A 322 14.95 53.41 -9.31
CA ALA A 322 15.18 54.80 -9.70
C ALA A 322 14.36 55.75 -8.84
N VAL A 323 13.15 55.35 -8.47
CA VAL A 323 12.31 56.19 -7.62
C VAL A 323 12.91 56.28 -6.22
N LEU A 324 13.33 55.14 -5.65
CA LEU A 324 13.92 55.17 -4.32
C LEU A 324 15.23 55.92 -4.31
N GLY A 325 16.05 55.74 -5.36
CA GLY A 325 17.27 56.53 -5.48
C GLY A 325 16.98 58.02 -5.54
N CYS A 326 15.92 58.40 -6.25
CA CYS A 326 15.50 59.78 -6.25
C CYS A 326 15.06 60.22 -4.86
N ALA A 327 14.38 59.33 -4.12
CA ALA A 327 13.96 59.67 -2.77
C ALA A 327 15.17 59.99 -1.89
N TYR A 328 16.27 59.24 -2.06
CA TYR A 328 17.48 59.56 -1.30
C TYR A 328 17.98 60.95 -1.63
N CYS A 329 18.03 61.30 -2.92
CA CYS A 329 18.54 62.60 -3.34
C CYS A 329 17.66 63.73 -2.81
N ILE A 330 16.34 63.60 -2.98
CA ILE A 330 15.43 64.62 -2.51
C ILE A 330 15.42 64.68 -0.98
N GLY A 331 15.53 63.52 -0.33
CA GLY A 331 15.57 63.52 1.12
C GLY A 331 16.84 64.12 1.68
N THR A 332 17.93 64.11 0.92
CA THR A 332 19.18 64.71 1.35
C THR A 332 19.26 66.19 0.99
N ILE A 333 18.89 66.54 -0.25
CA ILE A 333 18.94 67.94 -0.67
C ILE A 333 17.83 68.74 -0.01
N LYS A 334 16.66 68.13 0.14
CA LYS A 334 15.52 68.73 0.85
C LYS A 334 15.14 70.07 0.24
N PRO A 335 14.63 70.10 -0.99
CA PRO A 335 14.20 71.36 -1.58
C PRO A 335 12.95 71.90 -0.89
N ASP A 336 12.74 73.20 -1.02
CA ASP A 336 11.63 73.88 -0.40
C ASP A 336 10.41 73.88 -1.33
N ASN A 337 9.23 73.99 -0.73
CA ASN A 337 7.99 74.24 -1.46
C ASN A 337 7.72 73.18 -2.51
N VAL A 338 7.96 71.92 -2.16
CA VAL A 338 7.64 70.81 -3.05
C VAL A 338 7.25 69.61 -2.20
N GLU A 339 6.21 68.90 -2.63
CA GLU A 339 5.74 67.68 -2.01
C GLU A 339 5.84 66.57 -3.04
N VAL A 340 6.56 65.50 -2.69
CA VAL A 340 6.82 64.39 -3.60
C VAL A 340 6.33 63.09 -2.96
N HIS A 341 5.66 62.28 -3.76
CA HIS A 341 5.22 60.95 -3.37
C HIS A 341 5.98 59.91 -4.18
N PHE A 342 6.61 58.95 -3.49
CA PHE A 342 7.41 57.90 -4.12
C PHE A 342 6.67 56.59 -3.95
N LEU A 343 6.16 56.04 -5.06
CA LEU A 343 5.26 54.91 -5.04
C LEU A 343 5.81 53.73 -5.85
N SER A 344 5.51 52.53 -5.37
CA SER A 344 5.88 51.32 -6.11
C SER A 344 4.99 50.18 -5.64
N ALA A 345 4.21 49.63 -6.57
CA ALA A 345 3.42 48.43 -6.30
C ALA A 345 4.32 47.22 -6.55
N VAL A 346 4.92 46.70 -5.48
CA VAL A 346 5.94 45.66 -5.60
C VAL A 346 5.30 44.29 -5.50
N CYS A 347 5.77 43.36 -6.31
CA CYS A 347 5.27 41.99 -6.31
C CYS A 347 6.26 41.13 -7.10
N GLU A 348 5.89 39.86 -7.28
CA GLU A 348 6.72 38.88 -7.99
C GLU A 348 5.81 38.08 -8.91
N ASN A 349 6.23 37.88 -10.17
CA ASN A 349 5.44 37.19 -11.18
C ASN A 349 5.99 35.78 -11.36
N MET A 350 5.27 34.79 -10.81
CA MET A 350 5.76 33.42 -10.73
C MET A 350 4.73 32.44 -11.28
N VAL A 351 5.18 31.19 -11.46
CA VAL A 351 4.33 30.11 -11.93
C VAL A 351 4.02 29.20 -10.74
N SER A 352 2.74 28.89 -10.55
CA SER A 352 2.30 28.16 -9.37
C SER A 352 0.86 27.71 -9.61
N LYS A 353 0.38 26.85 -8.71
CA LYS A 353 -1.03 26.49 -8.74
C LYS A 353 -1.93 27.68 -8.42
N ASN A 354 -1.39 28.73 -7.79
CA ASN A 354 -2.17 29.88 -7.37
C ASN A 354 -2.07 31.05 -8.32
N SER A 355 -1.21 30.98 -9.33
CA SER A 355 -1.01 32.10 -10.24
C SER A 355 -2.31 32.42 -10.97
N TYR A 356 -2.41 33.66 -11.44
CA TYR A 356 -3.45 34.02 -12.39
C TYR A 356 -3.09 33.47 -13.76
N ARG A 357 -4.12 33.16 -14.55
CA ARG A 357 -3.93 32.47 -15.80
C ARG A 357 -4.08 33.40 -16.99
N PRO A 358 -3.45 33.10 -18.11
CA PRO A 358 -3.80 33.77 -19.37
C PRO A 358 -5.29 33.60 -19.64
N GLY A 359 -5.95 34.72 -19.95
CA GLY A 359 -7.37 34.72 -20.21
C GLY A 359 -8.24 35.09 -19.03
N ASP A 360 -7.66 35.21 -17.83
CA ASP A 360 -8.42 35.67 -16.67
C ASP A 360 -8.88 37.10 -16.88
N ILE A 361 -10.05 37.43 -16.30
CA ILE A 361 -10.57 38.79 -16.29
C ILE A 361 -10.50 39.29 -14.87
N ILE A 362 -9.80 40.41 -14.67
CA ILE A 362 -9.55 40.98 -13.35
C ILE A 362 -10.02 42.43 -13.35
N THR A 363 -10.34 42.93 -12.16
CA THR A 363 -10.93 44.24 -11.99
C THR A 363 -9.92 45.17 -11.32
N ALA A 364 -9.63 46.30 -11.95
CA ALA A 364 -8.73 47.29 -11.40
C ALA A 364 -9.44 48.09 -10.31
N SER A 365 -8.66 48.89 -9.58
CA SER A 365 -9.20 49.68 -8.48
C SER A 365 -10.09 50.83 -8.94
N ASN A 366 -10.09 51.16 -10.23
CA ASN A 366 -10.99 52.16 -10.78
C ASN A 366 -12.23 51.53 -11.41
N GLY A 367 -12.42 50.23 -11.27
CA GLY A 367 -13.59 49.54 -11.75
C GLY A 367 -13.45 48.89 -13.11
N LYS A 368 -12.42 49.25 -13.88
CA LYS A 368 -12.28 48.72 -15.22
C LYS A 368 -11.85 47.26 -15.18
N THR A 369 -12.47 46.45 -16.04
CA THR A 369 -12.15 45.03 -16.14
C THR A 369 -11.13 44.81 -17.24
N ILE A 370 -10.22 43.86 -17.01
CA ILE A 370 -9.07 43.64 -17.88
C ILE A 370 -8.96 42.16 -18.19
N GLU A 371 -8.99 41.81 -19.48
CA GLU A 371 -8.69 40.45 -19.92
C GLU A 371 -7.18 40.29 -20.06
N VAL A 372 -6.63 39.26 -19.42
CA VAL A 372 -5.19 39.04 -19.40
C VAL A 372 -4.85 38.20 -20.63
N GLY A 373 -4.55 38.88 -21.74
CA GLY A 373 -4.11 38.20 -22.93
C GLY A 373 -2.72 37.60 -22.82
N ASN A 374 -1.89 38.11 -21.92
CA ASN A 374 -0.55 37.59 -21.72
C ASN A 374 -0.12 37.91 -20.29
N THR A 375 0.26 36.88 -19.54
CA THR A 375 0.66 37.10 -18.15
C THR A 375 2.03 37.77 -18.04
N ASP A 376 2.82 37.78 -19.13
CA ASP A 376 4.10 38.47 -19.12
C ASP A 376 3.95 39.98 -19.32
N ALA A 377 2.74 40.46 -19.59
CA ALA A 377 2.46 41.90 -19.61
C ALA A 377 1.87 42.34 -18.28
N GLU A 378 2.51 41.90 -17.18
CA GLU A 378 2.01 42.14 -15.84
C GLU A 378 2.44 43.50 -15.28
N GLY A 379 3.53 44.07 -15.80
CA GLY A 379 3.98 45.35 -15.27
C GLY A 379 2.94 46.44 -15.41
N ARG A 380 2.30 46.53 -16.58
CA ARG A 380 1.27 47.53 -16.77
C ARG A 380 0.05 47.29 -15.88
N LEU A 381 -0.15 46.05 -15.43
CA LEU A 381 -1.28 45.78 -14.54
C LEU A 381 -1.02 46.34 -13.15
N THR A 382 0.23 46.23 -12.66
CA THR A 382 0.56 46.80 -11.37
C THR A 382 0.61 48.32 -11.44
N LEU A 383 1.07 48.86 -12.58
CA LEU A 383 1.09 50.30 -12.75
C LEU A 383 -0.32 50.87 -12.80
N ALA A 384 -1.28 50.11 -13.33
CA ALA A 384 -2.65 50.59 -13.43
C ALA A 384 -3.21 50.95 -12.05
N ASP A 385 -3.09 50.03 -11.09
CA ASP A 385 -3.60 50.33 -9.75
C ASP A 385 -2.73 51.38 -9.05
N ALA A 386 -1.44 51.45 -9.41
CA ALA A 386 -0.59 52.49 -8.83
C ALA A 386 -0.93 53.86 -9.40
N LEU A 387 -1.28 53.91 -10.68
CA LEU A 387 -1.69 55.18 -11.27
C LEU A 387 -3.02 55.65 -10.67
N VAL A 388 -3.97 54.73 -10.47
CA VAL A 388 -5.23 55.09 -9.84
C VAL A 388 -4.99 55.63 -8.43
N TYR A 389 -4.18 54.91 -7.66
CA TYR A 389 -3.83 55.36 -6.33
C TYR A 389 -3.20 56.75 -6.35
N ALA A 390 -2.32 57.00 -7.34
CA ALA A 390 -1.59 58.26 -7.37
C ALA A 390 -2.50 59.44 -7.66
N GLU A 391 -3.43 59.29 -8.61
CA GLU A 391 -4.32 60.40 -8.94
C GLU A 391 -5.24 60.74 -7.78
N LYS A 392 -5.63 59.73 -6.98
CA LYS A 392 -6.44 59.99 -5.80
C LYS A 392 -5.73 60.89 -4.80
N LEU A 393 -4.40 61.01 -4.89
CA LEU A 393 -3.66 61.89 -4.00
C LEU A 393 -3.81 63.36 -4.35
N GLY A 394 -4.32 63.68 -5.54
CA GLY A 394 -4.49 65.05 -5.93
C GLY A 394 -3.18 65.78 -6.13
N VAL A 395 -2.40 65.34 -7.10
CA VAL A 395 -1.10 65.93 -7.39
C VAL A 395 -1.17 66.69 -8.70
N ASP A 396 -0.13 67.46 -8.98
CA ASP A 396 -0.05 68.25 -10.21
C ASP A 396 0.56 67.45 -11.36
N TYR A 397 1.53 66.60 -11.08
CA TYR A 397 2.19 65.79 -12.10
C TYR A 397 2.32 64.35 -11.60
N ILE A 398 2.11 63.41 -12.51
CA ILE A 398 2.34 61.99 -12.26
C ILE A 398 3.35 61.52 -13.29
N VAL A 399 4.44 60.91 -12.82
CA VAL A 399 5.48 60.38 -13.69
C VAL A 399 5.76 58.95 -13.27
N ASP A 400 5.63 58.01 -14.20
CA ASP A 400 5.99 56.62 -13.97
C ASP A 400 7.22 56.27 -14.80
N ILE A 401 8.04 55.37 -14.24
CA ILE A 401 9.26 54.90 -14.87
C ILE A 401 9.30 53.38 -14.71
N ALA A 402 9.45 52.67 -15.83
CA ALA A 402 9.28 51.23 -15.81
C ALA A 402 10.04 50.57 -16.96
N THR A 403 10.56 49.37 -16.68
CA THR A 403 11.13 48.50 -17.71
C THR A 403 9.97 47.71 -18.33
N LEU A 404 9.27 48.36 -19.26
CA LEU A 404 7.99 47.87 -19.72
C LEU A 404 8.12 46.99 -20.97
N THR A 405 8.58 47.55 -22.08
CA THR A 405 8.55 46.87 -23.37
C THR A 405 9.97 46.57 -23.84
N GLY A 406 10.23 45.30 -24.12
CA GLY A 406 11.45 44.91 -24.81
C GLY A 406 11.56 45.48 -26.21
N ALA A 407 10.45 45.99 -26.77
CA ALA A 407 10.50 46.64 -28.06
C ALA A 407 11.40 47.87 -28.06
N MET A 408 11.62 48.48 -26.89
CA MET A 408 12.49 49.66 -26.82
C MET A 408 13.87 49.34 -27.39
N LEU A 409 14.34 48.10 -27.24
CA LEU A 409 15.65 47.73 -27.75
C LEU A 409 15.71 47.78 -29.27
N TYR A 410 14.58 47.70 -29.93
CA TYR A 410 14.51 47.76 -31.39
C TYR A 410 14.13 49.13 -31.92
N SER A 411 13.63 50.03 -31.07
CA SER A 411 13.28 51.37 -31.49
C SER A 411 14.40 52.36 -31.16
N LEU A 412 14.57 52.68 -29.88
CA LEU A 412 15.60 53.64 -29.46
C LEU A 412 16.89 52.99 -29.02
N GLY A 413 16.87 51.72 -28.62
CA GLY A 413 18.08 51.00 -28.30
C GLY A 413 18.52 51.09 -26.86
N THR A 414 19.82 50.98 -26.63
CA THR A 414 20.38 50.87 -25.28
C THR A 414 20.77 52.20 -24.67
N SER A 415 20.71 53.30 -25.41
CA SER A 415 21.23 54.59 -24.94
C SER A 415 20.16 55.61 -24.59
N TYR A 416 19.04 55.65 -25.32
CA TYR A 416 18.00 56.63 -25.11
C TYR A 416 16.75 55.96 -24.59
N ALA A 417 16.20 56.46 -23.50
CA ALA A 417 14.89 56.01 -23.04
C ALA A 417 13.79 56.73 -23.80
N GLY A 418 12.59 56.17 -23.72
CA GLY A 418 11.41 56.74 -24.37
C GLY A 418 10.47 57.32 -23.32
N VAL A 419 9.89 58.47 -23.65
CA VAL A 419 8.91 59.14 -22.79
C VAL A 419 7.62 59.31 -23.58
N PHE A 420 6.52 58.90 -22.97
CA PHE A 420 5.17 59.12 -23.47
C PHE A 420 4.40 59.94 -22.44
N GLY A 421 3.27 60.49 -22.84
CA GLY A 421 2.48 61.27 -21.90
C GLY A 421 1.26 61.87 -22.56
N ASN A 422 0.43 62.47 -21.71
CA ASN A 422 -0.81 63.12 -22.14
C ASN A 422 -0.76 64.64 -22.03
N ASN A 423 0.41 65.21 -21.75
CA ASN A 423 0.56 66.64 -21.49
C ASN A 423 1.87 67.13 -22.08
N ASP A 424 1.79 68.05 -23.03
CA ASP A 424 2.99 68.54 -23.69
C ASP A 424 3.92 69.28 -22.73
N GLN A 425 3.35 70.02 -21.76
CA GLN A 425 4.18 70.78 -20.84
C GLN A 425 4.99 69.87 -19.93
N LEU A 426 4.38 68.80 -19.43
CA LEU A 426 5.11 67.86 -18.58
C LEU A 426 6.19 67.13 -19.36
N ILE A 427 5.87 66.73 -20.61
CA ILE A 427 6.84 66.00 -21.41
C ILE A 427 8.08 66.84 -21.66
N ASN A 428 7.90 68.14 -21.92
CA ASN A 428 9.06 68.98 -22.16
C ASN A 428 9.85 69.22 -20.87
N LYS A 429 9.19 69.16 -19.71
CA LYS A 429 9.92 69.21 -18.45
C LYS A 429 10.77 67.97 -18.25
N ILE A 430 10.26 66.80 -18.67
CA ILE A 430 11.07 65.59 -18.62
C ILE A 430 12.24 65.69 -19.59
N LEU A 431 12.00 66.24 -20.79
CA LEU A 431 13.08 66.41 -21.75
C LEU A 431 14.12 67.40 -21.23
N SER A 432 13.67 68.50 -20.62
CA SER A 432 14.61 69.45 -20.04
C SER A 432 15.42 68.80 -18.91
N SER A 433 14.77 68.03 -18.05
CA SER A 433 15.50 67.31 -17.02
C SER A 433 16.50 66.34 -17.63
N SER A 434 16.19 65.80 -18.81
CA SER A 434 17.11 64.86 -19.46
C SER A 434 18.40 65.54 -19.88
N LYS A 435 18.32 66.78 -20.37
CA LYS A 435 19.52 67.47 -20.81
C LYS A 435 20.41 67.86 -19.64
N THR A 436 19.82 68.35 -18.55
CA THR A 436 20.62 68.80 -17.41
C THR A 436 21.11 67.63 -16.56
N SER A 437 20.42 66.49 -16.58
CA SER A 437 20.90 65.29 -15.91
C SER A 437 21.82 64.45 -16.79
N ASN A 438 21.84 64.71 -18.10
CA ASN A 438 22.64 63.95 -19.05
C ASN A 438 22.25 62.47 -19.06
N GLU A 439 20.99 62.19 -18.74
CA GLU A 439 20.39 60.88 -18.97
C GLU A 439 19.51 60.99 -20.20
N PRO A 440 19.93 60.49 -21.36
CA PRO A 440 19.20 60.81 -22.60
C PRO A 440 17.82 60.19 -22.65
N VAL A 441 16.87 60.97 -23.16
CA VAL A 441 15.48 60.55 -23.33
C VAL A 441 14.97 61.11 -24.65
N TRP A 442 14.06 60.37 -25.29
CA TRP A 442 13.47 60.79 -26.56
C TRP A 442 11.96 60.64 -26.49
N TRP A 443 11.25 61.62 -27.04
CA TRP A 443 9.79 61.67 -26.98
C TRP A 443 9.18 60.80 -28.06
N LEU A 444 8.30 59.88 -27.66
CA LEU A 444 7.60 59.00 -28.57
C LEU A 444 6.09 59.21 -28.46
N PRO A 445 5.34 58.98 -29.54
CA PRO A 445 3.93 59.34 -29.55
C PRO A 445 3.00 58.27 -29.01
N ILE A 446 1.91 58.73 -28.40
CA ILE A 446 0.77 57.88 -28.08
C ILE A 446 -0.19 58.00 -29.27
N ILE A 447 -0.20 56.96 -30.11
CA ILE A 447 -0.95 56.98 -31.37
C ILE A 447 -2.34 56.42 -31.11
N ASN A 448 -3.37 57.26 -31.22
CA ASN A 448 -4.71 56.85 -30.85
C ASN A 448 -5.29 55.79 -31.77
N GLU A 449 -4.80 55.69 -33.01
CA GLU A 449 -5.33 54.71 -33.94
C GLU A 449 -5.18 53.27 -33.44
N TYR A 450 -4.23 53.01 -32.55
CA TYR A 450 -4.01 51.67 -32.02
C TYR A 450 -4.90 51.33 -30.84
N ARG A 451 -5.74 52.27 -30.39
CA ARG A 451 -6.50 52.06 -29.16
C ARG A 451 -7.48 50.90 -29.28
N SER A 452 -8.12 50.77 -30.44
CA SER A 452 -9.09 49.69 -30.64
C SER A 452 -8.46 48.31 -30.56
N SER A 453 -7.15 48.21 -30.79
CA SER A 453 -6.47 46.92 -30.69
C SER A 453 -6.45 46.38 -29.27
N LEU A 454 -6.77 47.19 -28.27
CA LEU A 454 -6.79 46.76 -26.89
C LEU A 454 -8.18 46.35 -26.41
N ASN A 455 -9.21 46.54 -27.21
CA ASN A 455 -10.56 46.20 -26.80
C ASN A 455 -10.71 44.69 -26.65
N SER A 456 -11.58 44.30 -25.74
CA SER A 456 -11.85 42.90 -25.44
C SER A 456 -13.31 42.59 -25.74
N LYS A 457 -13.56 41.37 -26.20
CA LYS A 457 -14.93 40.96 -26.47
C LYS A 457 -15.76 40.89 -25.18
N TYR A 458 -15.11 40.62 -24.06
CA TYR A 458 -15.83 40.42 -22.80
C TYR A 458 -15.44 41.42 -21.72
N ALA A 459 -14.16 41.72 -21.57
CA ALA A 459 -13.73 42.73 -20.61
C ALA A 459 -13.78 44.12 -21.24
N ASP A 460 -13.57 45.14 -20.41
CA ASP A 460 -13.45 46.49 -20.93
C ASP A 460 -12.17 46.65 -21.73
N LEU A 461 -11.12 45.93 -21.35
CA LEU A 461 -9.80 46.09 -21.95
C LEU A 461 -9.09 44.75 -21.96
N ASN A 462 -8.20 44.59 -22.93
CA ASN A 462 -7.14 43.59 -22.87
C ASN A 462 -5.85 44.30 -22.47
N ASN A 463 -4.94 43.56 -21.85
CA ASN A 463 -3.67 44.15 -21.47
C ASN A 463 -2.62 44.09 -22.58
N ILE A 464 -2.91 43.40 -23.68
CA ILE A 464 -2.01 43.37 -24.83
C ILE A 464 -2.83 43.52 -26.10
N SER A 465 -2.14 43.92 -27.18
CA SER A 465 -2.73 43.94 -28.51
C SER A 465 -2.31 42.69 -29.27
N SER A 466 -3.22 42.16 -30.07
CA SER A 466 -2.93 41.01 -30.91
C SER A 466 -2.80 41.37 -32.39
N SER A 467 -2.88 42.65 -32.73
CA SER A 467 -2.71 43.12 -34.11
C SER A 467 -1.61 44.15 -34.27
N VAL A 468 -1.51 45.12 -33.36
CA VAL A 468 -0.47 46.13 -33.44
C VAL A 468 0.80 45.60 -32.79
N LYS A 469 1.90 45.65 -33.54
CA LYS A 469 3.18 45.20 -33.03
C LYS A 469 3.99 46.29 -32.35
N ALA A 470 3.55 47.55 -32.42
CA ALA A 470 4.23 48.66 -31.76
C ALA A 470 3.88 48.62 -30.26
N SER A 471 4.50 47.66 -29.57
CA SER A 471 4.08 47.34 -28.21
C SER A 471 4.36 48.48 -27.23
N SER A 472 5.39 49.30 -27.48
CA SER A 472 5.68 50.40 -26.58
C SER A 472 4.56 51.44 -26.62
N VAL A 473 4.03 51.71 -27.81
CA VAL A 473 2.90 52.64 -27.93
C VAL A 473 1.65 52.02 -27.32
N VAL A 474 1.42 50.73 -27.60
CA VAL A 474 0.22 50.07 -27.08
C VAL A 474 0.21 50.09 -25.56
N ALA A 475 1.35 49.77 -24.94
CA ALA A 475 1.42 49.79 -23.49
C ALA A 475 1.08 51.16 -22.93
N SER A 476 1.58 52.22 -23.58
CA SER A 476 1.27 53.57 -23.13
C SER A 476 -0.22 53.88 -23.27
N LEU A 477 -0.86 53.34 -24.31
CA LEU A 477 -2.30 53.51 -24.45
C LEU A 477 -3.06 52.80 -23.33
N PHE A 478 -2.57 51.63 -22.92
CA PHE A 478 -3.19 50.91 -21.82
C PHE A 478 -3.09 51.70 -20.52
N LEU A 479 -1.88 52.18 -20.20
CA LEU A 479 -1.70 52.91 -18.95
C LEU A 479 -2.54 54.18 -18.92
N LYS A 480 -2.72 54.83 -20.08
CA LYS A 480 -3.51 56.07 -20.13
C LYS A 480 -4.96 55.83 -19.74
N GLU A 481 -5.45 54.59 -19.83
CA GLU A 481 -6.80 54.27 -19.40
C GLU A 481 -6.99 54.38 -17.90
N PHE A 482 -5.92 54.65 -17.14
CA PHE A 482 -5.99 54.73 -15.69
C PHE A 482 -5.54 56.08 -15.18
N ILE A 483 -5.41 57.07 -16.07
CA ILE A 483 -5.26 58.47 -15.71
C ILE A 483 -6.44 59.22 -16.35
N GLU A 484 -7.18 59.96 -15.53
CA GLU A 484 -8.40 60.61 -16.00
C GLU A 484 -8.22 62.09 -16.30
N ASN A 485 -7.53 62.84 -15.44
CA ASN A 485 -7.46 64.29 -15.61
C ASN A 485 -6.25 64.92 -14.93
N THR A 486 -5.09 64.27 -15.02
CA THR A 486 -3.88 64.80 -14.44
C THR A 486 -2.73 64.69 -15.44
N PRO A 487 -1.91 65.73 -15.58
CA PRO A 487 -0.70 65.59 -16.43
C PRO A 487 0.10 64.37 -16.03
N TRP A 488 0.41 63.53 -17.02
CA TRP A 488 1.01 62.23 -16.79
C TRP A 488 2.04 61.92 -17.86
N ALA A 489 3.22 61.49 -17.42
CA ALA A 489 4.29 61.05 -18.32
C ALA A 489 4.74 59.66 -17.91
N HIS A 490 5.21 58.90 -18.90
CA HIS A 490 5.61 57.51 -18.72
C HIS A 490 6.97 57.32 -19.40
N ILE A 491 7.95 56.86 -18.63
CA ILE A 491 9.33 56.71 -19.11
C ILE A 491 9.66 55.23 -19.16
N ASP A 492 9.91 54.71 -20.36
CA ASP A 492 10.19 53.29 -20.59
C ASP A 492 11.70 53.09 -20.65
N ILE A 493 12.24 52.40 -19.65
CA ILE A 493 13.68 52.23 -19.52
C ILE A 493 14.10 50.77 -19.70
N ALA A 494 13.28 49.96 -20.37
CA ALA A 494 13.62 48.55 -20.54
C ALA A 494 14.91 48.36 -21.32
N GLY A 495 15.21 49.28 -22.25
CA GLY A 495 16.40 49.12 -23.07
C GLY A 495 17.65 49.76 -22.48
N VAL A 496 17.47 50.78 -21.64
CA VAL A 496 18.60 51.55 -21.14
C VAL A 496 18.98 51.20 -19.70
N SER A 497 18.13 50.48 -18.97
CA SER A 497 18.40 50.25 -17.56
C SER A 497 19.65 49.39 -17.36
N TRP A 498 19.81 48.34 -18.15
CA TRP A 498 20.85 47.35 -17.95
C TRP A 498 21.93 47.49 -19.02
N ASN A 499 23.17 47.65 -18.59
CA ASN A 499 24.32 47.71 -19.48
C ASN A 499 24.72 46.28 -19.83
N PHE A 500 24.35 45.84 -21.04
CA PHE A 500 24.55 44.45 -21.41
C PHE A 500 26.03 44.11 -21.59
N LYS A 501 26.79 45.02 -22.20
CA LYS A 501 28.21 44.75 -22.42
C LYS A 501 28.98 44.72 -21.11
N ALA A 502 28.70 45.65 -20.20
CA ALA A 502 29.37 45.69 -18.91
C ALA A 502 28.75 44.77 -17.87
N ARG A 503 27.54 44.27 -18.13
CA ARG A 503 26.89 43.28 -17.24
C ARG A 503 26.58 43.88 -15.87
N LYS A 504 26.07 45.10 -15.85
CA LYS A 504 25.72 45.77 -14.62
C LYS A 504 24.61 46.77 -14.89
N PRO A 505 23.90 47.22 -13.86
CA PRO A 505 22.87 48.25 -14.06
C PRO A 505 23.48 49.64 -14.12
N LYS A 506 22.71 50.56 -14.71
CA LYS A 506 23.12 51.94 -14.83
C LYS A 506 22.57 52.84 -13.72
N GLY A 507 21.56 52.39 -12.98
CA GLY A 507 20.84 53.29 -12.10
C GLY A 507 20.15 54.38 -12.88
N PHE A 508 19.66 54.09 -14.07
CA PHE A 508 19.08 55.11 -14.94
C PHE A 508 17.78 55.64 -14.35
N GLY A 509 17.63 56.96 -14.37
CA GLY A 509 16.42 57.61 -13.94
C GLY A 509 16.53 58.37 -12.64
N VAL A 510 17.48 58.02 -11.79
CA VAL A 510 17.61 58.71 -10.50
C VAL A 510 17.84 60.20 -10.71
N ARG A 511 18.90 60.55 -11.45
CA ARG A 511 19.26 61.95 -11.64
C ARG A 511 18.22 62.66 -12.51
N LEU A 512 17.65 61.96 -13.49
CA LEU A 512 16.60 62.54 -14.32
C LEU A 512 15.43 63.00 -13.46
N LEU A 513 14.92 62.11 -12.60
CA LEU A 513 13.77 62.45 -11.77
C LEU A 513 14.12 63.48 -10.70
N THR A 514 15.34 63.43 -10.16
CA THR A 514 15.73 64.42 -9.17
C THR A 514 15.80 65.81 -9.79
N GLU A 515 16.41 65.93 -10.98
CA GLU A 515 16.42 67.22 -11.66
C GLU A 515 15.00 67.71 -11.94
N PHE A 516 14.09 66.79 -12.28
CA PHE A 516 12.71 67.17 -12.55
C PHE A 516 12.04 67.74 -11.32
N VAL A 517 12.30 67.17 -10.15
CA VAL A 517 11.70 67.67 -8.91
C VAL A 517 12.32 69.01 -8.51
N LEU A 518 13.66 69.09 -8.56
CA LEU A 518 14.34 70.26 -8.01
C LEU A 518 13.98 71.53 -8.76
N ASN A 519 13.91 71.49 -10.09
CA ASN A 519 13.64 72.69 -10.87
C ASN A 519 12.16 72.94 -11.05
N ASP A 520 11.35 72.53 -10.08
CA ASP A 520 9.93 72.89 -10.03
C ASP A 520 9.55 73.33 -8.61
N ALA B 2 15.31 9.26 -78.42
CA ALA B 2 14.88 9.93 -77.19
C ALA B 2 15.40 11.36 -77.13
N THR B 3 14.58 12.26 -76.60
CA THR B 3 14.97 13.66 -76.47
C THR B 3 16.23 13.77 -75.61
N THR B 4 17.09 14.72 -75.98
CA THR B 4 18.34 14.90 -75.25
C THR B 4 18.06 15.47 -73.86
N VAL B 5 18.69 14.88 -72.85
CA VAL B 5 18.58 15.36 -71.48
C VAL B 5 19.68 16.40 -71.24
N PRO B 6 19.36 17.61 -70.82
CA PRO B 6 20.42 18.58 -70.54
C PRO B 6 21.27 18.13 -69.36
N GLN B 7 22.56 18.43 -69.45
CA GLN B 7 23.52 18.08 -68.41
C GLN B 7 24.29 19.32 -68.00
N VAL B 8 24.80 19.31 -66.78
CA VAL B 8 25.72 20.33 -66.31
C VAL B 8 27.17 19.84 -66.38
N VAL B 9 27.40 18.58 -66.01
CA VAL B 9 28.68 17.92 -66.18
C VAL B 9 28.44 16.64 -66.98
N SER B 10 29.52 16.11 -67.55
CA SER B 10 29.39 14.91 -68.38
C SER B 10 28.94 13.69 -67.58
N LEU B 11 29.10 13.72 -66.27
CA LEU B 11 28.73 12.60 -65.42
C LEU B 11 27.26 12.62 -65.00
N ASP B 12 26.51 13.63 -65.40
CA ASP B 12 25.08 13.68 -65.10
C ASP B 12 24.36 12.56 -65.85
N PRO B 13 23.49 11.79 -65.20
CA PRO B 13 22.78 10.72 -65.92
C PRO B 13 21.77 11.28 -66.90
N THR B 14 21.55 10.53 -67.98
CA THR B 14 20.66 10.94 -69.06
C THR B 14 19.50 9.98 -69.27
N THR B 15 19.34 8.96 -68.42
CA THR B 15 18.19 8.08 -68.50
C THR B 15 17.86 7.57 -67.11
N ILE B 16 16.61 7.15 -66.93
CA ILE B 16 16.15 6.52 -65.70
C ILE B 16 16.34 5.02 -65.86
N PRO B 17 17.23 4.39 -65.09
CA PRO B 17 17.34 2.93 -65.16
C PRO B 17 16.05 2.28 -64.66
N ILE B 18 15.49 1.39 -65.48
CA ILE B 18 14.24 0.72 -65.16
C ILE B 18 14.40 -0.77 -65.44
N ASP B 19 14.06 -1.59 -64.46
CA ASP B 19 14.06 -3.04 -64.63
C ASP B 19 12.73 -3.44 -65.21
N TYR B 20 12.72 -3.84 -66.49
CA TYR B 20 11.53 -4.37 -67.14
C TYR B 20 11.37 -5.87 -66.96
N HIS B 21 12.34 -6.54 -66.34
CA HIS B 21 12.30 -7.96 -66.08
C HIS B 21 12.61 -8.20 -64.62
N THR B 22 11.70 -8.84 -63.91
CA THR B 22 11.88 -9.17 -62.50
C THR B 22 11.98 -10.68 -62.33
N PRO B 23 12.46 -11.14 -61.17
CA PRO B 23 12.48 -12.59 -60.91
C PRO B 23 11.10 -13.22 -61.00
N ILE B 24 10.03 -12.44 -60.83
CA ILE B 24 8.68 -13.00 -60.91
C ILE B 24 8.40 -13.53 -62.31
N ASP B 25 8.97 -12.89 -63.34
CA ASP B 25 8.78 -13.35 -64.70
C ASP B 25 9.41 -14.72 -64.94
N ASP B 26 10.35 -15.14 -64.11
CA ASP B 26 10.96 -16.46 -64.18
C ASP B 26 10.34 -17.42 -63.18
N LEU B 27 9.22 -17.05 -62.56
CA LEU B 27 8.60 -17.82 -61.50
C LEU B 27 7.35 -18.50 -62.03
N SER B 28 7.33 -19.83 -61.98
CA SER B 28 6.12 -20.59 -62.27
C SER B 28 5.18 -20.53 -61.08
N ILE B 29 3.90 -20.29 -61.35
CA ILE B 29 2.89 -20.20 -60.30
C ILE B 29 1.69 -21.03 -60.72
N GLU B 30 1.23 -21.90 -59.83
CA GLU B 30 0.06 -22.73 -60.07
C GLU B 30 -0.79 -22.76 -58.81
N VAL B 31 -2.10 -22.87 -59.01
CA VAL B 31 -3.06 -22.96 -57.91
C VAL B 31 -3.62 -24.37 -57.91
N LYS B 32 -3.51 -25.05 -56.77
CA LYS B 32 -3.91 -26.44 -56.64
C LYS B 32 -4.99 -26.56 -55.56
N ASP B 33 -5.96 -27.44 -55.78
CA ASP B 33 -6.99 -27.66 -54.77
C ASP B 33 -6.37 -28.31 -53.54
N ILE B 34 -6.65 -27.74 -52.37
CA ILE B 34 -6.01 -28.20 -51.14
C ILE B 34 -6.38 -29.64 -50.82
N SER B 35 -7.50 -30.13 -51.34
CA SER B 35 -7.97 -31.49 -51.07
C SER B 35 -7.75 -32.44 -52.24
N ALA B 36 -8.22 -32.07 -53.43
CA ALA B 36 -8.10 -32.96 -54.58
C ALA B 36 -6.66 -33.04 -55.09
N GLU B 37 -5.91 -31.95 -54.97
CA GLU B 37 -4.51 -31.93 -55.41
C GLU B 37 -3.61 -31.59 -54.22
N ALA B 38 -3.63 -32.45 -53.20
CA ALA B 38 -2.91 -32.16 -51.97
C ALA B 38 -1.41 -32.06 -52.23
N CYS B 39 -0.75 -31.20 -51.48
CA CYS B 39 0.68 -30.99 -51.62
C CYS B 39 1.41 -32.30 -51.37
N PRO B 40 2.35 -32.71 -52.23
CA PRO B 40 3.08 -33.95 -51.98
C PRO B 40 4.01 -33.87 -50.77
N ALA B 41 4.44 -32.67 -50.36
CA ALA B 41 5.43 -32.53 -49.29
C ALA B 41 6.66 -33.38 -49.59
N ASP B 42 7.08 -33.37 -50.86
CA ASP B 42 8.17 -34.22 -51.32
C ASP B 42 9.50 -33.48 -51.42
N GLU B 43 9.49 -32.18 -51.66
CA GLU B 43 10.73 -31.43 -51.83
C GLU B 43 10.48 -29.95 -51.61
N GLY B 44 11.57 -29.19 -51.58
CA GLY B 44 11.47 -27.74 -51.49
C GLY B 44 11.00 -27.27 -50.12
N LEU B 45 10.40 -26.08 -50.11
CA LEU B 45 9.86 -25.46 -48.91
C LEU B 45 8.34 -25.53 -48.95
N ILE B 46 7.75 -25.99 -47.85
CA ILE B 46 6.30 -26.05 -47.71
C ILE B 46 5.93 -25.22 -46.49
N VAL B 47 5.07 -24.20 -46.71
CA VAL B 47 4.68 -23.25 -45.67
C VAL B 47 3.18 -23.36 -45.45
N PHE B 48 2.77 -23.40 -44.18
CA PHE B 48 1.37 -23.45 -43.81
C PHE B 48 0.97 -22.11 -43.21
N LEU B 49 0.00 -21.44 -43.85
CA LEU B 49 -0.59 -20.24 -43.30
C LEU B 49 -1.72 -20.65 -42.37
N LEU B 50 -1.56 -20.36 -41.07
CA LEU B 50 -2.46 -20.86 -40.05
C LEU B 50 -2.95 -19.72 -39.17
N ASN B 51 -4.21 -19.83 -38.74
CA ASN B 51 -4.76 -18.88 -37.78
C ASN B 51 -4.36 -19.28 -36.36
N SER B 52 -4.67 -18.40 -35.42
CA SER B 52 -4.23 -18.62 -34.04
C SER B 52 -5.06 -19.71 -33.37
N GLN B 53 -4.37 -20.64 -32.71
CA GLN B 53 -5.02 -21.66 -31.88
C GLN B 53 -5.88 -22.61 -32.69
N ILE B 54 -5.50 -22.86 -33.93
CA ILE B 54 -6.20 -23.81 -34.81
C ILE B 54 -5.21 -24.85 -35.28
N LYS B 55 -5.59 -26.12 -35.16
CA LYS B 55 -4.73 -27.21 -35.58
C LYS B 55 -4.75 -27.35 -37.10
N ILE B 56 -3.68 -27.94 -37.63
CA ILE B 56 -3.60 -28.18 -39.07
C ILE B 56 -4.73 -29.11 -39.49
N ASN B 57 -5.41 -28.75 -40.58
CA ASN B 57 -6.57 -29.51 -41.03
C ASN B 57 -6.35 -30.20 -42.37
N SER B 58 -5.48 -29.68 -43.22
CA SER B 58 -5.22 -30.31 -44.51
C SER B 58 -4.21 -31.44 -44.33
N SER B 59 -3.90 -32.13 -45.43
CA SER B 59 -3.00 -33.27 -45.41
C SER B 59 -2.03 -33.18 -46.58
N VAL B 60 -0.93 -33.91 -46.45
CA VAL B 60 0.04 -34.06 -47.53
C VAL B 60 0.13 -35.53 -47.89
N LYS B 61 0.72 -35.80 -49.05
CA LYS B 61 0.77 -37.16 -49.57
C LYS B 61 1.95 -37.96 -49.06
N ASP B 62 2.97 -37.30 -48.51
CA ASP B 62 4.07 -38.01 -47.87
C ASP B 62 3.63 -38.50 -46.51
N ASN B 63 3.70 -39.81 -46.29
CA ASN B 63 3.12 -40.40 -45.08
C ASN B 63 3.88 -39.95 -43.83
N THR B 64 5.21 -39.83 -43.91
CA THR B 64 5.98 -39.42 -42.74
C THR B 64 5.61 -38.00 -42.33
N ILE B 65 5.65 -37.06 -43.27
CA ILE B 65 5.32 -35.68 -42.94
C ILE B 65 3.85 -35.56 -42.55
N ASN B 66 2.97 -36.35 -43.17
CA ASN B 66 1.57 -36.31 -42.78
C ASN B 66 1.39 -36.67 -41.31
N GLU B 67 2.08 -37.73 -40.87
CA GLU B 67 2.05 -38.09 -39.45
C GLU B 67 2.66 -37.00 -38.59
N PHE B 68 3.68 -36.31 -39.10
CA PHE B 68 4.22 -35.15 -38.39
C PHE B 68 3.15 -34.08 -38.21
N LEU B 69 2.35 -33.84 -39.25
CA LEU B 69 1.28 -32.84 -39.15
C LEU B 69 0.16 -33.31 -38.22
N LYS B 70 -0.11 -34.62 -38.19
CA LYS B 70 -1.09 -35.14 -37.26
C LYS B 70 -0.67 -34.89 -35.81
N GLU B 71 0.62 -35.10 -35.51
CA GLU B 71 1.11 -34.84 -34.17
C GLU B 71 1.10 -33.34 -33.85
N GLY B 72 1.30 -32.50 -34.87
CA GLY B 72 1.26 -31.07 -34.68
C GLY B 72 2.62 -30.46 -34.51
N ASN B 73 3.28 -30.76 -33.39
CA ASN B 73 4.59 -30.19 -33.07
C ASN B 73 4.54 -28.67 -33.09
N MET B 74 3.40 -28.11 -32.65
CA MET B 74 3.19 -26.68 -32.60
C MET B 74 3.61 -26.05 -31.28
N GLU B 75 4.43 -26.74 -30.50
CA GLU B 75 5.01 -26.15 -29.31
C GLU B 75 5.58 -24.78 -29.66
N ASN B 76 5.30 -23.79 -28.80
CA ASN B 76 5.77 -22.41 -28.96
C ASN B 76 5.00 -21.65 -30.05
N PHE B 77 4.54 -22.34 -31.09
CA PHE B 77 3.83 -21.67 -32.17
C PHE B 77 2.36 -21.45 -31.77
N THR B 78 1.95 -20.18 -31.71
CA THR B 78 0.59 -19.82 -31.34
C THR B 78 -0.28 -19.43 -32.51
N GLY B 79 0.31 -19.18 -33.69
CA GLY B 79 -0.44 -18.69 -34.82
C GLY B 79 -0.67 -17.20 -34.83
N LYS B 80 -0.09 -16.47 -33.88
CA LYS B 80 -0.24 -15.02 -33.84
C LYS B 80 0.37 -14.38 -35.08
N LEU B 81 -0.14 -13.20 -35.41
CA LEU B 81 0.25 -12.52 -36.64
C LEU B 81 1.76 -12.30 -36.67
N GLY B 82 2.40 -12.77 -37.74
CA GLY B 82 3.80 -12.53 -37.97
C GLY B 82 4.74 -13.60 -37.46
N THR B 83 4.34 -14.37 -36.45
CA THR B 83 5.20 -15.41 -35.92
C THR B 83 5.35 -16.56 -36.93
N SER B 84 6.33 -17.41 -36.68
CA SER B 84 6.61 -18.55 -37.56
C SER B 84 7.38 -19.60 -36.79
N LYS B 85 7.63 -20.73 -37.46
CA LYS B 85 8.40 -21.83 -36.91
C LYS B 85 8.82 -22.72 -38.07
N SER B 86 10.11 -23.07 -38.13
CA SER B 86 10.67 -23.83 -39.24
C SER B 86 11.17 -25.19 -38.77
N PHE B 87 11.11 -26.16 -39.68
CA PHE B 87 11.55 -27.52 -39.40
C PHE B 87 12.39 -28.05 -40.55
N TYR B 88 13.28 -29.00 -40.23
CA TYR B 88 13.84 -29.93 -41.20
C TYR B 88 13.25 -31.30 -40.87
N ILE B 89 12.59 -31.93 -41.84
CA ILE B 89 11.89 -33.19 -41.62
C ILE B 89 12.29 -34.16 -42.71
N ALA B 90 12.65 -35.39 -42.31
CA ALA B 90 12.92 -36.45 -43.27
C ALA B 90 11.61 -37.00 -43.82
N ASN B 91 11.51 -37.08 -45.14
CA ASN B 91 10.28 -37.53 -45.78
C ASN B 91 10.31 -39.05 -45.94
N ASP B 92 9.37 -39.60 -46.70
CA ASP B 92 9.31 -41.05 -46.89
C ASP B 92 10.59 -41.58 -47.53
N GLN B 93 11.17 -40.79 -48.44
CA GLN B 93 12.44 -41.15 -49.07
C GLN B 93 13.65 -40.86 -48.20
N LYS B 94 13.43 -40.50 -46.93
CA LYS B 94 14.52 -40.24 -45.98
C LYS B 94 15.36 -39.03 -46.36
N LYS B 95 14.77 -38.08 -47.09
CA LYS B 95 15.45 -36.85 -47.47
C LYS B 95 14.83 -35.68 -46.71
N TYR B 96 15.68 -34.75 -46.27
CA TYR B 96 15.21 -33.62 -45.48
C TYR B 96 14.41 -32.66 -46.35
N VAL B 97 13.26 -32.25 -45.84
CA VAL B 97 12.42 -31.23 -46.48
C VAL B 97 12.23 -30.09 -45.50
N SER B 98 12.08 -28.89 -46.03
CA SER B 98 11.89 -27.70 -45.22
C SER B 98 10.40 -27.41 -45.08
N LEU B 99 9.93 -27.30 -43.84
CA LEU B 99 8.52 -27.07 -43.52
C LEU B 99 8.42 -25.93 -42.52
N ALA B 100 7.39 -25.10 -42.68
CA ALA B 100 7.24 -23.94 -41.82
C ALA B 100 5.78 -23.64 -41.57
N TYR B 101 5.49 -23.16 -40.36
CA TYR B 101 4.19 -22.60 -39.99
C TYR B 101 4.31 -21.08 -39.90
N VAL B 102 3.28 -20.37 -40.34
CA VAL B 102 3.24 -18.92 -40.29
C VAL B 102 1.89 -18.49 -39.73
N GLY B 103 1.92 -17.67 -38.69
CA GLY B 103 0.69 -17.25 -38.03
C GLY B 103 0.03 -16.07 -38.73
N CYS B 104 -1.30 -16.10 -38.75
CA CYS B 104 -2.09 -15.07 -39.43
C CYS B 104 -3.09 -14.38 -38.52
N GLY B 105 -3.08 -14.68 -37.22
CA GLY B 105 -3.99 -14.06 -36.29
C GLY B 105 -5.33 -14.76 -36.21
N PRO B 106 -6.30 -14.14 -35.54
CA PRO B 106 -7.62 -14.77 -35.41
C PRO B 106 -8.25 -15.05 -36.75
N ALA B 107 -8.99 -16.14 -36.83
CA ALA B 107 -9.66 -16.52 -38.06
C ALA B 107 -10.75 -15.52 -38.42
N ASN B 108 -10.97 -15.35 -39.71
CA ASN B 108 -12.00 -14.48 -40.28
C ASN B 108 -11.77 -13.00 -40.00
N GLU B 109 -10.57 -12.64 -39.55
CA GLU B 109 -10.26 -11.24 -39.22
C GLU B 109 -9.16 -10.67 -40.11
N GLU B 110 -8.78 -11.37 -41.17
CA GLU B 110 -7.68 -10.92 -42.03
C GLU B 110 -8.15 -9.77 -42.91
N THR B 111 -7.41 -8.66 -42.86
CA THR B 111 -7.59 -7.54 -43.76
C THR B 111 -6.28 -7.32 -44.52
N GLU B 112 -6.21 -6.20 -45.25
CA GLU B 112 -4.97 -5.86 -45.95
C GLU B 112 -3.82 -5.70 -44.97
N LEU B 113 -4.10 -5.30 -43.73
CA LEU B 113 -3.04 -5.12 -42.75
C LEU B 113 -2.42 -6.45 -42.35
N GLU B 114 -3.26 -7.43 -42.01
CA GLU B 114 -2.75 -8.75 -41.65
C GLU B 114 -2.00 -9.38 -42.82
N ILE B 115 -2.56 -9.27 -44.03
CA ILE B 115 -1.96 -9.93 -45.19
C ILE B 115 -0.60 -9.32 -45.50
N ARG B 116 -0.46 -8.01 -45.33
CA ARG B 116 0.84 -7.38 -45.54
C ARG B 116 1.87 -7.95 -44.58
N LYS B 117 1.47 -8.19 -43.32
CA LYS B 117 2.40 -8.72 -42.33
C LYS B 117 2.70 -10.20 -42.59
N VAL B 118 1.71 -10.96 -43.06
CA VAL B 118 1.95 -12.37 -43.37
C VAL B 118 2.91 -12.50 -44.55
N ALA B 119 2.67 -11.72 -45.61
CA ALA B 119 3.54 -11.79 -46.78
C ALA B 119 4.97 -11.37 -46.42
N TYR B 120 5.13 -10.41 -45.53
CA TYR B 120 6.46 -10.00 -45.11
C TYR B 120 7.16 -11.12 -44.34
N ALA B 121 6.43 -11.78 -43.44
CA ALA B 121 7.01 -12.91 -42.71
C ALA B 121 7.45 -14.02 -43.66
N LEU B 122 6.72 -14.22 -44.76
CA LEU B 122 7.07 -15.28 -45.70
C LEU B 122 8.30 -14.91 -46.51
N VAL B 123 8.45 -13.62 -46.86
CA VAL B 123 9.64 -13.22 -47.60
C VAL B 123 10.89 -13.43 -46.78
N THR B 124 10.80 -13.30 -45.45
CA THR B 124 11.94 -13.61 -44.60
C THR B 124 12.27 -15.09 -44.64
N LEU B 125 11.24 -15.95 -44.75
CA LEU B 125 11.49 -17.38 -44.90
C LEU B 125 12.08 -17.69 -46.27
N LEU B 126 11.63 -16.99 -47.31
CA LEU B 126 12.17 -17.22 -48.64
C LEU B 126 13.63 -16.77 -48.72
N HIS B 127 13.98 -15.70 -48.02
CA HIS B 127 15.37 -15.22 -48.04
C HIS B 127 16.28 -16.18 -47.29
N ASP B 128 15.82 -16.74 -46.19
CA ASP B 128 16.61 -17.64 -45.35
C ASP B 128 16.62 -19.08 -45.84
N SER B 129 16.25 -19.33 -47.11
CA SER B 129 16.21 -20.68 -47.63
C SER B 129 16.76 -20.71 -49.04
N LYS B 130 17.48 -21.78 -49.37
CA LYS B 130 18.02 -21.99 -50.70
C LYS B 130 17.13 -22.88 -51.56
N HIS B 131 15.95 -23.25 -51.06
CA HIS B 131 15.00 -24.01 -51.86
C HIS B 131 14.41 -23.11 -52.94
N LYS B 132 14.35 -23.61 -54.17
CA LYS B 132 13.77 -22.87 -55.28
C LYS B 132 12.37 -23.36 -55.64
N LYS B 133 11.88 -24.41 -55.01
CA LYS B 133 10.49 -24.83 -55.11
C LYS B 133 9.80 -24.55 -53.79
N VAL B 134 8.69 -23.83 -53.84
CA VAL B 134 7.98 -23.39 -52.64
C VAL B 134 6.51 -23.78 -52.78
N SER B 135 5.94 -24.27 -51.69
CA SER B 135 4.52 -24.60 -51.63
C SER B 135 3.90 -23.85 -50.46
N ILE B 136 2.89 -23.02 -50.74
CA ILE B 136 2.15 -22.29 -49.72
C ILE B 136 0.77 -22.93 -49.60
N ILE B 137 0.42 -23.36 -48.41
CA ILE B 137 -0.84 -24.05 -48.14
C ILE B 137 -1.71 -23.10 -47.33
N PHE B 138 -2.81 -22.65 -47.93
CA PHE B 138 -3.69 -21.66 -47.32
C PHE B 138 -4.73 -22.37 -46.46
N GLU B 139 -4.53 -22.36 -45.14
CA GLU B 139 -5.53 -22.82 -44.18
C GLU B 139 -6.29 -21.65 -43.59
N ILE B 140 -6.62 -20.66 -44.42
CA ILE B 140 -7.32 -19.46 -44.00
C ILE B 140 -8.41 -19.15 -45.02
N LYS B 141 -9.47 -18.48 -44.55
CA LYS B 141 -10.55 -18.06 -45.42
C LYS B 141 -10.23 -16.65 -45.93
N ILE B 142 -9.97 -16.53 -47.23
CA ILE B 142 -9.69 -15.24 -47.85
C ILE B 142 -10.32 -15.22 -49.25
N GLU B 143 -10.96 -14.11 -49.57
CA GLU B 143 -11.59 -13.97 -50.88
C GLU B 143 -10.51 -13.84 -51.97
N GLU B 144 -10.96 -13.79 -53.22
CA GLU B 144 -10.04 -13.75 -54.34
C GLU B 144 -9.24 -12.46 -54.38
N ALA B 145 -9.90 -11.33 -54.11
CA ALA B 145 -9.22 -10.03 -54.16
C ALA B 145 -8.09 -9.96 -53.14
N LEU B 146 -8.39 -10.31 -51.89
CA LEU B 146 -7.36 -10.33 -50.86
C LEU B 146 -6.31 -11.40 -51.14
N PHE B 147 -6.72 -12.51 -51.75
CA PHE B 147 -5.75 -13.53 -52.17
C PHE B 147 -4.78 -12.94 -53.19
N ARG B 148 -5.29 -12.22 -54.18
CA ARG B 148 -4.42 -11.58 -55.16
C ARG B 148 -3.51 -10.56 -54.50
N PHE B 149 -4.04 -9.80 -53.54
CA PHE B 149 -3.22 -8.83 -52.82
C PHE B 149 -2.06 -9.51 -52.11
N PHE B 150 -2.31 -10.68 -51.52
CA PHE B 150 -1.24 -11.40 -50.84
C PHE B 150 -0.07 -11.67 -51.77
N LEU B 151 -0.36 -12.07 -53.00
CA LEU B 151 0.72 -12.33 -53.95
C LEU B 151 1.38 -11.04 -54.40
N GLU B 152 0.59 -9.99 -54.64
CA GLU B 152 1.17 -8.71 -55.05
C GLU B 152 2.16 -8.20 -53.99
N HIS B 153 1.73 -8.17 -52.73
CA HIS B 153 2.63 -7.69 -51.68
C HIS B 153 3.82 -8.62 -51.50
N LEU B 154 3.59 -9.93 -51.61
CA LEU B 154 4.69 -10.89 -51.52
C LEU B 154 5.78 -10.55 -52.53
N PHE B 155 5.40 -10.34 -53.79
CA PHE B 155 6.38 -9.95 -54.80
C PHE B 155 6.98 -8.60 -54.48
N TYR B 156 6.17 -7.67 -53.97
CA TYR B 156 6.65 -6.33 -53.66
C TYR B 156 7.75 -6.37 -52.60
N GLU B 157 7.58 -7.20 -51.58
CA GLU B 157 8.62 -7.34 -50.57
C GLU B 157 9.76 -8.25 -51.01
N TYR B 158 9.53 -9.10 -52.00
CA TYR B 158 10.54 -10.06 -52.42
C TYR B 158 11.56 -9.46 -53.37
N VAL B 159 11.15 -8.52 -54.21
CA VAL B 159 12.02 -7.92 -55.22
C VAL B 159 12.70 -6.70 -54.62
N THR B 160 14.03 -6.65 -54.74
CA THR B 160 14.82 -5.54 -54.22
C THR B 160 15.30 -4.65 -55.35
N ASP B 161 15.39 -3.35 -55.07
CA ASP B 161 15.83 -2.35 -56.03
C ASP B 161 17.33 -2.09 -55.81
N GLU B 162 18.15 -2.50 -56.78
CA GLU B 162 19.60 -2.36 -56.69
C GLU B 162 20.17 -1.48 -57.80
N ARG B 163 19.33 -0.70 -58.47
CA ARG B 163 19.79 0.06 -59.62
C ARG B 163 20.92 1.04 -59.28
N PHE B 164 21.04 1.45 -58.02
CA PHE B 164 22.02 2.46 -57.64
C PHE B 164 23.07 1.94 -56.67
N LYS B 165 23.13 0.62 -56.45
CA LYS B 165 24.20 0.00 -55.70
C LYS B 165 25.35 -0.32 -56.64
N SER B 166 26.57 0.00 -56.24
CA SER B 166 27.74 -0.31 -57.06
C SER B 166 28.09 -1.79 -57.02
N ALA B 167 27.71 -2.51 -55.96
CA ALA B 167 27.98 -3.93 -55.88
C ALA B 167 27.20 -4.69 -56.94
N ASP B 174 20.03 -16.20 -55.34
CA ASP B 174 19.12 -16.22 -56.49
C ASP B 174 17.67 -16.13 -56.01
N PHE B 175 16.76 -16.62 -56.84
CA PHE B 175 15.33 -16.49 -56.57
C PHE B 175 14.62 -17.81 -56.83
N ILE B 176 13.43 -17.94 -56.23
CA ILE B 176 12.64 -19.16 -56.37
C ILE B 176 12.14 -19.29 -57.81
N LYS B 177 11.89 -20.52 -58.23
CA LYS B 177 11.48 -20.81 -59.60
C LYS B 177 10.10 -21.45 -59.72
N ASN B 178 9.63 -22.18 -58.71
CA ASN B 178 8.32 -22.81 -58.74
C ASN B 178 7.57 -22.45 -57.47
N LEU B 179 6.34 -21.96 -57.63
CA LEU B 179 5.49 -21.59 -56.51
C LEU B 179 4.15 -22.28 -56.68
N SER B 180 3.78 -23.10 -55.70
CA SER B 180 2.51 -23.83 -55.71
C SER B 180 1.63 -23.29 -54.59
N LEU B 181 0.39 -22.95 -54.93
CA LEU B 181 -0.56 -22.34 -53.99
C LEU B 181 -1.72 -23.30 -53.78
N HIS B 182 -1.81 -23.87 -52.58
CA HIS B 182 -2.81 -24.86 -52.24
C HIS B 182 -3.90 -24.20 -51.40
N ILE B 183 -5.14 -24.28 -51.89
CA ILE B 183 -6.26 -23.57 -51.28
C ILE B 183 -7.55 -24.25 -51.70
N ALA B 184 -8.59 -24.09 -50.88
CA ALA B 184 -9.89 -24.68 -51.18
C ALA B 184 -10.54 -23.96 -52.35
N ASN B 185 -11.16 -24.73 -53.24
CA ASN B 185 -11.82 -24.19 -54.43
C ASN B 185 -10.83 -23.40 -55.29
N ALA B 186 -9.70 -24.05 -55.61
CA ALA B 186 -8.63 -23.37 -56.33
C ALA B 186 -9.08 -22.81 -57.66
N ASP B 187 -10.07 -23.45 -58.30
CA ASP B 187 -10.52 -22.99 -59.62
C ASP B 187 -11.01 -21.55 -59.58
N ALA B 188 -11.47 -21.07 -58.43
CA ALA B 188 -11.96 -19.70 -58.32
C ALA B 188 -10.83 -18.68 -58.19
N TYR B 189 -9.62 -19.13 -57.83
CA TYR B 189 -8.49 -18.22 -57.64
C TYR B 189 -7.51 -18.23 -58.80
N LYS B 190 -7.69 -19.10 -59.79
CA LYS B 190 -6.72 -19.20 -60.87
C LYS B 190 -6.67 -17.94 -61.72
N GLY B 191 -7.81 -17.26 -61.88
CA GLY B 191 -7.82 -16.03 -62.66
C GLY B 191 -7.05 -14.89 -62.02
N GLN B 192 -6.72 -15.01 -60.74
CA GLN B 192 -6.02 -13.95 -60.03
C GLN B 192 -4.51 -13.97 -60.23
N ILE B 193 -3.95 -15.05 -60.78
CA ILE B 193 -2.51 -15.17 -60.91
C ILE B 193 -1.98 -14.17 -61.93
N ASP B 194 -2.49 -14.25 -63.17
CA ASP B 194 -2.05 -13.32 -64.20
C ASP B 194 -2.33 -11.88 -63.80
N LYS B 195 -3.46 -11.63 -63.14
CA LYS B 195 -3.74 -10.29 -62.66
C LYS B 195 -2.71 -9.84 -61.64
N ALA B 196 -2.32 -10.73 -60.72
CA ALA B 196 -1.30 -10.38 -59.73
C ALA B 196 0.03 -10.03 -60.40
N ARG B 197 0.41 -10.81 -61.42
CA ARG B 197 1.65 -10.49 -62.15
C ARG B 197 1.59 -9.07 -62.71
N VAL B 198 0.46 -8.67 -63.29
CA VAL B 198 0.36 -7.36 -63.92
C VAL B 198 0.24 -6.27 -62.86
N TYR B 199 -0.59 -6.49 -61.85
CA TYR B 199 -0.75 -5.50 -60.80
C TYR B 199 0.56 -5.28 -60.04
N PHE B 200 1.33 -6.36 -59.84
CA PHE B 200 2.60 -6.22 -59.14
C PHE B 200 3.56 -5.32 -59.93
N TYR B 201 3.74 -5.60 -61.22
CA TYR B 201 4.75 -4.85 -61.96
C TYR B 201 4.35 -3.39 -62.12
N GLY B 202 3.06 -3.11 -62.32
CA GLY B 202 2.61 -1.73 -62.37
C GLY B 202 2.97 -0.97 -61.12
N THR B 203 2.70 -1.55 -59.96
CA THR B 203 3.11 -0.96 -58.70
C THR B 203 4.63 -0.87 -58.60
N TYR B 204 5.32 -1.95 -58.98
CA TYR B 204 6.77 -1.99 -58.92
C TYR B 204 7.38 -0.98 -59.89
N TYR B 205 6.80 -0.85 -61.08
CA TYR B 205 7.26 0.14 -62.04
C TYR B 205 7.08 1.56 -61.49
N ALA B 206 5.94 1.83 -60.88
CA ALA B 206 5.72 3.16 -60.30
C ALA B 206 6.71 3.44 -59.17
N ALA B 207 6.97 2.43 -58.32
CA ALA B 207 7.91 2.63 -57.22
C ALA B 207 9.32 2.87 -57.74
N GLN B 208 9.67 2.28 -58.88
CA GLN B 208 11.00 2.49 -59.44
C GLN B 208 11.17 3.94 -59.90
N LEU B 209 10.11 4.55 -60.42
CA LEU B 209 10.20 5.95 -60.85
C LEU B 209 10.27 6.87 -59.63
N ILE B 210 9.51 6.58 -58.58
CA ILE B 210 9.52 7.41 -57.38
C ILE B 210 10.88 7.35 -56.70
N ALA B 211 11.43 6.15 -56.54
CA ALA B 211 12.70 5.98 -55.85
C ALA B 211 13.86 6.59 -56.64
N ALA B 212 13.74 6.69 -57.95
CA ALA B 212 14.81 7.27 -58.75
C ALA B 212 15.12 8.68 -58.26
N PRO B 213 16.38 8.99 -57.95
CA PRO B 213 16.72 10.35 -57.53
C PRO B 213 16.43 11.36 -58.64
N SER B 214 16.24 12.61 -58.24
CA SER B 214 15.81 13.64 -59.18
C SER B 214 16.88 13.98 -60.21
N ASN B 215 18.16 13.69 -59.94
CA ASN B 215 19.16 13.88 -60.98
C ASN B 215 19.07 12.81 -62.06
N TYR B 216 18.44 11.67 -61.75
CA TYR B 216 18.14 10.65 -62.75
C TYR B 216 16.77 10.89 -63.38
N CYS B 217 15.76 11.13 -62.55
CA CYS B 217 14.38 11.30 -62.98
C CYS B 217 14.07 12.80 -62.99
N ASN B 218 14.19 13.41 -64.18
CA ASN B 218 13.89 14.82 -64.39
C ASN B 218 12.78 14.91 -65.43
N PRO B 219 12.23 16.11 -65.69
CA PRO B 219 11.12 16.19 -66.65
C PRO B 219 11.43 15.59 -68.01
N VAL B 220 12.68 15.70 -68.49
CA VAL B 220 13.01 15.15 -69.79
C VAL B 220 13.14 13.63 -69.73
N SER B 221 13.92 13.13 -68.76
CA SER B 221 14.14 11.69 -68.68
C SER B 221 12.87 10.95 -68.32
N LEU B 222 11.95 11.58 -67.58
CA LEU B 222 10.70 10.94 -67.20
C LEU B 222 9.70 10.92 -68.35
N SER B 223 9.70 11.98 -69.17
CA SER B 223 8.85 11.96 -70.36
C SER B 223 9.37 10.96 -71.38
N ASN B 224 10.69 10.81 -71.47
CA ASN B 224 11.25 9.74 -72.31
C ASN B 224 10.83 8.38 -71.81
N ALA B 225 10.82 8.18 -70.48
CA ALA B 225 10.37 6.90 -69.94
C ALA B 225 8.92 6.62 -70.33
N ALA B 226 8.08 7.66 -70.33
CA ALA B 226 6.69 7.47 -70.74
C ALA B 226 6.60 7.13 -72.22
N VAL B 227 7.49 7.68 -73.05
CA VAL B 227 7.50 7.36 -74.47
C VAL B 227 7.86 5.89 -74.67
N GLU B 228 8.84 5.39 -73.92
CA GLU B 228 9.21 3.99 -74.04
C GLU B 228 8.12 3.07 -73.48
N LEU B 229 7.43 3.50 -72.43
CA LEU B 229 6.32 2.70 -71.92
C LEU B 229 5.21 2.57 -72.95
N ALA B 230 4.88 3.68 -73.62
CA ALA B 230 3.81 3.66 -74.60
C ALA B 230 4.09 2.65 -75.71
N GLN B 231 5.36 2.50 -76.08
CA GLN B 231 5.73 1.55 -77.12
C GLN B 231 5.69 0.11 -76.63
N LYS B 232 5.93 -0.12 -75.33
CA LYS B 232 5.99 -1.49 -74.84
C LYS B 232 4.61 -2.07 -74.55
N VAL B 233 3.64 -1.24 -74.18
CA VAL B 233 2.28 -1.71 -73.95
C VAL B 233 1.32 -1.15 -75.00
N ASN B 234 1.85 -0.69 -76.13
CA ASN B 234 1.04 -0.22 -77.25
C ASN B 234 0.01 0.80 -76.80
N LEU B 235 0.46 2.03 -76.55
CA LEU B 235 -0.43 3.14 -76.24
C LEU B 235 -0.10 4.30 -77.17
N GLU B 236 -1.10 5.15 -77.42
CA GLU B 236 -0.86 6.41 -78.10
C GLU B 236 -0.08 7.34 -77.16
N CYS B 237 0.91 8.04 -77.71
CA CYS B 237 1.78 8.89 -76.92
C CYS B 237 1.88 10.27 -77.56
N LYS B 238 1.76 11.30 -76.73
CA LYS B 238 1.89 12.68 -77.19
C LYS B 238 2.54 13.48 -76.06
N ILE B 239 3.69 14.08 -76.35
CA ILE B 239 4.44 14.89 -75.40
C ILE B 239 4.44 16.33 -75.90
N LEU B 240 3.85 17.23 -75.11
CA LEU B 240 3.75 18.63 -75.49
C LEU B 240 4.94 19.41 -74.94
N ASP B 241 5.57 20.21 -75.79
CA ASP B 241 6.73 20.99 -75.42
C ASP B 241 6.32 22.42 -75.07
N VAL B 242 7.31 23.23 -74.67
CA VAL B 242 7.04 24.58 -74.16
C VAL B 242 6.22 25.38 -75.16
N LYS B 243 6.64 25.37 -76.42
CA LYS B 243 5.99 26.23 -77.41
C LYS B 243 4.50 25.94 -77.53
N GLU B 244 4.14 24.66 -77.63
CA GLU B 244 2.72 24.30 -77.72
C GLU B 244 2.00 24.66 -76.43
N LEU B 245 2.64 24.46 -75.28
CA LEU B 245 2.03 24.83 -74.01
C LEU B 245 1.79 26.33 -73.92
N GLU B 246 2.73 27.12 -74.46
CA GLU B 246 2.54 28.57 -74.49
C GLU B 246 1.34 28.94 -75.36
N GLU B 247 1.12 28.20 -76.45
CA GLU B 247 -0.02 28.47 -77.31
C GLU B 247 -1.34 28.12 -76.63
N LEU B 248 -1.34 27.09 -75.78
CA LEU B 248 -2.53 26.72 -75.03
C LEU B 248 -2.70 27.55 -73.75
N LYS B 249 -1.83 28.52 -73.50
CA LYS B 249 -2.00 29.49 -72.42
C LYS B 249 -1.85 28.85 -71.03
N MET B 250 -0.97 27.85 -70.92
CA MET B 250 -0.76 27.13 -69.65
C MET B 250 0.20 27.93 -68.77
N GLY B 251 -0.31 29.07 -68.29
CA GLY B 251 0.54 29.98 -67.53
C GLY B 251 0.84 29.52 -66.12
N ALA B 252 -0.08 28.80 -65.49
CA ALA B 252 0.18 28.28 -64.16
C ALA B 252 1.24 27.19 -64.20
N TYR B 253 1.03 26.18 -65.04
CA TYR B 253 2.01 25.09 -65.18
C TYR B 253 3.37 25.61 -65.63
N LEU B 254 3.37 26.55 -66.58
CA LEU B 254 4.64 27.02 -67.12
C LEU B 254 5.40 27.89 -66.13
N SER B 255 4.69 28.64 -65.28
CA SER B 255 5.37 29.47 -64.29
C SER B 255 6.18 28.62 -63.32
N VAL B 256 5.63 27.48 -62.89
CA VAL B 256 6.30 26.63 -61.91
C VAL B 256 7.67 26.20 -62.41
N GLY B 257 7.77 25.89 -63.70
CA GLY B 257 9.00 25.42 -64.29
C GLY B 257 9.97 26.49 -64.72
N LYS B 258 9.62 27.76 -64.52
CA LYS B 258 10.47 28.85 -65.02
C LYS B 258 11.89 28.78 -64.46
N GLY B 259 12.03 28.30 -63.23
CA GLY B 259 13.31 28.31 -62.56
C GLY B 259 14.13 27.05 -62.74
N SER B 260 13.70 26.13 -63.60
CA SER B 260 14.38 24.86 -63.74
C SER B 260 15.26 24.83 -64.99
N MET B 261 16.32 24.02 -64.91
CA MET B 261 17.17 23.74 -66.06
C MET B 261 16.48 22.86 -67.10
N TYR B 262 15.43 22.12 -66.70
CA TYR B 262 14.78 21.16 -67.60
C TYR B 262 13.49 21.74 -68.15
N PRO B 263 13.24 21.66 -69.46
CA PRO B 263 11.97 22.17 -69.99
C PRO B 263 10.79 21.36 -69.49
N ASN B 264 9.66 22.06 -69.32
CA ASN B 264 8.42 21.40 -68.98
C ASN B 264 8.05 20.38 -70.05
N LYS B 265 7.45 19.27 -69.63
CA LYS B 265 7.01 18.21 -70.53
C LYS B 265 5.65 17.73 -70.09
N PHE B 266 4.65 17.85 -70.96
CA PHE B 266 3.28 17.43 -70.67
C PHE B 266 3.07 16.06 -71.32
N ILE B 267 2.91 15.04 -70.49
CA ILE B 267 2.73 13.67 -70.96
C ILE B 267 1.24 13.43 -71.20
N HIS B 268 0.92 12.86 -72.35
CA HIS B 268 -0.46 12.53 -72.72
C HIS B 268 -0.44 11.18 -73.43
N LEU B 269 -0.70 10.11 -72.67
CA LEU B 269 -0.87 8.78 -73.22
C LEU B 269 -2.35 8.47 -73.34
N THR B 270 -2.70 7.66 -74.33
CA THR B 270 -4.11 7.34 -74.58
C THR B 270 -4.26 5.86 -74.88
N TYR B 271 -5.20 5.22 -74.18
CA TYR B 271 -5.60 3.86 -74.47
C TYR B 271 -7.01 3.87 -75.04
N LYS B 272 -7.20 3.14 -76.15
CA LYS B 272 -8.51 2.99 -76.79
C LYS B 272 -8.83 1.51 -76.87
N GLY B 273 -9.90 1.10 -76.19
CA GLY B 273 -10.29 -0.28 -76.19
C GLY B 273 -11.03 -0.68 -77.46
N ALA B 274 -11.00 -1.98 -77.75
CA ALA B 274 -11.74 -2.50 -78.87
C ALA B 274 -13.25 -2.32 -78.65
N GLN B 275 -13.95 -1.91 -79.70
CA GLN B 275 -15.39 -1.70 -79.61
C GLN B 275 -16.11 -3.00 -79.95
N THR B 276 -16.86 -3.52 -78.99
CA THR B 276 -17.56 -4.79 -79.13
C THR B 276 -19.01 -4.59 -78.73
N GLY B 277 -19.93 -4.81 -79.67
CA GLY B 277 -21.35 -4.64 -79.40
C GLY B 277 -21.84 -5.45 -78.23
N LYS B 283 -17.89 3.01 -74.40
CA LYS B 283 -18.49 4.34 -74.45
C LYS B 283 -17.95 5.25 -73.34
N LYS B 284 -17.27 4.66 -72.36
CA LYS B 284 -16.74 5.42 -71.23
C LYS B 284 -15.39 6.02 -71.60
N LYS B 285 -15.25 7.33 -71.37
CA LYS B 285 -13.99 8.05 -71.59
C LYS B 285 -13.51 8.60 -70.25
N ILE B 286 -12.27 8.28 -69.89
CA ILE B 286 -11.72 8.64 -68.59
C ILE B 286 -10.42 9.40 -68.78
N ALA B 287 -10.17 10.37 -67.89
CA ALA B 287 -8.93 11.12 -67.86
C ALA B 287 -8.31 10.95 -66.47
N LEU B 288 -7.10 10.41 -66.43
CA LEU B 288 -6.35 10.24 -65.19
C LEU B 288 -5.19 11.21 -65.19
N ILE B 289 -5.13 12.07 -64.18
CA ILE B 289 -4.11 13.12 -64.06
C ILE B 289 -3.21 12.78 -62.88
N GLY B 290 -1.90 12.85 -63.11
CA GLY B 290 -0.94 12.63 -62.04
C GLY B 290 0.00 13.80 -61.85
N LYS B 291 0.18 14.25 -60.61
CA LYS B 291 1.08 15.35 -60.31
C LYS B 291 2.51 14.92 -60.57
N GLY B 292 3.24 15.72 -61.37
CA GLY B 292 4.55 15.32 -61.82
C GLY B 292 5.68 16.29 -61.56
N ILE B 293 5.87 16.66 -60.29
CA ILE B 293 6.98 17.52 -59.90
C ILE B 293 8.16 16.60 -59.57
N THR B 294 9.17 16.57 -60.46
CA THR B 294 10.27 15.63 -60.28
C THR B 294 11.13 15.99 -59.09
N PHE B 295 11.20 17.27 -58.73
CA PHE B 295 11.79 17.68 -57.46
C PHE B 295 11.16 19.00 -57.05
N ASP B 296 10.77 19.09 -55.78
CA ASP B 296 10.12 20.27 -55.23
C ASP B 296 10.99 20.81 -54.09
N SER B 297 11.74 21.86 -54.38
CA SER B 297 12.47 22.58 -53.35
C SER B 297 11.59 23.56 -52.59
N GLY B 298 10.39 23.83 -53.07
CA GLY B 298 9.53 24.86 -52.54
C GLY B 298 9.61 26.18 -53.28
N GLY B 299 10.57 26.35 -54.16
CA GLY B 299 10.78 27.64 -54.79
C GLY B 299 11.43 28.61 -53.81
N TYR B 300 11.19 29.90 -54.04
CA TYR B 300 11.70 30.90 -53.11
C TYR B 300 11.07 30.76 -51.73
N ASN B 301 9.91 30.10 -51.63
CA ASN B 301 9.40 29.62 -50.36
C ASN B 301 10.11 28.30 -50.01
N LEU B 302 11.42 28.41 -49.83
CA LEU B 302 12.28 27.23 -49.71
C LEU B 302 11.83 26.35 -48.55
N LYS B 303 11.95 25.03 -48.75
CA LYS B 303 11.66 24.04 -47.71
C LYS B 303 12.82 24.02 -46.72
N ALA B 304 12.86 25.05 -45.86
CA ALA B 304 13.92 25.20 -44.89
C ALA B 304 13.48 24.97 -43.45
N ALA B 305 12.18 24.97 -43.17
CA ALA B 305 11.71 24.72 -41.82
C ALA B 305 12.02 23.28 -41.41
N PRO B 306 12.29 23.04 -40.13
CA PRO B 306 12.51 21.67 -39.66
C PRO B 306 11.32 20.77 -39.99
N GLY B 307 11.62 19.56 -40.45
CA GLY B 307 10.60 18.63 -40.84
C GLY B 307 10.02 18.83 -42.22
N SER B 308 10.67 19.63 -43.06
CA SER B 308 10.18 19.92 -44.40
C SER B 308 10.51 18.80 -45.40
N MET B 309 11.40 17.88 -45.04
CA MET B 309 11.68 16.68 -45.85
C MET B 309 12.16 17.03 -47.26
N ILE B 310 13.03 18.04 -47.37
CA ILE B 310 13.50 18.44 -48.69
C ILE B 310 14.25 17.29 -49.37
N ASP B 311 14.93 16.45 -48.59
CA ASP B 311 15.70 15.34 -49.13
C ASP B 311 14.82 14.22 -49.70
N LEU B 312 13.51 14.28 -49.49
CA LEU B 312 12.60 13.26 -49.98
C LEU B 312 11.74 13.74 -51.14
N MET B 313 11.82 15.02 -51.52
CA MET B 313 10.87 15.58 -52.49
C MET B 313 11.08 15.07 -53.90
N LYS B 314 11.91 14.04 -54.14
CA LYS B 314 11.81 13.32 -55.39
C LYS B 314 10.46 12.63 -55.53
N PHE B 315 9.72 12.46 -54.43
CA PHE B 315 8.45 11.75 -54.43
C PHE B 315 7.27 12.63 -54.80
N ASP B 316 7.49 13.89 -55.12
CA ASP B 316 6.38 14.75 -55.53
C ASP B 316 5.90 14.47 -56.95
N MET B 317 6.49 13.48 -57.63
CA MET B 317 5.94 12.94 -58.87
C MET B 317 5.20 11.63 -58.64
N SER B 318 4.89 11.30 -57.38
CA SER B 318 4.25 10.02 -57.09
C SER B 318 2.92 9.86 -57.82
N GLY B 319 2.18 10.95 -58.01
CA GLY B 319 0.92 10.85 -58.73
C GLY B 319 1.11 10.51 -60.19
N CYS B 320 2.07 11.16 -60.84
CA CYS B 320 2.42 10.80 -62.21
C CYS B 320 2.85 9.35 -62.30
N ALA B 321 3.64 8.89 -61.32
CA ALA B 321 4.08 7.49 -61.32
C ALA B 321 2.90 6.54 -61.22
N ALA B 322 1.92 6.85 -60.37
CA ALA B 322 0.74 5.99 -60.25
C ALA B 322 -0.03 5.95 -61.57
N VAL B 323 -0.10 7.08 -62.28
CA VAL B 323 -0.83 7.10 -63.54
C VAL B 323 -0.09 6.29 -64.60
N LEU B 324 1.24 6.39 -64.64
CA LEU B 324 2.00 5.60 -65.61
C LEU B 324 1.97 4.11 -65.27
N GLY B 325 2.05 3.78 -63.98
CA GLY B 325 1.87 2.39 -63.60
C GLY B 325 0.51 1.86 -63.99
N CYS B 326 -0.53 2.67 -63.83
CA CYS B 326 -1.85 2.28 -64.31
C CYS B 326 -1.86 2.12 -65.83
N ALA B 327 -1.12 2.95 -66.55
CA ALA B 327 -1.04 2.82 -67.99
C ALA B 327 -0.42 1.48 -68.39
N TYR B 328 0.55 1.01 -67.61
CA TYR B 328 1.11 -0.30 -67.90
C TYR B 328 0.05 -1.39 -67.76
N CYS B 329 -0.75 -1.34 -66.70
CA CYS B 329 -1.72 -2.39 -66.44
C CYS B 329 -2.81 -2.42 -67.51
N ILE B 330 -3.39 -1.26 -67.82
CA ILE B 330 -4.44 -1.21 -68.84
C ILE B 330 -3.86 -1.56 -70.21
N GLY B 331 -2.70 -1.01 -70.55
CA GLY B 331 -2.09 -1.32 -71.82
C GLY B 331 -1.77 -2.79 -71.98
N THR B 332 -1.57 -3.50 -70.86
CA THR B 332 -1.30 -4.92 -70.88
C THR B 332 -2.58 -5.74 -70.83
N ILE B 333 -3.56 -5.32 -70.01
CA ILE B 333 -4.79 -6.09 -69.87
C ILE B 333 -5.73 -5.86 -71.05
N LYS B 334 -5.70 -4.66 -71.63
CA LYS B 334 -6.46 -4.35 -72.83
C LYS B 334 -7.97 -4.53 -72.63
N PRO B 335 -8.59 -3.79 -71.71
CA PRO B 335 -10.04 -3.90 -71.55
C PRO B 335 -10.80 -3.33 -72.74
N ASP B 336 -11.98 -3.87 -72.99
CA ASP B 336 -12.79 -3.47 -74.12
C ASP B 336 -13.65 -2.25 -73.78
N ASN B 337 -14.03 -1.51 -74.82
CA ASN B 337 -15.01 -0.43 -74.72
C ASN B 337 -14.69 0.53 -73.58
N VAL B 338 -13.47 1.04 -73.58
CA VAL B 338 -13.09 2.10 -72.65
C VAL B 338 -11.95 2.89 -73.27
N GLU B 339 -12.03 4.21 -73.16
CA GLU B 339 -10.97 5.11 -73.59
C GLU B 339 -10.42 5.80 -72.35
N VAL B 340 -9.09 5.77 -72.20
CA VAL B 340 -8.43 6.32 -71.03
C VAL B 340 -7.30 7.23 -71.49
N HIS B 341 -7.25 8.44 -70.93
CA HIS B 341 -6.17 9.39 -71.16
C HIS B 341 -5.34 9.50 -69.90
N PHE B 342 -4.02 9.34 -70.03
CA PHE B 342 -3.08 9.38 -68.93
C PHE B 342 -2.28 10.67 -69.06
N LEU B 343 -2.50 11.61 -68.13
CA LEU B 343 -1.97 12.96 -68.24
C LEU B 343 -1.06 13.29 -67.07
N SER B 344 0.00 14.05 -67.34
CA SER B 344 0.83 14.60 -66.29
C SER B 344 1.57 15.82 -66.81
N ALA B 345 1.46 16.93 -66.10
CA ALA B 345 2.19 18.15 -66.41
C ALA B 345 3.50 18.12 -65.61
N VAL B 346 4.55 17.57 -66.22
CA VAL B 346 5.80 17.34 -65.52
C VAL B 346 6.66 18.60 -65.54
N CYS B 347 7.31 18.88 -64.43
CA CYS B 347 8.18 20.05 -64.31
C CYS B 347 8.97 19.94 -63.01
N GLU B 348 9.78 20.96 -62.74
CA GLU B 348 10.67 20.99 -61.58
C GLU B 348 10.59 22.37 -60.95
N ASN B 349 10.45 22.41 -59.62
CA ASN B 349 10.30 23.65 -58.87
C ASN B 349 11.63 23.99 -58.20
N MET B 350 12.33 24.98 -58.73
CA MET B 350 13.67 25.29 -58.29
C MET B 350 13.84 26.77 -58.00
N VAL B 351 15.01 27.10 -57.44
CA VAL B 351 15.37 28.46 -57.08
C VAL B 351 16.42 28.95 -58.08
N SER B 352 16.15 30.11 -58.68
CA SER B 352 17.02 30.63 -59.73
C SER B 352 16.61 32.07 -60.00
N LYS B 353 17.45 32.76 -60.77
CA LYS B 353 17.09 34.11 -61.21
C LYS B 353 15.83 34.09 -62.07
N ASN B 354 15.56 32.97 -62.74
CA ASN B 354 14.42 32.86 -63.63
C ASN B 354 13.16 32.33 -62.96
N SER B 355 13.23 31.93 -61.70
CA SER B 355 12.08 31.35 -61.02
C SER B 355 10.97 32.39 -60.88
N TYR B 356 9.73 31.90 -60.76
CA TYR B 356 8.61 32.77 -60.44
C TYR B 356 8.64 33.11 -58.96
N ARG B 357 8.17 34.29 -58.64
CA ARG B 357 8.32 34.80 -57.28
C ARG B 357 7.04 34.65 -56.49
N PRO B 358 7.14 34.51 -55.17
CA PRO B 358 5.94 34.68 -54.32
C PRO B 358 5.36 36.07 -54.53
N GLY B 359 4.05 36.13 -54.72
CA GLY B 359 3.38 37.37 -55.05
C GLY B 359 3.09 37.56 -56.52
N ASP B 360 3.70 36.77 -57.39
CA ASP B 360 3.42 36.87 -58.81
C ASP B 360 1.96 36.54 -59.09
N ILE B 361 1.39 37.20 -60.09
CA ILE B 361 0.05 36.91 -60.58
C ILE B 361 0.18 36.25 -61.94
N ILE B 362 -0.31 35.02 -62.05
CA ILE B 362 -0.18 34.21 -63.25
C ILE B 362 -1.58 33.88 -63.77
N THR B 363 -1.66 33.59 -65.06
CA THR B 363 -2.93 33.36 -65.75
C THR B 363 -2.98 31.92 -66.23
N ALA B 364 -4.00 31.18 -65.80
CA ALA B 364 -4.15 29.79 -66.19
C ALA B 364 -4.78 29.70 -67.58
N SER B 365 -4.90 28.47 -68.10
CA SER B 365 -5.33 28.29 -69.47
C SER B 365 -6.82 28.57 -69.67
N ASN B 366 -7.61 28.59 -68.60
CA ASN B 366 -9.01 28.99 -68.69
C ASN B 366 -9.21 30.46 -68.37
N GLY B 367 -8.14 31.25 -68.38
CA GLY B 367 -8.23 32.69 -68.22
C GLY B 367 -8.19 33.19 -66.81
N LYS B 368 -8.36 32.33 -65.81
CA LYS B 368 -8.42 32.78 -64.43
C LYS B 368 -7.03 33.18 -63.93
N THR B 369 -6.97 34.30 -63.21
CA THR B 369 -5.71 34.82 -62.70
C THR B 369 -5.50 34.33 -61.27
N ILE B 370 -4.24 33.98 -60.96
CA ILE B 370 -3.90 33.39 -59.67
C ILE B 370 -2.77 34.19 -59.05
N GLU B 371 -2.96 34.63 -57.81
CA GLU B 371 -1.91 35.25 -57.03
C GLU B 371 -1.16 34.17 -56.26
N VAL B 372 0.16 34.08 -56.45
CA VAL B 372 0.98 33.00 -55.89
C VAL B 372 1.37 33.44 -54.48
N GLY B 373 0.53 33.11 -53.51
CA GLY B 373 0.85 33.40 -52.12
C GLY B 373 1.98 32.55 -51.57
N ASN B 374 2.29 31.44 -52.20
CA ASN B 374 3.35 30.56 -51.72
C ASN B 374 3.80 29.67 -52.87
N THR B 375 5.06 29.79 -53.27
CA THR B 375 5.58 29.00 -54.39
C THR B 375 5.71 27.52 -54.04
N ASP B 376 5.63 27.16 -52.77
CA ASP B 376 5.65 25.75 -52.38
C ASP B 376 4.30 25.07 -52.57
N ALA B 377 3.26 25.83 -52.92
CA ALA B 377 1.97 25.28 -53.33
C ALA B 377 1.87 25.21 -54.84
N GLU B 378 2.93 24.71 -55.48
CA GLU B 378 3.04 24.71 -56.93
C GLU B 378 2.32 23.52 -57.57
N GLY B 379 2.09 22.45 -56.83
CA GLY B 379 1.44 21.29 -57.41
C GLY B 379 0.07 21.61 -57.95
N ARG B 380 -0.73 22.35 -57.19
CA ARG B 380 -2.07 22.69 -57.64
C ARG B 380 -2.04 23.60 -58.85
N LEU B 381 -0.97 24.36 -59.04
CA LEU B 381 -0.86 25.21 -60.22
C LEU B 381 -0.68 24.38 -61.49
N THR B 382 0.14 23.34 -61.44
CA THR B 382 0.28 22.46 -62.61
C THR B 382 -0.99 21.64 -62.82
N LEU B 383 -1.62 21.20 -61.73
CA LEU B 383 -2.88 20.48 -61.84
C LEU B 383 -3.98 21.37 -62.39
N ALA B 384 -3.94 22.67 -62.09
CA ALA B 384 -4.95 23.59 -62.59
C ALA B 384 -5.02 23.55 -64.11
N ASP B 385 -3.86 23.63 -64.77
CA ASP B 385 -3.84 23.61 -66.23
C ASP B 385 -4.08 22.21 -66.78
N ALA B 386 -3.66 21.18 -66.07
CA ALA B 386 -3.92 19.82 -66.53
C ALA B 386 -5.41 19.48 -66.46
N LEU B 387 -6.12 20.06 -65.49
CA LEU B 387 -7.56 19.82 -65.40
C LEU B 387 -8.30 20.52 -66.53
N VAL B 388 -7.94 21.78 -66.80
CA VAL B 388 -8.51 22.48 -67.95
C VAL B 388 -8.26 21.70 -69.23
N TYR B 389 -7.03 21.18 -69.39
CA TYR B 389 -6.71 20.37 -70.56
C TYR B 389 -7.56 19.11 -70.61
N ALA B 390 -7.77 18.46 -69.47
CA ALA B 390 -8.51 17.21 -69.46
C ALA B 390 -9.98 17.42 -69.79
N GLU B 391 -10.60 18.45 -69.23
CA GLU B 391 -12.02 18.67 -69.47
C GLU B 391 -12.29 19.02 -70.93
N LYS B 392 -11.31 19.59 -71.62
CA LYS B 392 -11.46 19.89 -73.04
C LYS B 392 -11.48 18.64 -73.90
N LEU B 393 -11.07 17.49 -73.35
CA LEU B 393 -11.12 16.23 -74.08
C LEU B 393 -12.52 15.64 -74.17
N GLY B 394 -13.46 16.14 -73.37
CA GLY B 394 -14.80 15.60 -73.37
C GLY B 394 -14.85 14.18 -72.87
N VAL B 395 -14.51 13.98 -71.59
CA VAL B 395 -14.52 12.67 -70.98
C VAL B 395 -15.69 12.59 -70.01
N ASP B 396 -15.93 11.39 -69.49
CA ASP B 396 -17.01 11.16 -68.54
C ASP B 396 -16.57 11.39 -67.10
N TYR B 397 -15.33 11.04 -66.76
CA TYR B 397 -14.80 11.25 -65.42
C TYR B 397 -13.38 11.78 -65.52
N ILE B 398 -13.01 12.62 -64.55
CA ILE B 398 -11.65 13.11 -64.39
C ILE B 398 -11.21 12.80 -62.97
N VAL B 399 -10.12 12.06 -62.84
CA VAL B 399 -9.56 11.70 -61.54
C VAL B 399 -8.11 12.14 -61.53
N ASP B 400 -7.75 12.98 -60.56
CA ASP B 400 -6.36 13.37 -60.34
C ASP B 400 -5.85 12.74 -59.04
N ILE B 401 -4.55 12.43 -59.03
CA ILE B 401 -3.88 11.80 -57.91
C ILE B 401 -2.57 12.55 -57.69
N ALA B 402 -2.35 13.02 -56.46
CA ALA B 402 -1.26 13.96 -56.22
C ALA B 402 -0.84 13.95 -54.77
N THR B 403 0.48 14.08 -54.55
CA THR B 403 1.04 14.29 -53.22
C THR B 403 0.97 15.79 -52.92
N LEU B 404 -0.21 16.22 -52.48
CA LEU B 404 -0.53 17.64 -52.41
C LEU B 404 -0.18 18.26 -51.06
N THR B 405 -0.83 17.81 -49.98
CA THR B 405 -0.76 18.47 -48.70
C THR B 405 -0.15 17.57 -47.63
N GLY B 406 0.89 18.07 -46.97
CA GLY B 406 1.45 17.37 -45.82
C GLY B 406 0.49 17.29 -44.65
N ALA B 407 -0.57 18.09 -44.66
CA ALA B 407 -1.59 17.98 -43.61
C ALA B 407 -2.25 16.59 -43.59
N MET B 408 -2.20 15.86 -44.70
CA MET B 408 -2.73 14.50 -44.70
C MET B 408 -2.07 13.65 -43.62
N LEU B 409 -0.80 13.91 -43.32
CA LEU B 409 -0.12 13.15 -42.27
C LEU B 409 -0.76 13.38 -40.92
N TYR B 410 -1.41 14.53 -40.72
CA TYR B 410 -2.04 14.86 -39.45
C TYR B 410 -3.53 14.53 -39.43
N SER B 411 -4.13 14.22 -40.57
CA SER B 411 -5.55 13.88 -40.63
C SER B 411 -5.74 12.36 -40.69
N LEU B 412 -5.47 11.76 -41.85
CA LEU B 412 -5.65 10.32 -42.00
C LEU B 412 -4.37 9.53 -41.79
N GLY B 413 -3.21 10.17 -41.91
CA GLY B 413 -1.96 9.49 -41.61
C GLY B 413 -1.30 8.84 -42.80
N THR B 414 -0.57 7.75 -42.56
CA THR B 414 0.24 7.10 -43.58
C THR B 414 -0.43 5.86 -44.16
N SER B 415 -1.60 5.46 -43.65
CA SER B 415 -2.28 4.25 -44.11
C SER B 415 -3.39 4.54 -45.12
N TYR B 416 -4.25 5.51 -44.82
CA TYR B 416 -5.40 5.82 -45.64
C TYR B 416 -5.15 7.10 -46.43
N ALA B 417 -5.41 7.05 -47.74
CA ALA B 417 -5.42 8.25 -48.56
C ALA B 417 -6.78 8.96 -48.42
N GLY B 418 -6.84 10.17 -48.94
CA GLY B 418 -8.05 10.98 -48.89
C GLY B 418 -8.57 11.26 -50.28
N VAL B 419 -9.89 11.19 -50.44
CA VAL B 419 -10.54 11.46 -51.72
C VAL B 419 -11.54 12.59 -51.53
N PHE B 420 -11.44 13.62 -52.38
CA PHE B 420 -12.39 14.70 -52.51
C PHE B 420 -12.97 14.68 -53.91
N GLY B 421 -14.13 15.30 -54.08
CA GLY B 421 -14.72 15.37 -55.41
C GLY B 421 -15.97 16.21 -55.43
N ASN B 422 -16.54 16.33 -56.64
CA ASN B 422 -17.74 17.11 -56.85
C ASN B 422 -18.93 16.25 -57.29
N ASN B 423 -18.81 14.93 -57.17
CA ASN B 423 -19.82 14.02 -57.71
C ASN B 423 -19.86 12.76 -56.86
N ASP B 424 -20.98 12.57 -56.14
CA ASP B 424 -21.09 11.43 -55.23
C ASP B 424 -20.91 10.11 -55.96
N GLN B 425 -21.44 10.00 -57.18
CA GLN B 425 -21.34 8.74 -57.91
C GLN B 425 -19.89 8.38 -58.18
N LEU B 426 -19.10 9.35 -58.65
CA LEU B 426 -17.70 9.09 -58.95
C LEU B 426 -16.91 8.77 -57.69
N ILE B 427 -17.22 9.43 -56.58
CA ILE B 427 -16.53 9.15 -55.33
C ILE B 427 -16.81 7.70 -54.89
N ASN B 428 -18.06 7.28 -55.00
CA ASN B 428 -18.41 5.91 -54.61
C ASN B 428 -17.68 4.88 -55.47
N LYS B 429 -17.45 5.20 -56.75
CA LYS B 429 -16.68 4.30 -57.60
C LYS B 429 -15.23 4.25 -57.15
N ILE B 430 -14.67 5.38 -56.71
CA ILE B 430 -13.31 5.39 -56.18
C ILE B 430 -13.26 4.59 -54.88
N LEU B 431 -14.28 4.74 -54.04
CA LEU B 431 -14.30 3.99 -52.78
C LEU B 431 -14.42 2.50 -53.06
N SER B 432 -15.25 2.11 -54.04
CA SER B 432 -15.37 0.70 -54.38
C SER B 432 -14.06 0.15 -54.90
N SER B 433 -13.38 0.89 -55.78
CA SER B 433 -12.09 0.42 -56.29
C SER B 433 -11.06 0.33 -55.17
N SER B 434 -11.20 1.15 -54.13
CA SER B 434 -10.30 1.04 -52.99
C SER B 434 -10.50 -0.28 -52.25
N LYS B 435 -11.74 -0.74 -52.14
CA LYS B 435 -12.00 -2.01 -51.46
C LYS B 435 -11.51 -3.19 -52.28
N THR B 436 -11.57 -3.11 -53.60
CA THR B 436 -11.15 -4.22 -54.45
C THR B 436 -9.66 -4.23 -54.73
N SER B 437 -9.01 -3.07 -54.74
CA SER B 437 -7.56 -2.99 -54.84
C SER B 437 -6.89 -3.14 -53.49
N ASN B 438 -7.63 -2.99 -52.40
CA ASN B 438 -7.08 -3.04 -51.04
C ASN B 438 -6.03 -1.95 -50.80
N GLU B 439 -6.19 -0.82 -51.50
CA GLU B 439 -5.47 0.40 -51.21
C GLU B 439 -6.40 1.34 -50.46
N PRO B 440 -6.24 1.52 -49.15
CA PRO B 440 -7.29 2.19 -48.36
C PRO B 440 -7.44 3.67 -48.72
N VAL B 441 -8.70 4.10 -48.76
CA VAL B 441 -9.05 5.48 -49.10
C VAL B 441 -10.24 5.89 -48.23
N TRP B 442 -10.28 7.17 -47.86
CA TRP B 442 -11.36 7.71 -47.05
C TRP B 442 -11.92 8.96 -47.71
N TRP B 443 -13.24 9.11 -47.64
CA TRP B 443 -13.92 10.25 -48.24
C TRP B 443 -13.85 11.46 -47.30
N LEU B 444 -13.35 12.57 -47.83
CA LEU B 444 -13.22 13.82 -47.08
C LEU B 444 -13.99 14.94 -47.77
N PRO B 445 -14.53 15.88 -47.01
CA PRO B 445 -15.44 16.87 -47.59
C PRO B 445 -14.75 18.08 -48.21
N ILE B 446 -15.41 18.64 -49.21
CA ILE B 446 -15.07 19.95 -49.75
C ILE B 446 -16.01 20.95 -49.09
N ILE B 447 -15.50 21.72 -48.14
CA ILE B 447 -16.31 22.61 -47.32
C ILE B 447 -16.36 23.99 -47.98
N ASN B 448 -17.52 24.35 -48.52
CA ASN B 448 -17.64 25.58 -49.29
C ASN B 448 -17.42 26.82 -48.44
N GLU B 449 -17.58 26.72 -47.12
CA GLU B 449 -17.40 27.90 -46.27
C GLU B 449 -15.97 28.44 -46.34
N TYR B 450 -15.00 27.58 -46.64
CA TYR B 450 -13.61 28.02 -46.76
C TYR B 450 -13.29 28.66 -48.10
N ARG B 451 -14.26 28.75 -49.01
CA ARG B 451 -13.95 29.22 -50.36
C ARG B 451 -13.45 30.66 -50.35
N SER B 452 -14.08 31.53 -49.57
CA SER B 452 -13.69 32.92 -49.54
C SER B 452 -12.25 33.11 -49.08
N SER B 453 -11.69 32.17 -48.33
CA SER B 453 -10.32 32.28 -47.88
C SER B 453 -9.31 32.24 -49.03
N LEU B 454 -9.75 31.85 -50.23
CA LEU B 454 -8.89 31.85 -51.41
C LEU B 454 -9.02 33.11 -52.24
N ASN B 455 -9.93 34.01 -51.87
CA ASN B 455 -10.09 35.26 -52.60
C ASN B 455 -8.80 36.07 -52.55
N SER B 456 -8.48 36.71 -53.67
CA SER B 456 -7.34 37.61 -53.76
C SER B 456 -7.84 39.04 -53.92
N LYS B 457 -7.01 39.99 -53.50
CA LYS B 457 -7.36 41.40 -53.64
C LYS B 457 -7.26 41.86 -55.09
N TYR B 458 -6.34 41.27 -55.86
CA TYR B 458 -6.04 41.75 -57.21
C TYR B 458 -6.28 40.71 -58.29
N ALA B 459 -6.00 39.44 -58.03
CA ALA B 459 -6.26 38.38 -58.98
C ALA B 459 -7.60 37.71 -58.64
N ASP B 460 -8.03 36.81 -59.53
CA ASP B 460 -9.25 36.06 -59.25
C ASP B 460 -9.07 35.15 -58.05
N LEU B 461 -7.88 34.57 -57.90
CA LEU B 461 -7.64 33.56 -56.89
C LEU B 461 -6.26 33.74 -56.28
N ASN B 462 -6.12 33.32 -55.03
CA ASN B 462 -4.84 32.98 -54.45
C ASN B 462 -4.72 31.46 -54.42
N ASN B 463 -3.48 30.97 -54.51
CA ASN B 463 -3.26 29.52 -54.51
C ASN B 463 -3.17 28.93 -53.11
N ILE B 464 -3.09 29.77 -52.07
CA ILE B 464 -3.09 29.29 -50.70
C ILE B 464 -4.06 30.13 -49.88
N SER B 465 -4.34 29.65 -48.67
CA SER B 465 -5.12 30.37 -47.69
C SER B 465 -4.27 30.55 -46.44
N SER B 466 -4.17 31.78 -45.94
CA SER B 466 -3.52 32.06 -44.68
C SER B 466 -4.52 32.34 -43.55
N SER B 467 -5.81 32.08 -43.80
CA SER B 467 -6.86 32.17 -42.79
C SER B 467 -7.37 30.82 -42.33
N VAL B 468 -7.51 29.86 -43.25
CA VAL B 468 -7.97 28.52 -42.95
C VAL B 468 -6.77 27.58 -42.97
N LYS B 469 -6.61 26.79 -41.91
CA LYS B 469 -5.49 25.86 -41.81
C LYS B 469 -5.80 24.47 -42.34
N ALA B 470 -7.07 24.16 -42.63
CA ALA B 470 -7.43 22.89 -43.24
C ALA B 470 -6.94 22.85 -44.69
N SER B 471 -5.63 22.69 -44.86
CA SER B 471 -5.02 22.92 -46.18
C SER B 471 -5.49 21.90 -47.21
N SER B 472 -5.73 20.66 -46.80
CA SER B 472 -6.18 19.65 -47.75
C SER B 472 -7.53 20.02 -48.34
N VAL B 473 -8.43 20.55 -47.50
CA VAL B 473 -9.73 21.00 -48.00
C VAL B 473 -9.56 22.24 -48.87
N VAL B 474 -8.73 23.19 -48.43
CA VAL B 474 -8.53 24.41 -49.21
C VAL B 474 -7.98 24.06 -50.59
N ALA B 475 -7.00 23.17 -50.65
CA ALA B 475 -6.42 22.79 -51.94
C ALA B 475 -7.47 22.19 -52.86
N SER B 476 -8.43 21.44 -52.30
CA SER B 476 -9.49 20.87 -53.12
C SER B 476 -10.40 21.95 -53.68
N LEU B 477 -10.67 23.00 -52.89
CA LEU B 477 -11.48 24.09 -53.38
C LEU B 477 -10.78 24.83 -54.52
N PHE B 478 -9.45 24.92 -54.47
CA PHE B 478 -8.72 25.56 -55.55
C PHE B 478 -8.80 24.72 -56.83
N LEU B 479 -8.56 23.42 -56.72
CA LEU B 479 -8.64 22.56 -57.90
C LEU B 479 -10.04 22.58 -58.51
N LYS B 480 -11.08 22.69 -57.67
CA LYS B 480 -12.44 22.72 -58.18
C LYS B 480 -12.69 23.88 -59.11
N GLU B 481 -11.91 24.97 -58.97
CA GLU B 481 -12.09 26.15 -59.79
C GLU B 481 -11.69 25.93 -61.24
N PHE B 482 -11.15 24.77 -61.58
CA PHE B 482 -10.71 24.47 -62.95
C PHE B 482 -11.44 23.26 -63.52
N ILE B 483 -12.60 22.92 -62.95
CA ILE B 483 -13.52 21.94 -63.50
C ILE B 483 -14.88 22.62 -63.57
N GLU B 484 -15.45 22.69 -64.76
CA GLU B 484 -16.70 23.43 -64.96
C GLU B 484 -17.94 22.56 -64.78
N ASN B 485 -18.04 21.46 -65.52
CA ASN B 485 -19.24 20.63 -65.48
C ASN B 485 -18.93 19.18 -65.83
N THR B 486 -17.94 18.59 -65.16
CA THR B 486 -17.59 17.19 -65.35
C THR B 486 -17.38 16.54 -63.99
N PRO B 487 -17.89 15.32 -63.79
CA PRO B 487 -17.58 14.59 -62.55
C PRO B 487 -16.08 14.52 -62.32
N TRP B 488 -15.65 14.93 -61.13
CA TRP B 488 -14.24 15.07 -60.82
C TRP B 488 -13.98 14.60 -59.40
N ALA B 489 -12.89 13.86 -59.23
CA ALA B 489 -12.45 13.37 -57.92
C ALA B 489 -10.95 13.62 -57.78
N HIS B 490 -10.54 13.90 -56.55
CA HIS B 490 -9.15 14.27 -56.24
C HIS B 490 -8.66 13.37 -55.12
N ILE B 491 -7.56 12.65 -55.37
CA ILE B 491 -6.99 11.70 -54.42
C ILE B 491 -5.68 12.28 -53.91
N ASP B 492 -5.63 12.62 -52.62
CA ASP B 492 -4.45 13.20 -51.99
C ASP B 492 -3.64 12.08 -51.34
N ILE B 493 -2.45 11.82 -51.88
CA ILE B 493 -1.64 10.69 -51.44
C ILE B 493 -0.34 11.15 -50.79
N ALA B 494 -0.30 12.39 -50.28
CA ALA B 494 0.94 12.91 -49.70
C ALA B 494 1.35 12.12 -48.47
N GLY B 495 0.40 11.49 -47.77
CA GLY B 495 0.71 10.79 -46.55
C GLY B 495 1.00 9.32 -46.72
N VAL B 496 0.44 8.71 -47.77
CA VAL B 496 0.55 7.26 -47.96
C VAL B 496 1.58 6.87 -49.00
N SER B 497 2.06 7.81 -49.82
CA SER B 497 2.88 7.43 -50.96
C SER B 497 4.20 6.81 -50.51
N TRP B 498 4.85 7.42 -49.53
CA TRP B 498 6.20 7.03 -49.12
C TRP B 498 6.16 6.33 -47.76
N ASN B 499 6.73 5.13 -47.71
CA ASN B 499 6.85 4.38 -46.46
C ASN B 499 8.04 4.92 -45.69
N PHE B 500 7.78 5.70 -44.64
CA PHE B 500 8.86 6.38 -43.93
C PHE B 500 9.71 5.40 -43.13
N LYS B 501 9.09 4.38 -42.54
CA LYS B 501 9.87 3.41 -41.78
C LYS B 501 10.71 2.53 -42.70
N ALA B 502 10.10 1.99 -43.76
CA ALA B 502 10.84 1.15 -44.70
C ALA B 502 11.76 1.96 -45.60
N ARG B 503 11.54 3.27 -45.70
CA ARG B 503 12.40 4.15 -46.49
C ARG B 503 12.32 3.81 -47.98
N LYS B 504 11.11 3.53 -48.46
CA LYS B 504 10.89 3.17 -49.86
C LYS B 504 9.47 3.56 -50.23
N PRO B 505 9.18 3.70 -51.52
CA PRO B 505 7.83 4.04 -51.94
C PRO B 505 6.92 2.81 -51.95
N LYS B 506 5.62 3.08 -51.91
CA LYS B 506 4.61 2.02 -51.98
C LYS B 506 4.09 1.79 -53.39
N GLY B 507 4.29 2.73 -54.31
CA GLY B 507 3.58 2.68 -55.58
C GLY B 507 2.08 2.83 -55.41
N PHE B 508 1.65 3.59 -54.42
CA PHE B 508 0.24 3.69 -54.08
C PHE B 508 -0.56 4.30 -55.22
N GLY B 509 -1.71 3.70 -55.51
CA GLY B 509 -2.64 4.22 -56.47
C GLY B 509 -2.70 3.46 -57.78
N VAL B 510 -1.64 2.73 -58.13
CA VAL B 510 -1.60 2.01 -59.40
C VAL B 510 -2.79 1.06 -59.50
N ARG B 511 -2.91 0.15 -58.53
CA ARG B 511 -3.98 -0.84 -58.56
C ARG B 511 -5.34 -0.20 -58.29
N LEU B 512 -5.38 0.83 -57.46
CA LEU B 512 -6.64 1.53 -57.22
C LEU B 512 -7.20 2.09 -58.53
N LEU B 513 -6.35 2.77 -59.31
CA LEU B 513 -6.82 3.36 -60.55
C LEU B 513 -7.13 2.30 -61.60
N THR B 514 -6.37 1.20 -61.62
CA THR B 514 -6.65 0.14 -62.58
C THR B 514 -8.00 -0.51 -62.31
N GLU B 515 -8.32 -0.77 -61.04
CA GLU B 515 -9.64 -1.30 -60.71
C GLU B 515 -10.74 -0.34 -61.14
N PHE B 516 -10.52 0.96 -60.94
CA PHE B 516 -11.50 1.95 -61.37
C PHE B 516 -11.79 1.85 -62.85
N VAL B 517 -10.74 1.70 -63.66
CA VAL B 517 -10.92 1.67 -65.12
C VAL B 517 -11.63 0.38 -65.53
N LEU B 518 -11.17 -0.76 -65.02
CA LEU B 518 -11.72 -2.04 -65.47
C LEU B 518 -13.18 -2.19 -65.08
N ASN B 519 -13.57 -1.69 -63.90
CA ASN B 519 -14.93 -1.87 -63.42
C ASN B 519 -15.94 -1.03 -64.19
N ASP B 520 -15.50 -0.17 -65.11
CA ASP B 520 -16.41 0.63 -65.90
C ASP B 520 -16.53 0.10 -67.33
N ALA C 2 11.12 2.76 7.16
CA ALA C 2 11.08 3.56 5.95
C ALA C 2 10.39 4.89 6.21
N THR C 3 11.02 5.98 5.80
CA THR C 3 10.42 7.30 5.92
C THR C 3 9.20 7.39 5.02
N THR C 4 8.17 8.09 5.50
CA THR C 4 6.92 8.16 4.77
C THR C 4 7.06 9.07 3.55
N VAL C 5 6.62 8.57 2.40
CA VAL C 5 6.66 9.34 1.15
C VAL C 5 5.47 10.29 1.13
N PRO C 6 5.67 11.59 0.96
CA PRO C 6 4.52 12.49 0.82
C PRO C 6 3.71 12.18 -0.43
N GLN C 7 2.40 12.37 -0.34
CA GLN C 7 1.48 12.09 -1.42
C GLN C 7 0.57 13.28 -1.64
N VAL C 8 0.12 13.45 -2.89
CA VAL C 8 -0.92 14.42 -3.21
C VAL C 8 -2.31 13.80 -3.11
N VAL C 9 -2.49 12.64 -3.75
CA VAL C 9 -3.70 11.85 -3.63
C VAL C 9 -3.31 10.48 -3.09
N SER C 10 -4.30 9.79 -2.52
CA SER C 10 -4.03 8.50 -1.89
C SER C 10 -3.50 7.47 -2.88
N LEU C 11 -3.68 7.68 -4.18
CA LEU C 11 -3.23 6.73 -5.19
C LEU C 11 -1.76 6.88 -5.55
N ASP C 12 -1.10 7.95 -5.10
CA ASP C 12 0.32 8.11 -5.39
C ASP C 12 1.12 6.98 -4.74
N PRO C 13 2.07 6.38 -5.46
CA PRO C 13 2.84 5.28 -4.87
C PRO C 13 3.81 5.78 -3.82
N THR C 14 4.17 4.87 -2.91
CA THR C 14 5.03 5.21 -1.78
C THR C 14 6.29 4.35 -1.71
N THR C 15 6.53 3.49 -2.70
CA THR C 15 7.77 2.71 -2.74
C THR C 15 8.16 2.51 -4.20
N ILE C 16 9.43 2.18 -4.40
CA ILE C 16 9.93 1.77 -5.71
C ILE C 16 9.88 0.24 -5.76
N PRO C 17 9.05 -0.35 -6.63
CA PRO C 17 9.10 -1.80 -6.78
C PRO C 17 10.44 -2.23 -7.35
N ILE C 18 11.12 -3.14 -6.64
CA ILE C 18 12.43 -3.64 -7.04
C ILE C 18 12.38 -5.16 -7.05
N ASP C 19 12.81 -5.76 -8.16
CA ASP C 19 12.96 -7.21 -8.25
C ASP C 19 14.34 -7.58 -7.74
N TYR C 20 14.40 -8.20 -6.57
CA TYR C 20 15.65 -8.71 -6.02
C TYR C 20 15.91 -10.16 -6.43
N HIS C 21 15.05 -10.74 -7.24
CA HIS C 21 15.23 -12.07 -7.79
C HIS C 21 14.94 -12.01 -9.28
N THR C 22 15.82 -12.59 -10.09
CA THR C 22 15.60 -12.64 -11.53
C THR C 22 15.64 -14.10 -12.01
N PRO C 23 15.19 -14.37 -13.23
CA PRO C 23 15.33 -15.74 -13.77
C PRO C 23 16.76 -16.24 -13.78
N ILE C 24 17.75 -15.34 -13.74
CA ILE C 24 19.14 -15.78 -13.73
C ILE C 24 19.48 -16.46 -12.41
N ASP C 25 18.78 -16.12 -11.33
CA ASP C 25 19.05 -16.75 -10.05
C ASP C 25 18.65 -18.22 -10.05
N ASP C 26 17.71 -18.60 -10.91
CA ASP C 26 17.30 -20.00 -11.07
C ASP C 26 17.99 -20.68 -12.24
N LEU C 27 19.04 -20.09 -12.78
CA LEU C 27 19.73 -20.60 -13.96
C LEU C 27 21.00 -21.33 -13.54
N SER C 28 21.16 -22.55 -14.02
CA SER C 28 22.44 -23.23 -13.95
C SER C 28 23.32 -22.78 -15.10
N ILE C 29 24.61 -22.59 -14.82
CA ILE C 29 25.56 -22.13 -15.83
C ILE C 29 26.82 -22.99 -15.71
N GLU C 30 27.14 -23.72 -16.77
CA GLU C 30 28.31 -24.56 -16.83
C GLU C 30 29.16 -24.17 -18.03
N VAL C 31 30.47 -24.11 -17.83
CA VAL C 31 31.44 -23.99 -18.90
C VAL C 31 32.01 -25.37 -19.17
N LYS C 32 31.96 -25.81 -20.42
CA LYS C 32 32.40 -27.15 -20.79
C LYS C 32 33.31 -27.06 -22.01
N ASP C 33 34.35 -27.89 -22.01
CA ASP C 33 35.28 -27.87 -23.14
C ASP C 33 34.57 -28.25 -24.42
N ILE C 34 34.84 -27.49 -25.49
CA ILE C 34 34.09 -27.65 -26.72
C ILE C 34 34.34 -29.02 -27.35
N SER C 35 35.54 -29.58 -27.16
CA SER C 35 35.90 -30.86 -27.75
C SER C 35 35.77 -32.02 -26.78
N ALA C 36 36.38 -31.92 -25.60
CA ALA C 36 36.35 -33.01 -24.62
C ALA C 36 35.03 -33.09 -23.88
N GLU C 37 34.16 -32.09 -23.99
CA GLU C 37 32.84 -32.11 -23.37
C GLU C 37 31.81 -31.60 -24.38
N ALA C 38 31.77 -32.25 -25.54
CA ALA C 38 30.93 -31.79 -26.64
C ALA C 38 29.47 -31.73 -26.23
N CYS C 39 28.74 -30.83 -26.88
CA CYS C 39 27.33 -30.64 -26.56
C CYS C 39 26.52 -31.86 -26.99
N PRO C 40 25.62 -32.37 -26.14
CA PRO C 40 24.90 -33.60 -26.50
C PRO C 40 23.78 -33.38 -27.50
N ALA C 41 23.22 -32.17 -27.53
CA ALA C 41 22.11 -31.85 -28.42
C ALA C 41 20.92 -32.75 -28.14
N ASP C 42 20.61 -32.97 -26.86
CA ASP C 42 19.55 -33.88 -26.46
C ASP C 42 18.22 -33.16 -26.23
N GLU C 43 18.24 -31.88 -25.89
CA GLU C 43 17.01 -31.13 -25.70
C GLU C 43 17.32 -29.64 -25.79
N GLY C 44 16.27 -28.86 -26.02
CA GLY C 44 16.38 -27.42 -25.95
C GLY C 44 17.00 -26.80 -27.21
N LEU C 45 17.77 -25.74 -26.99
CA LEU C 45 18.35 -24.95 -28.06
C LEU C 45 19.85 -25.15 -28.11
N ILE C 46 20.38 -25.28 -29.31
CA ILE C 46 21.81 -25.38 -29.56
C ILE C 46 22.16 -24.28 -30.55
N VAL C 47 22.97 -23.31 -30.09
CA VAL C 47 23.32 -22.13 -30.87
C VAL C 47 24.81 -22.16 -31.16
N PHE C 48 25.17 -22.00 -32.43
CA PHE C 48 26.56 -21.93 -32.86
C PHE C 48 26.91 -20.47 -33.14
N LEU C 49 27.93 -19.96 -32.45
CA LEU C 49 28.44 -18.62 -32.71
C LEU C 49 29.55 -18.73 -33.74
N LEU C 50 29.31 -18.23 -34.94
CA LEU C 50 30.22 -18.41 -36.06
C LEU C 50 30.68 -17.07 -36.62
N ASN C 51 31.90 -17.07 -37.16
CA ASN C 51 32.45 -15.94 -37.88
C ASN C 51 32.04 -16.00 -39.36
N SER C 52 32.29 -14.91 -40.06
CA SER C 52 31.84 -14.80 -41.45
C SER C 52 32.55 -15.81 -42.34
N GLN C 53 31.76 -16.52 -43.14
CA GLN C 53 32.25 -17.45 -44.15
C GLN C 53 33.07 -18.60 -43.54
N ILE C 54 32.85 -18.91 -42.27
CA ILE C 54 33.51 -20.03 -41.60
C ILE C 54 32.47 -21.11 -41.34
N LYS C 55 32.85 -22.36 -41.55
CA LYS C 55 31.95 -23.49 -41.37
C LYS C 55 32.04 -24.01 -39.93
N ILE C 56 31.01 -24.74 -39.52
CA ILE C 56 30.99 -25.34 -38.20
C ILE C 56 32.12 -26.35 -38.10
N ASN C 57 32.86 -26.30 -36.99
CA ASN C 57 34.03 -27.15 -36.81
C ASN C 57 33.92 -28.11 -35.64
N SER C 58 33.01 -27.88 -34.70
CA SER C 58 32.86 -28.78 -33.56
C SER C 58 31.81 -29.84 -33.89
N SER C 59 31.60 -30.75 -32.95
CA SER C 59 30.66 -31.85 -33.12
C SER C 59 29.70 -31.89 -31.94
N VAL C 60 28.54 -32.50 -32.18
CA VAL C 60 27.57 -32.80 -31.14
C VAL C 60 27.51 -34.32 -30.97
N LYS C 61 27.24 -34.76 -29.75
CA LYS C 61 27.22 -36.19 -29.47
C LYS C 61 26.06 -36.90 -30.15
N ASP C 62 25.00 -36.19 -30.50
CA ASP C 62 23.86 -36.81 -31.17
C ASP C 62 24.24 -37.16 -32.61
N ASN C 63 24.11 -38.43 -32.97
CA ASN C 63 24.55 -38.88 -34.29
C ASN C 63 23.74 -38.23 -35.40
N THR C 64 22.41 -38.21 -35.25
CA THR C 64 21.56 -37.65 -36.29
C THR C 64 21.88 -36.17 -36.52
N ILE C 65 21.94 -35.38 -35.45
CA ILE C 65 22.24 -33.97 -35.59
C ILE C 65 23.66 -33.78 -36.11
N ASN C 66 24.60 -34.58 -35.62
CA ASN C 66 25.99 -34.43 -36.04
C ASN C 66 26.16 -34.75 -37.51
N GLU C 67 25.40 -35.72 -38.02
CA GLU C 67 25.47 -36.03 -39.45
C GLU C 67 24.91 -34.87 -40.27
N PHE C 68 23.85 -34.22 -39.79
CA PHE C 68 23.32 -33.05 -40.48
C PHE C 68 24.37 -31.95 -40.55
N LEU C 69 25.05 -31.68 -39.44
CA LEU C 69 26.07 -30.63 -39.43
C LEU C 69 27.18 -30.94 -40.42
N LYS C 70 27.62 -32.21 -40.49
CA LYS C 70 28.71 -32.56 -41.39
C LYS C 70 28.35 -32.38 -42.86
N GLU C 71 27.06 -32.28 -43.18
CA GLU C 71 26.68 -31.94 -44.55
C GLU C 71 27.13 -30.53 -44.92
N GLY C 72 27.33 -29.66 -43.94
CA GLY C 72 27.85 -28.32 -44.21
C GLY C 72 26.93 -27.47 -45.06
N ASN C 73 25.63 -27.55 -44.83
CA ASN C 73 24.65 -26.76 -45.58
C ASN C 73 23.94 -25.82 -44.61
N MET C 74 24.43 -24.59 -44.51
CA MET C 74 23.80 -23.55 -43.71
C MET C 74 22.91 -22.64 -44.54
N GLU C 75 22.53 -23.09 -45.74
CA GLU C 75 21.65 -22.33 -46.64
C GLU C 75 22.33 -21.00 -46.93
N ASN C 76 21.70 -19.85 -46.64
CA ASN C 76 22.25 -18.55 -46.95
C ASN C 76 22.84 -17.85 -45.72
N PHE C 77 23.00 -18.57 -44.61
CA PHE C 77 23.63 -17.96 -43.44
C PHE C 77 25.06 -17.56 -43.77
N THR C 78 25.38 -16.30 -43.51
CA THR C 78 26.65 -15.71 -43.89
C THR C 78 27.68 -15.70 -42.76
N GLY C 79 27.25 -15.81 -41.52
CA GLY C 79 28.08 -15.40 -40.41
C GLY C 79 28.17 -13.91 -40.21
N LYS C 80 27.47 -13.12 -41.03
CA LYS C 80 27.45 -11.68 -40.87
C LYS C 80 26.96 -11.30 -39.48
N LEU C 81 27.53 -10.23 -38.93
CA LEU C 81 27.23 -9.83 -37.57
C LEU C 81 25.74 -9.60 -37.38
N GLY C 82 25.17 -10.26 -36.38
CA GLY C 82 23.80 -10.08 -36.01
C GLY C 82 22.80 -10.94 -36.75
N THR C 83 23.19 -11.52 -37.89
CA THR C 83 22.25 -12.35 -38.64
C THR C 83 21.99 -13.66 -37.90
N SER C 84 20.87 -14.28 -38.23
CA SER C 84 20.37 -15.41 -37.47
C SER C 84 19.66 -16.40 -38.39
N LYS C 85 19.69 -17.67 -38.00
CA LYS C 85 18.94 -18.71 -38.68
C LYS C 85 18.73 -19.85 -37.70
N SER C 86 17.46 -20.17 -37.41
CA SER C 86 17.13 -21.22 -36.46
C SER C 86 16.02 -22.10 -37.05
N PHE C 87 15.93 -23.32 -36.52
CA PHE C 87 14.98 -24.30 -37.02
C PHE C 87 14.95 -25.47 -36.05
N TYR C 88 13.90 -26.28 -36.16
CA TYR C 88 13.75 -27.48 -35.36
C TYR C 88 14.09 -28.71 -36.19
N ILE C 89 14.61 -29.73 -35.50
CA ILE C 89 15.09 -30.95 -36.17
C ILE C 89 15.05 -32.08 -35.15
N ALA C 90 14.84 -33.30 -35.64
CA ALA C 90 14.66 -34.45 -34.77
C ALA C 90 15.99 -34.99 -34.26
N ASN C 91 15.99 -35.44 -33.00
CA ASN C 91 17.19 -35.89 -32.32
C ASN C 91 17.36 -37.41 -32.54
N ASP C 92 18.14 -38.07 -31.69
CA ASP C 92 18.23 -39.52 -31.73
C ASP C 92 17.07 -40.18 -31.00
N GLN C 93 16.55 -39.52 -29.97
CA GLN C 93 15.32 -39.93 -29.32
C GLN C 93 14.08 -39.35 -29.99
N LYS C 94 14.22 -38.86 -31.22
CA LYS C 94 13.09 -38.34 -32.00
C LYS C 94 12.36 -37.23 -31.25
N LYS C 95 13.09 -36.50 -30.42
CA LYS C 95 12.64 -35.21 -29.90
C LYS C 95 13.12 -34.10 -30.81
N TYR C 96 12.32 -33.05 -30.92
CA TYR C 96 12.64 -31.92 -31.79
C TYR C 96 13.42 -30.88 -30.97
N VAL C 97 14.69 -30.71 -31.30
CA VAL C 97 15.53 -29.68 -30.69
C VAL C 97 15.67 -28.55 -31.70
N SER C 98 16.12 -27.40 -31.21
CA SER C 98 16.28 -26.21 -32.05
C SER C 98 17.77 -25.96 -32.28
N LEU C 99 18.16 -25.91 -33.55
CA LEU C 99 19.51 -25.50 -33.95
C LEU C 99 19.46 -24.06 -34.43
N ALA C 100 20.54 -23.33 -34.20
CA ALA C 100 20.60 -21.93 -34.58
C ALA C 100 22.04 -21.54 -34.87
N TYR C 101 22.21 -20.71 -35.89
CA TYR C 101 23.48 -20.06 -36.20
C TYR C 101 23.33 -18.56 -35.95
N VAL C 102 24.32 -17.96 -35.31
CA VAL C 102 24.37 -16.53 -35.08
C VAL C 102 25.71 -16.01 -35.59
N GLY C 103 25.68 -15.00 -36.45
CA GLY C 103 26.89 -14.46 -37.02
C GLY C 103 27.57 -13.47 -36.09
N CYS C 104 28.91 -13.50 -36.09
CA CYS C 104 29.71 -12.67 -35.20
C CYS C 104 30.66 -11.75 -35.96
N GLY C 105 30.55 -11.67 -37.28
CA GLY C 105 31.40 -10.82 -38.06
C GLY C 105 32.73 -11.49 -38.36
N PRO C 106 33.64 -10.73 -38.97
CA PRO C 106 34.95 -11.30 -39.30
C PRO C 106 35.68 -11.83 -38.07
N ALA C 107 36.49 -12.87 -38.29
CA ALA C 107 37.18 -13.51 -37.18
C ALA C 107 38.24 -12.57 -36.60
N ASN C 108 38.39 -12.64 -35.28
CA ASN C 108 39.42 -11.91 -34.53
C ASN C 108 39.18 -10.41 -34.50
N GLU C 109 37.97 -9.95 -34.85
CA GLU C 109 37.65 -8.53 -34.81
C GLU C 109 36.50 -8.23 -33.85
N GLU C 110 36.26 -9.10 -32.88
CA GLU C 110 35.11 -8.97 -31.99
C GLU C 110 35.45 -8.02 -30.85
N THR C 111 34.64 -6.98 -30.69
CA THR C 111 34.72 -6.04 -29.57
C THR C 111 33.39 -6.07 -28.83
N GLU C 112 33.28 -5.20 -27.81
CA GLU C 112 32.01 -5.09 -27.09
C GLU C 112 30.84 -4.84 -28.04
N LEU C 113 31.08 -4.11 -29.13
CA LEU C 113 30.03 -3.87 -30.11
C LEU C 113 29.50 -5.19 -30.68
N GLU C 114 30.40 -6.00 -31.24
CA GLU C 114 29.97 -7.27 -31.82
C GLU C 114 29.31 -8.16 -30.77
N ILE C 115 29.89 -8.21 -29.56
CA ILE C 115 29.33 -9.02 -28.48
C ILE C 115 27.88 -8.64 -28.22
N ARG C 116 27.59 -7.33 -28.17
CA ARG C 116 26.23 -6.89 -27.88
C ARG C 116 25.28 -7.28 -29.01
N LYS C 117 25.75 -7.24 -30.25
CA LYS C 117 24.89 -7.60 -31.37
C LYS C 117 24.59 -9.10 -31.35
N VAL C 118 25.59 -9.92 -31.04
CA VAL C 118 25.39 -11.36 -30.99
C VAL C 118 24.44 -11.72 -29.86
N ALA C 119 24.64 -11.13 -28.68
CA ALA C 119 23.79 -11.43 -27.54
C ALA C 119 22.34 -11.02 -27.80
N TYR C 120 22.16 -9.90 -28.52
CA TYR C 120 20.80 -9.43 -28.83
C TYR C 120 20.12 -10.39 -29.80
N ALA C 121 20.80 -10.75 -30.88
CA ALA C 121 20.23 -11.70 -31.84
C ALA C 121 19.90 -13.02 -31.16
N LEU C 122 20.77 -13.49 -30.25
CA LEU C 122 20.50 -14.73 -29.55
C LEU C 122 19.25 -14.62 -28.68
N VAL C 123 19.11 -13.50 -27.95
CA VAL C 123 17.95 -13.34 -27.07
C VAL C 123 16.66 -13.24 -27.88
N THR C 124 16.74 -12.74 -29.11
CA THR C 124 15.55 -12.71 -29.96
C THR C 124 14.98 -14.12 -30.14
N LEU C 125 15.86 -15.12 -30.29
CA LEU C 125 15.39 -16.49 -30.41
C LEU C 125 14.88 -17.03 -29.08
N LEU C 126 15.43 -16.56 -27.97
CA LEU C 126 14.96 -17.03 -26.66
C LEU C 126 13.59 -16.46 -26.34
N HIS C 127 13.37 -15.17 -26.65
CA HIS C 127 12.05 -14.59 -26.43
C HIS C 127 10.99 -15.21 -27.32
N ASP C 128 11.38 -15.80 -28.45
CA ASP C 128 10.45 -16.45 -29.36
C ASP C 128 10.30 -17.94 -29.07
N SER C 129 10.75 -18.40 -27.90
CA SER C 129 10.69 -19.82 -27.57
C SER C 129 10.53 -19.97 -26.06
N LYS C 130 10.43 -21.21 -25.61
CA LYS C 130 10.31 -21.52 -24.19
C LYS C 130 11.11 -22.79 -23.88
N HIS C 131 12.41 -22.73 -24.15
CA HIS C 131 13.29 -23.84 -23.84
C HIS C 131 13.63 -23.85 -22.35
N LYS C 132 14.05 -25.03 -21.88
CA LYS C 132 14.58 -25.16 -20.53
C LYS C 132 16.10 -25.26 -20.51
N LYS C 133 16.70 -25.73 -21.60
CA LYS C 133 18.14 -25.87 -21.71
C LYS C 133 18.62 -25.15 -22.95
N VAL C 134 19.69 -24.38 -22.81
CA VAL C 134 20.31 -23.66 -23.92
C VAL C 134 21.79 -23.99 -23.93
N SER C 135 22.30 -24.34 -25.11
CA SER C 135 23.72 -24.62 -25.31
C SER C 135 24.28 -23.61 -26.31
N ILE C 136 25.35 -22.93 -25.92
CA ILE C 136 26.02 -21.95 -26.78
C ILE C 136 27.40 -22.50 -27.11
N ILE C 137 27.64 -22.71 -28.40
CA ILE C 137 28.91 -23.25 -28.89
C ILE C 137 29.75 -22.09 -29.39
N PHE C 138 30.82 -21.77 -28.66
CA PHE C 138 31.69 -20.65 -29.00
C PHE C 138 32.74 -21.13 -29.99
N GLU C 139 32.49 -20.93 -31.29
CA GLU C 139 33.48 -21.17 -32.33
C GLU C 139 34.16 -19.88 -32.73
N ILE C 140 34.48 -19.04 -31.74
CA ILE C 140 35.15 -17.78 -31.96
C ILE C 140 36.26 -17.64 -30.91
N LYS C 141 37.28 -16.88 -31.24
CA LYS C 141 38.27 -16.47 -30.25
C LYS C 141 37.73 -15.28 -29.47
N ILE C 142 37.74 -15.39 -28.15
CA ILE C 142 37.12 -14.37 -27.29
C ILE C 142 37.83 -14.37 -25.95
N GLU C 143 38.25 -13.18 -25.51
CA GLU C 143 38.97 -13.03 -24.25
C GLU C 143 38.04 -13.26 -23.06
N GLU C 144 38.65 -13.49 -21.90
CA GLU C 144 37.89 -13.89 -20.72
C GLU C 144 36.93 -12.79 -20.29
N ALA C 145 37.41 -11.55 -20.18
CA ALA C 145 36.54 -10.46 -19.76
C ALA C 145 35.46 -10.16 -20.79
N LEU C 146 35.77 -10.33 -22.08
CA LEU C 146 34.76 -10.17 -23.11
C LEU C 146 33.77 -11.32 -23.11
N PHE C 147 34.22 -12.52 -22.72
CA PHE C 147 33.31 -13.65 -22.54
C PHE C 147 32.33 -13.37 -21.40
N ARG C 148 32.84 -12.86 -20.27
CA ARG C 148 31.96 -12.49 -19.17
C ARG C 148 30.97 -11.40 -19.59
N PHE C 149 31.45 -10.38 -20.30
CA PHE C 149 30.58 -9.33 -20.76
C PHE C 149 29.47 -9.88 -21.65
N PHE C 150 29.78 -10.88 -22.47
CA PHE C 150 28.76 -11.50 -23.31
C PHE C 150 27.63 -12.06 -22.46
N LEU C 151 27.96 -12.71 -21.35
CA LEU C 151 26.92 -13.29 -20.50
C LEU C 151 26.14 -12.18 -19.78
N GLU C 152 26.84 -11.14 -19.33
CA GLU C 152 26.17 -10.01 -18.70
C GLU C 152 25.14 -9.40 -19.64
N HIS C 153 25.53 -9.15 -20.89
CA HIS C 153 24.60 -8.52 -21.81
C HIS C 153 23.50 -9.48 -22.24
N LEU C 154 23.82 -10.76 -22.41
CA LEU C 154 22.79 -11.74 -22.69
C LEU C 154 21.69 -11.69 -21.64
N PHE C 155 22.07 -11.70 -20.36
CA PHE C 155 21.07 -11.63 -19.30
C PHE C 155 20.37 -10.28 -19.28
N TYR C 156 21.09 -9.20 -19.61
CA TYR C 156 20.50 -7.88 -19.64
C TYR C 156 19.38 -7.79 -20.68
N GLU C 157 19.60 -8.38 -21.86
CA GLU C 157 18.58 -8.36 -22.89
C GLU C 157 17.48 -9.41 -22.65
N TYR C 158 17.76 -10.45 -21.87
CA TYR C 158 16.80 -11.52 -21.70
C TYR C 158 15.73 -11.17 -20.67
N VAL C 159 16.11 -10.58 -19.55
CA VAL C 159 15.20 -10.34 -18.44
C VAL C 159 14.44 -9.04 -18.71
N THR C 160 13.14 -9.15 -18.94
CA THR C 160 12.28 -8.00 -19.19
C THR C 160 11.76 -7.41 -17.88
N ASP C 161 11.41 -6.11 -17.95
CA ASP C 161 10.90 -5.38 -16.80
C ASP C 161 9.38 -5.31 -16.91
N GLU C 162 8.69 -5.99 -16.00
CA GLU C 162 7.24 -6.08 -16.03
C GLU C 162 6.58 -5.37 -14.85
N ARG C 163 7.34 -4.60 -14.07
CA ARG C 163 6.82 -4.06 -12.82
C ARG C 163 5.60 -3.16 -13.04
N PHE C 164 5.50 -2.51 -14.19
CA PHE C 164 4.47 -1.52 -14.44
C PHE C 164 3.43 -1.97 -15.46
N LYS C 165 3.43 -3.25 -15.82
CA LYS C 165 2.36 -3.83 -16.62
C LYS C 165 1.24 -4.31 -15.71
N SER C 166 0.01 -4.19 -16.20
CA SER C 166 -1.14 -4.66 -15.43
C SER C 166 -1.26 -6.18 -15.45
N ALA C 167 -0.70 -6.84 -16.46
CA ALA C 167 -0.76 -8.29 -16.56
C ALA C 167 -0.02 -8.95 -15.40
N ASP C 174 8.21 -19.66 -16.08
CA ASP C 174 8.85 -20.80 -16.71
C ASP C 174 9.88 -20.32 -17.75
N PHE C 175 11.05 -19.92 -17.27
CA PHE C 175 12.14 -19.46 -18.11
C PHE C 175 13.16 -20.57 -18.29
N ILE C 176 14.31 -20.25 -18.91
CA ILE C 176 15.36 -21.24 -19.10
C ILE C 176 16.01 -21.56 -17.77
N LYS C 177 16.32 -22.84 -17.57
CA LYS C 177 16.85 -23.32 -16.29
C LYS C 177 18.28 -23.85 -16.36
N ASN C 178 18.80 -24.14 -17.55
CA ASN C 178 20.15 -24.65 -17.69
C ASN C 178 20.81 -23.98 -18.89
N LEU C 179 22.03 -23.50 -18.70
CA LEU C 179 22.80 -22.83 -19.75
C LEU C 179 24.17 -23.46 -19.81
N SER C 180 24.50 -24.06 -20.95
CA SER C 180 25.78 -24.71 -21.18
C SER C 180 26.59 -23.89 -22.17
N LEU C 181 27.84 -23.62 -21.83
CA LEU C 181 28.73 -22.82 -22.66
C LEU C 181 29.91 -23.70 -23.08
N HIS C 182 30.04 -23.92 -24.39
CA HIS C 182 31.03 -24.83 -24.95
C HIS C 182 32.08 -24.01 -25.68
N ILE C 183 33.32 -24.06 -25.19
CA ILE C 183 34.40 -23.24 -25.70
C ILE C 183 35.72 -23.94 -25.43
N ALA C 184 36.71 -23.68 -26.30
CA ALA C 184 38.03 -24.24 -26.11
C ALA C 184 38.69 -23.65 -24.87
N ASN C 185 39.46 -24.47 -24.16
CA ASN C 185 40.16 -24.05 -22.95
C ASN C 185 39.15 -23.55 -21.91
N ALA C 186 38.12 -24.37 -21.67
CA ALA C 186 37.01 -23.94 -20.84
C ALA C 186 37.46 -23.52 -19.44
N ASP C 187 38.49 -24.18 -18.90
CA ASP C 187 38.89 -23.90 -17.53
C ASP C 187 39.30 -22.44 -17.36
N ALA C 188 39.78 -21.79 -18.42
CA ALA C 188 40.21 -20.41 -18.33
C ALA C 188 39.06 -19.42 -18.24
N TYR C 189 37.81 -19.89 -18.29
CA TYR C 189 36.65 -19.01 -18.24
C TYR C 189 35.74 -19.26 -17.04
N LYS C 190 35.98 -20.33 -16.27
CA LYS C 190 35.05 -20.68 -15.20
C LYS C 190 35.03 -19.65 -14.09
N GLY C 191 36.14 -18.95 -13.86
CA GLY C 191 36.18 -17.94 -12.83
C GLY C 191 35.34 -16.71 -13.13
N GLN C 192 34.84 -16.58 -14.35
CA GLN C 192 34.06 -15.42 -14.74
C GLN C 192 32.56 -15.58 -14.52
N ILE C 193 32.09 -16.81 -14.28
CA ILE C 193 30.66 -17.07 -14.28
C ILE C 193 29.97 -16.33 -13.14
N ASP C 194 30.40 -16.58 -11.90
CA ASP C 194 29.73 -15.95 -10.77
C ASP C 194 30.03 -14.46 -10.69
N LYS C 195 31.14 -14.00 -11.28
CA LYS C 195 31.33 -12.57 -11.45
C LYS C 195 30.29 -12.01 -12.41
N ALA C 196 29.93 -12.77 -13.45
CA ALA C 196 28.89 -12.31 -14.37
C ALA C 196 27.55 -12.20 -13.66
N ARG C 197 27.28 -13.09 -12.71
CA ARG C 197 26.03 -13.02 -11.96
C ARG C 197 25.93 -11.71 -11.18
N VAL C 198 27.01 -11.33 -10.49
CA VAL C 198 27.00 -10.12 -9.68
C VAL C 198 26.91 -8.89 -10.58
N TYR C 199 27.78 -8.82 -11.59
CA TYR C 199 27.81 -7.65 -12.46
C TYR C 199 26.48 -7.49 -13.19
N PHE C 200 25.84 -8.59 -13.56
CA PHE C 200 24.55 -8.49 -14.24
C PHE C 200 23.51 -7.83 -13.33
N TYR C 201 23.40 -8.30 -12.08
CA TYR C 201 22.32 -7.81 -11.24
C TYR C 201 22.55 -6.36 -10.82
N GLY C 202 23.81 -6.00 -10.53
CA GLY C 202 24.11 -4.61 -10.24
C GLY C 202 23.68 -3.70 -11.38
N THR C 203 24.02 -4.07 -12.62
CA THR C 203 23.53 -3.34 -13.78
C THR C 203 22.02 -3.41 -13.86
N TYR C 204 21.45 -4.58 -13.54
CA TYR C 204 19.99 -4.74 -13.57
C TYR C 204 19.33 -3.89 -12.49
N TYR C 205 19.94 -3.82 -11.32
CA TYR C 205 19.42 -2.98 -10.24
C TYR C 205 19.42 -1.51 -10.66
N ALA C 206 20.54 -1.04 -11.20
CA ALA C 206 20.62 0.36 -11.65
C ALA C 206 19.53 0.66 -12.68
N ALA C 207 19.38 -0.21 -13.68
CA ALA C 207 18.37 0.03 -14.70
C ALA C 207 16.97 0.08 -14.11
N GLN C 208 16.70 -0.78 -13.11
CA GLN C 208 15.39 -0.77 -12.48
C GLN C 208 15.11 0.58 -11.80
N LEU C 209 16.12 1.17 -11.16
CA LEU C 209 15.94 2.47 -10.53
C LEU C 209 15.75 3.55 -11.60
N ILE C 210 16.49 3.47 -12.70
CA ILE C 210 16.40 4.50 -13.73
C ILE C 210 15.06 4.43 -14.45
N ALA C 211 14.60 3.22 -14.76
CA ALA C 211 13.35 3.06 -15.51
C ALA C 211 12.14 3.43 -14.69
N ALA C 212 12.22 3.38 -13.37
CA ALA C 212 11.08 3.71 -12.53
C ALA C 212 10.63 5.15 -12.80
N PRO C 213 9.34 5.39 -13.03
CA PRO C 213 8.89 6.77 -13.27
C PRO C 213 9.09 7.65 -12.05
N SER C 214 9.10 8.96 -12.30
CA SER C 214 9.43 9.92 -11.25
C SER C 214 8.38 9.97 -10.15
N ASN C 215 7.15 9.54 -10.42
CA ASN C 215 6.15 9.46 -9.36
C ASN C 215 6.35 8.24 -8.47
N TYR C 216 7.10 7.25 -8.94
CA TYR C 216 7.51 6.12 -8.10
C TYR C 216 8.87 6.40 -7.46
N CYS C 217 9.83 6.88 -8.23
CA CYS C 217 11.19 7.13 -7.76
C CYS C 217 11.34 8.62 -7.48
N ASN C 218 11.14 9.00 -6.23
CA ASN C 218 11.33 10.38 -5.76
C ASN C 218 12.46 10.38 -4.74
N PRO C 219 12.91 11.55 -4.27
CA PRO C 219 14.04 11.55 -3.32
C PRO C 219 13.79 10.71 -2.08
N VAL C 220 12.55 10.62 -1.59
CA VAL C 220 12.30 9.89 -0.37
C VAL C 220 12.31 8.38 -0.63
N SER C 221 11.59 7.93 -1.65
CA SER C 221 11.56 6.50 -1.95
C SER C 221 12.92 5.99 -2.41
N LEU C 222 13.66 6.81 -3.16
CA LEU C 222 14.98 6.39 -3.61
C LEU C 222 15.96 6.28 -2.45
N SER C 223 15.87 7.19 -1.48
CA SER C 223 16.69 7.06 -0.27
C SER C 223 16.26 5.85 0.55
N ASN C 224 14.94 5.58 0.62
CA ASN C 224 14.47 4.39 1.30
C ASN C 224 15.02 3.12 0.64
N ALA C 225 15.15 3.13 -0.69
CA ALA C 225 15.68 1.96 -1.39
C ALA C 225 17.16 1.76 -1.09
N ALA C 226 17.91 2.86 -0.94
CA ALA C 226 19.32 2.74 -0.59
C ALA C 226 19.50 2.23 0.84
N VAL C 227 18.58 2.57 1.73
CA VAL C 227 18.62 2.03 3.09
C VAL C 227 18.42 0.52 3.06
N GLU C 228 17.40 0.06 2.33
CA GLU C 228 17.16 -1.37 2.20
C GLU C 228 18.34 -2.07 1.53
N LEU C 229 18.93 -1.43 0.51
CA LEU C 229 20.06 -2.03 -0.17
C LEU C 229 21.24 -2.23 0.77
N ALA C 230 21.54 -1.21 1.59
CA ALA C 230 22.69 -1.31 2.49
C ALA C 230 22.52 -2.49 3.45
N GLN C 231 21.30 -2.76 3.88
CA GLN C 231 21.07 -3.90 4.77
C GLN C 231 21.21 -5.22 4.04
N LYS C 232 20.88 -5.25 2.74
CA LYS C 232 20.92 -6.51 2.01
C LYS C 232 22.36 -6.95 1.73
N VAL C 233 23.25 -6.00 1.44
CA VAL C 233 24.65 -6.32 1.15
C VAL C 233 25.57 -5.84 2.26
N ASN C 234 25.01 -5.55 3.44
CA ASN C 234 25.78 -5.25 4.65
C ASN C 234 26.74 -4.08 4.43
N LEU C 235 26.15 -2.90 4.36
CA LEU C 235 26.88 -1.65 4.25
C LEU C 235 26.40 -0.69 5.33
N GLU C 236 27.32 0.17 5.77
CA GLU C 236 26.93 1.30 6.60
C GLU C 236 26.09 2.27 5.77
N CYS C 237 25.03 2.79 6.39
CA CYS C 237 24.10 3.67 5.70
C CYS C 237 23.87 4.92 6.53
N LYS C 238 23.91 6.08 5.87
CA LYS C 238 23.64 7.36 6.50
C LYS C 238 22.85 8.22 5.53
N ILE C 239 21.68 8.68 5.96
CA ILE C 239 20.82 9.55 5.16
C ILE C 239 20.76 10.90 5.87
N LEU C 240 21.31 11.93 5.24
CA LEU C 240 21.29 13.28 5.81
C LEU C 240 20.02 13.99 5.39
N ASP C 241 19.36 14.64 6.34
CA ASP C 241 18.13 15.38 6.10
C ASP C 241 18.42 16.88 6.03
N VAL C 242 17.37 17.63 5.66
CA VAL C 242 17.53 19.05 5.33
C VAL C 242 18.20 19.80 6.48
N LYS C 243 17.80 19.53 7.72
CA LYS C 243 18.34 20.30 8.84
C LYS C 243 19.86 20.14 8.92
N GLU C 244 20.35 18.90 8.84
CA GLU C 244 21.80 18.69 8.85
C GLU C 244 22.44 19.25 7.59
N LEU C 245 21.73 19.22 6.46
CA LEU C 245 22.27 19.82 5.24
C LEU C 245 22.40 21.32 5.39
N GLU C 246 21.44 21.97 6.06
CA GLU C 246 21.56 23.39 6.35
C GLU C 246 22.75 23.66 7.27
N GLU C 247 22.95 22.80 8.27
CA GLU C 247 24.08 22.97 9.18
C GLU C 247 25.41 22.87 8.43
N LEU C 248 25.47 21.99 7.43
CA LEU C 248 26.67 21.85 6.62
C LEU C 248 26.78 22.93 5.55
N LYS C 249 25.80 23.82 5.43
CA LYS C 249 25.85 24.98 4.54
C LYS C 249 25.82 24.59 3.07
N MET C 250 25.14 23.49 2.73
CA MET C 250 25.05 23.04 1.35
C MET C 250 23.99 23.87 0.61
N GLY C 251 24.35 25.13 0.34
CA GLY C 251 23.40 26.06 -0.25
C GLY C 251 23.08 25.74 -1.69
N ALA C 252 24.08 25.29 -2.46
CA ALA C 252 23.84 24.96 -3.85
C ALA C 252 22.89 23.78 -3.98
N TYR C 253 23.12 22.73 -3.19
CA TYR C 253 22.28 21.53 -3.26
C TYR C 253 20.88 21.81 -2.74
N LEU C 254 20.77 22.58 -1.65
CA LEU C 254 19.46 22.85 -1.09
C LEU C 254 18.62 23.76 -1.99
N SER C 255 19.27 24.66 -2.73
CA SER C 255 18.52 25.57 -3.60
C SER C 255 17.81 24.85 -4.74
N VAL C 256 18.40 23.77 -5.25
CA VAL C 256 17.80 23.05 -6.36
C VAL C 256 16.49 22.40 -5.93
N GLY C 257 16.43 21.92 -4.69
CA GLY C 257 15.26 21.24 -4.19
C GLY C 257 14.17 22.13 -3.62
N LYS C 258 14.40 23.44 -3.56
CA LYS C 258 13.42 24.34 -2.96
C LYS C 258 12.04 24.18 -3.56
N GLY C 259 11.96 23.95 -4.86
CA GLY C 259 10.69 23.90 -5.55
C GLY C 259 9.97 22.57 -5.53
N SER C 260 10.50 21.58 -4.82
CA SER C 260 9.96 20.23 -4.82
C SER C 260 9.12 19.97 -3.58
N MET C 261 8.11 19.12 -3.74
CA MET C 261 7.33 18.66 -2.61
C MET C 261 8.04 17.58 -1.81
N TYR C 262 9.11 16.97 -2.36
CA TYR C 262 9.87 15.95 -1.66
C TYR C 262 11.11 16.56 -1.05
N PRO C 263 11.40 16.29 0.22
CA PRO C 263 12.60 16.87 0.84
C PRO C 263 13.87 16.26 0.27
N ASN C 264 14.94 17.04 0.32
CA ASN C 264 16.25 16.58 -0.13
C ASN C 264 16.73 15.43 0.76
N LYS C 265 17.40 14.46 0.14
CA LYS C 265 17.97 13.32 0.85
C LYS C 265 19.38 13.08 0.32
N PHE C 266 20.37 13.12 1.20
CA PHE C 266 21.76 12.90 0.84
C PHE C 266 22.14 11.48 1.26
N ILE C 267 22.35 10.60 0.29
CA ILE C 267 22.68 9.21 0.56
C ILE C 267 24.18 9.09 0.79
N HIS C 268 24.56 8.38 1.86
CA HIS C 268 25.97 8.13 2.17
C HIS C 268 26.09 6.69 2.67
N LEU C 269 26.48 5.79 1.78
CA LEU C 269 26.78 4.40 2.14
C LEU C 269 28.29 4.20 2.18
N THR C 270 28.74 3.35 3.09
CA THR C 270 30.16 3.08 3.26
C THR C 270 30.43 1.59 3.29
N TYR C 271 31.39 1.15 2.49
CA TYR C 271 31.91 -0.21 2.56
C TYR C 271 33.32 -0.17 3.14
N LYS C 272 33.57 -1.02 4.13
CA LYS C 272 34.89 -1.15 4.75
C LYS C 272 35.31 -2.61 4.63
N GLY C 273 36.38 -2.87 3.87
CA GLY C 273 36.86 -4.22 3.68
C GLY C 273 37.80 -4.68 4.77
N ALA C 274 38.04 -5.99 4.78
CA ALA C 274 38.92 -6.58 5.78
C ALA C 274 40.35 -6.09 5.60
N GLN C 275 41.04 -5.90 6.73
CA GLN C 275 42.43 -5.48 6.72
C GLN C 275 43.30 -6.75 6.77
N THR C 276 43.85 -7.13 5.63
CA THR C 276 44.68 -8.32 5.53
C THR C 276 46.07 -7.98 4.99
N LYS C 283 43.31 0.48 3.37
CA LYS C 283 44.48 1.16 2.83
C LYS C 283 44.05 2.31 1.90
N LYS C 284 43.39 1.94 0.81
CA LYS C 284 42.88 2.91 -0.15
C LYS C 284 41.46 3.32 0.24
N LYS C 285 41.18 4.62 0.14
CA LYS C 285 39.86 5.17 0.42
C LYS C 285 39.35 5.86 -0.84
N ILE C 286 38.12 5.55 -1.23
CA ILE C 286 37.54 6.02 -2.49
C ILE C 286 36.18 6.65 -2.21
N ALA C 287 35.87 7.72 -2.92
CA ALA C 287 34.57 8.35 -2.88
C ALA C 287 33.94 8.27 -4.27
N LEU C 288 32.73 7.70 -4.34
CA LEU C 288 31.98 7.61 -5.58
C LEU C 288 30.73 8.48 -5.45
N ILE C 289 30.58 9.44 -6.35
CA ILE C 289 29.50 10.41 -6.31
C ILE C 289 28.63 10.21 -7.53
N GLY C 290 27.33 10.06 -7.32
CA GLY C 290 26.38 9.97 -8.41
C GLY C 290 25.36 11.09 -8.41
N LYS C 291 25.17 11.73 -9.56
CA LYS C 291 24.12 12.72 -9.70
C LYS C 291 22.75 12.05 -9.52
N GLY C 292 21.93 12.61 -8.65
CA GLY C 292 20.66 12.01 -8.32
C GLY C 292 19.47 12.95 -8.39
N ILE C 293 19.17 13.44 -9.59
CA ILE C 293 17.99 14.28 -9.80
C ILE C 293 16.86 13.35 -10.26
N THR C 294 15.89 13.11 -9.38
CA THR C 294 14.85 12.13 -9.68
C THR C 294 13.97 12.57 -10.84
N PHE C 295 13.81 13.87 -11.03
CA PHE C 295 13.18 14.40 -12.23
C PHE C 295 13.68 15.82 -12.45
N ASP C 296 14.11 16.10 -13.68
CA ASP C 296 14.64 17.41 -14.04
C ASP C 296 13.68 18.04 -15.05
N SER C 297 12.79 18.90 -14.56
CA SER C 297 11.96 19.69 -15.45
C SER C 297 12.71 20.85 -16.08
N GLY C 298 13.90 21.17 -15.56
CA GLY C 298 14.65 22.33 -15.97
C GLY C 298 14.52 23.51 -15.05
N GLY C 299 13.55 23.49 -14.14
CA GLY C 299 13.29 24.67 -13.35
C GLY C 299 12.59 25.71 -14.19
N TYR C 300 12.74 26.98 -13.79
CA TYR C 300 12.14 28.06 -14.56
C TYR C 300 12.75 28.17 -15.95
N ASN C 301 13.98 27.68 -16.14
CA ASN C 301 14.52 27.40 -17.47
C ASN C 301 13.93 26.06 -17.96
N LEU C 302 12.61 26.06 -18.11
CA LEU C 302 11.88 24.82 -18.37
C LEU C 302 12.34 24.16 -19.67
N LYS C 303 12.33 22.83 -19.67
CA LYS C 303 12.66 22.05 -20.86
C LYS C 303 11.46 22.08 -21.79
N ALA C 304 11.35 23.18 -22.55
CA ALA C 304 10.26 23.36 -23.49
C ALA C 304 10.71 23.45 -24.94
N ALA C 305 12.02 23.56 -25.20
CA ALA C 305 12.50 23.64 -26.56
C ALA C 305 12.29 22.30 -27.28
N PRO C 306 12.16 22.32 -28.60
CA PRO C 306 12.04 21.05 -29.33
C PRO C 306 13.30 20.20 -29.17
N GLY C 307 13.10 18.96 -28.72
CA GLY C 307 14.19 18.04 -28.53
C GLY C 307 14.80 18.03 -27.14
N SER C 308 14.15 18.64 -26.16
CA SER C 308 14.68 18.65 -24.80
C SER C 308 14.27 17.41 -24.00
N MET C 309 13.35 16.59 -24.54
CA MET C 309 13.06 15.26 -24.00
C MET C 309 12.65 15.31 -22.53
N ILE C 310 11.71 16.19 -22.21
CA ILE C 310 11.27 16.31 -20.83
C ILE C 310 10.66 15.01 -20.36
N ASP C 311 10.06 14.24 -21.27
CA ASP C 311 9.41 12.98 -20.91
C ASP C 311 10.39 11.90 -20.50
N LEU C 312 11.69 12.09 -20.72
CA LEU C 312 12.69 11.09 -20.36
C LEU C 312 13.54 11.52 -19.16
N MET C 313 13.21 12.63 -18.52
CA MET C 313 14.10 13.20 -17.51
C MET C 313 14.03 12.48 -16.17
N LYS C 314 13.31 11.36 -16.09
CA LYS C 314 13.46 10.48 -14.94
C LYS C 314 14.86 9.89 -14.86
N PHE C 315 15.62 9.93 -15.94
CA PHE C 315 16.94 9.31 -15.99
C PHE C 315 18.06 10.22 -15.53
N ASP C 316 17.75 11.43 -15.06
CA ASP C 316 18.78 12.33 -14.54
C ASP C 316 19.32 11.89 -13.18
N MET C 317 18.89 10.73 -12.67
CA MET C 317 19.51 10.09 -11.52
C MET C 317 20.30 8.84 -11.93
N SER C 318 20.63 8.72 -13.22
CA SER C 318 21.41 7.57 -13.69
C SER C 318 22.74 7.46 -12.97
N GLY C 319 23.39 8.61 -12.70
CA GLY C 319 24.65 8.56 -11.96
C GLY C 319 24.48 7.94 -10.60
N CYS C 320 23.45 8.35 -9.87
CA CYS C 320 23.18 7.76 -8.56
C CYS C 320 22.89 6.27 -8.67
N ALA C 321 22.15 5.87 -9.70
CA ALA C 321 21.85 4.45 -9.87
C ALA C 321 23.12 3.65 -10.15
N ALA C 322 24.03 4.19 -10.96
CA ALA C 322 25.27 3.49 -11.23
C ALA C 322 26.10 3.32 -9.97
N VAL C 323 26.04 4.29 -9.05
CA VAL C 323 26.79 4.20 -7.81
C VAL C 323 26.17 3.16 -6.89
N LEU C 324 24.84 3.13 -6.81
CA LEU C 324 24.17 2.14 -5.97
C LEU C 324 24.32 0.74 -6.55
N GLY C 325 24.22 0.60 -7.87
CA GLY C 325 24.48 -0.69 -8.50
C GLY C 325 25.88 -1.21 -8.18
N CYS C 326 26.87 -0.31 -8.22
CA CYS C 326 28.23 -0.68 -7.81
C CYS C 326 28.28 -1.00 -6.32
N ALA C 327 27.50 -0.30 -5.51
CA ALA C 327 27.44 -0.61 -4.09
C ALA C 327 26.99 -2.05 -3.86
N TYR C 328 26.03 -2.52 -4.67
CA TYR C 328 25.63 -3.92 -4.57
C TYR C 328 26.80 -4.84 -4.91
N CYS C 329 27.50 -4.55 -6.01
CA CYS C 329 28.59 -5.42 -6.45
C CYS C 329 29.68 -5.51 -5.41
N ILE C 330 30.14 -4.35 -4.90
CA ILE C 330 31.21 -4.37 -3.91
C ILE C 330 30.73 -4.98 -2.60
N GLY C 331 29.51 -4.66 -2.19
CA GLY C 331 28.96 -5.26 -0.98
C GLY C 331 28.78 -6.75 -1.08
N THR C 332 28.66 -7.28 -2.30
CA THR C 332 28.56 -8.71 -2.51
C THR C 332 29.92 -9.38 -2.65
N ILE C 333 30.82 -8.77 -3.44
CA ILE C 333 32.13 -9.36 -3.65
C ILE C 333 33.01 -9.19 -2.41
N LYS C 334 32.83 -8.11 -1.68
CA LYS C 334 33.56 -7.84 -0.44
C LYS C 334 35.06 -7.91 -0.64
N PRO C 335 35.65 -6.99 -1.40
CA PRO C 335 37.11 -6.98 -1.55
C PRO C 335 37.79 -6.58 -0.26
N ASP C 336 39.06 -6.93 -0.16
CA ASP C 336 39.87 -6.65 1.02
C ASP C 336 40.66 -5.36 0.84
N ASN C 337 41.01 -4.76 1.98
CA ASN C 337 41.91 -3.60 2.01
C ASN C 337 41.43 -2.48 1.09
N VAL C 338 40.17 -2.09 1.27
CA VAL C 338 39.60 -1.01 0.50
C VAL C 338 38.40 -0.46 1.26
N GLU C 339 38.29 0.86 1.29
CA GLU C 339 37.18 1.58 1.89
C GLU C 339 36.55 2.45 0.82
N VAL C 340 35.23 2.33 0.65
CA VAL C 340 34.51 3.03 -0.40
C VAL C 340 33.29 3.72 0.19
N HIS C 341 33.09 4.99 -0.18
CA HIS C 341 31.92 5.75 0.19
C HIS C 341 31.07 6.00 -1.06
N PHE C 342 29.80 5.64 -1.00
CA PHE C 342 28.86 5.79 -2.10
C PHE C 342 27.94 6.96 -1.77
N LEU C 343 28.05 8.04 -2.54
CA LEU C 343 27.41 9.30 -2.23
C LEU C 343 26.49 9.76 -3.36
N SER C 344 25.40 10.43 -2.98
CA SER C 344 24.54 11.05 -3.99
C SER C 344 23.64 12.07 -3.29
N ALA C 345 23.68 13.31 -3.77
CA ALA C 345 22.81 14.38 -3.27
C ALA C 345 21.52 14.34 -4.09
N VAL C 346 20.50 13.69 -3.55
CA VAL C 346 19.27 13.42 -4.28
C VAL C 346 18.28 14.56 -4.06
N CYS C 347 17.58 14.95 -5.11
CA CYS C 347 16.54 15.98 -5.04
C CYS C 347 15.76 15.97 -6.34
N GLU C 348 14.86 16.94 -6.50
CA GLU C 348 13.99 17.04 -7.67
C GLU C 348 13.92 18.50 -8.10
N ASN C 349 14.05 18.76 -9.39
CA ASN C 349 14.13 20.12 -9.95
C ASN C 349 12.80 20.48 -10.60
N MET C 350 12.01 21.31 -9.92
CA MET C 350 10.63 21.55 -10.29
C MET C 350 10.33 23.04 -10.35
N VAL C 351 9.16 23.36 -10.90
CA VAL C 351 8.67 24.73 -11.02
C VAL C 351 7.59 24.95 -9.96
N SER C 352 7.77 26.00 -9.17
CA SER C 352 6.86 26.27 -8.05
C SER C 352 7.09 27.70 -7.59
N LYS C 353 6.16 28.19 -6.78
CA LYS C 353 6.36 29.49 -6.14
C LYS C 353 7.60 29.50 -5.26
N ASN C 354 8.03 28.33 -4.77
CA ASN C 354 9.17 28.22 -3.87
C ASN C 354 10.47 27.91 -4.60
N SER C 355 10.45 27.76 -5.92
CA SER C 355 11.65 27.38 -6.66
C SER C 355 12.68 28.49 -6.62
N TYR C 356 13.94 28.11 -6.82
CA TYR C 356 15.01 29.09 -7.01
C TYR C 356 14.96 29.60 -8.45
N ARG C 357 15.38 30.86 -8.63
CA ARG C 357 15.15 31.55 -9.88
C ARG C 357 16.43 31.72 -10.68
N PRO C 358 16.33 31.78 -12.01
CA PRO C 358 17.46 32.28 -12.80
C PRO C 358 17.93 33.61 -12.25
N GLY C 359 19.24 33.74 -12.05
CA GLY C 359 19.84 34.94 -11.51
C GLY C 359 20.09 34.91 -10.03
N ASP C 360 19.49 33.97 -9.30
CA ASP C 360 19.76 33.84 -7.88
C ASP C 360 21.25 33.60 -7.66
N ILE C 361 21.75 34.10 -6.53
CA ILE C 361 23.14 33.86 -6.11
C ILE C 361 23.06 33.03 -4.83
N ILE C 362 23.72 31.87 -4.85
CA ILE C 362 23.68 30.92 -3.75
C ILE C 362 25.10 30.60 -3.32
N THR C 363 25.25 30.13 -2.08
CA THR C 363 26.54 29.89 -1.47
C THR C 363 26.75 28.40 -1.29
N ALA C 364 27.81 27.88 -1.90
CA ALA C 364 28.18 26.47 -1.75
C ALA C 364 28.78 26.24 -0.37
N SER C 365 28.92 24.95 -0.02
CA SER C 365 29.35 24.59 1.32
C SER C 365 30.81 24.94 1.59
N ASN C 366 31.58 25.29 0.57
CA ASN C 366 32.95 25.74 0.75
C ASN C 366 33.08 27.26 0.69
N GLY C 367 31.96 27.98 0.74
CA GLY C 367 31.97 29.42 0.79
C GLY C 367 31.88 30.11 -0.55
N LYS C 368 32.02 29.40 -1.65
CA LYS C 368 31.99 30.01 -2.97
C LYS C 368 30.56 30.36 -3.38
N THR C 369 30.39 31.57 -3.91
CA THR C 369 29.09 32.04 -4.35
C THR C 369 28.89 31.75 -5.82
N ILE C 370 27.66 31.37 -6.18
CA ILE C 370 27.33 30.91 -7.52
C ILE C 370 26.12 31.69 -8.01
N GLU C 371 26.27 32.34 -9.16
CA GLU C 371 25.15 32.98 -9.83
C GLU C 371 24.52 31.97 -10.79
N VAL C 372 23.22 31.73 -10.63
CA VAL C 372 22.52 30.69 -11.38
C VAL C 372 22.07 31.31 -12.70
N GLY C 373 22.93 31.19 -13.71
CA GLY C 373 22.58 31.66 -15.04
C GLY C 373 21.53 30.81 -15.74
N ASN C 374 21.37 29.57 -15.31
CA ASN C 374 20.37 28.68 -15.90
C ASN C 374 20.01 27.63 -14.86
N THR C 375 18.72 27.55 -14.51
CA THR C 375 18.28 26.58 -13.52
C THR C 375 18.26 25.16 -14.06
N ASP C 376 18.38 24.97 -15.38
CA ASP C 376 18.52 23.64 -15.97
C ASP C 376 19.95 23.12 -15.89
N ALA C 377 20.88 23.90 -15.36
CA ALA C 377 22.22 23.42 -15.03
C ALA C 377 22.33 23.17 -13.53
N GLU C 378 21.36 22.43 -13.01
CA GLU C 378 21.24 22.21 -11.58
C GLU C 378 22.04 21.00 -11.10
N GLY C 379 22.32 20.04 -11.98
CA GLY C 379 23.08 18.88 -11.57
C GLY C 379 24.43 19.24 -10.98
N ARG C 380 25.15 20.15 -11.63
CA ARG C 380 26.47 20.54 -11.14
C ARG C 380 26.37 21.29 -9.82
N LEU C 381 25.24 21.94 -9.54
CA LEU C 381 25.08 22.60 -8.25
C LEU C 381 25.01 21.57 -7.13
N THR C 382 24.28 20.47 -7.34
CA THR C 382 24.21 19.43 -6.32
C THR C 382 25.54 18.68 -6.22
N LEU C 383 26.23 18.49 -7.34
CA LEU C 383 27.52 17.82 -7.32
C LEU C 383 28.57 18.66 -6.59
N ALA C 384 28.48 19.98 -6.72
CA ALA C 384 29.44 20.85 -6.04
C ALA C 384 29.45 20.58 -4.54
N ASP C 385 28.27 20.57 -3.92
CA ASP C 385 28.20 20.30 -2.49
C ASP C 385 28.56 18.85 -2.17
N ALA C 386 28.29 17.93 -3.09
CA ALA C 386 28.68 16.54 -2.88
C ALA C 386 30.20 16.38 -2.95
N LEU C 387 30.85 17.10 -3.86
CA LEU C 387 32.30 17.03 -3.97
C LEU C 387 32.97 17.60 -2.72
N VAL C 388 32.48 18.75 -2.22
CA VAL C 388 33.04 19.31 -0.99
C VAL C 388 32.88 18.33 0.16
N TYR C 389 31.70 17.72 0.27
CA TYR C 389 31.48 16.69 1.28
C TYR C 389 32.48 15.56 1.12
N ALA C 390 32.70 15.11 -0.11
CA ALA C 390 33.60 13.97 -0.35
C ALA C 390 35.02 14.30 0.08
N GLU C 391 35.53 15.47 -0.30
CA GLU C 391 36.92 15.79 0.04
C GLU C 391 37.11 15.92 1.54
N LYS C 392 36.08 16.31 2.28
CA LYS C 392 36.19 16.40 3.73
C LYS C 392 36.39 15.03 4.37
N LEU C 393 36.05 13.95 3.67
CA LEU C 393 36.24 12.61 4.20
C LEU C 393 37.70 12.16 4.16
N GLY C 394 38.56 12.88 3.47
CA GLY C 394 39.96 12.51 3.38
C GLY C 394 40.19 11.23 2.64
N VAL C 395 39.79 11.18 1.37
CA VAL C 395 39.93 10.00 0.54
C VAL C 395 41.08 10.22 -0.45
N ASP C 396 41.53 9.11 -1.04
CA ASP C 396 42.63 9.18 -2.00
C ASP C 396 42.14 9.52 -3.41
N TYR C 397 40.92 9.12 -3.76
CA TYR C 397 40.37 9.39 -5.08
C TYR C 397 38.89 9.74 -4.96
N ILE C 398 38.45 10.67 -5.80
CA ILE C 398 37.04 11.05 -5.90
C ILE C 398 36.63 10.89 -7.36
N VAL C 399 35.61 10.07 -7.61
CA VAL C 399 35.09 9.87 -8.96
C VAL C 399 33.59 10.17 -8.94
N ASP C 400 33.15 11.04 -9.83
CA ASP C 400 31.73 11.33 -9.99
C ASP C 400 31.25 10.87 -11.35
N ILE C 401 29.98 10.46 -11.41
CA ILE C 401 29.35 9.98 -12.62
C ILE C 401 27.97 10.62 -12.70
N ALA C 402 27.64 11.20 -13.86
CA ALA C 402 26.45 12.04 -13.93
C ALA C 402 26.01 12.22 -15.37
N THR C 403 24.69 12.31 -15.54
CA THR C 403 24.07 12.68 -16.82
C THR C 403 24.09 14.20 -16.90
N LEU C 404 25.24 14.74 -17.27
CA LEU C 404 25.49 16.18 -17.11
C LEU C 404 25.07 16.98 -18.34
N THR C 405 25.77 16.80 -19.45
CA THR C 405 25.66 17.70 -20.60
C THR C 405 25.09 16.96 -21.81
N GLY C 406 23.96 17.46 -22.31
CA GLY C 406 23.40 16.94 -23.54
C GLY C 406 24.30 17.14 -24.74
N ALA C 407 25.30 18.01 -24.62
CA ALA C 407 26.28 18.15 -25.69
C ALA C 407 27.08 16.88 -25.92
N MET C 408 27.04 15.93 -24.97
CA MET C 408 27.71 14.65 -25.18
C MET C 408 27.14 13.92 -26.39
N LEU C 409 25.87 14.17 -26.72
CA LEU C 409 25.28 13.55 -27.90
C LEU C 409 25.95 14.04 -29.18
N TYR C 410 26.50 15.25 -29.17
CA TYR C 410 27.14 15.83 -30.34
C TYR C 410 28.65 15.65 -30.37
N SER C 411 29.25 15.17 -29.27
CA SER C 411 30.69 14.90 -29.24
C SER C 411 30.94 13.41 -29.43
N LEU C 412 30.85 12.63 -28.35
CA LEU C 412 31.10 11.20 -28.42
C LEU C 412 29.87 10.41 -28.85
N GLY C 413 28.67 10.90 -28.52
CA GLY C 413 27.46 10.24 -28.96
C GLY C 413 26.83 9.34 -27.92
N THR C 414 26.23 8.24 -28.38
CA THR C 414 25.44 7.36 -27.52
C THR C 414 26.17 6.10 -27.09
N SER C 415 27.38 5.85 -27.60
CA SER C 415 28.13 4.65 -27.26
C SER C 415 29.23 4.88 -26.24
N TYR C 416 29.96 5.99 -26.37
CA TYR C 416 31.14 6.25 -25.56
C TYR C 416 30.83 7.35 -24.54
N ALA C 417 31.12 7.07 -23.28
CA ALA C 417 31.05 8.12 -22.26
C ALA C 417 32.35 8.93 -22.27
N GLY C 418 32.32 10.08 -21.61
CA GLY C 418 33.46 10.97 -21.52
C GLY C 418 33.96 11.08 -20.10
N VAL C 419 35.28 11.09 -19.93
CA VAL C 419 35.90 11.23 -18.62
C VAL C 419 36.79 12.47 -18.64
N PHE C 420 36.62 13.33 -17.63
CA PHE C 420 37.51 14.45 -17.36
C PHE C 420 38.11 14.25 -15.98
N GLY C 421 39.21 14.96 -15.71
CA GLY C 421 39.83 14.85 -14.40
C GLY C 421 40.96 15.84 -14.24
N ASN C 422 41.50 15.87 -13.01
CA ASN C 422 42.64 16.70 -12.68
C ASN C 422 43.90 15.90 -12.43
N ASN C 423 43.85 14.57 -12.59
CA ASN C 423 44.96 13.69 -12.25
C ASN C 423 45.07 12.64 -13.35
N ASP C 424 46.18 12.66 -14.09
CA ASP C 424 46.33 11.76 -15.22
C ASP C 424 46.35 10.30 -14.76
N GLN C 425 46.93 10.02 -13.59
CA GLN C 425 46.98 8.65 -13.11
C GLN C 425 45.58 8.13 -12.80
N LEU C 426 44.73 8.94 -12.16
CA LEU C 426 43.37 8.52 -11.90
C LEU C 426 42.60 8.32 -13.21
N ILE C 427 42.79 9.23 -14.18
CA ILE C 427 42.10 9.09 -15.45
C ILE C 427 42.47 7.77 -16.11
N ASN C 428 43.75 7.39 -16.05
CA ASN C 428 44.18 6.15 -16.68
C ASN C 428 43.56 4.93 -16.01
N LYS C 429 43.34 5.00 -14.70
CA LYS C 429 42.66 3.90 -14.01
C LYS C 429 41.23 3.76 -14.51
N ILE C 430 40.55 4.88 -14.75
CA ILE C 430 39.19 4.81 -15.28
C ILE C 430 39.21 4.20 -16.67
N LEU C 431 40.17 4.60 -17.52
CA LEU C 431 40.26 4.03 -18.85
C LEU C 431 40.57 2.53 -18.79
N SER C 432 41.41 2.11 -17.86
CA SER C 432 41.68 0.68 -17.69
C SER C 432 40.41 -0.07 -17.32
N SER C 433 39.68 0.45 -16.34
CA SER C 433 38.43 -0.20 -15.93
C SER C 433 37.41 -0.20 -17.06
N SER C 434 37.45 0.81 -17.93
CA SER C 434 36.61 0.81 -19.11
C SER C 434 36.94 -0.36 -20.02
N LYS C 435 38.22 -0.76 -20.07
CA LYS C 435 38.62 -1.86 -20.95
C LYS C 435 38.23 -3.22 -20.37
N THR C 436 38.46 -3.43 -19.07
CA THR C 436 38.13 -4.71 -18.45
C THR C 436 36.65 -4.86 -18.18
N SER C 437 35.91 -3.75 -18.03
CA SER C 437 34.46 -3.81 -17.90
C SER C 437 33.76 -3.77 -19.25
N ASN C 438 34.47 -3.38 -20.31
CA ASN C 438 33.89 -3.26 -21.65
C ASN C 438 32.74 -2.26 -21.70
N GLU C 439 32.81 -1.23 -20.84
CA GLU C 439 31.94 -0.08 -20.95
C GLU C 439 32.75 1.06 -21.55
N PRO C 440 32.52 1.45 -22.81
CA PRO C 440 33.46 2.35 -23.47
C PRO C 440 33.47 3.74 -22.87
N VAL C 441 34.69 4.26 -22.67
CA VAL C 441 34.91 5.60 -22.14
C VAL C 441 36.04 6.24 -22.93
N TRP C 442 35.94 7.55 -23.16
CA TRP C 442 36.97 8.28 -23.89
C TRP C 442 37.39 9.52 -23.10
N TRP C 443 38.69 9.76 -23.06
CA TRP C 443 39.26 10.86 -22.31
C TRP C 443 39.08 12.17 -23.07
N LEU C 444 38.49 13.16 -22.39
CA LEU C 444 38.29 14.49 -22.93
C LEU C 444 39.00 15.52 -22.06
N PRO C 445 39.43 16.64 -22.63
CA PRO C 445 40.27 17.59 -21.88
C PRO C 445 39.48 18.66 -21.15
N ILE C 446 40.06 19.10 -20.04
CA ILE C 446 39.59 20.29 -19.33
C ILE C 446 40.41 21.47 -19.85
N ILE C 447 39.79 22.29 -20.68
CA ILE C 447 40.49 23.35 -21.40
C ILE C 447 40.43 24.62 -20.56
N ASN C 448 41.58 25.01 -20.00
CA ASN C 448 41.63 26.15 -19.09
C ASN C 448 41.20 27.45 -19.74
N GLU C 449 41.30 27.55 -21.07
CA GLU C 449 40.96 28.80 -21.75
C GLU C 449 39.48 29.16 -21.61
N TYR C 450 38.62 28.19 -21.33
CA TYR C 450 37.20 28.45 -21.17
C TYR C 450 36.84 28.87 -19.75
N ARG C 451 37.79 28.77 -18.81
CA ARG C 451 37.47 29.04 -17.42
C ARG C 451 36.92 30.45 -17.21
N SER C 452 37.45 31.43 -17.95
CA SER C 452 37.05 32.81 -17.71
C SER C 452 35.60 33.06 -18.11
N SER C 453 35.02 32.22 -18.96
CA SER C 453 33.62 32.37 -19.35
C SER C 453 32.65 32.00 -18.23
N LEU C 454 33.15 31.42 -17.14
CA LEU C 454 32.35 31.15 -15.96
C LEU C 454 32.42 32.28 -14.94
N ASN C 455 33.22 33.31 -15.20
CA ASN C 455 33.31 34.43 -14.27
C ASN C 455 31.95 35.09 -14.11
N SER C 456 31.73 35.67 -12.93
CA SER C 456 30.50 36.40 -12.64
C SER C 456 30.86 37.82 -12.24
N LYS C 457 29.98 38.76 -12.60
CA LYS C 457 30.19 40.14 -12.18
C LYS C 457 30.04 40.30 -10.68
N TYR C 458 29.18 39.51 -10.04
CA TYR C 458 28.82 39.70 -8.64
C TYR C 458 29.13 38.50 -7.76
N ALA C 459 28.88 37.29 -8.24
CA ALA C 459 29.21 36.08 -7.52
C ALA C 459 30.64 35.65 -7.85
N ASP C 460 31.12 34.63 -7.13
CA ASP C 460 32.43 34.07 -7.46
C ASP C 460 32.41 33.40 -8.83
N LEU C 461 31.33 32.70 -9.15
CA LEU C 461 31.23 31.99 -10.41
C LEU C 461 29.79 32.02 -10.91
N ASN C 462 29.64 31.77 -12.21
CA ASN C 462 28.36 31.39 -12.80
C ASN C 462 28.39 29.88 -13.03
N ASN C 463 27.21 29.27 -13.05
CA ASN C 463 27.13 27.83 -13.28
C ASN C 463 27.07 27.47 -14.76
N ILE C 464 26.89 28.46 -15.64
CA ILE C 464 26.91 28.24 -17.08
C ILE C 464 27.84 29.27 -17.72
N SER C 465 28.22 28.98 -18.97
CA SER C 465 29.16 29.82 -19.69
C SER C 465 28.43 30.89 -20.49
N SER C 466 29.01 32.09 -20.51
CA SER C 466 28.46 33.16 -21.33
C SER C 466 28.79 32.99 -22.81
N SER C 467 29.97 32.44 -23.12
CA SER C 467 30.54 32.48 -24.45
C SER C 467 30.77 31.11 -25.07
N VAL C 468 31.21 30.14 -24.27
CA VAL C 468 31.70 28.87 -24.79
C VAL C 468 30.54 27.92 -24.99
N LYS C 469 30.48 27.30 -26.18
CA LYS C 469 29.45 26.33 -26.51
C LYS C 469 29.80 24.92 -26.07
N ALA C 470 31.06 24.65 -25.76
CA ALA C 470 31.50 23.31 -25.32
C ALA C 470 31.02 23.09 -23.89
N SER C 471 29.76 22.68 -23.76
CA SER C 471 29.14 22.60 -22.45
C SER C 471 29.82 21.55 -21.57
N SER C 472 30.23 20.42 -22.15
CA SER C 472 30.82 19.36 -21.34
C SER C 472 32.15 19.81 -20.74
N VAL C 473 32.95 20.53 -21.51
CA VAL C 473 34.22 21.04 -20.98
C VAL C 473 33.97 22.13 -19.96
N VAL C 474 32.99 23.01 -20.22
CA VAL C 474 32.67 24.07 -19.28
C VAL C 474 32.19 23.48 -17.96
N ALA C 475 31.33 22.47 -18.02
CA ALA C 475 30.79 21.89 -16.79
C ALA C 475 31.90 21.25 -15.96
N SER C 476 32.88 20.63 -16.62
CA SER C 476 34.00 20.06 -15.89
C SER C 476 34.82 21.14 -15.20
N LEU C 477 34.98 22.29 -15.84
CA LEU C 477 35.69 23.40 -15.21
C LEU C 477 34.96 23.87 -13.97
N PHE C 478 33.63 23.94 -14.03
CA PHE C 478 32.86 24.36 -12.85
C PHE C 478 33.04 23.38 -11.71
N LEU C 479 32.87 22.08 -11.97
CA LEU C 479 33.02 21.08 -10.92
C LEU C 479 34.41 21.11 -10.32
N LYS C 480 35.43 21.38 -11.14
CA LYS C 480 36.79 21.43 -10.64
C LYS C 480 36.99 22.49 -9.57
N GLU C 481 36.13 23.51 -9.52
CA GLU C 481 36.26 24.57 -8.53
C GLU C 481 35.90 24.09 -7.12
N PHE C 482 35.43 22.85 -6.97
CA PHE C 482 35.01 22.34 -5.67
C PHE C 482 35.86 21.15 -5.23
N ILE C 483 37.04 21.00 -5.81
CA ILE C 483 38.05 20.03 -5.38
C ILE C 483 39.34 20.81 -5.17
N GLU C 484 39.86 20.79 -3.94
CA GLU C 484 41.03 21.59 -3.63
C GLU C 484 42.33 20.92 -4.07
N ASN C 485 42.55 19.67 -3.66
CA ASN C 485 43.74 18.96 -4.11
C ASN C 485 43.66 17.46 -3.87
N THR C 486 42.54 16.86 -4.23
CA THR C 486 42.41 15.41 -4.27
C THR C 486 42.32 14.96 -5.73
N PRO C 487 42.97 13.85 -6.10
CA PRO C 487 42.74 13.29 -7.44
C PRO C 487 41.25 13.08 -7.67
N TRP C 488 40.74 13.64 -8.78
CA TRP C 488 39.31 13.63 -9.04
C TRP C 488 39.07 13.38 -10.53
N ALA C 489 38.02 12.61 -10.82
CA ALA C 489 37.62 12.30 -12.18
C ALA C 489 36.11 12.43 -12.30
N HIS C 490 35.67 12.82 -13.50
CA HIS C 490 34.26 13.10 -13.76
C HIS C 490 33.86 12.37 -15.03
N ILE C 491 32.83 11.53 -14.94
CA ILE C 491 32.36 10.71 -16.05
C ILE C 491 30.98 11.21 -16.45
N ASP C 492 30.87 11.75 -17.66
CA ASP C 492 29.61 12.27 -18.19
C ASP C 492 28.93 11.19 -19.02
N ILE C 493 27.80 10.70 -18.53
CA ILE C 493 27.08 9.61 -19.19
C ILE C 493 25.76 10.11 -19.75
N ALA C 494 25.69 11.42 -20.08
CA ALA C 494 24.44 11.97 -20.59
C ALA C 494 24.03 11.33 -21.91
N GLY C 495 25.00 10.83 -22.68
CA GLY C 495 24.70 10.29 -23.99
C GLY C 495 24.49 8.79 -24.00
N VAL C 496 25.13 8.09 -23.06
CA VAL C 496 25.13 6.63 -23.08
C VAL C 496 24.15 6.02 -22.09
N SER C 497 23.65 6.78 -21.13
CA SER C 497 22.83 6.19 -20.07
C SER C 497 21.56 5.56 -20.65
N TRP C 498 20.85 6.29 -21.49
CA TRP C 498 19.55 5.86 -22.00
C TRP C 498 19.68 5.40 -23.44
N ASN C 499 19.11 4.24 -23.74
CA ASN C 499 19.07 3.71 -25.11
C ASN C 499 17.82 4.27 -25.77
N PHE C 500 18.00 5.27 -26.64
CA PHE C 500 16.85 5.93 -27.25
C PHE C 500 16.11 5.00 -28.21
N LYS C 501 16.85 4.15 -28.92
CA LYS C 501 16.20 3.27 -29.89
C LYS C 501 15.40 2.18 -29.20
N ALA C 502 15.96 1.56 -28.15
CA ALA C 502 15.28 0.50 -27.43
C ALA C 502 14.38 1.01 -26.31
N ARG C 503 14.45 2.31 -25.99
CA ARG C 503 13.53 2.94 -25.04
C ARG C 503 13.69 2.39 -23.62
N LYS C 504 14.93 2.13 -23.21
CA LYS C 504 15.20 1.54 -21.92
C LYS C 504 16.57 1.97 -21.45
N PRO C 505 16.83 1.90 -20.14
CA PRO C 505 18.15 2.27 -19.63
C PRO C 505 19.19 1.18 -19.89
N LYS C 506 20.45 1.59 -19.83
CA LYS C 506 21.57 0.68 -20.00
C LYS C 506 22.20 0.26 -18.69
N GLY C 507 21.91 0.94 -17.58
CA GLY C 507 22.65 0.70 -16.36
C GLY C 507 24.13 1.01 -16.50
N PHE C 508 24.47 1.97 -17.36
CA PHE C 508 25.86 2.27 -17.65
C PHE C 508 26.59 2.78 -16.41
N GLY C 509 27.79 2.24 -16.18
CA GLY C 509 28.67 2.72 -15.14
C GLY C 509 28.88 1.76 -13.97
N VAL C 510 27.91 0.87 -13.73
CA VAL C 510 28.01 -0.03 -12.58
C VAL C 510 29.28 -0.87 -12.68
N ARG C 511 29.49 -1.53 -13.82
CA ARG C 511 30.65 -2.41 -13.97
C ARG C 511 31.94 -1.61 -14.10
N LEU C 512 31.89 -0.44 -14.74
CA LEU C 512 33.07 0.41 -14.83
C LEU C 512 33.58 0.80 -13.44
N LEU C 513 32.67 1.28 -12.58
CA LEU C 513 33.09 1.71 -11.25
C LEU C 513 33.52 0.52 -10.41
N THR C 514 32.86 -0.63 -10.57
CA THR C 514 33.22 -1.80 -9.78
C THR C 514 34.61 -2.30 -10.15
N GLU C 515 34.93 -2.34 -11.45
CA GLU C 515 36.27 -2.73 -11.86
C GLU C 515 37.32 -1.76 -11.32
N PHE C 516 36.98 -0.46 -11.29
CA PHE C 516 37.91 0.53 -10.74
C PHE C 516 38.21 0.26 -9.28
N VAL C 517 37.20 -0.12 -8.50
CA VAL C 517 37.40 -0.37 -7.08
C VAL C 517 38.16 -1.69 -6.87
N LEU C 518 37.86 -2.71 -7.67
CA LEU C 518 38.45 -4.02 -7.44
C LEU C 518 39.92 -4.06 -7.83
N ASN C 519 40.28 -3.45 -8.97
CA ASN C 519 41.68 -3.41 -9.38
C ASN C 519 42.51 -2.51 -8.48
N ASP C 520 41.88 -1.73 -7.61
CA ASP C 520 42.59 -0.81 -6.72
C ASP C 520 42.71 -1.41 -5.31
N ALA D 2 47.73 32.61 -65.41
CA ALA D 2 46.80 33.72 -65.29
C ALA D 2 45.46 33.40 -65.94
N THR D 3 44.80 32.36 -65.44
CA THR D 3 43.47 32.01 -65.93
C THR D 3 42.49 33.15 -65.64
N THR D 4 41.66 33.47 -66.63
CA THR D 4 40.73 34.58 -66.48
C THR D 4 39.62 34.21 -65.49
N VAL D 5 39.31 35.15 -64.60
CA VAL D 5 38.28 34.94 -63.58
C VAL D 5 36.96 35.45 -64.15
N PRO D 6 35.91 34.62 -64.19
CA PRO D 6 34.62 35.11 -64.72
C PRO D 6 34.02 36.17 -63.81
N GLN D 7 33.32 37.10 -64.42
CA GLN D 7 32.73 38.24 -63.73
C GLN D 7 31.27 38.37 -64.13
N VAL D 8 30.47 38.91 -63.21
CA VAL D 8 29.11 39.30 -63.53
C VAL D 8 29.05 40.75 -63.98
N VAL D 9 29.72 41.64 -63.25
CA VAL D 9 29.88 43.03 -63.63
C VAL D 9 31.37 43.33 -63.70
N SER D 10 31.71 44.38 -64.46
CA SER D 10 33.10 44.74 -64.65
C SER D 10 33.79 45.10 -63.34
N LEU D 11 33.04 45.45 -62.30
CA LEU D 11 33.63 45.79 -61.02
C LEU D 11 34.02 44.57 -60.19
N ASP D 12 33.53 43.38 -60.56
CA ASP D 12 33.90 42.18 -59.83
C ASP D 12 35.41 42.00 -59.86
N PRO D 13 36.06 41.72 -58.72
CA PRO D 13 37.52 41.53 -58.74
C PRO D 13 37.91 40.24 -59.45
N THR D 14 39.17 40.23 -59.90
CA THR D 14 39.71 39.09 -60.64
C THR D 14 40.98 38.52 -60.02
N THR D 15 41.42 39.03 -58.87
CA THR D 15 42.58 38.48 -58.19
C THR D 15 42.35 38.58 -56.68
N ILE D 16 43.12 37.79 -55.93
CA ILE D 16 43.16 37.89 -54.48
C ILE D 16 44.34 38.79 -54.10
N PRO D 17 44.10 39.96 -53.53
CA PRO D 17 45.23 40.76 -53.05
C PRO D 17 45.98 40.03 -51.95
N ILE D 18 47.29 39.90 -52.13
CA ILE D 18 48.14 39.15 -51.20
C ILE D 18 49.38 39.97 -50.90
N ASP D 19 49.69 40.13 -49.62
CA ASP D 19 50.89 40.84 -49.19
C ASP D 19 52.02 39.83 -49.05
N TYR D 20 52.94 39.83 -50.02
CA TYR D 20 54.11 38.96 -49.96
C TYR D 20 55.24 39.56 -49.13
N HIS D 21 55.07 40.78 -48.63
CA HIS D 21 56.06 41.47 -47.82
C HIS D 21 55.35 42.05 -46.61
N THR D 22 55.87 41.76 -45.41
CA THR D 22 55.27 42.27 -44.19
C THR D 22 56.30 43.11 -43.44
N PRO D 23 55.88 43.90 -42.43
CA PRO D 23 56.87 44.64 -41.63
C PRO D 23 57.91 43.75 -40.97
N ILE D 24 57.63 42.46 -40.81
CA ILE D 24 58.62 41.57 -40.21
C ILE D 24 59.82 41.36 -41.12
N ASP D 25 59.66 41.56 -42.42
CA ASP D 25 60.77 41.43 -43.35
C ASP D 25 61.76 42.59 -43.24
N ASP D 26 61.36 43.68 -42.58
CA ASP D 26 62.24 44.83 -42.36
C ASP D 26 62.65 44.95 -40.90
N LEU D 27 62.35 43.96 -40.07
CA LEU D 27 62.65 44.00 -38.64
C LEU D 27 63.89 43.19 -38.35
N SER D 28 64.84 43.78 -37.64
CA SER D 28 65.99 43.05 -37.14
C SER D 28 65.61 42.31 -35.86
N ILE D 29 66.02 41.05 -35.77
CA ILE D 29 65.73 40.22 -34.61
C ILE D 29 67.05 39.68 -34.08
N GLU D 30 67.33 39.93 -32.80
CA GLU D 30 68.56 39.51 -32.17
C GLU D 30 68.24 38.95 -30.79
N VAL D 31 68.81 37.80 -30.47
CA VAL D 31 68.70 37.21 -29.14
C VAL D 31 70.00 37.50 -28.39
N LYS D 32 69.88 38.04 -27.18
CA LYS D 32 71.03 38.44 -26.38
C LYS D 32 70.90 37.87 -24.98
N ASP D 33 72.04 37.60 -24.36
CA ASP D 33 72.04 37.05 -23.01
C ASP D 33 71.53 38.10 -22.02
N ILE D 34 70.68 37.64 -21.10
CA ILE D 34 69.98 38.57 -20.22
C ILE D 34 70.93 39.27 -19.26
N SER D 35 72.03 38.61 -18.89
CA SER D 35 73.00 39.17 -17.95
C SER D 35 74.30 39.62 -18.60
N ALA D 36 74.80 38.88 -19.59
CA ALA D 36 76.07 39.21 -20.23
C ALA D 36 75.91 40.20 -21.37
N GLU D 37 74.69 40.40 -21.87
CA GLU D 37 74.38 41.41 -22.88
C GLU D 37 73.13 42.17 -22.46
N ALA D 38 73.13 42.68 -21.23
CA ALA D 38 71.94 43.27 -20.64
C ALA D 38 71.38 44.36 -21.54
N CYS D 39 70.07 44.57 -21.43
CA CYS D 39 69.42 45.61 -22.22
C CYS D 39 69.96 46.98 -21.84
N PRO D 40 70.23 47.86 -22.81
CA PRO D 40 70.78 49.17 -22.47
C PRO D 40 69.75 50.23 -22.13
N ALA D 41 68.46 49.99 -22.37
CA ALA D 41 67.43 51.01 -22.18
C ALA D 41 67.78 52.25 -23.00
N ASP D 42 68.33 52.04 -24.19
CA ASP D 42 68.77 53.14 -25.04
C ASP D 42 67.58 53.96 -25.51
N GLU D 43 66.69 53.34 -26.29
CA GLU D 43 65.53 54.02 -26.84
C GLU D 43 64.38 53.03 -26.94
N GLY D 44 63.23 53.51 -27.41
CA GLY D 44 62.12 52.63 -27.70
C GLY D 44 61.47 52.09 -26.44
N LEU D 45 61.10 50.81 -26.49
CA LEU D 45 60.30 50.18 -25.46
C LEU D 45 61.06 49.00 -24.85
N ILE D 46 61.05 48.92 -23.52
CA ILE D 46 61.64 47.80 -22.79
C ILE D 46 60.52 47.15 -21.99
N VAL D 47 60.21 45.90 -22.32
CA VAL D 47 59.10 45.16 -21.73
C VAL D 47 59.67 44.02 -20.89
N PHE D 48 59.28 43.99 -19.61
CA PHE D 48 59.65 42.90 -18.70
C PHE D 48 58.49 41.91 -18.65
N LEU D 49 58.78 40.65 -18.99
CA LEU D 49 57.81 39.57 -18.87
C LEU D 49 58.03 38.89 -17.52
N LEU D 50 57.05 39.01 -16.62
CA LEU D 50 57.22 38.60 -15.23
C LEU D 50 56.08 37.71 -14.78
N ASN D 51 56.39 36.83 -13.83
CA ASN D 51 55.41 35.93 -13.23
C ASN D 51 54.74 36.60 -12.02
N SER D 52 53.72 35.94 -11.50
CA SER D 52 52.94 36.51 -10.41
C SER D 52 53.77 36.65 -9.15
N GLN D 53 53.74 37.84 -8.55
CA GLN D 53 54.38 38.10 -7.26
C GLN D 53 55.89 37.90 -7.29
N ILE D 54 56.51 38.16 -8.44
CA ILE D 54 57.96 38.04 -8.60
C ILE D 54 58.51 39.41 -8.98
N LYS D 55 59.61 39.79 -8.35
CA LYS D 55 60.22 41.08 -8.61
C LYS D 55 61.15 40.99 -9.84
N ILE D 56 61.47 42.15 -10.40
CA ILE D 56 62.43 42.22 -11.48
C ILE D 56 63.82 41.87 -10.93
N ASN D 57 64.52 40.95 -11.61
CA ASN D 57 65.87 40.56 -11.22
C ASN D 57 66.91 40.92 -12.26
N SER D 58 66.53 41.24 -13.49
CA SER D 58 67.48 41.62 -14.51
C SER D 58 67.98 43.05 -14.24
N SER D 59 68.88 43.52 -15.10
CA SER D 59 69.44 44.85 -15.00
C SER D 59 69.50 45.48 -16.38
N VAL D 60 69.46 46.81 -16.42
CA VAL D 60 69.66 47.57 -17.64
C VAL D 60 70.94 48.38 -17.48
N LYS D 61 71.63 48.61 -18.60
CA LYS D 61 72.92 49.30 -18.56
C LYS D 61 72.75 50.78 -18.24
N ASP D 62 71.62 51.37 -18.61
CA ASP D 62 71.35 52.75 -18.23
C ASP D 62 71.22 52.87 -16.72
N ASN D 63 72.02 53.77 -16.13
CA ASN D 63 72.05 53.88 -14.68
C ASN D 63 70.82 54.57 -14.10
N THR D 64 70.26 55.54 -14.81
CA THR D 64 69.06 56.22 -14.31
C THR D 64 67.90 55.24 -14.18
N ILE D 65 67.63 54.48 -15.25
CA ILE D 65 66.51 53.54 -15.20
C ILE D 65 66.84 52.36 -14.30
N ASN D 66 68.07 51.85 -14.38
CA ASN D 66 68.44 50.72 -13.53
C ASN D 66 68.28 51.07 -12.06
N GLU D 67 68.58 52.31 -11.69
CA GLU D 67 68.36 52.75 -10.31
C GLU D 67 66.87 52.81 -9.99
N PHE D 68 66.05 53.20 -10.97
CA PHE D 68 64.61 53.19 -10.76
C PHE D 68 64.09 51.77 -10.53
N LEU D 69 64.57 50.82 -11.33
CA LEU D 69 64.12 49.44 -11.17
C LEU D 69 64.48 48.88 -9.80
N LYS D 70 65.60 49.31 -9.24
CA LYS D 70 66.06 48.75 -7.97
C LYS D 70 65.11 49.11 -6.82
N GLU D 71 64.42 50.24 -6.92
CA GLU D 71 63.46 50.61 -5.87
C GLU D 71 62.37 49.55 -5.71
N GLY D 72 62.12 48.76 -6.75
CA GLY D 72 61.20 47.63 -6.62
C GLY D 72 59.76 48.00 -6.40
N ASN D 73 59.32 49.15 -6.90
CA ASN D 73 57.93 49.60 -6.77
C ASN D 73 57.29 49.57 -8.16
N MET D 74 56.54 48.51 -8.44
CA MET D 74 55.76 48.39 -9.66
C MET D 74 54.30 48.79 -9.45
N GLU D 75 54.02 49.57 -8.40
CA GLU D 75 52.68 50.06 -8.08
C GLU D 75 51.77 48.86 -7.87
N ASN D 76 50.73 48.67 -8.69
CA ASN D 76 49.77 47.60 -8.47
C ASN D 76 49.88 46.48 -9.50
N PHE D 77 50.89 46.51 -10.36
CA PHE D 77 51.16 45.38 -11.23
C PHE D 77 51.57 44.18 -10.39
N THR D 78 50.82 43.08 -10.51
CA THR D 78 51.05 41.89 -9.70
C THR D 78 51.62 40.72 -10.49
N GLY D 79 51.67 40.82 -11.81
CA GLY D 79 52.14 39.74 -12.65
C GLY D 79 51.04 38.82 -13.15
N LYS D 80 49.78 39.08 -12.82
CA LYS D 80 48.69 38.23 -13.27
C LYS D 80 48.63 38.21 -14.80
N LEU D 81 48.29 37.04 -15.34
CA LEU D 81 48.31 36.84 -16.78
C LEU D 81 47.50 37.90 -17.51
N GLY D 82 48.09 38.45 -18.57
CA GLY D 82 47.42 39.40 -19.41
C GLY D 82 47.50 40.84 -18.97
N THR D 83 47.72 41.11 -17.68
CA THR D 83 47.80 42.47 -17.20
C THR D 83 49.07 43.14 -17.73
N SER D 84 49.09 44.47 -17.63
CA SER D 84 50.25 45.22 -18.09
C SER D 84 50.23 46.62 -17.50
N LYS D 85 51.42 47.20 -17.36
CA LYS D 85 51.60 48.58 -16.91
C LYS D 85 52.74 49.17 -17.71
N SER D 86 52.52 50.34 -18.31
CA SER D 86 53.52 50.98 -19.16
C SER D 86 53.54 52.48 -18.88
N PHE D 87 54.70 53.08 -19.08
CA PHE D 87 54.89 54.49 -18.82
C PHE D 87 56.17 54.94 -19.50
N TYR D 88 56.39 56.26 -19.54
CA TYR D 88 57.57 56.85 -20.12
C TYR D 88 58.44 57.46 -19.01
N ILE D 89 59.75 57.29 -19.15
CA ILE D 89 60.71 57.72 -18.13
C ILE D 89 62.00 58.10 -18.82
N ALA D 90 62.73 59.04 -18.21
CA ALA D 90 63.94 59.59 -18.80
C ALA D 90 65.15 58.74 -18.41
N ASN D 91 66.05 58.54 -19.37
CA ASN D 91 67.24 57.73 -19.18
C ASN D 91 68.47 58.63 -18.98
N ASP D 92 69.67 58.07 -19.17
CA ASP D 92 70.88 58.83 -18.89
C ASP D 92 71.14 59.93 -19.91
N GLN D 93 70.53 59.86 -21.09
CA GLN D 93 70.73 60.87 -22.13
CA GLN D 93 70.72 60.86 -22.14
C GLN D 93 69.53 61.80 -22.27
N LYS D 94 68.72 61.93 -21.22
CA LYS D 94 67.58 62.84 -21.17
C LYS D 94 66.50 62.49 -22.19
N LYS D 95 66.57 61.32 -22.80
CA LYS D 95 65.56 60.87 -23.75
C LYS D 95 64.52 60.01 -23.02
N TYR D 96 63.25 60.19 -23.40
CA TYR D 96 62.18 59.49 -22.72
C TYR D 96 62.01 58.09 -23.29
N VAL D 97 62.14 57.09 -22.42
CA VAL D 97 62.03 55.69 -22.77
C VAL D 97 60.73 55.15 -22.20
N SER D 98 60.17 54.16 -22.88
CA SER D 98 58.95 53.50 -22.42
C SER D 98 59.31 52.18 -21.75
N LEU D 99 58.96 52.06 -20.48
CA LEU D 99 59.10 50.81 -19.74
C LEU D 99 57.72 50.16 -19.58
N ALA D 100 57.72 48.84 -19.44
CA ALA D 100 56.46 48.13 -19.33
C ALA D 100 56.68 46.79 -18.64
N TYR D 101 55.68 46.38 -17.86
CA TYR D 101 55.63 45.05 -17.26
C TYR D 101 54.40 44.33 -17.83
N VAL D 102 54.59 43.08 -18.24
CA VAL D 102 53.51 42.24 -18.73
C VAL D 102 53.47 40.97 -17.89
N GLY D 103 52.30 40.66 -17.32
CA GLY D 103 52.17 39.47 -16.49
C GLY D 103 52.02 38.21 -17.31
N CYS D 104 52.69 37.15 -16.85
CA CYS D 104 52.66 35.86 -17.53
C CYS D 104 52.04 34.77 -16.66
N GLY D 105 51.41 35.13 -15.54
CA GLY D 105 50.79 34.16 -14.67
C GLY D 105 51.79 33.51 -13.72
N PRO D 106 51.33 32.50 -12.98
CA PRO D 106 52.23 31.81 -12.05
C PRO D 106 53.44 31.22 -12.77
N ALA D 107 54.54 31.10 -12.03
CA ALA D 107 55.78 30.63 -12.62
C ALA D 107 55.72 29.14 -12.92
N ASN D 108 56.31 28.75 -14.04
CA ASN D 108 56.45 27.36 -14.48
C ASN D 108 55.14 26.74 -14.93
N GLU D 109 54.09 27.54 -15.14
CA GLU D 109 52.81 27.02 -15.62
C GLU D 109 52.44 27.58 -16.99
N GLU D 110 53.40 28.16 -17.71
CA GLU D 110 53.10 28.80 -18.98
C GLU D 110 52.89 27.75 -20.06
N THR D 111 51.82 27.92 -20.84
CA THR D 111 51.54 27.07 -21.99
C THR D 111 51.24 27.95 -23.20
N GLU D 112 50.86 27.34 -24.32
CA GLU D 112 50.48 28.14 -25.49
C GLU D 112 49.40 29.15 -25.14
N LEU D 113 48.55 28.84 -24.15
CA LEU D 113 47.51 29.77 -23.74
C LEU D 113 48.10 31.03 -23.13
N GLU D 114 48.93 30.87 -22.09
CA GLU D 114 49.55 32.02 -21.46
C GLU D 114 50.36 32.83 -22.46
N ILE D 115 51.11 32.16 -23.34
CA ILE D 115 51.96 32.86 -24.29
C ILE D 115 51.13 33.72 -25.23
N ARG D 116 50.03 33.18 -25.74
CA ARG D 116 49.17 33.96 -26.61
C ARG D 116 48.65 35.21 -25.90
N LYS D 117 48.32 35.08 -24.60
CA LYS D 117 47.81 36.21 -23.86
C LYS D 117 48.90 37.25 -23.62
N VAL D 118 50.12 36.80 -23.32
CA VAL D 118 51.22 37.73 -23.11
C VAL D 118 51.52 38.49 -24.40
N ALA D 119 51.59 37.76 -25.52
CA ALA D 119 51.88 38.40 -26.80
C ALA D 119 50.79 39.39 -27.17
N TYR D 120 49.53 39.06 -26.88
CA TYR D 120 48.44 39.98 -27.18
C TYR D 120 48.52 41.25 -26.33
N ALA D 121 48.80 41.10 -25.04
CA ALA D 121 48.91 42.27 -24.18
C ALA D 121 50.09 43.15 -24.59
N LEU D 122 51.18 42.54 -25.04
CA LEU D 122 52.34 43.31 -25.48
C LEU D 122 52.05 44.05 -26.77
N VAL D 123 51.37 43.41 -27.73
CA VAL D 123 51.07 44.07 -28.98
C VAL D 123 50.08 45.22 -28.76
N THR D 124 49.28 45.16 -27.71
CA THR D 124 48.43 46.30 -27.36
C THR D 124 49.27 47.54 -27.14
N LEU D 125 50.43 47.39 -26.50
CA LEU D 125 51.31 48.52 -26.28
C LEU D 125 51.94 49.01 -27.59
N LEU D 126 52.27 48.07 -28.49
CA LEU D 126 52.91 48.47 -29.74
C LEU D 126 51.93 49.23 -30.64
N HIS D 127 50.69 48.74 -30.76
CA HIS D 127 49.70 49.43 -31.56
C HIS D 127 49.34 50.79 -31.00
N ASP D 128 49.57 51.03 -29.71
CA ASP D 128 49.38 52.33 -29.10
C ASP D 128 50.66 53.18 -29.14
N SER D 129 51.63 52.81 -29.97
CA SER D 129 52.92 53.48 -30.00
C SER D 129 53.46 53.43 -31.42
N LYS D 130 54.63 54.04 -31.62
CA LYS D 130 55.36 53.98 -32.88
C LYS D 130 56.85 53.93 -32.61
N HIS D 131 57.25 53.00 -31.73
CA HIS D 131 58.66 52.81 -31.44
C HIS D 131 59.39 52.23 -32.64
N LYS D 132 60.69 52.53 -32.74
CA LYS D 132 61.57 51.92 -33.74
C LYS D 132 62.32 50.73 -33.19
N LYS D 133 62.55 50.67 -31.88
CA LYS D 133 63.25 49.56 -31.25
C LYS D 133 62.40 49.04 -30.08
N VAL D 134 62.37 47.71 -29.94
CA VAL D 134 61.66 47.06 -28.85
C VAL D 134 62.61 46.03 -28.23
N SER D 135 62.63 45.98 -26.91
CA SER D 135 63.45 45.02 -26.17
C SER D 135 62.55 44.27 -25.20
N ILE D 136 62.50 42.95 -25.35
CA ILE D 136 61.68 42.09 -24.51
C ILE D 136 62.63 41.31 -23.60
N ILE D 137 62.41 41.45 -22.28
CA ILE D 137 63.27 40.86 -21.28
C ILE D 137 62.52 39.68 -20.68
N PHE D 138 62.95 38.47 -21.00
CA PHE D 138 62.28 37.23 -20.61
C PHE D 138 62.75 36.83 -19.22
N GLU D 139 62.01 37.25 -18.20
CA GLU D 139 62.27 36.80 -16.83
C GLU D 139 61.42 35.60 -16.46
N ILE D 140 61.18 34.71 -17.43
CA ILE D 140 60.37 33.53 -17.25
C ILE D 140 61.12 32.32 -17.79
N LYS D 141 60.71 31.14 -17.33
CA LYS D 141 61.22 29.88 -17.84
C LYS D 141 60.35 29.44 -19.03
N ILE D 142 60.97 29.26 -20.19
CA ILE D 142 60.22 28.99 -21.42
C ILE D 142 61.08 28.11 -22.33
N GLU D 143 60.46 27.06 -22.87
CA GLU D 143 61.14 26.13 -23.75
C GLU D 143 61.31 26.75 -25.14
N GLU D 144 62.26 26.18 -25.90
CA GLU D 144 62.64 26.79 -27.18
C GLU D 144 61.46 26.86 -28.15
N ALA D 145 60.74 25.74 -28.32
CA ALA D 145 59.61 25.75 -29.25
C ALA D 145 58.54 26.73 -28.81
N LEU D 146 58.33 26.86 -27.49
CA LEU D 146 57.35 27.82 -27.00
C LEU D 146 57.85 29.25 -27.13
N PHE D 147 59.17 29.44 -27.03
CA PHE D 147 59.75 30.75 -27.29
C PHE D 147 59.56 31.16 -28.75
N ARG D 148 59.77 30.23 -29.67
CA ARG D 148 59.50 30.52 -31.08
C ARG D 148 58.03 30.85 -31.29
N PHE D 149 57.14 30.10 -30.63
CA PHE D 149 55.71 30.35 -30.75
C PHE D 149 55.36 31.76 -30.29
N PHE D 150 55.96 32.20 -29.18
CA PHE D 150 55.71 33.55 -28.71
C PHE D 150 56.00 34.59 -29.78
N LEU D 151 57.09 34.41 -30.53
CA LEU D 151 57.42 35.35 -31.59
C LEU D 151 56.43 35.24 -32.74
N GLU D 152 56.08 34.01 -33.13
CA GLU D 152 55.12 33.82 -34.21
C GLU D 152 53.80 34.51 -33.89
N HIS D 153 53.31 34.36 -32.67
CA HIS D 153 52.02 34.96 -32.32
C HIS D 153 52.15 36.46 -32.13
N LEU D 154 53.28 36.91 -31.59
CA LEU D 154 53.53 38.35 -31.49
C LEU D 154 53.34 39.03 -32.84
N PHE D 155 54.03 38.52 -33.86
CA PHE D 155 53.88 39.07 -35.19
C PHE D 155 52.45 38.93 -35.69
N TYR D 156 51.81 37.79 -35.38
CA TYR D 156 50.45 37.54 -35.84
C TYR D 156 49.50 38.64 -35.36
N GLU D 157 49.61 39.04 -34.10
CA GLU D 157 48.77 40.11 -33.58
C GLU D 157 49.24 41.49 -34.03
N TYR D 158 50.51 41.63 -34.43
CA TYR D 158 51.05 42.95 -34.73
C TYR D 158 50.70 43.40 -36.14
N VAL D 159 50.83 42.51 -37.12
CA VAL D 159 50.61 42.86 -38.51
C VAL D 159 49.12 42.81 -38.81
N THR D 160 48.54 43.96 -39.17
CA THR D 160 47.11 44.08 -39.44
C THR D 160 46.84 43.95 -40.92
N ASP D 161 45.64 43.49 -41.25
CA ASP D 161 45.22 43.27 -42.63
C ASP D 161 44.47 44.51 -43.11
N GLU D 162 45.08 45.23 -44.07
CA GLU D 162 44.53 46.48 -44.57
C GLU D 162 44.08 46.37 -46.02
N ARG D 163 44.12 45.17 -46.60
CA ARG D 163 43.91 45.03 -48.04
C ARG D 163 42.58 45.62 -48.50
N PHE D 164 41.56 45.57 -47.65
CA PHE D 164 40.20 45.96 -48.05
C PHE D 164 39.74 47.27 -47.43
N LYS D 165 40.65 48.01 -46.80
CA LYS D 165 40.35 49.37 -46.34
C LYS D 165 40.59 50.34 -47.48
N SER D 166 39.69 51.33 -47.60
CA SER D 166 39.85 52.33 -48.65
C SER D 166 40.97 53.31 -48.35
N ALA D 167 41.44 53.36 -47.11
CA ALA D 167 42.54 54.24 -46.72
C ALA D 167 43.82 53.84 -47.45
N THR D 173 58.35 51.68 -42.50
CA THR D 173 57.55 52.86 -42.80
C THR D 173 57.00 53.47 -41.51
N ASP D 174 56.09 52.76 -40.87
CA ASP D 174 55.44 53.21 -39.65
C ASP D 174 55.47 52.13 -38.58
N PHE D 175 56.48 51.26 -38.61
CA PHE D 175 56.51 50.07 -37.78
C PHE D 175 57.89 49.87 -37.17
N ILE D 176 58.00 48.88 -36.28
CA ILE D 176 59.23 48.61 -35.57
C ILE D 176 60.31 48.13 -36.54
N LYS D 177 61.56 48.46 -36.23
CA LYS D 177 62.69 48.09 -37.07
C LYS D 177 63.75 47.25 -36.36
N ASN D 178 63.78 47.25 -35.03
CA ASN D 178 64.76 46.48 -34.28
C ASN D 178 64.08 45.84 -33.09
N LEU D 179 64.23 44.53 -32.95
CA LEU D 179 63.67 43.77 -31.84
C LEU D 179 64.80 42.99 -31.18
N SER D 180 64.97 43.21 -29.88
CA SER D 180 65.99 42.53 -29.09
C SER D 180 65.30 41.64 -28.06
N LEU D 181 65.78 40.41 -27.93
CA LEU D 181 65.20 39.41 -27.04
C LEU D 181 66.26 39.02 -26.01
N HIS D 182 66.06 39.42 -24.76
CA HIS D 182 67.01 39.18 -23.68
C HIS D 182 66.51 38.03 -22.82
N ILE D 183 67.28 36.94 -22.81
CA ILE D 183 66.88 35.70 -22.14
C ILE D 183 68.13 34.97 -21.69
N ALA D 184 68.00 34.23 -20.59
CA ALA D 184 69.11 33.43 -20.08
C ALA D 184 69.43 32.30 -21.05
N ASN D 185 70.72 31.99 -21.19
CA ASN D 185 71.19 30.97 -22.12
C ASN D 185 70.62 31.23 -23.52
N ALA D 186 70.98 32.41 -24.05
CA ALA D 186 70.38 32.87 -25.29
C ALA D 186 70.80 32.02 -26.49
N ASP D 187 71.99 31.41 -26.45
CA ASP D 187 72.48 30.68 -27.60
C ASP D 187 71.55 29.53 -27.99
N ALA D 188 70.82 28.97 -27.02
CA ALA D 188 69.92 27.87 -27.31
C ALA D 188 68.68 28.29 -28.08
N TYR D 189 68.39 29.60 -28.15
CA TYR D 189 67.18 30.09 -28.79
C TYR D 189 67.43 30.73 -30.15
N LYS D 190 68.68 30.94 -30.54
CA LYS D 190 68.97 31.64 -31.78
C LYS D 190 68.52 30.84 -33.00
N GLY D 191 68.55 29.51 -32.93
CA GLY D 191 68.11 28.70 -34.05
C GLY D 191 66.65 28.85 -34.38
N GLN D 192 65.85 29.39 -33.45
CA GLN D 192 64.41 29.48 -33.65
C GLN D 192 64.00 30.69 -34.47
N ILE D 193 64.85 31.73 -34.55
CA ILE D 193 64.42 33.00 -35.11
C ILE D 193 64.01 32.82 -36.58
N ASP D 194 64.92 32.33 -37.42
CA ASP D 194 64.59 32.17 -38.83
C ASP D 194 63.38 31.26 -38.99
N LYS D 195 63.27 30.23 -38.16
CA LYS D 195 62.09 29.37 -38.22
C LYS D 195 60.82 30.16 -37.89
N ALA D 196 60.89 31.03 -36.88
CA ALA D 196 59.75 31.88 -36.56
C ALA D 196 59.37 32.77 -37.74
N ARG D 197 60.36 33.29 -38.47
CA ARG D 197 60.06 34.13 -39.62
C ARG D 197 59.26 33.37 -40.67
N VAL D 198 59.65 32.12 -40.95
CA VAL D 198 58.98 31.34 -41.98
C VAL D 198 57.62 30.86 -41.48
N TYR D 199 57.58 30.32 -40.26
CA TYR D 199 56.32 29.84 -39.71
C TYR D 199 55.30 30.96 -39.62
N PHE D 200 55.74 32.17 -39.24
CA PHE D 200 54.81 33.29 -39.15
C PHE D 200 54.17 33.58 -40.50
N TYR D 201 55.00 33.77 -41.54
CA TYR D 201 54.43 34.15 -42.83
C TYR D 201 53.56 33.03 -43.40
N GLY D 202 53.89 31.77 -43.13
CA GLY D 202 53.01 30.69 -43.54
C GLY D 202 51.63 30.84 -42.91
N THR D 203 51.59 31.13 -41.61
CA THR D 203 50.32 31.40 -40.96
C THR D 203 49.70 32.69 -41.49
N TYR D 204 50.51 33.74 -41.63
CA TYR D 204 50.01 35.01 -42.18
C TYR D 204 49.44 34.82 -43.58
N TYR D 205 50.09 33.99 -44.39
CA TYR D 205 49.61 33.76 -45.76
C TYR D 205 48.28 33.01 -45.74
N ALA D 206 48.16 31.97 -44.92
CA ALA D 206 46.90 31.24 -44.82
C ALA D 206 45.78 32.15 -44.33
N ALA D 207 46.08 33.02 -43.36
CA ALA D 207 45.05 33.91 -42.84
C ALA D 207 44.58 34.91 -43.88
N GLN D 208 45.45 35.28 -44.83
CA GLN D 208 45.04 36.24 -45.86
C GLN D 208 44.09 35.60 -46.86
N LEU D 209 44.30 34.33 -47.18
CA LEU D 209 43.38 33.64 -48.08
C LEU D 209 42.02 33.43 -47.41
N ILE D 210 42.03 33.08 -46.13
CA ILE D 210 40.77 32.85 -45.42
C ILE D 210 40.00 34.15 -45.25
N ALA D 211 40.68 35.22 -44.86
CA ALA D 211 40.01 36.49 -44.63
C ALA D 211 39.50 37.13 -45.92
N ALA D 212 40.08 36.77 -47.06
CA ALA D 212 39.62 37.34 -48.33
C ALA D 212 38.15 36.97 -48.55
N PRO D 213 37.30 37.94 -48.87
CA PRO D 213 35.89 37.61 -49.12
C PRO D 213 35.72 36.76 -50.38
N SER D 214 34.58 36.08 -50.44
CA SER D 214 34.35 35.09 -51.48
C SER D 214 34.23 35.70 -52.88
N ASN D 215 33.89 36.98 -52.98
CA ASN D 215 33.90 37.61 -54.31
C ASN D 215 35.31 37.87 -54.80
N TYR D 216 36.30 37.84 -53.91
CA TYR D 216 37.71 37.93 -54.29
C TYR D 216 38.33 36.55 -54.43
N CYS D 217 38.06 35.65 -53.48
CA CYS D 217 38.67 34.32 -53.42
C CYS D 217 37.63 33.31 -53.90
N ASN D 218 37.69 32.98 -55.18
CA ASN D 218 36.83 31.96 -55.79
C ASN D 218 37.71 30.83 -56.31
N PRO D 219 37.14 29.71 -56.75
CA PRO D 219 37.98 28.59 -57.19
C PRO D 219 39.03 28.97 -58.23
N VAL D 220 38.71 29.89 -59.13
CA VAL D 220 39.67 30.27 -60.16
C VAL D 220 40.78 31.13 -59.56
N SER D 221 40.41 32.20 -58.85
CA SER D 221 41.41 33.11 -58.30
C SER D 221 42.28 32.44 -57.25
N LEU D 222 41.73 31.49 -56.49
CA LEU D 222 42.53 30.82 -55.48
C LEU D 222 43.52 29.84 -56.12
N SER D 223 43.10 29.16 -57.19
CA SER D 223 44.03 28.30 -57.90
C SER D 223 45.11 29.12 -58.60
N ASN D 224 44.75 30.30 -59.11
CA ASN D 224 45.76 31.21 -59.64
C ASN D 224 46.78 31.57 -58.56
N ALA D 225 46.31 31.83 -57.34
CA ALA D 225 47.23 32.16 -56.25
C ALA D 225 48.15 30.98 -55.94
N ALA D 226 47.61 29.75 -56.02
CA ALA D 226 48.43 28.58 -55.76
C ALA D 226 49.53 28.43 -56.81
N VAL D 227 49.21 28.74 -58.07
CA VAL D 227 50.21 28.72 -59.13
C VAL D 227 51.33 29.72 -58.79
N GLU D 228 50.96 30.95 -58.46
CA GLU D 228 51.95 31.97 -58.13
C GLU D 228 52.80 31.53 -56.95
N LEU D 229 52.16 31.01 -55.89
CA LEU D 229 52.91 30.53 -54.73
C LEU D 229 53.93 29.47 -55.15
N ALA D 230 53.50 28.48 -55.91
CA ALA D 230 54.41 27.41 -56.32
C ALA D 230 55.61 27.96 -57.07
N GLN D 231 55.42 29.04 -57.84
CA GLN D 231 56.54 29.65 -58.55
C GLN D 231 57.48 30.38 -57.59
N LYS D 232 56.95 30.98 -56.53
CA LYS D 232 57.76 31.79 -55.64
C LYS D 232 58.59 30.97 -54.67
N VAL D 233 58.21 29.72 -54.39
CA VAL D 233 58.98 28.85 -53.52
C VAL D 233 59.39 27.57 -54.23
N ASN D 234 59.37 27.57 -55.56
CA ASN D 234 59.87 26.48 -56.38
C ASN D 234 59.24 25.14 -55.98
N LEU D 235 57.97 25.00 -56.36
CA LEU D 235 57.24 23.75 -56.21
C LEU D 235 56.64 23.38 -57.55
N GLU D 236 56.58 22.08 -57.83
CA GLU D 236 55.82 21.62 -58.98
C GLU D 236 54.35 21.94 -58.76
N CYS D 237 53.68 22.38 -59.82
CA CYS D 237 52.29 22.81 -59.75
C CYS D 237 51.50 22.19 -60.88
N LYS D 238 50.25 21.84 -60.59
CA LYS D 238 49.35 21.30 -61.60
C LYS D 238 47.92 21.56 -61.14
N ILE D 239 47.13 22.15 -62.02
CA ILE D 239 45.73 22.49 -61.75
C ILE D 239 44.89 21.66 -62.70
N LEU D 240 44.14 20.70 -62.16
CA LEU D 240 43.22 19.90 -62.96
C LEU D 240 41.95 20.68 -63.24
N ASP D 241 41.44 20.56 -64.46
CA ASP D 241 40.24 21.26 -64.90
C ASP D 241 39.07 20.28 -65.01
N VAL D 242 37.89 20.82 -65.32
CA VAL D 242 36.67 20.03 -65.30
C VAL D 242 36.80 18.78 -66.17
N LYS D 243 37.32 18.94 -67.39
CA LYS D 243 37.36 17.82 -68.31
C LYS D 243 38.20 16.68 -67.74
N GLU D 244 39.39 16.99 -67.22
CA GLU D 244 40.21 15.94 -66.62
C GLU D 244 39.54 15.36 -65.39
N LEU D 245 38.83 16.19 -64.62
CA LEU D 245 38.12 15.69 -63.46
C LEU D 245 36.98 14.76 -63.86
N GLU D 246 36.32 15.07 -64.99
CA GLU D 246 35.31 14.14 -65.52
C GLU D 246 35.94 12.83 -65.96
N GLU D 247 37.12 12.90 -66.61
CA GLU D 247 37.80 11.69 -67.02
C GLU D 247 38.17 10.83 -65.81
N LEU D 248 38.56 11.46 -64.71
CA LEU D 248 38.86 10.75 -63.49
C LEU D 248 37.60 10.37 -62.71
N LYS D 249 36.42 10.75 -63.21
CA LYS D 249 35.15 10.29 -62.66
C LYS D 249 34.94 10.78 -61.22
N MET D 250 35.36 12.02 -60.95
CA MET D 250 35.15 12.64 -59.64
C MET D 250 33.73 13.20 -59.58
N GLY D 251 32.78 12.27 -59.50
CA GLY D 251 31.37 12.67 -59.51
C GLY D 251 30.92 13.36 -58.24
N ALA D 252 31.50 13.01 -57.10
CA ALA D 252 31.14 13.67 -55.85
C ALA D 252 31.65 15.10 -55.83
N TYR D 253 32.95 15.28 -56.09
CA TYR D 253 33.54 16.62 -56.11
C TYR D 253 32.85 17.50 -57.14
N LEU D 254 32.55 16.96 -58.32
CA LEU D 254 31.98 17.78 -59.38
C LEU D 254 30.52 18.13 -59.10
N SER D 255 29.80 17.28 -58.37
CA SER D 255 28.41 17.56 -58.07
C SER D 255 28.27 18.79 -57.18
N VAL D 256 29.21 19.01 -56.27
CA VAL D 256 29.12 20.14 -55.35
C VAL D 256 29.21 21.46 -56.12
N GLY D 257 30.04 21.50 -57.15
CA GLY D 257 30.26 22.71 -57.91
C GLY D 257 29.32 22.96 -59.07
N LYS D 258 28.33 22.10 -59.27
CA LYS D 258 27.45 22.27 -60.42
C LYS D 258 26.73 23.62 -60.40
N GLY D 259 26.38 24.09 -59.21
CA GLY D 259 25.59 25.30 -59.06
C GLY D 259 26.38 26.59 -59.02
N SER D 260 27.69 26.55 -59.24
CA SER D 260 28.54 27.72 -59.15
C SER D 260 28.92 28.23 -60.53
N MET D 261 29.08 29.55 -60.63
CA MET D 261 29.54 30.17 -61.87
C MET D 261 31.04 30.02 -62.09
N TYR D 262 31.76 29.44 -61.13
CA TYR D 262 33.21 29.25 -61.24
C TYR D 262 33.51 27.77 -61.44
N PRO D 263 34.31 27.42 -62.45
CA PRO D 263 34.64 26.00 -62.64
C PRO D 263 35.43 25.45 -61.47
N ASN D 264 35.24 24.16 -61.21
CA ASN D 264 36.04 23.48 -60.21
C ASN D 264 37.51 23.55 -60.59
N LYS D 265 38.38 23.55 -59.58
CA LYS D 265 39.82 23.56 -59.78
C LYS D 265 40.46 22.69 -58.71
N PHE D 266 41.16 21.65 -59.12
CA PHE D 266 41.85 20.75 -58.22
C PHE D 266 43.32 21.14 -58.17
N ILE D 267 43.75 21.66 -57.02
CA ILE D 267 45.12 22.10 -56.83
C ILE D 267 45.99 20.90 -56.50
N HIS D 268 47.14 20.78 -57.17
CA HIS D 268 48.11 19.73 -56.87
C HIS D 268 49.50 20.35 -56.92
N LEU D 269 50.07 20.65 -55.76
CA LEU D 269 51.45 21.09 -55.64
C LEU D 269 52.29 19.93 -55.11
N THR D 270 53.57 19.92 -55.50
CA THR D 270 54.47 18.84 -55.11
C THR D 270 55.82 19.41 -54.73
N TYR D 271 56.34 18.97 -53.58
CA TYR D 271 57.70 19.25 -53.16
C TYR D 271 58.50 17.95 -53.15
N LYS D 272 59.77 18.03 -53.57
CA LYS D 272 60.68 16.89 -53.55
C LYS D 272 62.05 17.39 -53.13
N GLY D 273 62.52 16.93 -51.98
CA GLY D 273 63.79 17.39 -51.44
C GLY D 273 64.97 16.60 -51.97
N ALA D 274 66.16 17.08 -51.62
CA ALA D 274 67.39 16.44 -52.05
C ALA D 274 67.41 14.99 -51.58
N GLN D 275 67.80 14.08 -52.49
CA GLN D 275 67.83 12.66 -52.19
C GLN D 275 68.90 12.28 -51.18
N THR D 276 69.70 13.23 -50.70
CA THR D 276 70.74 12.97 -49.71
C THR D 276 70.35 11.93 -48.67
N LYS D 284 60.29 9.10 -47.46
CA LYS D 284 58.89 9.27 -47.08
C LYS D 284 58.12 10.06 -48.12
N LYS D 285 56.85 9.70 -48.32
CA LYS D 285 55.96 10.40 -49.23
C LYS D 285 54.68 10.74 -48.49
N ILE D 286 54.30 12.01 -48.51
CA ILE D 286 53.18 12.53 -47.74
C ILE D 286 52.19 13.23 -48.66
N ALA D 287 50.91 12.97 -48.46
CA ALA D 287 49.82 13.68 -49.13
C ALA D 287 49.07 14.52 -48.12
N LEU D 288 48.95 15.82 -48.38
CA LEU D 288 48.21 16.74 -47.52
C LEU D 288 47.01 17.26 -48.30
N ILE D 289 45.82 17.00 -47.76
CA ILE D 289 44.56 17.40 -48.39
C ILE D 289 43.91 18.48 -47.54
N GLY D 290 43.48 19.56 -48.19
CA GLY D 290 42.76 20.61 -47.51
C GLY D 290 41.41 20.88 -48.14
N LYS D 291 40.36 20.93 -47.32
CA LYS D 291 39.04 21.28 -47.81
C LYS D 291 39.03 22.70 -48.34
N GLY D 292 38.49 22.88 -49.55
CA GLY D 292 38.54 24.17 -50.21
C GLY D 292 37.22 24.63 -50.80
N ILE D 293 36.23 24.87 -49.95
CA ILE D 293 34.97 25.45 -50.38
C ILE D 293 35.10 26.96 -50.21
N THR D 294 35.24 27.69 -51.32
CA THR D 294 35.49 29.12 -51.23
C THR D 294 34.30 29.87 -50.63
N PHE D 295 33.10 29.34 -50.82
CA PHE D 295 31.94 29.80 -50.07
C PHE D 295 30.94 28.65 -50.00
N ASP D 296 30.44 28.39 -48.80
CA ASP D 296 29.47 27.34 -48.56
C ASP D 296 28.15 27.98 -48.15
N SER D 297 27.25 28.14 -49.11
CA SER D 297 25.90 28.60 -48.80
C SER D 297 25.03 27.49 -48.19
N GLY D 298 25.49 26.24 -48.28
CA GLY D 298 24.71 25.10 -47.88
C GLY D 298 23.98 24.42 -49.03
N GLY D 299 23.89 25.07 -50.19
CA GLY D 299 23.08 24.52 -51.26
C GLY D 299 21.60 24.64 -50.94
N TYR D 300 20.81 23.75 -51.55
CA TYR D 300 19.37 23.77 -51.33
C TYR D 300 19.02 23.50 -49.86
N ASN D 301 19.90 22.84 -49.13
CA ASN D 301 19.85 22.85 -47.66
C ASN D 301 20.49 24.14 -47.15
N LEU D 302 19.85 25.26 -47.52
CA LEU D 302 20.44 26.57 -47.29
C LEU D 302 20.70 26.81 -45.81
N LYS D 303 21.78 27.54 -45.53
CA LYS D 303 22.12 27.95 -44.16
C LYS D 303 21.21 29.12 -43.78
N ALA D 304 19.99 28.78 -43.38
CA ALA D 304 19.00 29.76 -42.98
C ALA D 304 18.64 29.69 -41.51
N ALA D 305 19.01 28.62 -40.81
CA ALA D 305 18.67 28.48 -39.41
C ALA D 305 19.41 29.52 -38.57
N PRO D 306 18.80 30.01 -37.49
CA PRO D 306 19.52 30.94 -36.60
C PRO D 306 20.79 30.31 -36.08
N GLY D 307 21.90 31.03 -36.25
CA GLY D 307 23.19 30.55 -35.80
C GLY D 307 23.99 29.78 -36.83
N SER D 308 23.59 29.80 -38.09
CA SER D 308 24.31 29.07 -39.13
C SER D 308 25.48 29.87 -39.72
N MET D 309 25.59 31.14 -39.37
CA MET D 309 26.78 31.95 -39.68
C MET D 309 27.10 31.94 -41.17
N ILE D 310 26.08 32.17 -42.00
CA ILE D 310 26.31 32.15 -43.44
C ILE D 310 27.25 33.28 -43.84
N ASP D 311 27.25 34.39 -43.08
CA ASP D 311 28.10 35.53 -43.43
C ASP D 311 29.57 35.23 -43.26
N LEU D 312 29.92 34.18 -42.52
CA LEU D 312 31.32 33.81 -42.30
C LEU D 312 31.77 32.64 -43.17
N MET D 313 30.91 32.13 -44.05
CA MET D 313 31.23 30.87 -44.73
C MET D 313 32.32 31.04 -45.80
N LYS D 314 32.95 32.20 -45.93
CA LYS D 314 34.19 32.29 -46.69
C LYS D 314 35.31 31.47 -46.06
N PHE D 315 35.14 31.04 -44.81
CA PHE D 315 36.18 30.33 -44.09
C PHE D 315 36.17 28.82 -44.31
N ASP D 316 35.25 28.32 -45.14
CA ASP D 316 35.19 26.89 -45.40
C ASP D 316 36.31 26.39 -46.34
N MET D 317 37.26 27.27 -46.69
CA MET D 317 38.48 26.84 -47.36
C MET D 317 39.70 26.94 -46.44
N SER D 318 39.46 27.00 -45.12
CA SER D 318 40.57 27.13 -44.17
C SER D 318 41.52 25.94 -44.26
N GLY D 319 40.99 24.75 -44.52
CA GLY D 319 41.87 23.60 -44.71
C GLY D 319 42.79 23.78 -45.89
N CYS D 320 42.25 24.25 -47.02
CA CYS D 320 43.09 24.55 -48.17
C CYS D 320 44.15 25.60 -47.83
N ALA D 321 43.78 26.59 -47.03
CA ALA D 321 44.73 27.66 -46.69
C ALA D 321 45.87 27.11 -45.84
N ALA D 322 45.56 26.24 -44.87
CA ALA D 322 46.61 25.68 -44.03
C ALA D 322 47.54 24.79 -44.84
N VAL D 323 47.03 24.15 -45.89
CA VAL D 323 47.88 23.29 -46.73
C VAL D 323 48.81 24.15 -47.58
N LEU D 324 48.29 25.24 -48.14
CA LEU D 324 49.12 26.14 -48.94
C LEU D 324 50.12 26.88 -48.06
N GLY D 325 49.70 27.30 -46.87
CA GLY D 325 50.65 27.88 -45.93
C GLY D 325 51.75 26.91 -45.57
N CYS D 326 51.40 25.64 -45.37
CA CYS D 326 52.42 24.62 -45.16
C CYS D 326 53.30 24.47 -46.39
N ALA D 327 52.72 24.63 -47.58
CA ALA D 327 53.51 24.52 -48.81
C ALA D 327 54.54 25.64 -48.88
N TYR D 328 54.17 26.85 -48.47
CA TYR D 328 55.16 27.93 -48.41
C TYR D 328 56.29 27.55 -47.46
N CYS D 329 55.96 27.07 -46.27
CA CYS D 329 56.97 26.75 -45.27
C CYS D 329 57.90 25.66 -45.77
N ILE D 330 57.34 24.59 -46.35
CA ILE D 330 58.17 23.49 -46.84
C ILE D 330 58.97 23.93 -48.05
N GLY D 331 58.33 24.65 -48.98
CA GLY D 331 59.03 25.14 -50.15
C GLY D 331 60.14 26.13 -49.84
N THR D 332 60.11 26.74 -48.65
CA THR D 332 61.13 27.68 -48.23
C THR D 332 62.24 27.00 -47.44
N ILE D 333 61.88 26.14 -46.48
CA ILE D 333 62.88 25.46 -45.68
C ILE D 333 63.57 24.36 -46.48
N LYS D 334 62.86 23.76 -47.44
CA LYS D 334 63.43 22.78 -48.35
C LYS D 334 64.12 21.65 -47.60
N PRO D 335 63.37 20.81 -46.90
CA PRO D 335 63.99 19.68 -46.18
C PRO D 335 64.41 18.58 -47.14
N ASP D 336 65.33 17.75 -46.67
CA ASP D 336 65.84 16.63 -47.44
C ASP D 336 65.05 15.36 -47.15
N ASN D 337 65.10 14.43 -48.10
CA ASN D 337 64.61 13.06 -47.88
C ASN D 337 63.11 13.02 -47.59
N VAL D 338 62.34 13.81 -48.34
CA VAL D 338 60.89 13.82 -48.18
C VAL D 338 60.26 14.33 -49.47
N GLU D 339 59.07 13.80 -49.77
CA GLU D 339 58.26 14.21 -50.91
C GLU D 339 56.87 14.48 -50.41
N VAL D 340 56.33 15.67 -50.71
CA VAL D 340 55.04 16.10 -50.19
C VAL D 340 54.17 16.54 -51.36
N HIS D 341 52.92 16.09 -51.37
CA HIS D 341 51.92 16.53 -52.33
C HIS D 341 50.86 17.33 -51.58
N PHE D 342 50.59 18.55 -52.06
CA PHE D 342 49.63 19.46 -51.45
C PHE D 342 48.39 19.51 -52.33
N LEU D 343 47.28 19.02 -51.81
CA LEU D 343 46.07 18.80 -52.59
C LEU D 343 44.90 19.60 -52.03
N SER D 344 44.00 20.01 -52.93
CA SER D 344 42.76 20.63 -52.51
C SER D 344 41.78 20.59 -53.67
N ALA D 345 40.60 20.02 -53.44
CA ALA D 345 39.52 20.00 -54.42
C ALA D 345 38.67 21.25 -54.19
N VAL D 346 38.99 22.31 -54.94
CA VAL D 346 38.40 23.63 -54.71
C VAL D 346 37.13 23.80 -55.53
N CYS D 347 36.08 24.28 -54.89
CA CYS D 347 34.80 24.51 -55.56
C CYS D 347 33.97 25.45 -54.69
N GLU D 348 32.73 25.69 -55.09
CA GLU D 348 31.82 26.63 -54.44
C GLU D 348 30.44 26.01 -54.39
N ASN D 349 29.79 26.08 -53.22
CA ASN D 349 28.48 25.43 -53.00
C ASN D 349 27.41 26.51 -53.03
N MET D 350 26.67 26.58 -54.14
CA MET D 350 25.71 27.65 -54.38
C MET D 350 24.34 27.07 -54.72
N VAL D 351 23.35 27.97 -54.78
CA VAL D 351 21.98 27.62 -55.11
C VAL D 351 21.69 28.12 -56.52
N SER D 352 21.18 27.23 -57.37
CA SER D 352 20.98 27.55 -58.78
C SER D 352 20.09 26.48 -59.39
N LYS D 353 19.63 26.76 -60.62
CA LYS D 353 18.92 25.75 -61.38
C LYS D 353 19.81 24.56 -61.72
N ASN D 354 21.13 24.75 -61.71
CA ASN D 354 22.09 23.70 -62.03
C ASN D 354 22.63 22.99 -60.80
N SER D 355 22.25 23.42 -59.60
CA SER D 355 22.75 22.81 -58.38
C SER D 355 22.27 21.37 -58.26
N TYR D 356 23.08 20.55 -57.59
CA TYR D 356 22.64 19.22 -57.21
C TYR D 356 21.67 19.32 -56.05
N ARG D 357 20.69 18.42 -56.03
CA ARG D 357 19.57 18.52 -55.10
C ARG D 357 19.75 17.56 -53.94
N PRO D 358 19.11 17.86 -52.80
CA PRO D 358 18.98 16.85 -51.75
C PRO D 358 18.30 15.60 -52.32
N GLY D 359 18.89 14.44 -52.03
CA GLY D 359 18.36 13.18 -52.49
C GLY D 359 19.00 12.64 -53.75
N ASP D 360 19.82 13.43 -54.43
CA ASP D 360 20.53 12.95 -55.61
C ASP D 360 21.51 11.85 -55.22
N ILE D 361 21.72 10.91 -56.13
CA ILE D 361 22.70 9.84 -55.94
C ILE D 361 23.86 10.10 -56.91
N ILE D 362 25.06 10.26 -56.35
CA ILE D 362 26.25 10.58 -57.12
C ILE D 362 27.25 9.45 -56.95
N THR D 363 28.16 9.34 -57.91
CA THR D 363 29.17 8.28 -57.93
C THR D 363 30.55 8.90 -57.75
N ALA D 364 31.29 8.41 -56.77
CA ALA D 364 32.64 8.88 -56.52
C ALA D 364 33.62 8.21 -57.47
N SER D 365 34.86 8.72 -57.48
CA SER D 365 35.89 8.22 -58.38
C SER D 365 36.31 6.79 -58.06
N ASN D 366 35.94 6.25 -56.89
CA ASN D 366 36.21 4.87 -56.54
C ASN D 366 35.04 3.95 -56.81
N GLY D 367 33.97 4.46 -57.44
CA GLY D 367 32.84 3.64 -57.81
C GLY D 367 31.70 3.62 -56.82
N LYS D 368 31.92 4.08 -55.58
CA LYS D 368 30.89 4.03 -54.57
C LYS D 368 29.83 5.10 -54.82
N THR D 369 28.56 4.71 -54.67
CA THR D 369 27.44 5.62 -54.88
C THR D 369 27.05 6.26 -53.55
N ILE D 370 26.68 7.55 -53.62
CA ILE D 370 26.43 8.35 -52.42
C ILE D 370 25.08 9.04 -52.59
N GLU D 371 24.17 8.80 -51.65
CA GLU D 371 22.90 9.51 -51.57
C GLU D 371 23.10 10.78 -50.76
N VAL D 372 22.72 11.91 -51.35
CA VAL D 372 22.95 13.23 -50.74
C VAL D 372 21.75 13.53 -49.85
N GLY D 373 21.86 13.15 -48.57
CA GLY D 373 20.82 13.49 -47.63
C GLY D 373 20.80 14.95 -47.24
N ASN D 374 21.91 15.66 -47.46
CA ASN D 374 21.98 17.09 -47.13
C ASN D 374 23.07 17.71 -47.99
N THR D 375 22.70 18.75 -48.75
CA THR D 375 23.66 19.43 -49.61
C THR D 375 24.64 20.29 -48.82
N ASP D 376 24.35 20.59 -47.55
CA ASP D 376 25.27 21.32 -46.69
C ASP D 376 26.37 20.43 -46.12
N ALA D 377 26.33 19.13 -46.39
CA ALA D 377 27.42 18.22 -46.06
C ALA D 377 28.26 17.95 -47.30
N GLU D 378 28.73 19.03 -47.93
CA GLU D 378 29.40 18.94 -49.22
C GLU D 378 30.91 18.77 -49.09
N GLY D 379 31.51 19.26 -48.01
CA GLY D 379 32.95 19.14 -47.86
C GLY D 379 33.42 17.70 -47.94
N ARG D 380 32.77 16.82 -47.20
CA ARG D 380 33.17 15.41 -47.22
C ARG D 380 33.05 14.81 -48.62
N LEU D 381 32.13 15.35 -49.44
CA LEU D 381 32.00 14.85 -50.80
C LEU D 381 33.22 15.24 -51.64
N THR D 382 33.73 16.45 -51.47
CA THR D 382 34.93 16.84 -52.20
C THR D 382 36.17 16.14 -51.65
N LEU D 383 36.25 16.00 -50.33
CA LEU D 383 37.38 15.26 -49.74
C LEU D 383 37.39 13.81 -50.19
N ALA D 384 36.21 13.23 -50.44
CA ALA D 384 36.15 11.83 -50.82
C ALA D 384 36.91 11.58 -52.11
N ASP D 385 36.67 12.41 -53.13
CA ASP D 385 37.41 12.27 -54.37
C ASP D 385 38.88 12.69 -54.21
N ALA D 386 39.16 13.57 -53.25
CA ALA D 386 40.56 13.95 -53.01
C ALA D 386 41.32 12.83 -52.31
N LEU D 387 40.66 12.09 -51.42
CA LEU D 387 41.31 10.97 -50.76
C LEU D 387 41.60 9.84 -51.75
N VAL D 388 40.65 9.54 -52.64
CA VAL D 388 40.89 8.55 -53.67
C VAL D 388 42.07 8.98 -54.55
N TYR D 389 42.08 10.24 -54.96
CA TYR D 389 43.19 10.77 -55.74
C TYR D 389 44.51 10.64 -54.99
N ALA D 390 44.50 10.94 -53.69
CA ALA D 390 45.73 10.92 -52.92
C ALA D 390 46.26 9.50 -52.75
N GLU D 391 45.38 8.53 -52.53
CA GLU D 391 45.85 7.17 -52.32
C GLU D 391 46.42 6.57 -53.61
N LYS D 392 45.94 7.03 -54.76
CA LYS D 392 46.51 6.58 -56.03
C LYS D 392 47.94 7.02 -56.21
N LEU D 393 48.37 8.07 -55.50
CA LEU D 393 49.74 8.55 -55.62
C LEU D 393 50.75 7.61 -54.98
N GLY D 394 50.29 6.67 -54.15
CA GLY D 394 51.19 5.75 -53.49
C GLY D 394 52.03 6.42 -52.43
N VAL D 395 51.39 7.03 -51.45
CA VAL D 395 52.08 7.74 -50.40
C VAL D 395 52.08 6.88 -49.13
N ASP D 396 52.89 7.28 -48.15
CA ASP D 396 52.96 6.58 -46.88
C ASP D 396 51.96 7.10 -45.86
N TYR D 397 51.63 8.38 -45.92
CA TYR D 397 50.66 8.99 -45.01
C TYR D 397 49.77 9.94 -45.78
N ILE D 398 48.47 9.91 -45.47
CA ILE D 398 47.50 10.86 -45.99
C ILE D 398 46.89 11.58 -44.79
N VAL D 399 47.01 12.90 -44.77
CA VAL D 399 46.44 13.72 -43.71
C VAL D 399 45.56 14.79 -44.36
N ASP D 400 44.31 14.87 -43.93
CA ASP D 400 43.40 15.91 -44.38
C ASP D 400 43.04 16.83 -43.22
N ILE D 401 42.71 18.08 -43.57
CA ILE D 401 42.38 19.12 -42.60
C ILE D 401 41.20 19.90 -43.18
N ALA D 402 40.15 20.09 -42.39
CA ALA D 402 38.93 20.62 -42.95
C ALA D 402 38.01 21.21 -41.90
N THR D 403 37.28 22.26 -42.32
CA THR D 403 36.20 22.86 -41.52
C THR D 403 34.92 22.05 -41.75
N LEU D 404 34.88 20.86 -41.15
CA LEU D 404 33.85 19.88 -41.51
C LEU D 404 32.55 20.11 -40.74
N THR D 405 32.56 19.82 -39.44
CA THR D 405 31.34 19.77 -38.64
C THR D 405 31.32 20.89 -37.62
N GLY D 406 30.23 21.66 -37.60
CA GLY D 406 30.02 22.63 -36.55
C GLY D 406 29.85 22.02 -35.17
N ALA D 407 29.64 20.71 -35.08
CA ALA D 407 29.52 20.06 -33.78
C ALA D 407 30.80 20.14 -32.98
N MET D 408 31.94 20.46 -33.62
CA MET D 408 33.18 20.61 -32.87
C MET D 408 33.08 21.73 -31.85
N LEU D 409 32.22 22.72 -32.11
CA LEU D 409 32.04 23.80 -31.14
C LEU D 409 31.42 23.31 -29.84
N TYR D 410 30.66 22.23 -29.90
CA TYR D 410 30.01 21.66 -28.72
C TYR D 410 30.80 20.53 -28.07
N SER D 411 31.88 20.08 -28.70
CA SER D 411 32.73 19.05 -28.11
C SER D 411 34.01 19.66 -27.57
N LEU D 412 34.95 19.97 -28.45
CA LEU D 412 36.23 20.53 -28.03
C LEU D 412 36.23 22.05 -27.97
N GLY D 413 35.36 22.71 -28.73
CA GLY D 413 35.24 24.15 -28.65
C GLY D 413 36.11 24.90 -29.64
N THR D 414 36.61 26.06 -29.23
CA THR D 414 37.32 26.96 -30.13
C THR D 414 38.84 26.90 -30.00
N SER D 415 39.36 26.24 -28.98
CA SER D 415 40.80 26.22 -28.75
C SER D 415 41.49 24.95 -29.26
N TYR D 416 40.84 23.80 -29.17
CA TYR D 416 41.45 22.53 -29.52
C TYR D 416 40.80 21.97 -30.79
N ALA D 417 41.63 21.60 -31.75
CA ALA D 417 41.13 20.85 -32.90
C ALA D 417 41.06 19.37 -32.55
N GLY D 418 40.24 18.65 -33.31
CA GLY D 418 40.10 17.21 -33.14
C GLY D 418 40.78 16.49 -34.29
N VAL D 419 41.38 15.34 -33.98
CA VAL D 419 42.03 14.50 -34.98
C VAL D 419 41.43 13.11 -34.91
N PHE D 420 41.09 12.56 -36.08
CA PHE D 420 40.64 11.19 -36.24
C PHE D 420 41.61 10.49 -37.19
N GLY D 421 41.61 9.16 -37.15
CA GLY D 421 42.49 8.41 -38.04
C GLY D 421 42.26 6.92 -37.95
N ASN D 422 42.87 6.21 -38.90
CA ASN D 422 42.80 4.75 -38.97
C ASN D 422 44.11 4.08 -38.55
N ASN D 423 45.09 4.85 -38.06
CA ASN D 423 46.42 4.35 -37.77
C ASN D 423 46.97 5.07 -36.54
N ASP D 424 47.17 4.32 -35.45
CA ASP D 424 47.55 4.95 -34.19
C ASP D 424 48.93 5.57 -34.26
N GLN D 425 49.85 5.00 -35.05
CA GLN D 425 51.18 5.58 -35.15
C GLN D 425 51.14 6.93 -35.86
N LEU D 426 50.28 7.08 -36.87
CA LEU D 426 50.16 8.35 -37.56
C LEU D 426 49.41 9.37 -36.70
N ILE D 427 48.40 8.92 -35.98
CA ILE D 427 47.68 9.83 -35.07
C ILE D 427 48.65 10.38 -34.03
N ASN D 428 49.54 9.54 -33.50
CA ASN D 428 50.49 10.00 -32.49
C ASN D 428 51.52 10.95 -33.08
N LYS D 429 51.88 10.78 -34.35
CA LYS D 429 52.75 11.74 -35.00
C LYS D 429 52.07 13.09 -35.14
N ILE D 430 50.76 13.11 -35.35
CA ILE D 430 50.03 14.37 -35.40
C ILE D 430 49.98 15.00 -34.00
N LEU D 431 49.75 14.18 -32.98
CA LEU D 431 49.74 14.71 -31.62
C LEU D 431 51.11 15.29 -31.25
N SER D 432 52.18 14.59 -31.61
CA SER D 432 53.52 15.10 -31.34
C SER D 432 53.77 16.41 -32.08
N SER D 433 53.33 16.50 -33.34
CA SER D 433 53.45 17.75 -34.08
C SER D 433 52.66 18.87 -33.41
N SER D 434 51.57 18.52 -32.71
CA SER D 434 50.78 19.53 -32.03
C SER D 434 51.53 20.13 -30.86
N LYS D 435 52.36 19.34 -30.18
CA LYS D 435 53.08 19.85 -29.01
C LYS D 435 54.21 20.79 -29.44
N THR D 436 54.93 20.46 -30.50
CA THR D 436 56.06 21.28 -30.93
C THR D 436 55.65 22.45 -31.81
N SER D 437 54.45 22.41 -32.39
CA SER D 437 53.88 23.55 -33.09
C SER D 437 53.05 24.45 -32.16
N ASN D 438 52.62 23.92 -31.02
CA ASN D 438 51.81 24.65 -30.05
C ASN D 438 50.45 25.04 -30.63
N GLU D 439 49.97 24.28 -31.61
CA GLU D 439 48.60 24.39 -32.08
C GLU D 439 47.82 23.22 -31.50
N PRO D 440 46.99 23.42 -30.48
CA PRO D 440 46.46 22.27 -29.72
C PRO D 440 45.55 21.39 -30.57
N VAL D 441 45.67 20.08 -30.35
CA VAL D 441 44.84 19.09 -31.02
C VAL D 441 44.56 17.97 -30.04
N TRP D 442 43.37 17.37 -30.16
CA TRP D 442 42.95 16.30 -29.28
C TRP D 442 42.47 15.11 -30.11
N TRP D 443 42.84 13.91 -29.67
CA TRP D 443 42.49 12.68 -30.37
C TRP D 443 41.05 12.30 -30.03
N LEU D 444 40.23 12.14 -31.06
CA LEU D 444 38.84 11.72 -30.92
C LEU D 444 38.61 10.41 -31.66
N PRO D 445 37.69 9.58 -31.20
CA PRO D 445 37.53 8.24 -31.76
C PRO D 445 36.61 8.17 -32.97
N ILE D 446 36.92 7.21 -33.84
CA ILE D 446 36.02 6.77 -34.89
C ILE D 446 35.25 5.58 -34.33
N ILE D 447 33.99 5.79 -33.99
CA ILE D 447 33.17 4.79 -33.31
C ILE D 447 32.42 4.00 -34.38
N ASN D 448 32.76 2.72 -34.53
CA ASN D 448 32.21 1.91 -35.60
C ASN D 448 30.72 1.63 -35.42
N GLU D 449 30.18 1.79 -34.21
CA GLU D 449 28.76 1.53 -34.01
C GLU D 449 27.88 2.47 -34.84
N TYR D 450 28.39 3.64 -35.23
CA TYR D 450 27.62 4.62 -35.98
C TYR D 450 27.66 4.40 -37.49
N ARG D 451 28.44 3.43 -37.96
CA ARG D 451 28.63 3.26 -39.41
C ARG D 451 27.32 2.89 -40.10
N SER D 452 26.51 2.03 -39.49
CA SER D 452 25.24 1.66 -40.09
C SER D 452 24.30 2.85 -40.21
N SER D 453 24.55 3.93 -39.47
CA SER D 453 23.76 5.15 -39.62
C SER D 453 23.95 5.80 -40.98
N LEU D 454 25.00 5.44 -41.70
CA LEU D 454 25.27 5.98 -43.02
C LEU D 454 24.70 5.12 -44.15
N ASN D 455 24.12 3.97 -43.83
CA ASN D 455 23.57 3.11 -44.86
C ASN D 455 22.45 3.85 -45.61
N SER D 456 22.35 3.56 -46.90
CA SER D 456 21.31 4.11 -47.75
C SER D 456 20.49 2.97 -48.34
N LYS D 457 19.18 3.19 -48.45
CA LYS D 457 18.31 2.17 -49.01
C LYS D 457 18.68 1.87 -50.47
N TYR D 458 19.18 2.86 -51.20
CA TYR D 458 19.40 2.73 -52.63
C TYR D 458 20.85 2.90 -53.05
N ALA D 459 21.57 3.84 -52.44
CA ALA D 459 22.98 4.04 -52.73
C ALA D 459 23.84 3.22 -51.79
N ASP D 460 25.14 3.17 -52.07
CA ASP D 460 26.06 2.47 -51.18
C ASP D 460 26.12 3.17 -49.83
N LEU D 461 26.10 4.50 -49.82
CA LEU D 461 26.20 5.27 -48.60
C LEU D 461 25.33 6.53 -48.70
N ASN D 462 24.95 7.05 -47.54
CA ASN D 462 24.48 8.42 -47.39
C ASN D 462 25.64 9.27 -46.88
N ASN D 463 25.60 10.57 -47.18
CA ASN D 463 26.64 11.46 -46.72
C ASN D 463 26.38 12.03 -45.34
N ILE D 464 25.16 11.87 -44.81
CA ILE D 464 24.84 12.29 -43.45
C ILE D 464 24.13 11.14 -42.75
N SER D 465 24.14 11.19 -41.42
CA SER D 465 23.56 10.14 -40.61
C SER D 465 22.06 10.34 -40.46
N SER D 466 21.35 9.21 -40.32
CA SER D 466 19.93 9.23 -40.05
C SER D 466 19.63 9.38 -38.55
N SER D 467 20.40 8.70 -37.72
CA SER D 467 20.11 8.56 -36.29
C SER D 467 21.12 9.27 -35.39
N VAL D 468 22.40 9.18 -35.70
CA VAL D 468 23.45 9.64 -34.79
C VAL D 468 23.64 11.14 -34.94
N LYS D 469 23.75 11.81 -33.79
CA LYS D 469 23.97 13.26 -33.75
C LYS D 469 25.42 13.63 -33.51
N ALA D 470 26.29 12.64 -33.28
CA ALA D 470 27.74 12.87 -33.17
C ALA D 470 28.26 13.16 -34.57
N SER D 471 28.03 14.39 -35.02
CA SER D 471 28.27 14.75 -36.42
C SER D 471 29.73 14.59 -36.81
N SER D 472 30.66 14.87 -35.88
CA SER D 472 32.08 14.81 -36.21
C SER D 472 32.55 13.37 -36.37
N VAL D 473 32.09 12.47 -35.50
CA VAL D 473 32.42 11.06 -35.66
C VAL D 473 31.84 10.52 -36.95
N VAL D 474 30.58 10.86 -37.23
CA VAL D 474 29.93 10.36 -38.43
C VAL D 474 30.71 10.77 -39.67
N ALA D 475 31.09 12.05 -39.75
CA ALA D 475 31.82 12.53 -40.91
C ALA D 475 33.12 11.76 -41.09
N SER D 476 33.79 11.41 -39.99
CA SER D 476 35.03 10.65 -40.09
C SER D 476 34.78 9.23 -40.60
N LEU D 477 33.62 8.66 -40.26
CA LEU D 477 33.28 7.33 -40.78
C LEU D 477 33.04 7.39 -42.28
N PHE D 478 32.44 8.47 -42.77
CA PHE D 478 32.21 8.60 -44.20
C PHE D 478 33.52 8.78 -44.97
N LEU D 479 34.41 9.63 -44.47
CA LEU D 479 35.69 9.82 -45.13
C LEU D 479 36.49 8.53 -45.17
N LYS D 480 36.43 7.74 -44.09
CA LYS D 480 37.17 6.49 -44.02
C LYS D 480 36.80 5.55 -45.17
N GLU D 481 35.57 5.63 -45.67
CA GLU D 481 35.13 4.77 -46.76
C GLU D 481 35.86 5.02 -48.07
N PHE D 482 36.71 6.05 -48.12
CA PHE D 482 37.45 6.38 -49.33
C PHE D 482 38.96 6.26 -49.13
N ILE D 483 39.38 5.59 -48.06
CA ILE D 483 40.76 5.21 -47.85
C ILE D 483 40.80 3.69 -47.82
N GLU D 484 41.55 3.10 -48.75
CA GLU D 484 41.55 1.65 -48.90
C GLU D 484 42.53 1.00 -47.94
N ASN D 485 43.80 1.39 -48.00
CA ASN D 485 44.85 0.69 -47.28
C ASN D 485 46.06 1.58 -46.99
N THR D 486 45.83 2.87 -46.74
CA THR D 486 46.89 3.79 -46.42
C THR D 486 46.67 4.40 -45.04
N PRO D 487 47.72 4.55 -44.22
CA PRO D 487 47.56 5.31 -42.97
C PRO D 487 47.00 6.69 -43.26
N TRP D 488 45.90 7.02 -42.59
CA TRP D 488 45.19 8.27 -42.88
C TRP D 488 44.70 8.90 -41.59
N ALA D 489 44.82 10.22 -41.51
CA ALA D 489 44.36 10.99 -40.37
C ALA D 489 43.55 12.18 -40.86
N HIS D 490 42.64 12.65 -40.02
CA HIS D 490 41.69 13.70 -40.38
C HIS D 490 41.63 14.70 -39.23
N ILE D 491 41.89 15.97 -39.53
CA ILE D 491 41.91 17.03 -38.53
C ILE D 491 40.73 17.96 -38.80
N ASP D 492 39.81 18.05 -37.84
CA ASP D 492 38.61 18.87 -37.95
C ASP D 492 38.85 20.21 -37.26
N ILE D 493 38.98 21.27 -38.05
CA ILE D 493 39.30 22.59 -37.55
C ILE D 493 38.11 23.54 -37.63
N ALA D 494 36.89 23.00 -37.67
CA ALA D 494 35.71 23.84 -37.78
C ALA D 494 35.57 24.76 -36.56
N GLY D 495 36.05 24.32 -35.41
CA GLY D 495 35.91 25.11 -34.20
C GLY D 495 37.03 26.10 -33.97
N VAL D 496 38.24 25.78 -34.44
CA VAL D 496 39.42 26.57 -34.11
C VAL D 496 39.85 27.51 -35.23
N SER D 497 39.34 27.33 -36.45
CA SER D 497 39.88 28.07 -37.59
C SER D 497 39.62 29.57 -37.46
N TRP D 498 38.40 29.95 -37.09
CA TRP D 498 37.99 31.35 -37.07
C TRP D 498 37.84 31.82 -35.63
N ASN D 499 38.53 32.91 -35.30
CA ASN D 499 38.42 33.52 -33.98
C ASN D 499 37.17 34.41 -33.97
N PHE D 500 36.09 33.91 -33.38
CA PHE D 500 34.83 34.64 -33.42
C PHE D 500 34.91 35.94 -32.63
N LYS D 501 35.55 35.92 -31.46
CA LYS D 501 35.64 37.12 -30.65
C LYS D 501 36.42 38.22 -31.36
N ALA D 502 37.53 37.86 -31.99
CA ALA D 502 38.38 38.83 -32.69
C ALA D 502 37.95 39.07 -34.13
N ARG D 503 37.03 38.25 -34.66
CA ARG D 503 36.50 38.45 -36.01
C ARG D 503 37.60 38.32 -37.07
N LYS D 504 38.50 37.36 -36.89
CA LYS D 504 39.59 37.14 -37.83
C LYS D 504 40.01 35.69 -37.78
N PRO D 505 40.67 35.19 -38.82
CA PRO D 505 41.14 33.81 -38.82
C PRO D 505 42.42 33.64 -38.03
N LYS D 506 42.70 32.38 -37.66
CA LYS D 506 43.91 32.03 -36.94
C LYS D 506 45.00 31.46 -37.82
N GLY D 507 44.68 31.03 -39.03
CA GLY D 507 45.64 30.29 -39.83
C GLY D 507 45.99 28.94 -39.22
N PHE D 508 45.05 28.35 -38.49
CA PHE D 508 45.32 27.10 -37.78
C PHE D 508 45.71 26.00 -38.76
N GLY D 509 46.78 25.27 -38.42
CA GLY D 509 47.18 24.08 -39.13
C GLY D 509 48.50 24.19 -39.86
N VAL D 510 48.89 25.41 -40.26
CA VAL D 510 50.11 25.58 -41.04
C VAL D 510 51.30 24.99 -40.30
N ARG D 511 51.52 25.45 -39.07
CA ARG D 511 52.70 25.00 -38.32
C ARG D 511 52.53 23.57 -37.85
N LEU D 512 51.31 23.14 -37.55
CA LEU D 512 51.07 21.74 -37.21
C LEU D 512 51.50 20.83 -38.35
N LEU D 513 51.04 21.13 -39.58
CA LEU D 513 51.36 20.29 -40.71
C LEU D 513 52.82 20.41 -41.12
N THR D 514 53.41 21.59 -40.96
CA THR D 514 54.83 21.76 -41.30
C THR D 514 55.71 20.96 -40.34
N GLU D 515 55.43 21.04 -39.04
CA GLU D 515 56.17 20.23 -38.08
C GLU D 515 56.03 18.75 -38.40
N PHE D 516 54.84 18.34 -38.87
CA PHE D 516 54.62 16.94 -39.22
C PHE D 516 55.56 16.51 -40.34
N VAL D 517 55.72 17.34 -41.37
CA VAL D 517 56.57 16.97 -42.49
C VAL D 517 58.04 16.94 -42.08
N LEU D 518 58.47 17.90 -41.25
CA LEU D 518 59.88 18.01 -40.94
C LEU D 518 60.35 16.92 -39.98
N ASN D 519 59.49 16.53 -39.03
CA ASN D 519 59.92 15.55 -38.05
C ASN D 519 60.07 14.16 -38.66
N ASP D 520 59.28 13.85 -39.69
CA ASP D 520 59.44 12.62 -40.46
C ASP D 520 58.24 12.40 -41.38
N ALA E 2 17.53 47.11 -74.49
CA ALA E 2 17.59 47.58 -73.12
C ALA E 2 16.25 48.13 -72.63
N THR E 3 15.29 48.24 -73.55
CA THR E 3 13.95 48.72 -73.21
C THR E 3 12.89 47.62 -73.24
N THR E 4 13.19 46.46 -73.82
CA THR E 4 12.25 45.35 -73.82
C THR E 4 12.53 44.44 -72.63
N VAL E 5 11.46 44.02 -71.96
CA VAL E 5 11.57 43.18 -70.77
C VAL E 5 11.99 41.77 -71.19
N PRO E 6 13.10 41.25 -70.65
CA PRO E 6 13.45 39.85 -70.95
C PRO E 6 12.41 38.90 -70.36
N GLN E 7 12.19 37.79 -71.06
CA GLN E 7 11.18 36.81 -70.69
C GLN E 7 11.79 35.42 -70.59
N VAL E 8 11.28 34.64 -69.65
CA VAL E 8 11.61 33.22 -69.57
C VAL E 8 10.68 32.40 -70.46
N VAL E 9 9.39 32.71 -70.43
CA VAL E 9 8.40 32.12 -71.31
C VAL E 9 7.67 33.25 -72.03
N SER E 10 7.03 32.90 -73.15
CA SER E 10 6.36 33.90 -73.97
C SER E 10 5.22 34.58 -73.24
N LEU E 11 4.69 33.97 -72.18
CA LEU E 11 3.55 34.52 -71.46
C LEU E 11 3.94 35.49 -70.35
N ASP E 12 5.23 35.66 -70.09
CA ASP E 12 5.65 36.62 -69.08
C ASP E 12 5.26 38.03 -69.52
N PRO E 13 4.62 38.83 -68.67
CA PRO E 13 4.23 40.18 -69.09
C PRO E 13 5.44 41.03 -69.43
N THR E 14 5.22 42.00 -70.33
CA THR E 14 6.29 42.87 -70.82
C THR E 14 6.10 44.33 -70.43
N THR E 15 5.05 44.66 -69.70
CA THR E 15 4.84 46.03 -69.27
C THR E 15 3.88 46.03 -68.08
N ILE E 16 3.85 47.16 -67.37
CA ILE E 16 2.99 47.34 -66.21
C ILE E 16 1.68 47.95 -66.69
N PRO E 17 0.54 47.28 -66.52
CA PRO E 17 -0.74 47.95 -66.80
C PRO E 17 -0.98 49.09 -65.82
N ILE E 18 -1.23 50.28 -66.35
CA ILE E 18 -1.45 51.47 -65.55
C ILE E 18 -2.71 52.18 -66.06
N ASP E 19 -3.60 52.52 -65.14
CA ASP E 19 -4.78 53.31 -65.45
C ASP E 19 -4.41 54.79 -65.35
N TYR E 20 -4.28 55.45 -66.50
CA TYR E 20 -4.03 56.88 -66.52
C TYR E 20 -5.30 57.72 -66.44
N HIS E 21 -6.46 57.08 -66.50
CA HIS E 21 -7.76 57.74 -66.39
C HIS E 21 -8.58 57.01 -65.34
N THR E 22 -9.17 57.75 -64.43
CA THR E 22 -9.99 57.20 -63.35
C THR E 22 -11.39 57.80 -63.41
N PRO E 23 -12.37 57.16 -62.76
CA PRO E 23 -13.72 57.75 -62.74
C PRO E 23 -13.76 59.16 -62.18
N ILE E 24 -12.74 59.57 -61.41
CA ILE E 24 -12.74 60.92 -60.85
C ILE E 24 -12.55 61.96 -61.96
N ASP E 25 -11.92 61.57 -63.07
CA ASP E 25 -11.77 62.49 -64.19
C ASP E 25 -13.10 62.75 -64.90
N ASP E 26 -14.10 61.89 -64.70
CA ASP E 26 -15.43 62.10 -65.26
C ASP E 26 -16.39 62.68 -64.23
N LEU E 27 -15.89 63.07 -63.05
CA LEU E 27 -16.72 63.57 -61.97
C LEU E 27 -16.58 65.07 -61.86
N SER E 28 -17.72 65.77 -61.88
CA SER E 28 -17.74 67.21 -61.68
C SER E 28 -17.90 67.50 -60.20
N ILE E 29 -17.07 68.41 -59.68
CA ILE E 29 -17.04 68.74 -58.26
C ILE E 29 -17.29 70.24 -58.10
N GLU E 30 -18.14 70.59 -57.13
CA GLU E 30 -18.47 71.97 -56.86
C GLU E 30 -18.63 72.18 -55.36
N VAL E 31 -18.15 73.33 -54.88
CA VAL E 31 -18.25 73.71 -53.48
C VAL E 31 -19.31 74.79 -53.36
N LYS E 32 -20.31 74.55 -52.53
CA LYS E 32 -21.42 75.47 -52.30
C LYS E 32 -21.45 75.87 -50.82
N ASP E 33 -21.74 77.14 -50.55
CA ASP E 33 -21.83 77.61 -49.18
C ASP E 33 -23.11 77.07 -48.54
N ILE E 34 -22.96 76.42 -47.38
CA ILE E 34 -24.10 75.76 -46.75
C ILE E 34 -25.18 76.75 -46.39
N SER E 35 -24.82 78.02 -46.17
CA SER E 35 -25.78 79.03 -45.79
C SER E 35 -26.30 79.81 -47.01
N ALA E 36 -25.40 80.47 -47.74
CA ALA E 36 -25.79 81.30 -48.87
C ALA E 36 -26.59 80.51 -49.91
N GLU E 37 -25.89 79.75 -50.75
CA GLU E 37 -26.55 78.96 -51.79
C GLU E 37 -26.90 77.60 -51.21
N ALA E 38 -28.03 77.57 -50.48
CA ALA E 38 -28.43 76.38 -49.75
C ALA E 38 -28.46 75.15 -50.65
N CYS E 39 -28.28 74.00 -50.04
CA CYS E 39 -28.34 72.74 -50.78
C CYS E 39 -29.73 72.54 -51.38
N PRO E 40 -29.84 72.39 -52.69
CA PRO E 40 -31.15 72.04 -53.28
C PRO E 40 -31.36 70.53 -53.27
N ALA E 41 -32.21 70.05 -52.35
CA ALA E 41 -32.41 68.62 -52.15
C ALA E 41 -32.54 67.88 -53.47
N ASP E 42 -33.60 68.17 -54.23
CA ASP E 42 -33.82 67.52 -55.52
C ASP E 42 -33.77 66.00 -55.37
N GLU E 43 -33.15 65.33 -56.33
CA GLU E 43 -33.09 63.87 -56.35
C GLU E 43 -31.64 63.40 -56.38
N GLY E 44 -31.36 62.34 -55.61
CA GLY E 44 -30.04 61.76 -55.53
C GLY E 44 -29.75 61.33 -54.11
N LEU E 45 -28.47 61.16 -53.80
CA LEU E 45 -28.02 60.84 -52.46
C LEU E 45 -27.57 62.12 -51.77
N ILE E 46 -28.04 62.34 -50.55
CA ILE E 46 -27.66 63.48 -49.72
C ILE E 46 -27.08 62.93 -48.43
N VAL E 47 -25.80 63.20 -48.19
CA VAL E 47 -25.06 62.65 -47.06
C VAL E 47 -24.87 63.76 -46.02
N PHE E 48 -25.12 63.41 -44.76
CA PHE E 48 -24.98 64.33 -43.63
C PHE E 48 -23.77 63.91 -42.79
N LEU E 49 -22.80 64.79 -42.66
CA LEU E 49 -21.62 64.55 -41.84
C LEU E 49 -21.82 65.27 -40.51
N LEU E 50 -22.12 64.50 -39.45
CA LEU E 50 -22.48 65.05 -38.15
C LEU E 50 -21.49 64.60 -37.09
N ASN E 51 -21.47 65.35 -35.98
CA ASN E 51 -20.70 64.98 -34.81
C ASN E 51 -21.57 64.20 -33.83
N SER E 52 -20.98 63.77 -32.72
CA SER E 52 -21.73 63.04 -31.71
C SER E 52 -22.67 63.96 -30.96
N GLN E 53 -23.89 63.50 -30.74
CA GLN E 53 -24.89 64.19 -29.94
C GLN E 53 -25.32 65.53 -30.52
N ILE E 54 -24.95 65.82 -31.77
CA ILE E 54 -25.35 67.04 -32.47
C ILE E 54 -26.30 66.64 -33.59
N LYS E 55 -27.42 67.33 -33.68
CA LYS E 55 -28.46 67.01 -34.65
C LYS E 55 -28.50 68.03 -35.78
N ILE E 56 -29.09 67.62 -36.90
CA ILE E 56 -28.99 68.40 -38.14
C ILE E 56 -29.53 69.81 -37.93
N ASN E 57 -28.86 70.78 -38.56
CA ASN E 57 -29.22 72.18 -38.44
C ASN E 57 -29.07 72.89 -39.77
N ASP E 62 -34.93 74.10 -50.14
CA ASP E 62 -34.95 72.65 -50.25
C ASP E 62 -36.38 72.11 -50.24
N ASN E 63 -36.54 70.89 -50.70
CA ASN E 63 -37.87 70.29 -50.81
C ASN E 63 -38.30 69.68 -49.46
N THR E 64 -39.57 69.27 -49.44
CA THR E 64 -40.30 68.84 -48.26
C THR E 64 -39.50 68.68 -46.98
N ILE E 65 -38.37 67.98 -47.05
CA ILE E 65 -37.81 67.42 -45.83
C ILE E 65 -36.95 68.40 -45.04
N ASN E 66 -36.75 69.62 -45.51
CA ASN E 66 -36.25 70.64 -44.58
C ASN E 66 -37.19 70.79 -43.39
N GLU E 67 -38.44 70.32 -43.49
CA GLU E 67 -39.28 70.08 -42.32
C GLU E 67 -39.17 68.64 -41.82
N PHE E 68 -38.70 67.71 -42.67
CA PHE E 68 -38.08 66.48 -42.17
C PHE E 68 -36.83 66.79 -41.35
N LEU E 69 -36.32 68.04 -41.45
CA LEU E 69 -35.29 68.72 -40.68
C LEU E 69 -35.54 68.77 -39.21
N LYS E 70 -36.67 68.27 -38.73
CA LYS E 70 -37.03 68.44 -37.32
C LYS E 70 -38.25 67.59 -36.98
N ASN E 73 -37.01 59.80 -35.31
CA ASN E 73 -36.21 60.73 -36.10
C ASN E 73 -34.72 60.57 -35.80
N MET E 74 -34.05 59.79 -36.66
CA MET E 74 -32.60 59.54 -36.59
C MET E 74 -32.19 58.62 -35.45
N GLU E 75 -33.11 58.28 -34.56
CA GLU E 75 -32.71 57.62 -33.31
C GLU E 75 -32.22 56.20 -33.57
N ASN E 76 -31.20 55.80 -32.80
CA ASN E 76 -30.38 54.61 -33.05
C ASN E 76 -29.02 55.09 -33.53
N PHE E 77 -29.02 56.18 -34.30
CA PHE E 77 -27.81 56.81 -34.80
C PHE E 77 -27.36 57.87 -33.80
N THR E 78 -26.17 57.69 -33.23
CA THR E 78 -25.66 58.58 -32.19
C THR E 78 -24.62 59.57 -32.70
N GLY E 79 -24.18 59.44 -33.95
CA GLY E 79 -23.15 60.29 -34.50
C GLY E 79 -21.73 59.84 -34.20
N LYS E 80 -21.54 58.63 -33.70
CA LYS E 80 -20.21 58.16 -33.39
C LYS E 80 -19.42 57.90 -34.67
N LEU E 81 -18.10 57.92 -34.53
CA LEU E 81 -17.21 57.81 -35.68
C LEU E 81 -17.46 56.51 -36.43
N GLY E 82 -17.86 56.63 -37.70
CA GLY E 82 -18.04 55.49 -38.57
C GLY E 82 -19.48 55.00 -38.69
N THR E 83 -20.37 55.41 -37.80
CA THR E 83 -21.76 54.95 -37.84
C THR E 83 -22.51 55.58 -39.01
N SER E 84 -23.54 54.87 -39.50
CA SER E 84 -24.30 55.32 -40.67
C SER E 84 -25.67 54.67 -40.71
N LYS E 85 -26.55 55.27 -41.53
CA LYS E 85 -28.00 55.03 -41.57
C LYS E 85 -28.48 55.06 -43.03
N SER E 86 -29.81 55.20 -43.26
CA SER E 86 -30.35 55.57 -44.57
C SER E 86 -31.86 55.85 -44.52
N PHE E 87 -32.32 56.62 -45.53
CA PHE E 87 -33.69 57.13 -45.59
C PHE E 87 -34.06 57.51 -47.02
N TYR E 88 -35.37 57.55 -47.30
CA TYR E 88 -35.91 57.96 -48.61
C TYR E 88 -37.00 59.02 -48.40
N ILE E 89 -37.13 59.94 -49.37
CA ILE E 89 -37.71 61.25 -49.10
C ILE E 89 -38.94 61.56 -49.96
N ALA E 90 -39.68 62.59 -49.49
CA ALA E 90 -40.84 63.15 -50.16
C ALA E 90 -40.46 63.96 -51.40
N ASN E 91 -39.96 65.18 -51.20
CA ASN E 91 -39.59 66.14 -52.23
C ASN E 91 -40.74 66.99 -52.76
N ASP E 92 -40.40 68.20 -53.22
CA ASP E 92 -41.32 69.12 -53.92
C ASP E 92 -41.30 68.75 -55.39
N GLN E 93 -42.27 67.91 -55.80
CA GLN E 93 -42.22 67.13 -57.05
C GLN E 93 -42.63 65.71 -56.68
N LYS E 94 -41.78 65.07 -55.86
CA LYS E 94 -42.13 63.94 -54.99
C LYS E 94 -41.92 62.54 -55.56
N LYS E 95 -41.46 61.63 -54.68
CA LYS E 95 -41.28 60.19 -54.88
C LYS E 95 -39.89 59.77 -55.36
N TYR E 96 -38.91 59.53 -54.46
CA TYR E 96 -37.57 59.17 -54.96
C TYR E 96 -36.49 58.57 -54.03
N VAL E 97 -35.82 59.42 -53.21
CA VAL E 97 -34.37 59.40 -53.02
C VAL E 97 -33.73 58.52 -51.96
N SER E 98 -32.42 58.73 -51.74
CA SER E 98 -31.69 58.30 -50.56
C SER E 98 -31.18 59.53 -49.79
N LEU E 99 -31.05 59.38 -48.48
CA LEU E 99 -30.56 60.42 -47.58
C LEU E 99 -29.88 59.72 -46.42
N ALA E 100 -28.66 60.11 -46.08
CA ALA E 100 -27.86 59.33 -45.14
C ALA E 100 -27.21 60.20 -44.06
N TYR E 101 -27.13 59.62 -42.86
CA TYR E 101 -26.39 60.16 -41.74
C TYR E 101 -25.09 59.38 -41.58
N VAL E 102 -24.00 60.09 -41.35
CA VAL E 102 -22.70 59.45 -41.10
C VAL E 102 -21.98 60.24 -40.02
N GLY E 103 -21.56 59.55 -38.96
CA GLY E 103 -21.02 60.22 -37.81
C GLY E 103 -19.55 60.54 -37.94
N CYS E 104 -19.10 61.52 -37.14
CA CYS E 104 -17.72 61.99 -37.18
C CYS E 104 -17.11 62.11 -35.79
N GLY E 105 -17.74 61.54 -34.76
CA GLY E 105 -17.23 61.62 -33.42
C GLY E 105 -17.40 63.00 -32.81
N PRO E 106 -16.90 63.18 -31.60
CA PRO E 106 -17.04 64.48 -30.92
C PRO E 106 -16.53 65.63 -31.80
N ALA E 107 -17.12 66.79 -31.61
CA ALA E 107 -16.81 67.94 -32.45
C ALA E 107 -15.42 68.49 -32.13
N ASN E 108 -14.79 69.05 -33.17
CA ASN E 108 -13.48 69.69 -33.07
C ASN E 108 -12.38 68.73 -32.60
N GLU E 109 -12.60 67.43 -32.74
CA GLU E 109 -11.59 66.42 -32.44
C GLU E 109 -11.26 65.58 -33.68
N GLU E 110 -11.45 66.17 -34.85
CA GLU E 110 -11.25 65.46 -36.11
C GLU E 110 -9.83 65.63 -36.59
N THR E 111 -9.13 64.51 -36.79
CA THR E 111 -7.79 64.48 -37.35
C THR E 111 -7.82 63.62 -38.62
N GLU E 112 -6.64 63.37 -39.17
CA GLU E 112 -6.55 62.49 -40.34
C GLU E 112 -7.18 61.13 -40.06
N LEU E 113 -7.05 60.62 -38.83
CA LEU E 113 -7.63 59.32 -38.49
C LEU E 113 -9.14 59.33 -38.63
N GLU E 114 -9.81 60.27 -37.97
CA GLU E 114 -11.27 60.29 -37.98
C GLU E 114 -11.81 60.46 -39.40
N ILE E 115 -11.13 61.26 -40.21
CA ILE E 115 -11.63 61.55 -41.55
C ILE E 115 -11.41 60.38 -42.49
N ARG E 116 -10.31 59.64 -42.32
CA ARG E 116 -10.15 58.41 -43.09
C ARG E 116 -11.32 57.46 -42.85
N LYS E 117 -11.76 57.34 -41.59
CA LYS E 117 -12.85 56.43 -41.26
C LYS E 117 -14.20 56.98 -41.71
N VAL E 118 -14.38 58.31 -41.66
CA VAL E 118 -15.61 58.90 -42.19
C VAL E 118 -15.70 58.68 -43.69
N ALA E 119 -14.59 58.91 -44.40
CA ALA E 119 -14.58 58.70 -45.84
C ALA E 119 -14.83 57.24 -46.19
N TYR E 120 -14.31 56.32 -45.37
CA TYR E 120 -14.53 54.90 -45.63
C TYR E 120 -16.00 54.55 -45.50
N ALA E 121 -16.67 55.08 -44.47
CA ALA E 121 -18.09 54.80 -44.28
C ALA E 121 -18.93 55.34 -45.43
N LEU E 122 -18.57 56.52 -45.95
CA LEU E 122 -19.32 57.10 -47.06
C LEU E 122 -19.11 56.30 -48.34
N VAL E 123 -17.87 55.88 -48.61
CA VAL E 123 -17.62 55.04 -49.78
C VAL E 123 -18.36 53.72 -49.66
N THR E 124 -18.47 53.19 -48.44
CA THR E 124 -19.22 51.95 -48.24
C THR E 124 -20.68 52.13 -48.64
N LEU E 125 -21.24 53.32 -48.38
CA LEU E 125 -22.57 53.62 -48.89
C LEU E 125 -22.61 53.56 -50.41
N LEU E 126 -21.62 54.18 -51.06
CA LEU E 126 -21.62 54.26 -52.52
C LEU E 126 -21.32 52.89 -53.14
N HIS E 127 -20.38 52.14 -52.56
CA HIS E 127 -20.06 50.82 -53.09
C HIS E 127 -21.28 49.90 -53.07
N ASP E 128 -22.15 50.06 -52.08
CA ASP E 128 -23.36 49.25 -51.97
C ASP E 128 -24.56 49.89 -52.65
N SER E 129 -24.35 50.91 -53.47
CA SER E 129 -25.44 51.57 -54.18
C SER E 129 -24.98 52.10 -55.53
N HIS E 131 -26.04 55.52 -57.45
CA HIS E 131 -26.65 56.72 -58.00
C HIS E 131 -25.61 57.60 -58.69
N LYS E 132 -26.07 58.69 -59.32
CA LYS E 132 -25.21 59.55 -60.12
C LYS E 132 -24.95 60.91 -59.51
N LYS E 133 -25.90 61.48 -58.76
CA LYS E 133 -25.75 62.78 -58.12
C LYS E 133 -25.68 62.58 -56.62
N VAL E 134 -24.60 63.06 -56.01
CA VAL E 134 -24.38 62.92 -54.58
C VAL E 134 -24.07 64.30 -54.00
N SER E 135 -24.61 64.57 -52.81
CA SER E 135 -24.35 65.79 -52.09
C SER E 135 -23.91 65.44 -50.68
N ILE E 136 -22.84 66.08 -50.21
CA ILE E 136 -22.31 65.84 -48.87
C ILE E 136 -22.43 67.14 -48.09
N ILE E 137 -23.15 67.09 -46.97
CA ILE E 137 -23.36 68.24 -46.11
C ILE E 137 -22.35 68.19 -44.98
N PHE E 138 -21.49 69.21 -44.92
CA PHE E 138 -20.44 69.29 -43.90
C PHE E 138 -20.98 70.09 -42.72
N GLU E 139 -21.61 69.39 -41.77
CA GLU E 139 -21.96 69.97 -40.49
C GLU E 139 -20.85 69.81 -39.46
N ILE E 140 -19.60 69.88 -39.92
CA ILE E 140 -18.41 69.75 -39.08
C ILE E 140 -17.47 70.89 -39.44
N LYS E 141 -16.68 71.33 -38.49
CA LYS E 141 -15.65 72.34 -38.73
C LYS E 141 -14.33 71.62 -38.96
N ILE E 142 -13.84 71.67 -40.20
CA ILE E 142 -12.53 71.14 -40.55
C ILE E 142 -11.83 72.18 -41.42
N GLU E 143 -10.54 72.36 -41.21
CA GLU E 143 -9.79 73.36 -41.94
C GLU E 143 -9.58 72.91 -43.39
N GLU E 144 -8.96 73.79 -44.17
CA GLU E 144 -8.92 73.59 -45.62
C GLU E 144 -8.00 72.44 -46.01
N ALA E 145 -6.91 72.22 -45.28
CA ALA E 145 -5.98 71.16 -45.64
C ALA E 145 -6.58 69.78 -45.36
N LEU E 146 -7.27 69.64 -44.22
CA LEU E 146 -7.92 68.38 -43.91
C LEU E 146 -9.16 68.16 -44.77
N PHE E 147 -9.77 69.23 -45.26
CA PHE E 147 -10.89 69.09 -46.20
C PHE E 147 -10.43 68.47 -47.50
N ARG E 148 -9.29 68.92 -48.02
CA ARG E 148 -8.72 68.31 -49.22
C ARG E 148 -8.37 66.84 -48.97
N PHE E 149 -7.90 66.53 -47.76
CA PHE E 149 -7.55 65.15 -47.43
C PHE E 149 -8.77 64.25 -47.41
N PHE E 150 -9.92 64.77 -46.99
CA PHE E 150 -11.14 63.98 -47.02
C PHE E 150 -11.51 63.57 -48.44
N LEU E 151 -11.39 64.50 -49.39
CA LEU E 151 -11.68 64.17 -50.77
C LEU E 151 -10.62 63.24 -51.36
N GLU E 152 -9.36 63.43 -50.96
CA GLU E 152 -8.29 62.56 -51.44
C GLU E 152 -8.53 61.12 -51.01
N HIS E 153 -8.89 60.93 -49.74
CA HIS E 153 -9.10 59.58 -49.23
C HIS E 153 -10.42 58.99 -49.73
N LEU E 154 -11.44 59.83 -49.91
CA LEU E 154 -12.69 59.35 -50.49
C LEU E 154 -12.45 58.75 -51.87
N PHE E 155 -11.69 59.45 -52.72
CA PHE E 155 -11.38 58.92 -54.03
C PHE E 155 -10.51 57.66 -53.92
N TYR E 156 -9.56 57.67 -52.98
CA TYR E 156 -8.69 56.51 -52.79
C TYR E 156 -9.49 55.26 -52.46
N GLU E 157 -10.45 55.38 -51.53
CA GLU E 157 -11.28 54.25 -51.17
C GLU E 157 -12.32 53.90 -52.22
N TYR E 158 -12.59 54.82 -53.15
CA TYR E 158 -13.68 54.65 -54.10
C TYR E 158 -13.26 53.92 -55.37
N VAL E 159 -12.05 54.19 -55.88
CA VAL E 159 -11.58 53.62 -57.13
C VAL E 159 -10.90 52.28 -56.83
N THR E 160 -11.46 51.21 -57.37
CA THR E 160 -10.94 49.86 -57.16
C THR E 160 -9.94 49.49 -58.24
N ASP E 161 -8.97 48.67 -57.88
CA ASP E 161 -7.92 48.22 -58.79
C ASP E 161 -8.33 46.88 -59.37
N GLU E 162 -8.65 46.86 -60.66
CA GLU E 162 -9.15 45.66 -61.33
C GLU E 162 -8.26 45.21 -62.47
N ARG E 163 -7.01 45.72 -62.53
CA ARG E 163 -6.16 45.42 -63.68
C ARG E 163 -5.85 43.94 -63.78
N PHE E 164 -5.85 43.21 -62.67
CA PHE E 164 -5.41 41.82 -62.65
C PHE E 164 -6.55 40.85 -62.39
N LYS E 165 -7.80 41.31 -62.45
CA LYS E 165 -8.95 40.43 -62.50
C LYS E 165 -9.21 40.00 -63.93
N SER E 166 -9.88 38.86 -64.09
CA SER E 166 -10.21 38.35 -65.42
C SER E 166 -11.56 38.85 -65.92
N ALA E 167 -12.48 39.21 -65.02
CA ALA E 167 -13.74 39.79 -65.44
C ALA E 167 -13.51 41.09 -66.21
N ASP E 168 -14.55 41.53 -66.91
CA ASP E 168 -14.47 42.75 -67.70
C ASP E 168 -14.63 43.99 -66.81
N GLU E 172 -17.77 52.80 -66.63
CA GLU E 172 -18.07 54.20 -66.89
C GLU E 172 -19.43 54.57 -66.33
N THR E 173 -20.41 53.69 -66.57
CA THR E 173 -21.77 53.88 -66.05
C THR E 173 -21.92 53.40 -64.61
N ASP E 174 -20.85 52.90 -64.00
CA ASP E 174 -20.89 52.35 -62.65
C ASP E 174 -20.55 53.38 -61.58
N PHE E 175 -20.23 54.61 -61.95
CA PHE E 175 -19.64 55.57 -61.03
C PHE E 175 -20.42 56.87 -60.97
N ILE E 176 -20.21 57.60 -59.88
CA ILE E 176 -20.79 58.93 -59.71
C ILE E 176 -20.35 59.84 -60.86
N LYS E 177 -21.16 60.85 -61.13
CA LYS E 177 -20.84 61.84 -62.16
C LYS E 177 -20.93 63.28 -61.67
N ASN E 178 -21.62 63.55 -60.56
CA ASN E 178 -21.74 64.90 -60.02
C ASN E 178 -21.60 64.83 -58.50
N LEU E 179 -20.67 65.63 -57.96
CA LEU E 179 -20.42 65.70 -56.53
C LEU E 179 -20.53 67.15 -56.07
N SER E 180 -21.36 67.40 -55.07
CA SER E 180 -21.55 68.73 -54.51
C SER E 180 -21.21 68.69 -53.02
N LEU E 181 -20.47 69.71 -52.56
CA LEU E 181 -19.99 69.78 -51.19
C LEU E 181 -20.48 71.08 -50.55
N HIS E 182 -21.30 70.95 -49.51
CA HIS E 182 -21.91 72.09 -48.82
C HIS E 182 -21.19 72.31 -47.49
N ILE E 183 -20.60 73.49 -47.33
CA ILE E 183 -19.76 73.78 -46.18
C ILE E 183 -19.82 75.29 -45.93
N ALA E 184 -19.82 75.66 -44.64
CA ALA E 184 -19.80 77.07 -44.28
C ALA E 184 -18.55 77.74 -44.81
N ASN E 185 -18.69 79.00 -45.25
CA ASN E 185 -17.59 79.76 -45.84
C ASN E 185 -16.92 78.95 -46.96
N ALA E 186 -17.75 78.50 -47.91
CA ALA E 186 -17.28 77.62 -48.97
C ALA E 186 -16.30 78.28 -49.92
N ASP E 187 -16.17 79.61 -49.88
CA ASP E 187 -15.25 80.28 -50.79
C ASP E 187 -13.80 79.94 -50.47
N ALA E 188 -13.50 79.57 -49.23
CA ALA E 188 -12.13 79.28 -48.85
C ALA E 188 -11.67 77.90 -49.33
N TYR E 189 -12.60 76.95 -49.46
CA TYR E 189 -12.27 75.59 -49.84
C TYR E 189 -12.22 75.37 -51.34
N LYS E 190 -12.71 76.32 -52.14
CA LYS E 190 -12.85 76.08 -53.58
C LYS E 190 -11.51 75.77 -54.23
N GLY E 191 -10.41 76.34 -53.71
CA GLY E 191 -9.11 76.11 -54.29
C GLY E 191 -8.54 74.74 -54.03
N GLN E 192 -9.09 74.01 -53.06
CA GLN E 192 -8.58 72.69 -52.71
C GLN E 192 -9.11 71.58 -53.61
N ILE E 193 -10.07 71.87 -54.48
CA ILE E 193 -10.69 70.81 -55.28
C ILE E 193 -9.70 70.27 -56.30
N ASP E 194 -9.09 71.15 -57.10
CA ASP E 194 -8.17 70.68 -58.13
C ASP E 194 -6.88 70.17 -57.52
N LYS E 195 -6.46 70.72 -56.38
CA LYS E 195 -5.31 70.14 -55.68
C LYS E 195 -5.60 68.72 -55.24
N ALA E 196 -6.85 68.44 -54.84
CA ALA E 196 -7.22 67.08 -54.48
C ALA E 196 -7.17 66.14 -55.68
N ARG E 197 -7.64 66.60 -56.84
CA ARG E 197 -7.56 65.78 -58.04
C ARG E 197 -6.11 65.40 -58.34
N VAL E 198 -5.21 66.37 -58.24
CA VAL E 198 -3.79 66.11 -58.51
C VAL E 198 -3.22 65.19 -57.45
N TYR E 199 -3.47 65.49 -56.17
CA TYR E 199 -2.88 64.70 -55.09
C TYR E 199 -3.43 63.29 -55.08
N PHE E 200 -4.72 63.12 -55.38
CA PHE E 200 -5.29 61.78 -55.40
C PHE E 200 -4.63 60.91 -56.45
N TYR E 201 -4.47 61.44 -57.67
CA TYR E 201 -3.93 60.60 -58.73
C TYR E 201 -2.46 60.29 -58.50
N GLY E 202 -1.71 61.23 -57.93
CA GLY E 202 -0.33 60.93 -57.57
C GLY E 202 -0.24 59.77 -56.59
N THR E 203 -1.15 59.74 -55.61
CA THR E 203 -1.17 58.64 -54.66
C THR E 203 -1.72 57.37 -55.30
N TYR E 204 -2.74 57.51 -56.14
CA TYR E 204 -3.30 56.37 -56.86
C TYR E 204 -2.28 55.78 -57.82
N TYR E 205 -1.47 56.64 -58.44
CA TYR E 205 -0.45 56.15 -59.37
C TYR E 205 0.64 55.38 -58.63
N ALA E 206 1.12 55.94 -57.51
CA ALA E 206 2.10 55.22 -56.71
C ALA E 206 1.55 53.88 -56.24
N ALA E 207 0.29 53.85 -55.79
CA ALA E 207 -0.30 52.60 -55.33
C ALA E 207 -0.37 51.57 -56.45
N GLN E 208 -0.65 52.01 -57.68
CA GLN E 208 -0.76 51.08 -58.80
C GLN E 208 0.58 50.39 -59.08
N LEU E 209 1.68 51.13 -58.94
CA LEU E 209 2.99 50.53 -59.15
C LEU E 209 3.34 49.55 -58.03
N ILE E 210 2.99 49.90 -56.79
CA ILE E 210 3.32 49.03 -55.66
C ILE E 210 2.52 47.74 -55.74
N ALA E 211 1.21 47.85 -56.03
CA ALA E 211 0.36 46.66 -56.10
C ALA E 211 0.75 45.74 -57.25
N ALA E 212 1.34 46.29 -58.30
CA ALA E 212 1.70 45.48 -59.46
C ALA E 212 2.63 44.35 -59.03
N PRO E 213 2.30 43.10 -59.33
CA PRO E 213 3.18 41.99 -58.93
C PRO E 213 4.55 42.10 -59.58
N SER E 214 5.52 41.41 -58.96
CA SER E 214 6.90 41.55 -59.37
C SER E 214 7.17 40.98 -60.75
N ASN E 215 6.33 40.08 -61.25
CA ASN E 215 6.51 39.60 -62.62
C ASN E 215 6.03 40.62 -63.64
N TYR E 216 5.16 41.55 -63.25
CA TYR E 216 4.77 42.68 -64.08
C TYR E 216 5.71 43.86 -63.89
N CYS E 217 6.00 44.21 -62.63
CA CYS E 217 6.83 45.37 -62.28
C CYS E 217 8.23 44.86 -61.94
N ASN E 218 9.15 45.04 -62.87
CA ASN E 218 10.55 44.67 -62.75
C ASN E 218 11.38 45.88 -63.11
N PRO E 219 12.71 45.82 -62.90
CA PRO E 219 13.53 47.01 -63.17
C PRO E 219 13.36 47.57 -64.57
N VAL E 220 13.14 46.73 -65.57
CA VAL E 220 13.03 47.20 -66.94
C VAL E 220 11.67 47.86 -67.17
N SER E 221 10.58 47.18 -66.77
CA SER E 221 9.25 47.73 -67.00
C SER E 221 8.98 48.95 -66.12
N LEU E 222 9.56 49.00 -64.92
CA LEU E 222 9.38 50.17 -64.06
C LEU E 222 10.07 51.39 -64.63
N SER E 223 11.28 51.21 -65.19
CA SER E 223 11.95 52.33 -65.84
C SER E 223 11.20 52.77 -67.09
N ASN E 224 10.60 51.83 -67.83
CA ASN E 224 9.78 52.22 -68.97
C ASN E 224 8.55 52.99 -68.52
N ALA E 225 7.98 52.62 -67.37
CA ALA E 225 6.85 53.39 -66.83
C ALA E 225 7.27 54.80 -66.46
N ALA E 226 8.49 54.96 -65.92
CA ALA E 226 8.99 56.29 -65.63
C ALA E 226 9.18 57.09 -66.91
N VAL E 227 9.64 56.45 -67.98
CA VAL E 227 9.76 57.11 -69.27
C VAL E 227 8.40 57.61 -69.74
N GLU E 228 7.36 56.81 -69.55
CA GLU E 228 6.02 57.20 -69.98
C GLU E 228 5.50 58.35 -69.14
N LEU E 229 5.71 58.30 -67.82
CA LEU E 229 5.24 59.36 -66.95
C LEU E 229 5.91 60.69 -67.28
N ALA E 230 7.23 60.67 -67.47
CA ALA E 230 7.95 61.90 -67.77
C ALA E 230 7.44 62.53 -69.07
N GLN E 231 7.09 61.70 -70.05
CA GLN E 231 6.58 62.24 -71.31
C GLN E 231 5.24 62.94 -71.12
N LYS E 232 4.45 62.52 -70.13
CA LYS E 232 3.12 63.09 -69.92
C LYS E 232 3.16 64.44 -69.21
N VAL E 233 4.27 64.77 -68.54
CA VAL E 233 4.39 66.03 -67.82
C VAL E 233 5.66 66.75 -68.26
N ASN E 234 6.24 66.31 -69.38
CA ASN E 234 7.37 66.97 -70.02
C ASN E 234 8.58 67.07 -69.07
N LEU E 235 8.67 66.17 -68.11
CA LEU E 235 9.85 66.12 -67.26
C LEU E 235 11.01 65.51 -68.04
N GLU E 236 12.21 66.06 -67.82
CA GLU E 236 13.41 65.43 -68.38
C GLU E 236 13.57 64.04 -67.78
N CYS E 237 13.96 63.09 -68.61
CA CYS E 237 14.11 61.71 -68.17
C CYS E 237 15.39 61.12 -68.73
N LYS E 238 16.20 60.55 -67.85
CA LYS E 238 17.44 59.87 -68.22
C LYS E 238 17.48 58.54 -67.46
N ILE E 239 17.62 57.45 -68.20
CA ILE E 239 17.71 56.11 -67.63
C ILE E 239 19.15 55.63 -67.83
N LEU E 240 19.85 55.38 -66.72
CA LEU E 240 21.22 54.92 -66.77
C LEU E 240 21.26 53.39 -66.80
N ASP E 241 22.09 52.85 -67.69
CA ASP E 241 22.22 51.41 -67.86
C ASP E 241 23.51 50.90 -67.23
N VAL E 242 23.66 49.57 -67.22
CA VAL E 242 24.75 48.95 -66.48
C VAL E 242 26.10 49.54 -66.86
N LYS E 243 26.33 49.74 -68.17
CA LYS E 243 27.65 50.22 -68.59
C LYS E 243 27.98 51.57 -68.00
N GLU E 244 27.01 52.48 -67.96
CA GLU E 244 27.26 53.79 -67.35
C GLU E 244 27.40 53.68 -65.84
N LEU E 245 26.63 52.78 -65.21
CA LEU E 245 26.76 52.59 -63.77
C LEU E 245 28.11 52.00 -63.42
N GLU E 246 28.69 51.19 -64.29
CA GLU E 246 30.01 50.63 -64.03
C GLU E 246 31.08 51.72 -64.06
N GLU E 247 31.08 52.55 -65.09
CA GLU E 247 32.07 53.63 -65.17
C GLU E 247 31.86 54.65 -64.05
N LEU E 248 30.64 54.77 -63.52
CA LEU E 248 30.42 55.59 -62.34
C LEU E 248 30.79 54.87 -61.05
N LYS E 249 31.15 53.57 -61.13
CA LYS E 249 31.69 52.82 -60.00
C LYS E 249 30.65 52.60 -58.91
N MET E 250 29.39 52.40 -59.30
CA MET E 250 28.33 52.12 -58.34
C MET E 250 28.34 50.62 -57.97
N GLY E 251 29.40 50.23 -57.27
CA GLY E 251 29.59 48.83 -56.94
C GLY E 251 28.62 48.30 -55.91
N ALA E 252 28.14 49.16 -55.01
CA ALA E 252 27.17 48.71 -54.02
C ALA E 252 25.83 48.43 -54.67
N TYR E 253 25.35 49.36 -55.50
CA TYR E 253 24.07 49.20 -56.18
C TYR E 253 24.11 48.05 -57.18
N LEU E 254 25.23 47.90 -57.90
CA LEU E 254 25.31 46.85 -58.90
C LEU E 254 25.49 45.47 -58.28
N SER E 255 26.08 45.40 -57.09
CA SER E 255 26.25 44.11 -56.43
C SER E 255 24.89 43.49 -56.09
N VAL E 256 23.92 44.33 -55.71
CA VAL E 256 22.62 43.82 -55.28
C VAL E 256 21.90 43.14 -56.44
N GLY E 257 22.03 43.70 -57.65
CA GLY E 257 21.34 43.18 -58.80
C GLY E 257 22.08 42.12 -59.58
N LYS E 258 23.22 41.64 -59.07
CA LYS E 258 24.01 40.66 -59.80
C LYS E 258 23.22 39.39 -60.08
N GLY E 259 22.41 38.96 -59.12
CA GLY E 259 21.72 37.69 -59.24
C GLY E 259 20.35 37.75 -59.86
N SER E 260 20.04 38.86 -60.53
CA SER E 260 18.74 39.06 -61.15
C SER E 260 18.83 38.88 -62.66
N MET E 261 17.76 38.36 -63.24
CA MET E 261 17.67 38.26 -64.70
C MET E 261 17.38 39.61 -65.36
N TYR E 262 17.05 40.64 -64.57
CA TYR E 262 16.71 41.95 -65.10
C TYR E 262 17.87 42.91 -64.88
N PRO E 263 18.32 43.62 -65.92
CA PRO E 263 19.41 44.58 -65.71
C PRO E 263 18.99 45.73 -64.81
N ASN E 264 19.97 46.23 -64.05
CA ASN E 264 19.73 47.40 -63.21
C ASN E 264 19.36 48.60 -64.07
N LYS E 265 18.43 49.41 -63.56
CA LYS E 265 18.01 50.64 -64.21
C LYS E 265 17.97 51.75 -63.17
N PHE E 266 18.73 52.82 -63.40
CA PHE E 266 18.77 53.97 -62.49
C PHE E 266 17.92 55.07 -63.08
N ILE E 267 16.81 55.40 -62.41
CA ILE E 267 15.89 56.41 -62.90
C ILE E 267 16.38 57.78 -62.43
N HIS E 268 16.36 58.76 -63.35
CA HIS E 268 16.70 60.14 -63.01
C HIS E 268 15.80 61.05 -63.84
N LEU E 269 14.71 61.50 -63.23
CA LEU E 269 13.87 62.55 -63.81
C LEU E 269 14.30 63.91 -63.24
N THR E 270 14.01 64.96 -64.01
CA THR E 270 14.35 66.31 -63.60
C THR E 270 13.21 67.26 -63.95
N TYR E 271 12.79 68.06 -62.98
CA TYR E 271 11.86 69.15 -63.19
C TYR E 271 12.57 70.48 -62.97
N LYS E 272 12.29 71.45 -63.83
CA LYS E 272 12.84 72.79 -63.72
C LYS E 272 11.71 73.79 -63.91
N GLY E 273 11.38 74.52 -62.85
CA GLY E 273 10.31 75.49 -62.92
C GLY E 273 10.73 76.79 -63.59
N ALA E 274 9.72 77.58 -63.97
CA ALA E 274 9.99 78.87 -64.58
C ALA E 274 10.64 79.80 -63.57
N GLN E 275 11.77 80.39 -63.96
CA GLN E 275 12.51 81.28 -63.08
C GLN E 275 11.87 82.67 -63.10
N THR E 276 11.60 83.21 -61.91
CA THR E 276 11.05 84.56 -61.79
C THR E 276 11.72 85.31 -60.64
N LYS E 283 17.47 79.02 -57.98
CA LYS E 283 17.01 79.21 -56.61
C LYS E 283 17.23 77.92 -55.81
N LYS E 284 16.15 77.20 -55.52
CA LYS E 284 16.20 76.00 -54.69
C LYS E 284 16.31 74.77 -55.57
N LYS E 285 17.25 73.89 -55.23
CA LYS E 285 17.44 72.61 -55.91
C LYS E 285 17.25 71.48 -54.91
N ILE E 286 16.43 70.50 -55.28
CA ILE E 286 16.08 69.40 -54.39
C ILE E 286 16.34 68.08 -55.09
N ALA E 287 16.74 67.08 -54.30
CA ALA E 287 16.94 65.72 -54.78
C ALA E 287 16.10 64.78 -53.94
N LEU E 288 15.22 64.03 -54.60
CA LEU E 288 14.35 63.06 -53.93
C LEU E 288 14.77 61.66 -54.38
N ILE E 289 15.07 60.80 -53.41
CA ILE E 289 15.55 59.44 -53.67
C ILE E 289 14.52 58.46 -53.14
N GLY E 290 14.16 57.47 -53.96
CA GLY E 290 13.24 56.44 -53.54
C GLY E 290 13.84 55.05 -53.72
N LYS E 291 13.77 54.23 -52.67
CA LYS E 291 14.26 52.86 -52.77
C LYS E 291 13.40 52.08 -53.74
N GLY E 292 14.04 51.42 -54.71
CA GLY E 292 13.32 50.75 -55.77
C GLY E 292 13.71 49.30 -55.98
N ILE E 293 13.50 48.45 -54.98
CA ILE E 293 13.72 47.02 -55.11
C ILE E 293 12.39 46.40 -55.55
N THR E 294 12.31 46.01 -56.83
CA THR E 294 11.05 45.51 -57.37
C THR E 294 10.63 44.20 -56.73
N PHE E 295 11.59 43.41 -56.25
CA PHE E 295 11.29 42.27 -55.41
C PHE E 295 12.51 41.97 -54.54
N ASP E 296 12.26 41.69 -53.26
CA ASP E 296 13.31 41.43 -52.28
C ASP E 296 13.11 40.03 -51.74
N SER E 297 13.80 39.05 -52.34
CA SER E 297 13.78 37.71 -51.78
C SER E 297 14.62 37.63 -50.51
N GLY E 298 15.51 38.60 -50.30
CA GLY E 298 16.49 38.55 -49.23
C GLY E 298 17.87 38.12 -49.67
N GLY E 299 18.01 37.63 -50.90
CA GLY E 299 19.27 37.08 -51.33
C GLY E 299 19.55 35.77 -50.62
N TYR E 300 20.84 35.41 -50.55
CA TYR E 300 21.23 34.20 -49.84
C TYR E 300 20.87 34.26 -48.37
N ASN E 301 20.71 35.46 -47.81
CA ASN E 301 20.05 35.65 -46.51
C ASN E 301 18.52 35.59 -46.73
N LEU E 302 18.08 34.44 -47.24
CA LEU E 302 16.72 34.28 -47.73
C LEU E 302 15.70 34.54 -46.64
N LYS E 303 14.57 35.12 -47.04
CA LYS E 303 13.44 35.37 -46.15
C LYS E 303 12.68 34.07 -45.95
N ALA E 304 13.14 33.27 -44.99
CA ALA E 304 12.55 31.97 -44.71
C ALA E 304 11.95 31.86 -43.32
N ALA E 305 12.28 32.76 -42.40
CA ALA E 305 11.76 32.66 -41.05
C ALA E 305 10.28 33.07 -41.02
N PRO E 306 9.51 32.54 -40.08
CA PRO E 306 8.10 32.93 -39.98
C PRO E 306 7.96 34.41 -39.67
N GLY E 307 7.16 35.11 -40.47
CA GLY E 307 6.92 36.52 -40.30
C GLY E 307 7.68 37.41 -41.27
N SER E 308 8.53 36.85 -42.12
CA SER E 308 9.34 37.66 -43.04
C SER E 308 8.55 38.19 -44.23
N MET E 309 7.34 37.69 -44.46
CA MET E 309 6.41 38.29 -45.42
C MET E 309 6.98 38.31 -46.85
N ILE E 310 7.55 37.17 -47.27
CA ILE E 310 8.17 37.13 -48.58
C ILE E 310 7.15 37.35 -49.69
N ASP E 311 5.89 36.96 -49.45
CA ASP E 311 4.87 37.06 -50.48
C ASP E 311 4.46 38.50 -50.77
N LEU E 312 4.84 39.45 -49.91
CA LEU E 312 4.48 40.85 -50.11
C LEU E 312 5.67 41.73 -50.49
N MET E 313 6.85 41.14 -50.66
CA MET E 313 8.07 41.92 -50.93
C MET E 313 8.05 42.63 -52.28
N LYS E 314 6.94 42.64 -53.04
CA LYS E 314 6.84 43.53 -54.17
C LYS E 314 6.75 45.00 -53.74
N PHE E 315 6.49 45.26 -52.46
CA PHE E 315 6.34 46.62 -51.96
C PHE E 315 7.65 47.28 -51.57
N ASP E 316 8.78 46.63 -51.83
CA ASP E 316 10.08 47.20 -51.52
C ASP E 316 10.53 48.24 -52.55
N MET E 317 9.66 48.60 -53.49
CA MET E 317 9.87 49.77 -54.34
C MET E 317 8.88 50.88 -54.01
N SER E 318 8.29 50.84 -52.80
CA SER E 318 7.31 51.86 -52.41
C SER E 318 7.92 53.26 -52.40
N GLY E 319 9.20 53.38 -52.01
CA GLY E 319 9.84 54.67 -52.04
C GLY E 319 9.94 55.24 -53.44
N CYS E 320 10.42 54.41 -54.38
CA CYS E 320 10.45 54.82 -55.78
C CYS E 320 9.05 55.16 -56.27
N ALA E 321 8.05 54.41 -55.84
CA ALA E 321 6.67 54.71 -56.23
C ALA E 321 6.24 56.08 -55.70
N ALA E 322 6.56 56.37 -54.44
CA ALA E 322 6.19 57.66 -53.86
C ALA E 322 6.93 58.80 -54.56
N VAL E 323 8.18 58.56 -54.96
CA VAL E 323 8.95 59.59 -55.65
C VAL E 323 8.39 59.84 -57.05
N LEU E 324 7.99 58.79 -57.75
CA LEU E 324 7.39 58.96 -59.07
C LEU E 324 6.00 59.59 -58.96
N GLY E 325 5.23 59.22 -57.94
CA GLY E 325 3.95 59.86 -57.73
C GLY E 325 4.07 61.35 -57.50
N CYS E 326 5.10 61.76 -56.75
CA CYS E 326 5.32 63.18 -56.55
C CYS E 326 5.81 63.85 -57.83
N ALA E 327 6.59 63.14 -58.64
CA ALA E 327 6.97 63.68 -59.94
C ALA E 327 5.74 64.02 -60.77
N TYR E 328 4.70 63.20 -60.69
CA TYR E 328 3.46 63.51 -61.41
C TYR E 328 2.85 64.82 -60.90
N CYS E 329 2.75 64.98 -59.58
CA CYS E 329 2.13 66.17 -59.02
C CYS E 329 2.91 67.42 -59.40
N ILE E 330 4.23 67.39 -59.22
CA ILE E 330 5.04 68.57 -59.51
C ILE E 330 5.06 68.85 -61.00
N GLY E 331 5.19 67.80 -61.82
CA GLY E 331 5.12 67.98 -63.25
C GLY E 331 3.79 68.50 -63.73
N THR E 332 2.74 68.36 -62.92
CA THR E 332 1.41 68.83 -63.29
C THR E 332 1.14 70.24 -62.74
N ILE E 333 1.48 70.48 -61.48
CA ILE E 333 1.29 71.80 -60.89
C ILE E 333 2.30 72.79 -61.46
N LYS E 334 3.53 72.32 -61.70
CA LYS E 334 4.58 73.14 -62.30
C LYS E 334 4.84 74.39 -61.46
N PRO E 335 5.33 74.25 -60.23
CA PRO E 335 5.64 75.42 -59.42
C PRO E 335 6.85 76.18 -59.94
N ASP E 336 6.91 77.46 -59.57
CA ASP E 336 7.99 78.33 -60.01
C ASP E 336 9.20 78.20 -59.10
N ASN E 337 10.37 78.52 -59.67
CA ASN E 337 11.61 78.67 -58.91
C ASN E 337 11.89 77.47 -58.01
N VAL E 338 12.00 76.31 -58.65
CA VAL E 338 12.41 75.10 -57.95
C VAL E 338 12.87 74.07 -58.98
N GLU E 339 14.02 73.45 -58.72
CA GLU E 339 14.55 72.37 -59.55
C GLU E 339 14.54 71.10 -58.71
N VAL E 340 13.87 70.06 -59.21
CA VAL E 340 13.69 68.82 -58.48
C VAL E 340 14.24 67.67 -59.31
N HIS E 341 15.02 66.80 -58.66
CA HIS E 341 15.56 65.59 -59.27
C HIS E 341 14.93 64.38 -58.60
N PHE E 342 14.31 63.52 -59.39
CA PHE E 342 13.63 62.31 -58.91
C PHE E 342 14.50 61.12 -59.27
N LEU E 343 15.05 60.45 -58.25
CA LEU E 343 16.05 59.42 -58.45
C LEU E 343 15.62 58.11 -57.82
N SER E 344 16.03 57.01 -58.43
CA SER E 344 15.81 55.68 -57.86
C SER E 344 16.73 54.68 -58.53
N ALA E 345 17.61 54.07 -57.74
CA ALA E 345 18.43 52.96 -58.20
C ALA E 345 17.58 51.69 -58.11
N VAL E 346 17.04 51.24 -59.24
CA VAL E 346 16.09 50.14 -59.28
C VAL E 346 16.83 48.85 -59.60
N CYS E 347 16.43 47.76 -58.95
CA CYS E 347 17.01 46.44 -59.20
C CYS E 347 16.17 45.39 -58.47
N GLU E 348 16.62 44.14 -58.55
CA GLU E 348 15.95 42.99 -57.96
C GLU E 348 16.96 42.19 -57.15
N ASN E 349 16.56 41.75 -55.95
CA ASN E 349 17.43 41.01 -55.04
C ASN E 349 16.99 39.55 -55.06
N MET E 350 17.76 38.71 -55.76
CA MET E 350 17.38 37.33 -56.03
C MET E 350 18.51 36.37 -55.65
N VAL E 351 18.21 35.08 -55.72
CA VAL E 351 19.16 34.01 -55.42
C VAL E 351 19.55 33.33 -56.73
N SER E 352 20.85 33.20 -56.96
CA SER E 352 21.35 32.68 -58.23
C SER E 352 22.83 32.37 -58.05
N LYS E 353 23.38 31.63 -59.02
CA LYS E 353 24.82 31.41 -59.05
C LYS E 353 25.59 32.71 -59.17
N ASN E 354 24.95 33.77 -59.69
CA ASN E 354 25.60 35.05 -59.93
C ASN E 354 25.38 36.07 -58.82
N SER E 355 24.58 35.74 -57.81
CA SER E 355 24.27 36.68 -56.75
C SER E 355 25.52 36.98 -55.92
N TYR E 356 25.52 38.15 -55.28
CA TYR E 356 26.57 38.47 -54.33
C TYR E 356 26.34 37.69 -53.04
N ARG E 357 27.45 37.34 -52.37
CA ARG E 357 27.36 36.43 -51.25
C ARG E 357 27.39 37.19 -49.93
N PRO E 358 26.79 36.63 -48.88
CA PRO E 358 27.05 37.15 -47.53
C PRO E 358 28.54 37.16 -47.25
N GLY E 359 29.05 38.31 -46.81
CA GLY E 359 30.46 38.46 -46.52
C GLY E 359 31.28 39.08 -47.63
N ASP E 360 30.71 39.23 -48.83
CA ASP E 360 31.41 39.94 -49.90
C ASP E 360 31.73 41.36 -49.45
N ILE E 361 32.87 41.86 -49.91
CA ILE E 361 33.27 43.25 -49.68
C ILE E 361 33.15 43.97 -51.02
N ILE E 362 32.35 45.04 -51.04
CA ILE E 362 32.05 45.78 -52.24
C ILE E 362 32.47 47.23 -52.05
N THR E 363 32.68 47.92 -53.16
CA THR E 363 33.16 49.30 -53.15
C THR E 363 32.09 50.23 -53.67
N ALA E 364 31.69 51.19 -52.84
CA ALA E 364 30.68 52.17 -53.23
C ALA E 364 31.30 53.19 -54.19
N SER E 365 30.43 54.03 -54.78
CA SER E 365 30.89 55.00 -55.77
C SER E 365 31.73 56.11 -55.14
N ASN E 366 31.68 56.29 -53.82
CA ASN E 366 32.51 57.27 -53.15
C ASN E 366 33.81 56.66 -52.62
N GLY E 367 34.10 55.41 -52.97
CA GLY E 367 35.34 54.77 -52.60
C GLY E 367 35.31 53.95 -51.32
N LYS E 368 34.25 54.07 -50.52
CA LYS E 368 34.18 53.34 -49.27
C LYS E 368 33.87 51.87 -49.50
N THR E 369 34.62 50.99 -48.83
CA THR E 369 34.40 49.55 -48.92
C THR E 369 33.38 49.12 -47.89
N ILE E 370 32.51 48.19 -48.29
CA ILE E 370 31.39 47.74 -47.46
C ILE E 370 31.42 46.22 -47.39
N GLU E 371 31.43 45.68 -46.18
CA GLU E 371 31.27 44.25 -45.95
C GLU E 371 29.78 43.95 -45.82
N VAL E 372 29.32 42.94 -46.56
CA VAL E 372 27.89 42.60 -46.61
C VAL E 372 27.64 41.57 -45.53
N GLY E 373 27.34 42.05 -44.32
CA GLY E 373 26.99 41.16 -43.23
C GLY E 373 25.67 40.45 -43.42
N ASN E 374 24.81 40.97 -44.29
CA ASN E 374 23.49 40.37 -44.53
C ASN E 374 23.02 40.85 -45.90
N THR E 375 22.77 39.92 -46.81
CA THR E 375 22.32 40.29 -48.16
C THR E 375 20.88 40.78 -48.17
N ASP E 376 20.13 40.62 -47.08
CA ASP E 376 18.78 41.14 -46.98
C ASP E 376 18.75 42.60 -46.54
N ALA E 377 19.90 43.18 -46.25
CA ALA E 377 20.01 44.63 -46.02
C ALA E 377 20.51 45.31 -47.29
N GLU E 378 19.86 45.01 -48.41
CA GLU E 378 20.33 45.47 -49.71
C GLU E 378 19.85 46.88 -50.03
N GLY E 379 18.71 47.28 -49.49
CA GLY E 379 18.19 48.61 -49.80
C GLY E 379 19.20 49.70 -49.54
N ARG E 380 19.85 49.67 -48.38
CA ARG E 380 20.81 50.71 -48.03
C ARG E 380 22.04 50.68 -48.93
N LEU E 381 22.34 49.53 -49.56
CA LEU E 381 23.46 49.48 -50.50
C LEU E 381 23.13 50.25 -51.76
N THR E 382 21.91 50.10 -52.28
CA THR E 382 21.51 50.86 -53.46
C THR E 382 21.36 52.34 -53.14
N LEU E 383 20.81 52.66 -51.97
CA LEU E 383 20.67 54.06 -51.58
C LEU E 383 22.03 54.72 -51.39
N ALA E 384 23.02 53.96 -50.92
CA ALA E 384 24.36 54.53 -50.73
C ALA E 384 24.87 55.12 -52.03
N ASP E 385 24.71 54.41 -53.15
CA ASP E 385 25.18 54.91 -54.44
C ASP E 385 24.27 55.99 -54.99
N ALA E 386 22.98 55.96 -54.62
CA ALA E 386 22.07 57.03 -55.04
C ALA E 386 22.39 58.34 -54.30
N LEU E 387 22.70 58.24 -53.00
CA LEU E 387 23.07 59.43 -52.24
C LEU E 387 24.32 60.07 -52.81
N VAL E 388 25.37 59.27 -53.04
CA VAL E 388 26.59 59.80 -53.63
C VAL E 388 26.28 60.46 -54.98
N TYR E 389 25.38 59.84 -55.76
CA TYR E 389 24.99 60.40 -57.05
C TYR E 389 24.24 61.71 -56.87
N ALA E 390 23.35 61.79 -55.89
CA ALA E 390 22.55 62.99 -55.70
C ALA E 390 23.41 64.16 -55.22
N GLU E 391 24.34 63.89 -54.31
CA GLU E 391 25.18 64.96 -53.79
C GLU E 391 26.02 65.59 -54.90
N LYS E 392 26.44 64.80 -55.87
CA LYS E 392 27.23 65.31 -56.99
C LYS E 392 26.43 66.24 -57.89
N LEU E 393 25.11 66.26 -57.75
CA LEU E 393 24.28 67.18 -58.53
C LEU E 393 24.30 68.60 -57.98
N GLY E 394 24.88 68.81 -56.81
CA GLY E 394 24.95 70.13 -56.23
C GLY E 394 23.59 70.70 -55.87
N VAL E 395 22.87 70.03 -54.98
CA VAL E 395 21.55 70.45 -54.58
C VAL E 395 21.60 70.98 -53.15
N ASP E 396 20.49 71.60 -52.72
CA ASP E 396 20.40 72.18 -51.39
C ASP E 396 19.87 71.20 -50.35
N TYR E 397 18.99 70.28 -50.76
CA TYR E 397 18.43 69.28 -49.85
C TYR E 397 18.39 67.94 -50.56
N ILE E 398 18.65 66.88 -49.80
CA ILE E 398 18.54 65.50 -50.26
C ILE E 398 17.58 64.80 -49.32
N VAL E 399 16.48 64.29 -49.87
CA VAL E 399 15.47 63.56 -49.10
C VAL E 399 15.30 62.19 -49.74
N ASP E 400 15.48 61.13 -48.95
CA ASP E 400 15.24 59.77 -49.40
C ASP E 400 14.09 59.18 -48.59
N ILE E 401 13.28 58.37 -49.26
CA ILE E 401 12.14 57.69 -48.67
C ILE E 401 12.21 56.23 -49.09
N ALA E 402 12.03 55.32 -48.14
CA ALA E 402 12.32 53.92 -48.43
C ALA E 402 11.77 52.99 -47.35
N THR E 403 11.41 51.79 -47.79
CA THR E 403 10.92 50.73 -46.91
C THR E 403 12.12 49.93 -46.41
N LEU E 404 12.80 50.50 -45.41
CA LEU E 404 14.09 49.95 -44.98
C LEU E 404 13.93 48.84 -43.95
N THR E 405 13.54 49.19 -42.73
CA THR E 405 13.66 48.29 -41.59
C THR E 405 12.30 47.86 -41.08
N GLY E 406 12.11 46.54 -40.97
CA GLY E 406 10.91 46.01 -40.33
C GLY E 406 10.79 46.37 -38.86
N ALA E 407 11.85 46.88 -38.25
CA ALA E 407 11.77 47.33 -36.86
C ALA E 407 10.78 48.48 -36.69
N MET E 408 10.47 49.21 -37.76
CA MET E 408 9.48 50.29 -37.65
C MET E 408 8.14 49.78 -37.14
N LEU E 409 7.79 48.53 -37.47
CA LEU E 409 6.54 47.97 -36.99
C LEU E 409 6.51 47.90 -35.47
N TYR E 410 7.67 47.73 -34.84
CA TYR E 410 7.76 47.69 -33.39
C TYR E 410 8.08 49.05 -32.79
N SER E 411 8.36 50.06 -33.63
CA SER E 411 8.67 51.40 -33.16
C SER E 411 7.42 52.27 -33.20
N LEU E 412 7.13 52.86 -34.36
CA LEU E 412 5.96 53.72 -34.51
C LEU E 412 4.74 52.97 -35.01
N GLY E 413 4.91 51.79 -35.58
CA GLY E 413 3.79 50.99 -36.03
C GLY E 413 3.42 51.21 -37.48
N THR E 414 2.14 51.02 -37.81
CA THR E 414 1.67 51.06 -39.18
C THR E 414 1.05 52.40 -39.57
N SER E 415 0.94 53.35 -38.65
CA SER E 415 0.31 54.63 -38.94
C SER E 415 1.28 55.78 -39.11
N TYR E 416 2.39 55.80 -38.36
CA TYR E 416 3.36 56.88 -38.39
C TYR E 416 4.66 56.41 -39.02
N ALA E 417 5.20 57.20 -39.94
CA ALA E 417 6.53 56.95 -40.48
C ALA E 417 7.57 57.69 -39.65
N GLY E 418 8.80 57.18 -39.71
CA GLY E 418 9.92 57.77 -38.98
C GLY E 418 10.81 58.57 -39.91
N VAL E 419 11.33 59.68 -39.41
CA VAL E 419 12.23 60.54 -40.17
C VAL E 419 13.49 60.76 -39.36
N PHE E 420 14.64 60.49 -39.99
CA PHE E 420 15.96 60.78 -39.45
C PHE E 420 16.64 61.80 -40.38
N GLY E 421 17.70 62.42 -39.90
CA GLY E 421 18.41 63.39 -40.71
C GLY E 421 19.57 64.02 -39.98
N ASN E 422 20.34 64.79 -40.73
CA ASN E 422 21.53 65.46 -40.22
C ASN E 422 21.37 66.97 -40.10
N ASN E 423 20.15 67.47 -40.26
CA ASN E 423 19.92 68.92 -40.31
C ASN E 423 18.55 69.21 -39.72
N ASP E 424 18.52 69.96 -38.63
CA ASP E 424 17.26 70.16 -37.91
C ASP E 424 16.26 70.97 -38.74
N GLN E 425 16.74 71.94 -39.51
CA GLN E 425 15.82 72.76 -40.30
C GLN E 425 15.15 71.92 -41.40
N LEU E 426 15.93 71.06 -42.08
CA LEU E 426 15.33 70.19 -43.08
C LEU E 426 14.30 69.25 -42.44
N ILE E 427 14.63 68.72 -41.26
CA ILE E 427 13.73 67.76 -40.61
C ILE E 427 12.41 68.44 -40.24
N ASN E 428 12.48 69.67 -39.73
CA ASN E 428 11.25 70.36 -39.36
C ASN E 428 10.42 70.73 -40.59
N LYS E 429 11.06 70.90 -41.75
CA LYS E 429 10.29 71.11 -42.98
C LYS E 429 9.57 69.83 -43.39
N ILE E 430 10.20 68.67 -43.19
CA ILE E 430 9.51 67.41 -43.42
C ILE E 430 8.35 67.26 -42.45
N LEU E 431 8.57 67.59 -41.18
CA LEU E 431 7.50 67.49 -40.19
C LEU E 431 6.33 68.39 -40.54
N SER E 432 6.62 69.61 -41.00
CA SER E 432 5.53 70.52 -41.36
C SER E 432 4.81 70.06 -42.62
N SER E 433 5.55 69.51 -43.59
CA SER E 433 4.91 68.91 -44.76
C SER E 433 4.00 67.76 -44.34
N SER E 434 4.39 67.00 -43.32
CA SER E 434 3.54 65.94 -42.81
C SER E 434 2.24 66.49 -42.25
N LYS E 435 2.28 67.68 -41.64
CA LYS E 435 1.06 68.26 -41.07
C LYS E 435 0.10 68.73 -42.16
N THR E 436 0.62 69.37 -43.21
CA THR E 436 -0.27 69.90 -44.26
C THR E 436 -0.67 68.82 -45.26
N SER E 437 0.15 67.77 -45.42
CA SER E 437 -0.24 66.63 -46.25
C SER E 437 -1.04 65.60 -45.48
N ASN E 438 -1.03 65.65 -44.14
CA ASN E 438 -1.75 64.72 -43.29
C ASN E 438 -1.28 63.28 -43.48
N GLU E 439 -0.02 63.11 -43.88
CA GLU E 439 0.65 61.81 -43.84
C GLU E 439 1.52 61.80 -42.58
N PRO E 440 1.12 61.12 -41.51
CA PRO E 440 1.80 61.29 -40.22
C PRO E 440 3.25 60.82 -40.26
N VAL E 441 4.11 61.61 -39.62
CA VAL E 441 5.55 61.33 -39.53
C VAL E 441 6.04 61.75 -38.16
N TRP E 442 6.96 60.97 -37.59
CA TRP E 442 7.53 61.25 -36.28
C TRP E 442 9.04 61.25 -36.34
N TRP E 443 9.66 62.21 -35.65
CA TRP E 443 11.10 62.40 -35.70
C TRP E 443 11.80 61.44 -34.76
N LEU E 444 12.80 60.73 -35.27
CA LEU E 444 13.58 59.77 -34.51
C LEU E 444 15.06 60.14 -34.55
N PRO E 445 15.84 59.75 -33.54
CA PRO E 445 17.22 60.22 -33.45
C PRO E 445 18.24 59.32 -34.13
N ILE E 446 19.30 59.96 -34.63
CA ILE E 446 20.50 59.27 -35.09
C ILE E 446 21.47 59.29 -33.92
N ILE E 447 21.59 58.15 -33.23
CA ILE E 447 22.35 58.07 -31.99
C ILE E 447 23.79 57.66 -32.34
N ASN E 448 24.72 58.60 -32.17
CA ASN E 448 26.10 58.37 -32.63
C ASN E 448 26.81 57.28 -31.84
N GLU E 449 26.31 56.91 -30.66
CA GLU E 449 26.95 55.86 -29.88
C GLU E 449 26.92 54.52 -30.61
N TYR E 450 25.93 54.31 -31.48
CA TYR E 450 25.83 53.06 -32.22
C TYR E 450 26.70 53.03 -33.47
N ARG E 451 27.36 54.14 -33.81
CA ARG E 451 28.16 54.18 -35.03
C ARG E 451 29.25 53.11 -35.02
N SER E 452 29.86 52.86 -33.87
CA SER E 452 30.97 51.91 -33.79
C SER E 452 30.53 50.50 -34.17
N SER E 453 29.25 50.16 -33.96
CA SER E 453 28.77 48.82 -34.25
C SER E 453 28.73 48.50 -35.74
N LEU E 454 28.97 49.49 -36.61
CA LEU E 454 29.03 49.27 -38.05
C LEU E 454 30.46 49.12 -38.54
N ASN E 455 31.45 49.11 -37.65
CA ASN E 455 32.84 48.92 -38.06
C ASN E 455 33.06 47.49 -38.52
N SER E 456 33.87 47.35 -39.56
CA SER E 456 34.22 46.06 -40.13
C SER E 456 35.70 45.81 -39.89
N LYS E 457 36.05 44.56 -39.57
CA LYS E 457 37.44 44.23 -39.35
C LYS E 457 38.28 44.44 -40.61
N TYR E 458 37.69 44.33 -41.79
CA TYR E 458 38.42 44.37 -43.04
C TYR E 458 37.96 45.48 -43.97
N ALA E 459 36.66 45.70 -44.11
CA ALA E 459 36.16 46.82 -44.90
C ALA E 459 36.04 48.06 -44.03
N ASP E 460 35.76 49.19 -44.68
CA ASP E 460 35.52 50.43 -43.95
C ASP E 460 34.25 50.32 -43.11
N LEU E 461 33.20 49.73 -43.68
CA LEU E 461 31.90 49.64 -43.04
C LEU E 461 31.32 48.25 -43.23
N ASN E 462 30.47 47.85 -42.29
CA ASN E 462 29.52 46.77 -42.47
C ASN E 462 28.15 47.37 -42.74
N ASN E 463 27.31 46.66 -43.49
CA ASN E 463 25.98 47.18 -43.78
C ASN E 463 24.97 46.87 -42.69
N ILE E 464 25.27 45.95 -41.78
CA ILE E 464 24.42 45.64 -40.63
C ILE E 464 25.26 45.77 -39.36
N SER E 465 24.59 45.78 -38.22
CA SER E 465 25.22 46.03 -36.94
C SER E 465 25.58 44.73 -36.23
N SER E 466 26.70 44.76 -35.52
CA SER E 466 27.12 43.60 -34.74
C SER E 466 26.21 43.38 -33.53
N SER E 467 26.01 44.42 -32.74
CA SER E 467 25.41 44.30 -31.41
C SER E 467 24.14 45.10 -31.21
N VAL E 468 23.96 46.20 -31.93
CA VAL E 468 22.82 47.08 -31.69
C VAL E 468 21.60 46.52 -32.39
N LYS E 469 20.50 46.38 -31.64
CA LYS E 469 19.24 45.93 -32.21
C LYS E 469 18.37 47.07 -32.71
N ALA E 470 18.63 48.31 -32.28
CA ALA E 470 17.94 49.48 -32.77
C ALA E 470 18.23 49.61 -34.27
N SER E 471 17.56 48.78 -35.07
CA SER E 471 18.00 48.56 -36.44
C SER E 471 17.66 49.73 -37.36
N SER E 472 16.55 50.45 -37.09
CA SER E 472 16.24 51.62 -37.89
C SER E 472 17.23 52.75 -37.65
N VAL E 473 17.78 52.86 -36.44
CA VAL E 473 18.78 53.87 -36.16
C VAL E 473 20.11 53.50 -36.80
N VAL E 474 20.47 52.21 -36.75
CA VAL E 474 21.71 51.77 -37.38
C VAL E 474 21.67 52.04 -38.87
N ALA E 475 20.55 51.75 -39.53
CA ALA E 475 20.46 51.94 -40.97
C ALA E 475 20.70 53.40 -41.34
N SER E 476 20.21 54.32 -40.52
CA SER E 476 20.42 55.74 -40.80
C SER E 476 21.87 56.13 -40.61
N LEU E 477 22.54 55.54 -39.61
CA LEU E 477 23.97 55.77 -39.44
C LEU E 477 24.74 55.32 -40.67
N PHE E 478 24.31 54.22 -41.30
CA PHE E 478 24.95 53.75 -42.51
C PHE E 478 24.73 54.73 -43.66
N LEU E 479 23.48 55.14 -43.89
CA LEU E 479 23.19 56.06 -44.98
C LEU E 479 23.97 57.36 -44.81
N LYS E 480 24.15 57.82 -43.57
CA LYS E 480 24.83 59.08 -43.34
C LYS E 480 26.28 59.05 -43.82
N GLU E 481 26.88 57.85 -43.88
CA GLU E 481 28.25 57.72 -44.33
C GLU E 481 28.42 58.10 -45.80
N PHE E 482 27.34 58.28 -46.53
CA PHE E 482 27.40 58.60 -47.95
C PHE E 482 26.84 60.00 -48.25
N ILE E 483 26.76 60.84 -47.23
CA ILE E 483 26.46 62.27 -47.37
C ILE E 483 27.61 63.02 -46.73
N GLU E 484 28.31 63.84 -47.52
CA GLU E 484 29.49 64.53 -47.01
C GLU E 484 29.14 65.87 -46.35
N ASN E 485 28.42 66.74 -47.05
CA ASN E 485 28.10 68.05 -46.48
C ASN E 485 26.89 68.68 -47.17
N THR E 486 25.75 68.02 -47.09
CA THR E 486 24.50 68.53 -47.64
C THR E 486 23.39 68.18 -46.64
N PRO E 487 22.46 69.09 -46.39
CA PRO E 487 21.28 68.72 -45.60
C PRO E 487 20.59 67.50 -46.18
N TRP E 488 20.34 66.50 -45.33
CA TRP E 488 19.81 65.22 -45.77
C TRP E 488 18.84 64.70 -44.71
N ALA E 489 17.69 64.21 -45.17
CA ALA E 489 16.69 63.59 -44.31
C ALA E 489 16.28 62.26 -44.90
N HIS E 490 15.92 61.32 -44.04
CA HIS E 490 15.62 59.95 -44.42
C HIS E 490 14.30 59.54 -43.80
N ILE E 491 13.34 59.14 -44.63
CA ILE E 491 11.99 58.76 -44.19
C ILE E 491 11.85 57.26 -44.36
N ASP E 492 11.66 56.54 -43.26
CA ASP E 492 11.52 55.09 -43.26
C ASP E 492 10.03 54.75 -43.24
N ILE E 493 9.53 54.21 -44.34
CA ILE E 493 8.10 53.94 -44.50
C ILE E 493 7.82 52.44 -44.51
N ALA E 494 8.71 51.63 -43.95
CA ALA E 494 8.52 50.18 -43.99
C ALA E 494 7.22 49.76 -43.31
N GLY E 495 6.77 50.51 -42.31
CA GLY E 495 5.59 50.12 -41.56
C GLY E 495 4.30 50.70 -42.08
N VAL E 496 4.37 51.84 -42.77
CA VAL E 496 3.17 52.55 -43.18
C VAL E 496 2.79 52.33 -44.65
N SER E 497 3.70 51.83 -45.47
CA SER E 497 3.44 51.77 -46.91
C SER E 497 2.29 50.82 -47.23
N TRP E 498 2.31 49.63 -46.64
CA TRP E 498 1.34 48.59 -46.94
C TRP E 498 0.31 48.49 -45.83
N ASN E 499 -0.97 48.50 -46.22
CA ASN E 499 -2.08 48.31 -45.28
C ASN E 499 -2.35 46.82 -45.20
N PHE E 500 -1.92 46.20 -44.10
CA PHE E 500 -1.96 44.74 -44.00
C PHE E 500 -3.39 44.22 -43.89
N LYS E 501 -4.25 44.93 -43.16
CA LYS E 501 -5.62 44.45 -43.00
C LYS E 501 -6.44 44.64 -44.27
N ALA E 502 -6.20 45.72 -45.01
CA ALA E 502 -6.90 45.96 -46.27
C ALA E 502 -6.23 45.28 -47.46
N ARG E 503 -4.99 44.82 -47.31
CA ARG E 503 -4.28 44.08 -48.37
C ARG E 503 -4.06 44.94 -49.61
N LYS E 504 -3.72 46.21 -49.40
CA LYS E 504 -3.46 47.13 -50.50
C LYS E 504 -2.48 48.19 -50.03
N PRO E 505 -1.78 48.83 -50.95
CA PRO E 505 -0.85 49.90 -50.57
C PRO E 505 -1.57 51.20 -50.29
N LYS E 506 -0.91 52.07 -49.53
CA LYS E 506 -1.44 53.37 -49.20
C LYS E 506 -0.97 54.47 -50.15
N GLY E 507 0.12 54.24 -50.89
CA GLY E 507 0.72 55.32 -51.65
C GLY E 507 1.37 56.36 -50.77
N PHE E 508 1.78 55.98 -49.56
CA PHE E 508 2.32 56.91 -48.60
C PHE E 508 3.56 57.61 -49.14
N GLY E 509 3.60 58.94 -48.99
CA GLY E 509 4.77 59.74 -49.29
C GLY E 509 4.57 60.73 -50.41
N VAL E 510 3.64 60.45 -51.32
CA VAL E 510 3.45 61.32 -52.49
C VAL E 510 3.07 62.73 -52.04
N ARG E 511 1.99 62.84 -51.27
CA ARG E 511 1.52 64.16 -50.85
C ARG E 511 2.51 64.82 -49.90
N LEU E 512 3.15 64.03 -49.04
CA LEU E 512 4.14 64.58 -48.13
C LEU E 512 5.28 65.23 -48.90
N LEU E 513 5.82 64.52 -49.89
CA LEU E 513 6.94 65.07 -50.65
C LEU E 513 6.52 66.24 -51.52
N THR E 514 5.30 66.22 -52.06
CA THR E 514 4.83 67.33 -52.87
C THR E 514 4.70 68.60 -52.02
N GLU E 515 4.12 68.48 -50.82
CA GLU E 515 4.03 69.62 -49.93
C GLU E 515 5.41 70.17 -49.61
N PHE E 516 6.39 69.30 -49.42
CA PHE E 516 7.75 69.76 -49.14
C PHE E 516 8.34 70.54 -50.31
N VAL E 517 7.99 70.16 -51.54
CA VAL E 517 8.55 70.84 -52.70
C VAL E 517 7.82 72.17 -52.96
N LEU E 518 6.50 72.17 -52.84
CA LEU E 518 5.74 73.37 -53.19
C LEU E 518 5.96 74.49 -52.18
N ASN E 519 6.08 74.13 -50.89
CA ASN E 519 6.41 75.12 -49.88
C ASN E 519 7.90 75.46 -49.87
N ASP E 520 8.74 74.57 -50.40
CA ASP E 520 10.13 74.89 -50.63
C ASP E 520 10.93 75.19 -49.36
N ALA F 2 -23.29 24.74 -3.55
CA ALA F 2 -22.89 25.80 -2.64
C ALA F 2 -21.58 25.48 -1.94
N THR F 3 -20.75 24.67 -2.59
CA THR F 3 -19.44 24.35 -2.04
C THR F 3 -18.53 25.58 -2.11
N THR F 4 -17.76 25.79 -1.04
CA THR F 4 -16.86 26.93 -0.98
C THR F 4 -15.83 26.86 -2.10
N VAL F 5 -15.66 27.96 -2.81
CA VAL F 5 -14.65 28.07 -3.87
C VAL F 5 -13.37 28.59 -3.23
N PRO F 6 -12.27 27.84 -3.28
CA PRO F 6 -11.02 28.35 -2.70
C PRO F 6 -10.56 29.63 -3.39
N GLN F 7 -9.96 30.52 -2.60
CA GLN F 7 -9.48 31.80 -3.10
C GLN F 7 -8.04 32.00 -2.66
N VAL F 8 -7.30 32.76 -3.47
CA VAL F 8 -5.98 33.25 -3.09
C VAL F 8 -6.08 34.63 -2.45
N VAL F 9 -6.80 35.54 -3.09
CA VAL F 9 -7.11 36.85 -2.55
C VAL F 9 -8.62 36.97 -2.44
N SER F 10 -9.07 37.91 -1.60
CA SER F 10 -10.51 38.08 -1.39
C SER F 10 -11.22 38.60 -2.64
N LEU F 11 -10.49 39.12 -3.61
CA LEU F 11 -11.07 39.60 -4.85
C LEU F 11 -11.27 38.51 -5.89
N ASP F 12 -10.85 37.28 -5.61
CA ASP F 12 -11.10 36.19 -6.54
C ASP F 12 -12.59 35.87 -6.58
N PRO F 13 -13.21 35.78 -7.75
CA PRO F 13 -14.64 35.46 -7.80
C PRO F 13 -14.91 34.05 -7.29
N THR F 14 -16.12 33.85 -6.76
CA THR F 14 -16.51 32.57 -6.18
C THR F 14 -17.72 31.95 -6.85
N THR F 15 -18.22 32.54 -7.93
CA THR F 15 -19.35 31.99 -8.68
C THR F 15 -19.19 32.37 -10.14
N ILE F 16 -19.84 31.59 -11.01
CA ILE F 16 -19.93 31.92 -12.44
C ILE F 16 -21.21 32.72 -12.65
N PRO F 17 -21.14 33.97 -13.07
CA PRO F 17 -22.37 34.71 -13.40
C PRO F 17 -23.02 34.10 -14.64
N ILE F 18 -24.30 33.76 -14.51
CA ILE F 18 -25.06 33.17 -15.60
C ILE F 18 -26.38 33.93 -15.74
N ASP F 19 -26.70 34.35 -16.96
CA ASP F 19 -27.97 34.99 -17.25
C ASP F 19 -28.99 33.89 -17.56
N TYR F 20 -29.90 33.64 -16.62
CA TYR F 20 -30.96 32.66 -16.85
C TYR F 20 -32.14 33.25 -17.60
N HIS F 21 -32.19 34.56 -17.77
CA HIS F 21 -33.24 35.24 -18.52
C HIS F 21 -32.57 36.07 -19.61
N THR F 22 -33.10 35.98 -20.83
CA THR F 22 -32.58 36.71 -21.97
C THR F 22 -33.71 37.52 -22.60
N PRO F 23 -33.37 38.49 -23.46
CA PRO F 23 -34.44 39.24 -24.14
C PRO F 23 -35.41 38.37 -24.91
N ILE F 24 -35.02 37.15 -25.27
CA ILE F 24 -35.90 36.27 -26.03
C ILE F 24 -37.08 35.81 -25.19
N ASP F 25 -36.93 35.79 -23.86
CA ASP F 25 -38.04 35.44 -22.98
C ASP F 25 -39.09 36.54 -22.91
N ASP F 26 -38.74 37.76 -23.28
CA ASP F 26 -39.67 38.88 -23.31
C ASP F 26 -40.22 39.16 -24.72
N LEU F 27 -39.92 38.29 -25.68
CA LEU F 27 -40.26 38.51 -27.08
C LEU F 27 -41.39 37.57 -27.48
N SER F 28 -42.41 38.13 -28.13
CA SER F 28 -43.52 37.35 -28.66
C SER F 28 -43.22 36.97 -30.11
N ILE F 29 -43.38 35.68 -30.42
CA ILE F 29 -43.06 35.14 -31.73
C ILE F 29 -44.27 34.37 -32.24
N GLU F 30 -44.71 34.70 -33.45
CA GLU F 30 -45.84 34.03 -34.08
C GLU F 30 -45.51 33.78 -35.55
N VAL F 31 -45.97 32.65 -36.07
CA VAL F 31 -45.87 32.32 -37.48
C VAL F 31 -47.24 32.55 -38.12
N LYS F 32 -47.26 33.37 -39.17
CA LYS F 32 -48.49 33.71 -39.88
C LYS F 32 -48.35 33.34 -41.35
N ASP F 33 -49.41 32.74 -41.91
CA ASP F 33 -49.36 32.32 -43.30
C ASP F 33 -49.12 33.51 -44.21
N ILE F 34 -48.34 33.28 -45.26
CA ILE F 34 -47.95 34.38 -46.15
C ILE F 34 -49.13 34.93 -46.93
N SER F 35 -50.23 34.17 -47.04
CA SER F 35 -51.40 34.59 -47.79
C SER F 35 -52.64 34.70 -46.92
N ALA F 36 -52.99 33.63 -46.20
CA ALA F 36 -54.22 33.62 -45.41
C ALA F 36 -54.19 34.68 -44.31
N GLU F 37 -52.99 35.04 -43.84
CA GLU F 37 -52.83 36.05 -42.78
C GLU F 37 -51.62 36.92 -43.13
N ALA F 38 -51.76 37.72 -44.18
CA ALA F 38 -50.65 38.55 -44.65
C ALA F 38 -50.22 39.53 -43.56
N CYS F 39 -48.97 39.96 -43.65
CA CYS F 39 -48.44 40.95 -42.72
C CYS F 39 -49.16 42.27 -42.94
N PRO F 40 -49.80 42.84 -41.92
CA PRO F 40 -50.56 44.08 -42.16
C PRO F 40 -49.70 45.24 -42.64
N ALA F 41 -48.42 45.25 -42.30
CA ALA F 41 -47.53 46.37 -42.65
C ALA F 41 -48.05 47.67 -42.05
N ASP F 42 -48.17 47.68 -40.72
CA ASP F 42 -48.74 48.81 -40.00
C ASP F 42 -47.83 49.38 -38.93
N GLU F 43 -46.88 48.61 -38.38
CA GLU F 43 -46.16 49.03 -37.20
C GLU F 43 -44.67 49.23 -37.44
N GLY F 44 -43.88 48.17 -37.27
CA GLY F 44 -42.44 48.33 -37.18
C GLY F 44 -41.65 48.00 -38.43
N LEU F 45 -40.58 47.23 -38.28
CA LEU F 45 -39.66 46.93 -39.37
C LEU F 45 -40.15 45.73 -40.17
N ILE F 46 -40.00 45.82 -41.49
CA ILE F 46 -40.39 44.77 -42.42
C ILE F 46 -39.15 44.34 -43.18
N VAL F 47 -38.83 43.04 -43.12
CA VAL F 47 -37.63 42.49 -43.74
C VAL F 47 -38.07 41.43 -44.74
N PHE F 48 -37.48 41.47 -45.94
CA PHE F 48 -37.81 40.54 -47.01
C PHE F 48 -36.59 39.66 -47.28
N LEU F 49 -36.71 38.37 -46.99
CA LEU F 49 -35.65 37.40 -47.28
C LEU F 49 -35.82 36.96 -48.73
N LEU F 50 -34.98 37.47 -49.61
CA LEU F 50 -35.11 37.29 -51.04
C LEU F 50 -33.97 36.43 -51.58
N ASN F 51 -34.28 35.63 -52.59
CA ASN F 51 -33.27 34.89 -53.32
C ASN F 51 -32.66 35.78 -54.41
N SER F 52 -31.55 35.30 -54.98
CA SER F 52 -30.82 36.08 -55.97
C SER F 52 -31.66 36.26 -57.23
N GLN F 53 -31.98 37.52 -57.55
CA GLN F 53 -32.62 37.95 -58.79
C GLN F 53 -34.11 37.65 -58.84
N ILE F 54 -34.74 37.23 -57.74
CA ILE F 54 -36.15 36.87 -57.73
C ILE F 54 -36.96 38.05 -57.22
N LYS F 55 -38.15 38.23 -57.79
CA LYS F 55 -39.02 39.34 -57.45
C LYS F 55 -39.90 39.02 -56.25
N ILE F 56 -40.46 40.06 -55.65
CA ILE F 56 -41.31 39.91 -54.48
C ILE F 56 -42.72 39.54 -54.95
N ASN F 57 -43.21 38.39 -54.49
CA ASN F 57 -44.56 37.94 -54.79
C ASN F 57 -45.44 37.88 -53.54
N SER F 58 -45.10 38.66 -52.52
CA SER F 58 -45.84 38.67 -51.26
C SER F 58 -46.78 39.86 -51.21
N SER F 59 -48.00 39.61 -50.75
CA SER F 59 -49.04 40.64 -50.67
C SER F 59 -49.14 41.15 -49.23
N VAL F 60 -49.13 42.47 -49.08
CA VAL F 60 -49.31 43.12 -47.79
C VAL F 60 -50.68 43.76 -47.76
N LYS F 61 -51.17 44.02 -46.55
CA LYS F 61 -52.51 44.59 -46.37
C LYS F 61 -52.53 46.11 -46.40
N ASP F 62 -51.36 46.76 -46.35
CA ASP F 62 -51.34 48.22 -46.34
C ASP F 62 -52.00 48.81 -47.58
N ASN F 63 -51.75 48.22 -48.75
CA ASN F 63 -52.26 48.73 -50.02
C ASN F 63 -51.34 49.83 -50.54
N THR F 64 -51.13 50.87 -49.73
CA THR F 64 -50.10 51.86 -50.05
C THR F 64 -48.73 51.18 -50.15
N ILE F 65 -48.40 50.35 -49.16
CA ILE F 65 -47.16 49.58 -49.23
C ILE F 65 -47.31 48.39 -50.18
N ASN F 66 -48.54 47.89 -50.37
CA ASN F 66 -48.74 46.76 -51.25
C ASN F 66 -48.26 47.06 -52.66
N GLU F 67 -48.50 48.27 -53.15
CA GLU F 67 -48.07 48.68 -54.48
C GLU F 67 -46.67 49.27 -54.49
N PHE F 68 -46.02 49.38 -53.34
CA PHE F 68 -44.65 49.88 -53.27
C PHE F 68 -43.71 48.95 -54.04
N MET F 74 -36.40 44.71 -56.04
CA MET F 74 -35.24 45.37 -55.46
C MET F 74 -34.49 46.20 -56.50
N GLU F 75 -34.13 47.42 -56.13
CA GLU F 75 -33.38 48.33 -56.98
C GLU F 75 -32.00 48.54 -56.38
N ASN F 76 -30.95 48.18 -57.13
CA ASN F 76 -29.57 48.17 -56.67
C ASN F 76 -29.29 46.96 -55.79
N PHE F 77 -30.25 46.03 -55.64
CA PHE F 77 -30.12 44.89 -54.75
C PHE F 77 -30.00 43.62 -55.60
N THR F 78 -28.81 43.01 -55.58
CA THR F 78 -28.57 41.81 -56.37
C THR F 78 -29.28 40.60 -55.81
N GLY F 79 -29.70 40.63 -54.55
CA GLY F 79 -30.09 39.42 -53.86
C GLY F 79 -28.93 38.58 -53.42
N LYS F 80 -27.70 39.06 -53.61
CA LYS F 80 -26.51 38.30 -53.23
C LYS F 80 -26.57 37.96 -51.74
N LEU F 81 -25.94 36.84 -51.39
CA LEU F 81 -25.97 36.36 -50.02
C LEU F 81 -25.32 37.36 -49.07
N GLY F 82 -26.03 37.70 -48.01
CA GLY F 82 -25.49 38.55 -46.97
C GLY F 82 -25.51 40.03 -47.23
N THR F 83 -26.20 40.48 -48.28
CA THR F 83 -26.27 41.90 -48.61
C THR F 83 -27.60 42.47 -48.15
N SER F 84 -27.59 43.76 -47.86
CA SER F 84 -28.78 44.46 -47.37
C SER F 84 -29.05 45.73 -48.17
N TYR F 88 -37.75 53.79 -45.93
CA TYR F 88 -38.84 54.33 -45.13
C TYR F 88 -40.04 54.70 -45.99
N ALA F 90 -44.44 55.93 -45.89
CA ALA F 90 -45.80 56.29 -45.48
C ALA F 90 -46.79 55.18 -45.83
N ASN F 91 -47.57 54.76 -44.84
CA ASN F 91 -48.51 53.65 -45.00
C ASN F 91 -49.85 54.18 -45.50
N ASP F 92 -50.86 53.31 -45.50
CA ASP F 92 -52.22 53.78 -45.73
C ASP F 92 -52.67 54.71 -44.60
N GLN F 93 -52.18 54.47 -43.39
CA GLN F 93 -52.46 55.31 -42.24
C GLN F 93 -51.49 56.48 -42.10
N LYS F 94 -50.65 56.70 -43.10
CA LYS F 94 -49.62 57.75 -43.07
C LYS F 94 -48.54 57.48 -42.04
N LYS F 95 -48.40 56.22 -41.61
CA LYS F 95 -47.34 55.82 -40.71
C LYS F 95 -46.05 55.61 -41.50
N TYR F 96 -44.94 56.14 -40.99
CA TYR F 96 -43.64 55.95 -41.62
C TYR F 96 -43.10 54.59 -41.17
N VAL F 97 -43.19 53.60 -42.07
CA VAL F 97 -42.73 52.25 -41.78
C VAL F 97 -41.26 52.12 -42.20
N SER F 98 -40.70 50.92 -42.02
CA SER F 98 -39.31 50.66 -42.39
C SER F 98 -39.25 49.32 -43.11
N LEU F 99 -38.73 49.34 -44.34
CA LEU F 99 -38.61 48.15 -45.17
C LEU F 99 -37.15 47.78 -45.33
N ALA F 100 -36.89 46.48 -45.52
CA ALA F 100 -35.54 45.98 -45.66
C ALA F 100 -35.53 44.77 -46.59
N TYR F 101 -34.45 44.65 -47.37
CA TYR F 101 -34.25 43.55 -48.31
C TYR F 101 -32.95 42.85 -47.96
N VAL F 102 -33.01 41.54 -47.73
CA VAL F 102 -31.84 40.73 -47.41
C VAL F 102 -31.75 39.61 -48.43
N GLY F 103 -30.55 39.37 -48.95
CA GLY F 103 -30.32 38.36 -49.97
C GLY F 103 -29.86 37.05 -49.37
N CYS F 104 -30.31 35.95 -49.97
CA CYS F 104 -29.99 34.60 -49.50
C CYS F 104 -29.32 33.76 -50.58
N GLY F 105 -28.75 34.39 -51.61
CA GLY F 105 -28.07 33.67 -52.66
C GLY F 105 -29.04 32.94 -53.56
N PRO F 106 -28.50 32.11 -54.47
CA PRO F 106 -29.36 31.38 -55.40
C PRO F 106 -30.42 30.57 -54.68
N ALA F 107 -31.55 30.37 -55.36
CA ALA F 107 -32.69 29.71 -54.74
C ALA F 107 -32.45 28.22 -54.58
N ASN F 108 -33.00 27.66 -53.49
CA ASN F 108 -32.93 26.24 -53.17
C ASN F 108 -31.49 25.74 -53.03
N GLU F 109 -30.54 26.66 -52.83
CA GLU F 109 -29.16 26.29 -52.53
C GLU F 109 -28.77 26.67 -51.10
N GLU F 110 -29.76 26.94 -50.25
CA GLU F 110 -29.50 27.41 -48.91
C GLU F 110 -29.20 26.24 -47.98
N THR F 111 -28.05 26.28 -47.33
CA THR F 111 -27.66 25.34 -46.30
C THR F 111 -27.50 26.11 -44.98
N GLU F 112 -27.03 25.41 -43.95
CA GLU F 112 -26.76 26.09 -42.68
C GLU F 112 -25.81 27.26 -42.86
N LEU F 113 -24.88 27.16 -43.81
CA LEU F 113 -23.96 28.26 -44.06
C LEU F 113 -24.70 29.52 -44.46
N GLU F 114 -25.56 29.42 -45.48
CA GLU F 114 -26.28 30.60 -45.96
C GLU F 114 -27.19 31.16 -44.87
N ILE F 115 -27.82 30.29 -44.08
CA ILE F 115 -28.76 30.74 -43.07
C ILE F 115 -28.03 31.51 -41.97
N ARG F 116 -26.84 31.05 -41.57
CA ARG F 116 -26.07 31.78 -40.58
C ARG F 116 -25.66 33.15 -41.10
N LYS F 117 -25.30 33.23 -42.39
CA LYS F 117 -24.95 34.51 -42.98
C LYS F 117 -26.15 35.43 -43.05
N VAL F 118 -27.33 34.88 -43.35
CA VAL F 118 -28.53 35.71 -43.42
C VAL F 118 -28.94 36.18 -42.02
N ALA F 119 -28.92 35.26 -41.04
CA ALA F 119 -29.26 35.64 -39.68
C ALA F 119 -28.32 36.73 -39.17
N TYR F 120 -27.04 36.65 -39.53
CA TYR F 120 -26.09 37.67 -39.09
C TYR F 120 -26.38 39.02 -39.75
N ALA F 121 -26.71 39.02 -41.04
CA ALA F 121 -27.05 40.26 -41.72
C ALA F 121 -28.27 40.90 -41.07
N LEU F 122 -29.27 40.10 -40.71
CA LEU F 122 -30.48 40.65 -40.12
C LEU F 122 -30.21 41.27 -38.75
N VAL F 123 -29.39 40.62 -37.93
CA VAL F 123 -29.08 41.18 -36.62
C VAL F 123 -28.25 42.45 -36.75
N THR F 124 -27.35 42.48 -37.74
CA THR F 124 -26.64 43.72 -38.03
C THR F 124 -27.64 44.85 -38.32
N LEU F 125 -28.81 44.51 -38.87
CA LEU F 125 -29.86 45.50 -39.03
C LEU F 125 -30.47 45.88 -37.68
N LEU F 126 -30.78 44.87 -36.86
CA LEU F 126 -31.46 45.14 -35.59
C LEU F 126 -30.55 45.84 -34.60
N HIS F 127 -29.25 45.57 -34.63
CA HIS F 127 -28.33 46.24 -33.72
C HIS F 127 -28.19 47.74 -34.02
N ASP F 128 -28.90 48.24 -35.03
CA ASP F 128 -29.13 49.67 -35.19
C ASP F 128 -30.54 50.02 -34.68
N SER F 129 -30.75 49.76 -33.39
CA SER F 129 -32.04 49.93 -32.73
C SER F 129 -33.20 49.51 -33.61
N HIS F 131 -37.37 49.81 -33.67
CA HIS F 131 -38.75 49.59 -33.26
C HIS F 131 -38.90 48.31 -32.47
N LYS F 132 -40.03 48.21 -31.75
CA LYS F 132 -40.35 47.02 -30.98
C LYS F 132 -40.84 45.87 -31.85
N LYS F 133 -41.35 46.17 -33.04
CA LYS F 133 -41.95 45.17 -33.92
C LYS F 133 -41.00 44.84 -35.06
N VAL F 134 -40.93 43.56 -35.40
CA VAL F 134 -40.17 43.09 -36.56
C VAL F 134 -41.00 42.00 -37.24
N SER F 135 -41.07 42.06 -38.57
CA SER F 135 -41.77 41.06 -39.35
C SER F 135 -40.83 40.58 -40.45
N ILE F 136 -40.62 39.27 -40.52
CA ILE F 136 -39.72 38.65 -41.49
C ILE F 136 -40.57 37.90 -42.50
N ILE F 137 -40.44 38.27 -43.77
CA ILE F 137 -41.19 37.65 -44.87
C ILE F 137 -40.28 36.61 -45.51
N PHE F 138 -40.62 35.33 -45.33
CA PHE F 138 -39.82 34.23 -45.85
C PHE F 138 -40.28 33.93 -47.28
N GLU F 139 -39.67 34.62 -48.23
CA GLU F 139 -39.88 34.31 -49.66
C GLU F 139 -38.77 33.40 -50.16
N ILE F 140 -38.55 32.31 -49.43
CA ILE F 140 -37.52 31.32 -49.76
C ILE F 140 -38.05 29.94 -49.40
N LYS F 141 -37.61 28.94 -50.15
CA LYS F 141 -37.92 27.55 -49.83
C LYS F 141 -36.96 27.09 -48.72
N ILE F 142 -37.53 26.68 -47.58
CA ILE F 142 -36.75 26.33 -46.40
C ILE F 142 -37.55 25.35 -45.57
N GLU F 143 -36.93 24.24 -45.20
CA GLU F 143 -37.61 23.19 -44.44
C GLU F 143 -37.72 23.60 -42.97
N GLU F 144 -38.54 22.85 -42.23
CA GLU F 144 -38.83 23.20 -40.84
C GLU F 144 -37.56 23.22 -39.99
N ALA F 145 -36.69 22.22 -40.16
CA ALA F 145 -35.49 22.16 -39.35
C ALA F 145 -34.57 23.34 -39.62
N LEU F 146 -34.36 23.67 -40.90
CA LEU F 146 -33.55 24.84 -41.23
C LEU F 146 -34.24 26.13 -40.83
N PHE F 147 -35.59 26.11 -40.76
CA PHE F 147 -36.33 27.26 -40.26
C PHE F 147 -36.04 27.48 -38.77
N ARG F 148 -36.13 26.42 -37.98
CA ARG F 148 -35.78 26.52 -36.56
C ARG F 148 -34.35 27.00 -36.38
N PHE F 149 -33.43 26.50 -37.21
CA PHE F 149 -32.03 26.87 -37.09
C PHE F 149 -31.83 28.37 -37.35
N PHE F 150 -32.62 28.93 -38.28
CA PHE F 150 -32.51 30.36 -38.56
C PHE F 150 -32.84 31.19 -37.33
N LEU F 151 -33.89 30.81 -36.59
CA LEU F 151 -34.26 31.55 -35.39
C LEU F 151 -33.23 31.35 -34.28
N GLU F 152 -32.73 30.12 -34.14
CA GLU F 152 -31.73 29.84 -33.11
C GLU F 152 -30.49 30.70 -33.31
N HIS F 153 -29.98 30.76 -34.55
CA HIS F 153 -28.79 31.57 -34.81
C HIS F 153 -29.09 33.06 -34.75
N LEU F 154 -30.29 33.46 -35.16
CA LEU F 154 -30.69 34.86 -35.03
C LEU F 154 -30.59 35.32 -33.57
N PHE F 155 -31.13 34.51 -32.66
CA PHE F 155 -31.04 34.83 -31.24
C PHE F 155 -29.60 34.74 -30.75
N TYR F 156 -28.83 33.78 -31.26
CA TYR F 156 -27.44 33.61 -30.84
C TYR F 156 -26.62 34.85 -31.18
N GLU F 157 -26.84 35.43 -32.36
CA GLU F 157 -26.11 36.63 -32.76
C GLU F 157 -26.71 37.91 -32.19
N TYR F 158 -27.92 37.84 -31.64
CA TYR F 158 -28.61 39.03 -31.16
C TYR F 158 -28.31 39.34 -29.70
N VAL F 159 -28.22 38.32 -28.85
CA VAL F 159 -28.00 38.51 -27.43
C VAL F 159 -26.49 38.60 -27.17
N THR F 160 -26.04 39.75 -26.68
CA THR F 160 -24.63 39.98 -26.41
C THR F 160 -24.30 39.65 -24.96
N ASP F 161 -23.08 39.19 -24.74
CA ASP F 161 -22.60 38.83 -23.40
C ASP F 161 -21.92 40.03 -22.77
N GLU F 162 -22.50 40.56 -21.70
CA GLU F 162 -21.97 41.73 -21.01
C GLU F 162 -21.61 41.45 -19.56
N ARG F 163 -21.55 40.18 -19.16
CA ARG F 163 -21.37 39.85 -17.74
C ARG F 163 -20.08 40.43 -17.19
N PHE F 164 -19.06 40.61 -18.02
CA PHE F 164 -17.74 41.03 -17.58
C PHE F 164 -17.40 42.45 -18.01
N LYS F 165 -18.33 43.15 -18.65
CA LYS F 165 -18.17 44.58 -18.88
C LYS F 165 -18.57 45.34 -17.62
N SER F 166 -17.92 46.49 -17.41
CA SER F 166 -18.22 47.34 -16.27
C SER F 166 -19.28 48.40 -16.58
N ALA F 167 -19.67 48.53 -17.83
CA ALA F 167 -20.69 49.52 -18.21
C ALA F 167 -22.10 48.99 -17.92
N THR F 173 -34.34 46.11 -20.78
CA THR F 173 -35.43 45.47 -21.52
C THR F 173 -35.63 46.09 -22.92
N ASP F 174 -34.77 47.10 -23.21
CA ASP F 174 -34.68 47.77 -24.50
C ASP F 174 -34.36 46.83 -25.66
N PHE F 175 -35.27 45.88 -25.96
CA PHE F 175 -34.97 45.05 -27.13
C PHE F 175 -36.26 44.96 -27.93
N ILE F 176 -36.34 44.12 -28.96
CA ILE F 176 -37.60 43.98 -29.67
C ILE F 176 -38.53 43.11 -28.84
N LYS F 177 -39.84 43.39 -28.93
CA LYS F 177 -40.83 42.72 -28.13
C LYS F 177 -41.81 41.88 -28.93
N ASN F 178 -41.94 42.12 -30.24
CA ASN F 178 -42.88 41.38 -31.08
C ASN F 178 -42.19 41.00 -32.38
N LEU F 179 -42.24 39.72 -32.71
CA LEU F 179 -41.68 39.20 -33.95
C LEU F 179 -42.74 38.34 -34.63
N SER F 180 -42.96 38.59 -35.92
CA SER F 180 -43.92 37.82 -36.71
C SER F 180 -43.21 37.25 -37.93
N LEU F 181 -43.35 35.95 -38.13
CA LEU F 181 -42.69 35.23 -39.22
C LEU F 181 -43.75 34.85 -40.24
N HIS F 182 -43.67 35.44 -41.44
CA HIS F 182 -44.64 35.22 -42.50
C HIS F 182 -44.05 34.28 -43.54
N ILE F 183 -44.61 33.08 -43.63
CA ILE F 183 -44.08 32.04 -44.51
C ILE F 183 -45.24 31.20 -45.01
N ALA F 184 -45.07 30.62 -46.21
CA ALA F 184 -46.09 29.75 -46.76
C ALA F 184 -46.30 28.52 -45.88
N ASN F 185 -47.55 28.11 -45.73
CA ASN F 185 -47.93 26.97 -44.91
C ASN F 185 -47.35 27.10 -43.50
N ALA F 186 -47.76 28.17 -42.81
CA ALA F 186 -47.24 28.46 -41.49
C ALA F 186 -47.57 27.38 -40.48
N ASP F 187 -48.62 26.59 -40.71
CA ASP F 187 -49.02 25.59 -39.73
C ASP F 187 -47.92 24.58 -39.48
N ALA F 188 -47.15 24.23 -40.52
CA ALA F 188 -46.08 23.25 -40.38
C ALA F 188 -44.88 23.80 -39.63
N TYR F 189 -44.81 25.11 -39.38
CA TYR F 189 -43.67 25.73 -38.72
C TYR F 189 -43.96 26.17 -37.30
N LYS F 190 -45.21 26.06 -36.82
CA LYS F 190 -45.56 26.59 -35.51
C LYS F 190 -44.85 25.82 -34.40
N GLY F 191 -44.68 24.51 -34.56
CA GLY F 191 -44.04 23.71 -33.52
C GLY F 191 -42.57 24.03 -33.31
N GLN F 192 -41.91 24.60 -34.32
CA GLN F 192 -40.47 24.85 -34.24
C GLN F 192 -40.11 26.05 -33.38
N ILE F 193 -41.08 26.90 -33.03
CA ILE F 193 -40.74 28.15 -32.35
C ILE F 193 -40.35 27.88 -30.90
N ASP F 194 -41.16 27.11 -30.18
CA ASP F 194 -40.81 26.77 -28.80
C ASP F 194 -39.61 25.84 -28.76
N LYS F 195 -39.39 25.04 -29.80
CA LYS F 195 -38.16 24.26 -29.89
C LYS F 195 -36.95 25.15 -30.11
N ALA F 196 -37.12 26.23 -30.87
CA ALA F 196 -36.03 27.20 -31.03
C ALA F 196 -35.76 27.95 -29.74
N ARG F 197 -36.79 28.16 -28.91
CA ARG F 197 -36.59 28.83 -27.63
C ARG F 197 -35.73 27.99 -26.71
N VAL F 198 -36.01 26.68 -26.63
CA VAL F 198 -35.22 25.80 -25.77
C VAL F 198 -33.83 25.58 -26.35
N TYR F 199 -33.75 25.33 -27.65
CA TYR F 199 -32.46 25.06 -28.28
C TYR F 199 -31.54 26.26 -28.19
N PHE F 200 -32.09 27.47 -28.39
CA PHE F 200 -31.25 28.66 -28.30
C PHE F 200 -30.62 28.78 -26.92
N TYR F 201 -31.43 28.67 -25.87
CA TYR F 201 -30.89 28.91 -24.53
C TYR F 201 -29.88 27.85 -24.14
N GLY F 202 -30.11 26.60 -24.54
CA GLY F 202 -29.11 25.57 -24.29
C GLY F 202 -27.77 25.92 -24.92
N THR F 203 -27.79 26.38 -26.17
CA THR F 203 -26.57 26.86 -26.81
C THR F 203 -26.04 28.11 -26.11
N TYR F 204 -26.94 29.01 -25.73
CA TYR F 204 -26.55 30.24 -25.05
C TYR F 204 -25.96 29.92 -23.68
N TYR F 205 -26.56 28.98 -22.96
CA TYR F 205 -26.06 28.59 -21.65
C TYR F 205 -24.66 27.99 -21.75
N ALA F 206 -24.49 27.02 -22.65
CA ALA F 206 -23.18 26.41 -22.84
C ALA F 206 -22.14 27.46 -23.24
N ALA F 207 -22.51 28.38 -24.13
CA ALA F 207 -21.57 29.41 -24.54
C ALA F 207 -21.16 30.29 -23.36
N GLN F 208 -22.09 30.54 -22.43
CA GLN F 208 -21.76 31.38 -21.28
C GLN F 208 -20.76 30.69 -20.36
N LEU F 209 -20.83 29.37 -20.23
CA LEU F 209 -19.85 28.66 -19.42
C LEU F 209 -18.48 28.61 -20.10
N ILE F 210 -18.47 28.57 -21.44
CA ILE F 210 -17.20 28.52 -22.16
C ILE F 210 -16.52 29.89 -22.13
N ALA F 211 -17.30 30.96 -22.32
CA ALA F 211 -16.73 32.30 -22.33
C ALA F 211 -16.27 32.75 -20.96
N ALA F 212 -16.84 32.20 -19.89
CA ALA F 212 -16.44 32.58 -18.56
C ALA F 212 -14.93 32.38 -18.38
N PRO F 213 -14.19 33.40 -17.94
CA PRO F 213 -12.75 33.21 -17.71
C PRO F 213 -12.48 32.17 -16.63
N SER F 214 -11.26 31.62 -16.67
CA SER F 214 -10.93 30.49 -15.81
C SER F 214 -10.87 30.86 -14.34
N ASN F 215 -10.62 32.14 -14.01
CA ASN F 215 -10.67 32.54 -12.62
C ASN F 215 -12.10 32.60 -12.11
N TYR F 216 -13.09 32.65 -13.01
CA TYR F 216 -14.49 32.58 -12.63
C TYR F 216 -15.00 31.14 -12.67
N CYS F 217 -14.71 30.43 -13.76
CA CYS F 217 -15.20 29.07 -14.00
C CYS F 217 -14.07 28.09 -13.67
N ASN F 218 -14.10 27.56 -12.45
CA ASN F 218 -13.13 26.58 -11.99
C ASN F 218 -13.86 25.28 -11.69
N PRO F 219 -13.17 24.18 -11.41
CA PRO F 219 -13.89 22.92 -11.14
C PRO F 219 -14.97 23.05 -10.07
N VAL F 220 -14.72 23.84 -9.02
CA VAL F 220 -15.70 23.98 -7.96
C VAL F 220 -16.89 24.80 -8.44
N SER F 221 -16.63 25.98 -9.01
CA SER F 221 -17.73 26.85 -9.43
C SER F 221 -18.50 26.24 -10.60
N LEU F 222 -17.83 25.47 -11.45
CA LEU F 222 -18.54 24.79 -12.53
C LEU F 222 -19.38 23.65 -12.00
N SER F 223 -18.91 22.97 -10.96
CA SER F 223 -19.74 21.94 -10.33
C SER F 223 -20.95 22.58 -9.65
N ASN F 224 -20.76 23.71 -8.98
CA ASN F 224 -21.87 24.41 -8.35
C ASN F 224 -22.92 24.84 -9.37
N ALA F 225 -22.46 25.29 -10.55
CA ALA F 225 -23.41 25.64 -11.60
C ALA F 225 -24.23 24.44 -12.03
N ALA F 226 -23.61 23.25 -12.07
CA ALA F 226 -24.32 22.04 -12.45
C ALA F 226 -25.38 21.68 -11.43
N VAL F 227 -25.07 21.84 -10.13
CA VAL F 227 -26.06 21.59 -9.10
C VAL F 227 -27.26 22.51 -9.26
N GLU F 228 -27.01 23.79 -9.61
CA GLU F 228 -28.11 24.73 -9.79
C GLU F 228 -28.90 24.42 -11.06
N LEU F 229 -28.21 23.95 -12.10
CA LEU F 229 -28.91 23.56 -13.33
C LEU F 229 -29.87 22.40 -13.06
N ALA F 230 -29.38 21.37 -12.37
CA ALA F 230 -30.21 20.20 -12.12
C ALA F 230 -31.45 20.55 -11.30
N GLN F 231 -31.35 21.55 -10.43
CA GLN F 231 -32.50 21.94 -9.62
C GLN F 231 -33.53 22.71 -10.43
N LYS F 232 -33.10 23.43 -11.47
CA LYS F 232 -34.01 24.27 -12.24
C LYS F 232 -34.72 23.54 -13.36
N VAL F 233 -34.13 22.46 -13.88
CA VAL F 233 -34.78 21.64 -14.90
C VAL F 233 -35.12 20.26 -14.35
N ASN F 234 -35.11 20.11 -13.03
CA ASN F 234 -35.52 18.88 -12.35
C ASN F 234 -34.75 17.67 -12.90
N LEU F 235 -33.49 17.59 -12.46
CA LEU F 235 -32.63 16.46 -12.80
C LEU F 235 -31.98 15.93 -11.52
N GLU F 236 -31.79 14.62 -11.44
CA GLU F 236 -30.98 14.07 -10.37
C GLU F 236 -29.55 14.60 -10.52
N CYS F 237 -28.90 14.82 -9.39
CA CYS F 237 -27.55 15.38 -9.40
C CYS F 237 -26.70 14.70 -8.33
N LYS F 238 -25.53 14.21 -8.74
CA LYS F 238 -24.53 13.67 -7.85
C LYS F 238 -23.18 14.26 -8.24
N ILE F 239 -22.45 14.79 -7.26
CA ILE F 239 -21.12 15.34 -7.46
C ILE F 239 -20.16 14.49 -6.63
N LEU F 240 -19.22 13.84 -7.30
CA LEU F 240 -18.25 12.98 -6.62
C LEU F 240 -17.00 13.77 -6.29
N ASP F 241 -16.62 13.76 -5.01
CA ASP F 241 -15.42 14.46 -4.56
C ASP F 241 -14.23 13.50 -4.56
N VAL F 242 -13.07 14.02 -4.15
CA VAL F 242 -11.81 13.30 -4.34
C VAL F 242 -11.85 11.94 -3.64
N LYS F 243 -12.31 11.91 -2.38
CA LYS F 243 -12.26 10.67 -1.62
C LYS F 243 -12.97 9.53 -2.35
N GLU F 244 -14.16 9.80 -2.88
CA GLU F 244 -14.88 8.77 -3.62
C GLU F 244 -14.17 8.43 -4.92
N LEU F 245 -13.52 9.40 -5.55
CA LEU F 245 -12.77 9.13 -6.78
C LEU F 245 -11.56 8.26 -6.50
N GLU F 246 -10.91 8.47 -5.34
CA GLU F 246 -9.80 7.59 -4.95
C GLU F 246 -10.30 6.17 -4.71
N GLU F 247 -11.48 6.03 -4.08
CA GLU F 247 -12.03 4.70 -3.85
C GLU F 247 -12.41 4.02 -5.16
N LEU F 248 -12.81 4.80 -6.17
CA LEU F 248 -13.12 4.25 -7.48
C LEU F 248 -11.88 4.06 -8.35
N LYS F 249 -10.69 4.39 -7.85
CA LYS F 249 -9.43 4.11 -8.53
C LYS F 249 -9.28 4.89 -9.82
N MET F 250 -9.86 6.10 -9.89
CA MET F 250 -9.73 6.94 -11.08
C MET F 250 -8.37 7.63 -11.06
N GLY F 251 -7.33 6.83 -11.24
CA GLY F 251 -5.97 7.34 -11.12
C GLY F 251 -5.57 8.26 -12.26
N ALA F 252 -6.12 8.03 -13.46
CA ALA F 252 -5.82 8.90 -14.58
C ALA F 252 -6.45 10.28 -14.37
N TYR F 253 -7.76 10.31 -14.09
CA TYR F 253 -8.45 11.57 -13.87
C TYR F 253 -7.81 12.35 -12.74
N LEU F 254 -7.56 11.70 -11.60
CA LEU F 254 -7.05 12.41 -10.43
C LEU F 254 -5.63 12.90 -10.64
N SER F 255 -4.85 12.22 -11.47
CA SER F 255 -3.47 12.67 -11.71
C SER F 255 -3.44 14.00 -12.44
N VAL F 256 -4.41 14.27 -13.30
CA VAL F 256 -4.39 15.50 -14.07
C VAL F 256 -4.54 16.72 -13.16
N GLY F 257 -5.35 16.61 -12.12
CA GLY F 257 -5.64 17.71 -11.24
C GLY F 257 -4.75 17.84 -10.02
N LYS F 258 -3.70 17.04 -9.92
CA LYS F 258 -2.85 17.07 -8.73
C LYS F 258 -2.23 18.44 -8.51
N GLY F 259 -1.89 19.14 -9.59
CA GLY F 259 -1.24 20.42 -9.52
C GLY F 259 -2.15 21.62 -9.43
N SER F 260 -3.44 21.41 -9.21
CA SER F 260 -4.41 22.50 -9.15
C SER F 260 -4.72 22.88 -7.71
N MET F 261 -5.08 24.15 -7.53
CA MET F 261 -5.59 24.61 -6.24
C MET F 261 -7.06 24.26 -6.04
N TYR F 262 -7.74 23.76 -7.08
CA TYR F 262 -9.15 23.41 -7.02
C TYR F 262 -9.30 21.90 -6.99
N PRO F 263 -10.05 21.34 -6.03
CA PRO F 263 -10.26 19.89 -6.03
C PRO F 263 -11.03 19.43 -7.25
N ASN F 264 -10.78 18.18 -7.64
CA ASN F 264 -11.52 17.59 -8.75
C ASN F 264 -13.00 17.48 -8.40
N LYS F 265 -13.83 17.57 -9.44
CA LYS F 265 -15.28 17.44 -9.28
C LYS F 265 -15.83 16.67 -10.47
N PHE F 266 -16.43 15.51 -10.20
CA PHE F 266 -17.02 14.66 -11.22
C PHE F 266 -18.53 14.89 -11.22
N ILE F 267 -19.04 15.54 -12.27
CA ILE F 267 -20.45 15.85 -12.37
C ILE F 267 -21.20 14.64 -12.91
N HIS F 268 -22.35 14.35 -12.30
CA HIS F 268 -23.20 13.24 -12.73
C HIS F 268 -24.66 13.67 -12.57
N LEU F 269 -25.26 14.10 -13.67
CA LEU F 269 -26.68 14.39 -13.72
C LEU F 269 -27.40 13.26 -14.45
N THR F 270 -28.63 13.00 -14.04
CA THR F 270 -29.42 11.92 -14.62
C THR F 270 -30.82 12.42 -14.92
N TYR F 271 -31.30 12.14 -16.13
CA TYR F 271 -32.69 12.34 -16.51
C TYR F 271 -33.35 10.98 -16.67
N LYS F 272 -34.57 10.85 -16.13
CA LYS F 272 -35.36 9.63 -16.23
C LYS F 272 -36.72 9.98 -16.82
N GLY F 273 -36.96 9.55 -18.06
CA GLY F 273 -38.24 9.79 -18.68
C GLY F 273 -39.32 8.90 -18.13
N ALA F 274 -40.57 9.34 -18.29
CA ALA F 274 -41.71 8.59 -17.79
C ALA F 274 -42.04 7.43 -18.71
N GLN F 275 -42.54 6.35 -18.09
CA GLN F 275 -42.91 5.16 -18.85
C GLN F 275 -44.18 5.40 -19.65
N THR F 276 -44.19 4.93 -20.90
CA THR F 276 -45.34 5.11 -21.76
C THR F 276 -45.23 4.09 -22.90
N GLY F 277 -46.10 3.08 -22.89
CA GLY F 277 -46.10 2.07 -23.92
C GLY F 277 -46.02 0.66 -23.38
N LYS F 284 -34.51 2.89 -23.34
CA LYS F 284 -33.17 3.24 -23.79
C LYS F 284 -32.42 4.06 -22.73
N LYS F 285 -31.15 3.69 -22.50
CA LYS F 285 -30.28 4.37 -21.56
C LYS F 285 -29.09 4.95 -22.31
N ILE F 286 -28.83 6.24 -22.14
CA ILE F 286 -27.78 6.95 -22.86
C ILE F 286 -26.85 7.60 -21.86
N ALA F 287 -25.55 7.60 -22.19
CA ALA F 287 -24.55 8.32 -21.43
C ALA F 287 -23.86 9.33 -22.35
N LEU F 288 -23.77 10.58 -21.88
CA LEU F 288 -23.13 11.67 -22.61
C LEU F 288 -22.00 12.20 -21.75
N ILE F 289 -20.77 12.15 -22.29
CA ILE F 289 -19.57 12.54 -21.57
C ILE F 289 -18.98 13.79 -22.22
N GLY F 290 -18.60 14.76 -21.40
CA GLY F 290 -17.98 15.96 -21.90
C GLY F 290 -16.65 16.27 -21.24
N LYS F 291 -15.63 16.58 -22.03
CA LYS F 291 -14.34 16.95 -21.47
C LYS F 291 -14.47 18.24 -20.66
N GLY F 292 -14.02 18.19 -19.41
CA GLY F 292 -14.21 19.31 -18.50
C GLY F 292 -12.94 19.87 -17.89
N ILE F 293 -12.00 20.31 -18.72
CA ILE F 293 -10.79 20.95 -18.23
C ILE F 293 -11.04 22.45 -18.21
N THR F 294 -11.11 23.04 -17.02
CA THR F 294 -11.46 24.45 -16.89
C THR F 294 -10.34 25.36 -17.35
N PHE F 295 -9.10 24.90 -17.26
CA PHE F 295 -8.00 25.59 -17.89
C PHE F 295 -6.89 24.58 -18.17
N ASP F 296 -6.38 24.59 -19.39
CA ASP F 296 -5.33 23.68 -19.82
C ASP F 296 -4.08 24.52 -20.07
N SER F 297 -3.17 24.52 -19.10
CA SER F 297 -1.86 25.13 -19.33
C SER F 297 -0.92 24.18 -20.07
N GLY F 298 -1.30 22.91 -20.21
CA GLY F 298 -0.41 21.89 -20.71
C GLY F 298 0.39 21.20 -19.64
N GLY F 299 0.38 21.70 -18.41
CA GLY F 299 1.23 21.14 -17.38
C GLY F 299 2.70 21.39 -17.69
N TYR F 300 3.56 20.51 -17.17
CA TYR F 300 4.99 20.68 -17.38
C TYR F 300 5.34 20.64 -18.86
N ASN F 301 4.51 20.00 -19.69
CA ASN F 301 4.56 20.18 -21.14
C ASN F 301 3.86 21.49 -21.50
N LEU F 302 4.42 22.59 -20.97
CA LEU F 302 3.75 23.87 -21.01
C LEU F 302 3.49 24.34 -22.44
N LYS F 303 2.33 24.96 -22.64
CA LYS F 303 1.95 25.53 -23.94
C LYS F 303 2.76 26.81 -24.15
N ALA F 304 3.99 26.64 -24.64
CA ALA F 304 4.90 27.75 -24.84
C ALA F 304 5.28 27.96 -26.30
N ALA F 305 4.91 27.06 -27.20
CA ALA F 305 5.26 27.23 -28.61
C ALA F 305 4.35 28.25 -29.28
N PRO F 306 4.84 28.96 -30.29
CA PRO F 306 3.98 29.89 -31.01
C PRO F 306 2.78 29.17 -31.62
N GLY F 307 1.61 29.78 -31.49
CA GLY F 307 0.38 29.16 -31.94
C GLY F 307 -0.28 28.26 -30.94
N SER F 308 0.23 28.19 -29.71
CA SER F 308 -0.36 27.33 -28.69
C SER F 308 -1.68 27.87 -28.16
N MET F 309 -1.92 29.17 -28.28
CA MET F 309 -3.18 29.79 -27.86
C MET F 309 -3.47 29.46 -26.40
N ILE F 310 -2.47 29.67 -25.53
CA ILE F 310 -2.67 29.42 -24.11
C ILE F 310 -3.71 30.35 -23.52
N ASP F 311 -3.95 31.51 -24.15
CA ASP F 311 -4.88 32.48 -23.62
C ASP F 311 -6.34 32.10 -23.85
N LEU F 312 -6.61 31.09 -24.66
CA LEU F 312 -7.98 30.64 -24.93
C LEU F 312 -8.31 29.31 -24.29
N MET F 313 -7.38 28.70 -23.54
CA MET F 313 -7.56 27.37 -22.96
C MET F 313 -8.64 27.33 -21.89
N LYS F 314 -9.41 28.39 -21.66
CA LYS F 314 -10.64 28.27 -20.90
C LYS F 314 -11.69 27.46 -21.67
N PHE F 315 -11.52 27.32 -22.98
CA PHE F 315 -12.47 26.61 -23.83
C PHE F 315 -12.27 25.09 -23.80
N ASP F 316 -11.32 24.59 -23.02
CA ASP F 316 -11.09 23.15 -22.95
C ASP F 316 -12.16 22.43 -22.12
N MET F 317 -13.19 23.13 -21.64
CA MET F 317 -14.36 22.52 -21.04
C MET F 317 -15.58 22.65 -21.94
N SER F 318 -15.38 22.82 -23.25
CA SER F 318 -16.49 22.97 -24.18
C SER F 318 -17.34 21.70 -24.26
N GLY F 319 -16.70 20.54 -24.17
CA GLY F 319 -17.46 19.31 -24.18
C GLY F 319 -18.39 19.19 -23.00
N CYS F 320 -17.87 19.51 -21.80
CA CYS F 320 -18.74 19.58 -20.62
C CYS F 320 -19.85 20.59 -20.83
N ALA F 321 -19.51 21.76 -21.37
CA ALA F 321 -20.52 22.80 -21.59
C ALA F 321 -21.61 22.31 -22.53
N ALA F 322 -21.24 21.60 -23.60
CA ALA F 322 -22.23 21.07 -24.52
C ALA F 322 -23.13 20.05 -23.83
N VAL F 323 -22.55 19.22 -22.96
CA VAL F 323 -23.34 18.20 -22.28
C VAL F 323 -24.28 18.82 -21.27
N LEU F 324 -23.88 19.94 -20.64
CA LEU F 324 -24.74 20.61 -19.68
C LEU F 324 -25.86 21.38 -20.40
N GLY F 325 -25.55 22.00 -21.54
CA GLY F 325 -26.60 22.63 -22.33
C GLY F 325 -27.62 21.63 -22.81
N CYS F 326 -27.18 20.46 -23.23
CA CYS F 326 -28.11 19.40 -23.63
C CYS F 326 -28.95 18.95 -22.45
N ALA F 327 -28.35 18.88 -21.25
CA ALA F 327 -29.12 18.52 -20.07
C ALA F 327 -30.26 19.50 -19.83
N TYR F 328 -30.02 20.78 -20.09
CA TYR F 328 -31.10 21.77 -19.97
C TYR F 328 -32.22 21.46 -20.94
N CYS F 329 -31.88 21.21 -22.21
CA CYS F 329 -32.91 20.96 -23.22
C CYS F 329 -33.76 19.75 -22.85
N ILE F 330 -33.12 18.61 -22.59
CA ILE F 330 -33.86 17.41 -22.21
C ILE F 330 -34.65 17.66 -20.93
N GLY F 331 -34.00 18.24 -19.92
CA GLY F 331 -34.68 18.54 -18.68
C GLY F 331 -35.91 19.42 -18.86
N THR F 332 -35.89 20.28 -19.88
CA THR F 332 -37.03 21.14 -20.17
C THR F 332 -38.06 20.47 -21.07
N ILE F 333 -37.60 19.76 -22.11
CA ILE F 333 -38.54 19.10 -23.02
C ILE F 333 -39.11 17.84 -22.38
N LYS F 334 -38.31 17.13 -21.59
CA LYS F 334 -38.76 15.96 -20.84
C LYS F 334 -39.30 14.88 -21.79
N PRO F 335 -38.46 14.31 -22.64
CA PRO F 335 -38.93 13.25 -23.53
C PRO F 335 -39.29 12.00 -22.75
N ASP F 336 -40.00 11.10 -23.43
CA ASP F 336 -40.50 9.86 -22.84
C ASP F 336 -39.58 8.69 -23.16
N ASN F 337 -39.62 7.69 -22.30
CA ASN F 337 -38.97 6.39 -22.54
C ASN F 337 -37.50 6.56 -22.93
N VAL F 338 -36.77 7.33 -22.11
CA VAL F 338 -35.34 7.49 -22.31
C VAL F 338 -34.73 7.93 -20.99
N GLU F 339 -33.61 7.31 -20.64
CA GLU F 339 -32.83 7.66 -19.45
C GLU F 339 -31.45 8.13 -19.92
N VAL F 340 -31.06 9.32 -19.46
CA VAL F 340 -29.82 9.95 -19.91
C VAL F 340 -28.96 10.30 -18.70
N HIS F 341 -27.67 9.99 -18.78
CA HIS F 341 -26.69 10.38 -17.78
C HIS F 341 -25.74 11.40 -18.40
N PHE F 342 -25.51 12.51 -17.69
CA PHE F 342 -24.65 13.60 -18.15
C PHE F 342 -23.41 13.62 -17.28
N LEU F 343 -22.26 13.33 -17.87
CA LEU F 343 -21.03 13.13 -17.12
C LEU F 343 -19.95 14.10 -17.56
N SER F 344 -19.15 14.55 -16.60
CA SER F 344 -17.97 15.36 -16.91
C SER F 344 -17.00 15.24 -15.74
N ALA F 345 -15.79 14.74 -16.02
CA ALA F 345 -14.72 14.67 -15.03
C ALA F 345 -13.97 16.01 -15.08
N VAL F 346 -14.35 16.93 -14.19
CA VAL F 346 -13.90 18.32 -14.28
C VAL F 346 -12.66 18.51 -13.41
N CYS F 347 -11.66 19.19 -13.97
CA CYS F 347 -10.43 19.49 -13.25
C CYS F 347 -9.68 20.60 -13.98
N GLU F 348 -8.50 20.94 -13.47
CA GLU F 348 -7.65 21.99 -14.02
C GLU F 348 -6.22 21.48 -14.12
N ASN F 349 -5.58 21.71 -15.26
CA ASN F 349 -4.24 21.19 -15.56
C ASN F 349 -3.23 22.32 -15.42
N MET F 350 -2.48 22.32 -14.31
CA MET F 350 -1.62 23.44 -13.94
C MET F 350 -0.20 22.96 -13.67
N VAL F 351 0.68 23.94 -13.45
CA VAL F 351 2.10 23.70 -13.17
C VAL F 351 2.34 24.02 -11.70
N SER F 352 2.92 23.08 -10.97
CA SER F 352 3.07 23.22 -9.53
C SER F 352 4.11 22.22 -9.06
N LYS F 353 4.47 22.33 -7.77
CA LYS F 353 5.28 21.30 -7.13
C LYS F 353 4.52 19.98 -7.01
N ASN F 354 3.19 20.02 -7.10
CA ASN F 354 2.36 18.84 -6.90
C ASN F 354 1.85 18.23 -8.20
N SER F 355 2.16 18.83 -9.35
CA SER F 355 1.67 18.33 -10.62
C SER F 355 2.24 16.95 -10.92
N TYR F 356 1.55 16.22 -11.79
CA TYR F 356 2.12 14.98 -12.33
C TYR F 356 3.13 15.33 -13.41
N ARG F 357 4.09 14.44 -13.60
CA ARG F 357 5.23 14.74 -14.45
C ARG F 357 5.15 13.99 -15.78
N PRO F 358 5.75 14.53 -16.84
CA PRO F 358 5.98 13.72 -18.04
C PRO F 358 6.79 12.49 -17.67
N GLY F 359 6.35 11.33 -18.17
CA GLY F 359 6.98 10.08 -17.84
C GLY F 359 6.36 9.35 -16.66
N ASP F 360 5.50 10.00 -15.89
CA ASP F 360 4.79 9.32 -14.82
C ASP F 360 3.93 8.18 -15.39
N ILE F 361 3.79 7.11 -14.60
CA ILE F 361 2.94 5.99 -14.95
C ILE F 361 1.80 5.93 -13.95
N ILE F 362 0.57 6.07 -14.45
CA ILE F 362 -0.62 6.12 -13.61
C ILE F 362 -1.53 4.96 -14.00
N THR F 363 -2.41 4.60 -13.06
CA THR F 363 -3.31 3.45 -13.22
C THR F 363 -4.74 3.95 -13.35
N ALA F 364 -5.42 3.55 -14.41
CA ALA F 364 -6.80 3.92 -14.61
C ALA F 364 -7.71 3.07 -13.73
N SER F 365 -8.99 3.47 -13.67
CA SER F 365 -9.95 2.75 -12.85
C SER F 365 -10.31 1.37 -13.41
N ASN F 366 -9.93 1.08 -14.65
CA ASN F 366 -10.10 -0.24 -15.22
C ASN F 366 -8.84 -1.09 -15.11
N GLY F 367 -7.87 -0.66 -14.31
CA GLY F 367 -6.66 -1.42 -14.08
C GLY F 367 -5.51 -1.11 -15.03
N LYS F 368 -5.81 -0.56 -16.21
CA LYS F 368 -4.76 -0.34 -17.20
C LYS F 368 -3.80 0.75 -16.75
N THR F 369 -2.51 0.50 -16.94
CA THR F 369 -1.48 1.47 -16.60
C THR F 369 -1.13 2.32 -17.82
N ILE F 370 -0.87 3.60 -17.58
CA ILE F 370 -0.67 4.58 -18.65
C ILE F 370 0.61 5.35 -18.36
N GLU F 371 1.54 5.33 -19.33
CA GLU F 371 2.73 6.16 -19.27
C GLU F 371 2.40 7.52 -19.90
N VAL F 372 2.58 8.58 -19.14
CA VAL F 372 2.26 9.93 -19.62
C VAL F 372 3.42 10.47 -20.43
N GLY F 373 3.39 10.28 -21.75
CA GLY F 373 4.42 10.82 -22.61
C GLY F 373 4.29 12.32 -22.82
N ASN F 374 3.14 12.89 -22.49
CA ASN F 374 2.92 14.33 -22.65
C ASN F 374 1.83 14.76 -21.69
N THR F 375 2.14 15.69 -20.80
CA THR F 375 1.16 16.17 -19.84
C THR F 375 0.10 17.05 -20.48
N ASP F 376 0.33 17.53 -21.70
CA ASP F 376 -0.67 18.31 -22.41
C ASP F 376 -1.72 17.44 -23.08
N ALA F 377 -1.55 16.12 -23.05
CA ALA F 377 -2.58 15.19 -23.51
C ALA F 377 -3.37 14.66 -22.31
N GLU F 378 -3.91 15.59 -21.54
CA GLU F 378 -4.57 15.26 -20.27
C GLU F 378 -6.06 15.00 -20.43
N GLY F 379 -6.69 15.57 -21.45
CA GLY F 379 -8.12 15.35 -21.64
C GLY F 379 -8.47 13.88 -21.76
N ARG F 380 -7.71 13.16 -22.59
CA ARG F 380 -8.00 11.74 -22.79
C ARG F 380 -7.81 10.94 -21.52
N LEU F 381 -6.97 11.42 -20.60
CA LEU F 381 -6.80 10.72 -19.33
C LEU F 381 -8.05 10.86 -18.46
N THR F 382 -8.61 12.08 -18.39
CA THR F 382 -9.85 12.26 -17.64
C THR F 382 -11.00 11.55 -18.34
N LEU F 383 -11.03 11.58 -19.67
CA LEU F 383 -12.08 10.88 -20.42
C LEU F 383 -11.97 9.37 -20.24
N ALA F 384 -10.75 8.85 -20.12
CA ALA F 384 -10.57 7.41 -19.92
C ALA F 384 -11.32 6.94 -18.68
N ASP F 385 -11.10 7.60 -17.54
CA ASP F 385 -11.81 7.21 -16.33
C ASP F 385 -13.30 7.46 -16.44
N ALA F 386 -13.71 8.49 -17.19
CA ALA F 386 -15.13 8.74 -17.37
C ALA F 386 -15.79 7.65 -18.21
N LEU F 387 -15.11 7.19 -19.26
CA LEU F 387 -15.64 6.10 -20.06
C LEU F 387 -15.82 4.83 -19.23
N VAL F 388 -14.83 4.51 -18.40
CA VAL F 388 -14.97 3.36 -17.49
C VAL F 388 -16.20 3.53 -16.61
N TYR F 389 -16.30 4.68 -15.95
CA TYR F 389 -17.47 4.98 -15.13
C TYR F 389 -18.76 4.85 -15.92
N ALA F 390 -18.74 5.30 -17.18
CA ALA F 390 -19.97 5.31 -17.98
C ALA F 390 -20.42 3.90 -18.32
N GLU F 391 -19.48 3.04 -18.74
CA GLU F 391 -19.88 1.69 -19.16
C GLU F 391 -20.38 0.86 -17.98
N LYS F 392 -19.94 1.18 -16.76
CA LYS F 392 -20.43 0.47 -15.58
C LYS F 392 -21.87 0.81 -15.24
N LEU F 393 -22.43 1.87 -15.84
CA LEU F 393 -23.83 2.20 -15.60
C LEU F 393 -24.78 1.29 -16.38
N GLY F 394 -24.28 0.56 -17.38
CA GLY F 394 -25.11 -0.35 -18.14
C GLY F 394 -26.01 0.36 -19.13
N VAL F 395 -25.44 1.28 -19.92
CA VAL F 395 -26.23 2.04 -20.87
C VAL F 395 -26.17 1.37 -22.23
N ASP F 396 -27.00 1.81 -23.16
CA ASP F 396 -27.00 1.27 -24.51
C ASP F 396 -26.02 1.98 -25.43
N TYR F 397 -25.81 3.29 -25.23
CA TYR F 397 -24.86 4.05 -26.02
C TYR F 397 -24.10 4.99 -25.10
N ILE F 398 -22.81 5.19 -25.41
CA ILE F 398 -21.97 6.19 -24.75
C ILE F 398 -21.42 7.10 -25.84
N VAL F 399 -21.61 8.40 -25.66
CA VAL F 399 -21.15 9.40 -26.61
C VAL F 399 -20.38 10.47 -25.85
N ASP F 400 -19.11 10.67 -26.20
CA ASP F 400 -18.29 11.70 -25.60
C ASP F 400 -18.02 12.80 -26.62
N ILE F 401 -17.92 14.03 -26.11
CA ILE F 401 -17.65 15.21 -26.92
C ILE F 401 -16.56 16.00 -26.21
N ALA F 402 -15.50 16.35 -26.95
CA ALA F 402 -14.31 16.90 -26.32
C ALA F 402 -13.52 17.75 -27.31
N THR F 403 -12.80 18.72 -26.76
CA THR F 403 -11.84 19.53 -27.53
C THR F 403 -10.45 18.91 -27.37
N LEU F 404 -10.27 17.76 -28.03
CA LEU F 404 -9.05 16.99 -27.84
C LEU F 404 -7.89 17.50 -28.68
N THR F 405 -7.88 17.15 -29.97
CA THR F 405 -6.70 17.29 -30.80
C THR F 405 -6.73 18.57 -31.61
N GLY F 406 -5.65 19.35 -31.52
CA GLY F 406 -5.51 20.53 -32.35
C GLY F 406 -5.38 20.22 -33.82
N ALA F 407 -5.08 18.97 -34.17
CA ALA F 407 -4.95 18.60 -35.58
C ALA F 407 -6.26 18.72 -36.34
N MET F 408 -7.40 18.77 -35.64
CA MET F 408 -8.68 18.92 -36.33
C MET F 408 -8.71 20.19 -37.18
N LEU F 409 -8.03 21.24 -36.72
CA LEU F 409 -7.96 22.46 -37.51
C LEU F 409 -7.27 22.23 -38.86
N TYR F 410 -6.36 21.26 -38.91
CA TYR F 410 -5.65 20.95 -40.15
C TYR F 410 -6.35 19.89 -40.99
N SER F 411 -7.31 19.16 -40.42
CA SER F 411 -8.07 18.17 -41.17
C SER F 411 -9.39 18.76 -41.64
N LEU F 412 -10.40 18.75 -40.76
CA LEU F 412 -11.73 19.23 -41.15
C LEU F 412 -11.90 20.73 -41.00
N GLY F 413 -11.06 21.39 -40.20
CA GLY F 413 -11.11 22.84 -40.09
C GLY F 413 -11.98 23.35 -38.97
N THR F 414 -12.57 24.53 -39.14
CA THR F 414 -13.32 25.19 -38.10
C THR F 414 -14.83 25.08 -38.25
N SER F 415 -15.33 24.44 -39.32
CA SER F 415 -16.76 24.30 -39.54
C SER F 415 -17.30 22.92 -39.17
N TYR F 416 -16.58 21.86 -39.51
CA TYR F 416 -17.06 20.50 -39.32
C TYR F 416 -16.32 19.84 -38.17
N ALA F 417 -17.08 19.26 -37.25
CA ALA F 417 -16.50 18.41 -36.21
C ALA F 417 -16.31 17.01 -36.77
N GLY F 418 -15.39 16.28 -36.15
CA GLY F 418 -15.10 14.90 -36.52
C GLY F 418 -15.71 13.93 -35.52
N VAL F 419 -16.21 12.81 -36.03
CA VAL F 419 -16.81 11.77 -35.20
C VAL F 419 -16.10 10.45 -35.51
N PHE F 420 -15.65 9.78 -34.46
CA PHE F 420 -15.11 8.43 -34.52
C PHE F 420 -16.01 7.52 -33.68
N GLY F 421 -15.83 6.22 -33.82
CA GLY F 421 -16.62 5.28 -33.02
C GLY F 421 -16.29 3.84 -33.34
N ASN F 422 -16.90 2.96 -32.55
CA ASN F 422 -16.73 1.52 -32.68
C ASN F 422 -17.98 0.82 -33.20
N ASN F 423 -19.00 1.58 -33.61
CA ASN F 423 -20.30 1.02 -33.97
C ASN F 423 -20.89 1.88 -35.07
N ASP F 424 -21.06 1.30 -36.26
CA ASP F 424 -21.56 2.07 -37.39
C ASP F 424 -22.97 2.60 -37.14
N GLN F 425 -23.81 1.82 -36.47
CA GLN F 425 -25.18 2.25 -36.25
C GLN F 425 -25.22 3.50 -35.37
N LEU F 426 -24.38 3.55 -34.33
CA LEU F 426 -24.34 4.74 -33.49
C LEU F 426 -23.75 5.93 -34.25
N ILE F 427 -22.70 5.69 -35.03
CA ILE F 427 -22.11 6.76 -35.82
C ILE F 427 -23.14 7.39 -36.74
N ASN F 428 -23.90 6.54 -37.45
CA ASN F 428 -24.90 7.07 -38.38
C ASN F 428 -26.02 7.80 -37.66
N LYS F 429 -26.34 7.38 -36.43
CA LYS F 429 -27.30 8.14 -35.62
C LYS F 429 -26.76 9.53 -35.30
N ILE F 430 -25.46 9.64 -35.06
CA ILE F 430 -24.86 10.95 -34.81
C ILE F 430 -24.86 11.78 -36.08
N LEU F 431 -24.53 11.16 -37.22
CA LEU F 431 -24.56 11.88 -38.48
C LEU F 431 -25.97 12.36 -38.82
N SER F 432 -26.99 11.63 -38.40
CA SER F 432 -28.36 12.06 -38.66
C SER F 432 -28.74 13.24 -37.77
N SER F 433 -28.42 13.16 -36.47
CA SER F 433 -28.64 14.31 -35.60
C SER F 433 -27.86 15.52 -36.07
N SER F 434 -26.70 15.31 -36.70
CA SER F 434 -25.96 16.40 -37.29
C SER F 434 -26.77 17.10 -38.37
N LYS F 435 -27.53 16.33 -39.15
CA LYS F 435 -28.26 16.89 -40.27
C LYS F 435 -29.52 17.64 -39.81
N THR F 436 -30.20 17.13 -38.79
CA THR F 436 -31.42 17.75 -38.31
C THR F 436 -31.17 18.87 -37.30
N SER F 437 -29.98 18.91 -36.69
CA SER F 437 -29.59 20.02 -35.85
C SER F 437 -28.78 21.07 -36.60
N ASN F 438 -28.33 20.75 -37.82
CA ASN F 438 -27.56 21.67 -38.66
C ASN F 438 -26.23 22.07 -38.01
N GLU F 439 -25.65 21.15 -37.24
CA GLU F 439 -24.29 21.31 -36.72
C GLU F 439 -23.41 20.32 -37.46
N PRO F 440 -22.63 20.75 -38.45
CA PRO F 440 -21.96 19.79 -39.34
C PRO F 440 -20.98 18.88 -38.60
N VAL F 441 -21.03 17.60 -38.95
CA VAL F 441 -20.12 16.59 -38.42
C VAL F 441 -19.74 15.66 -39.58
N TRP F 442 -18.50 15.18 -39.56
CA TRP F 442 -17.99 14.30 -40.60
C TRP F 442 -17.34 13.07 -39.98
N TRP F 443 -17.63 11.91 -40.57
CA TRP F 443 -17.13 10.64 -40.07
C TRP F 443 -15.66 10.48 -40.44
N LEU F 444 -14.83 10.16 -39.43
CA LEU F 444 -13.42 9.90 -39.62
C LEU F 444 -13.09 8.50 -39.10
N PRO F 445 -12.03 7.87 -39.62
CA PRO F 445 -11.77 6.47 -39.27
C PRO F 445 -10.86 6.29 -38.07
N ILE F 446 -11.07 5.18 -37.38
CA ILE F 446 -10.16 4.67 -36.36
C ILE F 446 -9.32 3.60 -37.04
N ILE F 447 -8.07 3.94 -37.35
CA ILE F 447 -7.20 3.08 -38.14
C ILE F 447 -6.40 2.20 -37.19
N ASN F 448 -6.69 0.89 -37.19
CA ASN F 448 -6.07 -0.01 -36.23
C ASN F 448 -4.56 -0.14 -36.44
N GLU F 449 -4.06 0.17 -37.64
CA GLU F 449 -2.63 0.04 -37.89
C GLU F 449 -1.79 0.97 -37.03
N TYR F 450 -2.37 2.05 -36.51
CA TYR F 450 -1.67 2.97 -35.63
C TYR F 450 -1.70 2.55 -34.17
N ARG F 451 -2.34 1.42 -33.86
CA ARG F 451 -2.54 1.04 -32.47
C ARG F 451 -1.23 0.77 -31.77
N SER F 452 -0.30 0.08 -32.43
CA SER F 452 0.97 -0.26 -31.80
C SER F 452 1.80 0.98 -31.47
N SER F 453 1.53 2.12 -32.11
CA SER F 453 2.25 3.34 -31.79
C SER F 453 1.94 3.87 -30.39
N LEU F 454 0.92 3.32 -29.73
CA LEU F 454 0.62 3.67 -28.35
C LEU F 454 1.22 2.68 -27.36
N ASN F 455 1.93 1.66 -27.85
CA ASN F 455 2.58 0.70 -26.95
C ASN F 455 3.63 1.40 -26.11
N SER F 456 3.63 1.10 -24.81
CA SER F 456 4.63 1.60 -23.88
C SER F 456 5.59 0.48 -23.50
N LYS F 457 6.83 0.86 -23.22
CA LYS F 457 7.83 -0.13 -22.83
C LYS F 457 7.54 -0.70 -21.46
N TYR F 458 7.00 0.10 -20.55
CA TYR F 458 6.81 -0.31 -19.16
C TYR F 458 5.36 -0.33 -18.71
N ALA F 459 4.51 0.55 -19.21
CA ALA F 459 3.10 0.53 -18.91
C ALA F 459 2.33 -0.18 -20.01
N ASP F 460 1.03 -0.40 -19.78
CA ASP F 460 0.20 -1.00 -20.80
C ASP F 460 0.09 -0.09 -22.02
N LEU F 461 -0.03 1.22 -21.80
CA LEU F 461 -0.23 2.18 -22.87
C LEU F 461 0.56 3.45 -22.59
N ASN F 462 0.82 4.20 -23.65
CA ASN F 462 1.22 5.60 -23.57
C ASN F 462 0.04 6.45 -24.03
N ASN F 463 -0.09 7.63 -23.44
CA ASN F 463 -1.22 8.50 -23.77
C ASN F 463 -1.03 9.25 -25.08
N ILE F 464 0.18 9.26 -25.64
CA ILE F 464 0.44 9.91 -26.92
C ILE F 464 1.25 8.97 -27.79
N SER F 465 1.28 9.28 -29.07
CA SER F 465 2.14 8.62 -30.04
C SER F 465 3.22 9.60 -30.48
N SER F 466 4.45 9.11 -30.60
CA SER F 466 5.55 9.90 -31.12
C SER F 466 5.98 9.48 -32.52
N SER F 467 5.39 8.43 -33.07
CA SER F 467 5.68 8.00 -34.43
C SER F 467 4.60 8.47 -35.42
N VAL F 468 3.34 8.13 -35.16
CA VAL F 468 2.26 8.49 -36.06
C VAL F 468 1.77 9.89 -35.73
N LYS F 469 1.68 10.74 -36.75
CA LYS F 469 1.31 12.14 -36.58
C LYS F 469 -0.20 12.38 -36.67
N ALA F 470 -0.99 11.34 -36.94
CA ALA F 470 -2.45 11.48 -37.02
C ALA F 470 -3.00 11.53 -35.61
N SER F 471 -2.99 12.74 -35.04
CA SER F 471 -3.31 12.90 -33.63
C SER F 471 -4.75 12.51 -33.31
N SER F 472 -5.69 12.93 -34.16
CA SER F 472 -7.10 12.67 -33.89
C SER F 472 -7.40 11.18 -33.93
N VAL F 473 -6.80 10.46 -34.87
CA VAL F 473 -6.99 9.01 -34.94
C VAL F 473 -6.34 8.34 -33.73
N VAL F 474 -5.12 8.76 -33.38
CA VAL F 474 -4.42 8.14 -32.25
C VAL F 474 -5.19 8.35 -30.97
N ALA F 475 -5.68 9.58 -30.75
CA ALA F 475 -6.46 9.85 -29.55
C ALA F 475 -7.70 8.95 -29.47
N SER F 476 -8.37 8.76 -30.61
CA SER F 476 -9.53 7.87 -30.63
C SER F 476 -9.15 6.45 -30.30
N LEU F 477 -7.98 6.00 -30.79
CA LEU F 477 -7.51 4.66 -30.46
C LEU F 477 -7.28 4.53 -28.96
N PHE F 478 -6.74 5.58 -28.32
CA PHE F 478 -6.50 5.53 -26.89
C PHE F 478 -7.81 5.43 -26.12
N LEU F 479 -8.80 6.25 -26.47
CA LEU F 479 -10.07 6.22 -25.77
C LEU F 479 -10.76 4.86 -25.93
N LYS F 480 -10.60 4.23 -27.09
CA LYS F 480 -11.25 2.93 -27.30
C LYS F 480 -10.78 1.88 -26.31
N GLU F 481 -9.59 2.04 -25.75
CA GLU F 481 -9.04 1.10 -24.78
C GLU F 481 -9.79 1.10 -23.45
N PHE F 482 -10.76 2.00 -23.28
CA PHE F 482 -11.54 2.09 -22.05
C PHE F 482 -13.02 1.87 -22.30
N ILE F 483 -13.36 1.32 -23.47
CA ILE F 483 -14.71 0.84 -23.79
C ILE F 483 -14.56 -0.62 -24.17
N GLU F 484 -15.12 -1.52 -23.36
CA GLU F 484 -14.93 -2.94 -23.58
C GLU F 484 -15.96 -3.54 -24.54
N ASN F 485 -17.25 -3.34 -24.27
CA ASN F 485 -18.29 -3.99 -25.05
C ASN F 485 -19.57 -3.16 -25.07
N THR F 486 -19.45 -1.88 -25.42
CA THR F 486 -20.61 -1.00 -25.53
C THR F 486 -20.44 -0.12 -26.76
N PRO F 487 -21.50 0.09 -27.55
CA PRO F 487 -21.41 1.04 -28.66
C PRO F 487 -21.00 2.42 -28.16
N TRP F 488 -19.97 2.98 -28.79
CA TRP F 488 -19.36 4.23 -28.33
C TRP F 488 -19.00 5.10 -29.53
N ALA F 489 -19.16 6.41 -29.36
CA ALA F 489 -18.83 7.39 -30.38
C ALA F 489 -18.15 8.58 -29.72
N HIS F 490 -17.25 9.22 -30.46
CA HIS F 490 -16.38 10.28 -29.94
C HIS F 490 -16.40 11.44 -30.92
N ILE F 491 -16.81 12.62 -30.44
CA ILE F 491 -16.98 13.81 -31.27
C ILE F 491 -15.90 14.80 -30.90
N ASP F 492 -14.94 15.01 -31.80
CA ASP F 492 -13.81 15.91 -31.58
C ASP F 492 -14.18 17.30 -32.09
N ILE F 493 -14.33 18.26 -31.16
CA ILE F 493 -14.79 19.59 -31.52
C ILE F 493 -13.71 20.63 -31.24
N ALA F 494 -12.44 20.21 -31.28
CA ALA F 494 -11.36 21.14 -31.00
C ALA F 494 -11.32 22.28 -32.02
N GLY F 495 -11.75 22.03 -33.25
CA GLY F 495 -11.69 23.03 -34.29
C GLY F 495 -12.93 23.90 -34.41
N VAL F 496 -14.07 23.39 -33.97
CA VAL F 496 -15.34 24.06 -34.19
C VAL F 496 -15.89 24.76 -32.95
N SER F 497 -15.38 24.45 -31.77
CA SER F 497 -15.99 24.97 -30.55
C SER F 497 -15.88 26.49 -30.46
N TRP F 498 -14.71 27.04 -30.80
CA TRP F 498 -14.42 28.45 -30.63
C TRP F 498 -14.37 29.13 -32.00
N ASN F 499 -15.07 30.26 -32.12
CA ASN F 499 -15.05 31.05 -33.35
C ASN F 499 -13.90 32.05 -33.23
N PHE F 500 -12.78 31.73 -33.87
CA PHE F 500 -11.59 32.57 -33.71
C PHE F 500 -11.80 33.95 -34.31
N LYS F 501 -12.51 34.04 -35.44
CA LYS F 501 -12.73 35.33 -36.08
C LYS F 501 -13.61 36.23 -35.22
N ALA F 502 -14.74 35.70 -34.74
CA ALA F 502 -15.64 36.48 -33.90
C ALA F 502 -15.18 36.58 -32.45
N ARG F 503 -14.21 35.76 -32.05
CA ARG F 503 -13.66 35.80 -30.69
C ARG F 503 -14.73 35.47 -29.65
N LYS F 504 -15.46 34.38 -29.89
CA LYS F 504 -16.52 33.95 -28.99
C LYS F 504 -16.81 32.49 -29.23
N PRO F 505 -17.42 31.79 -28.27
CA PRO F 505 -17.75 30.38 -28.47
C PRO F 505 -19.03 30.21 -29.27
N LYS F 506 -19.15 29.04 -29.90
CA LYS F 506 -20.32 28.69 -30.67
C LYS F 506 -21.36 27.89 -29.89
N GLY F 507 -20.97 27.32 -28.75
CA GLY F 507 -21.85 26.39 -28.07
C GLY F 507 -22.10 25.14 -28.89
N PHE F 508 -21.13 24.73 -29.69
CA PHE F 508 -21.30 23.57 -30.56
C PHE F 508 -21.56 22.31 -29.74
N GLY F 509 -22.56 21.53 -30.16
CA GLY F 509 -22.84 20.22 -29.61
C GLY F 509 -24.15 20.12 -28.85
N VAL F 510 -24.65 21.24 -28.31
CA VAL F 510 -25.88 21.19 -27.53
C VAL F 510 -27.03 20.65 -28.37
N ARG F 511 -27.28 21.27 -29.52
CA ARG F 511 -28.40 20.86 -30.37
C ARG F 511 -28.14 19.50 -31.01
N LEU F 512 -26.89 19.24 -31.41
CA LEU F 512 -26.55 17.93 -31.97
C LEU F 512 -26.89 16.81 -31.01
N LEU F 513 -26.46 16.94 -29.75
CA LEU F 513 -26.70 15.88 -28.77
C LEU F 513 -28.17 15.78 -28.40
N THR F 514 -28.86 16.92 -28.30
CA THR F 514 -30.27 16.87 -27.95
C THR F 514 -31.09 16.18 -29.02
N GLU F 515 -30.78 16.45 -30.30
CA GLU F 515 -31.46 15.74 -31.37
C GLU F 515 -31.16 14.25 -31.33
N PHE F 516 -29.97 13.86 -30.88
CA PHE F 516 -29.64 12.45 -30.74
C PHE F 516 -30.49 11.79 -29.67
N VAL F 517 -30.70 12.47 -28.54
CA VAL F 517 -31.51 11.90 -27.47
C VAL F 517 -32.97 11.80 -27.88
N LEU F 518 -33.50 12.88 -28.47
CA LEU F 518 -34.93 12.92 -28.78
C LEU F 518 -35.29 11.92 -29.87
N ASN F 519 -34.64 12.01 -31.02
CA ASN F 519 -34.92 11.11 -32.13
C ASN F 519 -34.26 9.75 -31.90
N THR G 3 -25.59 -46.82 77.38
CA THR G 3 -24.21 -46.34 77.30
C THR G 3 -24.18 -44.81 77.14
N THR G 4 -23.14 -44.18 77.68
CA THR G 4 -23.01 -42.74 77.61
C THR G 4 -22.40 -42.32 76.28
N VAL G 5 -22.78 -41.13 75.82
CA VAL G 5 -22.27 -40.57 74.59
C VAL G 5 -20.86 -40.06 74.84
N PRO G 6 -19.85 -40.57 74.13
CA PRO G 6 -18.49 -40.02 74.30
C PRO G 6 -18.42 -38.58 73.84
N GLN G 7 -17.52 -37.81 74.47
CA GLN G 7 -17.35 -36.40 74.17
C GLN G 7 -15.88 -36.08 73.95
N VAL G 8 -15.63 -35.13 73.05
CA VAL G 8 -14.30 -34.57 72.90
C VAL G 8 -14.11 -33.38 73.84
N VAL G 9 -15.10 -32.50 73.89
CA VAL G 9 -15.13 -31.38 74.82
C VAL G 9 -16.41 -31.50 75.64
N SER G 10 -16.39 -30.87 76.83
CA SER G 10 -17.55 -30.93 77.71
C SER G 10 -18.77 -30.26 77.10
N LEU G 11 -18.61 -29.51 76.02
CA LEU G 11 -19.73 -28.85 75.37
C LEU G 11 -20.42 -29.73 74.33
N ASP G 12 -19.81 -30.84 73.93
CA ASP G 12 -20.45 -31.73 72.96
C ASP G 12 -21.77 -32.24 73.54
N PRO G 13 -22.88 -32.12 72.81
CA PRO G 13 -24.16 -32.60 73.35
C PRO G 13 -24.13 -34.11 73.58
N THR G 14 -24.87 -34.55 74.60
CA THR G 14 -24.96 -35.96 74.96
C THR G 14 -26.35 -36.54 74.72
N THR G 15 -27.25 -35.77 74.11
CA THR G 15 -28.59 -36.25 73.84
C THR G 15 -29.12 -35.57 72.58
N ILE G 16 -30.19 -36.15 72.04
CA ILE G 16 -30.91 -35.58 70.90
C ILE G 16 -32.17 -34.92 71.44
N PRO G 17 -32.28 -33.58 71.40
CA PRO G 17 -33.53 -32.95 71.83
C PRO G 17 -34.68 -33.36 70.91
N ILE G 18 -35.76 -33.86 71.53
CA ILE G 18 -36.92 -34.34 70.79
C ILE G 18 -38.17 -33.71 71.39
N ASP G 19 -39.02 -33.14 70.52
CA ASP G 19 -40.30 -32.58 70.95
C ASP G 19 -41.33 -33.69 70.89
N TYR G 20 -41.63 -34.27 72.04
CA TYR G 20 -42.67 -35.29 72.13
C TYR G 20 -44.07 -34.69 72.28
N HIS G 21 -44.18 -33.36 72.27
CA HIS G 21 -45.47 -32.68 72.34
C HIS G 21 -45.43 -31.55 71.31
N THR G 22 -46.44 -31.50 70.45
CA THR G 22 -46.57 -30.48 69.42
C THR G 22 -47.84 -29.68 69.63
N PRO G 23 -47.96 -28.50 69.00
CA PRO G 23 -49.20 -27.73 69.12
C PRO G 23 -50.43 -28.46 68.62
N ILE G 24 -50.26 -29.58 67.91
CA ILE G 24 -51.42 -30.33 67.42
C ILE G 24 -52.08 -31.09 68.56
N ASP G 25 -51.31 -31.50 69.57
CA ASP G 25 -51.89 -32.21 70.70
C ASP G 25 -52.88 -31.34 71.45
N ASP G 26 -52.73 -30.01 71.37
CA ASP G 26 -53.63 -29.07 72.03
C ASP G 26 -54.70 -28.53 71.09
N LEU G 27 -54.88 -29.15 69.92
CA LEU G 27 -55.78 -28.64 68.89
C LEU G 27 -56.96 -29.61 68.76
N SER G 28 -58.14 -29.15 69.17
CA SER G 28 -59.36 -29.91 68.96
C SER G 28 -59.80 -29.79 67.51
N ILE G 29 -60.02 -30.93 66.87
CA ILE G 29 -60.41 -30.98 65.46
C ILE G 29 -61.76 -31.66 65.34
N GLU G 30 -62.64 -31.08 64.54
CA GLU G 30 -64.00 -31.60 64.38
C GLU G 30 -64.39 -31.57 62.91
N VAL G 31 -65.03 -32.64 62.46
CA VAL G 31 -65.57 -32.75 61.11
C VAL G 31 -67.08 -32.61 61.18
N LYS G 32 -67.64 -31.81 60.28
CA LYS G 32 -69.08 -31.52 60.30
C LYS G 32 -69.63 -31.50 58.88
N ASP G 33 -70.78 -32.15 58.70
CA ASP G 33 -71.51 -32.09 57.44
C ASP G 33 -71.77 -30.63 57.06
N ILE G 34 -71.32 -30.24 55.86
CA ILE G 34 -71.59 -28.89 55.40
C ILE G 34 -73.06 -28.74 55.00
N SER G 35 -73.72 -29.84 54.63
CA SER G 35 -75.12 -29.76 54.28
C SER G 35 -75.97 -29.45 55.50
N ALA G 36 -75.76 -30.18 56.60
CA ALA G 36 -76.56 -30.00 57.81
C ALA G 36 -75.90 -29.12 58.87
N GLU G 37 -74.62 -28.72 58.64
CA GLU G 37 -73.80 -27.94 59.56
C GLU G 37 -73.21 -26.76 58.77
N ALA G 38 -73.24 -25.56 59.38
CA ALA G 38 -72.65 -24.40 58.70
C ALA G 38 -71.79 -23.63 59.68
N CYS G 39 -70.88 -22.81 59.14
CA CYS G 39 -69.95 -22.05 59.96
C CYS G 39 -70.64 -20.87 60.65
N LEU G 45 -59.24 -17.64 59.64
CA LEU G 45 -60.25 -18.20 60.53
C LEU G 45 -61.29 -19.00 59.75
N ILE G 46 -61.95 -18.33 58.80
CA ILE G 46 -62.94 -18.93 57.91
C ILE G 46 -62.33 -18.96 56.52
N VAL G 47 -62.02 -20.16 56.03
CA VAL G 47 -61.34 -20.32 54.74
C VAL G 47 -62.14 -21.29 53.87
N PHE G 48 -62.26 -20.96 52.59
CA PHE G 48 -63.00 -21.76 51.62
C PHE G 48 -62.02 -22.35 50.61
N LEU G 49 -62.12 -23.66 50.39
CA LEU G 49 -61.29 -24.37 49.41
C LEU G 49 -62.12 -24.58 48.15
N LEU G 50 -61.80 -23.85 47.09
CA LEU G 50 -62.60 -23.83 45.88
C LEU G 50 -61.80 -24.37 44.70
N ASN G 51 -62.52 -24.70 43.63
CA ASN G 51 -61.93 -25.22 42.41
C ASN G 51 -61.74 -24.09 41.40
N SER G 52 -61.30 -24.46 40.19
CA SER G 52 -61.07 -23.48 39.14
C SER G 52 -62.40 -22.90 38.65
N GLN G 53 -62.48 -21.56 38.61
CA GLN G 53 -63.60 -20.86 38.00
C GLN G 53 -64.94 -21.31 38.56
N ILE G 54 -64.96 -21.72 39.82
CA ILE G 54 -66.20 -22.07 40.52
C ILE G 54 -66.32 -21.16 41.73
N LYS G 55 -67.57 -20.88 42.12
CA LYS G 55 -67.85 -19.91 43.16
C LYS G 55 -68.55 -20.58 44.34
N ILE G 56 -68.47 -19.90 45.49
CA ILE G 56 -69.06 -20.43 46.72
C ILE G 56 -70.48 -20.88 46.47
N ASN G 57 -70.85 -22.03 47.03
CA ASN G 57 -72.18 -22.59 46.85
C ASN G 57 -72.45 -23.71 47.85
N THR G 78 -59.88 -15.50 39.82
CA THR G 78 -59.10 -16.72 39.62
C THR G 78 -59.53 -17.80 40.61
N GLY G 79 -59.07 -19.02 40.35
CA GLY G 79 -59.22 -20.13 41.26
C GLY G 79 -58.03 -21.04 41.17
N LYS G 80 -56.89 -20.46 40.77
CA LYS G 80 -55.72 -21.23 40.42
C LYS G 80 -55.15 -21.97 41.63
N LEU G 81 -54.41 -23.05 41.35
CA LEU G 81 -53.81 -23.85 42.40
C LEU G 81 -52.87 -23.00 43.24
N GLY G 82 -53.03 -23.09 44.56
CA GLY G 82 -52.17 -22.37 45.48
C GLY G 82 -52.40 -20.88 45.55
N THR G 83 -53.32 -20.33 44.76
CA THR G 83 -53.60 -18.90 44.80
C THR G 83 -54.32 -18.57 46.11
N SER G 84 -54.21 -17.32 46.53
CA SER G 84 -54.85 -16.94 47.76
C SER G 84 -55.26 -15.50 47.75
N LYS G 85 -56.12 -15.16 48.67
CA LYS G 85 -56.55 -13.79 48.78
C LYS G 85 -56.99 -13.47 50.17
N SER G 86 -56.59 -12.29 50.62
CA SER G 86 -56.70 -11.79 51.96
C SER G 86 -58.14 -11.85 52.42
N PHE G 87 -58.95 -10.88 51.97
CA PHE G 87 -60.34 -10.71 52.41
C PHE G 87 -60.82 -11.66 53.51
N ALA G 100 -61.31 -15.76 53.69
CA ALA G 100 -60.25 -16.05 52.74
C ALA G 100 -60.68 -17.12 51.73
N TYR G 101 -59.97 -17.18 50.60
CA TYR G 101 -60.25 -18.15 49.55
C TYR G 101 -58.93 -18.77 49.11
N VAL G 102 -58.87 -20.10 49.13
CA VAL G 102 -57.68 -20.86 48.71
C VAL G 102 -58.02 -21.57 47.42
N GLY G 103 -57.11 -21.50 46.45
CA GLY G 103 -57.35 -22.08 45.14
C GLY G 103 -56.77 -23.46 45.03
N CYS G 104 -57.60 -24.41 44.57
CA CYS G 104 -57.21 -25.80 44.44
C CYS G 104 -57.03 -26.25 43.00
N GLY G 105 -57.35 -25.41 42.02
CA GLY G 105 -57.17 -25.78 40.64
C GLY G 105 -58.41 -26.41 40.03
N PRO G 106 -58.24 -27.05 38.88
CA PRO G 106 -59.41 -27.66 38.21
C PRO G 106 -60.09 -28.70 39.08
N ALA G 107 -61.39 -28.81 38.92
CA ALA G 107 -62.17 -29.81 39.65
C ALA G 107 -61.81 -31.21 39.17
N ASN G 108 -61.87 -32.16 40.10
CA ASN G 108 -61.58 -33.57 39.81
C ASN G 108 -60.15 -33.76 39.30
N GLU G 109 -59.26 -32.83 39.60
CA GLU G 109 -57.85 -32.92 39.25
C GLU G 109 -57.00 -32.61 40.49
N GLU G 110 -57.18 -33.41 41.53
CA GLU G 110 -56.50 -33.20 42.80
C GLU G 110 -55.72 -34.45 43.16
N THR G 111 -54.40 -34.32 43.24
CA THR G 111 -53.51 -35.40 43.68
C THR G 111 -52.71 -34.89 44.88
N GLU G 112 -51.79 -35.74 45.36
CA GLU G 112 -50.92 -35.33 46.45
C GLU G 112 -50.20 -34.03 46.12
N LEU G 113 -49.89 -33.80 44.84
CA LEU G 113 -49.23 -32.56 44.44
C LEU G 113 -50.11 -31.35 44.77
N GLU G 114 -51.37 -31.37 44.31
CA GLU G 114 -52.24 -30.22 44.52
C GLU G 114 -52.53 -30.00 45.99
N ILE G 115 -52.75 -31.09 46.74
CA ILE G 115 -53.07 -30.97 48.16
C ILE G 115 -51.93 -30.29 48.90
N ARG G 116 -50.68 -30.67 48.61
CA ARG G 116 -49.55 -30.07 49.28
C ARG G 116 -49.50 -28.57 49.04
N LYS G 117 -49.73 -28.14 47.79
CA LYS G 117 -49.70 -26.71 47.48
C LYS G 117 -50.83 -25.98 48.18
N VAL G 118 -52.00 -26.60 48.28
CA VAL G 118 -53.11 -25.99 49.01
C VAL G 118 -52.78 -25.89 50.49
N ALA G 119 -52.39 -27.01 51.10
CA ALA G 119 -52.04 -27.02 52.52
C ALA G 119 -51.00 -25.97 52.83
N TYR G 120 -49.98 -25.84 51.96
CA TYR G 120 -48.94 -24.83 52.18
C TYR G 120 -49.52 -23.43 52.12
N ALA G 121 -50.47 -23.18 51.22
CA ALA G 121 -51.08 -21.87 51.13
C ALA G 121 -51.92 -21.55 52.36
N LEU G 122 -52.70 -22.53 52.83
CA LEU G 122 -53.50 -22.31 54.04
C LEU G 122 -52.62 -22.01 55.24
N VAL G 123 -51.47 -22.68 55.35
CA VAL G 123 -50.60 -22.48 56.50
C VAL G 123 -49.99 -21.09 56.48
N THR G 124 -49.67 -20.57 55.29
CA THR G 124 -49.06 -19.25 55.19
C THR G 124 -50.03 -18.17 55.69
N LEU G 125 -51.32 -18.35 55.41
CA LEU G 125 -52.31 -17.43 55.94
C LEU G 125 -52.35 -17.46 57.45
N LEU G 126 -52.30 -18.66 58.04
CA LEU G 126 -52.39 -18.80 59.49
C LEU G 126 -51.09 -18.39 60.17
N HIS G 127 -49.96 -18.92 59.71
CA HIS G 127 -48.67 -18.55 60.31
C HIS G 127 -48.43 -17.04 60.24
N ASP G 128 -48.99 -16.38 59.23
CA ASP G 128 -49.00 -14.93 59.15
C ASP G 128 -50.24 -14.34 59.82
N SER G 129 -50.92 -15.11 60.66
CA SER G 129 -52.14 -14.66 61.32
C SER G 129 -52.14 -15.06 62.79
N HIS G 131 -56.86 -15.48 65.86
CA HIS G 131 -55.80 -16.47 65.86
C HIS G 131 -56.10 -17.65 66.77
N LYS G 132 -57.22 -18.35 66.53
CA LYS G 132 -57.57 -19.44 67.46
C LYS G 132 -58.61 -20.40 66.90
N LYS G 133 -59.74 -19.88 66.41
CA LYS G 133 -60.82 -20.72 65.92
C LYS G 133 -60.78 -20.69 64.39
N VAL G 134 -60.27 -21.78 63.81
CA VAL G 134 -60.13 -21.89 62.37
C VAL G 134 -61.20 -22.85 61.85
N SER G 135 -61.65 -22.61 60.61
CA SER G 135 -62.65 -23.44 59.98
C SER G 135 -62.40 -23.49 58.49
N ILE G 136 -62.51 -24.69 57.91
CA ILE G 136 -62.22 -24.94 56.50
C ILE G 136 -63.49 -25.49 55.84
N ILE G 137 -63.90 -24.86 54.75
CA ILE G 137 -65.07 -25.28 54.00
C ILE G 137 -64.57 -26.05 52.78
N PHE G 138 -64.80 -27.35 52.74
CA PHE G 138 -64.29 -28.14 51.63
C PHE G 138 -65.37 -28.25 50.57
N GLU G 139 -65.26 -27.38 49.57
CA GLU G 139 -66.14 -27.29 48.42
C GLU G 139 -65.58 -28.05 47.22
N ILE G 140 -64.79 -29.10 47.47
CA ILE G 140 -64.18 -29.89 46.41
C ILE G 140 -64.35 -31.37 46.74
N LYS G 141 -64.21 -32.20 45.72
CA LYS G 141 -64.36 -33.64 45.88
C LYS G 141 -63.04 -34.23 46.38
N ILE G 142 -63.09 -34.88 47.55
CA ILE G 142 -61.91 -35.47 48.18
C ILE G 142 -62.32 -36.81 48.78
N GLU G 143 -61.44 -37.80 48.68
CA GLU G 143 -61.67 -39.09 49.31
C GLU G 143 -60.99 -39.13 50.68
N GLU G 144 -61.29 -40.19 51.43
CA GLU G 144 -60.83 -40.26 52.82
C GLU G 144 -59.32 -40.17 52.91
N ALA G 145 -58.62 -41.00 52.12
CA ALA G 145 -57.16 -41.06 52.24
C ALA G 145 -56.51 -39.75 51.85
N LEU G 146 -57.02 -39.09 50.81
CA LEU G 146 -56.46 -37.79 50.42
C LEU G 146 -56.88 -36.69 51.37
N PHE G 147 -58.10 -36.77 51.91
CA PHE G 147 -58.52 -35.81 52.94
C PHE G 147 -57.61 -35.91 54.16
N ARG G 148 -57.21 -37.12 54.54
CA ARG G 148 -56.30 -37.29 55.67
C ARG G 148 -54.93 -36.69 55.35
N PHE G 149 -54.41 -36.95 54.14
CA PHE G 149 -53.10 -36.42 53.77
C PHE G 149 -53.08 -34.91 53.83
N PHE G 150 -54.21 -34.27 53.55
CA PHE G 150 -54.27 -32.80 53.63
C PHE G 150 -53.99 -32.33 55.04
N LEU G 151 -54.63 -32.95 56.03
CA LEU G 151 -54.40 -32.55 57.41
C LEU G 151 -52.97 -32.89 57.85
N GLU G 152 -52.47 -34.06 57.45
CA GLU G 152 -51.11 -34.44 57.79
C GLU G 152 -50.12 -33.40 57.28
N HIS G 153 -50.17 -33.09 55.97
CA HIS G 153 -49.25 -32.11 55.42
C HIS G 153 -49.53 -30.71 55.96
N LEU G 154 -50.77 -30.45 56.38
CA LEU G 154 -51.07 -29.16 57.00
C LEU G 154 -50.34 -29.01 58.32
N PHE G 155 -50.43 -30.03 59.19
CA PHE G 155 -49.68 -30.00 60.43
C PHE G 155 -48.18 -30.00 60.17
N TYR G 156 -47.74 -30.70 59.13
CA TYR G 156 -46.32 -30.76 58.81
C TYR G 156 -45.78 -29.39 58.49
N GLU G 157 -46.48 -28.63 57.64
CA GLU G 157 -46.04 -27.28 57.30
C GLU G 157 -46.30 -26.30 58.45
N TYR G 158 -47.16 -26.65 59.40
CA TYR G 158 -47.55 -25.70 60.44
C TYR G 158 -46.55 -25.69 61.59
N VAL G 159 -46.15 -26.86 62.07
CA VAL G 159 -45.27 -26.96 63.23
C VAL G 159 -43.83 -26.73 62.78
N THR G 160 -43.17 -25.74 63.35
CA THR G 160 -41.80 -25.40 63.02
C THR G 160 -40.84 -25.98 64.04
N ASP G 161 -39.64 -26.31 63.58
CA ASP G 161 -38.59 -26.88 64.42
C ASP G 161 -37.75 -25.75 65.01
N GLU G 162 -37.80 -25.59 66.34
CA GLU G 162 -37.08 -24.53 67.02
C GLU G 162 -36.05 -25.09 68.00
N ARG G 163 -35.71 -26.37 67.89
CA ARG G 163 -34.87 -26.99 68.90
C ARG G 163 -33.51 -26.33 69.00
N PHE G 164 -32.96 -25.84 67.89
CA PHE G 164 -31.59 -25.35 67.84
C PHE G 164 -31.52 -23.83 67.67
N LYS G 165 -32.61 -23.12 67.96
CA LYS G 165 -32.63 -21.67 67.95
C LYS G 165 -32.42 -21.13 69.35
N SER G 166 -31.74 -20.00 69.44
CA SER G 166 -31.51 -19.32 70.71
C SER G 166 -32.80 -18.67 71.20
N ASP G 174 -49.61 -19.68 71.60
CA ASP G 174 -50.08 -18.86 70.48
C ASP G 174 -50.20 -19.68 69.20
N PHE G 175 -51.13 -20.62 69.20
CA PHE G 175 -51.37 -21.48 68.04
C PHE G 175 -52.86 -21.77 67.96
N ILE G 176 -53.34 -22.03 66.74
CA ILE G 176 -54.74 -22.39 66.55
C ILE G 176 -55.12 -23.45 67.56
N LYS G 177 -56.30 -23.30 68.17
CA LYS G 177 -56.75 -24.20 69.22
C LYS G 177 -58.06 -24.91 68.92
N ASN G 178 -58.73 -24.57 67.83
CA ASN G 178 -59.98 -25.23 67.46
C ASN G 178 -60.11 -25.23 65.94
N LEU G 179 -60.19 -26.42 65.36
CA LEU G 179 -60.29 -26.59 63.91
C LEU G 179 -61.63 -27.23 63.57
N SER G 180 -62.39 -26.58 62.69
CA SER G 180 -63.66 -27.09 62.20
C SER G 180 -63.53 -27.30 60.69
N LEU G 181 -63.75 -28.53 60.24
CA LEU G 181 -63.62 -28.87 58.83
C LEU G 181 -64.98 -29.24 58.28
N HIS G 182 -65.55 -28.35 57.47
CA HIS G 182 -66.87 -28.55 56.88
C HIS G 182 -66.73 -29.25 55.53
N ILE G 183 -67.36 -30.41 55.39
CA ILE G 183 -67.28 -31.21 54.18
C ILE G 183 -68.57 -32.00 54.04
N ALA G 184 -68.93 -32.30 52.80
CA ALA G 184 -70.10 -33.14 52.54
C ALA G 184 -69.86 -34.55 53.04
N ASN G 185 -70.93 -35.18 53.52
CA ASN G 185 -70.87 -36.54 54.08
C ASN G 185 -69.72 -36.65 55.07
N ALA G 186 -69.87 -35.90 56.17
CA ALA G 186 -68.82 -35.82 57.17
C ALA G 186 -68.55 -37.17 57.81
N ASP G 187 -69.58 -38.00 57.99
CA ASP G 187 -69.41 -39.25 58.71
C ASP G 187 -68.33 -40.13 58.08
N ALA G 188 -68.07 -39.95 56.78
CA ALA G 188 -67.08 -40.78 56.09
C ALA G 188 -65.65 -40.39 56.44
N TYR G 189 -65.43 -39.21 57.03
CA TYR G 189 -64.10 -38.69 57.28
C TYR G 189 -63.72 -38.63 58.75
N LYS G 190 -64.69 -38.72 59.66
CA LYS G 190 -64.40 -38.57 61.08
C LYS G 190 -63.33 -39.55 61.55
N GLY G 191 -63.31 -40.75 60.98
CA GLY G 191 -62.32 -41.74 61.38
C GLY G 191 -60.90 -41.39 60.97
N GLN G 192 -60.74 -40.55 59.95
CA GLN G 192 -59.42 -40.16 59.50
C GLN G 192 -58.73 -39.15 60.40
N ILE G 193 -59.46 -38.58 61.37
CA ILE G 193 -58.89 -37.54 62.22
C ILE G 193 -57.76 -38.10 63.07
N ASP G 194 -58.05 -39.13 63.88
CA ASP G 194 -57.04 -39.66 64.77
C ASP G 194 -55.91 -40.33 63.99
N LYS G 195 -56.21 -40.94 62.84
CA LYS G 195 -55.14 -41.46 62.00
C LYS G 195 -54.20 -40.35 61.56
N ALA G 196 -54.75 -39.17 61.24
CA ALA G 196 -53.92 -38.05 60.84
C ALA G 196 -53.03 -37.60 62.00
N ARG G 197 -53.58 -37.58 63.22
CA ARG G 197 -52.78 -37.20 64.38
C ARG G 197 -51.59 -38.14 64.56
N VAL G 198 -51.83 -39.45 64.44
CA VAL G 198 -50.75 -40.41 64.60
C VAL G 198 -49.78 -40.34 63.43
N TYR G 199 -50.31 -40.30 62.20
CA TYR G 199 -49.45 -40.30 61.03
C TYR G 199 -48.60 -39.04 60.96
N PHE G 200 -49.13 -37.90 61.40
CA PHE G 200 -48.35 -36.67 61.36
C PHE G 200 -47.16 -36.75 62.31
N TYR G 201 -47.39 -37.18 63.56
CA TYR G 201 -46.30 -37.17 64.52
C TYR G 201 -45.21 -38.16 64.14
N GLY G 202 -45.60 -39.33 63.64
CA GLY G 202 -44.61 -40.27 63.15
C GLY G 202 -43.70 -39.64 62.12
N THR G 203 -44.29 -38.93 61.16
CA THR G 203 -43.50 -38.19 60.18
C THR G 203 -42.73 -37.06 60.85
N TYR G 204 -43.40 -36.31 61.74
CA TYR G 204 -42.74 -35.21 62.44
C TYR G 204 -41.57 -35.73 63.27
N TYR G 205 -41.73 -36.92 63.88
CA TYR G 205 -40.67 -37.49 64.69
C TYR G 205 -39.48 -37.90 63.83
N ALA G 206 -39.74 -38.56 62.71
CA ALA G 206 -38.65 -38.94 61.80
C ALA G 206 -37.92 -37.71 61.29
N ALA G 207 -38.66 -36.66 60.93
CA ALA G 207 -38.01 -35.43 60.47
C ALA G 207 -37.13 -34.83 61.56
N GLN G 208 -37.57 -34.90 62.81
CA GLN G 208 -36.77 -34.35 63.90
C GLN G 208 -35.46 -35.11 64.06
N LEU G 209 -35.48 -36.43 63.85
CA LEU G 209 -34.24 -37.19 63.91
C LEU G 209 -33.33 -36.86 62.73
N ILE G 210 -33.90 -36.55 61.57
CA ILE G 210 -33.09 -36.24 60.40
C ILE G 210 -32.51 -34.83 60.49
N ALA G 211 -33.33 -33.86 60.89
CA ALA G 211 -32.85 -32.49 60.97
C ALA G 211 -31.74 -32.35 62.02
N ALA G 212 -31.75 -33.18 63.05
CA ALA G 212 -30.76 -33.05 64.12
C ALA G 212 -29.35 -33.20 63.58
N PRO G 213 -28.46 -32.25 63.84
CA PRO G 213 -27.09 -32.36 63.31
C PRO G 213 -26.38 -33.59 63.84
N SER G 214 -25.23 -33.89 63.23
CA SER G 214 -24.51 -35.12 63.52
C SER G 214 -23.78 -35.09 64.86
N ASN G 215 -23.44 -33.90 65.37
CA ASN G 215 -22.88 -33.84 66.72
C ASN G 215 -23.93 -34.11 67.78
N TYR G 216 -25.21 -33.91 67.46
CA TYR G 216 -26.31 -34.30 68.34
C TYR G 216 -26.75 -35.74 68.09
N CYS G 217 -26.98 -36.10 66.84
CA CYS G 217 -27.49 -37.40 66.46
C CYS G 217 -26.32 -38.27 65.99
N ASN G 218 -25.75 -39.01 66.92
CA ASN G 218 -24.69 -39.97 66.69
C ASN G 218 -25.19 -41.38 66.97
N PRO G 219 -24.39 -42.41 66.67
CA PRO G 219 -24.89 -43.79 66.85
C PRO G 219 -25.37 -44.09 68.26
N VAL G 220 -24.67 -43.58 69.29
CA VAL G 220 -25.08 -43.86 70.66
C VAL G 220 -26.33 -43.06 71.01
N SER G 221 -26.34 -41.77 70.70
CA SER G 221 -27.49 -40.94 71.04
C SER G 221 -28.73 -41.34 70.23
N LEU G 222 -28.54 -41.87 69.02
CA LEU G 222 -29.68 -42.30 68.22
C LEU G 222 -30.26 -43.61 68.75
N SER G 223 -29.41 -44.53 69.23
CA SER G 223 -29.93 -45.74 69.83
C SER G 223 -30.60 -45.46 71.16
N ASN G 224 -30.14 -44.43 71.89
CA ASN G 224 -30.81 -44.05 73.12
C ASN G 224 -32.17 -43.40 72.84
N ALA G 225 -32.29 -42.67 71.74
CA ALA G 225 -33.60 -42.14 71.35
C ALA G 225 -34.55 -43.25 70.96
N ALA G 226 -34.04 -44.33 70.35
CA ALA G 226 -34.89 -45.46 70.03
C ALA G 226 -35.31 -46.22 71.29
N VAL G 227 -34.44 -46.25 72.31
CA VAL G 227 -34.81 -46.88 73.57
C VAL G 227 -35.92 -46.09 74.24
N GLU G 228 -35.81 -44.76 74.27
CA GLU G 228 -36.86 -43.96 74.87
C GLU G 228 -38.17 -44.09 74.09
N LEU G 229 -38.09 -44.09 72.76
CA LEU G 229 -39.30 -44.25 71.96
C LEU G 229 -39.98 -45.58 72.26
N ALA G 230 -39.20 -46.66 72.34
CA ALA G 230 -39.77 -47.96 72.64
C ALA G 230 -40.50 -47.95 73.98
N GLN G 231 -39.98 -47.21 74.96
CA GLN G 231 -40.63 -47.16 76.27
C GLN G 231 -41.98 -46.46 76.18
N LYS G 232 -42.09 -45.42 75.35
CA LYS G 232 -43.32 -44.64 75.28
C LYS G 232 -44.45 -45.40 74.60
N VAL G 233 -44.15 -46.43 73.80
CA VAL G 233 -45.17 -47.25 73.16
C VAL G 233 -45.07 -48.71 73.56
N ASN G 234 -44.28 -49.02 74.59
CA ASN G 234 -44.19 -50.37 75.15
C ASN G 234 -43.77 -51.39 74.08
N LEU G 235 -42.76 -51.03 73.30
CA LEU G 235 -42.18 -51.92 72.30
C LEU G 235 -40.94 -52.59 72.89
N GLU G 236 -40.80 -53.89 72.63
CA GLU G 236 -39.56 -54.59 72.99
C GLU G 236 -38.39 -53.90 72.27
N CYS G 237 -37.30 -53.70 73.02
CA CYS G 237 -36.16 -52.96 72.49
C CYS G 237 -34.87 -53.66 72.89
N LYS G 238 -34.04 -53.97 71.89
CA LYS G 238 -32.79 -54.68 72.09
C LYS G 238 -31.72 -53.99 71.26
N ILE G 239 -30.81 -53.28 71.93
CA ILE G 239 -29.68 -52.65 71.27
C ILE G 239 -28.47 -53.55 71.45
N LEU G 240 -27.81 -53.89 70.35
CA LEU G 240 -26.67 -54.80 70.36
C LEU G 240 -25.39 -54.00 70.21
N ASP G 241 -24.39 -54.34 71.01
CA ASP G 241 -23.14 -53.59 71.06
C ASP G 241 -22.05 -54.35 70.29
N VAL G 242 -20.84 -53.77 70.28
CA VAL G 242 -19.78 -54.27 69.40
C VAL G 242 -19.51 -55.74 69.68
N LYS G 243 -19.35 -56.11 70.95
CA LYS G 243 -18.97 -57.48 71.27
C LYS G 243 -19.95 -58.49 70.70
N GLU G 244 -21.25 -58.23 70.84
CA GLU G 244 -22.23 -59.15 70.27
C GLU G 244 -22.17 -59.13 68.75
N LEU G 245 -21.99 -57.95 68.15
CA LEU G 245 -21.87 -57.85 66.70
C LEU G 245 -20.65 -58.60 66.18
N GLU G 246 -19.56 -58.61 66.96
CA GLU G 246 -18.38 -59.38 66.56
C GLU G 246 -18.67 -60.87 66.58
N GLU G 247 -19.41 -61.35 67.59
CA GLU G 247 -19.74 -62.76 67.66
C GLU G 247 -20.69 -63.17 66.54
N LEU G 248 -21.59 -62.28 66.14
CA LEU G 248 -22.42 -62.53 64.96
C LEU G 248 -21.63 -62.37 63.66
N LYS G 249 -20.39 -61.89 63.73
CA LYS G 249 -19.49 -61.84 62.57
C LYS G 249 -19.99 -60.85 61.51
N MET G 250 -20.44 -59.68 61.96
CA MET G 250 -20.93 -58.65 61.06
C MET G 250 -19.76 -57.76 60.62
N GLY G 251 -18.85 -58.37 59.85
CA GLY G 251 -17.64 -57.68 59.46
C GLY G 251 -17.87 -56.52 58.51
N ALA G 252 -18.89 -56.61 57.67
CA ALA G 252 -19.19 -55.52 56.74
C ALA G 252 -19.70 -54.30 57.50
N TYR G 253 -20.69 -54.51 58.37
CA TYR G 253 -21.25 -53.39 59.15
C TYR G 253 -20.19 -52.79 60.06
N LEU G 254 -19.39 -53.62 60.72
CA LEU G 254 -18.40 -53.11 61.67
C LEU G 254 -17.22 -52.44 60.97
N SER G 255 -16.94 -52.80 59.71
CA SER G 255 -15.86 -52.16 58.98
C SER G 255 -16.13 -50.68 58.77
N VAL G 256 -17.40 -50.33 58.50
CA VAL G 256 -17.74 -48.95 58.21
C VAL G 256 -17.52 -48.06 59.43
N GLY G 257 -17.77 -48.58 60.62
CA GLY G 257 -17.63 -47.81 61.83
C GLY G 257 -16.25 -47.79 62.45
N LYS G 258 -15.29 -48.50 61.85
CA LYS G 258 -13.95 -48.60 62.44
C LYS G 258 -13.35 -47.23 62.71
N GLY G 259 -13.56 -46.27 61.80
CA GLY G 259 -12.90 -44.99 61.92
C GLY G 259 -13.72 -43.93 62.63
N SER G 260 -14.73 -44.34 63.38
CA SER G 260 -15.60 -43.42 64.09
C SER G 260 -15.30 -43.42 65.59
N MET G 261 -15.53 -42.27 66.22
CA MET G 261 -15.39 -42.17 67.66
C MET G 261 -16.53 -42.85 68.40
N TYR G 262 -17.66 -43.07 67.73
CA TYR G 262 -18.85 -43.64 68.36
C TYR G 262 -18.94 -45.12 68.04
N PRO G 263 -19.16 -45.99 69.04
CA PRO G 263 -19.28 -47.42 68.74
C PRO G 263 -20.54 -47.70 67.92
N ASN G 264 -20.48 -48.80 67.17
CA ASN G 264 -21.63 -49.24 66.39
C ASN G 264 -22.77 -49.67 67.30
N LYS G 265 -24.00 -49.40 66.85
CA LYS G 265 -25.20 -49.74 67.61
C LYS G 265 -26.24 -50.29 66.64
N PHE G 266 -26.73 -51.48 66.93
CA PHE G 266 -27.75 -52.14 66.11
C PHE G 266 -29.08 -52.04 66.83
N ILE G 267 -29.98 -51.23 66.28
CA ILE G 267 -31.32 -51.06 66.87
C ILE G 267 -32.20 -52.21 66.42
N HIS G 268 -32.95 -52.79 67.36
CA HIS G 268 -33.87 -53.89 67.05
C HIS G 268 -35.07 -53.74 67.98
N LEU G 269 -36.12 -53.09 67.48
CA LEU G 269 -37.40 -53.01 68.15
C LEU G 269 -38.33 -54.09 67.61
N THR G 270 -39.29 -54.49 68.43
CA THR G 270 -40.23 -55.54 68.04
C THR G 270 -41.62 -55.18 68.53
N TYR G 271 -42.60 -55.28 67.63
CA TYR G 271 -44.01 -55.18 67.97
C TYR G 271 -44.68 -56.52 67.69
N LYS G 272 -45.61 -56.90 68.58
CA LYS G 272 -46.41 -58.11 68.41
C LYS G 272 -47.83 -57.80 68.83
N GLY G 273 -48.77 -57.85 67.89
CA GLY G 273 -50.15 -57.56 68.18
C GLY G 273 -50.87 -58.74 68.80
N ALA G 274 -52.09 -58.46 69.27
CA ALA G 274 -52.93 -59.52 69.82
C ALA G 274 -53.40 -60.45 68.72
N GLN G 275 -53.29 -61.76 68.95
CA GLN G 275 -53.68 -62.74 67.97
C GLN G 275 -55.19 -62.98 68.03
N THR G 276 -55.80 -63.13 66.85
CA THR G 276 -57.24 -63.34 66.74
C THR G 276 -57.99 -62.08 67.15
N LYS G 284 -48.71 -62.97 60.33
CA LYS G 284 -47.71 -62.37 59.46
C LYS G 284 -46.57 -61.73 60.23
N LYS G 285 -45.34 -61.97 59.76
CA LYS G 285 -44.14 -61.40 60.34
C LYS G 285 -43.47 -60.50 59.30
N ILE G 286 -43.09 -59.30 59.71
CA ILE G 286 -42.49 -58.31 58.83
C ILE G 286 -41.20 -57.79 59.46
N ALA G 287 -40.19 -57.57 58.63
CA ALA G 287 -38.92 -56.98 59.06
C ALA G 287 -38.69 -55.72 58.24
N LEU G 288 -38.61 -54.58 58.93
CA LEU G 288 -38.35 -53.29 58.31
C LEU G 288 -36.94 -52.84 58.68
N ILE G 289 -36.12 -52.56 57.67
CA ILE G 289 -34.73 -52.18 57.85
C ILE G 289 -34.54 -50.76 57.36
N GLY G 290 -33.80 -49.97 58.12
CA GLY G 290 -33.49 -48.60 57.73
C GLY G 290 -32.01 -48.32 57.77
N LYS G 291 -31.47 -47.73 56.70
CA LYS G 291 -30.07 -47.34 56.68
C LYS G 291 -29.83 -46.25 57.72
N GLY G 292 -28.85 -46.48 58.59
CA GLY G 292 -28.64 -45.58 59.71
C GLY G 292 -27.24 -45.02 59.86
N ILE G 293 -26.72 -44.37 58.81
CA ILE G 293 -25.44 -43.70 58.88
C ILE G 293 -25.70 -42.29 59.42
N THR G 294 -25.22 -42.01 60.63
CA THR G 294 -25.52 -40.73 61.27
C THR G 294 -24.77 -39.58 60.62
N PHE G 295 -23.58 -39.84 60.09
CA PHE G 295 -22.92 -38.89 59.20
C PHE G 295 -22.03 -39.67 58.24
N ASP G 296 -22.09 -39.30 56.96
CA ASP G 296 -21.37 -40.00 55.91
C ASP G 296 -20.39 -39.02 55.27
N SER G 297 -19.15 -39.03 55.76
CA SER G 297 -18.09 -38.25 55.14
C SER G 297 -17.63 -38.86 53.83
N GLY G 298 -18.02 -40.10 53.54
CA GLY G 298 -17.50 -40.84 52.41
C GLY G 298 -16.28 -41.67 52.72
N GLY G 299 -15.69 -41.50 53.91
CA GLY G 299 -14.48 -42.22 54.21
C GLY G 299 -13.31 -41.64 53.44
N TYR G 300 -12.30 -42.49 53.19
CA TYR G 300 -11.15 -42.04 52.44
C TYR G 300 -11.51 -41.68 51.00
N ASN G 301 -12.63 -42.20 50.49
CA ASN G 301 -13.26 -41.68 49.28
C ASN G 301 -14.10 -40.44 49.64
N LEU G 302 -13.41 -39.45 50.21
CA LEU G 302 -14.08 -38.30 50.79
C LEU G 302 -14.97 -37.60 49.77
N LYS G 303 -16.09 -37.06 50.25
CA LYS G 303 -17.02 -36.29 49.43
C LYS G 303 -16.44 -34.89 49.22
N ALA G 304 -15.42 -34.83 48.37
CA ALA G 304 -14.77 -33.57 48.04
C ALA G 304 -15.18 -33.02 46.67
N ALA G 305 -15.74 -33.85 45.79
CA ALA G 305 -16.14 -33.39 44.48
C ALA G 305 -17.27 -32.37 44.59
N PRO G 306 -17.30 -31.37 43.71
CA PRO G 306 -18.39 -30.37 43.80
C PRO G 306 -19.75 -31.03 43.63
N GLY G 307 -20.70 -30.61 44.47
CA GLY G 307 -22.04 -31.13 44.42
C GLY G 307 -22.28 -32.41 45.19
N SER G 308 -21.30 -32.88 45.96
CA SER G 308 -21.48 -34.09 46.74
C SER G 308 -22.27 -33.86 48.04
N MET G 309 -22.55 -32.61 48.39
CA MET G 309 -23.43 -32.27 49.51
C MET G 309 -22.94 -32.86 50.83
N ILE G 310 -21.67 -32.61 51.15
CA ILE G 310 -21.12 -33.14 52.39
C ILE G 310 -21.80 -32.51 53.59
N ASP G 311 -22.21 -31.24 53.48
CA ASP G 311 -22.81 -30.53 54.60
C ASP G 311 -24.23 -31.01 54.93
N LEU G 312 -24.80 -31.90 54.12
CA LEU G 312 -26.13 -32.43 54.37
C LEU G 312 -26.14 -33.91 54.72
N MET G 313 -24.97 -34.55 54.78
CA MET G 313 -24.91 -36.00 54.97
C MET G 313 -25.37 -36.45 56.36
N LYS G 314 -25.85 -35.54 57.22
CA LYS G 314 -26.58 -35.97 58.40
C LYS G 314 -27.88 -36.69 58.03
N PHE G 315 -28.31 -36.60 56.77
CA PHE G 315 -29.57 -37.19 56.34
C PHE G 315 -29.42 -38.63 55.87
N ASP G 316 -28.22 -39.20 55.92
CA ASP G 316 -28.03 -40.60 55.56
C ASP G 316 -28.59 -41.56 56.61
N MET G 317 -29.19 -41.03 57.67
CA MET G 317 -29.94 -41.83 58.64
C MET G 317 -31.44 -41.79 58.35
N SER G 318 -31.83 -41.24 57.19
CA SER G 318 -33.25 -41.06 56.90
C SER G 318 -34.01 -42.39 56.92
N GLY G 319 -33.41 -43.44 56.40
CA GLY G 319 -34.07 -44.74 56.42
C GLY G 319 -34.40 -45.18 57.83
N CYS G 320 -33.42 -45.10 58.74
CA CYS G 320 -33.67 -45.40 60.14
C CYS G 320 -34.78 -44.53 60.70
N ALA G 321 -34.74 -43.23 60.40
CA ALA G 321 -35.76 -42.32 60.92
C ALA G 321 -37.15 -42.76 60.48
N ALA G 322 -37.29 -43.17 59.21
CA ALA G 322 -38.60 -43.60 58.74
C ALA G 322 -39.05 -44.88 59.44
N VAL G 323 -38.11 -45.79 59.72
CA VAL G 323 -38.45 -47.02 60.40
C VAL G 323 -38.83 -46.74 61.86
N LEU G 324 -38.12 -45.83 62.51
CA LEU G 324 -38.47 -45.48 63.88
C LEU G 324 -39.80 -44.73 63.93
N GLY G 325 -40.05 -43.85 62.97
CA GLY G 325 -41.34 -43.20 62.90
C GLY G 325 -42.48 -44.17 62.67
N CYS G 326 -42.25 -45.17 61.81
CA CYS G 326 -43.26 -46.21 61.62
C CYS G 326 -43.47 -47.00 62.90
N ALA G 327 -42.43 -47.15 63.71
CA ALA G 327 -42.58 -47.85 64.98
C ALA G 327 -43.52 -47.10 65.91
N TYR G 328 -43.47 -45.76 65.88
CA TYR G 328 -44.39 -44.98 66.70
C TYR G 328 -45.84 -45.24 66.30
N CYS G 329 -46.14 -45.15 65.01
CA CYS G 329 -47.51 -45.33 64.55
C CYS G 329 -48.02 -46.73 64.86
N ILE G 330 -47.22 -47.75 64.56
CA ILE G 330 -47.62 -49.12 64.87
C ILE G 330 -47.70 -49.31 66.37
N GLY G 331 -46.84 -48.64 67.13
CA GLY G 331 -46.91 -48.73 68.58
C GLY G 331 -48.12 -48.03 69.16
N THR G 332 -48.60 -46.99 68.47
CA THR G 332 -49.78 -46.27 68.95
C THR G 332 -51.06 -46.94 68.50
N ILE G 333 -51.16 -47.29 67.21
CA ILE G 333 -52.38 -47.90 66.69
C ILE G 333 -52.55 -49.31 67.25
N LYS G 334 -51.46 -50.05 67.37
CA LYS G 334 -51.48 -51.39 67.93
C LYS G 334 -52.35 -52.33 67.10
N PRO G 335 -52.03 -52.54 65.82
CA PRO G 335 -52.80 -53.50 65.02
C PRO G 335 -52.65 -54.91 65.56
N ASP G 336 -53.56 -55.78 65.14
CA ASP G 336 -53.57 -57.15 65.62
C ASP G 336 -53.02 -58.10 64.56
N ASN G 337 -52.60 -59.27 65.02
CA ASN G 337 -52.18 -60.36 64.14
C ASN G 337 -51.07 -59.92 63.20
N VAL G 338 -50.10 -59.18 63.72
CA VAL G 338 -48.91 -58.82 62.97
C VAL G 338 -47.74 -58.72 63.93
N GLU G 339 -46.58 -59.20 63.49
CA GLU G 339 -45.33 -59.12 64.25
C GLU G 339 -44.32 -58.36 63.39
N VAL G 340 -43.96 -57.16 63.82
CA VAL G 340 -43.07 -56.28 63.06
C VAL G 340 -41.75 -56.14 63.81
N HIS G 341 -40.65 -56.31 63.08
CA HIS G 341 -39.31 -56.06 63.59
C HIS G 341 -38.76 -54.78 62.95
N PHE G 342 -38.25 -53.87 63.78
CA PHE G 342 -37.71 -52.59 63.32
C PHE G 342 -36.20 -52.63 63.53
N LEU G 343 -35.45 -52.61 62.44
CA LEU G 343 -34.00 -52.81 62.49
C LEU G 343 -33.26 -51.63 61.87
N SER G 344 -32.04 -51.41 62.36
CA SER G 344 -31.15 -50.44 61.74
C SER G 344 -29.73 -50.63 62.26
N ALA G 345 -28.79 -50.88 61.36
CA ALA G 345 -27.37 -50.96 61.70
C ALA G 345 -26.82 -49.54 61.68
N VAL G 346 -26.69 -48.93 62.85
CA VAL G 346 -26.34 -47.53 62.99
C VAL G 346 -24.84 -47.40 63.21
N CYS G 347 -24.22 -46.41 62.56
CA CYS G 347 -22.78 -46.18 62.66
C CYS G 347 -22.47 -44.86 61.97
N GLU G 348 -21.18 -44.54 61.83
CA GLU G 348 -20.71 -43.29 61.28
C GLU G 348 -19.53 -43.56 60.35
N ASN G 349 -19.54 -42.94 59.18
CA ASN G 349 -18.51 -43.13 58.15
C ASN G 349 -17.54 -41.95 58.21
N MET G 350 -16.38 -42.17 58.84
CA MET G 350 -15.44 -41.10 59.16
C MET G 350 -14.06 -41.42 58.59
N VAL G 351 -13.21 -40.40 58.60
CA VAL G 351 -11.82 -40.51 58.16
C VAL G 351 -10.93 -40.47 59.40
N SER G 352 -10.06 -41.45 59.53
CA SER G 352 -9.24 -41.61 60.72
C SER G 352 -8.15 -42.62 60.41
N LYS G 353 -7.16 -42.71 61.31
CA LYS G 353 -6.15 -43.74 61.17
C LYS G 353 -6.73 -45.14 61.32
N ASN G 354 -7.90 -45.25 61.95
CA ASN G 354 -8.55 -46.54 62.17
C ASN G 354 -9.59 -46.87 61.12
N SER G 355 -9.86 -45.96 60.17
CA SER G 355 -10.86 -46.21 59.14
C SER G 355 -10.45 -47.39 58.28
N TYR G 356 -11.45 -48.08 57.72
CA TYR G 356 -11.19 -49.07 56.70
C TYR G 356 -10.85 -48.38 55.39
N ARG G 357 -9.96 -49.01 54.61
CA ARG G 357 -9.39 -48.38 53.42
C ARG G 357 -10.11 -48.85 52.16
N PRO G 358 -10.09 -48.02 51.11
CA PRO G 358 -10.48 -48.52 49.78
C PRO G 358 -9.63 -49.73 49.40
N GLY G 359 -10.27 -50.73 48.82
CA GLY G 359 -9.61 -51.95 48.45
C GLY G 359 -9.57 -53.01 49.55
N ASP G 360 -9.98 -52.67 50.77
CA ASP G 360 -10.07 -53.66 51.83
C ASP G 360 -11.06 -54.76 51.43
N ILE G 361 -10.75 -55.99 51.82
CA ILE G 361 -11.66 -57.12 51.65
C ILE G 361 -12.22 -57.46 53.03
N ILE G 362 -13.55 -57.49 53.14
CA ILE G 362 -14.23 -57.72 54.40
C ILE G 362 -15.23 -58.86 54.21
N THR G 363 -15.55 -59.51 55.32
CA THR G 363 -16.44 -60.68 55.32
C THR G 363 -17.74 -60.35 56.04
N ALA G 364 -18.86 -60.61 55.37
CA ALA G 364 -20.17 -60.37 55.95
C ALA G 364 -20.57 -61.53 56.85
N SER G 365 -21.72 -61.41 57.51
CA SER G 365 -22.15 -62.42 58.47
C SER G 365 -22.59 -63.70 57.79
N ASN G 366 -22.88 -63.68 56.49
CA ASN G 366 -23.18 -64.88 55.74
C ASN G 366 -21.96 -65.49 55.06
N GLY G 367 -20.76 -65.04 55.41
CA GLY G 367 -19.54 -65.61 54.89
C GLY G 367 -19.03 -65.00 53.60
N LYS G 368 -19.86 -64.23 52.90
CA LYS G 368 -19.45 -63.69 51.62
C LYS G 368 -18.43 -62.57 51.80
N THR G 369 -17.31 -62.69 51.09
CA THR G 369 -16.27 -61.68 51.12
C THR G 369 -16.59 -60.54 50.16
N ILE G 370 -16.22 -59.32 50.56
CA ILE G 370 -16.57 -58.11 49.83
C ILE G 370 -15.33 -57.24 49.68
N GLU G 371 -14.95 -56.94 48.44
CA GLU G 371 -13.87 -56.01 48.16
C GLU G 371 -14.45 -54.60 48.11
N VAL G 372 -13.95 -53.71 48.96
CA VAL G 372 -14.46 -52.35 49.05
C VAL G 372 -13.83 -51.49 47.96
N GLY G 373 -14.46 -51.44 46.78
CA GLY G 373 -13.98 -50.56 45.74
C GLY G 373 -14.17 -49.09 46.03
N ASN G 374 -15.06 -48.76 46.96
CA ASN G 374 -15.32 -47.37 47.30
C ASN G 374 -15.89 -47.32 48.72
N THR G 375 -15.22 -46.55 49.60
CA THR G 375 -15.66 -46.45 50.98
C THR G 375 -16.93 -45.62 51.14
N ASP G 376 -17.29 -44.81 50.14
CA ASP G 376 -18.51 -44.03 50.17
C ASP G 376 -19.73 -44.83 49.78
N ALA G 377 -19.57 -46.07 49.31
CA ALA G 377 -20.68 -47.00 49.13
C ALA G 377 -20.89 -47.84 50.38
N GLU G 378 -20.80 -47.23 51.55
CA GLU G 378 -20.83 -47.95 52.82
C GLU G 378 -22.24 -48.36 53.23
N GLY G 379 -23.26 -47.66 52.76
CA GLY G 379 -24.62 -47.98 53.18
C GLY G 379 -24.99 -49.43 52.89
N ARG G 380 -24.73 -49.88 51.66
CA ARG G 380 -25.04 -51.25 51.31
C ARG G 380 -24.26 -52.25 52.16
N LEU G 381 -23.10 -51.85 52.69
CA LEU G 381 -22.34 -52.76 53.53
C LEU G 381 -23.02 -52.95 54.89
N THR G 382 -23.58 -51.88 55.46
CA THR G 382 -24.32 -52.02 56.71
C THR G 382 -25.65 -52.75 56.45
N LEU G 383 -26.31 -52.46 55.33
CA LEU G 383 -27.56 -53.13 55.03
C LEU G 383 -27.36 -54.62 54.78
N ALA G 384 -26.20 -55.01 54.22
CA ALA G 384 -25.94 -56.42 53.96
C ALA G 384 -26.04 -57.23 55.24
N ASP G 385 -25.37 -56.78 56.31
CA ASP G 385 -25.42 -57.52 57.57
C ASP G 385 -26.78 -57.39 58.25
N ALA G 386 -27.50 -56.30 58.01
CA ALA G 386 -28.85 -56.16 58.55
C ALA G 386 -29.82 -57.10 57.84
N LEU G 387 -29.65 -57.28 56.52
CA LEU G 387 -30.51 -58.19 55.78
C LEU G 387 -30.29 -59.64 56.22
N VAL G 388 -29.03 -60.05 56.33
CA VAL G 388 -28.72 -61.37 56.87
C VAL G 388 -29.36 -61.54 58.23
N TYR G 389 -29.21 -60.54 59.09
CA TYR G 389 -29.81 -60.59 60.42
C TYR G 389 -31.32 -60.73 60.34
N ALA G 390 -31.94 -60.04 59.37
CA ALA G 390 -33.39 -60.03 59.28
C ALA G 390 -33.92 -61.38 58.79
N GLU G 391 -33.22 -62.01 57.83
CA GLU G 391 -33.72 -63.26 57.28
C GLU G 391 -33.70 -64.39 58.30
N LYS G 392 -32.76 -64.33 59.26
CA LYS G 392 -32.69 -65.35 60.29
C LYS G 392 -33.83 -65.26 61.28
N LEU G 393 -34.52 -64.11 61.37
CA LEU G 393 -35.67 -64.00 62.24
C LEU G 393 -36.88 -64.78 61.74
N GLY G 394 -36.84 -65.28 60.52
CA GLY G 394 -37.93 -66.07 59.98
C GLY G 394 -39.19 -65.26 59.74
N VAL G 395 -39.04 -64.14 59.02
CA VAL G 395 -40.16 -63.26 58.73
C VAL G 395 -40.69 -63.59 57.34
N ASP G 396 -41.88 -63.06 57.04
CA ASP G 396 -42.51 -63.30 55.74
C ASP G 396 -42.09 -62.28 54.68
N TYR G 397 -41.91 -61.01 55.09
CA TYR G 397 -41.50 -59.95 54.19
C TYR G 397 -40.36 -59.16 54.82
N ILE G 398 -39.38 -58.79 54.00
CA ILE G 398 -38.27 -57.95 54.40
C ILE G 398 -38.28 -56.72 53.50
N VAL G 399 -38.44 -55.54 54.09
CA VAL G 399 -38.45 -54.28 53.37
C VAL G 399 -37.37 -53.40 53.97
N ASP G 400 -36.44 -52.93 53.12
CA ASP G 400 -35.44 -51.97 53.53
C ASP G 400 -35.69 -50.64 52.83
N ILE G 401 -35.35 -49.55 53.52
CA ILE G 401 -35.52 -48.19 53.03
C ILE G 401 -34.24 -47.42 53.36
N ALA G 402 -33.69 -46.73 52.38
CA ALA G 402 -32.35 -46.16 52.57
C ALA G 402 -32.07 -45.07 51.55
N THR G 403 -31.30 -44.07 52.00
CA THR G 403 -30.77 -43.02 51.12
C THR G 403 -29.49 -43.57 50.49
N LEU G 404 -29.66 -44.35 49.43
CA LEU G 404 -28.55 -45.14 48.88
C LEU G 404 -27.79 -44.38 47.80
N THR G 405 -28.41 -44.18 46.64
CA THR G 405 -27.73 -43.68 45.46
C THR G 405 -28.21 -42.28 45.12
N GLY G 406 -27.25 -41.37 44.88
CA GLY G 406 -27.58 -40.06 44.36
C GLY G 406 -28.06 -40.08 42.92
N ALA G 407 -27.86 -41.18 42.20
CA ALA G 407 -28.37 -41.29 40.84
C ALA G 407 -29.89 -41.19 40.80
N MET G 408 -30.58 -41.47 41.92
CA MET G 408 -32.03 -41.32 41.94
C MET G 408 -32.46 -39.91 41.55
N LEU G 409 -31.64 -38.90 41.89
CA LEU G 409 -31.95 -37.54 41.49
C LEU G 409 -32.00 -37.38 39.98
N TYR G 410 -31.31 -38.26 39.24
CA TYR G 410 -31.32 -38.24 37.79
C TYR G 410 -32.33 -39.20 37.19
N SER G 411 -32.82 -40.17 37.97
CA SER G 411 -33.82 -41.11 37.49
C SER G 411 -35.22 -40.54 37.66
N LEU G 412 -35.75 -40.58 38.89
CA LEU G 412 -37.11 -40.11 39.16
C LEU G 412 -37.15 -38.76 39.86
N GLY G 413 -36.02 -38.24 40.31
CA GLY G 413 -35.97 -36.90 40.86
C GLY G 413 -36.29 -36.80 42.33
N THR G 414 -36.91 -35.69 42.73
CA THR G 414 -37.16 -35.40 44.13
C THR G 414 -38.58 -35.76 44.58
N SER G 415 -39.46 -36.11 43.65
CA SER G 415 -40.86 -36.37 43.99
C SER G 415 -41.15 -37.85 44.23
N TYR G 416 -40.56 -38.74 43.43
CA TYR G 416 -40.88 -40.16 43.45
C TYR G 416 -39.68 -40.95 43.95
N ALA G 417 -39.92 -41.85 44.90
CA ALA G 417 -38.91 -42.81 45.32
C ALA G 417 -38.95 -44.04 44.41
N GLY G 418 -37.84 -44.77 44.40
CA GLY G 418 -37.73 -45.98 43.61
C GLY G 418 -37.83 -47.22 44.50
N VAL G 419 -38.55 -48.22 44.01
CA VAL G 419 -38.72 -49.48 44.71
C VAL G 419 -38.20 -50.60 43.81
N PHE G 420 -37.25 -51.37 44.33
CA PHE G 420 -36.76 -52.60 43.71
C PHE G 420 -37.17 -53.77 44.60
N GLY G 421 -37.11 -54.98 44.04
CA GLY G 421 -37.47 -56.15 44.82
C GLY G 421 -37.24 -57.42 44.03
N ASN G 422 -37.32 -58.54 44.75
CA ASN G 422 -37.18 -59.87 44.17
C ASN G 422 -38.51 -60.62 44.13
N ASN G 423 -39.61 -59.96 44.45
CA ASN G 423 -40.91 -60.62 44.56
C ASN G 423 -41.98 -59.64 44.08
N ASP G 424 -42.70 -60.02 43.02
CA ASP G 424 -43.66 -59.10 42.42
C ASP G 424 -44.80 -58.76 43.37
N GLN G 425 -45.30 -59.76 44.11
CA GLN G 425 -46.44 -59.52 44.98
C GLN G 425 -46.09 -58.55 46.10
N LEU G 426 -44.89 -58.66 46.65
CA LEU G 426 -44.46 -57.69 47.68
C LEU G 426 -44.32 -56.30 47.08
N ILE G 427 -43.75 -56.19 45.88
CA ILE G 427 -43.57 -54.87 45.27
C ILE G 427 -44.92 -54.21 45.05
N ASN G 428 -45.92 -54.97 44.61
CA ASN G 428 -47.24 -54.39 44.39
C ASN G 428 -47.89 -53.95 45.70
N LYS G 429 -47.58 -54.63 46.80
CA LYS G 429 -48.05 -54.16 48.10
C LYS G 429 -47.43 -52.82 48.45
N ILE G 430 -46.11 -52.67 48.22
CA ILE G 430 -45.46 -51.39 48.47
C ILE G 430 -46.09 -50.30 47.61
N LEU G 431 -46.39 -50.61 46.35
CA LEU G 431 -47.00 -49.63 45.46
C LEU G 431 -48.40 -49.26 45.93
N SER G 432 -49.20 -50.25 46.33
CA SER G 432 -50.52 -49.95 46.87
C SER G 432 -50.41 -49.12 48.14
N SER G 433 -49.41 -49.40 48.98
CA SER G 433 -49.18 -48.58 50.15
C SER G 433 -48.83 -47.15 49.76
N SER G 434 -48.10 -46.97 48.66
CA SER G 434 -47.76 -45.63 48.20
C SER G 434 -49.00 -44.84 47.81
N LYS G 435 -50.03 -45.51 47.31
CA LYS G 435 -51.24 -44.81 46.88
C LYS G 435 -52.09 -44.39 48.07
N THR G 436 -52.22 -45.27 49.08
CA THR G 436 -53.03 -44.93 50.24
C THR G 436 -52.30 -43.97 51.19
N SER G 437 -50.97 -44.04 51.24
CA SER G 437 -50.19 -43.10 52.04
C SER G 437 -49.86 -41.82 51.29
N ASN G 438 -50.07 -41.79 49.97
CA ASN G 438 -49.78 -40.63 49.15
C ASN G 438 -48.32 -40.20 49.24
N GLU G 439 -47.43 -41.17 49.43
CA GLU G 439 -45.99 -40.95 49.33
C GLU G 439 -45.52 -41.61 48.04
N PRO G 440 -45.28 -40.84 46.97
CA PRO G 440 -45.12 -41.46 45.65
C PRO G 440 -43.92 -42.39 45.57
N VAL G 441 -44.13 -43.55 44.94
CA VAL G 441 -43.09 -44.53 44.67
C VAL G 441 -43.28 -45.06 43.25
N TRP G 442 -42.16 -45.42 42.61
CA TRP G 442 -42.19 -45.97 41.27
C TRP G 442 -41.32 -47.22 41.20
N TRP G 443 -41.79 -48.21 40.43
CA TRP G 443 -41.13 -49.50 40.33
C TRP G 443 -40.00 -49.44 39.32
N LEU G 444 -38.80 -49.83 39.74
CA LEU G 444 -37.62 -49.89 38.91
C LEU G 444 -37.09 -51.32 38.85
N PRO G 445 -36.37 -51.68 37.79
CA PRO G 445 -35.97 -53.08 37.60
C PRO G 445 -34.59 -53.40 38.15
N ILE G 446 -34.46 -54.64 38.63
CA ILE G 446 -33.17 -55.24 38.98
C ILE G 446 -32.71 -56.02 37.75
N ILE G 447 -31.82 -55.43 36.97
CA ILE G 447 -31.41 -55.98 35.68
C ILE G 447 -30.25 -56.94 35.91
N ASN G 448 -30.49 -58.22 35.63
CA ASN G 448 -29.49 -59.25 35.93
C ASN G 448 -28.24 -59.13 35.08
N GLU G 449 -28.31 -58.42 33.95
CA GLU G 449 -27.13 -58.32 33.09
C GLU G 449 -25.99 -57.56 33.75
N TYR G 450 -26.32 -56.60 34.63
CA TYR G 450 -25.29 -55.82 35.30
C TYR G 450 -24.61 -56.59 36.44
N ARG G 451 -25.11 -57.78 36.79
CA ARG G 451 -24.53 -58.52 37.91
C ARG G 451 -23.06 -58.79 37.70
N SER G 452 -22.67 -59.06 36.45
CA SER G 452 -21.26 -59.33 36.15
C SER G 452 -20.34 -58.24 36.67
N SER G 453 -20.81 -57.00 36.70
CA SER G 453 -19.96 -55.87 37.03
C SER G 453 -19.61 -55.79 38.52
N LEU G 454 -20.26 -56.57 39.37
CA LEU G 454 -19.92 -56.62 40.78
C LEU G 454 -18.92 -57.71 41.12
N ASN G 455 -18.51 -58.51 40.13
CA ASN G 455 -17.53 -59.56 40.37
C ASN G 455 -16.19 -58.94 40.75
N SER G 456 -15.47 -59.62 41.65
CA SER G 456 -14.18 -59.17 42.14
C SER G 456 -13.12 -60.22 41.81
N LYS G 457 -11.92 -59.76 41.47
CA LYS G 457 -10.85 -60.67 41.09
C LYS G 457 -10.38 -61.52 42.27
N TYR G 458 -10.62 -61.09 43.50
CA TYR G 458 -10.14 -61.81 44.67
C TYR G 458 -11.23 -62.13 45.68
N ALA G 459 -12.16 -61.21 45.91
CA ALA G 459 -13.29 -61.45 46.80
C ALA G 459 -14.48 -61.97 46.00
N ASP G 460 -15.53 -62.37 46.73
CA ASP G 460 -16.75 -62.83 46.07
C ASP G 460 -17.43 -61.70 45.32
N LEU G 461 -17.38 -60.49 45.87
CA LEU G 461 -18.04 -59.34 45.25
C LEU G 461 -17.23 -58.09 45.51
N ASN G 462 -17.44 -57.10 44.65
CA ASN G 462 -17.12 -55.72 44.93
C ASN G 462 -18.41 -55.00 45.32
N ASN G 463 -18.29 -53.97 46.14
CA ASN G 463 -19.47 -53.22 46.55
C ASN G 463 -19.91 -52.20 45.51
N ILE G 464 -19.08 -51.90 44.51
CA ILE G 464 -19.43 -50.98 43.43
C ILE G 464 -19.14 -51.66 42.10
N SER G 465 -19.80 -51.16 41.05
CA SER G 465 -19.65 -51.71 39.71
C SER G 465 -18.49 -51.03 38.99
N SER G 466 -17.76 -51.83 38.21
CA SER G 466 -16.60 -51.33 37.49
C SER G 466 -16.94 -50.73 36.14
N SER G 467 -18.13 -51.03 35.59
CA SER G 467 -18.47 -50.58 34.26
C SER G 467 -19.86 -49.95 34.20
N VAL G 468 -20.85 -50.61 34.81
CA VAL G 468 -22.22 -50.14 34.73
C VAL G 468 -22.38 -48.87 35.54
N LYS G 469 -22.97 -47.84 34.93
CA LYS G 469 -23.20 -46.57 35.59
C LYS G 469 -24.54 -46.48 36.29
N ALA G 470 -25.47 -47.41 36.01
CA ALA G 470 -26.77 -47.44 36.67
C ALA G 470 -26.58 -47.87 38.11
N SER G 471 -26.15 -46.92 38.95
CA SER G 471 -25.75 -47.25 40.31
C SER G 471 -26.93 -47.76 41.13
N SER G 472 -28.11 -47.15 40.96
CA SER G 472 -29.29 -47.61 41.70
C SER G 472 -29.58 -49.07 41.42
N VAL G 473 -29.51 -49.48 40.15
CA VAL G 473 -29.73 -50.89 39.82
C VAL G 473 -28.59 -51.74 40.38
N VAL G 474 -27.36 -51.26 40.27
CA VAL G 474 -26.21 -52.01 40.78
C VAL G 474 -26.34 -52.22 42.28
N ALA G 475 -26.70 -51.17 43.02
CA ALA G 475 -26.85 -51.29 44.47
C ALA G 475 -27.87 -52.35 44.83
N SER G 476 -28.96 -52.44 44.06
CA SER G 476 -29.98 -53.44 44.34
C SER G 476 -29.45 -54.84 44.10
N LEU G 477 -28.66 -55.03 43.03
CA LEU G 477 -28.06 -56.33 42.78
C LEU G 477 -27.17 -56.75 43.94
N PHE G 478 -26.48 -55.79 44.55
CA PHE G 478 -25.61 -56.11 45.68
C PHE G 478 -26.42 -56.51 46.91
N LEU G 479 -27.49 -55.77 47.20
CA LEU G 479 -28.33 -56.11 48.34
C LEU G 479 -28.96 -57.49 48.16
N LYS G 480 -29.33 -57.84 46.92
CA LYS G 480 -29.95 -59.13 46.66
C LYS G 480 -29.02 -60.29 47.01
N GLU G 481 -27.71 -60.08 46.99
CA GLU G 481 -26.75 -61.12 47.34
C GLU G 481 -26.82 -61.53 48.81
N PHE G 482 -27.64 -60.85 49.62
CA PHE G 482 -27.76 -61.16 51.04
C PHE G 482 -29.20 -61.52 51.43
N ILE G 483 -30.01 -61.86 50.44
CA ILE G 483 -31.32 -62.48 50.65
C ILE G 483 -31.32 -63.81 49.91
N GLU G 484 -31.66 -64.89 50.61
CA GLU G 484 -31.56 -66.23 50.05
C GLU G 484 -32.92 -66.83 49.67
N ASN G 485 -33.96 -66.57 50.46
CA ASN G 485 -35.22 -67.26 50.23
C ASN G 485 -36.46 -66.47 50.65
N THR G 486 -36.35 -65.17 50.93
CA THR G 486 -37.45 -64.40 51.46
C THR G 486 -37.86 -63.30 50.49
N PRO G 487 -39.16 -63.05 50.33
CA PRO G 487 -39.58 -61.87 49.56
C PRO G 487 -38.97 -60.61 50.15
N TRP G 488 -38.38 -59.78 49.29
CA TRP G 488 -37.65 -58.61 49.73
C TRP G 488 -37.84 -57.46 48.75
N ALA G 489 -38.10 -56.27 49.27
CA ALA G 489 -38.22 -55.06 48.48
C ALA G 489 -37.27 -54.00 49.05
N HIS G 490 -36.81 -53.13 48.17
CA HIS G 490 -35.84 -52.10 48.53
C HIS G 490 -36.33 -50.76 48.04
N ILE G 491 -36.42 -49.78 48.94
CA ILE G 491 -36.95 -48.46 48.63
C ILE G 491 -35.80 -47.47 48.72
N ASP G 492 -35.41 -46.90 47.58
CA ASP G 492 -34.32 -45.94 47.51
C ASP G 492 -34.91 -44.53 47.60
N ILE G 493 -34.64 -43.84 48.71
CA ILE G 493 -35.23 -42.54 49.00
C ILE G 493 -34.21 -41.42 48.96
N ALA G 494 -33.02 -41.67 48.44
CA ALA G 494 -31.97 -40.65 48.46
C ALA G 494 -32.40 -39.36 47.77
N GLY G 495 -33.39 -39.42 46.88
CA GLY G 495 -33.80 -38.23 46.15
C GLY G 495 -34.97 -37.50 46.78
N VAL G 496 -35.77 -38.20 47.59
CA VAL G 496 -37.01 -37.65 48.11
C VAL G 496 -36.94 -37.29 49.58
N SER G 497 -35.95 -37.77 50.33
CA SER G 497 -35.97 -37.60 51.78
C SER G 497 -35.78 -36.14 52.19
N TRP G 498 -34.89 -35.43 51.52
CA TRP G 498 -34.56 -34.05 51.88
C TRP G 498 -35.12 -33.09 50.85
N ASN G 499 -35.97 -32.16 51.30
CA ASN G 499 -36.51 -31.12 50.44
C ASN G 499 -35.45 -30.03 50.29
N PHE G 500 -34.85 -29.94 49.11
CA PHE G 500 -33.70 -29.04 48.93
C PHE G 500 -34.13 -27.57 48.92
N LYS G 501 -35.31 -27.26 48.40
CA LYS G 501 -35.74 -25.86 48.35
C LYS G 501 -36.10 -25.36 49.74
N ALA G 502 -36.87 -26.15 50.49
CA ALA G 502 -37.26 -25.75 51.84
C ALA G 502 -36.13 -25.93 52.86
N ARG G 503 -35.13 -26.74 52.54
CA ARG G 503 -33.98 -26.96 53.43
C ARG G 503 -34.42 -27.67 54.71
N LYS G 504 -35.24 -28.71 54.56
CA LYS G 504 -35.75 -29.47 55.69
C LYS G 504 -36.09 -30.86 55.21
N PRO G 505 -36.15 -31.84 56.11
CA PRO G 505 -36.50 -33.21 55.71
C PRO G 505 -38.00 -33.39 55.56
N LYS G 506 -38.38 -34.40 54.78
CA LYS G 506 -39.78 -34.71 54.58
C LYS G 506 -40.30 -35.80 55.52
N GLY G 507 -39.42 -36.60 56.09
CA GLY G 507 -39.87 -37.77 56.82
C GLY G 507 -40.44 -38.85 55.93
N PHE G 508 -39.96 -38.92 54.68
CA PHE G 508 -40.52 -39.84 53.71
C PHE G 508 -40.36 -41.29 54.18
N GLY G 509 -41.45 -42.05 54.10
CA GLY G 509 -41.45 -43.46 54.40
C GLY G 509 -42.27 -43.86 55.62
N VAL G 510 -42.49 -42.95 56.55
CA VAL G 510 -43.22 -43.31 57.77
C VAL G 510 -44.63 -43.78 57.43
N ARG G 511 -45.38 -42.94 56.72
CA ARG G 511 -46.75 -43.30 56.37
C ARG G 511 -46.78 -44.44 55.36
N LEU G 512 -45.80 -44.49 54.46
CA LEU G 512 -45.75 -45.59 53.50
C LEU G 512 -45.61 -46.93 54.21
N LEU G 513 -44.60 -47.05 55.08
CA LEU G 513 -44.35 -48.32 55.75
C LEU G 513 -45.49 -48.66 56.70
N THR G 514 -46.05 -47.66 57.39
CA THR G 514 -47.16 -47.95 58.29
C THR G 514 -48.35 -48.52 57.52
N GLU G 515 -48.71 -47.91 56.40
CA GLU G 515 -49.79 -48.44 55.58
C GLU G 515 -49.50 -49.88 55.16
N PHE G 516 -48.25 -50.16 54.78
CA PHE G 516 -47.88 -51.51 54.39
C PHE G 516 -48.11 -52.50 55.52
N VAL G 517 -47.90 -52.07 56.76
CA VAL G 517 -48.09 -52.96 57.91
C VAL G 517 -49.58 -53.14 58.20
N LEU G 518 -50.33 -52.04 58.21
CA LEU G 518 -51.73 -52.11 58.61
C LEU G 518 -52.56 -52.94 57.63
N ASN G 519 -52.30 -52.81 56.34
CA ASN G 519 -53.03 -53.54 55.31
C ASN G 519 -52.44 -54.92 55.04
N ASP G 520 -51.64 -55.44 55.97
CA ASP G 520 -51.04 -56.76 55.83
C ASP G 520 -51.29 -57.62 57.07
N ALA H 2 -32.20 -29.46 -2.41
CA ALA H 2 -31.17 -29.97 -3.30
C ALA H 2 -30.73 -31.37 -2.84
N THR H 3 -30.42 -32.24 -3.80
CA THR H 3 -30.05 -33.61 -3.51
C THR H 3 -28.55 -33.84 -3.55
N THR H 4 -27.78 -32.90 -4.11
CA THR H 4 -26.33 -33.04 -4.16
C THR H 4 -25.73 -32.73 -2.80
N VAL H 5 -24.72 -33.51 -2.41
CA VAL H 5 -24.07 -33.35 -1.11
C VAL H 5 -23.00 -32.27 -1.23
N PRO H 6 -23.11 -31.16 -0.49
CA PRO H 6 -22.06 -30.15 -0.55
C PRO H 6 -20.75 -30.69 0.00
N GLN H 7 -19.65 -30.24 -0.61
CA GLN H 7 -18.31 -30.64 -0.19
C GLN H 7 -17.46 -29.40 0.02
N VAL H 8 -16.47 -29.53 0.91
CA VAL H 8 -15.46 -28.49 1.13
C VAL H 8 -14.24 -28.75 0.27
N VAL H 9 -13.89 -30.04 0.13
CA VAL H 9 -12.83 -30.49 -0.77
C VAL H 9 -13.35 -31.73 -1.48
N SER H 10 -12.74 -32.02 -2.63
CA SER H 10 -13.31 -33.01 -3.54
C SER H 10 -13.34 -34.40 -2.95
N LEU H 11 -12.52 -34.69 -1.94
CA LEU H 11 -12.46 -36.03 -1.37
C LEU H 11 -13.54 -36.29 -0.33
N ASP H 12 -14.38 -35.31 -0.02
CA ASP H 12 -15.46 -35.55 0.93
C ASP H 12 -16.47 -36.51 0.33
N PRO H 13 -16.85 -37.58 1.03
CA PRO H 13 -17.80 -38.54 0.45
C PRO H 13 -19.15 -37.90 0.16
N THR H 14 -19.82 -38.42 -0.87
CA THR H 14 -21.08 -37.87 -1.35
C THR H 14 -22.23 -38.86 -1.25
N THR H 15 -22.01 -40.03 -0.65
CA THR H 15 -23.07 -41.01 -0.48
C THR H 15 -22.75 -41.89 0.72
N ILE H 16 -23.77 -42.55 1.24
CA ILE H 16 -23.61 -43.52 2.32
C ILE H 16 -23.47 -44.90 1.69
N PRO H 17 -22.35 -45.60 1.87
CA PRO H 17 -22.27 -46.99 1.40
C PRO H 17 -23.17 -47.89 2.23
N ILE H 18 -24.10 -48.58 1.58
CA ILE H 18 -25.06 -49.45 2.24
C ILE H 18 -25.02 -50.80 1.57
N ASP H 19 -24.92 -51.87 2.37
CA ASP H 19 -24.99 -53.24 1.86
C ASP H 19 -26.44 -53.68 1.87
N TYR H 20 -27.04 -53.76 0.68
CA TYR H 20 -28.40 -54.26 0.54
C TYR H 20 -28.44 -55.78 0.37
N HIS H 21 -27.30 -56.44 0.48
CA HIS H 21 -27.20 -57.89 0.34
C HIS H 21 -26.20 -58.39 1.36
N THR H 22 -26.61 -59.36 2.17
CA THR H 22 -25.78 -59.91 3.22
C THR H 22 -25.54 -61.40 2.98
N PRO H 23 -24.51 -61.97 3.59
CA PRO H 23 -24.30 -63.43 3.48
C PRO H 23 -25.52 -64.25 3.88
N ILE H 24 -26.39 -63.72 4.74
CA ILE H 24 -27.58 -64.47 5.13
C ILE H 24 -28.50 -64.69 3.92
N ASP H 25 -28.44 -63.80 2.93
CA ASP H 25 -29.26 -63.97 1.74
C ASP H 25 -28.83 -65.17 0.91
N ASP H 26 -27.59 -65.63 1.08
CA ASP H 26 -27.08 -66.82 0.39
C ASP H 26 -27.03 -68.04 1.30
N LEU H 27 -27.74 -68.00 2.43
CA LEU H 27 -27.74 -69.10 3.39
C LEU H 27 -29.09 -69.80 3.38
N SER H 28 -29.05 -71.14 3.28
CA SER H 28 -30.25 -71.96 3.41
C SER H 28 -30.48 -72.30 4.87
N ILE H 29 -31.74 -72.22 5.30
CA ILE H 29 -32.10 -72.50 6.69
C ILE H 29 -33.40 -73.30 6.69
N GLU H 30 -33.36 -74.50 7.27
CA GLU H 30 -34.52 -75.37 7.38
C GLU H 30 -34.69 -75.80 8.84
N VAL H 31 -35.94 -75.82 9.29
CA VAL H 31 -36.27 -76.17 10.68
C VAL H 31 -36.64 -77.64 10.70
N LYS H 32 -35.79 -78.46 11.30
CA LYS H 32 -35.97 -79.90 11.36
C LYS H 32 -36.59 -80.31 12.70
N ASP H 33 -37.49 -81.29 12.65
CA ASP H 33 -38.05 -81.85 13.87
C ASP H 33 -37.00 -82.69 14.58
N ILE H 34 -36.82 -82.47 15.88
CA ILE H 34 -35.76 -83.14 16.61
C ILE H 34 -36.02 -84.64 16.76
N SER H 35 -37.27 -85.07 16.57
CA SER H 35 -37.60 -86.49 16.68
C SER H 35 -37.64 -87.13 15.30
N ALA H 36 -38.61 -86.73 14.48
CA ALA H 36 -38.81 -87.38 13.18
C ALA H 36 -37.62 -87.15 12.26
N GLU H 37 -37.24 -85.88 12.07
CA GLU H 37 -36.29 -85.47 11.04
C GLU H 37 -34.91 -85.13 11.58
N ALA H 38 -34.58 -85.55 12.79
CA ALA H 38 -33.24 -85.30 13.32
C ALA H 38 -32.22 -86.11 12.52
N CYS H 39 -31.73 -85.53 11.43
CA CYS H 39 -30.89 -86.25 10.48
C CYS H 39 -29.43 -85.83 10.58
N PRO H 40 -29.09 -84.93 11.51
CA PRO H 40 -27.69 -84.49 11.63
C PRO H 40 -26.74 -85.67 11.73
N ALA H 41 -25.92 -85.89 10.71
CA ALA H 41 -25.03 -87.05 10.69
C ALA H 41 -24.02 -86.97 9.56
N ASP H 42 -24.49 -86.76 8.32
CA ASP H 42 -23.65 -86.85 7.13
C ASP H 42 -22.28 -86.21 7.33
N GLU H 43 -22.23 -84.88 7.47
CA GLU H 43 -20.97 -84.22 7.80
C GLU H 43 -21.19 -82.72 7.81
N GLY H 44 -20.28 -82.02 8.49
CA GLY H 44 -20.37 -80.58 8.68
C GLY H 44 -20.09 -80.21 10.13
N LEU H 45 -20.86 -79.27 10.66
CA LEU H 45 -20.75 -78.88 12.06
C LEU H 45 -22.00 -79.31 12.82
N ILE H 46 -21.80 -79.80 14.04
CA ILE H 46 -22.88 -80.29 14.90
C ILE H 46 -22.77 -79.53 16.22
N VAL H 47 -23.70 -78.60 16.44
CA VAL H 47 -23.71 -77.77 17.64
C VAL H 47 -24.87 -78.21 18.52
N PHE H 48 -24.60 -78.38 19.81
CA PHE H 48 -25.60 -78.83 20.78
C PHE H 48 -25.85 -77.72 21.78
N LEU H 49 -27.08 -77.23 21.83
CA LEU H 49 -27.49 -76.22 22.82
C LEU H 49 -27.99 -76.97 24.05
N LEU H 50 -27.17 -77.00 25.09
CA LEU H 50 -27.40 -77.80 26.28
C LEU H 50 -27.69 -76.92 27.49
N ASN H 51 -28.57 -77.41 28.37
CA ASN H 51 -28.80 -76.75 29.64
C ASN H 51 -27.73 -77.19 30.65
N SER H 52 -27.71 -76.51 31.79
CA SER H 52 -26.73 -76.81 32.82
C SER H 52 -26.98 -78.19 33.41
N GLN H 53 -25.93 -79.01 33.45
CA GLN H 53 -25.96 -80.33 34.08
C GLN H 53 -27.13 -81.16 33.54
N ILE H 54 -27.07 -81.42 32.23
CA ILE H 54 -28.08 -82.21 31.55
C ILE H 54 -27.41 -83.12 30.53
N LYS H 55 -27.97 -84.31 30.36
CA LYS H 55 -27.43 -85.30 29.43
C LYS H 55 -27.72 -84.89 27.99
N ILE H 56 -26.92 -85.43 27.07
CA ILE H 56 -27.25 -85.36 25.66
C ILE H 56 -28.41 -86.32 25.39
N ASN H 57 -29.50 -85.80 24.81
CA ASN H 57 -30.75 -86.51 24.73
C ASN H 57 -31.25 -86.76 23.31
N SER H 58 -30.59 -86.22 22.29
CA SER H 58 -31.08 -86.30 20.92
C SER H 58 -30.43 -87.46 20.17
N SER H 59 -31.11 -87.91 19.13
CA SER H 59 -30.64 -89.01 18.30
C SER H 59 -30.09 -88.50 16.97
N MET H 74 -18.36 -86.31 27.86
CA MET H 74 -18.25 -85.00 28.46
C MET H 74 -17.06 -84.93 29.42
N GLU H 75 -16.32 -83.82 29.37
CA GLU H 75 -15.15 -83.65 30.22
C GLU H 75 -15.49 -82.60 31.26
N ASN H 76 -15.22 -81.33 31.02
CA ASN H 76 -15.59 -80.27 31.95
C ASN H 76 -16.59 -79.33 31.30
N PHE H 77 -17.63 -79.88 30.68
CA PHE H 77 -18.70 -79.11 30.06
C PHE H 77 -19.94 -79.22 30.95
N THR H 78 -20.32 -78.10 31.57
CA THR H 78 -21.38 -78.07 32.55
C THR H 78 -22.73 -77.66 31.98
N GLY H 79 -22.76 -77.10 30.77
CA GLY H 79 -23.92 -76.36 30.33
C GLY H 79 -23.99 -74.95 30.88
N LYS H 80 -22.93 -74.48 31.53
CA LYS H 80 -22.87 -73.11 31.99
C LYS H 80 -23.05 -72.16 30.80
N LEU H 81 -23.77 -71.07 31.04
CA LEU H 81 -24.04 -70.10 29.99
C LEU H 81 -22.74 -69.62 29.36
N GLY H 82 -22.64 -69.78 28.04
CA GLY H 82 -21.50 -69.25 27.31
C GLY H 82 -20.22 -70.04 27.41
N THR H 83 -20.31 -71.38 27.44
CA THR H 83 -19.14 -72.24 27.49
C THR H 83 -19.26 -73.32 26.43
N SER H 84 -18.11 -73.75 25.91
CA SER H 84 -18.07 -74.78 24.89
C SER H 84 -16.85 -75.68 25.05
N VAL H 97 -16.04 -84.54 11.14
CA VAL H 97 -17.36 -84.10 11.55
C VAL H 97 -17.26 -83.35 12.88
N SER H 98 -16.96 -82.05 12.84
CA SER H 98 -16.82 -81.31 14.09
C SER H 98 -18.11 -81.35 14.90
N LEU H 99 -17.99 -81.75 16.17
CA LEU H 99 -19.11 -81.81 17.10
C LEU H 99 -18.82 -80.84 18.25
N ALA H 100 -19.80 -80.02 18.60
CA ALA H 100 -19.60 -78.95 19.57
C ALA H 100 -20.67 -78.97 20.65
N TYR H 101 -20.31 -78.38 21.79
CA TYR H 101 -21.19 -78.22 22.94
C TYR H 101 -21.30 -76.74 23.26
N VAL H 102 -22.51 -76.27 23.55
CA VAL H 102 -22.76 -74.88 23.88
C VAL H 102 -23.66 -74.83 25.10
N GLY H 103 -23.26 -74.04 26.10
CA GLY H 103 -23.99 -73.97 27.36
C GLY H 103 -24.98 -72.83 27.39
N CYS H 104 -26.18 -73.12 27.90
CA CYS H 104 -27.28 -72.16 27.93
C CYS H 104 -27.73 -71.81 29.33
N GLY H 105 -27.16 -72.43 30.36
CA GLY H 105 -27.54 -72.15 31.73
C GLY H 105 -28.70 -72.99 32.20
N PRO H 106 -29.21 -72.70 33.39
CA PRO H 106 -30.33 -73.47 33.93
C PRO H 106 -31.48 -73.59 32.94
N ALA H 107 -32.13 -74.76 32.94
CA ALA H 107 -33.26 -74.98 32.05
C ALA H 107 -34.45 -74.13 32.45
N ASN H 108 -35.23 -73.73 31.45
CA ASN H 108 -36.46 -72.97 31.66
C ASN H 108 -36.21 -71.61 32.31
N GLU H 109 -35.00 -71.07 32.18
CA GLU H 109 -34.67 -69.76 32.71
C GLU H 109 -33.93 -68.92 31.67
N GLU H 110 -34.24 -69.13 30.39
CA GLU H 110 -33.54 -68.45 29.29
C GLU H 110 -34.36 -67.24 28.87
N THR H 111 -33.73 -66.06 28.92
CA THR H 111 -34.32 -64.81 28.45
C THR H 111 -33.47 -64.27 27.30
N GLU H 112 -33.85 -63.09 26.81
CA GLU H 112 -33.08 -62.45 25.75
C GLU H 112 -31.61 -62.36 26.12
N LEU H 113 -31.31 -62.14 27.39
CA LEU H 113 -29.91 -62.05 27.83
C LEU H 113 -29.18 -63.36 27.56
N GLU H 114 -29.72 -64.47 28.06
CA GLU H 114 -29.07 -65.76 27.86
C GLU H 114 -28.92 -66.07 26.37
N ILE H 115 -29.94 -65.76 25.58
CA ILE H 115 -29.90 -66.11 24.16
C ILE H 115 -28.80 -65.34 23.44
N ARG H 116 -28.60 -64.07 23.79
CA ARG H 116 -27.54 -63.29 23.15
C ARG H 116 -26.17 -63.89 23.46
N LYS H 117 -25.98 -64.36 24.69
CA LYS H 117 -24.69 -64.93 25.05
C LYS H 117 -24.46 -66.29 24.38
N VAL H 118 -25.54 -67.02 24.10
CA VAL H 118 -25.41 -68.29 23.38
C VAL H 118 -25.08 -68.02 21.91
N ALA H 119 -25.80 -67.09 21.29
CA ALA H 119 -25.52 -66.75 19.90
C ALA H 119 -24.08 -66.28 19.74
N TYR H 120 -23.61 -65.45 20.65
CA TYR H 120 -22.21 -65.01 20.61
C TYR H 120 -21.26 -66.20 20.70
N ALA H 121 -21.58 -67.17 21.57
CA ALA H 121 -20.71 -68.34 21.74
C ALA H 121 -20.58 -69.11 20.44
N LEU H 122 -21.71 -69.43 19.80
CA LEU H 122 -21.66 -70.19 18.56
C LEU H 122 -20.97 -69.40 17.46
N VAL H 123 -21.27 -68.10 17.35
CA VAL H 123 -20.69 -67.28 16.29
C VAL H 123 -19.17 -67.29 16.36
N THR H 124 -18.61 -67.43 17.57
CA THR H 124 -17.16 -67.49 17.71
C THR H 124 -16.60 -68.78 17.14
N LEU H 125 -17.37 -69.88 17.24
CA LEU H 125 -17.05 -71.15 16.61
C LEU H 125 -17.25 -71.14 15.10
N LEU H 126 -17.98 -70.16 14.58
CA LEU H 126 -18.18 -69.98 13.16
C LEU H 126 -17.22 -68.94 12.59
N HIS H 127 -16.98 -67.86 13.35
CA HIS H 127 -16.02 -66.85 12.93
C HIS H 127 -14.58 -67.34 13.02
N ASP H 128 -14.33 -68.41 13.76
CA ASP H 128 -13.02 -69.06 13.79
C ASP H 128 -13.13 -70.44 13.18
N SER H 129 -13.75 -70.52 12.00
CA SER H 129 -14.01 -71.80 11.36
C SER H 129 -14.12 -71.59 9.85
N LYS H 130 -14.16 -72.71 9.12
CA LYS H 130 -14.30 -72.71 7.68
C LYS H 130 -15.25 -73.83 7.26
N HIS H 131 -16.43 -73.86 7.86
CA HIS H 131 -17.41 -74.91 7.61
C HIS H 131 -18.49 -74.42 6.65
N LYS H 132 -18.99 -75.34 5.83
CA LYS H 132 -20.01 -75.06 4.84
C LYS H 132 -21.41 -75.35 5.34
N LYS H 133 -21.64 -76.56 5.86
CA LYS H 133 -22.90 -76.96 6.46
C LYS H 133 -22.81 -76.91 7.97
N VAL H 134 -23.93 -76.62 8.62
CA VAL H 134 -23.98 -76.50 10.07
C VAL H 134 -25.33 -76.98 10.56
N SER H 135 -25.32 -77.82 11.60
CA SER H 135 -26.53 -78.29 12.27
C SER H 135 -26.50 -77.80 13.71
N ILE H 136 -27.67 -77.37 14.20
CA ILE H 136 -27.79 -76.81 15.55
C ILE H 136 -28.88 -77.60 16.27
N ILE H 137 -28.47 -78.43 17.22
CA ILE H 137 -29.41 -79.25 18.00
C ILE H 137 -29.93 -78.42 19.15
N PHE H 138 -31.24 -78.21 19.18
CA PHE H 138 -31.90 -77.44 20.24
C PHE H 138 -32.41 -78.41 21.29
N GLU H 139 -31.64 -78.60 22.35
CA GLU H 139 -32.06 -79.36 23.51
C GLU H 139 -32.39 -78.42 24.67
N ILE H 140 -33.02 -77.30 24.34
CA ILE H 140 -33.54 -76.33 25.30
C ILE H 140 -35.01 -76.12 24.99
N LYS H 141 -35.69 -75.42 25.89
CA LYS H 141 -37.10 -75.07 25.71
C LYS H 141 -37.20 -73.55 25.57
N ILE H 142 -37.55 -73.10 24.37
CA ILE H 142 -37.77 -71.68 24.08
C ILE H 142 -38.99 -71.58 23.17
N GLU H 143 -39.77 -70.52 23.36
CA GLU H 143 -40.95 -70.31 22.54
C GLU H 143 -40.59 -69.54 21.27
N GLU H 144 -41.59 -69.39 20.40
CA GLU H 144 -41.35 -68.92 19.04
C GLU H 144 -40.54 -67.62 19.00
N ALA H 145 -41.01 -66.59 19.72
CA ALA H 145 -40.37 -65.29 19.64
C ALA H 145 -38.91 -65.36 20.05
N LEU H 146 -38.59 -66.10 21.11
CA LEU H 146 -37.20 -66.21 21.54
C LEU H 146 -36.38 -67.04 20.56
N PHE H 147 -37.00 -68.02 19.91
CA PHE H 147 -36.32 -68.78 18.87
C PHE H 147 -35.95 -67.88 17.69
N ARG H 148 -36.89 -67.05 17.24
CA ARG H 148 -36.58 -66.09 16.19
C ARG H 148 -35.49 -65.13 16.61
N PHE H 149 -35.58 -64.61 17.83
CA PHE H 149 -34.57 -63.69 18.34
C PHE H 149 -33.18 -64.30 18.32
N PHE H 150 -33.09 -65.61 18.58
CA PHE H 150 -31.80 -66.28 18.53
C PHE H 150 -31.19 -66.21 17.14
N LEU H 151 -32.00 -66.45 16.11
CA LEU H 151 -31.50 -66.36 14.73
C LEU H 151 -31.09 -64.93 14.40
N GLU H 152 -31.91 -63.96 14.78
CA GLU H 152 -31.61 -62.56 14.47
C GLU H 152 -30.29 -62.13 15.07
N HIS H 153 -30.05 -62.48 16.34
CA HIS H 153 -28.79 -62.07 16.97
C HIS H 153 -27.62 -62.89 16.46
N LEU H 154 -27.85 -64.15 16.11
CA LEU H 154 -26.80 -64.95 15.47
C LEU H 154 -26.31 -64.27 14.20
N PHE H 155 -27.24 -63.88 13.32
CA PHE H 155 -26.86 -63.15 12.11
C PHE H 155 -26.18 -61.83 12.48
N TYR H 156 -26.73 -61.11 13.46
CA TYR H 156 -26.21 -59.81 13.84
C TYR H 156 -24.73 -59.89 14.22
N GLU H 157 -24.37 -60.89 15.05
CA GLU H 157 -22.98 -61.04 15.45
C GLU H 157 -22.10 -61.65 14.37
N TYR H 158 -22.70 -62.31 13.37
CA TYR H 158 -21.95 -63.04 12.36
C TYR H 158 -21.53 -62.15 11.19
N VAL H 159 -22.40 -61.24 10.76
CA VAL H 159 -22.12 -60.37 9.62
C VAL H 159 -21.38 -59.14 10.11
N THR H 160 -20.13 -58.99 9.68
CA THR H 160 -19.27 -57.88 10.07
C THR H 160 -19.36 -56.73 9.07
N ASP H 161 -19.09 -55.52 9.55
CA ASP H 161 -19.11 -54.32 8.72
C ASP H 161 -17.70 -54.03 8.22
N GLU H 162 -17.51 -54.05 6.91
CA GLU H 162 -16.21 -53.81 6.29
C GLU H 162 -16.19 -52.60 5.39
N ARG H 163 -17.28 -51.83 5.35
CA ARG H 163 -17.40 -50.77 4.35
C ARG H 163 -16.25 -49.77 4.42
N PHE H 164 -15.67 -49.57 5.60
CA PHE H 164 -14.66 -48.55 5.81
C PHE H 164 -13.27 -49.13 6.06
N LYS H 165 -13.09 -50.42 5.76
CA LYS H 165 -11.77 -51.04 5.79
C LYS H 165 -11.18 -51.05 4.37
N SER H 166 -9.86 -51.05 4.31
CA SER H 166 -9.17 -51.05 3.02
C SER H 166 -8.47 -52.39 2.78
N PHE H 175 -18.09 -67.78 4.48
CA PHE H 175 -19.45 -67.67 5.01
C PHE H 175 -20.20 -69.00 4.88
N ILE H 176 -20.83 -69.42 5.98
CA ILE H 176 -21.56 -70.68 5.97
C ILE H 176 -22.68 -70.60 4.93
N LYS H 177 -22.98 -71.74 4.31
CA LYS H 177 -23.95 -71.80 3.21
C LYS H 177 -25.25 -72.51 3.56
N ASN H 178 -25.21 -73.52 4.43
CA ASN H 178 -26.39 -74.29 4.79
C ASN H 178 -26.47 -74.41 6.30
N LEU H 179 -27.63 -74.06 6.86
CA LEU H 179 -27.90 -74.19 8.28
C LEU H 179 -29.16 -75.01 8.47
N SER H 180 -29.12 -75.96 9.40
CA SER H 180 -30.26 -76.81 9.72
C SER H 180 -30.48 -76.75 11.22
N LEU H 181 -31.65 -76.28 11.64
CA LEU H 181 -32.00 -76.16 13.05
C LEU H 181 -32.91 -77.32 13.44
N HIS H 182 -32.47 -78.11 14.43
CA HIS H 182 -33.21 -79.28 14.89
C HIS H 182 -33.88 -78.94 16.22
N ILE H 183 -35.21 -78.93 16.22
CA ILE H 183 -35.97 -78.54 17.41
C ILE H 183 -37.25 -79.37 17.48
N ALA H 184 -37.66 -79.70 18.70
CA ALA H 184 -38.91 -80.42 18.90
C ALA H 184 -40.09 -79.56 18.49
N ASN H 185 -41.14 -80.20 17.98
CA ASN H 185 -42.32 -79.51 17.48
C ASN H 185 -41.89 -78.41 16.49
N ALA H 186 -41.25 -78.85 15.41
CA ALA H 186 -40.51 -77.93 14.57
C ALA H 186 -41.42 -77.05 13.72
N ASP H 187 -42.62 -77.53 13.38
CA ASP H 187 -43.49 -76.75 12.51
C ASP H 187 -44.04 -75.50 13.20
N ALA H 188 -44.02 -75.46 14.53
CA ALA H 188 -44.39 -74.24 15.24
C ALA H 188 -43.38 -73.12 15.01
N TYR H 189 -42.17 -73.46 14.55
CA TYR H 189 -41.11 -72.48 14.37
C TYR H 189 -40.80 -72.16 12.92
N LYS H 190 -41.31 -72.94 11.96
CA LYS H 190 -41.02 -72.67 10.56
C LYS H 190 -41.40 -71.25 10.18
N GLY H 191 -42.53 -70.76 10.70
CA GLY H 191 -42.99 -69.42 10.38
C GLY H 191 -42.09 -68.31 10.86
N GLN H 192 -41.09 -68.62 11.70
CA GLN H 192 -40.21 -67.60 12.23
C GLN H 192 -38.98 -67.34 11.36
N ILE H 193 -38.68 -68.26 10.42
CA ILE H 193 -37.47 -68.13 9.62
C ILE H 193 -37.51 -66.88 8.76
N ASP H 194 -38.55 -66.77 7.91
CA ASP H 194 -38.64 -65.62 7.03
C ASP H 194 -38.73 -64.31 7.82
N LYS H 195 -39.39 -64.33 8.97
CA LYS H 195 -39.48 -63.12 9.78
C LYS H 195 -38.14 -62.78 10.43
N ALA H 196 -37.36 -63.80 10.80
CA ALA H 196 -36.01 -63.55 11.26
C ALA H 196 -35.15 -62.93 10.18
N ARG H 197 -35.39 -63.29 8.92
CA ARG H 197 -34.64 -62.69 7.82
C ARG H 197 -34.96 -61.20 7.68
N VAL H 198 -36.24 -60.85 7.70
CA VAL H 198 -36.63 -59.45 7.53
C VAL H 198 -36.20 -58.64 8.76
N TYR H 199 -36.48 -59.15 9.96
CA TYR H 199 -36.13 -58.41 11.17
C TYR H 199 -34.63 -58.20 11.27
N PHE H 200 -33.84 -59.20 10.86
CA PHE H 200 -32.40 -59.07 10.94
C PHE H 200 -31.89 -57.93 10.07
N TYR H 201 -32.23 -57.96 8.78
CA TYR H 201 -31.69 -56.94 7.88
C TYR H 201 -32.14 -55.54 8.30
N GLY H 202 -33.40 -55.40 8.70
CA GLY H 202 -33.87 -54.12 9.21
C GLY H 202 -33.01 -53.61 10.35
N THR H 203 -32.64 -54.50 11.28
CA THR H 203 -31.72 -54.13 12.34
C THR H 203 -30.31 -53.88 11.78
N TYR H 204 -29.89 -54.72 10.84
CA TYR H 204 -28.59 -54.54 10.20
C TYR H 204 -28.55 -53.24 9.40
N TYR H 205 -29.66 -52.91 8.72
CA TYR H 205 -29.73 -51.66 7.98
C TYR H 205 -29.59 -50.46 8.91
N ALA H 206 -30.35 -50.45 10.01
CA ALA H 206 -30.27 -49.34 10.95
C ALA H 206 -28.87 -49.23 11.55
N ALA H 207 -28.19 -50.35 11.77
CA ALA H 207 -26.85 -50.31 12.33
C ALA H 207 -25.85 -49.74 11.32
N GLN H 208 -26.02 -50.04 10.04
CA GLN H 208 -25.14 -49.48 9.02
C GLN H 208 -25.24 -47.97 8.98
N LEU H 209 -26.47 -47.43 9.05
CA LEU H 209 -26.64 -45.98 9.05
C LEU H 209 -26.05 -45.36 10.31
N ILE H 210 -26.12 -46.06 11.45
CA ILE H 210 -25.57 -45.51 12.68
C ILE H 210 -24.04 -45.57 12.68
N ALA H 211 -23.48 -46.69 12.24
CA ALA H 211 -22.02 -46.82 12.21
C ALA H 211 -21.38 -45.89 11.20
N ALA H 212 -22.13 -45.44 10.20
CA ALA H 212 -21.57 -44.56 9.18
C ALA H 212 -21.07 -43.26 9.82
N PRO H 213 -19.81 -42.88 9.61
CA PRO H 213 -19.33 -41.63 10.21
C PRO H 213 -20.09 -40.42 9.71
N SER H 214 -20.01 -39.33 10.47
CA SER H 214 -20.82 -38.15 10.19
C SER H 214 -20.40 -37.42 8.93
N ASN H 215 -19.19 -37.69 8.41
CA ASN H 215 -18.82 -37.14 7.10
C ASN H 215 -19.44 -37.93 5.97
N TYR H 216 -19.72 -39.23 6.18
CA TYR H 216 -20.45 -40.00 5.20
C TYR H 216 -21.96 -39.82 5.36
N CYS H 217 -22.45 -39.89 6.59
CA CYS H 217 -23.88 -39.81 6.89
C CYS H 217 -24.18 -38.39 7.37
N ASN H 218 -24.63 -37.54 6.44
CA ASN H 218 -25.01 -36.17 6.73
C ASN H 218 -26.49 -36.00 6.37
N PRO H 219 -27.12 -34.87 6.69
CA PRO H 219 -28.56 -34.73 6.39
C PRO H 219 -28.89 -34.98 4.93
N VAL H 220 -28.03 -34.58 4.01
CA VAL H 220 -28.31 -34.77 2.59
C VAL H 220 -28.19 -36.23 2.20
N SER H 221 -27.05 -36.85 2.53
CA SER H 221 -26.86 -38.26 2.18
C SER H 221 -27.83 -39.17 2.92
N LEU H 222 -28.21 -38.79 4.15
CA LEU H 222 -29.17 -39.60 4.88
C LEU H 222 -30.56 -39.51 4.26
N SER H 223 -30.98 -38.30 3.89
CA SER H 223 -32.26 -38.14 3.20
C SER H 223 -32.25 -38.90 1.88
N ASN H 224 -31.11 -38.86 1.16
CA ASN H 224 -31.02 -39.60 -0.09
C ASN H 224 -31.17 -41.09 0.14
N ALA H 225 -30.57 -41.60 1.23
CA ALA H 225 -30.71 -43.01 1.55
C ALA H 225 -32.18 -43.37 1.79
N ALA H 226 -32.93 -42.47 2.44
CA ALA H 226 -34.34 -42.75 2.70
C ALA H 226 -35.14 -42.81 1.41
N VAL H 227 -34.82 -41.96 0.44
CA VAL H 227 -35.54 -41.98 -0.83
C VAL H 227 -35.26 -43.27 -1.58
N GLU H 228 -34.00 -43.72 -1.57
CA GLU H 228 -33.68 -44.99 -2.21
C GLU H 228 -34.38 -46.14 -1.51
N LEU H 229 -34.38 -46.14 -0.17
CA LEU H 229 -35.08 -47.19 0.57
C LEU H 229 -36.56 -47.23 0.18
N ALA H 230 -37.21 -46.07 0.13
CA ALA H 230 -38.61 -46.01 -0.24
C ALA H 230 -38.84 -46.59 -1.63
N GLN H 231 -37.82 -46.57 -2.50
CA GLN H 231 -37.96 -47.16 -3.82
C GLN H 231 -37.80 -48.68 -3.75
N LYS H 232 -36.88 -49.17 -2.93
CA LYS H 232 -36.61 -50.61 -2.89
C LYS H 232 -37.76 -51.39 -2.27
N VAL H 233 -38.38 -50.84 -1.22
CA VAL H 233 -39.55 -51.44 -0.61
C VAL H 233 -40.83 -50.70 -1.01
N ASN H 234 -40.77 -49.90 -2.07
CA ASN H 234 -41.90 -49.13 -2.57
C ASN H 234 -42.74 -48.52 -1.46
N LEU H 235 -42.23 -47.43 -0.89
CA LEU H 235 -43.00 -46.57 0.01
C LEU H 235 -43.11 -45.19 -0.63
N GLU H 236 -44.19 -44.48 -0.29
CA GLU H 236 -44.29 -43.08 -0.67
C GLU H 236 -43.21 -42.28 0.06
N CYS H 237 -42.58 -41.36 -0.66
CA CYS H 237 -41.45 -40.61 -0.14
C CYS H 237 -41.63 -39.13 -0.44
N LYS H 238 -41.54 -38.31 0.61
CA LYS H 238 -41.62 -36.86 0.47
C LYS H 238 -40.56 -36.23 1.36
N ILE H 239 -39.63 -35.50 0.74
CA ILE H 239 -38.55 -34.82 1.46
C ILE H 239 -38.84 -33.33 1.44
N LEU H 240 -39.05 -32.75 2.62
CA LEU H 240 -39.33 -31.33 2.76
C LEU H 240 -38.02 -30.56 2.89
N ASP H 241 -37.83 -29.56 2.05
CA ASP H 241 -36.62 -28.76 2.03
C ASP H 241 -36.83 -27.45 2.80
N VAL H 242 -35.77 -26.64 2.87
CA VAL H 242 -35.74 -25.51 3.79
C VAL H 242 -36.97 -24.61 3.59
N LYS H 243 -37.22 -24.18 2.35
CA LYS H 243 -38.26 -23.18 2.14
C LYS H 243 -39.62 -23.69 2.58
N GLU H 244 -39.95 -24.95 2.27
CA GLU H 244 -41.22 -25.50 2.75
C GLU H 244 -41.24 -25.57 4.27
N LEU H 245 -40.10 -25.89 4.89
CA LEU H 245 -40.03 -25.89 6.35
C LEU H 245 -40.27 -24.49 6.90
N GLU H 246 -39.73 -23.47 6.24
CA GLU H 246 -39.98 -22.11 6.67
C GLU H 246 -41.45 -21.75 6.53
N GLU H 247 -42.07 -22.12 5.39
CA GLU H 247 -43.50 -21.87 5.22
C GLU H 247 -44.32 -22.56 6.29
N LEU H 248 -43.88 -23.74 6.74
CA LEU H 248 -44.52 -24.43 7.84
C LEU H 248 -44.10 -23.88 9.21
N LYS H 249 -43.15 -22.94 9.23
CA LYS H 249 -42.80 -22.21 10.45
C LYS H 249 -42.17 -23.13 11.50
N MET H 250 -41.26 -24.00 11.06
CA MET H 250 -40.57 -24.92 11.98
C MET H 250 -39.30 -24.24 12.50
N GLY H 251 -39.53 -23.19 13.29
CA GLY H 251 -38.43 -22.40 13.79
C GLY H 251 -37.51 -23.17 14.73
N ALA H 252 -38.09 -23.96 15.62
CA ALA H 252 -37.28 -24.74 16.55
C ALA H 252 -36.35 -25.68 15.79
N TYR H 253 -36.90 -26.45 14.85
CA TYR H 253 -36.10 -27.40 14.08
C TYR H 253 -35.08 -26.69 13.20
N LEU H 254 -35.49 -25.60 12.54
CA LEU H 254 -34.59 -24.90 11.64
C LEU H 254 -33.47 -24.19 12.41
N SER H 255 -33.75 -23.73 13.63
CA SER H 255 -32.71 -23.04 14.40
C SER H 255 -31.54 -23.96 14.67
N VAL H 256 -31.80 -25.23 14.99
CA VAL H 256 -30.73 -26.16 15.33
C VAL H 256 -29.76 -26.31 14.18
N GLY H 257 -30.28 -26.32 12.95
CA GLY H 257 -29.44 -26.47 11.78
C GLY H 257 -28.82 -25.21 11.25
N LYS H 258 -29.03 -24.07 11.91
CA LYS H 258 -28.57 -22.80 11.37
C LYS H 258 -27.06 -22.81 11.13
N GLY H 259 -26.31 -23.46 12.02
CA GLY H 259 -24.86 -23.44 11.95
C GLY H 259 -24.22 -24.57 11.18
N SER H 260 -24.99 -25.35 10.43
CA SER H 260 -24.48 -26.49 9.68
C SER H 260 -24.31 -26.13 8.21
N MET H 261 -23.28 -26.72 7.59
CA MET H 261 -23.08 -26.59 6.15
C MET H 261 -24.06 -27.41 5.33
N TYR H 262 -24.78 -28.33 5.96
CA TYR H 262 -25.73 -29.19 5.25
C TYR H 262 -27.15 -28.68 5.47
N PRO H 263 -27.98 -28.61 4.43
CA PRO H 263 -29.35 -28.14 4.63
C PRO H 263 -30.18 -29.14 5.42
N ASN H 264 -31.15 -28.61 6.16
CA ASN H 264 -32.06 -29.46 6.91
C ASN H 264 -32.92 -30.30 5.97
N LYS H 265 -33.08 -31.57 6.31
CA LYS H 265 -33.85 -32.51 5.51
C LYS H 265 -34.88 -33.20 6.40
N PHE H 266 -36.16 -32.98 6.11
CA PHE H 266 -37.26 -33.61 6.82
C PHE H 266 -37.77 -34.77 5.99
N ILE H 267 -37.61 -35.99 6.50
CA ILE H 267 -38.00 -37.20 5.79
C ILE H 267 -39.43 -37.55 6.15
N HIS H 268 -40.23 -37.90 5.15
CA HIS H 268 -41.62 -38.30 5.35
C HIS H 268 -41.93 -39.46 4.40
N LEU H 269 -41.85 -40.68 4.92
CA LEU H 269 -42.26 -41.87 4.19
C LEU H 269 -43.63 -42.32 4.67
N THR H 270 -44.42 -42.86 3.74
CA THR H 270 -45.77 -43.32 4.04
C THR H 270 -45.96 -44.73 3.54
N TYR H 271 -46.72 -45.52 4.31
CA TYR H 271 -47.14 -46.85 3.92
C TYR H 271 -48.64 -46.95 4.08
N LYS H 272 -49.30 -47.57 3.10
CA LYS H 272 -50.74 -47.80 3.14
C LYS H 272 -51.02 -49.25 2.80
N GLY H 273 -51.62 -49.97 3.74
CA GLY H 273 -51.85 -51.39 3.57
C GLY H 273 -52.96 -51.70 2.58
N ALA H 274 -53.07 -53.00 2.28
CA ALA H 274 -54.00 -53.45 1.25
C ALA H 274 -55.43 -53.00 1.54
N GLN H 275 -55.82 -53.00 2.81
CA GLN H 275 -57.18 -52.66 3.21
C GLN H 275 -58.13 -53.83 2.93
N THR H 276 -58.31 -54.69 3.92
CA THR H 276 -59.19 -55.85 3.79
C THR H 276 -60.16 -55.92 4.96
N LYS H 284 -56.12 -48.45 11.05
CA LYS H 284 -55.43 -47.56 11.97
C LYS H 284 -54.28 -46.81 11.28
N LYS H 285 -53.97 -45.62 11.80
CA LYS H 285 -52.96 -44.75 11.24
C LYS H 285 -51.94 -44.40 12.32
N ILE H 286 -50.66 -44.63 12.02
CA ILE H 286 -49.59 -44.45 12.99
C ILE H 286 -48.54 -43.50 12.43
N ALA H 287 -47.92 -42.75 13.33
CA ALA H 287 -46.81 -41.86 13.00
C ALA H 287 -45.61 -42.26 13.85
N LEU H 288 -44.49 -42.55 13.20
CA LEU H 288 -43.25 -42.92 13.87
C LEU H 288 -42.22 -41.82 13.62
N ILE H 289 -41.73 -41.21 14.69
CA ILE H 289 -40.77 -40.11 14.61
C ILE H 289 -39.44 -40.58 15.16
N GLY H 290 -38.37 -40.32 14.41
CA GLY H 290 -37.04 -40.66 14.84
C GLY H 290 -36.11 -39.47 14.90
N LYS H 291 -35.44 -39.26 16.02
CA LYS H 291 -34.47 -38.18 16.14
C LYS H 291 -33.33 -38.41 15.17
N GLY H 292 -33.03 -37.40 14.36
CA GLY H 292 -32.02 -37.54 13.33
C GLY H 292 -30.98 -36.44 13.31
N ILE H 293 -30.16 -36.36 14.35
CA ILE H 293 -29.02 -35.45 14.38
C ILE H 293 -27.81 -36.24 13.87
N THR H 294 -27.36 -35.94 12.65
CA THR H 294 -26.28 -36.71 12.05
C THR H 294 -24.98 -36.53 12.82
N PHE H 295 -24.82 -35.39 13.48
CA PHE H 295 -23.74 -35.21 14.43
C PHE H 295 -24.14 -34.13 15.42
N ASP H 296 -23.87 -34.38 16.69
CA ASP H 296 -24.22 -33.45 17.77
C ASP H 296 -22.93 -33.01 18.45
N SER H 297 -22.46 -31.82 18.10
CA SER H 297 -21.33 -31.21 18.81
C SER H 297 -21.74 -30.57 20.11
N GLY H 298 -23.05 -30.35 20.31
CA GLY H 298 -23.55 -29.59 21.43
C GLY H 298 -23.85 -28.14 21.13
N GLY H 299 -23.48 -27.66 19.94
CA GLY H 299 -23.59 -26.24 19.68
C GLY H 299 -22.58 -25.47 20.51
N TYR H 300 -22.91 -24.20 20.78
CA TYR H 300 -22.03 -23.38 21.60
C TYR H 300 -21.91 -23.90 23.02
N ASN H 301 -22.87 -24.72 23.46
CA ASN H 301 -22.70 -25.54 24.67
C ASN H 301 -21.90 -26.80 24.30
N LEU H 302 -20.69 -26.57 23.80
CA LEU H 302 -19.89 -27.63 23.22
C LEU H 302 -19.71 -28.79 24.20
N LYS H 303 -19.64 -30.00 23.64
CA LYS H 303 -19.39 -31.21 24.42
C LYS H 303 -17.90 -31.27 24.73
N ALA H 304 -17.49 -30.49 25.73
CA ALA H 304 -16.10 -30.42 26.15
C ALA H 304 -15.83 -31.06 27.50
N ALA H 305 -16.85 -31.25 28.34
CA ALA H 305 -16.63 -31.84 29.65
C ALA H 305 -16.13 -33.28 29.51
N PRO H 306 -15.30 -33.75 30.45
CA PRO H 306 -14.87 -35.14 30.40
C PRO H 306 -16.06 -36.10 30.45
N GLY H 307 -15.96 -37.17 29.67
CA GLY H 307 -17.05 -38.12 29.56
C GLY H 307 -18.15 -37.72 28.61
N SER H 308 -17.97 -36.67 27.82
CA SER H 308 -19.05 -36.25 26.94
C SER H 308 -19.14 -37.10 25.67
N MET H 309 -18.07 -37.80 25.31
CA MET H 309 -18.14 -38.74 24.19
C MET H 309 -18.51 -38.03 22.88
N ILE H 310 -17.82 -36.93 22.61
CA ILE H 310 -18.10 -36.18 21.39
C ILE H 310 -17.77 -37.02 20.17
N ASP H 311 -16.82 -37.96 20.29
CA ASP H 311 -16.38 -38.77 19.17
C ASP H 311 -17.37 -39.88 18.81
N LEU H 312 -18.44 -40.06 19.57
CA LEU H 312 -19.45 -41.06 19.27
C LEU H 312 -20.78 -40.44 18.87
N MET H 313 -20.88 -39.11 18.83
CA MET H 313 -22.16 -38.45 18.57
C MET H 313 -22.63 -38.61 17.15
N LYS H 314 -22.00 -39.45 16.33
CA LYS H 314 -22.64 -39.87 15.10
C LYS H 314 -23.91 -40.67 15.37
N PHE H 315 -24.06 -41.22 16.58
CA PHE H 315 -25.19 -42.08 16.93
C PHE H 315 -26.42 -41.32 17.40
N ASP H 316 -26.37 -39.97 17.41
CA ASP H 316 -27.56 -39.19 17.69
C ASP H 316 -28.58 -39.26 16.55
N MET H 317 -28.26 -40.00 15.49
CA MET H 317 -29.19 -40.32 14.42
C MET H 317 -29.90 -41.66 14.65
N SER H 318 -29.69 -42.28 15.81
CA SER H 318 -30.17 -43.65 16.03
C SER H 318 -31.69 -43.72 15.94
N GLY H 319 -32.39 -42.72 16.45
CA GLY H 319 -33.85 -42.71 16.34
C GLY H 319 -34.31 -42.81 14.90
N CYS H 320 -33.69 -42.01 14.02
CA CYS H 320 -34.09 -42.02 12.62
C CYS H 320 -33.77 -43.37 11.97
N ALA H 321 -32.62 -43.96 12.29
CA ALA H 321 -32.27 -45.25 11.72
C ALA H 321 -33.27 -46.32 12.12
N ALA H 322 -33.69 -46.32 13.39
CA ALA H 322 -34.69 -47.29 13.84
C ALA H 322 -35.98 -47.14 13.05
N VAL H 323 -36.41 -45.90 12.83
CA VAL H 323 -37.63 -45.66 12.06
C VAL H 323 -37.46 -46.15 10.63
N LEU H 324 -36.32 -45.81 10.00
CA LEU H 324 -36.07 -46.27 8.64
C LEU H 324 -35.93 -47.80 8.61
N GLY H 325 -35.30 -48.37 9.63
CA GLY H 325 -35.25 -49.82 9.72
C GLY H 325 -36.62 -50.44 9.81
N CYS H 326 -37.52 -49.80 10.56
CA CYS H 326 -38.89 -50.28 10.62
C CYS H 326 -39.61 -50.07 9.29
N ALA H 327 -39.30 -48.96 8.60
CA ALA H 327 -39.89 -48.73 7.29
C ALA H 327 -39.56 -49.87 6.33
N TYR H 328 -38.35 -50.40 6.40
CA TYR H 328 -38.00 -51.55 5.57
C TYR H 328 -38.87 -52.74 5.89
N CYS H 329 -38.91 -53.15 7.17
CA CYS H 329 -39.65 -54.33 7.57
C CYS H 329 -41.12 -54.23 7.17
N ILE H 330 -41.75 -53.09 7.46
CA ILE H 330 -43.15 -52.92 7.11
C ILE H 330 -43.32 -52.89 5.60
N GLY H 331 -42.46 -52.17 4.90
CA GLY H 331 -42.55 -52.15 3.45
C GLY H 331 -42.35 -53.52 2.83
N THR H 332 -41.55 -54.37 3.49
CA THR H 332 -41.32 -55.72 2.99
C THR H 332 -42.46 -56.66 3.38
N ILE H 333 -42.86 -56.64 4.65
CA ILE H 333 -43.92 -57.54 5.11
C ILE H 333 -45.26 -57.12 4.53
N LYS H 334 -45.49 -55.82 4.43
CA LYS H 334 -46.72 -55.28 3.86
C LYS H 334 -47.95 -55.75 4.64
N PRO H 335 -48.11 -55.29 5.88
CA PRO H 335 -49.34 -55.62 6.62
C PRO H 335 -50.53 -54.85 6.08
N ASP H 336 -51.71 -55.43 6.28
CA ASP H 336 -52.95 -54.85 5.76
C ASP H 336 -53.62 -53.96 6.80
N ASN H 337 -54.46 -53.06 6.31
CA ASN H 337 -55.40 -52.30 7.14
C ASN H 337 -54.68 -51.39 8.15
N VAL H 338 -53.46 -50.96 7.83
CA VAL H 338 -52.74 -50.02 8.69
C VAL H 338 -51.95 -49.07 7.82
N GLU H 339 -51.92 -47.80 8.21
CA GLU H 339 -51.17 -46.75 7.53
C GLU H 339 -50.11 -46.22 8.48
N VAL H 340 -48.88 -46.07 7.99
CA VAL H 340 -47.74 -45.69 8.82
C VAL H 340 -47.02 -44.52 8.19
N HIS H 341 -46.76 -43.49 8.99
CA HIS H 341 -45.98 -42.32 8.57
C HIS H 341 -44.63 -42.35 9.28
N PHE H 342 -43.55 -42.39 8.49
CA PHE H 342 -42.20 -42.45 9.02
C PHE H 342 -41.57 -41.07 8.89
N LEU H 343 -41.35 -40.41 10.03
CA LEU H 343 -40.88 -39.03 10.05
C LEU H 343 -39.51 -38.92 10.68
N SER H 344 -38.74 -37.92 10.24
CA SER H 344 -37.42 -37.66 10.80
C SER H 344 -36.96 -36.26 10.40
N ALA H 345 -36.87 -35.36 11.38
CA ALA H 345 -36.39 -34.00 11.13
C ALA H 345 -34.87 -34.02 11.24
N VAL H 346 -34.21 -34.22 10.10
CA VAL H 346 -32.77 -34.45 10.06
C VAL H 346 -32.04 -33.12 9.95
N CYS H 347 -30.97 -32.98 10.71
CA CYS H 347 -30.15 -31.77 10.70
C CYS H 347 -28.84 -32.10 11.41
N GLU H 348 -28.03 -31.07 11.67
CA GLU H 348 -26.71 -31.23 12.28
C GLU H 348 -26.47 -30.03 13.17
N ASN H 349 -26.02 -30.28 14.41
CA ASN H 349 -25.81 -29.22 15.40
C ASN H 349 -24.31 -28.94 15.48
N MET H 350 -23.87 -27.87 14.82
CA MET H 350 -22.47 -27.50 14.71
C MET H 350 -22.24 -26.12 15.31
N VAL H 351 -20.96 -25.75 15.38
CA VAL H 351 -20.53 -24.45 15.89
C VAL H 351 -20.07 -23.60 14.72
N SER H 352 -20.65 -22.41 14.58
CA SER H 352 -20.37 -21.55 13.45
C SER H 352 -20.81 -20.13 13.79
N LYS H 353 -20.50 -19.20 12.87
CA LYS H 353 -21.01 -17.85 13.01
C LYS H 353 -22.53 -17.81 12.93
N ASN H 354 -23.13 -18.78 12.23
CA ASN H 354 -24.57 -18.79 11.98
C ASN H 354 -25.35 -19.67 12.95
N SER H 355 -24.68 -20.40 13.84
CA SER H 355 -25.39 -21.23 14.80
C SER H 355 -26.28 -20.38 15.69
N TYR H 356 -27.38 -20.97 16.15
CA TYR H 356 -28.20 -20.31 17.15
C TYR H 356 -27.47 -20.30 18.49
N ARG H 357 -27.77 -19.29 19.30
CA ARG H 357 -26.98 -19.05 20.50
C ARG H 357 -27.74 -19.50 21.75
N PRO H 358 -27.01 -19.86 22.81
CA PRO H 358 -27.67 -20.03 24.12
C PRO H 358 -28.35 -18.74 24.53
N GLY H 359 -29.64 -18.83 24.86
CA GLY H 359 -30.44 -17.68 25.21
C GLY H 359 -31.40 -17.23 24.13
N ASP H 360 -31.23 -17.71 22.91
CA ASP H 360 -32.15 -17.36 21.84
C ASP H 360 -33.56 -17.82 22.18
N ILE H 361 -34.54 -17.04 21.74
CA ILE H 361 -35.95 -17.42 21.84
C ILE H 361 -36.43 -17.73 20.43
N ILE H 362 -36.96 -18.93 20.24
CA ILE H 362 -37.39 -19.41 18.94
C ILE H 362 -38.84 -19.84 19.03
N THR H 363 -39.54 -19.76 17.89
CA THR H 363 -40.97 -20.03 17.82
C THR H 363 -41.19 -21.35 17.08
N ALA H 364 -41.86 -22.29 17.74
CA ALA H 364 -42.18 -23.57 17.13
C ALA H 364 -43.36 -23.42 16.17
N SER H 365 -43.57 -24.46 15.36
CA SER H 365 -44.62 -24.41 14.34
C SER H 365 -46.02 -24.36 14.95
N ASN H 366 -46.17 -24.63 16.25
CA ASN H 366 -47.45 -24.52 16.92
C ASN H 366 -47.60 -23.19 17.67
N GLY H 367 -46.64 -22.28 17.52
CA GLY H 367 -46.73 -20.96 18.11
C GLY H 367 -46.06 -20.81 19.47
N LYS H 368 -45.73 -21.91 20.14
CA LYS H 368 -45.08 -21.82 21.44
C LYS H 368 -43.66 -21.27 21.28
N THR H 369 -43.31 -20.29 22.10
CA THR H 369 -41.97 -19.73 22.12
C THR H 369 -41.08 -20.52 23.07
N ILE H 370 -39.83 -20.73 22.65
CA ILE H 370 -38.89 -21.58 23.37
C ILE H 370 -37.62 -20.79 23.63
N GLU H 371 -37.23 -20.68 24.90
CA GLU H 371 -35.94 -20.11 25.27
C GLU H 371 -34.91 -21.23 25.30
N VAL H 372 -33.77 -21.02 24.63
CA VAL H 372 -32.75 -22.05 24.50
C VAL H 372 -31.76 -21.86 25.65
N GLY H 373 -32.03 -22.54 26.76
CA GLY H 373 -31.10 -22.50 27.88
C GLY H 373 -29.83 -23.28 27.65
N ASN H 374 -29.86 -24.27 26.76
CA ASN H 374 -28.68 -25.08 26.46
C ASN H 374 -28.82 -25.57 25.02
N THR H 375 -27.82 -25.26 24.18
CA THR H 375 -27.88 -25.65 22.78
C THR H 375 -27.63 -27.14 22.57
N ASP H 376 -27.08 -27.82 23.58
CA ASP H 376 -26.86 -29.25 23.51
C ASP H 376 -28.13 -30.05 23.80
N ALA H 377 -29.23 -29.38 24.10
CA ALA H 377 -30.54 -30.02 24.21
C ALA H 377 -31.36 -29.76 22.95
N GLU H 378 -30.75 -30.01 21.79
CA GLU H 378 -31.35 -29.66 20.51
C GLU H 378 -32.31 -30.73 19.98
N GLY H 379 -32.05 -32.00 20.28
CA GLY H 379 -32.91 -33.05 19.77
C GLY H 379 -34.38 -32.81 20.07
N ARG H 380 -34.68 -32.36 21.30
CA ARG H 380 -36.06 -32.09 21.66
C ARG H 380 -36.62 -30.88 20.92
N LEU H 381 -35.75 -30.01 20.38
CA LEU H 381 -36.24 -28.90 19.57
C LEU H 381 -36.70 -29.39 18.20
N THR H 382 -35.93 -30.28 17.57
CA THR H 382 -36.35 -30.82 16.28
C THR H 382 -37.58 -31.71 16.43
N LEU H 383 -37.63 -32.51 17.50
CA LEU H 383 -38.79 -33.37 17.73
C LEU H 383 -40.05 -32.55 17.99
N ALA H 384 -39.91 -31.38 18.61
CA ALA H 384 -41.07 -30.53 18.86
C ALA H 384 -41.80 -30.22 17.55
N ASP H 385 -41.06 -29.78 16.53
CA ASP H 385 -41.69 -29.52 15.24
C ASP H 385 -42.12 -30.81 14.55
N ALA H 386 -41.40 -31.91 14.77
CA ALA H 386 -41.81 -33.18 14.20
C ALA H 386 -43.11 -33.69 14.82
N LEU H 387 -43.35 -33.37 16.10
CA LEU H 387 -44.58 -33.80 16.75
C LEU H 387 -45.78 -32.99 16.26
N VAL H 388 -45.61 -31.68 16.12
CA VAL H 388 -46.68 -30.85 15.58
C VAL H 388 -47.02 -31.30 14.17
N TYR H 389 -46.00 -31.59 13.37
CA TYR H 389 -46.23 -32.08 12.01
C TYR H 389 -47.01 -33.38 12.01
N ALA H 390 -46.70 -34.28 12.96
CA ALA H 390 -47.34 -35.59 12.96
C ALA H 390 -48.80 -35.50 13.39
N GLU H 391 -49.10 -34.66 14.39
CA GLU H 391 -50.48 -34.57 14.86
C GLU H 391 -51.40 -33.93 13.84
N LYS H 392 -50.86 -33.12 12.91
CA LYS H 392 -51.70 -32.53 11.88
C LYS H 392 -52.17 -33.56 10.87
N LEU H 393 -51.41 -34.63 10.67
CA LEU H 393 -51.80 -35.68 9.74
C LEU H 393 -53.04 -36.44 10.21
N GLY H 394 -53.45 -36.28 11.47
CA GLY H 394 -54.64 -36.92 11.99
C GLY H 394 -54.48 -38.42 12.16
N VAL H 395 -53.43 -38.83 12.88
CA VAL H 395 -53.16 -40.24 13.10
C VAL H 395 -53.78 -40.68 14.42
N ASP H 396 -53.77 -41.98 14.67
CA ASP H 396 -54.28 -42.53 15.92
C ASP H 396 -53.22 -42.61 17.01
N TYR H 397 -51.98 -42.88 16.64
CA TYR H 397 -50.89 -43.00 17.59
C TYR H 397 -49.66 -42.28 17.06
N ILE H 398 -48.94 -41.63 17.96
CA ILE H 398 -47.65 -41.01 17.65
C ILE H 398 -46.62 -41.61 18.60
N VAL H 399 -45.55 -42.16 18.05
CA VAL H 399 -44.47 -42.75 18.83
C VAL H 399 -43.15 -42.20 18.32
N ASP H 400 -42.39 -41.56 19.19
CA ASP H 400 -41.05 -41.09 18.87
C ASP H 400 -40.01 -41.93 19.60
N ILE H 401 -38.81 -41.98 19.03
CA ILE H 401 -37.69 -42.75 19.57
C ILE H 401 -36.42 -41.94 19.32
N ALA H 402 -35.62 -41.74 20.36
CA ALA H 402 -34.51 -40.82 20.25
C ALA H 402 -33.47 -41.08 21.32
N THR H 403 -32.20 -40.79 20.98
CA THR H 403 -31.10 -40.79 21.94
C THR H 403 -31.09 -39.42 22.61
N LEU H 404 -31.99 -39.26 23.58
CA LEU H 404 -32.27 -37.92 24.14
C LEU H 404 -31.30 -37.58 25.27
N THR H 405 -31.41 -38.29 26.39
CA THR H 405 -30.73 -37.91 27.62
C THR H 405 -29.68 -38.94 28.01
N GLY H 406 -28.45 -38.46 28.25
CA GLY H 406 -27.43 -39.32 28.81
C GLY H 406 -27.72 -39.79 30.22
N ALA H 407 -28.69 -39.19 30.90
CA ALA H 407 -29.10 -39.66 32.22
C ALA H 407 -29.62 -41.08 32.18
N MET H 408 -30.09 -41.56 31.02
CA MET H 408 -30.55 -42.93 30.92
C MET H 408 -29.46 -43.92 31.32
N LEU H 409 -28.20 -43.56 31.08
CA LEU H 409 -27.11 -44.43 31.51
C LEU H 409 -27.06 -44.57 33.02
N TYR H 410 -27.53 -43.55 33.75
CA TYR H 410 -27.55 -43.56 35.21
C TYR H 410 -28.89 -44.01 35.77
N SER H 411 -29.87 -44.28 34.91
CA SER H 411 -31.21 -44.67 35.34
C SER H 411 -31.42 -46.16 35.11
N LEU H 412 -31.67 -46.54 33.86
CA LEU H 412 -31.90 -47.92 33.48
C LEU H 412 -30.65 -48.59 32.93
N GLY H 413 -29.68 -47.81 32.46
CA GLY H 413 -28.42 -48.35 32.02
C GLY H 413 -28.34 -48.60 30.52
N THR H 414 -27.61 -49.64 30.13
CA THR H 414 -27.35 -49.93 28.73
C THR H 414 -28.16 -51.10 28.19
N SER H 415 -29.05 -51.69 28.98
CA SER H 415 -29.85 -52.84 28.57
C SER H 415 -31.31 -52.52 28.34
N TYR H 416 -31.90 -51.64 29.15
CA TYR H 416 -33.33 -51.35 29.09
C TYR H 416 -33.52 -49.90 28.68
N ALA H 417 -34.27 -49.68 27.61
CA ALA H 417 -34.66 -48.33 27.24
C ALA H 417 -35.84 -47.89 28.09
N GLY H 418 -36.10 -46.58 28.09
CA GLY H 418 -37.20 -46.00 28.83
C GLY H 418 -38.30 -45.55 27.89
N VAL H 419 -39.54 -45.63 28.36
CA VAL H 419 -40.70 -45.18 27.60
C VAL H 419 -41.57 -44.33 28.49
N PHE H 420 -41.89 -43.13 28.02
CA PHE H 420 -42.84 -42.23 28.65
C PHE H 420 -44.03 -42.06 27.70
N GLY H 421 -45.09 -41.42 28.20
CA GLY H 421 -46.24 -41.20 27.35
C GLY H 421 -47.39 -40.59 28.12
N ASN H 422 -48.42 -40.21 27.36
CA ASN H 422 -49.62 -39.58 27.91
C ASN H 422 -50.84 -40.49 27.85
N ASN H 423 -50.63 -41.78 27.55
CA ASN H 423 -51.74 -42.71 27.40
C ASN H 423 -51.29 -44.08 27.88
N ASP H 424 -51.98 -44.61 28.88
CA ASP H 424 -51.57 -45.88 29.48
C ASP H 424 -51.73 -47.04 28.51
N GLN H 425 -52.79 -47.03 27.72
CA GLN H 425 -53.02 -48.14 26.79
C GLN H 425 -51.95 -48.18 25.71
N LEU H 426 -51.50 -47.02 25.24
CA LEU H 426 -50.44 -46.99 24.24
C LEU H 426 -49.12 -47.48 24.84
N ILE H 427 -48.79 -47.02 26.05
CA ILE H 427 -47.56 -47.46 26.70
C ILE H 427 -47.54 -48.98 26.85
N ASN H 428 -48.68 -49.56 27.24
CA ASN H 428 -48.73 -51.01 27.40
C ASN H 428 -48.62 -51.72 26.04
N LYS H 429 -49.03 -51.06 24.97
CA LYS H 429 -48.79 -51.61 23.64
C LYS H 429 -47.31 -51.60 23.29
N ILE H 430 -46.59 -50.56 23.71
CA ILE H 430 -45.15 -50.53 23.50
C ILE H 430 -44.47 -51.62 24.33
N LEU H 431 -44.92 -51.79 25.58
CA LEU H 431 -44.31 -52.79 26.45
C LEU H 431 -44.60 -54.19 25.96
N SER H 432 -45.81 -54.44 25.45
CA SER H 432 -46.10 -55.73 24.84
C SER H 432 -45.20 -55.97 23.63
N SER H 433 -45.05 -54.96 22.77
CA SER H 433 -44.13 -55.07 21.65
C SER H 433 -42.70 -55.28 22.12
N SER H 434 -42.37 -54.76 23.30
CA SER H 434 -41.03 -54.97 23.86
C SER H 434 -40.79 -56.44 24.17
N LYS H 435 -41.82 -57.14 24.66
CA LYS H 435 -41.64 -58.55 25.02
C LYS H 435 -41.56 -59.43 23.78
N THR H 436 -42.48 -59.23 22.83
CA THR H 436 -42.46 -60.04 21.62
C THR H 436 -41.21 -59.80 20.80
N SER H 437 -40.72 -58.55 20.78
CA SER H 437 -39.50 -58.22 20.04
C SER H 437 -38.23 -58.54 20.81
N ASN H 438 -38.33 -58.78 22.12
CA ASN H 438 -37.17 -59.06 22.96
C ASN H 438 -36.18 -57.90 22.97
N GLU H 439 -36.67 -56.70 22.73
CA GLU H 439 -35.89 -55.48 22.94
C GLU H 439 -36.38 -54.85 24.24
N PRO H 440 -35.63 -54.96 25.34
CA PRO H 440 -36.19 -54.61 26.65
C PRO H 440 -36.51 -53.12 26.78
N VAL H 441 -37.65 -52.84 27.40
CA VAL H 441 -38.10 -51.48 27.67
C VAL H 441 -38.78 -51.45 29.03
N TRP H 442 -38.61 -50.33 29.75
CA TRP H 442 -39.21 -50.15 31.06
C TRP H 442 -40.00 -48.85 31.07
N TRP H 443 -41.15 -48.87 31.71
CA TRP H 443 -42.02 -47.70 31.79
C TRP H 443 -41.52 -46.75 32.87
N LEU H 444 -41.30 -45.49 32.50
CA LEU H 444 -40.90 -44.45 33.43
C LEU H 444 -41.97 -43.35 33.48
N PRO H 445 -42.07 -42.63 34.59
CA PRO H 445 -43.18 -41.69 34.77
C PRO H 445 -42.87 -40.30 34.22
N ILE H 446 -43.95 -39.59 33.90
CA ILE H 446 -43.92 -38.16 33.58
C ILE H 446 -44.46 -37.45 34.82
N ILE H 447 -43.56 -36.89 35.61
CA ILE H 447 -43.92 -36.29 36.90
C ILE H 447 -44.22 -34.82 36.66
N ASN H 448 -45.50 -34.45 36.80
CA ASN H 448 -45.92 -33.10 36.48
C ASN H 448 -45.42 -32.06 37.48
N GLU H 449 -44.98 -32.49 38.67
CA GLU H 449 -44.45 -31.53 39.63
C GLU H 449 -43.21 -30.82 39.06
N TYR H 450 -42.47 -31.47 38.19
CA TYR H 450 -41.29 -30.88 37.58
C TYR H 450 -41.63 -29.92 36.44
N ARG H 451 -42.91 -29.84 36.05
CA ARG H 451 -43.27 -29.01 34.90
C ARG H 451 -42.88 -27.55 35.12
N SER H 452 -43.04 -27.05 36.35
CA SER H 452 -42.75 -25.65 36.62
C SER H 452 -41.29 -25.30 36.35
N SER H 453 -40.39 -26.28 36.42
CA SER H 453 -38.97 -25.99 36.22
C SER H 453 -38.65 -25.62 34.78
N LEU H 454 -39.53 -25.92 33.84
CA LEU H 454 -39.34 -25.56 32.44
C LEU H 454 -39.88 -24.18 32.09
N ASN H 455 -40.52 -23.51 33.04
CA ASN H 455 -41.08 -22.19 32.77
C ASN H 455 -39.97 -21.19 32.49
N SER H 456 -40.24 -20.26 31.58
CA SER H 456 -39.31 -19.22 31.20
C SER H 456 -39.84 -17.86 31.63
N LYS H 457 -38.93 -16.96 31.98
CA LYS H 457 -39.33 -15.60 32.36
C LYS H 457 -39.91 -14.84 31.17
N TYR H 458 -39.43 -15.12 29.96
CA TYR H 458 -39.81 -14.37 28.78
C TYR H 458 -40.47 -15.21 27.70
N ALA H 459 -39.94 -16.40 27.43
CA ALA H 459 -40.58 -17.29 26.48
C ALA H 459 -41.67 -18.11 27.17
N ASP H 460 -42.47 -18.81 26.36
CA ASP H 460 -43.46 -19.71 26.93
C ASP H 460 -42.80 -20.86 27.66
N LEU H 461 -41.68 -21.35 27.15
CA LEU H 461 -41.02 -22.53 27.68
C LEU H 461 -39.51 -22.35 27.57
N ASN H 462 -38.79 -23.10 28.40
CA ASN H 462 -37.35 -23.16 28.34
C ASN H 462 -36.92 -24.53 27.82
N ASN H 463 -35.74 -24.56 27.22
CA ASN H 463 -35.22 -25.79 26.64
C ASN H 463 -34.93 -26.83 27.71
N ILE H 464 -34.43 -26.40 28.87
CA ILE H 464 -33.93 -27.28 29.90
C ILE H 464 -34.51 -26.85 31.25
N SER H 465 -34.16 -27.60 32.28
CA SER H 465 -34.54 -27.29 33.65
C SER H 465 -33.36 -26.68 34.40
N SER H 466 -33.63 -25.66 35.21
CA SER H 466 -32.60 -25.04 36.03
C SER H 466 -32.46 -25.68 37.40
N SER H 467 -33.49 -26.37 37.88
CA SER H 467 -33.51 -26.93 39.22
C SER H 467 -33.66 -28.44 39.27
N VAL H 468 -34.41 -29.03 38.35
CA VAL H 468 -34.66 -30.47 38.35
C VAL H 468 -33.57 -31.16 37.55
N LYS H 469 -32.95 -32.17 38.16
CA LYS H 469 -31.84 -32.90 37.56
C LYS H 469 -32.27 -34.20 36.89
N ALA H 470 -33.56 -34.56 36.96
CA ALA H 470 -34.09 -35.74 36.28
C ALA H 470 -34.35 -35.37 34.82
N SER H 471 -33.27 -35.33 34.04
CA SER H 471 -33.35 -34.81 32.68
C SER H 471 -34.30 -35.63 31.82
N SER H 472 -34.30 -36.96 32.00
CA SER H 472 -35.15 -37.80 31.16
C SER H 472 -36.63 -37.51 31.40
N VAL H 473 -37.00 -37.22 32.64
CA VAL H 473 -38.39 -36.87 32.93
C VAL H 473 -38.69 -35.46 32.42
N VAL H 474 -37.74 -34.54 32.59
CA VAL H 474 -37.95 -33.15 32.17
C VAL H 474 -38.15 -33.08 30.65
N ALA H 475 -37.28 -33.77 29.90
CA ALA H 475 -37.40 -33.76 28.45
C ALA H 475 -38.76 -34.28 28.01
N SER H 476 -39.24 -35.35 28.64
CA SER H 476 -40.55 -35.89 28.29
C SER H 476 -41.64 -34.86 28.55
N LEU H 477 -41.49 -34.05 29.61
CA LEU H 477 -42.46 -33.00 29.87
C LEU H 477 -42.41 -31.93 28.79
N PHE H 478 -41.21 -31.60 28.29
CA PHE H 478 -41.09 -30.60 27.24
C PHE H 478 -41.77 -31.08 25.96
N LEU H 479 -41.47 -32.31 25.53
CA LEU H 479 -42.08 -32.84 24.31
C LEU H 479 -43.58 -32.94 24.45
N LYS H 480 -44.08 -33.22 25.66
CA LYS H 480 -45.51 -33.29 25.89
C LYS H 480 -46.22 -31.98 25.56
N GLU H 481 -45.49 -30.86 25.58
CA GLU H 481 -46.07 -29.57 25.26
C GLU H 481 -46.44 -29.44 23.79
N PHE H 482 -46.05 -30.39 22.95
CA PHE H 482 -46.29 -30.32 21.50
C PHE H 482 -47.20 -31.44 21.02
N ILE H 483 -47.94 -32.07 21.93
CA ILE H 483 -49.02 -32.99 21.59
C ILE H 483 -50.24 -32.54 22.38
N GLU H 484 -51.32 -32.22 21.67
CA GLU H 484 -52.47 -31.59 22.31
C GLU H 484 -53.61 -32.56 22.59
N ASN H 485 -53.77 -33.61 21.77
CA ASN H 485 -54.92 -34.50 22.02
C ASN H 485 -54.74 -35.88 21.36
N THR H 486 -53.54 -36.34 21.08
CA THR H 486 -53.33 -37.63 20.44
C THR H 486 -52.52 -38.54 21.35
N PRO H 487 -52.93 -39.79 21.53
CA PRO H 487 -52.09 -40.73 22.29
C PRO H 487 -50.67 -40.73 21.76
N TRP H 488 -49.71 -40.51 22.65
CA TRP H 488 -48.32 -40.33 22.27
C TRP H 488 -47.40 -41.03 23.26
N ALA H 489 -46.34 -41.65 22.74
CA ALA H 489 -45.34 -42.33 23.54
C ALA H 489 -43.96 -41.93 23.07
N HIS H 490 -43.02 -41.82 24.01
CA HIS H 490 -41.66 -41.38 23.75
C HIS H 490 -40.70 -42.43 24.30
N ILE H 491 -39.78 -42.90 23.45
CA ILE H 491 -38.85 -43.97 23.80
C ILE H 491 -37.45 -43.39 23.80
N ASP H 492 -36.80 -43.40 24.98
CA ASP H 492 -35.45 -42.88 25.15
C ASP H 492 -34.46 -44.03 25.05
N ILE H 493 -33.62 -44.01 24.02
CA ILE H 493 -32.68 -45.08 23.75
C ILE H 493 -31.23 -44.61 23.85
N ALA H 494 -31.02 -43.45 24.50
CA ALA H 494 -29.66 -42.91 24.62
C ALA H 494 -28.71 -43.91 25.26
N GLY H 495 -29.20 -44.75 26.16
CA GLY H 495 -28.34 -45.67 26.89
C GLY H 495 -28.14 -47.01 26.22
N VAL H 496 -29.12 -47.46 25.45
CA VAL H 496 -29.10 -48.81 24.87
C VAL H 496 -28.68 -48.82 23.41
N SER H 497 -28.64 -47.67 22.74
CA SER H 497 -28.43 -47.68 21.29
C SER H 497 -27.02 -48.14 20.93
N TRP H 498 -26.02 -47.68 21.66
CA TRP H 498 -24.62 -47.98 21.36
C TRP H 498 -24.08 -48.99 22.35
N ASN H 499 -23.40 -50.01 21.84
CA ASN H 499 -22.71 -51.01 22.66
C ASN H 499 -21.30 -50.50 22.92
N PHE H 500 -21.05 -50.00 24.13
CA PHE H 500 -19.77 -49.35 24.43
C PHE H 500 -18.63 -50.36 24.52
N LYS H 501 -18.91 -51.60 24.91
CA LYS H 501 -17.86 -52.60 24.99
C LYS H 501 -17.53 -53.18 23.62
N ALA H 502 -18.56 -53.47 22.82
CA ALA H 502 -18.32 -53.97 21.46
C ALA H 502 -18.00 -52.86 20.48
N ARG H 503 -18.22 -51.59 20.84
CA ARG H 503 -17.91 -50.44 19.99
C ARG H 503 -18.70 -50.49 18.68
N LYS H 504 -19.99 -50.77 18.78
CA LYS H 504 -20.84 -50.87 17.60
C LYS H 504 -22.28 -50.63 18.03
N PRO H 505 -23.13 -50.20 17.10
CA PRO H 505 -24.54 -49.99 17.42
C PRO H 505 -25.33 -51.29 17.46
N LYS H 506 -26.46 -51.24 18.15
CA LYS H 506 -27.34 -52.38 18.30
C LYS H 506 -28.51 -52.39 17.33
N GLY H 507 -28.74 -51.29 16.61
CA GLY H 507 -29.95 -51.18 15.82
C GLY H 507 -31.21 -51.26 16.67
N PHE H 508 -31.14 -50.74 17.90
CA PHE H 508 -32.23 -50.87 18.85
C PHE H 508 -33.45 -50.09 18.38
N GLY H 509 -34.61 -50.74 18.40
CA GLY H 509 -35.88 -50.10 18.10
C GLY H 509 -36.56 -50.63 16.85
N VAL H 510 -35.80 -51.19 15.91
CA VAL H 510 -36.40 -51.62 14.64
C VAL H 510 -37.46 -52.68 14.88
N ARG H 511 -37.10 -53.75 15.60
CA ARG H 511 -38.04 -54.83 15.83
C ARG H 511 -39.14 -54.42 16.79
N LEU H 512 -38.81 -53.63 17.81
CA LEU H 512 -39.83 -53.11 18.71
C LEU H 512 -40.91 -52.37 17.94
N LEU H 513 -40.51 -51.39 17.13
CA LEU H 513 -41.50 -50.62 16.37
C LEU H 513 -42.24 -51.49 15.36
N THR H 514 -41.55 -52.42 14.72
CA THR H 514 -42.21 -53.29 13.75
C THR H 514 -43.28 -54.14 14.43
N GLU H 515 -42.92 -54.80 15.53
CA GLU H 515 -43.92 -55.57 16.28
C GLU H 515 -45.09 -54.69 16.70
N PHE H 516 -44.80 -53.45 17.09
CA PHE H 516 -45.88 -52.53 17.44
C PHE H 516 -46.82 -52.30 16.27
N VAL H 517 -46.27 -52.14 15.06
CA VAL H 517 -47.10 -51.90 13.88
C VAL H 517 -47.91 -53.16 13.54
N LEU H 518 -47.23 -54.31 13.47
CA LEU H 518 -47.89 -55.53 13.04
C LEU H 518 -48.96 -55.96 14.03
N ASN H 519 -48.70 -55.80 15.33
CA ASN H 519 -49.63 -56.22 16.37
C ASN H 519 -50.66 -55.13 16.69
N ASP H 520 -51.18 -54.45 15.67
CA ASP H 520 -52.18 -53.41 15.88
C ASP H 520 -53.32 -53.55 14.88
N THR I 3 5.00 -25.07 78.79
CA THR I 3 4.12 -26.24 78.72
C THR I 3 4.65 -27.26 77.71
N THR I 4 4.54 -28.53 78.05
CA THR I 4 5.04 -29.59 77.19
C THR I 4 4.25 -29.62 75.88
N VAL I 5 4.98 -29.79 74.78
CA VAL I 5 4.39 -29.93 73.45
C VAL I 5 4.20 -31.42 73.17
N PRO I 6 2.99 -31.88 72.86
CA PRO I 6 2.82 -33.31 72.59
C PRO I 6 3.50 -33.71 71.29
N GLN I 7 4.04 -34.92 71.27
CA GLN I 7 4.80 -35.42 70.13
C GLN I 7 4.28 -36.79 69.73
N VAL I 8 4.31 -37.05 68.43
CA VAL I 8 4.03 -38.40 67.93
C VAL I 8 5.29 -39.25 67.95
N VAL I 9 6.41 -38.70 67.48
CA VAL I 9 7.70 -39.36 67.49
C VAL I 9 8.69 -38.46 68.23
N SER I 10 9.78 -39.08 68.70
CA SER I 10 10.79 -38.35 69.45
C SER I 10 11.35 -37.18 68.66
N LEU I 11 11.33 -37.27 67.34
CA LEU I 11 12.00 -36.28 66.50
C LEU I 11 11.16 -35.03 66.24
N ASP I 12 9.91 -34.99 66.70
CA ASP I 12 9.09 -33.81 66.49
C ASP I 12 9.64 -32.63 67.30
N PRO I 13 9.72 -31.44 66.71
CA PRO I 13 10.25 -30.29 67.45
C PRO I 13 9.32 -29.86 68.58
N THR I 14 9.93 -29.31 69.63
CA THR I 14 9.20 -28.85 70.80
C THR I 14 9.19 -27.33 70.93
N THR I 15 9.89 -26.62 70.04
CA THR I 15 10.03 -25.18 70.14
C THR I 15 9.95 -24.56 68.74
N ILE I 16 9.61 -23.28 68.71
CA ILE I 16 9.72 -22.47 67.49
C ILE I 16 11.06 -21.75 67.55
N PRO I 17 12.06 -22.13 66.76
CA PRO I 17 13.32 -21.37 66.77
C PRO I 17 13.07 -19.92 66.37
N ILE I 18 13.50 -19.00 67.23
CA ILE I 18 13.30 -17.57 67.02
C ILE I 18 14.66 -16.88 67.11
N ASP I 19 14.93 -15.98 66.19
CA ASP I 19 16.13 -15.15 66.22
C ASP I 19 15.76 -13.83 66.91
N TYR I 20 16.10 -13.72 68.19
CA TYR I 20 15.89 -12.47 68.92
C TYR I 20 16.99 -11.44 68.64
N HIS I 21 18.09 -11.86 68.01
CA HIS I 21 19.21 -10.99 67.67
C HIS I 21 19.40 -10.99 66.17
N THR I 22 19.39 -9.80 65.57
CA THR I 22 19.57 -9.62 64.14
C THR I 22 20.91 -8.98 63.83
N PRO I 23 21.40 -9.10 62.60
CA PRO I 23 22.57 -8.29 62.19
C PRO I 23 22.31 -6.80 62.30
N ILE I 24 21.05 -6.36 62.24
CA ILE I 24 20.74 -4.95 62.36
C ILE I 24 21.11 -4.43 63.74
N ASP I 25 21.12 -5.30 64.75
CA ASP I 25 21.50 -4.89 66.10
C ASP I 25 22.98 -4.59 66.23
N ASP I 26 23.80 -4.98 65.25
CA ASP I 26 25.23 -4.70 65.26
C ASP I 26 25.62 -3.64 64.24
N LEU I 27 24.65 -2.99 63.62
CA LEU I 27 24.91 -1.99 62.58
C LEU I 27 24.68 -0.59 63.15
N SER I 28 25.65 0.29 62.94
CA SER I 28 25.49 1.69 63.29
C SER I 28 24.75 2.42 62.18
N ILE I 29 23.82 3.30 62.57
CA ILE I 29 23.03 4.07 61.63
C ILE I 29 23.20 5.54 61.97
N GLU I 30 23.70 6.32 61.02
CA GLU I 30 23.93 7.75 61.19
C GLU I 30 23.16 8.52 60.12
N VAL I 31 22.63 9.68 60.51
CA VAL I 31 21.87 10.55 59.63
C VAL I 31 22.53 11.92 59.67
N LYS I 32 23.33 12.23 58.65
CA LYS I 32 24.00 13.51 58.59
C LYS I 32 23.50 14.33 57.40
N ASP I 33 23.80 15.61 57.43
CA ASP I 33 23.28 16.55 56.45
C ASP I 33 23.96 16.38 55.10
N ILE I 34 23.16 16.55 54.03
CA ILE I 34 23.71 16.58 52.68
C ILE I 34 24.60 17.80 52.49
N SER I 35 24.30 18.88 53.21
CA SER I 35 25.09 20.10 53.13
C SER I 35 26.03 20.21 54.34
N CYS I 39 28.84 14.96 53.26
CA CYS I 39 30.27 15.00 53.54
C CYS I 39 30.94 13.65 53.28
N PRO I 40 32.21 13.53 53.67
CA PRO I 40 32.85 12.20 53.74
C PRO I 40 33.08 11.53 52.39
N ALA I 41 32.53 10.33 52.23
CA ALA I 41 32.84 9.48 51.07
C ALA I 41 34.32 9.11 51.09
N ASP I 42 34.70 8.12 51.88
CA ASP I 42 36.12 7.80 51.96
C ASP I 42 36.43 6.36 52.31
N GLU I 43 35.43 5.46 52.35
CA GLU I 43 35.67 4.09 52.76
C GLU I 43 35.12 3.06 51.78
N GLY I 44 33.82 2.79 51.84
CA GLY I 44 33.26 1.65 51.13
C GLY I 44 32.21 1.98 50.10
N LEU I 45 31.12 1.22 50.08
CA LEU I 45 30.06 1.41 49.09
C LEU I 45 29.27 2.66 49.43
N ILE I 46 29.19 3.59 48.47
CA ILE I 46 28.40 4.81 48.62
C ILE I 46 27.44 4.87 47.45
N VAL I 47 26.14 4.69 47.72
CA VAL I 47 25.11 4.66 46.70
C VAL I 47 24.42 6.02 46.67
N PHE I 48 23.84 6.35 45.50
CA PHE I 48 23.17 7.62 45.28
C PHE I 48 21.74 7.35 44.85
N LEU I 49 20.78 7.89 45.60
CA LEU I 49 19.36 7.74 45.29
C LEU I 49 18.95 8.90 44.40
N LEU I 50 18.94 8.67 43.09
CA LEU I 50 18.67 9.69 42.10
C LEU I 50 17.46 9.31 41.27
N ASN I 51 16.75 10.32 40.78
CA ASN I 51 15.55 10.12 39.98
C ASN I 51 15.90 10.05 38.50
N SER I 52 14.88 9.76 37.69
CA SER I 52 15.08 9.52 36.27
C SER I 52 15.51 10.80 35.56
N GLN I 53 16.69 10.77 34.95
CA GLN I 53 17.17 11.82 34.05
C GLN I 53 17.52 13.11 34.79
N ILE I 54 18.02 13.00 36.02
CA ILE I 54 18.46 14.17 36.77
C ILE I 54 19.77 13.86 37.49
N THR I 78 20.49 5.70 32.57
CA THR I 78 20.47 6.21 33.94
C THR I 78 19.05 6.54 34.40
N GLY I 79 18.76 6.24 35.66
CA GLY I 79 17.63 6.86 36.33
C GLY I 79 16.38 6.03 36.58
N LYS I 80 16.01 5.16 35.65
CA LYS I 80 14.69 4.53 35.71
C LYS I 80 14.55 3.68 36.98
N LEU I 81 13.29 3.45 37.36
CA LEU I 81 12.99 2.79 38.62
C LEU I 81 13.64 1.41 38.70
N GLY I 82 14.14 1.08 39.89
CA GLY I 82 14.72 -0.21 40.13
C GLY I 82 15.92 -0.55 39.27
N THR I 83 16.61 0.47 38.75
CA THR I 83 17.79 0.30 37.92
C THR I 83 19.05 0.58 38.74
N SER I 84 20.18 0.12 38.23
CA SER I 84 21.47 0.33 38.88
C SER I 84 22.40 1.15 37.99
N SER I 98 34.59 2.04 46.30
CA SER I 98 33.51 1.57 45.43
C SER I 98 32.36 2.58 45.39
N LEU I 99 31.75 2.72 44.22
CA LEU I 99 30.65 3.65 44.01
C LEU I 99 29.50 2.93 43.31
N ALA I 100 28.31 3.53 43.38
CA ALA I 100 27.15 2.94 42.72
C ALA I 100 26.01 3.95 42.74
N TYR I 101 25.03 3.71 41.88
CA TYR I 101 23.85 4.56 41.77
C TYR I 101 22.63 3.68 41.54
N VAL I 102 21.47 4.16 42.00
CA VAL I 102 20.20 3.45 41.85
C VAL I 102 19.14 4.44 41.38
N GLY I 103 18.17 3.92 40.65
CA GLY I 103 17.11 4.73 40.05
C GLY I 103 15.80 4.56 40.79
N CYS I 104 15.04 5.64 40.90
CA CYS I 104 13.79 5.63 41.63
C CYS I 104 12.58 6.06 40.80
N GLY I 105 12.77 6.44 39.53
CA GLY I 105 11.66 6.56 38.62
C GLY I 105 11.32 7.97 38.22
N PRO I 106 11.04 8.83 39.19
CA PRO I 106 10.63 10.21 38.85
C PRO I 106 10.76 11.15 40.03
N ALA I 107 10.43 12.42 39.81
CA ALA I 107 10.48 13.43 40.85
C ALA I 107 9.08 13.62 41.43
N ASN I 108 8.95 13.45 42.74
CA ASN I 108 7.76 13.79 43.51
C ASN I 108 6.61 12.82 43.31
N GLU I 109 6.87 11.63 42.78
CA GLU I 109 5.83 10.62 42.63
C GLU I 109 6.25 9.28 43.24
N GLU I 110 7.07 9.32 44.28
CA GLU I 110 7.48 8.12 44.98
C GLU I 110 6.36 7.64 45.90
N THR I 111 6.08 6.35 45.86
CA THR I 111 5.14 5.69 46.75
C THR I 111 5.84 4.53 47.45
N GLU I 112 5.10 3.84 48.32
CA GLU I 112 5.62 2.60 48.89
C GLU I 112 6.00 1.61 47.80
N LEU I 113 5.32 1.67 46.64
CA LEU I 113 5.69 0.82 45.51
C LEU I 113 7.14 1.05 45.09
N GLU I 114 7.52 2.30 44.88
CA GLU I 114 8.85 2.62 44.37
C GLU I 114 9.92 2.29 45.40
N ILE I 115 9.70 2.70 46.66
CA ILE I 115 10.74 2.56 47.67
C ILE I 115 11.07 1.10 47.91
N ARG I 116 10.06 0.22 47.90
CA ARG I 116 10.32 -1.20 48.04
C ARG I 116 11.15 -1.71 46.87
N LYS I 117 10.86 -1.23 45.67
CA LYS I 117 11.68 -1.59 44.52
C LYS I 117 13.07 -0.99 44.62
N VAL I 118 13.17 0.26 45.06
CA VAL I 118 14.48 0.88 45.27
C VAL I 118 15.24 0.14 46.36
N ALA I 119 14.56 -0.13 47.49
CA ALA I 119 15.21 -0.84 48.58
C ALA I 119 15.67 -2.23 48.17
N TYR I 120 14.86 -2.91 47.34
CA TYR I 120 15.22 -4.25 46.90
C TYR I 120 16.50 -4.24 46.08
N ALA I 121 16.66 -3.25 45.20
CA ALA I 121 17.84 -3.20 44.34
C ALA I 121 19.09 -2.86 45.13
N LEU I 122 18.97 -2.01 46.16
CA LEU I 122 20.13 -1.68 46.98
C LEU I 122 20.61 -2.91 47.75
N VAL I 123 19.68 -3.70 48.28
CA VAL I 123 20.07 -4.94 48.95
C VAL I 123 20.61 -5.94 47.94
N THR I 124 20.10 -5.91 46.71
CA THR I 124 20.64 -6.79 45.66
C THR I 124 22.13 -6.58 45.49
N LEU I 125 22.60 -5.34 45.64
CA LEU I 125 24.02 -5.08 45.57
C LEU I 125 24.73 -5.59 46.82
N LEU I 126 24.27 -5.18 48.00
CA LEU I 126 24.89 -5.62 49.24
C LEU I 126 24.83 -7.13 49.40
N HIS I 127 23.79 -7.77 48.83
CA HIS I 127 23.71 -9.23 48.89
C HIS I 127 24.98 -9.86 48.34
N ASP I 128 25.50 -9.28 47.25
CA ASP I 128 26.79 -9.60 46.66
C ASP I 128 27.93 -9.30 47.59
N SER I 129 28.19 -8.01 47.80
CA SER I 129 29.23 -7.49 48.61
C SER I 129 28.86 -7.65 50.08
N LYS I 132 32.16 -2.82 53.93
CA LYS I 132 31.61 -3.02 55.26
C LYS I 132 30.99 -1.73 55.81
N LYS I 133 31.24 -0.62 55.12
CA LYS I 133 30.64 0.67 55.44
C LYS I 133 29.84 1.15 54.23
N VAL I 134 28.62 1.61 54.47
CA VAL I 134 27.69 1.96 53.39
C VAL I 134 27.28 3.41 53.57
N SER I 135 27.31 4.17 52.49
CA SER I 135 26.77 5.51 52.52
C SER I 135 25.69 5.66 51.47
N ILE I 136 24.57 6.24 51.87
CA ILE I 136 23.37 6.39 51.07
C ILE I 136 23.12 7.88 50.92
N ILE I 137 23.38 8.41 49.72
CA ILE I 137 23.17 9.81 49.41
C ILE I 137 21.75 9.95 48.86
N PHE I 138 20.87 10.56 49.63
CA PHE I 138 19.46 10.69 49.27
C PHE I 138 19.27 11.97 48.48
N GLU I 139 19.25 11.86 47.15
CA GLU I 139 18.95 12.98 46.27
C GLU I 139 17.51 12.93 45.75
N ILE I 140 16.61 12.33 46.52
CA ILE I 140 15.20 12.29 46.20
C ILE I 140 14.45 13.03 47.31
N LYS I 141 13.17 13.30 47.06
CA LYS I 141 12.31 14.01 47.99
C LYS I 141 11.34 13.01 48.62
N ILE I 142 11.55 12.74 49.91
CA ILE I 142 10.71 11.81 50.66
C ILE I 142 10.49 12.37 52.07
N GLU I 143 9.29 12.16 52.60
CA GLU I 143 8.96 12.62 53.93
C GLU I 143 9.48 11.63 54.97
N GLU I 144 9.25 11.95 56.24
CA GLU I 144 9.80 11.13 57.32
C GLU I 144 9.22 9.72 57.30
N ALA I 145 7.90 9.61 57.11
CA ALA I 145 7.26 8.30 57.16
C ALA I 145 7.82 7.37 56.09
N LEU I 146 7.84 7.83 54.83
CA LEU I 146 8.33 6.98 53.75
C LEU I 146 9.83 6.79 53.83
N PHE I 147 10.56 7.77 54.36
CA PHE I 147 11.98 7.58 54.63
C PHE I 147 12.18 6.43 55.63
N ARG I 148 11.50 6.49 56.77
CA ARG I 148 11.54 5.39 57.73
C ARG I 148 11.13 4.07 57.08
N PHE I 149 10.10 4.10 56.22
CA PHE I 149 9.68 2.89 55.54
C PHE I 149 10.78 2.32 54.66
N PHE I 150 11.61 3.18 54.07
CA PHE I 150 12.72 2.69 53.26
C PHE I 150 13.71 1.90 54.10
N LEU I 151 13.96 2.34 55.33
CA LEU I 151 14.87 1.63 56.22
C LEU I 151 14.26 0.32 56.69
N GLU I 152 12.98 0.34 57.06
CA GLU I 152 12.31 -0.86 57.52
C GLU I 152 12.36 -1.95 56.44
N HIS I 153 12.06 -1.58 55.20
CA HIS I 153 12.04 -2.57 54.11
C HIS I 153 13.44 -2.94 53.63
N LEU I 154 14.44 -2.09 53.88
CA LEU I 154 15.81 -2.46 53.53
C LEU I 154 16.29 -3.63 54.36
N PHE I 155 16.16 -3.52 55.69
CA PHE I 155 16.57 -4.61 56.57
C PHE I 155 15.71 -5.86 56.32
N TYR I 156 14.42 -5.65 56.01
CA TYR I 156 13.54 -6.78 55.72
C TYR I 156 14.11 -7.64 54.60
N GLU I 157 14.57 -7.00 53.52
CA GLU I 157 15.13 -7.73 52.39
C GLU I 157 16.53 -8.25 52.66
N TYR I 158 17.28 -7.61 53.58
CA TYR I 158 18.69 -7.96 53.77
C TYR I 158 18.86 -9.14 54.71
N VAL I 159 18.11 -9.17 55.81
CA VAL I 159 18.19 -10.27 56.77
C VAL I 159 17.41 -11.46 56.24
N THR I 160 18.08 -12.60 56.08
CA THR I 160 17.46 -13.79 55.52
C THR I 160 17.27 -14.86 56.59
N ASP I 161 16.21 -15.66 56.42
CA ASP I 161 15.84 -16.69 57.39
C ASP I 161 16.58 -17.99 57.05
N GLU I 162 17.41 -18.45 57.98
CA GLU I 162 18.18 -19.68 57.80
C GLU I 162 17.92 -20.68 58.92
N ARG I 163 16.81 -20.52 59.65
CA ARG I 163 16.55 -21.36 60.81
C ARG I 163 16.45 -22.84 60.44
N PHE I 164 15.96 -23.16 59.25
CA PHE I 164 15.66 -24.53 58.87
C PHE I 164 16.63 -25.08 57.83
N LYS I 165 17.72 -24.38 57.56
CA LYS I 165 18.77 -24.89 56.68
C LYS I 165 19.76 -25.70 57.52
N SER I 166 20.28 -26.77 56.92
CA SER I 166 21.26 -27.61 57.61
C SER I 166 22.66 -27.00 57.60
N ALA I 167 22.95 -26.14 56.64
CA ALA I 167 24.25 -25.48 56.60
C ALA I 167 24.44 -24.61 57.84
N ASP I 168 25.70 -24.39 58.20
CA ASP I 168 26.03 -23.63 59.40
C ASP I 168 25.96 -22.14 59.12
N LYS I 169 25.39 -21.39 60.06
CA LYS I 169 25.28 -19.93 59.95
C LYS I 169 24.73 -19.52 58.58
N ASP I 174 30.68 -10.28 58.15
CA ASP I 174 29.69 -10.95 57.30
C ASP I 174 28.51 -10.03 56.97
N PHE I 175 28.62 -8.75 57.32
CA PHE I 175 27.59 -7.78 56.95
C PHE I 175 28.02 -6.40 57.43
N ILE I 176 27.46 -5.37 56.77
CA ILE I 176 27.88 -4.00 57.01
C ILE I 176 27.72 -3.64 58.48
N LYS I 177 28.72 -2.93 59.01
CA LYS I 177 28.76 -2.58 60.42
C LYS I 177 28.39 -1.13 60.70
N ASN I 178 28.41 -0.25 59.70
CA ASN I 178 28.05 1.15 59.90
C ASN I 178 27.37 1.68 58.64
N LEU I 179 26.25 2.36 58.83
CA LEU I 179 25.44 2.90 57.74
C LEU I 179 25.27 4.39 57.94
N SER I 180 25.66 5.17 56.93
CA SER I 180 25.49 6.62 56.95
C SER I 180 24.42 7.02 55.96
N LEU I 181 23.50 7.90 56.38
CA LEU I 181 22.39 8.36 55.55
C LEU I 181 22.50 9.87 55.41
N HIS I 182 22.87 10.33 54.21
CA HIS I 182 23.02 11.76 53.92
C HIS I 182 21.77 12.24 53.19
N ILE I 183 21.13 13.27 53.73
CA ILE I 183 19.87 13.77 53.18
C ILE I 183 19.74 15.23 53.58
N ALA I 184 19.14 16.02 52.70
CA ALA I 184 18.86 17.41 53.01
C ALA I 184 17.92 17.51 54.21
N ASN I 185 18.24 18.40 55.14
CA ASN I 185 17.47 18.58 56.36
C ASN I 185 17.48 17.29 57.19
N ALA I 186 18.69 16.76 57.41
CA ALA I 186 18.83 15.50 58.13
C ALA I 186 18.22 15.56 59.52
N ASP I 187 18.24 16.72 60.15
CA ASP I 187 17.72 16.81 61.52
C ASP I 187 16.26 16.42 61.60
N ALA I 188 15.50 16.59 60.51
CA ALA I 188 14.08 16.26 60.53
C ALA I 188 13.82 14.77 60.37
N TYR I 189 14.85 13.96 60.14
CA TYR I 189 14.69 12.52 59.97
C TYR I 189 15.34 11.69 61.06
N LYS I 190 16.14 12.30 61.94
CA LYS I 190 16.90 11.53 62.91
C LYS I 190 15.99 10.79 63.90
N GLY I 191 14.80 11.34 64.17
CA GLY I 191 13.87 10.71 65.08
C GLY I 191 13.22 9.44 64.55
N GLN I 192 13.53 9.04 63.33
CA GLN I 192 12.92 7.86 62.71
C GLN I 192 13.85 6.65 62.67
N ILE I 193 15.15 6.83 62.97
CA ILE I 193 16.09 5.71 62.87
C ILE I 193 15.75 4.64 63.91
N ASP I 194 15.57 5.05 65.16
CA ASP I 194 15.23 4.08 66.20
C ASP I 194 13.86 3.47 65.96
N LYS I 195 12.89 4.29 65.55
CA LYS I 195 11.57 3.75 65.25
C LYS I 195 11.62 2.69 64.15
N ALA I 196 12.54 2.85 63.20
CA ALA I 196 12.71 1.83 62.17
C ALA I 196 13.31 0.56 62.74
N ARG I 197 14.16 0.68 63.76
CA ARG I 197 14.74 -0.50 64.39
C ARG I 197 13.66 -1.36 65.04
N VAL I 198 12.69 -0.71 65.70
CA VAL I 198 11.64 -1.45 66.39
C VAL I 198 10.60 -1.95 65.39
N TYR I 199 10.20 -1.09 64.45
CA TYR I 199 9.22 -1.50 63.46
C TYR I 199 9.73 -2.66 62.62
N PHE I 200 11.03 -2.72 62.38
CA PHE I 200 11.57 -3.80 61.55
C PHE I 200 11.47 -5.13 62.28
N TYR I 201 11.95 -5.20 63.53
CA TYR I 201 11.93 -6.47 64.24
C TYR I 201 10.50 -6.95 64.48
N GLY I 202 9.59 -6.04 64.76
CA GLY I 202 8.19 -6.41 64.88
C GLY I 202 7.69 -7.14 63.64
N THR I 203 8.02 -6.60 62.46
CA THR I 203 7.68 -7.29 61.22
C THR I 203 8.51 -8.56 61.06
N TYR I 204 9.80 -8.49 61.41
CA TYR I 204 10.66 -9.66 61.30
C TYR I 204 10.23 -10.76 62.25
N TYR I 205 9.74 -10.40 63.44
CA TYR I 205 9.27 -11.39 64.40
C TYR I 205 8.02 -12.09 63.87
N ALA I 206 7.01 -11.31 63.48
CA ALA I 206 5.80 -11.90 62.92
C ALA I 206 6.13 -12.82 61.75
N ALA I 207 7.00 -12.37 60.85
CA ALA I 207 7.35 -13.19 59.68
C ALA I 207 8.00 -14.50 60.11
N GLN I 208 8.84 -14.45 61.15
CA GLN I 208 9.48 -15.68 61.62
C GLN I 208 8.46 -16.69 62.12
N LEU I 209 7.34 -16.22 62.68
CA LEU I 209 6.32 -17.14 63.15
C LEU I 209 5.50 -17.70 61.98
N ILE I 210 5.19 -16.86 60.99
CA ILE I 210 4.45 -17.32 59.83
C ILE I 210 5.26 -18.32 59.02
N ALA I 211 6.56 -18.05 58.85
CA ALA I 211 7.40 -18.93 58.05
C ALA I 211 7.66 -20.26 58.74
N ALA I 212 7.59 -20.29 60.07
CA ALA I 212 7.83 -21.53 60.80
C ALA I 212 6.80 -22.57 60.36
N PRO I 213 7.23 -23.78 59.96
CA PRO I 213 6.26 -24.80 59.55
C PRO I 213 5.32 -25.18 60.69
N SER I 214 4.29 -25.96 60.34
CA SER I 214 3.24 -26.28 61.29
C SER I 214 3.65 -27.34 62.29
N ASN I 215 4.63 -28.19 61.96
CA ASN I 215 5.14 -29.13 62.95
C ASN I 215 6.01 -28.44 63.98
N TYR I 216 6.55 -27.26 63.68
CA TYR I 216 7.28 -26.46 64.63
C TYR I 216 6.37 -25.49 65.39
N CYS I 217 5.43 -24.86 64.68
CA CYS I 217 4.56 -23.83 65.25
C CYS I 217 3.14 -24.40 65.36
N ASN I 218 2.91 -25.14 66.43
CA ASN I 218 1.60 -25.66 66.79
C ASN I 218 0.98 -24.80 67.89
N PRO I 219 -0.30 -25.01 68.19
CA PRO I 219 -0.96 -24.16 69.21
C PRO I 219 -0.20 -24.10 70.52
N VAL I 220 0.47 -25.17 70.92
CA VAL I 220 1.21 -25.17 72.17
C VAL I 220 2.52 -24.40 72.01
N SER I 221 3.27 -24.71 70.95
CA SER I 221 4.54 -24.03 70.70
C SER I 221 4.33 -22.53 70.49
N LEU I 222 3.23 -22.15 69.84
CA LEU I 222 2.98 -20.73 69.59
C LEU I 222 2.54 -20.02 70.87
N SER I 223 1.80 -20.70 71.74
CA SER I 223 1.41 -20.09 73.01
C SER I 223 2.63 -19.90 73.91
N ASN I 224 3.57 -20.84 73.87
CA ASN I 224 4.80 -20.70 74.65
C ASN I 224 5.63 -19.52 74.15
N ALA I 225 5.64 -19.30 72.82
CA ALA I 225 6.39 -18.16 72.28
C ALA I 225 5.80 -16.84 72.75
N ALA I 226 4.46 -16.76 72.82
CA ALA I 226 3.83 -15.54 73.32
C ALA I 226 4.15 -15.32 74.79
N VAL I 227 4.32 -16.40 75.56
CA VAL I 227 4.76 -16.28 76.94
C VAL I 227 6.16 -15.69 76.99
N GLU I 228 7.07 -16.23 76.17
CA GLU I 228 8.46 -15.80 76.20
C GLU I 228 8.60 -14.35 75.75
N LEU I 229 7.80 -13.92 74.77
CA LEU I 229 7.85 -12.53 74.34
C LEU I 229 7.34 -11.61 75.44
N ALA I 230 6.27 -12.00 76.14
CA ALA I 230 5.73 -11.19 77.21
C ALA I 230 6.74 -10.97 78.33
N GLN I 231 7.72 -11.86 78.47
CA GLN I 231 8.76 -11.68 79.47
C GLN I 231 9.79 -10.64 79.02
N LYS I 232 10.12 -10.62 77.73
CA LYS I 232 11.24 -9.83 77.23
C LYS I 232 10.88 -8.38 76.93
N VAL I 233 9.59 -8.05 76.80
CA VAL I 233 9.17 -6.67 76.63
C VAL I 233 8.13 -6.28 77.68
N ASN I 234 8.06 -7.05 78.77
CA ASN I 234 7.32 -6.67 79.98
C ASN I 234 5.85 -6.40 79.67
N LEU I 235 5.16 -7.48 79.31
CA LEU I 235 3.71 -7.47 79.14
C LEU I 235 3.10 -8.51 80.06
N GLU I 236 1.87 -8.27 80.48
CA GLU I 236 1.12 -9.27 81.22
C GLU I 236 0.71 -10.41 80.27
N CYS I 237 0.69 -11.62 80.80
CA CYS I 237 0.45 -12.81 80.01
C CYS I 237 -0.57 -13.71 80.69
N LYS I 238 -1.54 -14.18 79.92
CA LYS I 238 -2.57 -15.10 80.43
C LYS I 238 -2.94 -16.04 79.30
N ILE I 239 -2.66 -17.33 79.46
CA ILE I 239 -2.96 -18.36 78.48
C ILE I 239 -4.09 -19.20 79.03
N LEU I 240 -5.26 -19.11 78.40
CA LEU I 240 -6.42 -19.89 78.81
C LEU I 240 -6.40 -21.26 78.13
N ASP I 241 -6.59 -22.31 78.92
CA ASP I 241 -6.57 -23.67 78.43
C ASP I 241 -7.99 -24.21 78.30
N VAL I 242 -8.09 -25.48 77.89
CA VAL I 242 -9.37 -26.06 77.49
C VAL I 242 -10.40 -25.92 78.61
N LYS I 243 -10.01 -26.21 79.85
CA LYS I 243 -10.99 -26.26 80.93
C LYS I 243 -11.70 -24.93 81.11
N GLU I 244 -10.95 -23.84 81.27
CA GLU I 244 -11.58 -22.54 81.42
C GLU I 244 -12.29 -22.11 80.14
N LEU I 245 -11.78 -22.51 78.98
CA LEU I 245 -12.47 -22.19 77.73
C LEU I 245 -13.87 -22.81 77.71
N GLU I 246 -14.01 -24.03 78.25
CA GLU I 246 -15.33 -24.64 78.34
C GLU I 246 -16.24 -23.85 79.28
N GLU I 247 -15.72 -23.44 80.45
CA GLU I 247 -16.51 -22.66 81.39
C GLU I 247 -16.97 -21.35 80.78
N LEU I 248 -16.16 -20.76 79.89
CA LEU I 248 -16.56 -19.56 79.17
C LEU I 248 -17.47 -19.87 77.98
N LYS I 249 -17.75 -21.15 77.71
CA LYS I 249 -18.72 -21.55 76.69
C LYS I 249 -18.25 -21.17 75.29
N MET I 250 -16.96 -21.29 75.03
CA MET I 250 -16.37 -20.99 73.72
C MET I 250 -16.56 -22.21 72.81
N GLY I 251 -17.83 -22.47 72.49
CA GLY I 251 -18.14 -23.66 71.70
C GLY I 251 -17.69 -23.56 70.26
N ALA I 252 -17.90 -22.40 69.64
CA ALA I 252 -17.44 -22.22 68.26
C ALA I 252 -15.92 -22.42 68.17
N TYR I 253 -15.17 -21.74 69.03
CA TYR I 253 -13.72 -21.85 69.02
C TYR I 253 -13.27 -23.27 69.35
N LEU I 254 -13.89 -23.89 70.35
CA LEU I 254 -13.44 -25.21 70.78
C LEU I 254 -13.75 -26.27 69.74
N SER I 255 -14.89 -26.16 69.06
CA SER I 255 -15.27 -27.20 68.09
C SER I 255 -14.29 -27.26 66.92
N VAL I 256 -13.67 -26.13 66.57
CA VAL I 256 -12.73 -26.13 65.45
C VAL I 256 -11.49 -26.95 65.79
N GLY I 257 -11.06 -26.95 67.05
CA GLY I 257 -9.90 -27.69 67.48
C GLY I 257 -10.17 -29.10 67.97
N LYS I 258 -11.41 -29.59 67.87
CA LYS I 258 -11.74 -30.91 68.39
C LYS I 258 -10.87 -31.99 67.77
N GLY I 259 -10.63 -31.90 66.46
CA GLY I 259 -9.94 -32.95 65.75
C GLY I 259 -8.44 -32.80 65.69
N SER I 260 -7.88 -31.99 66.58
CA SER I 260 -6.46 -31.71 66.58
C SER I 260 -5.74 -32.47 67.69
N MET I 261 -4.46 -32.74 67.45
CA MET I 261 -3.59 -33.34 68.46
C MET I 261 -3.14 -32.33 69.51
N TYR I 262 -3.27 -31.04 69.24
CA TYR I 262 -2.78 -30.00 70.13
C TYR I 262 -3.94 -29.29 70.79
N PRO I 263 -3.90 -29.05 72.10
CA PRO I 263 -5.03 -28.36 72.75
C PRO I 263 -5.10 -26.90 72.33
N ASN I 264 -6.32 -26.37 72.33
CA ASN I 264 -6.52 -24.96 72.05
C ASN I 264 -5.81 -24.11 73.11
N LYS I 265 -5.36 -22.93 72.70
CA LYS I 265 -4.64 -22.01 73.58
C LYS I 265 -5.06 -20.58 73.22
N PHE I 266 -5.76 -19.91 74.14
CA PHE I 266 -6.21 -18.54 73.93
C PHE I 266 -5.18 -17.60 74.54
N ILE I 267 -4.51 -16.82 73.69
CA ILE I 267 -3.47 -15.90 74.15
C ILE I 267 -4.12 -14.57 74.52
N HIS I 268 -3.71 -14.02 75.66
CA HIS I 268 -4.19 -12.71 76.11
C HIS I 268 -3.01 -11.97 76.74
N LEU I 269 -2.39 -11.09 75.97
CA LEU I 269 -1.35 -10.20 76.47
C LEU I 269 -1.94 -8.83 76.71
N THR I 270 -1.55 -8.20 77.81
CA THR I 270 -2.05 -6.88 78.19
C THR I 270 -0.88 -5.92 78.35
N TYR I 271 -1.03 -4.73 77.78
CA TYR I 271 -0.11 -3.62 78.00
C TYR I 271 -0.89 -2.46 78.60
N LYS I 272 -0.40 -1.97 79.74
CA LYS I 272 -0.96 -0.78 80.40
C LYS I 272 0.14 0.26 80.51
N GLY I 273 -0.13 1.46 80.01
CA GLY I 273 0.85 2.52 79.97
C GLY I 273 0.75 3.46 81.16
N ALA I 274 1.87 4.12 81.45
CA ALA I 274 1.93 5.05 82.57
C ALA I 274 0.89 6.16 82.39
N GLN I 275 0.20 6.49 83.47
CA GLN I 275 -0.76 7.59 83.46
C GLN I 275 -0.02 8.91 83.34
N THR I 276 -0.56 9.81 82.52
CA THR I 276 0.07 11.11 82.30
C THR I 276 -0.97 12.15 81.92
N LYS I 283 -6.18 6.60 78.72
CA LYS I 283 -7.30 7.35 78.16
C LYS I 283 -8.12 6.46 77.23
N LYS I 284 -7.44 5.60 76.46
CA LYS I 284 -8.10 4.72 75.51
C LYS I 284 -7.68 3.28 75.76
N LYS I 285 -8.64 2.37 75.60
CA LYS I 285 -8.43 0.94 75.78
C LYS I 285 -8.72 0.24 74.45
N ILE I 286 -7.74 -0.52 73.96
CA ILE I 286 -7.84 -1.16 72.65
C ILE I 286 -7.72 -2.67 72.83
N ALA I 287 -8.37 -3.40 71.93
CA ALA I 287 -8.29 -4.87 71.89
C ALA I 287 -7.94 -5.29 70.48
N LEU I 288 -6.83 -5.99 70.33
CA LEU I 288 -6.34 -6.46 69.03
C LEU I 288 -6.48 -7.98 68.98
N ILE I 289 -7.21 -8.48 67.98
CA ILE I 289 -7.48 -9.90 67.83
C ILE I 289 -6.82 -10.38 66.54
N GLY I 290 -6.04 -11.45 66.64
CA GLY I 290 -5.38 -12.03 65.48
C GLY I 290 -5.76 -13.49 65.26
N LYS I 291 -6.29 -13.79 64.08
CA LYS I 291 -6.62 -15.17 63.73
C LYS I 291 -5.37 -16.03 63.81
N GLY I 292 -5.46 -17.13 64.56
CA GLY I 292 -4.30 -17.97 64.79
C GLY I 292 -4.54 -19.44 64.56
N ILE I 293 -4.83 -19.82 63.31
CA ILE I 293 -4.94 -21.22 62.92
C ILE I 293 -3.56 -21.68 62.49
N THR I 294 -2.91 -22.51 63.32
CA THR I 294 -1.53 -22.92 63.03
C THR I 294 -1.45 -23.75 61.75
N PHE I 295 -2.49 -24.51 61.45
CA PHE I 295 -2.60 -25.16 60.14
C PHE I 295 -4.07 -25.36 59.81
N ASP I 296 -4.45 -24.97 58.60
CA ASP I 296 -5.83 -25.09 58.12
C ASP I 296 -5.86 -26.13 57.01
N SER I 297 -6.10 -27.37 57.37
CA SER I 297 -6.35 -28.41 56.38
C SER I 297 -7.69 -28.22 55.68
N GLY I 298 -8.56 -27.39 56.25
CA GLY I 298 -9.93 -27.27 55.80
C GLY I 298 -10.92 -28.15 56.54
N GLY I 299 -10.44 -29.12 57.32
CA GLY I 299 -11.33 -30.05 57.98
C GLY I 299 -11.87 -31.08 56.99
N TYR I 300 -13.08 -31.57 57.28
CA TYR I 300 -13.69 -32.54 56.36
C TYR I 300 -14.03 -31.90 55.04
N ASN I 301 -14.24 -30.57 55.00
CA ASN I 301 -14.22 -29.81 53.76
C ASN I 301 -12.77 -29.61 53.30
N LEU I 302 -12.10 -30.73 53.06
CA LEU I 302 -10.67 -30.72 52.84
C LEU I 302 -10.29 -29.84 51.65
N LYS I 303 -9.09 -29.25 51.73
CA LYS I 303 -8.55 -28.44 50.65
C LYS I 303 -7.96 -29.38 49.60
N ALA I 304 -8.82 -29.86 48.69
CA ALA I 304 -8.41 -30.76 47.64
C ALA I 304 -8.66 -30.21 46.23
N ALA I 305 -9.38 -29.10 46.10
CA ALA I 305 -9.58 -28.50 44.79
C ALA I 305 -8.30 -27.85 44.32
N PRO I 306 -8.05 -27.83 43.00
CA PRO I 306 -6.85 -27.16 42.50
C PRO I 306 -6.82 -25.69 42.91
N GLY I 307 -5.64 -25.23 43.29
CA GLY I 307 -5.46 -23.85 43.70
C GLY I 307 -5.78 -23.56 45.15
N SER I 308 -6.05 -24.59 45.96
CA SER I 308 -6.38 -24.37 47.37
C SER I 308 -5.14 -24.07 48.21
N MET I 309 -3.95 -24.35 47.70
CA MET I 309 -2.70 -24.01 48.38
C MET I 309 -2.63 -24.61 49.78
N ILE I 310 -2.90 -25.92 49.87
CA ILE I 310 -2.89 -26.57 51.18
C ILE I 310 -1.48 -26.54 51.78
N ASP I 311 -0.45 -26.54 50.94
CA ASP I 311 0.92 -26.60 51.42
C ASP I 311 1.42 -25.27 51.99
N LEU I 312 0.64 -24.20 51.88
CA LEU I 312 1.00 -22.90 52.43
C LEU I 312 0.10 -22.47 53.58
N MET I 313 -0.83 -23.31 54.00
CA MET I 313 -1.80 -22.90 55.02
C MET I 313 -1.20 -22.79 56.41
N LYS I 314 0.10 -22.95 56.58
CA LYS I 314 0.74 -22.51 57.81
C LYS I 314 0.62 -21.01 58.00
N PHE I 315 0.24 -20.27 56.96
CA PHE I 315 0.11 -18.82 57.01
C PHE I 315 -1.24 -18.35 57.54
N ASP I 316 -2.14 -19.26 57.89
CA ASP I 316 -3.42 -18.88 58.48
C ASP I 316 -3.27 -18.36 59.90
N MET I 317 -2.04 -18.27 60.41
CA MET I 317 -1.74 -17.65 61.70
C MET I 317 -1.20 -16.23 61.55
N SER I 318 -1.30 -15.65 60.34
CA SER I 318 -0.66 -14.36 60.09
C SER I 318 -1.26 -13.27 60.95
N GLY I 319 -2.58 -13.28 61.14
CA GLY I 319 -3.20 -12.28 62.00
C GLY I 319 -2.66 -12.32 63.41
N CYS I 320 -2.56 -13.53 63.98
CA CYS I 320 -1.97 -13.67 65.31
C CYS I 320 -0.54 -13.13 65.33
N ALA I 321 0.23 -13.40 64.27
CA ALA I 321 1.61 -12.92 64.23
C ALA I 321 1.65 -11.40 64.17
N ALA I 322 0.82 -10.80 63.33
CA ALA I 322 0.77 -9.34 63.26
C ALA I 322 0.46 -8.73 64.62
N VAL I 323 -0.37 -9.42 65.43
CA VAL I 323 -0.69 -8.92 66.75
C VAL I 323 0.50 -9.09 67.69
N LEU I 324 1.17 -10.24 67.62
CA LEU I 324 2.32 -10.47 68.49
C LEU I 324 3.48 -9.57 68.11
N GLY I 325 3.70 -9.35 66.81
CA GLY I 325 4.74 -8.44 66.39
C GLY I 325 4.49 -7.02 66.85
N CYS I 326 3.22 -6.61 66.86
CA CYS I 326 2.87 -5.30 67.39
C CYS I 326 3.01 -5.27 68.91
N ALA I 327 2.66 -6.36 69.59
CA ALA I 327 2.89 -6.43 71.03
C ALA I 327 4.34 -6.15 71.36
N TYR I 328 5.26 -6.57 70.49
CA TYR I 328 6.67 -6.26 70.70
C TYR I 328 6.92 -4.76 70.56
N CYS I 329 6.41 -4.15 69.50
CA CYS I 329 6.59 -2.72 69.29
C CYS I 329 6.01 -1.92 70.46
N ILE I 330 4.80 -2.29 70.89
CA ILE I 330 4.17 -1.60 72.01
C ILE I 330 4.97 -1.80 73.29
N GLY I 331 5.45 -3.03 73.51
CA GLY I 331 6.16 -3.32 74.75
C GLY I 331 7.50 -2.64 74.84
N THR I 332 8.12 -2.31 73.70
CA THR I 332 9.41 -1.64 73.69
C THR I 332 9.27 -0.12 73.71
N ILE I 333 8.38 0.42 72.87
CA ILE I 333 8.22 1.87 72.81
C ILE I 333 7.54 2.38 74.08
N LYS I 334 6.60 1.61 74.62
CA LYS I 334 5.94 1.94 75.87
C LYS I 334 5.14 3.23 75.76
N PRO I 335 4.09 3.27 74.96
CA PRO I 335 3.23 4.46 74.92
C PRO I 335 2.49 4.66 76.24
N ASP I 336 2.08 5.90 76.48
CA ASP I 336 1.43 6.28 77.73
C ASP I 336 -0.06 6.47 77.51
N ASN I 337 -0.83 6.26 78.57
CA ASN I 337 -2.28 6.48 78.57
C ASN I 337 -2.97 5.66 77.48
N VAL I 338 -2.48 4.44 77.26
CA VAL I 338 -3.06 3.52 76.29
C VAL I 338 -3.04 2.12 76.88
N GLU I 339 -4.16 1.42 76.79
CA GLU I 339 -4.29 0.05 77.27
C GLU I 339 -4.64 -0.83 76.08
N VAL I 340 -3.79 -1.82 75.79
CA VAL I 340 -3.93 -2.67 74.62
C VAL I 340 -3.99 -4.12 75.08
N HIS I 341 -5.00 -4.85 74.63
CA HIS I 341 -5.11 -6.29 74.84
C HIS I 341 -4.83 -7.00 73.52
N PHE I 342 -3.88 -7.93 73.55
CA PHE I 342 -3.46 -8.68 72.37
C PHE I 342 -4.03 -10.09 72.47
N LEU I 343 -5.08 -10.35 71.70
CA LEU I 343 -5.85 -11.57 71.80
C LEU I 343 -5.67 -12.44 70.57
N SER I 344 -5.76 -13.76 70.77
CA SER I 344 -5.66 -14.71 69.68
C SER I 344 -6.12 -16.10 70.12
N ALA I 345 -7.21 -16.58 69.54
CA ALA I 345 -7.75 -17.92 69.84
C ALA I 345 -7.04 -18.90 68.92
N VAL I 346 -5.97 -19.52 69.41
CA VAL I 346 -5.12 -20.37 68.61
C VAL I 346 -5.63 -21.81 68.63
N CYS I 347 -5.60 -22.46 67.47
CA CYS I 347 -6.01 -23.85 67.35
C CYS I 347 -5.50 -24.37 66.01
N GLU I 348 -5.89 -25.60 65.68
CA GLU I 348 -5.47 -26.27 64.45
C GLU I 348 -6.66 -27.01 63.87
N ASN I 349 -6.85 -26.89 62.56
CA ASN I 349 -7.99 -27.47 61.85
C ASN I 349 -7.52 -28.74 61.12
N MET I 350 -7.93 -29.90 61.63
CA MET I 350 -7.43 -31.17 61.14
C MET I 350 -8.59 -32.13 60.86
N VAL I 351 -8.25 -33.25 60.24
CA VAL I 351 -9.20 -34.31 59.92
C VAL I 351 -8.94 -35.48 60.85
N SER I 352 -9.98 -35.96 61.51
CA SER I 352 -9.85 -37.06 62.47
C SER I 352 -11.24 -37.53 62.87
N LYS I 353 -11.27 -38.65 63.59
CA LYS I 353 -12.54 -39.15 64.12
C LYS I 353 -13.16 -38.16 65.11
N ASN I 354 -12.34 -37.35 65.76
CA ASN I 354 -12.82 -36.41 66.78
C ASN I 354 -13.22 -35.06 66.20
N SER I 355 -12.93 -34.80 64.92
CA SER I 355 -13.17 -33.48 64.35
C SER I 355 -14.67 -33.17 64.34
N TYR I 356 -14.98 -31.88 64.22
CA TYR I 356 -16.35 -31.46 64.00
C TYR I 356 -16.69 -31.63 62.52
N ARG I 357 -17.97 -31.88 62.26
CA ARG I 357 -18.40 -32.28 60.93
C ARG I 357 -19.15 -31.15 60.22
N PRO I 358 -19.14 -31.14 58.89
CA PRO I 358 -20.08 -30.29 58.16
C PRO I 358 -21.51 -30.58 58.59
N GLY I 359 -22.26 -29.53 58.90
CA GLY I 359 -23.63 -29.65 59.34
C GLY I 359 -23.82 -29.59 60.84
N ASP I 360 -22.76 -29.82 61.62
CA ASP I 360 -22.86 -29.69 63.07
C ASP I 360 -23.33 -28.29 63.43
N ILE I 361 -24.13 -28.20 64.48
CA ILE I 361 -24.58 -26.92 65.03
C ILE I 361 -23.86 -26.70 66.35
N ILE I 362 -23.19 -25.56 66.47
CA ILE I 362 -22.38 -25.23 67.64
C ILE I 362 -22.87 -23.90 68.22
N THR I 363 -22.65 -23.73 69.52
CA THR I 363 -23.07 -22.54 70.23
C THR I 363 -21.84 -21.71 70.61
N ALA I 364 -21.95 -20.40 70.40
CA ALA I 364 -20.85 -19.48 70.66
C ALA I 364 -20.93 -18.93 72.09
N SER I 365 -19.89 -18.18 72.47
CA SER I 365 -19.82 -17.63 73.83
C SER I 365 -21.04 -16.77 74.16
N ASN I 366 -21.57 -16.07 73.17
CA ASN I 366 -22.73 -15.19 73.39
C ASN I 366 -24.06 -15.93 73.27
N GLY I 367 -24.04 -17.25 73.08
CA GLY I 367 -25.26 -18.03 73.05
C GLY I 367 -25.86 -18.24 71.68
N LYS I 368 -25.30 -17.66 70.63
CA LYS I 368 -25.85 -17.80 69.30
C LYS I 368 -25.42 -19.14 68.69
N THR I 369 -26.38 -19.84 68.09
CA THR I 369 -26.12 -21.15 67.49
C THR I 369 -25.71 -20.99 66.04
N ILE I 370 -24.68 -21.73 65.64
CA ILE I 370 -24.08 -21.61 64.32
C ILE I 370 -24.14 -22.98 63.65
N GLU I 371 -24.73 -23.03 62.46
CA GLU I 371 -24.71 -24.22 61.63
C GLU I 371 -23.49 -24.15 60.72
N VAL I 372 -22.64 -25.17 60.80
CA VAL I 372 -21.37 -25.18 60.08
C VAL I 372 -21.63 -25.72 58.67
N GLY I 373 -21.84 -24.82 57.72
CA GLY I 373 -21.99 -25.21 56.34
C GLY I 373 -20.69 -25.60 55.65
N ASN I 374 -19.55 -25.18 56.20
CA ASN I 374 -18.26 -25.52 55.63
C ASN I 374 -17.21 -25.47 56.72
N THR I 375 -16.58 -26.60 57.00
CA THR I 375 -15.57 -26.64 58.05
C THR I 375 -14.31 -25.86 57.69
N ASP I 376 -14.14 -25.52 56.40
CA ASP I 376 -13.00 -24.72 55.98
C ASP I 376 -13.18 -23.24 56.31
N ALA I 377 -14.40 -22.82 56.63
CA ALA I 377 -14.67 -21.48 57.13
C ALA I 377 -14.61 -21.44 58.65
N GLU I 378 -13.52 -21.99 59.20
CA GLU I 378 -13.37 -22.10 60.65
C GLU I 378 -12.78 -20.85 61.28
N GLY I 379 -12.06 -20.03 60.51
CA GLY I 379 -11.42 -18.87 61.09
C GLY I 379 -12.40 -17.91 61.73
N ARG I 380 -13.56 -17.71 61.10
CA ARG I 380 -14.56 -16.80 61.66
C ARG I 380 -15.24 -17.38 62.89
N LEU I 381 -15.26 -18.71 63.04
CA LEU I 381 -15.83 -19.30 64.25
C LEU I 381 -14.93 -19.04 65.45
N THR I 382 -13.61 -19.16 65.27
CA THR I 382 -12.69 -18.81 66.35
C THR I 382 -12.75 -17.32 66.65
N LEU I 383 -12.80 -16.49 65.61
CA LEU I 383 -12.93 -15.05 65.83
C LEU I 383 -14.26 -14.72 66.52
N ALA I 384 -15.31 -15.49 66.22
CA ALA I 384 -16.60 -15.25 66.86
C ALA I 384 -16.46 -15.23 68.38
N ASP I 385 -15.85 -16.27 68.94
CA ASP I 385 -15.69 -16.34 70.39
C ASP I 385 -14.70 -15.28 70.89
N ALA I 386 -13.65 -15.01 70.12
CA ALA I 386 -12.67 -14.01 70.54
C ALA I 386 -13.26 -12.61 70.56
N LEU I 387 -14.24 -12.33 69.69
CA LEU I 387 -14.87 -11.02 69.68
C LEU I 387 -15.79 -10.83 70.88
N VAL I 388 -16.48 -11.90 71.30
CA VAL I 388 -17.26 -11.84 72.52
C VAL I 388 -16.33 -11.62 73.72
N TYR I 389 -15.17 -12.27 73.70
CA TYR I 389 -14.21 -12.13 74.80
C TYR I 389 -13.63 -10.72 74.84
N ALA I 390 -13.38 -10.13 73.67
CA ALA I 390 -12.80 -8.79 73.64
C ALA I 390 -13.79 -7.74 74.14
N GLU I 391 -15.05 -7.84 73.70
CA GLU I 391 -16.04 -6.84 74.09
C GLU I 391 -16.33 -6.89 75.58
N LYS I 392 -16.13 -8.05 76.22
CA LYS I 392 -16.39 -8.15 77.65
C LYS I 392 -15.37 -7.39 78.48
N LEU I 393 -14.18 -7.14 77.95
CA LEU I 393 -13.15 -6.41 78.68
C LEU I 393 -13.41 -4.91 78.73
N GLY I 394 -14.49 -4.44 78.13
CA GLY I 394 -14.83 -3.02 78.17
C GLY I 394 -13.75 -2.14 77.59
N VAL I 395 -13.53 -2.26 76.28
CA VAL I 395 -12.54 -1.47 75.59
C VAL I 395 -13.26 -0.45 74.71
N ASP I 396 -12.47 0.44 74.09
CA ASP I 396 -13.02 1.49 73.24
C ASP I 396 -13.07 1.07 71.77
N TYR I 397 -12.00 0.43 71.28
CA TYR I 397 -11.94 -0.02 69.90
C TYR I 397 -11.57 -1.51 69.88
N ILE I 398 -12.19 -2.24 68.96
CA ILE I 398 -11.85 -3.64 68.70
C ILE I 398 -11.44 -3.75 67.23
N VAL I 399 -10.23 -4.25 67.01
CA VAL I 399 -9.69 -4.40 65.66
C VAL I 399 -9.16 -5.82 65.52
N ASP I 400 -9.70 -6.56 64.56
CA ASP I 400 -9.24 -7.91 64.26
C ASP I 400 -8.53 -7.93 62.92
N ILE I 401 -7.59 -8.88 62.79
CA ILE I 401 -6.81 -9.06 61.57
C ILE I 401 -6.70 -10.56 61.31
N ALA I 402 -7.04 -10.98 60.10
CA ALA I 402 -7.19 -12.41 59.84
C ALA I 402 -7.02 -12.71 58.35
N THR I 403 -6.45 -13.89 58.07
CA THR I 403 -6.36 -14.45 56.73
C THR I 403 -7.69 -15.16 56.41
N LEU I 404 -8.72 -14.36 56.20
CA LEU I 404 -10.08 -14.89 56.20
C LEU I 404 -10.49 -15.48 54.85
N THR I 405 -10.64 -14.64 53.84
CA THR I 405 -11.22 -15.06 52.56
C THR I 405 -10.18 -14.97 51.46
N GLY I 406 -9.99 -16.08 50.76
CA GLY I 406 -9.16 -16.08 49.56
C GLY I 406 -9.73 -15.24 48.43
N ALA I 407 -11.01 -14.85 48.53
CA ALA I 407 -11.59 -13.95 47.53
C ALA I 407 -10.88 -12.61 47.48
N MET I 408 -10.10 -12.27 48.52
CA MET I 408 -9.33 -11.03 48.47
C MET I 408 -8.38 -11.02 47.27
N LEU I 409 -7.89 -12.20 46.86
CA LEU I 409 -7.02 -12.24 45.68
C LEU I 409 -7.75 -11.80 44.42
N TYR I 410 -9.07 -11.95 44.38
CA TYR I 410 -9.89 -11.52 43.26
C TYR I 410 -10.49 -10.14 43.47
N SER I 411 -10.40 -9.59 44.68
CA SER I 411 -10.92 -8.26 44.97
C SER I 411 -9.82 -7.22 44.78
N LEU I 412 -9.02 -6.99 45.82
CA LEU I 412 -7.94 -6.01 45.79
C LEU I 412 -6.59 -6.63 45.45
N GLY I 413 -6.45 -7.94 45.59
CA GLY I 413 -5.25 -8.62 45.11
C GLY I 413 -4.17 -8.82 46.16
N THR I 414 -2.92 -8.69 45.74
CA THR I 414 -1.78 -9.03 46.57
C THR I 414 -1.21 -7.84 47.33
N SER I 415 -1.60 -6.61 46.98
CA SER I 415 -0.98 -5.43 47.57
C SER I 415 -1.85 -4.75 48.62
N TYR I 416 -3.15 -4.64 48.38
CA TYR I 416 -4.05 -3.91 49.27
C TYR I 416 -4.88 -4.88 50.08
N ALA I 417 -4.84 -4.72 51.41
CA ALA I 417 -5.76 -5.42 52.27
C ALA I 417 -7.08 -4.66 52.35
N GLY I 418 -8.10 -5.33 52.88
CA GLY I 418 -9.43 -4.75 53.02
C GLY I 418 -9.78 -4.51 54.47
N VAL I 419 -10.56 -3.46 54.71
CA VAL I 419 -11.06 -3.15 56.05
C VAL I 419 -12.57 -3.00 56.00
N PHE I 420 -13.25 -3.67 56.92
CA PHE I 420 -14.68 -3.52 57.14
C PHE I 420 -14.89 -3.08 58.58
N GLY I 421 -16.07 -2.54 58.87
CA GLY I 421 -16.36 -2.12 60.23
C GLY I 421 -17.76 -1.58 60.35
N ASN I 422 -18.17 -1.40 61.60
CA ASN I 422 -19.48 -0.83 61.94
C ASN I 422 -19.38 0.63 62.38
N ASN I 423 -18.19 1.22 62.30
CA ASN I 423 -17.97 2.59 62.77
C ASN I 423 -17.09 3.31 61.76
N ASP I 424 -17.65 4.35 61.13
CA ASP I 424 -16.90 5.08 60.11
C ASP I 424 -15.67 5.76 60.72
N GLN I 425 -15.82 6.31 61.93
CA GLN I 425 -14.70 7.00 62.56
C GLN I 425 -13.52 6.06 62.80
N LEU I 426 -13.80 4.86 63.31
CA LEU I 426 -12.72 3.91 63.56
C LEU I 426 -12.09 3.43 62.26
N ILE I 427 -12.91 3.23 61.21
CA ILE I 427 -12.37 2.78 59.93
C ILE I 427 -11.37 3.80 59.39
N ASN I 428 -11.74 5.08 59.44
CA ASN I 428 -10.86 6.11 58.87
C ASN I 428 -9.55 6.22 59.64
N LYS I 429 -9.58 5.95 60.95
CA LYS I 429 -8.33 5.93 61.71
C LYS I 429 -7.44 4.77 61.29
N ILE I 430 -8.04 3.64 60.90
CA ILE I 430 -7.27 2.55 60.30
C ILE I 430 -6.68 3.00 58.97
N LEU I 431 -7.47 3.72 58.16
CA LEU I 431 -6.95 4.27 56.91
C LEU I 431 -5.81 5.24 57.19
N SER I 432 -5.99 6.10 58.21
CA SER I 432 -4.90 7.00 58.59
C SER I 432 -3.66 6.22 59.00
N SER I 433 -3.84 5.15 59.78
CA SER I 433 -2.70 4.33 60.17
C SER I 433 -2.05 3.67 58.96
N SER I 434 -2.83 3.39 57.92
CA SER I 434 -2.28 2.75 56.73
C SER I 434 -1.35 3.69 55.98
N LYS I 435 -1.72 4.97 55.87
CA LYS I 435 -0.86 5.93 55.19
C LYS I 435 0.45 6.10 55.95
N THR I 436 0.38 6.31 57.26
CA THR I 436 1.59 6.59 58.04
C THR I 436 2.46 5.36 58.19
N SER I 437 1.88 4.16 58.12
CA SER I 437 2.66 2.93 58.16
C SER I 437 3.06 2.44 56.77
N ASN I 438 2.45 2.97 55.72
CA ASN I 438 2.77 2.58 54.34
C ASN I 438 2.49 1.09 54.11
N GLU I 439 1.44 0.59 54.75
CA GLU I 439 0.91 -0.74 54.51
C GLU I 439 -0.43 -0.59 53.80
N PRO I 440 -0.50 -0.80 52.48
CA PRO I 440 -1.72 -0.42 51.75
C PRO I 440 -2.96 -1.11 52.30
N VAL I 441 -4.04 -0.34 52.38
CA VAL I 441 -5.31 -0.82 52.93
C VAL I 441 -6.44 -0.04 52.28
N TRP I 442 -7.47 -0.75 51.82
CA TRP I 442 -8.62 -0.13 51.17
C TRP I 442 -9.90 -0.50 51.92
N TRP I 443 -10.82 0.46 51.96
CA TRP I 443 -12.07 0.32 52.70
C TRP I 443 -13.12 -0.33 51.79
N LEU I 444 -13.68 -1.45 52.26
CA LEU I 444 -14.74 -2.17 51.56
C LEU I 444 -16.01 -2.15 52.42
N PRO I 445 -17.17 -2.26 51.79
CA PRO I 445 -18.43 -2.11 52.52
C PRO I 445 -18.96 -3.42 53.12
N ILE I 446 -19.83 -3.25 54.12
CA ILE I 446 -20.61 -4.33 54.70
C ILE I 446 -22.03 -4.16 54.18
N ILE I 447 -22.41 -4.95 53.18
CA ILE I 447 -23.69 -4.77 52.50
C ILE I 447 -24.74 -5.58 53.25
N ASN I 448 -25.67 -4.88 53.90
CA ASN I 448 -26.68 -5.55 54.72
C ASN I 448 -27.63 -6.41 53.91
N GLU I 449 -27.70 -6.20 52.59
CA GLU I 449 -28.61 -7.00 51.78
C GLU I 449 -28.23 -8.48 51.79
N TYR I 450 -26.96 -8.79 51.97
CA TYR I 450 -26.50 -10.17 51.98
C TYR I 450 -26.72 -10.87 53.32
N ARG I 451 -27.24 -10.15 54.33
CA ARG I 451 -27.37 -10.74 55.66
C ARG I 451 -28.32 -11.93 55.64
N SER I 452 -29.43 -11.84 54.91
CA SER I 452 -30.37 -12.95 54.86
C SER I 452 -29.72 -14.22 54.32
N SER I 453 -28.66 -14.08 53.52
CA SER I 453 -27.96 -15.25 52.99
C SER I 453 -27.28 -16.07 54.07
N LEU I 454 -27.18 -15.55 55.30
CA LEU I 454 -26.61 -16.29 56.41
C LEU I 454 -27.66 -16.95 57.29
N ASN I 455 -28.93 -16.84 56.93
CA ASN I 455 -30.01 -17.42 57.73
C ASN I 455 -29.94 -18.95 57.66
N SER I 456 -30.05 -19.60 58.80
CA SER I 456 -30.09 -21.05 58.90
C SER I 456 -31.50 -21.50 59.24
N LYS I 457 -31.92 -22.61 58.65
CA LYS I 457 -33.25 -23.15 58.93
C LYS I 457 -33.39 -23.63 60.37
N TYR I 458 -32.28 -23.97 61.02
CA TYR I 458 -32.32 -24.55 62.36
C TYR I 458 -31.50 -23.78 63.38
N ALA I 459 -30.29 -23.36 63.03
CA ALA I 459 -29.50 -22.53 63.92
C ALA I 459 -29.85 -21.05 63.72
N ASP I 460 -29.26 -20.20 64.56
CA ASP I 460 -29.45 -18.76 64.39
C ASP I 460 -28.76 -18.27 63.11
N LEU I 461 -27.51 -18.69 62.92
CA LEU I 461 -26.72 -18.29 61.77
C LEU I 461 -26.10 -19.52 61.13
N ASN I 462 -25.75 -19.38 59.86
CA ASN I 462 -24.95 -20.37 59.16
C ASN I 462 -23.52 -19.87 59.02
N ASN I 463 -22.58 -20.80 59.00
CA ASN I 463 -21.17 -20.44 58.91
C ASN I 463 -20.87 -19.71 57.62
N ILE I 464 -21.51 -20.12 56.52
CA ILE I 464 -21.25 -19.57 55.20
C ILE I 464 -22.58 -19.21 54.54
N SER I 465 -22.47 -18.57 53.37
CA SER I 465 -23.62 -18.25 52.53
C SER I 465 -23.55 -19.10 51.28
N SER I 466 -24.68 -19.71 50.91
CA SER I 466 -24.80 -20.47 49.67
C SER I 466 -25.37 -19.64 48.53
N SER I 467 -25.69 -18.37 48.77
CA SER I 467 -26.31 -17.51 47.78
C SER I 467 -25.40 -16.39 47.29
N VAL I 468 -24.58 -15.82 48.15
CA VAL I 468 -23.73 -14.68 47.82
C VAL I 468 -22.31 -15.17 47.61
N LYS I 469 -21.72 -14.81 46.47
CA LYS I 469 -20.35 -15.17 46.14
C LYS I 469 -19.34 -14.15 46.63
N ALA I 470 -19.80 -12.99 47.11
CA ALA I 470 -18.92 -11.99 47.73
C ALA I 470 -18.47 -12.49 49.09
N SER I 471 -17.36 -13.21 49.13
CA SER I 471 -16.95 -13.92 50.35
C SER I 471 -16.65 -12.96 51.49
N SER I 472 -15.81 -11.95 51.23
CA SER I 472 -15.36 -11.07 52.30
C SER I 472 -16.52 -10.29 52.90
N VAL I 473 -17.47 -9.86 52.07
CA VAL I 473 -18.61 -9.12 52.58
C VAL I 473 -19.47 -10.01 53.47
N VAL I 474 -19.68 -11.26 53.05
CA VAL I 474 -20.47 -12.19 53.86
C VAL I 474 -19.76 -12.48 55.18
N ALA I 475 -18.45 -12.71 55.13
CA ALA I 475 -17.71 -13.04 56.34
C ALA I 475 -17.78 -11.90 57.35
N SER I 476 -17.70 -10.66 56.88
CA SER I 476 -17.79 -9.52 57.79
C SER I 476 -19.16 -9.44 58.44
N LEU I 477 -20.22 -9.78 57.68
CA LEU I 477 -21.56 -9.82 58.26
C LEU I 477 -21.65 -10.87 59.36
N PHE I 478 -20.88 -11.96 59.24
CA PHE I 478 -20.89 -13.00 60.26
C PHE I 478 -20.22 -12.53 61.54
N LEU I 479 -19.03 -11.94 61.41
CA LEU I 479 -18.32 -11.44 62.58
C LEU I 479 -19.10 -10.34 63.28
N LYS I 480 -19.83 -9.51 62.53
CA LYS I 480 -20.60 -8.44 63.14
C LYS I 480 -21.64 -8.97 64.12
N GLU I 481 -22.09 -10.21 63.93
CA GLU I 481 -23.08 -10.79 64.82
C GLU I 481 -22.54 -11.07 66.22
N PHE I 482 -21.25 -10.82 66.46
CA PHE I 482 -20.63 -11.06 67.76
C PHE I 482 -20.02 -9.79 68.33
N ILE I 483 -20.42 -8.63 67.82
CA ILE I 483 -20.08 -7.33 68.38
C ILE I 483 -21.39 -6.55 68.48
N GLU I 484 -21.82 -6.26 69.70
CA GLU I 484 -23.16 -5.71 69.91
C GLU I 484 -23.16 -4.19 70.12
N ASN I 485 -22.15 -3.63 70.77
CA ASN I 485 -22.21 -2.22 71.17
C ASN I 485 -20.89 -1.47 71.02
N THR I 486 -19.90 -2.03 70.33
CA THR I 486 -18.56 -1.44 70.32
C THR I 486 -18.10 -1.19 68.89
N PRO I 487 -17.51 -0.02 68.62
CA PRO I 487 -16.91 0.21 67.29
C PRO I 487 -15.85 -0.86 67.01
N TRP I 488 -16.00 -1.51 65.86
CA TRP I 488 -15.18 -2.66 65.51
C TRP I 488 -14.77 -2.56 64.05
N ALA I 489 -13.51 -2.91 63.78
CA ALA I 489 -12.96 -2.94 62.43
C ALA I 489 -12.30 -4.29 62.18
N HIS I 490 -12.38 -4.76 60.95
CA HIS I 490 -11.90 -6.09 60.57
C HIS I 490 -10.98 -5.93 59.36
N ILE I 491 -9.75 -6.43 59.49
CA ILE I 491 -8.73 -6.31 58.46
C ILE I 491 -8.51 -7.69 57.85
N ASP I 492 -8.88 -7.84 56.57
CA ASP I 492 -8.69 -9.09 55.84
C ASP I 492 -7.35 -9.03 55.11
N ILE I 493 -6.42 -9.91 55.49
CA ILE I 493 -5.08 -9.91 54.93
C ILE I 493 -4.78 -11.23 54.20
N ALA I 494 -5.82 -11.95 53.78
CA ALA I 494 -5.60 -13.23 53.12
C ALA I 494 -4.81 -13.06 51.82
N GLY I 495 -5.01 -11.95 51.13
CA GLY I 495 -4.37 -11.75 49.84
C GLY I 495 -3.01 -11.10 49.91
N VAL I 496 -2.75 -10.32 50.96
CA VAL I 496 -1.49 -9.59 51.06
C VAL I 496 -0.48 -10.27 51.99
N SER I 497 -0.90 -11.24 52.78
CA SER I 497 -0.03 -11.77 53.84
C SER I 497 1.22 -12.41 53.26
N TRP I 498 1.04 -13.37 52.34
CA TRP I 498 2.15 -14.15 51.80
C TRP I 498 2.56 -13.62 50.43
N ASN I 499 3.86 -13.44 50.24
CA ASN I 499 4.42 -13.04 48.95
C ASN I 499 4.65 -14.31 48.14
N PHE I 500 3.76 -14.57 47.18
CA PHE I 500 3.81 -15.84 46.45
C PHE I 500 5.03 -15.91 45.54
N LYS I 501 5.36 -14.80 44.87
CA LYS I 501 6.52 -14.81 43.99
C LYS I 501 7.82 -14.98 44.79
N ALA I 502 7.94 -14.28 45.91
CA ALA I 502 9.13 -14.39 46.75
C ALA I 502 9.11 -15.62 47.65
N ARG I 503 7.93 -16.20 47.89
CA ARG I 503 7.80 -17.41 48.70
C ARG I 503 8.23 -17.16 50.15
N LYS I 504 7.70 -16.09 50.73
CA LYS I 504 8.01 -15.73 52.10
C LYS I 504 6.92 -14.79 52.62
N PRO I 505 6.75 -14.68 53.94
CA PRO I 505 5.74 -13.78 54.48
C PRO I 505 6.23 -12.35 54.53
N LYS I 506 5.26 -11.43 54.61
CA LYS I 506 5.54 -10.01 54.66
C LYS I 506 5.51 -9.43 56.07
N GLY I 507 4.97 -10.17 57.04
CA GLY I 507 4.71 -9.57 58.34
C GLY I 507 3.69 -8.46 58.28
N PHE I 508 2.77 -8.53 57.32
CA PHE I 508 1.81 -7.45 57.10
C PHE I 508 0.96 -7.21 58.33
N GLY I 509 0.75 -5.94 58.65
CA GLY I 509 -0.15 -5.52 59.70
C GLY I 509 0.52 -5.09 60.99
N VAL I 510 1.76 -5.52 61.22
CA VAL I 510 2.43 -5.19 62.48
C VAL I 510 2.45 -3.68 62.69
N ARG I 511 3.02 -2.95 61.72
CA ARG I 511 3.22 -1.51 61.90
C ARG I 511 1.94 -0.72 61.65
N LEU I 512 1.02 -1.26 60.85
CA LEU I 512 -0.29 -0.63 60.73
C LEU I 512 -0.99 -0.59 62.08
N LEU I 513 -1.01 -1.72 62.79
CA LEU I 513 -1.65 -1.75 64.11
C LEU I 513 -0.84 -0.96 65.12
N THR I 514 0.49 -1.01 65.03
CA THR I 514 1.32 -0.24 65.94
C THR I 514 1.00 1.25 65.87
N GLU I 515 1.03 1.82 64.67
CA GLU I 515 0.75 3.24 64.53
C GLU I 515 -0.70 3.57 64.87
N PHE I 516 -1.61 2.60 64.71
CA PHE I 516 -2.98 2.82 65.17
C PHE I 516 -3.02 3.04 66.68
N VAL I 517 -2.24 2.26 67.42
CA VAL I 517 -2.21 2.39 68.87
C VAL I 517 -1.51 3.67 69.29
N LEU I 518 -0.31 3.90 68.75
CA LEU I 518 0.50 5.03 69.18
C LEU I 518 -0.19 6.35 68.90
N ASN I 519 -0.71 6.52 67.68
CA ASN I 519 -1.25 7.82 67.24
C ASN I 519 -2.76 7.89 67.47
N ASP I 520 -3.17 7.66 68.72
CA ASP I 520 -4.58 7.78 69.10
C ASP I 520 -4.70 8.53 70.43
N THR J 3 5.02 -60.79 66.13
CA THR J 3 4.62 -59.53 66.74
C THR J 3 3.14 -59.28 66.53
N THR J 4 2.44 -58.92 67.61
CA THR J 4 1.00 -58.74 67.55
C THR J 4 0.64 -57.60 66.60
N VAL J 5 -0.35 -57.86 65.75
CA VAL J 5 -0.84 -56.86 64.79
C VAL J 5 -1.98 -56.10 65.47
N PRO J 6 -1.90 -54.77 65.57
CA PRO J 6 -2.98 -54.03 66.21
C PRO J 6 -4.28 -54.14 65.42
N GLN J 7 -5.39 -54.25 66.15
CA GLN J 7 -6.71 -54.40 65.57
C GLN J 7 -7.64 -53.31 66.06
N VAL J 8 -8.58 -52.90 65.20
CA VAL J 8 -9.65 -52.00 65.60
C VAL J 8 -10.86 -52.78 66.09
N VAL J 9 -11.18 -53.89 65.43
CA VAL J 9 -12.21 -54.82 65.86
C VAL J 9 -11.60 -56.22 65.88
N SER J 10 -12.28 -57.13 66.59
CA SER J 10 -11.74 -58.48 66.77
C SER J 10 -11.71 -59.28 65.47
N LEU J 11 -12.43 -58.86 64.45
CA LEU J 11 -12.46 -59.56 63.18
C LEU J 11 -11.41 -59.03 62.19
N ASP J 12 -10.68 -57.99 62.56
CA ASP J 12 -9.58 -57.51 61.72
C ASP J 12 -8.55 -58.62 61.57
N PRO J 13 -8.11 -58.94 60.35
CA PRO J 13 -7.12 -60.01 60.20
C PRO J 13 -5.80 -59.66 60.86
N THR J 14 -5.09 -60.69 61.30
CA THR J 14 -3.80 -60.54 61.97
C THR J 14 -2.66 -61.19 61.20
N THR J 15 -2.93 -61.81 60.05
CA THR J 15 -1.92 -62.49 59.27
C THR J 15 -2.15 -62.21 57.80
N ILE J 16 -1.08 -62.25 57.02
CA ILE J 16 -1.15 -62.24 55.56
C ILE J 16 -1.21 -63.70 55.11
N PRO J 17 -2.33 -64.18 54.59
CA PRO J 17 -2.37 -65.58 54.10
C PRO J 17 -1.44 -65.74 52.92
N ILE J 18 -0.47 -66.65 53.05
CA ILE J 18 0.54 -66.89 52.02
C ILE J 18 0.49 -68.36 51.64
N ASP J 19 0.60 -68.63 50.34
CA ASP J 19 0.64 -69.99 49.81
C ASP J 19 2.10 -70.32 49.46
N TYR J 20 2.77 -71.02 50.38
CA TYR J 20 4.14 -71.47 50.15
C TYR J 20 4.20 -72.77 49.35
N HIS J 21 3.06 -73.33 48.96
CA HIS J 21 3.00 -74.53 48.14
C HIS J 21 2.00 -74.30 47.01
N THR J 22 2.48 -74.42 45.78
CA THR J 22 1.65 -74.25 44.60
C THR J 22 1.37 -75.59 43.95
N PRO J 23 0.36 -75.67 43.08
CA PRO J 23 0.18 -76.90 42.28
C PRO J 23 1.41 -77.25 41.44
N ILE J 24 2.25 -76.27 41.12
CA ILE J 24 3.46 -76.56 40.37
C ILE J 24 4.41 -77.43 41.18
N ASP J 25 4.36 -77.35 42.52
CA ASP J 25 5.21 -78.17 43.35
C ASP J 25 4.90 -79.66 43.20
N ASP J 26 3.68 -80.00 42.81
CA ASP J 26 3.29 -81.37 42.53
C ASP J 26 3.20 -81.63 41.04
N LEU J 27 3.97 -80.92 40.24
CA LEU J 27 3.98 -81.13 38.80
C LEU J 27 5.40 -81.39 38.34
N SER J 28 5.59 -82.57 37.75
CA SER J 28 6.88 -83.02 37.26
C SER J 28 7.06 -82.53 35.83
N ILE J 29 8.20 -81.93 35.56
CA ILE J 29 8.53 -81.38 34.26
C ILE J 29 9.65 -82.22 33.65
N GLU J 30 9.49 -82.54 32.36
CA GLU J 30 10.42 -83.37 31.61
C GLU J 30 10.66 -82.70 30.25
N VAL J 31 11.92 -82.59 29.86
CA VAL J 31 12.29 -82.08 28.53
C VAL J 31 12.76 -83.27 27.70
N LYS J 32 12.20 -83.40 26.50
CA LYS J 32 12.51 -84.50 25.60
C LYS J 32 12.97 -83.94 24.26
N ASP J 33 13.90 -84.66 23.62
CA ASP J 33 14.37 -84.25 22.29
C ASP J 33 13.29 -84.54 21.25
N ILE J 34 13.00 -83.55 20.42
CA ILE J 34 11.97 -83.71 19.39
C ILE J 34 12.50 -84.59 18.27
N LEU J 45 -3.35 -84.52 27.01
CA LEU J 45 -3.46 -83.45 26.02
C LEU J 45 -2.12 -83.18 25.36
N ILE J 46 -2.13 -83.08 24.02
CA ILE J 46 -0.95 -82.79 23.21
C ILE J 46 -1.21 -81.47 22.49
N VAL J 47 -0.41 -80.46 22.80
CA VAL J 47 -0.57 -79.13 22.21
C VAL J 47 0.68 -78.80 21.41
N PHE J 48 0.49 -78.29 20.19
CA PHE J 48 1.59 -77.96 19.29
C PHE J 48 1.61 -76.46 19.07
N LEU J 49 2.79 -75.85 19.23
CA LEU J 49 2.97 -74.42 19.01
C LEU J 49 3.57 -74.22 17.63
N LEU J 50 2.78 -73.65 16.73
CA LEU J 50 3.16 -73.45 15.33
C LEU J 50 3.32 -71.97 15.02
N ASN J 51 4.02 -71.70 13.93
CA ASN J 51 4.19 -70.35 13.42
C ASN J 51 3.23 -70.11 12.27
N SER J 52 3.07 -68.83 11.92
CA SER J 52 2.18 -68.46 10.82
C SER J 52 2.56 -69.21 9.55
N GLN J 53 1.57 -69.87 8.96
CA GLN J 53 1.67 -70.50 7.65
C GLN J 53 2.56 -71.74 7.63
N ILE J 54 3.00 -72.23 8.80
CA ILE J 54 3.78 -73.45 8.87
C ILE J 54 2.83 -74.62 9.08
N LYS J 55 3.34 -75.84 9.04
CA LYS J 55 2.54 -77.04 9.22
C LYS J 55 3.19 -77.93 10.27
N ILE J 56 2.37 -78.80 10.86
CA ILE J 56 2.84 -79.67 11.93
C ILE J 56 3.84 -80.68 11.38
N ASN J 57 4.73 -81.17 12.25
CA ASN J 57 5.75 -82.13 11.87
C ASN J 57 5.50 -83.46 12.59
N THR J 78 -4.57 -71.64 10.89
CA THR J 78 -3.73 -70.58 10.36
C THR J 78 -2.40 -70.50 11.12
N GLY J 79 -2.49 -70.37 12.43
CA GLY J 79 -1.31 -70.24 13.27
C GLY J 79 -0.97 -68.81 13.65
N LYS J 80 -1.91 -67.88 13.53
CA LYS J 80 -1.64 -66.50 13.94
C LYS J 80 -1.44 -66.43 15.46
N LEU J 81 -0.78 -65.36 15.89
CA LEU J 81 -0.50 -65.16 17.31
C LEU J 81 -1.79 -65.15 18.10
N GLY J 82 -1.90 -66.06 19.06
CA GLY J 82 -3.08 -66.21 19.87
C GLY J 82 -4.02 -67.30 19.41
N THR J 83 -3.94 -67.70 18.13
CA THR J 83 -4.75 -68.79 17.62
C THR J 83 -4.70 -69.98 18.55
N SER J 84 -5.77 -70.78 18.53
CA SER J 84 -5.84 -71.99 19.35
C SER J 84 -6.76 -72.99 18.69
N LYS J 85 -6.80 -74.20 19.24
CA LYS J 85 -7.66 -75.26 18.74
C LYS J 85 -8.95 -75.34 19.55
N SER J 98 -7.48 -85.63 23.65
CA SER J 98 -7.62 -84.36 22.97
C SER J 98 -6.31 -83.93 22.31
N LEU J 99 -6.38 -82.86 21.52
CA LEU J 99 -5.23 -82.35 20.79
C LEU J 99 -5.54 -80.92 20.36
N ALA J 100 -4.52 -80.06 20.37
CA ALA J 100 -4.73 -78.66 20.06
C ALA J 100 -3.50 -78.07 19.38
N TYR J 101 -3.71 -76.89 18.79
CA TYR J 101 -2.67 -76.17 18.06
C TYR J 101 -2.76 -74.70 18.43
N VAL J 102 -1.65 -74.13 18.90
CA VAL J 102 -1.60 -72.71 19.29
C VAL J 102 -0.65 -71.99 18.33
N GLY J 103 -1.01 -70.77 17.96
CA GLY J 103 -0.22 -69.98 17.03
C GLY J 103 0.69 -69.02 17.76
N CYS J 104 1.90 -68.82 17.20
CA CYS J 104 2.89 -67.95 17.79
C CYS J 104 3.33 -66.84 16.83
N GLY J 105 2.57 -66.61 15.76
CA GLY J 105 2.87 -65.56 14.82
C GLY J 105 3.98 -65.93 13.86
N PRO J 106 4.55 -64.94 13.20
CA PRO J 106 5.64 -65.22 12.25
C PRO J 106 6.85 -65.81 12.96
N ALA J 107 7.54 -66.71 12.26
CA ALA J 107 8.68 -67.40 12.85
C ALA J 107 9.87 -66.46 12.99
N ASN J 108 10.73 -66.77 13.96
CA ASN J 108 11.94 -65.99 14.22
C ASN J 108 11.62 -64.53 14.52
N GLU J 109 10.47 -64.27 15.13
CA GLU J 109 10.06 -62.92 15.48
C GLU J 109 9.41 -62.85 16.85
N GLU J 110 9.72 -63.79 17.73
CA GLU J 110 9.03 -63.95 18.99
C GLU J 110 9.82 -63.27 20.10
N THR J 111 9.17 -62.33 20.79
CA THR J 111 9.73 -61.63 21.93
C THR J 111 9.09 -62.17 23.20
N GLU J 112 9.40 -61.52 24.33
CA GLU J 112 8.67 -61.82 25.56
C GLU J 112 7.18 -61.52 25.40
N LEU J 113 6.84 -60.57 24.52
CA LEU J 113 5.44 -60.26 24.27
C LEU J 113 4.71 -61.47 23.67
N GLU J 114 5.23 -62.01 22.57
CA GLU J 114 4.56 -63.11 21.90
C GLU J 114 4.41 -64.32 22.82
N ILE J 115 5.47 -64.66 23.56
CA ILE J 115 5.42 -65.83 24.43
C ILE J 115 4.37 -65.63 25.51
N ARG J 116 4.23 -64.40 26.01
CA ARG J 116 3.20 -64.14 27.03
C ARG J 116 1.81 -64.43 26.49
N LYS J 117 1.54 -64.04 25.25
CA LYS J 117 0.25 -64.34 24.64
C LYS J 117 0.09 -65.83 24.38
N VAL J 118 1.18 -66.49 23.96
CA VAL J 118 1.12 -67.94 23.77
C VAL J 118 0.85 -68.64 25.09
N ALA J 119 1.48 -68.15 26.17
CA ALA J 119 1.35 -68.82 27.46
C ALA J 119 -0.08 -68.81 27.96
N TYR J 120 -0.78 -67.68 27.86
CA TYR J 120 -2.13 -67.59 28.37
C TYR J 120 -3.13 -68.29 27.44
N ALA J 121 -2.97 -68.11 26.12
CA ALA J 121 -3.82 -68.84 25.18
C ALA J 121 -3.78 -70.34 25.46
N LEU J 122 -2.63 -70.85 25.91
CA LEU J 122 -2.52 -72.24 26.30
C LEU J 122 -3.18 -72.49 27.65
N VAL J 123 -2.97 -71.58 28.61
CA VAL J 123 -3.60 -71.73 29.91
C VAL J 123 -5.12 -71.62 29.80
N THR J 124 -5.62 -70.86 28.82
CA THR J 124 -7.05 -70.76 28.62
C THR J 124 -7.68 -72.12 28.37
N LEU J 125 -6.96 -73.03 27.74
CA LEU J 125 -7.54 -74.36 27.56
C LEU J 125 -7.21 -75.28 28.73
N LEU J 126 -6.11 -75.03 29.45
CA LEU J 126 -5.94 -75.74 30.71
C LEU J 126 -7.00 -75.35 31.74
N HIS J 127 -7.43 -74.09 31.72
CA HIS J 127 -8.48 -73.62 32.60
C HIS J 127 -9.86 -74.11 32.17
N ASP J 128 -10.03 -74.44 30.90
CA ASP J 128 -11.29 -74.95 30.36
C ASP J 128 -11.20 -76.45 30.10
N SER J 129 -10.60 -77.18 31.03
CA SER J 129 -10.42 -78.61 30.92
C SER J 129 -9.96 -79.14 32.27
N LYS J 130 -9.78 -80.46 32.36
CA LYS J 130 -9.13 -81.07 33.50
C LYS J 130 -7.88 -81.75 32.98
N HIS J 131 -7.90 -83.07 32.77
CA HIS J 131 -6.75 -83.78 32.20
C HIS J 131 -5.59 -83.79 33.20
N LYS J 132 -4.82 -84.88 33.21
CA LYS J 132 -3.72 -85.05 34.15
C LYS J 132 -2.35 -84.96 33.51
N LYS J 133 -2.19 -85.41 32.27
CA LYS J 133 -0.91 -85.38 31.57
C LYS J 133 -0.99 -84.43 30.38
N VAL J 134 0.10 -83.70 30.16
CA VAL J 134 0.18 -82.72 29.08
C VAL J 134 1.50 -82.89 28.35
N SER J 135 1.51 -82.47 27.08
CA SER J 135 2.71 -82.54 26.25
C SER J 135 2.71 -81.36 25.29
N ILE J 136 3.68 -80.47 25.44
CA ILE J 136 3.82 -79.30 24.58
C ILE J 136 4.87 -79.62 23.52
N ILE J 137 4.48 -79.55 22.25
CA ILE J 137 5.39 -79.82 21.13
C ILE J 137 5.79 -78.48 20.56
N PHE J 138 7.04 -78.08 20.76
CA PHE J 138 7.51 -76.77 20.35
C PHE J 138 8.10 -76.88 18.95
N GLU J 139 7.35 -76.43 17.96
CA GLU J 139 7.77 -76.40 16.55
C GLU J 139 8.25 -75.02 16.15
N ILE J 140 9.02 -74.36 17.01
CA ILE J 140 9.57 -73.04 16.76
C ILE J 140 10.94 -72.98 17.42
N LYS J 141 11.64 -71.86 17.18
CA LYS J 141 12.98 -71.65 17.73
C LYS J 141 12.92 -70.60 18.82
N ILE J 142 13.36 -70.96 20.03
CA ILE J 142 13.21 -70.10 21.19
C ILE J 142 14.54 -69.52 21.64
N GLU J 143 15.36 -70.35 22.31
CA GLU J 143 16.55 -69.95 23.05
C GLU J 143 16.27 -70.16 24.54
N GLU J 144 17.31 -70.51 25.31
CA GLU J 144 17.12 -70.93 26.70
C GLU J 144 16.31 -69.91 27.50
N ALA J 145 16.82 -68.68 27.61
CA ALA J 145 16.18 -67.70 28.48
C ALA J 145 14.71 -67.49 28.10
N LEU J 146 14.42 -67.36 26.80
CA LEU J 146 13.04 -67.21 26.36
C LEU J 146 12.23 -68.48 26.61
N PHE J 147 12.86 -69.64 26.53
CA PHE J 147 12.19 -70.89 26.84
C PHE J 147 11.81 -70.97 28.31
N ARG J 148 12.71 -70.51 29.20
CA ARG J 148 12.40 -70.47 30.62
C ARG J 148 11.28 -69.48 30.90
N PHE J 149 11.32 -68.32 30.25
CA PHE J 149 10.27 -67.32 30.48
C PHE J 149 8.90 -67.86 30.14
N PHE J 150 8.80 -68.69 29.09
CA PHE J 150 7.52 -69.27 28.72
C PHE J 150 6.98 -70.16 29.83
N LEU J 151 7.84 -70.94 30.47
CA LEU J 151 7.40 -71.81 31.56
C LEU J 151 6.95 -70.99 32.76
N GLU J 152 7.69 -69.94 33.11
CA GLU J 152 7.33 -69.13 34.27
C GLU J 152 6.01 -68.42 34.06
N HIS J 153 5.77 -67.90 32.85
CA HIS J 153 4.52 -67.22 32.59
C HIS J 153 3.36 -68.19 32.44
N LEU J 154 3.64 -69.43 32.03
CA LEU J 154 2.60 -70.45 32.02
C LEU J 154 2.08 -70.70 33.42
N PHE J 155 2.99 -70.87 34.39
CA PHE J 155 2.57 -71.10 35.77
C PHE J 155 1.94 -69.83 36.36
N TYR J 156 2.45 -68.66 35.99
CA TYR J 156 1.92 -67.42 36.54
C TYR J 156 0.45 -67.25 36.22
N GLU J 157 0.03 -67.66 35.02
CA GLU J 157 -1.36 -67.57 34.61
C GLU J 157 -2.17 -68.80 34.99
N TYR J 158 -1.51 -69.90 35.34
CA TYR J 158 -2.23 -71.14 35.64
C TYR J 158 -2.72 -71.17 37.08
N VAL J 159 -1.90 -70.72 38.03
CA VAL J 159 -2.24 -70.78 39.45
C VAL J 159 -3.07 -69.54 39.79
N THR J 160 -4.28 -69.77 40.29
CA THR J 160 -5.17 -68.68 40.67
C THR J 160 -5.01 -68.35 42.15
N ASP J 161 -5.32 -67.10 42.48
CA ASP J 161 -5.28 -66.62 43.86
C ASP J 161 -6.70 -66.66 44.41
N GLU J 162 -6.96 -67.61 45.32
CA GLU J 162 -8.27 -67.78 45.92
C GLU J 162 -8.23 -67.63 47.44
N ARG J 163 -7.22 -66.93 47.97
CA ARG J 163 -7.08 -66.78 49.41
C ARG J 163 -8.23 -65.99 50.03
N PHE J 164 -8.95 -65.19 49.24
CA PHE J 164 -10.00 -64.32 49.77
C PHE J 164 -11.38 -64.66 49.20
N LYS J 165 -11.53 -65.84 48.63
CA LYS J 165 -12.83 -66.28 48.12
C LYS J 165 -13.56 -67.10 49.19
N SER J 166 -14.88 -67.03 49.16
CA SER J 166 -15.68 -67.77 50.13
C SER J 166 -15.72 -69.27 49.81
N ALA J 167 -15.87 -69.62 48.54
CA ALA J 167 -15.89 -71.02 48.12
C ALA J 167 -14.57 -71.69 48.48
N ASP J 174 -8.49 -79.54 40.89
CA ASP J 174 -7.48 -80.42 40.32
C ASP J 174 -6.63 -79.68 39.30
N PHE J 175 -5.36 -80.06 39.21
CA PHE J 175 -4.41 -79.42 38.30
C PHE J 175 -3.58 -80.50 37.63
N ILE J 176 -2.78 -80.08 36.64
CA ILE J 176 -1.92 -81.02 35.92
C ILE J 176 -0.96 -81.68 36.90
N LYS J 177 -0.65 -82.96 36.64
CA LYS J 177 0.23 -83.74 37.49
C LYS J 177 1.62 -83.92 36.90
N ASN J 178 1.75 -84.03 35.59
CA ASN J 178 3.04 -84.24 34.95
C ASN J 178 3.06 -83.50 33.62
N LEU J 179 4.13 -82.73 33.40
CA LEU J 179 4.30 -81.95 32.17
C LEU J 179 5.51 -82.47 31.41
N SER J 180 5.39 -82.52 30.09
CA SER J 180 6.47 -83.00 29.23
C SER J 180 6.79 -82.00 28.13
N HIS J 182 7.82 -81.59 22.50
CA HIS J 182 9.10 -81.45 23.17
C HIS J 182 9.93 -80.34 22.52
N ILE J 183 11.22 -80.29 22.86
CA ILE J 183 12.13 -79.27 22.34
C ILE J 183 13.22 -79.97 21.53
N ALA J 184 13.99 -79.16 20.80
CA ALA J 184 15.11 -79.65 20.01
C ALA J 184 16.41 -79.47 20.79
N ASN J 185 17.29 -80.48 20.70
CA ASN J 185 18.54 -80.51 21.46
C ASN J 185 18.26 -80.88 22.92
N ALA J 186 17.30 -80.18 23.54
CA ALA J 186 16.78 -80.59 24.84
C ALA J 186 17.81 -80.41 25.96
N ASP J 187 18.97 -81.06 25.84
CA ASP J 187 19.99 -80.95 26.89
C ASP J 187 20.36 -79.50 27.14
N ALA J 188 20.27 -78.63 26.13
CA ALA J 188 20.55 -77.22 26.31
C ALA J 188 19.49 -76.53 27.15
N TYR J 189 18.29 -77.09 27.24
CA TYR J 189 17.19 -76.51 28.00
C TYR J 189 16.96 -77.17 29.35
N LYS J 190 17.52 -78.36 29.57
CA LYS J 190 17.21 -79.12 30.78
C LYS J 190 17.45 -78.33 32.05
N GLY J 191 18.46 -77.45 32.06
CA GLY J 191 18.82 -76.73 33.26
C GLY J 191 17.94 -75.55 33.61
N GLN J 192 17.11 -75.10 32.67
CA GLN J 192 16.23 -73.97 32.92
C GLN J 192 14.92 -74.37 33.61
N ILE J 193 14.64 -75.67 33.72
CA ILE J 193 13.40 -76.11 34.35
C ILE J 193 13.41 -75.78 35.84
N ASP J 194 14.49 -76.13 36.54
CA ASP J 194 14.58 -75.82 37.96
C ASP J 194 14.70 -74.32 38.20
N LYS J 195 15.33 -73.60 37.27
CA LYS J 195 15.40 -72.14 37.40
C LYS J 195 14.03 -71.50 37.23
N ALA J 196 13.16 -72.12 36.44
CA ALA J 196 11.83 -71.56 36.24
C ALA J 196 10.95 -71.73 37.47
N ARG J 197 11.06 -72.88 38.14
CA ARG J 197 10.23 -73.13 39.31
C ARG J 197 10.58 -72.20 40.46
N VAL J 198 11.87 -71.93 40.66
CA VAL J 198 12.28 -70.95 41.67
C VAL J 198 11.84 -69.55 41.23
N TYR J 199 12.14 -69.18 39.99
CA TYR J 199 11.76 -67.86 39.50
C TYR J 199 10.25 -67.68 39.53
N PHE J 200 9.51 -68.74 39.20
CA PHE J 200 8.05 -68.65 39.21
C PHE J 200 7.54 -68.26 40.59
N TYR J 201 7.94 -69.01 41.61
CA TYR J 201 7.37 -68.75 42.94
C TYR J 201 7.82 -67.40 43.49
N GLY J 202 9.05 -66.98 43.18
CA GLY J 202 9.47 -65.65 43.59
C GLY J 202 8.52 -64.58 43.12
N THR J 203 8.14 -64.65 41.83
CA THR J 203 7.17 -63.70 41.30
C THR J 203 5.78 -63.96 41.88
N TYR J 204 5.40 -65.24 42.00
CA TYR J 204 4.12 -65.58 42.62
C TYR J 204 4.07 -65.09 44.06
N TYR J 205 5.16 -65.27 44.80
CA TYR J 205 5.20 -64.77 46.17
C TYR J 205 5.00 -63.26 46.22
N ALA J 206 5.78 -62.52 45.44
CA ALA J 206 5.64 -61.07 45.41
C ALA J 206 4.23 -60.67 44.99
N ALA J 207 3.62 -61.43 44.08
CA ALA J 207 2.26 -61.10 43.64
C ALA J 207 1.24 -61.32 44.75
N GLN J 208 1.47 -62.30 45.62
CA GLN J 208 0.54 -62.54 46.71
C GLN J 208 0.60 -61.43 47.74
N LEU J 209 1.79 -60.88 48.00
CA LEU J 209 1.91 -59.77 48.93
C LEU J 209 1.25 -58.51 48.37
N ILE J 210 1.31 -58.30 47.06
CA ILE J 210 0.76 -57.09 46.47
C ILE J 210 -0.76 -57.19 46.36
N ALA J 211 -1.27 -58.35 45.97
CA ALA J 211 -2.71 -58.52 45.87
C ALA J 211 -3.38 -58.48 47.24
N ALA J 212 -2.67 -58.88 48.28
CA ALA J 212 -3.22 -58.90 49.63
C ALA J 212 -3.75 -57.52 50.00
N PRO J 213 -5.03 -57.38 50.38
CA PRO J 213 -5.55 -56.06 50.74
C PRO J 213 -4.80 -55.47 51.92
N SER J 214 -4.86 -54.14 52.03
CA SER J 214 -4.07 -53.44 53.03
C SER J 214 -4.54 -53.69 54.45
N ASN J 215 -5.78 -54.13 54.63
CA ASN J 215 -6.22 -54.53 55.98
C ASN J 215 -5.61 -55.87 56.38
N TYR J 216 -5.18 -56.68 55.42
CA TYR J 216 -4.41 -57.89 55.71
C TYR J 216 -2.91 -57.62 55.72
N CYS J 217 -2.43 -56.83 54.76
CA CYS J 217 -1.00 -56.54 54.61
C CYS J 217 -0.75 -55.13 55.14
N ASN J 218 -0.17 -55.05 56.33
CA ASN J 218 0.18 -53.81 57.00
C ASN J 218 1.63 -53.89 57.43
N PRO J 219 2.22 -52.78 57.88
CA PRO J 219 3.64 -52.82 58.27
C PRO J 219 3.99 -53.93 59.23
N VAL J 220 3.10 -54.24 60.18
CA VAL J 220 3.38 -55.29 61.15
C VAL J 220 3.26 -56.66 60.49
N SER J 221 2.14 -56.89 59.78
CA SER J 221 1.90 -58.20 59.19
C SER J 221 2.91 -58.51 58.08
N LEU J 222 3.34 -57.52 57.32
CA LEU J 222 4.35 -57.76 56.30
C LEU J 222 5.70 -58.03 56.93
N SER J 223 6.08 -57.25 57.95
CA SER J 223 7.32 -57.53 58.68
C SER J 223 7.29 -58.93 59.26
N ASN J 224 6.11 -59.38 59.73
CA ASN J 224 5.98 -60.75 60.20
C ASN J 224 6.21 -61.75 59.07
N ALA J 225 5.78 -61.40 57.86
CA ALA J 225 5.99 -62.28 56.71
C ALA J 225 7.46 -62.33 56.32
N ALA J 226 8.14 -61.19 56.36
CA ALA J 226 9.56 -61.18 56.02
C ALA J 226 10.38 -62.05 56.98
N VAL J 227 9.99 -62.09 58.25
CA VAL J 227 10.70 -62.92 59.22
C VAL J 227 10.60 -64.39 58.83
N GLU J 228 9.37 -64.88 58.65
CA GLU J 228 9.18 -66.28 58.32
C GLU J 228 9.87 -66.64 57.00
N LEU J 229 9.82 -65.72 56.03
CA LEU J 229 10.54 -65.96 54.77
C LEU J 229 12.04 -66.10 55.03
N ALA J 230 12.61 -65.17 55.79
CA ALA J 230 14.02 -65.27 56.13
C ALA J 230 14.34 -66.58 56.83
N GLN J 231 13.37 -67.15 57.55
CA GLN J 231 13.58 -68.43 58.21
C GLN J 231 13.46 -69.60 57.24
N LYS J 232 12.60 -69.48 56.22
CA LYS J 232 12.40 -70.60 55.30
C LYS J 232 13.52 -70.69 54.26
N VAL J 233 14.18 -69.59 53.96
CA VAL J 233 15.28 -69.56 53.00
C VAL J 233 16.62 -69.37 53.69
N ASN J 234 16.64 -69.37 55.02
CA ASN J 234 17.87 -69.22 55.81
C ASN J 234 18.60 -67.92 55.44
N LEU J 235 17.98 -66.82 55.85
CA LEU J 235 18.57 -65.49 55.71
C LEU J 235 18.57 -64.80 57.06
N GLU J 236 19.60 -63.99 57.30
CA GLU J 236 19.62 -63.15 58.48
C GLU J 236 18.48 -62.13 58.39
N CYS J 237 17.83 -61.85 59.51
CA CYS J 237 16.73 -60.91 59.55
C CYS J 237 16.88 -59.98 60.74
N LYS J 238 16.74 -58.68 60.48
CA LYS J 238 16.78 -57.67 61.53
C LYS J 238 15.72 -56.64 61.21
N ILE J 239 14.72 -56.50 62.09
CA ILE J 239 13.65 -55.53 61.93
C ILE J 239 13.87 -54.41 62.94
N LEU J 240 14.05 -53.19 62.44
CA LEU J 240 14.23 -52.03 63.31
C LEU J 240 12.86 -51.49 63.73
N ASP J 241 12.75 -51.15 65.01
CA ASP J 241 11.51 -50.61 65.56
C ASP J 241 11.62 -49.10 65.72
N VAL J 242 10.52 -48.47 66.11
CA VAL J 242 10.44 -47.02 66.12
C VAL J 242 11.55 -46.42 66.98
N LYS J 243 11.77 -46.99 68.18
CA LYS J 243 12.82 -46.47 69.05
C LYS J 243 14.18 -46.53 68.36
N GLU J 244 14.50 -47.65 67.73
CA GLU J 244 15.76 -47.76 67.00
C GLU J 244 15.77 -46.82 65.80
N LEU J 245 14.66 -46.73 65.08
CA LEU J 245 14.58 -45.81 63.95
C LEU J 245 14.70 -44.36 64.39
N GLU J 246 14.38 -44.06 65.65
CA GLU J 246 14.48 -42.69 66.14
C GLU J 246 15.93 -42.32 66.46
N GLU J 247 16.66 -43.21 67.14
CA GLU J 247 18.04 -42.91 67.46
C GLU J 247 18.94 -42.89 66.23
N LEU J 248 18.47 -43.38 65.10
CA LEU J 248 19.21 -43.28 63.84
C LEU J 248 18.80 -42.05 63.03
N LYS J 249 17.88 -41.23 63.53
CA LYS J 249 17.56 -39.92 62.98
C LYS J 249 16.78 -39.99 61.66
N MET J 250 16.06 -41.08 61.42
CA MET J 250 15.28 -41.24 60.20
C MET J 250 13.98 -40.45 60.31
N GLY J 251 14.13 -39.12 60.29
CA GLY J 251 12.97 -38.27 60.43
C GLY J 251 12.01 -38.34 59.26
N ALA J 252 12.55 -38.45 58.04
CA ALA J 252 11.69 -38.50 56.86
C ALA J 252 10.88 -39.79 56.84
N TYR J 253 11.53 -40.94 57.10
CA TYR J 253 10.81 -42.20 57.12
C TYR J 253 9.72 -42.21 58.19
N LEU J 254 10.02 -41.69 59.38
CA LEU J 254 9.07 -41.74 60.48
C LEU J 254 7.96 -40.70 60.35
N SER J 255 8.20 -39.62 59.62
CA SER J 255 7.15 -38.60 59.46
C SER J 255 6.00 -39.10 58.60
N VAL J 256 6.28 -40.02 57.66
CA VAL J 256 5.24 -40.53 56.79
C VAL J 256 4.27 -41.40 57.57
N GLY J 257 4.79 -42.28 58.44
CA GLY J 257 3.96 -43.17 59.22
C GLY J 257 3.40 -42.58 60.49
N LYS J 258 3.62 -41.29 60.74
CA LYS J 258 3.11 -40.67 61.95
C LYS J 258 1.60 -40.85 62.08
N GLY J 259 0.87 -40.70 60.97
CA GLY J 259 -0.57 -40.72 61.01
C GLY J 259 -1.19 -42.09 60.83
N SER J 260 -0.40 -43.15 60.98
CA SER J 260 -0.87 -44.50 60.78
C SER J 260 -1.09 -45.20 62.12
N MET J 261 -2.01 -46.17 62.11
CA MET J 261 -2.26 -46.99 63.29
C MET J 261 -1.15 -48.00 63.53
N TYR J 262 -0.39 -48.36 62.50
CA TYR J 262 0.61 -49.41 62.63
C TYR J 262 1.99 -48.80 62.82
N PRO J 263 2.83 -49.36 63.69
CA PRO J 263 4.19 -48.82 63.85
C PRO J 263 5.04 -49.11 62.62
N ASN J 264 5.92 -48.16 62.32
CA ASN J 264 6.84 -48.33 61.21
C ASN J 264 7.73 -49.55 61.44
N LYS J 265 8.00 -50.29 60.37
CA LYS J 265 8.82 -51.49 60.42
C LYS J 265 9.84 -51.44 59.30
N PHE J 266 11.12 -51.37 59.65
CA PHE J 266 12.21 -51.37 58.68
C PHE J 266 12.73 -52.81 58.55
N ILE J 267 12.47 -53.43 57.40
CA ILE J 267 12.93 -54.79 57.16
C ILE J 267 14.36 -54.74 56.64
N HIS J 268 15.22 -55.59 57.20
CA HIS J 268 16.60 -55.71 56.75
C HIS J 268 16.98 -57.19 56.78
N LEU J 269 16.90 -57.85 55.63
CA LEU J 269 17.37 -59.21 55.48
C LEU J 269 18.73 -59.19 54.78
N THR J 270 19.57 -60.17 55.12
CA THR J 270 20.92 -60.24 54.58
C THR J 270 21.23 -61.67 54.13
N TYR J 271 21.81 -61.78 52.93
CA TYR J 271 22.26 -63.05 52.39
C TYR J 271 23.78 -62.97 52.20
N LYS J 272 24.50 -63.95 52.74
CA LYS J 272 25.95 -64.02 52.60
C LYS J 272 26.31 -65.39 52.04
N GLY J 273 26.92 -65.41 50.85
CA GLY J 273 27.23 -66.64 50.18
C GLY J 273 28.57 -67.23 50.60
N ALA J 274 28.69 -68.53 50.40
CA ALA J 274 29.92 -69.24 50.75
C ALA J 274 31.08 -68.80 49.86
N LYS J 284 31.80 -58.98 46.71
CA LYS J 284 30.68 -58.23 46.14
C LYS J 284 29.56 -58.08 47.17
N LYS J 285 29.20 -56.83 47.48
CA LYS J 285 28.14 -56.52 48.42
C LYS J 285 27.12 -55.61 47.73
N ILE J 286 25.85 -56.02 47.76
CA ILE J 286 24.78 -55.33 47.08
C ILE J 286 23.72 -54.93 48.09
N ALA J 287 23.08 -53.78 47.84
CA ALA J 287 21.96 -53.32 48.67
C ALA J 287 20.77 -53.05 47.76
N LEU J 288 19.69 -53.80 47.97
CA LEU J 288 18.48 -53.68 47.16
C LEU J 288 17.36 -53.13 48.02
N ILE J 289 16.90 -51.92 47.71
CA ILE J 289 15.88 -51.22 48.47
C ILE J 289 14.56 -51.32 47.73
N GLY J 290 13.48 -51.39 48.51
CA GLY J 290 12.14 -51.47 47.94
C GLY J 290 11.15 -50.58 48.66
N LYS J 291 10.42 -49.77 47.90
CA LYS J 291 9.37 -48.94 48.50
C LYS J 291 8.29 -49.84 49.09
N GLY J 292 7.98 -49.60 50.37
CA GLY J 292 7.06 -50.45 51.09
C GLY J 292 5.93 -49.73 51.79
N ILE J 293 5.14 -48.97 51.05
CA ILE J 293 3.96 -48.30 51.60
C ILE J 293 2.78 -49.26 51.47
N THR J 294 2.35 -49.82 52.61
CA THR J 294 1.29 -50.82 52.57
C THR J 294 -0.02 -50.25 52.08
N PHE J 295 -0.27 -48.97 52.35
CA PHE J 295 -1.38 -48.25 51.73
C PHE J 295 -1.02 -46.77 51.67
N ASP J 296 -1.29 -46.16 50.53
CA ASP J 296 -0.98 -44.75 50.31
C ASP J 296 -2.30 -43.99 50.16
N SER J 297 -2.78 -43.43 51.28
CA SER J 297 -3.92 -42.53 51.22
C SER J 297 -3.62 -41.30 50.36
N GLY J 298 -2.34 -40.93 50.28
CA GLY J 298 -1.95 -39.61 49.81
C GLY J 298 -1.79 -38.59 50.91
N GLY J 299 -2.10 -38.96 52.16
CA GLY J 299 -2.01 -38.01 53.24
C GLY J 299 -3.06 -36.93 53.11
N TYR J 300 -2.81 -35.80 53.78
CA TYR J 300 -3.71 -34.67 53.65
C TYR J 300 -3.80 -34.17 52.21
N ASN J 301 -2.77 -34.42 51.40
CA ASN J 301 -2.86 -34.31 49.94
C ASN J 301 -3.60 -35.55 49.43
N LEU J 302 -4.89 -35.61 49.77
CA LEU J 302 -5.67 -36.82 49.59
C LEU J 302 -5.85 -37.16 48.11
N LYS J 303 -5.76 -38.46 47.80
CA LYS J 303 -5.98 -38.96 46.45
C LYS J 303 -7.48 -38.90 46.15
N ALA J 304 -7.96 -37.70 45.86
CA ALA J 304 -9.37 -37.46 45.60
C ALA J 304 -9.65 -36.96 44.18
N ALA J 305 -8.63 -36.81 43.34
CA ALA J 305 -8.86 -36.34 41.99
C ALA J 305 -9.25 -37.49 41.07
N PRO J 306 -10.19 -37.28 40.14
CA PRO J 306 -10.54 -38.36 39.22
C PRO J 306 -9.32 -38.97 38.54
N GLY J 307 -9.12 -40.27 38.72
CA GLY J 307 -7.99 -40.97 38.14
C GLY J 307 -6.88 -41.29 39.11
N SER J 308 -7.00 -40.93 40.39
CA SER J 308 -5.94 -41.16 41.35
C SER J 308 -5.88 -42.61 41.83
N MET J 309 -6.91 -43.41 41.56
CA MET J 309 -6.89 -44.85 41.82
C MET J 309 -6.58 -45.16 43.29
N ILE J 310 -7.33 -44.54 44.19
CA ILE J 310 -7.10 -44.79 45.61
C ILE J 310 -7.42 -46.23 45.96
N ASP J 311 -8.37 -46.85 45.24
CA ASP J 311 -8.78 -48.22 45.55
C ASP J 311 -7.72 -49.26 45.19
N LEU J 312 -6.65 -48.88 44.51
CA LEU J 312 -5.59 -49.80 44.14
C LEU J 312 -4.27 -49.49 44.84
N MET J 313 -4.27 -48.54 45.77
CA MET J 313 -3.02 -48.11 46.40
C MET J 313 -2.46 -49.14 47.38
N LYS J 314 -3.00 -50.36 47.46
CA LYS J 314 -2.31 -51.43 48.14
C LYS J 314 -1.03 -51.83 47.41
N PHE J 315 -0.90 -51.47 46.13
CA PHE J 315 0.24 -51.84 45.32
C PHE J 315 1.45 -50.95 45.52
N ASP J 316 1.35 -49.93 46.38
CA ASP J 316 2.48 -49.04 46.63
C ASP J 316 3.57 -49.69 47.47
N MET J 317 3.43 -50.99 47.80
CA MET J 317 4.51 -51.76 48.39
C MET J 317 5.07 -52.78 47.39
N SER J 318 4.76 -52.61 46.10
CA SER J 318 5.27 -53.53 45.09
C SER J 318 6.79 -53.55 45.06
N GLY J 319 7.43 -52.41 45.34
CA GLY J 319 8.87 -52.39 45.40
C GLY J 319 9.41 -53.33 46.47
N CYS J 320 8.84 -53.25 47.67
CA CYS J 320 9.25 -54.17 48.74
C CYS J 320 8.91 -55.61 48.38
N ALA J 321 7.76 -55.83 47.74
CA ALA J 321 7.39 -57.19 47.36
C ALA J 321 8.37 -57.78 46.36
N ALA J 322 8.88 -56.96 45.44
CA ALA J 322 9.87 -57.45 44.49
C ALA J 322 11.20 -57.75 45.17
N VAL J 323 11.55 -56.98 46.20
CA VAL J 323 12.79 -57.24 46.93
C VAL J 323 12.69 -58.56 47.70
N LEU J 324 11.52 -58.81 48.31
CA LEU J 324 11.35 -60.05 49.06
C LEU J 324 11.29 -61.25 48.12
N GLY J 325 10.65 -61.10 46.97
CA GLY J 325 10.70 -62.17 45.99
C GLY J 325 12.11 -62.48 45.53
N CYS J 326 12.90 -61.44 45.28
CA CYS J 326 14.31 -61.64 44.97
C CYS J 326 15.03 -62.32 46.12
N ALA J 327 14.64 -62.03 47.36
CA ALA J 327 15.27 -62.67 48.51
C ALA J 327 14.96 -64.16 48.55
N TYR J 328 13.74 -64.54 48.14
CA TYR J 328 13.40 -65.95 48.14
C TYR J 328 14.22 -66.74 47.14
N CYS J 329 14.44 -66.18 45.94
CA CYS J 329 15.16 -66.89 44.90
C CYS J 329 16.65 -67.01 45.25
N ILE J 330 17.28 -65.89 45.61
CA ILE J 330 18.69 -65.93 45.98
C ILE J 330 18.89 -66.79 47.22
N GLY J 331 17.95 -66.73 48.16
CA GLY J 331 18.01 -67.58 49.33
C GLY J 331 17.89 -69.05 49.00
N THR J 332 17.26 -69.38 47.88
CA THR J 332 17.11 -70.76 47.44
C THR J 332 18.26 -71.20 46.54
N ILE J 333 18.68 -70.34 45.61
CA ILE J 333 19.74 -70.72 44.68
C ILE J 333 21.09 -70.77 45.38
N LYS J 334 21.32 -69.87 46.34
CA LYS J 334 22.55 -69.83 47.11
C LYS J 334 23.76 -69.62 46.20
N PRO J 335 23.92 -68.43 45.62
CA PRO J 335 25.11 -68.15 44.81
C PRO J 335 26.32 -67.89 45.69
N ASP J 336 27.49 -68.05 45.09
CA ASP J 336 28.76 -67.96 45.81
C ASP J 336 29.29 -66.53 45.80
N ASN J 337 30.07 -66.21 46.83
CA ASN J 337 30.80 -64.94 46.95
C ASN J 337 29.93 -63.77 46.50
N VAL J 338 28.80 -63.61 47.19
CA VAL J 338 27.85 -62.53 46.92
C VAL J 338 27.14 -62.21 48.23
N GLU J 339 27.15 -60.93 48.62
CA GLU J 339 26.44 -60.47 49.81
C GLU J 339 25.35 -59.50 49.36
N VAL J 340 24.10 -59.84 49.66
CA VAL J 340 22.94 -59.06 49.26
C VAL J 340 22.19 -58.64 50.52
N HIS J 341 21.84 -57.36 50.60
CA HIS J 341 21.07 -56.81 51.70
C HIS J 341 19.72 -56.36 51.17
N PHE J 342 18.65 -56.97 51.69
CA PHE J 342 17.29 -56.67 51.27
C PHE J 342 16.67 -55.72 52.28
N LEU J 343 16.49 -54.46 51.87
CA LEU J 343 16.00 -53.39 52.73
C LEU J 343 14.64 -52.92 52.26
N SER J 344 13.83 -52.46 53.21
CA SER J 344 12.53 -51.89 52.88
C SER J 344 11.98 -51.13 54.08
N ALA J 345 11.77 -49.82 53.92
CA ALA J 345 11.21 -48.98 54.97
C ALA J 345 9.69 -49.05 54.86
N VAL J 346 9.07 -49.92 55.64
CA VAL J 346 7.64 -50.19 55.54
C VAL J 346 6.88 -49.23 56.45
N CYS J 347 5.83 -48.63 55.91
CA CYS J 347 4.98 -47.71 56.66
C CYS J 347 3.64 -47.60 55.96
N GLU J 348 2.78 -46.71 56.44
CA GLU J 348 1.45 -46.49 55.89
C GLU J 348 1.14 -45.00 55.93
N ASN J 349 0.69 -44.47 54.80
CA ASN J 349 0.41 -43.03 54.64
C ASN J 349 -1.09 -42.80 54.81
N MET J 350 -1.47 -42.23 55.95
CA MET J 350 -2.87 -42.12 56.33
C MET J 350 -3.19 -40.69 56.77
N VAL J 351 -4.49 -40.42 56.87
CA VAL J 351 -5.00 -39.12 57.31
C VAL J 351 -5.48 -39.26 58.75
N SER J 352 -5.00 -38.38 59.62
CA SER J 352 -5.29 -38.48 61.04
C SER J 352 -4.94 -37.15 61.70
N LYS J 353 -5.19 -37.08 63.02
CA LYS J 353 -4.75 -35.93 63.79
C LYS J 353 -3.24 -35.94 63.99
N ASN J 354 -2.59 -37.09 63.82
CA ASN J 354 -1.16 -37.24 64.03
C ASN J 354 -0.36 -37.24 62.73
N SER J 355 -1.03 -37.19 61.59
CA SER J 355 -0.32 -37.19 60.31
C SER J 355 0.54 -35.94 60.17
N TYR J 356 1.61 -36.05 59.41
CA TYR J 356 2.43 -34.90 59.07
C TYR J 356 1.71 -34.07 58.01
N ARG J 357 1.86 -32.75 58.11
CA ARG J 357 1.08 -31.82 57.29
C ARG J 357 1.85 -31.40 56.05
N PRO J 358 1.15 -31.01 54.98
CA PRO J 358 1.81 -30.32 53.87
C PRO J 358 2.43 -29.03 54.37
N GLY J 359 3.73 -28.88 54.13
CA GLY J 359 4.48 -27.72 54.57
C GLY J 359 5.42 -27.98 55.72
N ASP J 360 5.25 -29.09 56.42
CA ASP J 360 6.18 -29.45 57.49
C ASP J 360 7.59 -29.57 56.93
N ILE J 361 8.57 -29.21 57.75
CA ILE J 361 9.97 -29.39 57.43
C ILE J 361 10.52 -30.47 58.34
N ILE J 362 10.94 -31.58 57.75
CA ILE J 362 11.44 -32.74 58.49
C ILE J 362 12.91 -32.94 58.15
N THR J 363 13.62 -33.61 59.04
CA THR J 363 15.06 -33.79 58.94
C THR J 363 15.37 -35.25 58.65
N ALA J 364 16.03 -35.50 57.53
CA ALA J 364 16.43 -36.86 57.18
C ALA J 364 17.57 -37.32 58.07
N SER J 365 18.00 -38.57 57.88
CA SER J 365 19.03 -39.15 58.75
C SER J 365 20.42 -38.59 58.45
N ASN J 366 20.64 -38.04 57.25
CA ASN J 366 21.93 -37.45 56.90
C ASN J 366 22.00 -35.97 57.21
N GLY J 367 20.97 -35.40 57.84
CA GLY J 367 20.98 -34.02 58.25
C GLY J 367 20.25 -33.06 57.33
N LYS J 368 19.87 -33.49 56.13
CA LYS J 368 19.24 -32.62 55.17
C LYS J 368 17.78 -32.37 55.56
N THR J 369 17.38 -31.10 55.55
CA THR J 369 16.00 -30.72 55.84
C THR J 369 15.18 -30.73 54.57
N ILE J 370 13.95 -31.25 54.67
CA ILE J 370 13.08 -31.45 53.52
C ILE J 370 11.73 -30.78 53.81
N GLU J 371 11.36 -29.81 52.99
CA GLU J 371 10.04 -29.20 53.08
C GLU J 371 9.04 -30.06 52.33
N VAL J 372 7.99 -30.50 53.01
CA VAL J 372 7.02 -31.44 52.44
C VAL J 372 5.99 -30.61 51.69
N GLY J 373 6.27 -30.35 50.41
CA GLY J 373 5.32 -29.64 49.57
C GLY J 373 4.11 -30.47 49.19
N ASN J 374 4.21 -31.79 49.29
CA ASN J 374 3.10 -32.67 48.95
C ASN J 374 3.25 -33.97 49.72
N THR J 375 2.26 -34.28 50.57
CA THR J 375 2.34 -35.49 51.37
C THR J 375 2.15 -36.75 50.55
N ASP J 376 1.52 -36.65 49.37
CA ASP J 376 1.39 -37.80 48.48
C ASP J 376 2.71 -38.21 47.86
N ALA J 377 3.76 -37.40 48.00
CA ALA J 377 5.11 -37.76 47.57
C ALA J 377 5.90 -38.35 48.74
N GLU J 378 5.30 -39.32 49.43
CA GLU J 378 5.88 -39.89 50.64
C GLU J 378 6.86 -41.02 50.36
N GLY J 379 6.69 -41.73 49.23
CA GLY J 379 7.59 -42.84 48.94
C GLY J 379 9.04 -42.42 48.90
N ARG J 380 9.35 -41.31 48.25
CA ARG J 380 10.72 -40.84 48.17
C ARG J 380 11.24 -40.38 49.53
N LEU J 381 10.36 -40.00 50.46
CA LEU J 381 10.80 -39.66 51.80
C LEU J 381 11.28 -40.89 52.56
N THR J 382 10.63 -42.04 52.34
CA THR J 382 11.06 -43.27 53.00
C THR J 382 12.29 -43.86 52.32
N LEU J 383 12.38 -43.73 50.99
CA LEU J 383 13.56 -44.21 50.29
C LEU J 383 14.80 -43.40 50.65
N ALA J 384 14.62 -42.11 50.96
CA ALA J 384 15.75 -41.28 51.34
C ALA J 384 16.48 -41.86 52.55
N ASP J 385 15.74 -42.08 53.66
CA ASP J 385 16.35 -42.64 54.85
C ASP J 385 16.83 -44.07 54.61
N ALA J 386 16.21 -44.78 53.67
CA ALA J 386 16.67 -46.12 53.34
C ALA J 386 17.96 -46.07 52.50
N LEU J 387 18.11 -45.04 51.66
CA LEU J 387 19.34 -44.90 50.90
C LEU J 387 20.51 -44.51 51.81
N VAL J 388 20.27 -43.61 52.76
CA VAL J 388 21.31 -43.30 53.74
C VAL J 388 21.69 -44.55 54.52
N TYR J 389 20.69 -45.33 54.93
CA TYR J 389 20.96 -46.57 55.66
C TYR J 389 21.75 -47.55 54.81
N ALA J 390 21.51 -47.56 53.50
CA ALA J 390 22.18 -48.53 52.63
C ALA J 390 23.64 -48.15 52.40
N GLU J 391 23.91 -46.85 52.21
CA GLU J 391 25.30 -46.44 51.99
C GLU J 391 26.15 -46.60 53.24
N LYS J 392 25.54 -46.43 54.43
CA LYS J 392 26.28 -46.63 55.67
C LYS J 392 26.69 -48.08 55.89
N LEU J 393 26.17 -49.01 55.09
CA LEU J 393 26.58 -50.41 55.16
C LEU J 393 27.84 -50.69 54.35
N GLY J 394 28.26 -49.76 53.48
CA GLY J 394 29.42 -49.98 52.65
C GLY J 394 29.21 -51.06 51.62
N VAL J 395 28.28 -50.84 50.70
CA VAL J 395 27.99 -51.77 49.64
C VAL J 395 28.70 -51.31 48.37
N ASP J 396 28.72 -52.18 47.35
CA ASP J 396 29.31 -51.80 46.08
C ASP J 396 28.30 -51.05 45.21
N TYR J 397 27.11 -51.63 45.02
CA TYR J 397 26.04 -51.00 44.26
C TYR J 397 24.78 -50.91 45.10
N ILE J 398 23.97 -49.90 44.80
CA ILE J 398 22.66 -49.73 45.45
C ILE J 398 21.61 -49.63 44.35
N VAL J 399 20.57 -50.45 44.46
CA VAL J 399 19.46 -50.46 43.51
C VAL J 399 18.17 -50.32 44.30
N ASP J 400 17.30 -49.41 43.88
CA ASP J 400 15.99 -49.23 44.49
C ASP J 400 14.91 -49.36 43.43
N ILE J 401 13.85 -50.08 43.77
CA ILE J 401 12.71 -50.31 42.88
C ILE J 401 11.47 -49.85 43.62
N ALA J 402 10.67 -49.00 42.97
CA ALA J 402 9.54 -48.38 43.65
C ALA J 402 8.51 -47.92 42.64
N THR J 403 7.24 -47.96 43.06
CA THR J 403 6.13 -47.37 42.32
C THR J 403 6.06 -45.88 42.68
N LEU J 404 7.05 -45.14 42.17
CA LEU J 404 7.29 -43.78 42.65
C LEU J 404 6.34 -42.77 42.01
N THR J 405 6.29 -42.73 40.68
CA THR J 405 5.62 -41.65 39.96
C THR J 405 4.63 -42.23 38.96
N GLY J 406 3.43 -41.65 38.93
CA GLY J 406 2.41 -42.08 38.00
C GLY J 406 2.63 -41.61 36.57
N ALA J 407 3.55 -40.66 36.36
CA ALA J 407 3.84 -40.21 35.00
C ALA J 407 4.44 -41.31 34.15
N MET J 408 4.97 -42.37 34.76
CA MET J 408 5.47 -43.50 34.00
C MET J 408 4.42 -44.02 33.03
N LEU J 409 3.15 -44.00 33.45
CA LEU J 409 2.07 -44.40 32.57
C LEU J 409 2.00 -43.52 31.33
N TYR J 410 2.32 -42.24 31.47
CA TYR J 410 2.35 -41.30 30.36
C TYR J 410 3.72 -41.21 29.69
N SER J 411 4.72 -41.92 30.21
CA SER J 411 6.05 -41.91 29.63
C SER J 411 6.30 -43.21 28.88
N LEU J 412 6.68 -44.26 29.60
CA LEU J 412 6.92 -45.57 28.99
C LEU J 412 5.67 -46.44 28.96
N GLY J 413 4.67 -46.14 29.77
CA GLY J 413 3.41 -46.87 29.73
C GLY J 413 3.36 -48.05 30.68
N THR J 414 2.84 -49.18 30.19
CA THR J 414 2.54 -50.32 31.03
C THR J 414 3.47 -51.51 30.83
N SER J 415 4.35 -51.48 29.82
CA SER J 415 5.21 -52.62 29.50
C SER J 415 6.66 -52.41 29.91
N TYR J 416 7.18 -51.19 29.80
CA TYR J 416 8.58 -50.91 30.07
C TYR J 416 8.70 -50.08 31.34
N ALA J 417 9.50 -50.57 32.28
CA ALA J 417 9.85 -49.78 33.45
C ALA J 417 11.02 -48.86 33.12
N GLY J 418 11.12 -47.77 33.87
CA GLY J 418 12.21 -46.82 33.72
C GLY J 418 13.30 -47.07 34.74
N VAL J 419 14.54 -46.85 34.32
CA VAL J 419 15.70 -46.98 35.20
C VAL J 419 16.51 -45.69 35.12
N PHE J 420 16.84 -45.13 36.28
CA PHE J 420 17.71 -43.98 36.41
C PHE J 420 18.93 -44.37 37.23
N GLY J 421 19.90 -43.48 37.33
CA GLY J 421 21.07 -43.76 38.12
C GLY J 421 22.15 -42.72 37.91
N ASN J 422 23.22 -42.87 38.70
CA ASN J 422 24.39 -42.00 38.63
C ASN J 422 25.62 -42.71 38.09
N ASN J 423 25.50 -43.99 37.73
CA ASN J 423 26.62 -44.78 37.26
C ASN J 423 26.21 -45.52 35.99
N ASP J 424 26.85 -45.19 34.87
CA ASP J 424 26.47 -45.79 33.60
C ASP J 424 26.78 -47.28 33.55
N GLN J 425 27.79 -47.73 34.28
CA GLN J 425 28.13 -49.15 34.26
C GLN J 425 27.07 -49.98 34.97
N LEU J 426 26.57 -49.49 36.11
CA LEU J 426 25.50 -50.20 36.80
C LEU J 426 24.21 -50.17 36.00
N ILE J 427 23.91 -49.05 35.35
CA ILE J 427 22.69 -48.95 34.55
C ILE J 427 22.67 -50.03 33.48
N ASN J 428 23.74 -50.10 32.67
CA ASN J 428 23.80 -51.11 31.61
C ASN J 428 23.78 -52.52 32.20
N LYS J 429 24.38 -52.71 33.38
CA LYS J 429 24.32 -54.02 34.03
C LYS J 429 22.90 -54.36 34.44
N ILE J 430 22.06 -53.35 34.72
CA ILE J 430 20.65 -53.61 34.97
C ILE J 430 19.91 -53.84 33.66
N LEU J 431 20.21 -53.03 32.64
CA LEU J 431 19.61 -53.26 31.33
C LEU J 431 19.92 -54.66 30.83
N SER J 432 21.15 -55.11 31.03
CA SER J 432 21.50 -56.48 30.65
C SER J 432 20.61 -57.49 31.36
N SER J 433 20.62 -57.46 32.70
CA SER J 433 19.80 -58.40 33.46
C SER J 433 18.33 -58.33 33.06
N SER J 434 17.87 -57.17 32.62
CA SER J 434 16.50 -57.07 32.11
C SER J 434 16.32 -57.86 30.83
N LYS J 435 17.34 -57.90 29.97
CA LYS J 435 17.29 -58.75 28.79
C LYS J 435 17.39 -60.22 29.18
N THR J 436 18.19 -60.53 30.20
CA THR J 436 18.26 -61.90 30.70
C THR J 436 16.92 -62.37 31.25
N SER J 437 16.15 -61.45 31.84
CA SER J 437 14.94 -61.79 32.58
C SER J 437 13.67 -61.60 31.77
N ASN J 438 13.75 -60.91 30.64
CA ASN J 438 12.58 -60.64 29.79
C ASN J 438 11.57 -59.74 30.49
N GLU J 439 12.03 -58.90 31.41
CA GLU J 439 11.21 -57.88 32.04
C GLU J 439 11.66 -56.53 31.51
N PRO J 440 10.93 -55.93 30.57
CA PRO J 440 11.47 -54.75 29.87
C PRO J 440 11.82 -53.60 30.81
N VAL J 441 12.94 -52.95 30.51
CA VAL J 441 13.36 -51.74 31.20
C VAL J 441 14.01 -50.81 30.19
N TRP J 442 13.85 -49.50 30.39
CA TRP J 442 14.41 -48.49 29.49
C TRP J 442 15.11 -47.42 30.30
N TRP J 443 16.31 -47.05 29.85
CA TRP J 443 17.14 -46.07 30.54
C TRP J 443 16.62 -44.66 30.26
N LEU J 444 16.36 -43.92 31.33
CA LEU J 444 15.92 -42.53 31.28
C LEU J 444 16.95 -41.65 31.97
N PRO J 445 17.00 -40.37 31.62
CA PRO J 445 18.07 -39.50 32.12
C PRO J 445 17.70 -38.76 33.40
N ILE J 446 18.74 -38.38 34.13
CA ILE J 446 18.62 -37.48 35.28
C ILE J 446 19.09 -36.11 34.80
N ILE J 447 18.14 -35.25 34.47
CA ILE J 447 18.44 -33.95 33.88
C ILE J 447 18.70 -32.96 35.01
N ASN J 448 19.96 -32.53 35.15
CA ASN J 448 20.34 -31.68 36.26
C ASN J 448 19.81 -30.25 36.16
N GLU J 449 19.31 -29.85 34.99
CA GLU J 449 18.72 -28.51 34.88
C GLU J 449 17.47 -28.36 35.73
N TYR J 450 16.79 -29.47 36.04
CA TYR J 450 15.61 -29.43 36.89
C TYR J 450 15.95 -29.46 38.38
N ARG J 451 17.21 -29.72 38.74
CA ARG J 451 17.57 -29.83 40.15
C ARG J 451 17.17 -28.58 40.92
N SER J 452 17.47 -27.40 40.38
CA SER J 452 17.13 -26.16 41.06
C SER J 452 15.63 -26.01 41.29
N SER J 453 14.79 -26.79 40.58
CA SER J 453 13.37 -26.77 40.83
C SER J 453 13.00 -27.41 42.16
N LEU J 454 13.92 -28.15 42.78
CA LEU J 454 13.70 -28.78 44.07
C LEU J 454 14.11 -27.87 45.23
N ASN J 455 14.55 -26.65 44.96
CA ASN J 455 15.06 -25.79 46.01
C ASN J 455 13.93 -25.26 46.89
N SER J 456 14.21 -25.17 48.19
CA SER J 456 13.26 -24.66 49.17
C SER J 456 13.79 -23.36 49.76
N LYS J 457 12.88 -22.42 50.01
CA LYS J 457 13.30 -21.12 50.55
C LYS J 457 13.75 -21.24 51.99
N TYR J 458 13.27 -22.25 52.73
CA TYR J 458 13.60 -22.40 54.14
C TYR J 458 14.31 -23.71 54.45
N ALA J 459 13.91 -24.80 53.80
CA ALA J 459 14.60 -26.06 53.96
C ALA J 459 15.69 -26.20 52.90
N ASP J 460 16.50 -27.25 53.03
CA ASP J 460 17.49 -27.55 52.01
C ASP J 460 16.81 -27.93 50.70
N LEU J 461 15.88 -28.87 50.76
CA LEU J 461 15.17 -29.36 49.59
C LEU J 461 13.67 -29.33 49.84
N ASN J 462 12.92 -29.26 48.75
CA ASN J 462 11.49 -29.60 48.74
C ASN J 462 11.35 -30.96 48.05
N ASN J 463 10.38 -31.75 48.50
CA ASN J 463 10.23 -33.09 47.98
C ASN J 463 9.48 -33.12 46.64
N ILE J 464 9.05 -31.97 46.13
CA ILE J 464 8.43 -31.87 44.81
C ILE J 464 8.97 -30.63 44.11
N SER J 465 8.76 -30.56 42.80
CA SER J 465 9.26 -29.45 42.00
C SER J 465 8.31 -28.25 42.08
N SER J 467 7.09 -26.27 39.25
CA SER J 467 7.90 -25.69 38.20
C SER J 467 8.06 -26.61 37.01
N VAL J 468 8.53 -27.83 37.30
CA VAL J 468 8.85 -28.84 36.30
C VAL J 468 7.89 -30.01 36.47
N LYS J 469 7.24 -30.40 35.38
CA LYS J 469 6.27 -31.48 35.39
C LYS J 469 6.87 -32.85 35.13
N ALA J 470 8.15 -32.92 34.76
CA ALA J 470 8.83 -34.20 34.56
C ALA J 470 9.00 -34.87 35.92
N SER J 471 7.90 -35.41 36.43
CA SER J 471 7.87 -35.90 37.81
C SER J 471 8.88 -37.03 38.02
N SER J 472 8.94 -37.98 37.10
CA SER J 472 9.87 -39.10 37.27
C SER J 472 11.31 -38.62 37.27
N VAL J 473 11.65 -37.66 36.40
CA VAL J 473 12.99 -37.11 36.39
C VAL J 473 13.27 -36.36 37.69
N VAL J 474 12.32 -35.54 38.14
CA VAL J 474 12.50 -34.76 39.35
C VAL J 474 12.64 -35.69 40.56
N ALA J 475 11.75 -36.67 40.67
CA ALA J 475 11.79 -37.59 41.80
C ALA J 475 13.16 -38.25 41.91
N SER J 476 13.80 -38.54 40.77
CA SER J 476 15.13 -39.14 40.81
C SER J 476 16.17 -38.15 41.29
N LEU J 477 16.01 -36.87 40.97
CA LEU J 477 16.94 -35.85 41.48
C LEU J 477 16.85 -35.75 42.99
N PHE J 478 15.66 -35.99 43.57
CA PHE J 478 15.51 -35.94 45.01
C PHE J 478 16.27 -37.08 45.68
N LEU J 479 16.16 -38.30 45.14
CA LEU J 479 16.80 -39.44 45.76
C LEU J 479 18.32 -39.34 45.67
N LYS J 480 18.85 -38.78 44.58
CA LYS J 480 20.29 -38.66 44.44
C LYS J 480 20.90 -37.79 45.53
N GLU J 481 20.12 -36.88 46.13
CA GLU J 481 20.62 -36.05 47.22
C GLU J 481 20.95 -36.86 48.46
N PHE J 482 20.62 -38.15 48.50
CA PHE J 482 20.90 -39.01 49.64
C PHE J 482 21.83 -40.16 49.27
N ILE J 483 22.50 -40.07 48.12
CA ILE J 483 23.61 -40.94 47.76
C ILE J 483 24.84 -40.04 47.62
N GLU J 484 25.96 -40.45 48.21
CA GLU J 484 27.15 -39.62 48.25
C GLU J 484 28.20 -40.07 47.23
N ASN J 485 28.65 -41.32 47.31
CA ASN J 485 29.74 -41.78 46.46
C ASN J 485 29.63 -43.28 46.22
N THR J 486 28.42 -43.77 45.94
CA THR J 486 28.22 -45.17 45.62
C THR J 486 27.44 -45.27 44.31
N PRO J 487 27.85 -46.13 43.38
CA PRO J 487 27.04 -46.32 42.17
C PRO J 487 25.63 -46.77 42.52
N TRP J 488 24.64 -46.00 42.09
CA TRP J 488 23.25 -46.20 42.48
C TRP J 488 22.35 -46.14 41.27
N ALA J 489 21.34 -47.01 41.26
CA ALA J 489 20.34 -47.06 40.21
C ALA J 489 18.95 -47.07 40.85
N HIS J 490 17.97 -46.58 40.10
CA HIS J 490 16.60 -46.44 40.60
C HIS J 490 15.63 -46.91 39.50
N ILE J 491 14.79 -47.88 39.83
CA ILE J 491 13.82 -48.46 38.90
C ILE J 491 12.44 -47.97 39.28
N ASP J 492 11.75 -47.32 38.35
CA ASP J 492 10.38 -46.85 38.56
C ASP J 492 9.44 -47.87 37.92
N ILE J 493 8.66 -48.56 38.76
CA ILE J 493 7.76 -49.61 38.30
C ILE J 493 6.30 -49.22 38.53
N ALA J 494 6.03 -47.94 38.75
CA ALA J 494 4.66 -47.50 39.03
C ALA J 494 3.74 -47.76 37.85
N GLY J 495 4.27 -47.84 36.64
CA GLY J 495 3.45 -48.04 35.46
C GLY J 495 3.32 -49.49 35.04
N VAL J 496 4.23 -50.34 35.50
CA VAL J 496 4.28 -51.73 35.07
C VAL J 496 3.91 -52.73 36.16
N SER J 497 3.86 -52.30 37.43
CA SER J 497 3.67 -53.27 38.51
C SER J 497 2.28 -53.91 38.44
N TRP J 498 1.24 -53.11 38.18
CA TRP J 498 -0.13 -53.59 38.21
C TRP J 498 -0.67 -53.74 36.79
N ASN J 499 -1.22 -54.92 36.50
CA ASN J 499 -1.87 -55.18 35.22
C ASN J 499 -3.32 -54.71 35.32
N PHE J 500 -3.60 -53.53 34.76
CA PHE J 500 -4.93 -52.94 34.94
C PHE J 500 -5.99 -53.74 34.22
N LYS J 501 -5.68 -54.27 33.03
CA LYS J 501 -6.69 -54.99 32.27
C LYS J 501 -7.05 -56.31 32.93
N ALA J 502 -6.07 -57.00 33.51
CA ALA J 502 -6.29 -58.25 34.20
C ALA J 502 -6.66 -58.07 35.67
N ARG J 503 -6.54 -56.86 36.20
CA ARG J 503 -6.91 -56.57 37.60
C ARG J 503 -6.09 -57.41 38.57
N LYS J 504 -4.78 -57.53 38.31
CA LYS J 504 -3.91 -58.33 39.15
C LYS J 504 -2.49 -57.81 39.00
N PRO J 505 -1.61 -58.11 39.96
CA PRO J 505 -0.22 -57.67 39.85
C PRO J 505 0.60 -58.63 39.01
N LYS J 506 1.75 -58.14 38.55
CA LYS J 506 2.67 -58.94 37.74
C LYS J 506 3.88 -59.43 38.54
N GLY J 507 4.12 -58.89 39.73
CA GLY J 507 5.33 -59.21 40.45
C GLY J 507 6.58 -58.69 39.79
N PHE J 508 6.45 -57.61 39.01
CA PHE J 508 7.57 -57.07 38.26
C PHE J 508 8.76 -56.76 39.16
N GLY J 509 9.96 -57.17 38.73
CA GLY J 509 11.19 -56.85 39.40
C GLY J 509 11.89 -58.04 40.02
N VAL J 510 11.13 -59.09 40.36
CA VAL J 510 11.72 -60.23 41.05
C VAL J 510 12.81 -60.87 40.19
N ARG J 511 12.42 -61.34 39.00
CA ARG J 511 13.37 -61.99 38.12
C ARG J 511 14.43 -61.01 37.63
N LEU J 512 14.08 -59.73 37.48
CA LEU J 512 15.06 -58.74 37.08
C LEU J 512 16.17 -58.63 38.12
N LEU J 513 15.80 -58.45 39.39
CA LEU J 513 16.80 -58.24 40.43
C LEU J 513 17.58 -59.52 40.70
N THR J 514 16.91 -60.67 40.66
CA THR J 514 17.61 -61.94 40.87
C THR J 514 18.73 -62.10 39.85
N GLU J 515 18.41 -61.93 38.56
CA GLU J 515 19.44 -62.04 37.53
C GLU J 515 20.57 -61.05 37.76
N PHE J 516 20.23 -59.83 38.19
CA PHE J 516 21.28 -58.86 38.50
C PHE J 516 22.22 -59.37 39.59
N VAL J 517 21.71 -60.18 40.52
CA VAL J 517 22.53 -60.66 41.61
C VAL J 517 23.42 -61.81 41.17
N LEU J 518 22.86 -62.75 40.39
CA LEU J 518 23.60 -63.95 40.02
C LEU J 518 24.76 -63.62 39.08
N ASN J 519 24.48 -62.94 37.98
CA ASN J 519 25.50 -62.61 37.00
C ASN J 519 26.44 -61.53 37.52
N THR K 3 1.47 -15.04 -3.22
CA THR K 3 0.04 -15.31 -3.22
C THR K 3 -0.69 -14.35 -2.28
N THR K 4 -1.88 -13.92 -2.70
CA THR K 4 -2.66 -12.98 -1.91
C THR K 4 -3.23 -13.67 -0.67
N VAL K 5 -2.96 -13.10 0.50
CA VAL K 5 -3.44 -13.67 1.76
C VAL K 5 -4.88 -13.24 1.99
N PRO K 6 -5.81 -14.16 2.22
CA PRO K 6 -7.20 -13.74 2.46
C PRO K 6 -7.32 -12.97 3.76
N GLN K 7 -8.31 -12.08 3.79
CA GLN K 7 -8.51 -11.18 4.91
C GLN K 7 -9.99 -11.13 5.28
N VAL K 8 -10.25 -10.82 6.55
CA VAL K 8 -11.60 -10.58 7.04
C VAL K 8 -11.92 -9.08 7.06
N VAL K 9 -10.97 -8.28 7.54
CA VAL K 9 -11.10 -6.84 7.60
C VAL K 9 -9.89 -6.22 6.90
N SER K 10 -10.01 -4.93 6.59
CA SER K 10 -8.92 -4.23 5.91
C SER K 10 -7.63 -4.28 6.70
N LEU K 11 -7.72 -4.30 8.03
CA LEU K 11 -6.56 -4.15 8.90
C LEU K 11 -5.85 -5.47 9.19
N ASP K 12 -6.34 -6.58 8.67
CA ASP K 12 -5.69 -7.86 8.92
C ASP K 12 -4.35 -7.92 8.18
N PRO K 13 -3.27 -8.33 8.84
CA PRO K 13 -1.97 -8.33 8.16
C PRO K 13 -1.95 -9.22 6.94
N THR K 14 -1.01 -8.93 6.04
CA THR K 14 -0.84 -9.66 4.80
C THR K 14 0.48 -10.41 4.71
N THR K 15 1.45 -10.10 5.58
CA THR K 15 2.77 -10.67 5.51
C THR K 15 3.26 -10.98 6.92
N ILE K 16 4.32 -11.78 6.99
CA ILE K 16 5.02 -12.06 8.25
C ILE K 16 6.23 -11.14 8.32
N PRO K 17 6.30 -10.20 9.27
CA PRO K 17 7.51 -9.37 9.37
C PRO K 17 8.71 -10.23 9.75
N ILE K 18 9.71 -10.26 8.88
CA ILE K 18 10.93 -11.02 9.10
C ILE K 18 12.10 -10.06 9.03
N ASP K 19 13.01 -10.18 10.00
CA ASP K 19 14.23 -9.37 10.05
C ASP K 19 15.35 -10.23 9.44
N TYR K 20 15.71 -9.92 8.20
CA TYR K 20 16.84 -10.59 7.55
C TYR K 20 18.18 -9.99 7.95
N HIS K 21 18.19 -8.80 8.56
CA HIS K 21 19.41 -8.14 9.00
C HIS K 21 19.37 -8.02 10.52
N THR K 22 20.40 -8.57 11.17
CA THR K 22 20.55 -8.51 12.62
C THR K 22 21.72 -7.61 13.00
N PRO K 23 21.74 -7.10 14.23
CA PRO K 23 22.94 -6.38 14.69
C PRO K 23 24.20 -7.22 14.62
N ILE K 24 24.08 -8.55 14.53
CA ILE K 24 25.26 -9.39 14.42
C ILE K 24 25.93 -9.20 13.06
N ASP K 25 25.14 -8.88 12.03
CA ASP K 25 25.72 -8.59 10.71
C ASP K 25 26.53 -7.30 10.72
N ASP K 26 26.24 -6.38 11.64
CA ASP K 26 26.99 -5.14 11.78
C ASP K 26 28.16 -5.26 12.75
N LEU K 27 28.40 -6.45 13.31
CA LEU K 27 29.39 -6.66 14.35
C LEU K 27 30.59 -7.39 13.78
N SER K 28 31.78 -6.83 14.00
CA SER K 28 33.03 -7.48 13.64
C SER K 28 33.48 -8.36 14.79
N ILE K 29 33.81 -9.61 14.48
CA ILE K 29 34.18 -10.60 15.48
C ILE K 29 35.58 -11.10 15.18
N GLU K 30 36.40 -11.20 16.23
CA GLU K 30 37.80 -11.61 16.11
C GLU K 30 38.13 -12.60 17.22
N VAL K 31 39.00 -13.56 16.88
CA VAL K 31 39.42 -14.56 17.85
C VAL K 31 40.94 -14.59 17.93
N GLY K 44 36.86 -0.22 25.95
CA GLY K 44 35.60 -0.93 25.87
C GLY K 44 35.47 -2.03 26.90
N LEU K 45 34.29 -2.64 26.97
CA LEU K 45 34.04 -3.66 27.98
C LEU K 45 35.06 -4.79 27.90
N ILE K 46 35.46 -5.29 29.07
CA ILE K 46 36.31 -6.47 29.20
C ILE K 46 35.70 -7.34 30.29
N VAL K 47 35.80 -8.66 30.13
CA VAL K 47 35.26 -9.57 31.13
C VAL K 47 35.92 -10.93 30.98
N PHE K 48 36.28 -11.54 32.11
CA PHE K 48 36.97 -12.82 32.15
C PHE K 48 36.00 -13.93 32.55
N LEU K 49 36.13 -15.09 31.93
CA LEU K 49 35.24 -16.20 32.22
C LEU K 49 36.01 -17.21 33.06
N LEU K 50 35.90 -17.08 34.38
CA LEU K 50 36.60 -17.87 35.39
C LEU K 50 35.61 -18.82 36.05
N ASN K 51 36.19 -19.83 36.70
CA ASN K 51 35.45 -20.95 37.26
C ASN K 51 35.39 -20.95 38.78
N SER K 52 36.54 -20.87 39.45
CA SER K 52 36.57 -20.99 40.90
C SER K 52 37.75 -20.23 41.52
N THR K 78 33.46 -15.29 43.87
CA THR K 78 33.92 -16.66 44.06
C THR K 78 33.80 -17.46 42.76
N GLY K 79 32.90 -17.02 41.88
CA GLY K 79 32.79 -17.60 40.56
C GLY K 79 31.78 -18.73 40.43
N LYS K 80 30.63 -18.58 41.06
CA LYS K 80 29.58 -19.58 40.93
C LYS K 80 28.77 -19.35 39.67
N LEU K 81 28.35 -20.44 39.02
CA LEU K 81 27.64 -20.40 37.74
C LEU K 81 26.55 -19.33 37.76
N GLY K 82 26.74 -18.30 36.95
CA GLY K 82 25.90 -17.11 37.00
C GLY K 82 26.75 -15.92 37.32
N THR K 83 26.68 -15.43 38.56
CA THR K 83 27.73 -14.56 39.06
C THR K 83 28.03 -13.41 38.10
N SER K 84 27.29 -12.31 38.18
CA SER K 84 27.63 -11.14 37.37
C SER K 84 28.34 -10.13 38.25
N LYS K 85 29.32 -9.42 37.69
CA LYS K 85 30.12 -8.46 38.45
C LYS K 85 30.50 -7.27 37.58
N GLY K 103 31.14 -16.02 36.32
CA GLY K 103 30.91 -17.27 37.02
C GLY K 103 30.63 -18.42 36.10
N CYS K 104 31.29 -19.55 36.31
CA CYS K 104 31.08 -20.68 35.43
C CYS K 104 31.02 -22.02 36.17
N GLY K 105 31.00 -22.01 37.49
CA GLY K 105 30.92 -23.23 38.26
C GLY K 105 32.27 -23.90 38.34
N PRO K 106 32.32 -25.12 38.86
CA PRO K 106 33.59 -25.85 38.89
C PRO K 106 34.15 -26.03 37.48
N ALA K 107 35.44 -25.75 37.34
CA ALA K 107 36.07 -25.83 36.02
C ALA K 107 36.04 -27.27 35.51
N ASN K 108 35.97 -27.40 34.18
CA ASN K 108 35.96 -28.69 33.49
C ASN K 108 34.68 -29.46 33.73
N GLU K 109 33.63 -28.81 34.24
CA GLU K 109 32.31 -29.41 34.34
C GLU K 109 31.32 -28.62 33.49
N GLU K 110 31.78 -28.12 32.35
CA GLU K 110 30.98 -27.29 31.47
C GLU K 110 30.21 -28.16 30.47
N THR K 111 28.93 -27.84 30.30
CA THR K 111 28.09 -28.47 29.30
C THR K 111 27.20 -27.39 28.68
N GLU K 112 26.31 -27.82 27.78
CA GLU K 112 25.34 -26.88 27.22
C GLU K 112 24.57 -26.16 28.30
N LEU K 113 24.37 -26.81 29.46
CA LEU K 113 23.63 -26.20 30.55
C LEU K 113 24.37 -24.98 31.11
N GLU K 114 25.66 -25.14 31.39
CA GLU K 114 26.42 -24.06 32.02
C GLU K 114 26.64 -22.91 31.04
N ILE K 115 27.06 -23.21 29.81
CA ILE K 115 27.39 -22.16 28.86
C ILE K 115 26.19 -21.27 28.60
N ARG K 116 24.98 -21.82 28.62
CA ARG K 116 23.79 -21.01 28.41
C ARG K 116 23.60 -20.01 29.55
N LYS K 117 23.73 -20.46 30.79
CA LYS K 117 23.63 -19.56 31.93
C LYS K 117 24.77 -18.54 31.90
N VAL K 118 25.96 -18.98 31.48
CA VAL K 118 27.08 -18.05 31.35
C VAL K 118 26.74 -16.95 30.36
N ALA K 119 26.10 -17.31 29.25
CA ALA K 119 25.77 -16.32 28.22
C ALA K 119 24.64 -15.40 28.68
N TYR K 120 23.64 -15.95 29.36
CA TYR K 120 22.52 -15.12 29.82
C TYR K 120 22.99 -14.05 30.78
N ALA K 121 23.99 -14.37 31.63
CA ALA K 121 24.52 -13.38 32.55
C ALA K 121 25.39 -12.36 31.82
N LEU K 122 26.06 -12.77 30.75
CA LEU K 122 26.94 -11.86 30.03
C LEU K 122 26.13 -10.81 29.26
N VAL K 123 25.13 -11.25 28.50
CA VAL K 123 24.31 -10.31 27.73
C VAL K 123 23.65 -9.31 28.67
N THR K 124 23.18 -9.77 29.83
CA THR K 124 22.66 -8.85 30.83
C THR K 124 23.66 -7.76 31.16
N LEU K 125 24.95 -8.10 31.11
CA LEU K 125 26.02 -7.12 31.32
C LEU K 125 26.19 -6.27 30.07
N LYS K 132 30.41 0.24 20.63
CA LYS K 132 31.20 -0.24 21.75
C LYS K 132 32.01 -1.48 21.35
N LYS K 133 33.23 -1.57 21.88
CA LYS K 133 34.07 -2.75 21.74
C LYS K 133 33.99 -3.57 23.01
N VAL K 134 33.82 -4.89 22.85
CA VAL K 134 33.71 -5.81 23.96
C VAL K 134 34.62 -7.00 23.69
N SER K 135 35.37 -7.42 24.71
CA SER K 135 36.30 -8.53 24.57
C SER K 135 36.09 -9.49 25.72
N ILE K 136 35.83 -10.75 25.42
CA ILE K 136 35.68 -11.81 26.39
C ILE K 136 36.92 -12.69 26.30
N ILE K 137 37.71 -12.70 27.38
CA ILE K 137 38.95 -13.45 27.48
C ILE K 137 38.62 -14.74 28.22
N PHE K 138 38.52 -15.84 27.48
CA PHE K 138 38.09 -17.10 28.05
C PHE K 138 39.20 -17.71 28.89
N GLU K 139 38.99 -17.80 30.20
CA GLU K 139 39.84 -18.55 31.11
C GLU K 139 39.21 -19.90 31.45
N ILE K 140 38.57 -20.52 30.47
CA ILE K 140 37.85 -21.78 30.62
C ILE K 140 38.42 -22.79 29.64
N LYS K 141 38.13 -24.06 29.89
CA LYS K 141 38.38 -25.11 28.91
C LYS K 141 37.09 -25.33 28.14
N ILE K 142 37.11 -25.03 26.84
CA ILE K 142 35.92 -25.04 26.01
C ILE K 142 36.26 -25.69 24.68
N GLU K 143 35.54 -26.76 24.33
CA GLU K 143 35.69 -27.38 23.02
C GLU K 143 35.05 -26.51 21.95
N GLU K 144 35.59 -26.61 20.73
CA GLU K 144 35.10 -25.76 19.63
C GLU K 144 33.58 -25.84 19.50
N ALA K 145 33.02 -27.03 19.64
CA ALA K 145 31.56 -27.18 19.54
C ALA K 145 30.86 -26.38 20.63
N LEU K 146 31.32 -26.52 21.88
CA LEU K 146 30.76 -25.69 22.95
C LEU K 146 31.14 -24.23 22.79
N PHE K 147 32.35 -23.96 22.26
CA PHE K 147 32.74 -22.59 21.97
C PHE K 147 31.76 -21.94 21.00
N ARG K 148 31.52 -22.59 19.87
CA ARG K 148 30.54 -22.10 18.91
C ARG K 148 29.17 -21.94 19.56
N PHE K 149 28.80 -22.86 20.44
CA PHE K 149 27.48 -22.80 21.07
C PHE K 149 27.34 -21.59 21.99
N PHE K 150 28.45 -21.15 22.60
CA PHE K 150 28.38 -20.00 23.49
C PHE K 150 27.99 -18.73 22.74
N LEU K 151 28.50 -18.58 21.50
CA LEU K 151 28.23 -17.37 20.74
C LEU K 151 26.82 -17.38 20.15
N GLU K 152 26.38 -18.53 19.66
CA GLU K 152 25.02 -18.64 19.13
C GLU K 152 24.00 -18.20 20.17
N HIS K 153 24.07 -18.79 21.37
CA HIS K 153 23.13 -18.42 22.43
C HIS K 153 23.34 -16.97 22.87
N LEU K 154 24.57 -16.47 22.79
CA LEU K 154 24.83 -15.08 23.17
C LEU K 154 24.10 -14.13 22.24
N PHE K 155 24.10 -14.42 20.93
CA PHE K 155 23.33 -13.61 20.00
C PHE K 155 21.84 -13.83 20.18
N TYR K 156 21.44 -15.08 20.41
CA TYR K 156 20.03 -15.40 20.65
C TYR K 156 19.47 -14.58 21.80
N GLU K 157 20.25 -14.44 22.87
CA GLU K 157 19.83 -13.62 24.01
C GLU K 157 20.05 -12.13 23.78
N TYR K 158 20.98 -11.77 22.89
CA TYR K 158 21.30 -10.36 22.68
C TYR K 158 20.27 -9.67 21.78
N VAL K 159 19.96 -10.26 20.64
CA VAL K 159 19.13 -9.60 19.64
C VAL K 159 17.66 -9.70 20.07
N THR K 160 17.04 -8.56 20.29
CA THR K 160 15.65 -8.49 20.72
C THR K 160 14.70 -8.60 19.54
N ASP K 161 13.50 -9.11 19.81
CA ASP K 161 12.43 -9.20 18.82
C ASP K 161 11.44 -8.07 19.10
N GLU K 162 11.42 -7.07 18.20
CA GLU K 162 10.59 -5.89 18.38
C GLU K 162 9.65 -5.65 17.21
N ARG K 163 9.36 -6.69 16.42
CA ARG K 163 8.53 -6.52 15.23
C ARG K 163 7.11 -6.10 15.55
N PHE K 164 6.63 -6.36 16.78
CA PHE K 164 5.25 -6.12 17.14
C PHE K 164 5.10 -5.06 18.22
N LYS K 165 6.17 -4.35 18.57
CA LYS K 165 6.09 -3.24 19.50
C LYS K 165 5.85 -1.93 18.75
N SER K 166 5.19 -1.00 19.40
CA SER K 166 4.87 0.29 18.79
C SER K 166 5.75 1.40 19.39
N PHE K 175 24.12 -0.72 19.51
CA PHE K 175 24.50 -2.12 19.70
C PHE K 175 26.03 -2.28 19.62
N ILE K 176 26.51 -3.47 19.97
CA ILE K 176 27.94 -3.74 19.89
C ILE K 176 28.38 -3.70 18.43
N LYS K 177 29.67 -3.39 18.23
CA LYS K 177 30.23 -3.34 16.88
C LYS K 177 31.61 -3.99 16.76
N ASN K 178 32.27 -4.35 17.86
CA ASN K 178 33.56 -5.00 17.78
C ASN K 178 33.67 -6.00 18.92
N LEU K 179 33.85 -7.26 18.61
CA LEU K 179 33.96 -8.29 19.62
C LEU K 179 35.22 -9.12 19.38
N SER K 180 36.03 -9.23 20.43
CA SER K 180 37.28 -9.97 20.43
C SER K 180 37.20 -11.06 21.49
N LEU K 181 37.48 -12.30 21.07
CA LEU K 181 37.43 -13.46 21.96
C LEU K 181 38.84 -13.99 22.11
N HIS K 182 39.42 -13.81 23.30
CA HIS K 182 40.77 -14.27 23.60
C HIS K 182 40.69 -15.64 24.26
N ILE K 183 41.21 -16.66 23.57
CA ILE K 183 41.16 -18.04 24.04
C ILE K 183 42.55 -18.64 23.91
N ALA K 184 42.72 -19.82 24.52
CA ALA K 184 43.95 -20.59 24.39
C ALA K 184 43.89 -21.46 23.14
N ASN K 185 44.98 -21.51 22.39
CA ASN K 185 45.00 -22.15 21.09
C ASN K 185 43.95 -21.52 20.18
N ALA K 186 43.99 -20.18 20.10
CA ALA K 186 42.89 -19.44 19.50
C ALA K 186 42.68 -19.79 18.03
N ASP K 187 43.73 -20.23 17.33
CA ASP K 187 43.59 -20.47 15.90
C ASP K 187 42.78 -21.72 15.59
N ALA K 188 42.70 -22.66 16.53
CA ALA K 188 41.95 -23.89 16.30
C ALA K 188 40.45 -23.72 16.46
N TYR K 189 39.98 -22.55 16.92
CA TYR K 189 38.56 -22.24 17.01
C TYR K 189 38.14 -21.17 16.03
N LYS K 190 39.06 -20.65 15.21
CA LYS K 190 38.72 -19.59 14.27
C LYS K 190 37.66 -20.03 13.27
N GLY K 191 37.59 -21.34 12.97
CA GLY K 191 36.69 -21.83 11.95
C GLY K 191 35.23 -21.86 12.32
N GLN K 192 34.87 -21.52 13.55
CA GLN K 192 33.50 -21.60 14.03
C GLN K 192 32.82 -20.23 14.12
N ILE K 193 33.49 -19.17 13.68
CA ILE K 193 32.88 -17.84 13.75
C ILE K 193 31.81 -17.70 12.67
N ASP K 194 32.14 -18.03 11.43
CA ASP K 194 31.14 -17.99 10.37
C ASP K 194 30.09 -19.07 10.56
N LYS K 195 30.48 -20.23 11.10
CA LYS K 195 29.51 -21.28 11.40
C LYS K 195 28.51 -20.81 12.45
N ALA K 196 28.99 -20.09 13.48
CA ALA K 196 28.10 -19.59 14.50
C ALA K 196 27.20 -18.47 13.97
N ARG K 197 27.69 -17.71 12.98
CA ARG K 197 26.87 -16.67 12.39
C ARG K 197 25.66 -17.24 11.68
N VAL K 198 25.87 -18.29 10.87
CA VAL K 198 24.76 -18.89 10.14
C VAL K 198 23.88 -19.72 11.08
N TYR K 199 24.49 -20.43 12.02
CA TYR K 199 23.71 -21.23 12.97
C TYR K 199 22.82 -20.34 13.82
N PHE K 200 23.33 -19.19 14.25
CA PHE K 200 22.51 -18.27 15.04
C PHE K 200 21.29 -17.82 14.25
N TYR K 201 21.51 -17.33 13.01
CA TYR K 201 20.40 -16.76 12.27
C TYR K 201 19.37 -17.82 11.91
N GLY K 202 19.82 -19.02 11.54
CA GLY K 202 18.88 -20.10 11.30
C GLY K 202 17.95 -20.32 12.48
N THR K 203 18.52 -20.38 13.68
CA THR K 203 17.71 -20.48 14.89
C THR K 203 16.90 -19.21 15.11
N TYR K 204 17.51 -18.04 14.94
CA TYR K 204 16.76 -16.81 15.10
C TYR K 204 15.65 -16.72 14.07
N TYR K 205 15.89 -17.22 12.86
CA TYR K 205 14.84 -17.21 11.84
C TYR K 205 13.64 -18.05 12.26
N ALA K 206 13.90 -19.30 12.66
CA ALA K 206 12.82 -20.16 13.14
C ALA K 206 12.07 -19.52 14.30
N ALA K 207 12.81 -18.86 15.20
CA ALA K 207 12.17 -18.26 16.37
C ALA K 207 11.17 -17.18 15.98
N GLN K 208 11.52 -16.34 15.00
CA GLN K 208 10.60 -15.28 14.59
C GLN K 208 9.39 -15.84 13.85
N LEU K 209 9.54 -16.99 13.19
CA LEU K 209 8.38 -17.63 12.58
C LEU K 209 7.46 -18.19 13.65
N ILE K 210 8.02 -18.72 14.74
CA ILE K 210 7.20 -19.25 15.83
C ILE K 210 6.57 -18.11 16.63
N ALA K 211 7.38 -17.11 17.00
CA ALA K 211 6.86 -16.02 17.80
C ALA K 211 5.79 -15.21 17.07
N ALA K 212 5.76 -15.27 15.75
CA ALA K 212 4.78 -14.49 15.00
C ALA K 212 3.38 -14.98 15.33
N PRO K 213 2.46 -14.09 15.70
CA PRO K 213 1.08 -14.53 15.98
C PRO K 213 0.44 -15.20 14.78
N SER K 214 -0.63 -15.94 15.05
CA SER K 214 -1.27 -16.73 14.00
C SER K 214 -2.05 -15.88 13.01
N ASN K 215 -2.50 -14.68 13.40
CA ASN K 215 -3.10 -13.77 12.43
C ASN K 215 -2.06 -13.16 11.51
N TYR K 216 -0.79 -13.16 11.92
CA TYR K 216 0.30 -12.77 11.04
C TYR K 216 0.83 -13.96 10.24
N CYS K 217 1.03 -15.10 10.92
CA CYS K 217 1.59 -16.31 10.31
C CYS K 217 0.47 -17.33 10.12
N ASN K 218 -0.13 -17.32 8.93
CA ASN K 218 -1.13 -18.27 8.49
C ASN K 218 -0.57 -19.11 7.35
N PRO K 219 -1.29 -20.16 6.93
CA PRO K 219 -0.71 -21.07 5.92
C PRO K 219 -0.17 -20.38 4.68
N VAL K 220 -0.93 -19.45 4.09
CA VAL K 220 -0.46 -18.79 2.87
C VAL K 220 0.71 -17.86 3.18
N SER K 221 0.57 -17.03 4.21
CA SER K 221 1.64 -16.11 4.57
C SER K 221 2.93 -16.86 4.90
N LEU K 222 2.82 -18.05 5.48
CA LEU K 222 4.02 -18.83 5.80
C LEU K 222 4.61 -19.48 4.55
N SER K 223 3.77 -19.84 3.58
CA SER K 223 4.28 -20.37 2.32
C SER K 223 4.97 -19.28 1.51
N ASN K 224 4.42 -18.06 1.53
CA ASN K 224 5.07 -16.95 0.85
C ASN K 224 6.43 -16.64 1.45
N ALA K 225 6.54 -16.77 2.79
CA ALA K 225 7.85 -16.59 3.43
C ALA K 225 8.80 -17.72 3.07
N ALA K 226 8.28 -18.93 2.88
CA ALA K 226 9.13 -20.04 2.46
C ALA K 226 9.65 -19.82 1.04
N VAL K 227 8.84 -19.22 0.18
CA VAL K 227 9.29 -18.90 -1.18
C VAL K 227 10.44 -17.90 -1.13
N GLU K 228 10.21 -16.76 -0.46
CA GLU K 228 11.24 -15.74 -0.37
C GLU K 228 12.54 -16.31 0.20
N LEU K 229 12.43 -17.23 1.16
CA LEU K 229 13.63 -17.86 1.70
C LEU K 229 14.37 -18.65 0.64
N ALA K 230 13.64 -19.41 -0.18
CA ALA K 230 14.27 -20.20 -1.23
C ALA K 230 14.96 -19.32 -2.26
N GLN K 231 14.42 -18.12 -2.50
CA GLN K 231 15.06 -17.19 -3.43
C GLN K 231 16.37 -16.64 -2.88
N LYS K 232 16.46 -16.49 -1.55
CA LYS K 232 17.60 -15.80 -0.95
C LYS K 232 18.77 -16.73 -0.63
N VAL K 233 18.54 -18.04 -0.52
CA VAL K 233 19.62 -19.00 -0.31
C VAL K 233 19.66 -20.04 -1.42
N ASN K 234 19.07 -19.74 -2.57
CA ASN K 234 19.15 -20.60 -3.74
C ASN K 234 18.65 -22.00 -3.45
N LEU K 235 17.33 -22.18 -3.44
CA LEU K 235 16.73 -23.49 -3.26
C LEU K 235 15.57 -23.63 -4.23
N GLU K 236 15.42 -24.82 -4.81
CA GLU K 236 14.22 -25.14 -5.55
C GLU K 236 13.02 -25.06 -4.61
N CYS K 237 11.90 -24.55 -5.11
CA CYS K 237 10.72 -24.34 -4.28
C CYS K 237 9.47 -24.62 -5.09
N LYS K 238 8.59 -25.45 -4.54
CA LYS K 238 7.28 -25.71 -5.11
C LYS K 238 6.26 -25.77 -3.99
N ILE K 239 5.18 -25.03 -4.14
CA ILE K 239 4.10 -24.97 -3.17
C ILE K 239 2.91 -25.72 -3.78
N LEU K 240 2.60 -26.89 -3.24
CA LEU K 240 1.47 -27.67 -3.73
C LEU K 240 0.17 -27.11 -3.17
N ASP K 241 -0.82 -26.91 -4.04
CA ASP K 241 -2.08 -26.29 -3.68
C ASP K 241 -3.17 -27.35 -3.55
N VAL K 242 -4.36 -26.90 -3.15
CA VAL K 242 -5.43 -27.81 -2.77
C VAL K 242 -5.73 -28.80 -3.90
N LYS K 243 -5.83 -28.29 -5.13
CA LYS K 243 -6.31 -29.13 -6.22
C LYS K 243 -5.34 -30.28 -6.50
N GLU K 244 -4.04 -30.03 -6.49
CA GLU K 244 -3.09 -31.11 -6.66
C GLU K 244 -3.01 -31.99 -5.41
N LEU K 245 -3.18 -31.40 -4.23
CA LEU K 245 -3.29 -32.20 -3.02
C LEU K 245 -4.46 -33.19 -3.15
N GLU K 246 -5.60 -32.71 -3.65
CA GLU K 246 -6.72 -33.61 -3.90
C GLU K 246 -6.33 -34.69 -4.89
N GLU K 247 -5.60 -34.32 -5.95
CA GLU K 247 -5.15 -35.32 -6.92
C GLU K 247 -4.25 -36.36 -6.26
N LEU K 248 -3.37 -35.93 -5.36
CA LEU K 248 -2.51 -36.85 -4.62
C LEU K 248 -3.26 -37.59 -3.52
N LYS K 249 -4.55 -37.30 -3.33
CA LYS K 249 -5.40 -38.08 -2.42
C LYS K 249 -4.91 -37.99 -0.98
N MET K 250 -4.47 -36.81 -0.56
CA MET K 250 -4.01 -36.59 0.81
C MET K 250 -5.21 -36.19 1.68
N GLY K 251 -6.07 -37.18 1.92
CA GLY K 251 -7.31 -36.92 2.65
C GLY K 251 -7.09 -36.60 4.11
N ALA K 252 -6.10 -37.21 4.74
CA ALA K 252 -5.81 -36.91 6.15
C ALA K 252 -5.40 -35.46 6.31
N TYR K 253 -4.39 -35.03 5.54
CA TYR K 253 -3.91 -33.66 5.66
C TYR K 253 -4.98 -32.65 5.25
N LEU K 254 -5.76 -32.96 4.21
CA LEU K 254 -6.74 -31.99 3.72
C LEU K 254 -7.90 -31.80 4.70
N SER K 255 -8.25 -32.83 5.46
CA SER K 255 -9.42 -32.72 6.32
C SER K 255 -9.14 -31.85 7.54
N VAL K 256 -7.89 -31.77 7.98
CA VAL K 256 -7.55 -30.91 9.12
C VAL K 256 -7.82 -29.45 8.80
N GLY K 257 -7.57 -29.04 7.55
CA GLY K 257 -7.74 -27.67 7.15
C GLY K 257 -9.11 -27.30 6.66
N LYS K 258 -10.06 -28.23 6.69
CA LYS K 258 -11.39 -27.96 6.14
C LYS K 258 -12.06 -26.79 6.82
N GLY K 259 -11.83 -26.60 8.12
CA GLY K 259 -12.48 -25.56 8.87
C GLY K 259 -11.77 -24.22 8.91
N SER K 260 -10.70 -24.05 8.14
CA SER K 260 -9.88 -22.86 8.20
C SER K 260 -10.20 -21.89 7.08
N MET K 261 -10.04 -20.60 7.36
CA MET K 261 -10.20 -19.54 6.37
C MET K 261 -9.10 -19.57 5.32
N TYR K 262 -7.97 -20.21 5.62
CA TYR K 262 -6.80 -20.18 4.75
C TYR K 262 -6.63 -21.52 4.05
N PRO K 263 -6.42 -21.54 2.73
CA PRO K 263 -6.25 -22.83 2.05
C PRO K 263 -4.96 -23.51 2.45
N ASN K 264 -4.99 -24.84 2.40
CA ASN K 264 -3.80 -25.63 2.67
C ASN K 264 -2.72 -25.32 1.65
N LYS K 265 -1.47 -25.28 2.09
CA LYS K 265 -0.33 -25.02 1.23
C LYS K 265 0.81 -25.92 1.66
N PHE K 266 1.16 -26.90 0.82
CA PHE K 266 2.23 -27.84 1.10
C PHE K 266 3.55 -27.24 0.64
N ILE K 267 4.50 -27.10 1.55
CA ILE K 267 5.80 -26.52 1.25
C ILE K 267 6.76 -27.65 0.88
N HIS K 268 7.49 -27.48 -0.21
CA HIS K 268 8.50 -28.44 -0.64
C HIS K 268 9.66 -27.66 -1.25
N LEU K 269 10.75 -27.52 -0.50
CA LEU K 269 11.98 -26.94 -0.98
C LEU K 269 13.04 -28.03 -1.11
N THR K 270 13.94 -27.86 -2.07
CA THR K 270 14.95 -28.87 -2.37
C THR K 270 16.31 -28.22 -2.48
N TYR K 271 17.30 -28.82 -1.83
CA TYR K 271 18.70 -28.45 -1.99
C TYR K 271 19.44 -29.60 -2.67
N LYS K 272 20.28 -29.26 -3.65
CA LYS K 272 21.07 -30.24 -4.38
C LYS K 272 22.52 -29.79 -4.37
N GLY K 273 23.40 -30.61 -3.78
CA GLY K 273 24.80 -30.26 -3.69
C GLY K 273 25.61 -30.77 -4.86
N ALA K 274 26.81 -30.23 -4.98
CA ALA K 274 27.73 -30.59 -6.07
C ALA K 274 28.50 -31.85 -5.72
N LYS K 284 24.10 -38.85 -0.92
CA LYS K 284 22.91 -39.30 -0.24
C LYS K 284 21.78 -38.28 -0.38
N LYS K 285 20.55 -38.72 -0.11
CA LYS K 285 19.37 -37.86 -0.18
C LYS K 285 18.59 -37.97 1.12
N ILE K 286 18.09 -36.84 1.60
CA ILE K 286 17.40 -36.76 2.88
C ILE K 286 16.08 -36.04 2.70
N ALA K 287 15.12 -36.36 3.57
CA ALA K 287 13.81 -35.70 3.61
C ALA K 287 13.58 -35.21 5.03
N LEU K 288 13.34 -33.92 5.18
CA LEU K 288 13.11 -33.31 6.49
C LEU K 288 11.66 -32.81 6.54
N ILE K 289 10.87 -33.41 7.41
CA ILE K 289 9.46 -33.09 7.55
C ILE K 289 9.26 -32.24 8.80
N GLY K 290 8.42 -31.22 8.69
CA GLY K 290 8.16 -30.33 9.80
C GLY K 290 6.68 -30.07 10.00
N LYS K 291 6.17 -30.40 11.19
CA LYS K 291 4.77 -30.14 11.50
C LYS K 291 4.49 -28.64 11.39
N GLY K 292 3.44 -28.29 10.64
CA GLY K 292 3.14 -26.91 10.37
C GLY K 292 1.70 -26.52 10.56
N ILE K 293 1.21 -26.58 11.79
CA ILE K 293 -0.12 -26.11 12.13
C ILE K 293 0.03 -24.69 12.67
N THR K 294 -0.37 -23.70 11.87
CA THR K 294 -0.13 -22.30 12.24
C THR K 294 -0.89 -21.94 13.51
N PHE K 295 -2.02 -22.59 13.78
CA PHE K 295 -2.73 -22.44 15.04
C PHE K 295 -3.59 -23.67 15.27
N ASP K 296 -3.48 -24.25 16.46
CA ASP K 296 -4.19 -25.47 16.82
C ASP K 296 -5.18 -25.14 17.94
N SER K 297 -6.40 -24.78 17.54
CA SER K 297 -7.48 -24.64 18.51
C SER K 297 -7.95 -25.98 19.04
N GLY K 298 -7.51 -27.08 18.45
CA GLY K 298 -7.98 -28.40 18.80
C GLY K 298 -9.14 -28.90 17.97
N GLY K 299 -9.77 -28.04 17.17
CA GLY K 299 -10.95 -28.45 16.45
C GLY K 299 -12.15 -28.56 17.40
N TYR K 300 -13.10 -29.39 16.99
CA TYR K 300 -14.27 -29.60 17.85
C TYR K 300 -13.87 -30.24 19.18
N ASN K 301 -12.71 -30.90 19.24
CA ASN K 301 -12.06 -31.23 20.51
C ASN K 301 -11.31 -29.99 21.02
N LEU K 302 -12.09 -28.93 21.23
CA LEU K 302 -11.51 -27.62 21.53
C LEU K 302 -10.67 -27.66 22.80
N LYS K 303 -9.54 -26.96 22.77
CA LYS K 303 -8.64 -26.85 23.92
C LYS K 303 -9.30 -25.95 24.96
N ALA K 304 -10.19 -26.55 25.76
CA ALA K 304 -10.90 -25.84 26.81
C ALA K 304 -10.51 -26.29 28.20
N ALA K 305 -9.73 -27.37 28.33
CA ALA K 305 -9.34 -27.85 29.64
C ALA K 305 -8.28 -26.95 30.25
N PRO K 306 -8.19 -26.89 31.58
CA PRO K 306 -7.14 -26.08 32.20
C PRO K 306 -5.75 -26.57 31.80
N GLY K 307 -4.87 -25.62 31.50
CA GLY K 307 -3.51 -25.94 31.10
C GLY K 307 -3.34 -26.41 29.67
N SER K 308 -4.37 -26.28 28.84
CA SER K 308 -4.27 -26.70 27.45
C SER K 308 -3.47 -25.72 26.58
N MET K 309 -3.21 -24.51 27.08
CA MET K 309 -2.29 -23.57 26.44
C MET K 309 -2.81 -23.09 25.08
N ILE K 310 -4.12 -22.84 24.99
CA ILE K 310 -4.67 -22.43 23.70
C ILE K 310 -4.09 -21.10 23.24
N ASP K 311 -3.61 -20.28 24.17
CA ASP K 311 -3.03 -18.99 23.82
C ASP K 311 -1.61 -19.11 23.29
N LEU K 312 -0.95 -20.25 23.46
CA LEU K 312 0.41 -20.46 22.97
C LEU K 312 0.46 -21.40 21.76
N MET K 313 -0.69 -21.87 21.27
CA MET K 313 -0.70 -22.86 20.19
C MET K 313 -0.35 -22.28 18.84
N LYS K 314 0.17 -21.05 18.77
CA LYS K 314 0.83 -20.60 17.55
C LYS K 314 2.17 -21.28 17.35
N PHE K 315 2.63 -22.07 18.32
CA PHE K 315 3.93 -22.73 18.27
C PHE K 315 3.86 -24.16 17.76
N ASP K 316 2.66 -24.67 17.45
CA ASP K 316 2.55 -25.95 16.78
C ASP K 316 3.14 -25.91 15.37
N MET K 317 3.60 -24.73 14.93
CA MET K 317 4.33 -24.53 13.69
C MET K 317 5.83 -24.77 13.84
N SER K 318 6.31 -25.08 15.05
CA SER K 318 7.74 -25.08 15.31
C SER K 318 8.47 -26.14 14.52
N GLY K 319 7.82 -27.29 14.27
CA GLY K 319 8.46 -28.32 13.46
C GLY K 319 8.86 -27.80 12.10
N CYS K 320 7.92 -27.16 11.40
CA CYS K 320 8.25 -26.58 10.10
C CYS K 320 9.21 -25.41 10.25
N ALA K 321 9.06 -24.62 11.32
CA ALA K 321 10.02 -23.55 11.56
C ALA K 321 11.43 -24.10 11.76
N ALA K 322 11.53 -25.33 12.28
CA ALA K 322 12.85 -25.92 12.51
C ALA K 322 13.52 -26.30 11.19
N VAL K 323 12.74 -26.83 10.24
CA VAL K 323 13.33 -27.26 8.97
C VAL K 323 13.54 -26.07 8.04
N LEU K 324 12.67 -25.05 8.11
CA LEU K 324 12.88 -23.86 7.30
C LEU K 324 14.14 -23.13 7.76
N GLY K 325 14.37 -23.05 9.07
CA GLY K 325 15.64 -22.53 9.55
C GLY K 325 16.81 -23.38 9.11
N CYS K 326 16.63 -24.70 9.09
CA CYS K 326 17.67 -25.58 8.57
C CYS K 326 17.89 -25.34 7.08
N ALA K 327 16.83 -25.00 6.35
CA ALA K 327 16.97 -24.71 4.93
C ALA K 327 17.88 -23.50 4.72
N TYR K 328 17.80 -22.52 5.62
CA TYR K 328 18.68 -21.36 5.51
C TYR K 328 20.14 -21.77 5.68
N CYS K 329 20.44 -22.53 6.73
CA CYS K 329 21.82 -22.94 6.98
C CYS K 329 22.36 -23.76 5.82
N ILE K 330 21.63 -24.80 5.41
CA ILE K 330 22.11 -25.67 4.35
C ILE K 330 22.20 -24.90 3.03
N GLY K 331 21.25 -24.01 2.78
CA GLY K 331 21.31 -23.19 1.58
C GLY K 331 22.47 -22.21 1.55
N THR K 332 22.98 -21.83 2.73
CA THR K 332 24.10 -20.90 2.81
C THR K 332 25.43 -21.64 2.89
N ILE K 333 25.50 -22.75 3.64
CA ILE K 333 26.74 -23.50 3.75
C ILE K 333 27.06 -24.21 2.43
N LYS K 334 26.04 -24.69 1.73
CA LYS K 334 26.20 -25.34 0.45
C LYS K 334 27.14 -26.54 0.55
N PRO K 335 26.75 -27.58 1.29
CA PRO K 335 27.60 -28.78 1.37
C PRO K 335 27.56 -29.57 0.06
N ASP K 336 28.50 -30.50 -0.06
CA ASP K 336 28.64 -31.31 -1.25
C ASP K 336 28.13 -32.72 -1.02
N ASN K 337 27.63 -33.33 -2.10
CA ASN K 337 27.21 -34.74 -2.09
C ASN K 337 26.06 -34.97 -1.11
N VAL K 338 25.02 -34.15 -1.24
CA VAL K 338 23.85 -34.26 -0.37
C VAL K 338 22.68 -33.54 -1.03
N GLU K 339 21.52 -34.19 -1.01
CA GLU K 339 20.27 -33.62 -1.49
C GLU K 339 19.23 -33.76 -0.39
N VAL K 340 18.75 -32.62 0.11
CA VAL K 340 17.82 -32.55 1.24
C VAL K 340 16.53 -31.91 0.74
N HIS K 341 15.41 -32.59 0.99
CA HIS K 341 14.09 -32.04 0.68
C HIS K 341 13.44 -31.53 1.97
N PHE K 342 13.01 -30.28 1.98
CA PHE K 342 12.40 -29.66 3.14
C PHE K 342 10.89 -29.62 2.92
N LEU K 343 10.16 -30.39 3.75
CA LEU K 343 8.74 -30.60 3.56
C LEU K 343 7.96 -30.18 4.81
N SER K 344 6.74 -29.69 4.58
CA SER K 344 5.82 -29.45 5.68
C SER K 344 4.41 -29.19 5.15
N ALA K 345 3.46 -30.03 5.56
CA ALA K 345 2.05 -29.87 5.19
C ALA K 345 1.44 -28.82 6.10
N VAL K 346 1.34 -27.59 5.60
CA VAL K 346 0.88 -26.45 6.39
C VAL K 346 -0.63 -26.38 6.33
N CYS K 347 -1.25 -26.05 7.47
CA CYS K 347 -2.70 -25.88 7.56
C CYS K 347 -3.03 -25.28 8.92
N GLU K 348 -4.32 -25.06 9.16
CA GLU K 348 -4.83 -24.45 10.38
C GLU K 348 -6.04 -25.24 10.86
N ASN K 349 -6.09 -25.53 12.15
CA ASN K 349 -7.15 -26.35 12.76
C ASN K 349 -8.13 -25.45 13.49
N MET K 350 -9.35 -25.37 12.98
CA MET K 350 -10.32 -24.38 13.44
C MET K 350 -11.69 -25.03 13.65
N VAL K 351 -12.61 -24.24 14.19
CA VAL K 351 -13.99 -24.64 14.45
C VAL K 351 -14.87 -23.86 13.49
N SER K 352 -15.69 -24.56 12.70
CA SER K 352 -16.47 -23.94 11.64
C SER K 352 -17.52 -24.92 11.15
N LYS K 353 -18.43 -24.40 10.32
CA LYS K 353 -19.34 -25.27 9.57
C LYS K 353 -18.58 -26.41 8.91
N ASN K 354 -17.41 -26.11 8.34
CA ASN K 354 -16.72 -26.99 7.41
C ASN K 354 -15.67 -27.86 8.08
N SER K 355 -15.48 -27.73 9.39
CA SER K 355 -14.47 -28.52 10.07
C SER K 355 -14.82 -30.00 9.99
N TYR K 356 -13.80 -30.85 9.98
CA TYR K 356 -14.01 -32.29 10.12
C TYR K 356 -14.32 -32.63 11.58
N ARG K 357 -15.15 -33.64 11.76
CA ARG K 357 -15.73 -33.94 13.06
C ARG K 357 -14.97 -35.06 13.76
N PRO K 358 -15.03 -35.10 15.08
CA PRO K 358 -14.62 -36.33 15.78
C PRO K 358 -15.47 -37.50 15.32
N GLY K 359 -14.81 -38.60 15.01
CA GLY K 359 -15.47 -39.79 14.50
C GLY K 359 -15.46 -39.91 12.99
N ASP K 360 -15.15 -38.84 12.27
CA ASP K 360 -15.03 -38.94 10.82
C ASP K 360 -13.98 -39.97 10.46
N ILE K 361 -14.23 -40.72 9.39
CA ILE K 361 -13.26 -41.64 8.82
C ILE K 361 -12.70 -41.00 7.56
N ILE K 362 -11.38 -40.85 7.52
CA ILE K 362 -10.68 -40.21 6.40
C ILE K 362 -9.70 -41.21 5.82
N THR K 363 -9.39 -41.03 4.54
CA THR K 363 -8.48 -41.92 3.81
C THR K 363 -7.22 -41.15 3.49
N ALA K 364 -6.07 -41.68 3.93
CA ALA K 364 -4.79 -41.06 3.67
C ALA K 364 -4.35 -41.34 2.23
N SER K 365 -3.24 -40.69 1.85
CA SER K 365 -2.69 -40.91 0.52
C SER K 365 -2.19 -42.34 0.33
N ASN K 366 -1.94 -43.06 1.43
CA ASN K 366 -1.58 -44.47 1.37
C ASN K 366 -2.78 -45.39 1.19
N GLY K 367 -3.99 -44.83 1.15
CA GLY K 367 -5.19 -45.64 1.12
C GLY K 367 -5.66 -46.15 2.46
N LYS K 368 -4.86 -45.98 3.51
CA LYS K 368 -5.25 -46.44 4.83
C LYS K 368 -6.32 -45.52 5.41
N THR K 369 -7.42 -46.12 5.89
CA THR K 369 -8.52 -45.36 6.47
C THR K 369 -8.24 -45.11 7.95
N ILE K 370 -8.66 -43.94 8.43
CA ILE K 370 -8.33 -43.47 9.78
C ILE K 370 -9.59 -42.95 10.44
N GLU K 371 -9.92 -43.49 11.60
CA GLU K 371 -11.01 -42.96 12.43
C GLU K 371 -10.44 -41.88 13.35
N VAL K 372 -11.02 -40.69 13.30
CA VAL K 372 -10.53 -39.55 14.06
C VAL K 372 -11.19 -39.61 15.43
N GLY K 373 -10.50 -40.22 16.39
CA GLY K 373 -10.99 -40.24 17.76
C GLY K 373 -10.84 -38.92 18.49
N ASN K 374 -9.99 -38.03 17.98
CA ASN K 374 -9.78 -36.74 18.62
C ASN K 374 -9.27 -35.76 17.57
N THR K 375 -10.02 -34.68 17.33
CA THR K 375 -9.63 -33.71 16.33
C THR K 375 -8.41 -32.89 16.74
N ASP K 376 -8.07 -32.89 18.03
CA ASP K 376 -6.87 -32.23 18.52
C ASP K 376 -5.62 -33.10 18.35
N ALA K 377 -5.76 -34.30 17.80
CA ALA K 377 -4.63 -35.11 17.36
C ALA K 377 -4.41 -34.95 15.86
N GLU K 378 -4.45 -33.71 15.39
CA GLU K 378 -4.43 -33.44 13.95
C GLU K 378 -3.02 -33.47 13.37
N GLY K 379 -2.01 -33.09 14.16
CA GLY K 379 -0.66 -33.03 13.62
C GLY K 379 -0.21 -34.34 13.01
N ARG K 380 -0.52 -35.46 13.67
CA ARG K 380 -0.12 -36.76 13.16
C ARG K 380 -0.86 -37.12 11.87
N LEU K 381 -1.99 -36.48 11.60
CA LEU K 381 -2.70 -36.72 10.35
C LEU K 381 -2.05 -35.97 9.20
N THR K 382 -1.64 -34.72 9.43
CA THR K 382 -0.92 -33.99 8.39
C THR K 382 0.44 -34.63 8.11
N LEU K 383 1.15 -35.03 9.17
CA LEU K 383 2.44 -35.70 8.99
C LEU K 383 2.30 -37.04 8.29
N ALA K 384 1.12 -37.66 8.35
CA ALA K 384 0.90 -38.93 7.67
C ALA K 384 1.06 -38.77 6.16
N ASP K 385 0.27 -37.85 5.57
CA ASP K 385 0.37 -37.61 4.13
C ASP K 385 1.74 -37.07 3.74
N ALA K 386 2.43 -36.39 4.68
CA ALA K 386 3.76 -35.87 4.38
C ALA K 386 4.79 -36.99 4.36
N LEU K 387 4.64 -38.00 5.22
CA LEU K 387 5.56 -39.12 5.22
C LEU K 387 5.40 -39.97 3.97
N VAL K 388 4.16 -40.21 3.54
CA VAL K 388 3.93 -40.92 2.29
C VAL K 388 4.52 -40.13 1.13
N TYR K 389 4.28 -38.82 1.10
CA TYR K 389 4.85 -37.96 0.06
C TYR K 389 6.37 -38.03 0.07
N ALA K 390 6.98 -38.17 1.26
CA ALA K 390 8.44 -38.18 1.35
C ALA K 390 9.01 -39.49 0.87
N GLU K 391 8.39 -40.62 1.23
CA GLU K 391 8.91 -41.91 0.81
C GLU K 391 8.79 -42.10 -0.69
N LYS K 392 7.81 -41.45 -1.32
CA LYS K 392 7.68 -41.55 -2.77
C LYS K 392 8.87 -40.91 -3.49
N LEU K 393 9.46 -39.88 -2.88
CA LEU K 393 10.64 -39.24 -3.47
C LEU K 393 11.85 -40.17 -3.52
N GLY K 394 11.78 -41.33 -2.88
CA GLY K 394 12.87 -42.28 -2.92
C GLY K 394 14.16 -41.74 -2.32
N VAL K 395 14.09 -41.27 -1.09
CA VAL K 395 15.25 -40.80 -0.37
C VAL K 395 15.76 -41.95 0.51
N ASP K 396 16.90 -41.73 1.17
CA ASP K 396 17.49 -42.75 2.04
C ASP K 396 17.24 -42.49 3.52
N TYR K 397 16.89 -41.26 3.90
CA TYR K 397 16.63 -40.92 5.29
C TYR K 397 15.39 -40.03 5.36
N ILE K 398 14.48 -40.36 6.26
CA ILE K 398 13.28 -39.57 6.53
C ILE K 398 13.30 -39.22 8.01
N VAL K 399 13.21 -37.93 8.32
CA VAL K 399 13.20 -37.45 9.70
C VAL K 399 12.15 -36.35 9.82
N ASP K 400 11.26 -36.49 10.79
CA ASP K 400 10.22 -35.51 11.05
C ASP K 400 10.45 -34.87 12.41
N ILE K 401 10.10 -33.58 12.49
CA ILE K 401 10.22 -32.80 13.71
C ILE K 401 8.87 -32.14 13.97
N ALA K 402 8.36 -32.29 15.20
CA ALA K 402 7.01 -31.85 15.46
C ALA K 402 6.78 -31.68 16.96
N THR K 403 5.90 -30.74 17.31
CA THR K 403 5.41 -30.59 18.68
C THR K 403 4.13 -31.41 18.80
N LEU K 404 4.31 -32.71 18.98
CA LEU K 404 3.20 -33.65 18.91
C LEU K 404 2.37 -33.68 20.19
N THR K 405 2.88 -34.35 21.22
CA THR K 405 2.12 -34.67 22.42
C THR K 405 2.63 -33.84 23.60
N GLY K 406 1.69 -33.28 24.35
CA GLY K 406 2.04 -32.61 25.59
C GLY K 406 2.58 -33.54 26.65
N ALA K 407 2.39 -34.85 26.50
CA ALA K 407 2.93 -35.81 27.43
C ALA K 407 4.45 -35.71 27.56
N MET K 408 5.12 -35.07 26.60
CA MET K 408 6.57 -34.92 26.68
C MET K 408 6.97 -34.07 27.88
N LEU K 409 6.12 -33.13 28.28
CA LEU K 409 6.42 -32.31 29.46
C LEU K 409 6.48 -33.16 30.72
N TYR K 410 5.78 -34.28 30.74
CA TYR K 410 5.79 -35.18 31.89
C TYR K 410 6.81 -36.30 31.75
N SER K 411 7.35 -36.52 30.55
CA SER K 411 8.35 -37.56 30.34
C SER K 411 9.75 -37.02 30.54
N LEU K 412 10.26 -36.28 29.56
CA LEU K 412 11.61 -35.74 29.60
C LEU K 412 11.67 -34.30 30.06
N GLY K 413 10.57 -33.56 29.99
CA GLY K 413 10.51 -32.21 30.49
C GLY K 413 10.66 -31.14 29.43
N THR K 414 11.23 -30.00 29.81
CA THR K 414 11.35 -28.85 28.91
C THR K 414 12.75 -28.68 28.34
N SER K 415 13.68 -29.57 28.66
CA SER K 415 15.07 -29.45 28.24
C SER K 415 15.47 -30.44 27.16
N TYR K 416 15.03 -31.68 27.25
CA TYR K 416 15.43 -32.74 26.33
C TYR K 416 14.25 -33.13 25.45
N ALA K 417 14.49 -33.17 24.14
CA ALA K 417 13.50 -33.68 23.20
C ALA K 417 13.63 -35.20 23.08
N GLY K 418 12.54 -35.84 22.65
CA GLY K 418 12.50 -37.27 22.48
C GLY K 418 12.58 -37.65 21.01
N VAL K 419 13.28 -38.75 20.74
CA VAL K 419 13.49 -39.23 19.37
C VAL K 419 13.05 -40.69 19.30
N PHE K 420 12.14 -40.98 18.38
CA PHE K 420 11.73 -42.33 18.06
C PHE K 420 12.15 -42.68 16.63
N GLY K 421 12.18 -43.96 16.32
CA GLY K 421 12.56 -44.36 14.98
C GLY K 421 12.39 -45.85 14.77
N ASN K 422 12.66 -46.26 13.53
CA ASN K 422 12.61 -47.66 13.13
C ASN K 422 13.98 -48.22 12.77
N ASN K 423 15.02 -47.41 12.80
CA ASN K 423 16.38 -47.84 12.47
C ASN K 423 17.34 -47.30 13.52
N ASP K 424 18.15 -48.18 14.10
CA ASP K 424 19.05 -47.77 15.17
C ASP K 424 20.11 -46.80 14.68
N GLN K 425 20.66 -47.05 13.49
CA GLN K 425 21.78 -46.24 13.00
C GLN K 425 21.34 -44.81 12.71
N LEU K 426 20.13 -44.64 12.16
CA LEU K 426 19.62 -43.28 11.94
C LEU K 426 19.40 -42.56 13.27
N ILE K 427 18.89 -43.26 14.27
CA ILE K 427 18.73 -42.66 15.59
C ILE K 427 20.09 -42.25 16.14
N ASN K 428 21.07 -43.15 16.07
CA ASN K 428 22.41 -42.84 16.56
C ASN K 428 23.00 -41.65 15.83
N LYS K 429 22.71 -41.50 14.54
CA LYS K 429 23.20 -40.33 13.81
C LYS K 429 22.57 -39.05 14.33
N ILE K 430 21.32 -39.10 14.78
CA ILE K 430 20.66 -37.91 15.30
C ILE K 430 21.11 -37.60 16.72
N LEU K 431 21.35 -38.64 17.53
CA LEU K 431 21.89 -38.40 18.87
C LEU K 431 23.32 -37.88 18.80
N SER K 432 24.16 -38.53 17.98
CA SER K 432 25.47 -37.97 17.69
C SER K 432 25.34 -36.53 17.19
N SER K 433 24.34 -36.28 16.34
CA SER K 433 24.07 -34.92 15.91
C SER K 433 23.72 -34.03 17.09
N SER K 434 22.90 -34.53 18.01
CA SER K 434 22.53 -33.75 19.19
C SER K 434 23.76 -33.45 20.04
N LYS K 435 24.73 -34.36 20.05
CA LYS K 435 25.98 -34.13 20.79
C LYS K 435 26.83 -33.07 20.13
N THR K 436 26.75 -32.98 18.79
CA THR K 436 27.40 -31.94 17.99
C THR K 436 26.71 -30.60 18.05
N SER K 437 25.40 -30.63 18.36
CA SER K 437 24.50 -29.49 18.31
C SER K 437 24.35 -28.81 19.66
N ASN K 438 24.71 -29.50 20.74
CA ASN K 438 24.40 -29.06 22.11
C ASN K 438 22.91 -28.79 22.29
N GLU K 439 22.08 -29.46 21.51
CA GLU K 439 20.62 -29.43 21.67
C GLU K 439 20.18 -30.79 22.20
N PRO K 440 19.97 -30.94 23.51
CA PRO K 440 19.81 -32.29 24.08
C PRO K 440 18.66 -33.06 23.46
N VAL K 441 18.91 -34.33 23.20
CA VAL K 441 17.91 -35.26 22.68
C VAL K 441 18.12 -36.60 23.34
N TRP K 442 17.02 -37.29 23.68
CA TRP K 442 17.07 -38.59 24.32
C TRP K 442 16.24 -39.58 23.53
N TRP K 443 16.67 -40.84 23.55
CA TRP K 443 16.02 -41.89 22.77
C TRP K 443 14.94 -42.58 23.60
N LEU K 444 13.73 -42.62 23.07
CA LEU K 444 12.59 -43.29 23.68
C LEU K 444 12.08 -44.39 22.73
N PRO K 445 11.57 -45.49 23.27
CA PRO K 445 11.26 -46.65 22.43
C PRO K 445 9.89 -46.55 21.77
N ILE K 446 9.75 -47.31 20.69
CA ILE K 446 8.47 -47.56 20.05
C ILE K 446 8.05 -48.96 20.50
N ILE K 447 7.15 -49.02 21.47
CA ILE K 447 6.77 -50.29 22.10
C ILE K 447 5.63 -50.90 21.29
N ASN K 448 5.85 -52.12 20.79
CA ASN K 448 4.88 -52.76 19.91
C ASN K 448 3.63 -53.23 20.65
N GLU K 449 3.72 -53.44 21.96
CA GLU K 449 2.55 -53.93 22.69
C GLU K 449 1.38 -52.97 22.60
N TYR K 450 1.65 -51.68 22.46
CA TYR K 450 0.59 -50.68 22.37
C TYR K 450 0.00 -50.56 20.98
N ARG K 451 0.44 -51.38 20.02
CA ARG K 451 -0.04 -51.23 18.65
C ARG K 451 -1.55 -51.47 18.56
N SER K 452 -2.03 -52.56 19.18
CA SER K 452 -3.46 -52.84 19.17
C SER K 452 -4.28 -51.69 19.74
N SER K 453 -3.65 -50.83 20.54
CA SER K 453 -4.35 -49.65 21.07
C SER K 453 -4.94 -48.77 19.98
N LEU K 454 -4.39 -48.83 18.77
CA LEU K 454 -4.83 -47.96 17.69
C LEU K 454 -5.86 -48.62 16.77
N ASN K 455 -6.16 -49.90 16.98
CA ASN K 455 -7.14 -50.58 16.14
C ASN K 455 -8.51 -49.91 16.26
N SER K 456 -9.15 -49.70 15.12
CA SER K 456 -10.50 -49.14 15.04
C SER K 456 -11.48 -50.24 14.64
N LYS K 457 -12.73 -50.07 15.05
CA LYS K 457 -13.74 -51.07 14.73
C LYS K 457 -14.15 -51.02 13.27
N TYR K 458 -14.03 -49.86 12.62
CA TYR K 458 -14.52 -49.67 11.27
C TYR K 458 -13.43 -49.24 10.30
N ALA K 459 -12.61 -48.27 10.68
CA ALA K 459 -11.48 -47.87 9.85
C ALA K 459 -10.27 -48.76 10.15
N ASP K 460 -9.25 -48.65 9.30
CA ASP K 460 -8.04 -49.43 9.51
C ASP K 460 -7.31 -49.01 10.78
N LEU K 461 -7.40 -47.73 11.14
CA LEU K 461 -6.68 -47.21 12.29
C LEU K 461 -7.52 -46.13 12.95
N ASN K 462 -7.21 -45.89 14.22
CA ASN K 462 -7.65 -44.70 14.93
C ASN K 462 -6.43 -43.80 15.13
N ASN K 463 -6.66 -42.49 15.15
CA ASN K 463 -5.56 -41.56 15.31
C ASN K 463 -5.15 -41.35 16.77
N ILE K 464 -5.90 -41.89 17.72
CA ILE K 464 -5.54 -41.84 19.14
C ILE K 464 -5.82 -43.21 19.76
N SER K 465 -5.29 -43.40 20.96
CA SER K 465 -5.49 -44.62 21.73
C SER K 465 -6.46 -44.34 22.87
N SER K 466 -7.46 -45.22 23.03
CA SER K 466 -8.42 -45.08 24.10
C SER K 466 -7.94 -45.72 25.40
N SER K 467 -7.11 -46.76 25.31
CA SER K 467 -6.72 -47.56 26.46
C SER K 467 -5.30 -47.30 26.95
N VAL K 468 -4.38 -46.90 26.08
CA VAL K 468 -2.98 -46.68 26.44
C VAL K 468 -2.74 -45.19 26.57
N LYS K 469 -2.08 -44.79 27.67
CA LYS K 469 -1.87 -43.38 27.98
C LYS K 469 -0.45 -42.91 27.70
N ALA K 470 0.41 -43.76 27.16
CA ALA K 470 1.74 -43.34 26.71
C ALA K 470 1.58 -42.67 25.35
N SER K 471 1.15 -41.41 25.37
CA SER K 471 0.72 -40.74 24.15
C SER K 471 1.86 -40.60 23.15
N SER K 472 3.07 -40.27 23.63
CA SER K 472 4.18 -40.04 22.72
C SER K 472 4.57 -41.31 21.98
N VAL K 473 4.57 -42.45 22.68
CA VAL K 473 4.86 -43.72 22.02
C VAL K 473 3.73 -44.08 21.06
N VAL K 474 2.48 -43.94 21.51
CA VAL K 474 1.34 -44.25 20.65
C VAL K 474 1.40 -43.41 19.38
N ALA K 475 1.68 -42.12 19.51
CA ALA K 475 1.73 -41.25 18.35
C ALA K 475 2.79 -41.73 17.36
N SER K 476 3.95 -42.17 17.87
CA SER K 476 4.97 -42.70 16.99
C SER K 476 4.55 -44.01 16.34
N LEU K 477 3.73 -44.81 17.04
CA LEU K 477 3.20 -46.02 16.42
C LEU K 477 2.28 -45.69 15.27
N PHE K 478 1.50 -44.61 15.39
CA PHE K 478 0.62 -44.20 14.30
C PHE K 478 1.41 -43.71 13.11
N LEU K 479 2.46 -42.92 13.35
CA LEU K 479 3.27 -42.40 12.25
C LEU K 479 4.00 -43.53 11.52
N LYS K 480 4.44 -44.55 12.25
CA LYS K 480 5.13 -45.67 11.63
C LYS K 480 4.26 -46.40 10.61
N GLU K 481 2.94 -46.26 10.72
CA GLU K 481 2.03 -46.88 9.76
C GLU K 481 2.06 -46.20 8.39
N PHE K 482 2.87 -45.16 8.21
CA PHE K 482 2.97 -44.46 6.94
C PHE K 482 4.41 -44.43 6.42
N ILE K 483 5.22 -45.39 6.85
CA ILE K 483 6.59 -45.57 6.34
C ILE K 483 6.77 -47.07 6.14
N GLU K 484 6.88 -47.50 4.89
CA GLU K 484 6.91 -48.93 4.60
C GLU K 484 8.32 -49.51 4.80
N ASN K 485 9.33 -48.93 4.15
CA ASN K 485 10.68 -49.47 4.27
C ASN K 485 11.74 -48.41 3.96
N THR K 486 11.75 -47.33 4.75
CA THR K 486 12.76 -46.30 4.66
C THR K 486 13.23 -45.97 6.08
N PRO K 487 14.54 -45.91 6.34
CA PRO K 487 14.99 -45.48 7.68
C PRO K 487 14.33 -44.19 8.09
N TRP K 488 13.60 -44.21 9.21
CA TRP K 488 12.80 -43.07 9.62
C TRP K 488 12.98 -42.81 11.11
N ALA K 489 13.08 -41.53 11.47
CA ALA K 489 13.18 -41.10 12.85
C ALA K 489 12.18 -39.98 13.10
N HIS K 490 11.72 -39.88 14.34
CA HIS K 490 10.69 -38.93 14.74
C HIS K 490 11.16 -38.20 15.99
N ILE K 491 11.20 -36.87 15.93
CA ILE K 491 11.65 -36.04 17.02
C ILE K 491 10.45 -35.26 17.57
N ASP K 492 10.18 -35.42 18.85
CA ASP K 492 9.04 -34.78 19.53
C ASP K 492 9.59 -33.64 20.39
N ILE K 493 9.39 -32.42 19.91
CA ILE K 493 9.90 -31.22 20.59
C ILE K 493 8.78 -30.46 21.29
N ALA K 494 7.69 -31.13 21.64
CA ALA K 494 6.54 -30.44 22.20
C ALA K 494 6.86 -29.77 23.53
N GLY K 495 7.87 -30.25 24.25
CA GLY K 495 8.20 -29.68 25.54
C GLY K 495 9.36 -28.71 25.54
N VAL K 496 10.21 -28.78 24.51
CA VAL K 496 11.44 -27.99 24.47
C VAL K 496 11.36 -26.79 23.55
N SER K 497 10.32 -26.69 22.72
CA SER K 497 10.28 -25.63 21.72
C SER K 497 10.12 -24.25 22.36
N TRP K 498 9.14 -24.10 23.24
CA TRP K 498 8.79 -22.81 23.81
C TRP K 498 9.33 -22.69 25.22
N ASN K 499 10.19 -21.70 25.45
CA ASN K 499 10.71 -21.41 26.79
C ASN K 499 9.58 -20.77 27.60
N PHE K 500 8.97 -21.57 28.49
CA PHE K 500 7.79 -21.10 29.20
C PHE K 500 8.10 -19.94 30.13
N LYS K 501 9.28 -19.96 30.75
CA LYS K 501 9.61 -18.90 31.70
C LYS K 501 10.07 -17.63 30.99
N ALA K 502 10.83 -17.77 29.90
CA ALA K 502 11.22 -16.61 29.12
C ALA K 502 10.10 -16.09 28.23
N ARG K 503 9.09 -16.94 27.97
CA ARG K 503 7.92 -16.54 27.16
C ARG K 503 8.32 -16.25 25.72
N LYS K 504 9.23 -17.06 25.19
CA LYS K 504 9.71 -16.90 23.81
C LYS K 504 10.07 -18.27 23.27
N PRO K 505 10.14 -18.40 21.94
CA PRO K 505 10.55 -19.68 21.36
C PRO K 505 12.06 -19.82 21.33
N LYS K 506 12.51 -21.08 21.31
CA LYS K 506 13.93 -21.40 21.29
C LYS K 506 14.47 -21.67 19.89
N GLY K 507 13.61 -21.85 18.90
CA GLY K 507 14.07 -22.30 17.60
C GLY K 507 14.77 -23.64 17.69
N PHE K 508 14.24 -24.55 18.51
CA PHE K 508 14.90 -25.81 18.78
C PHE K 508 14.87 -26.71 17.54
N GLY K 509 15.99 -27.40 17.31
CA GLY K 509 16.11 -28.38 16.24
C GLY K 509 16.76 -27.87 14.98
N VAL K 510 16.86 -26.54 14.80
CA VAL K 510 17.45 -26.00 13.59
C VAL K 510 18.91 -26.45 13.47
N ARG K 511 19.71 -26.16 14.49
CA ARG K 511 21.13 -26.52 14.44
C ARG K 511 21.33 -28.03 14.44
N LEU K 512 20.43 -28.78 15.09
CA LEU K 512 20.60 -30.23 15.16
C LEU K 512 20.38 -30.86 13.79
N LEU K 513 19.28 -30.49 13.11
CA LEU K 513 19.05 -31.03 11.78
C LEU K 513 20.13 -30.57 10.81
N THR K 514 20.55 -29.31 10.91
CA THR K 514 21.65 -28.83 10.08
C THR K 514 22.90 -29.66 10.32
N GLU K 515 23.22 -29.96 11.58
CA GLU K 515 24.37 -30.80 11.88
C GLU K 515 24.17 -32.22 11.36
N PHE K 516 22.93 -32.71 11.32
CA PHE K 516 22.67 -34.04 10.79
C PHE K 516 22.91 -34.09 9.28
N VAL K 517 22.66 -32.99 8.57
CA VAL K 517 22.86 -32.96 7.13
C VAL K 517 24.34 -32.85 6.80
N LEU K 518 25.05 -31.95 7.48
CA LEU K 518 26.45 -31.70 7.15
C LEU K 518 27.31 -32.93 7.38
N ASN K 519 27.10 -33.62 8.50
CA ASN K 519 27.91 -34.80 8.83
C ASN K 519 27.60 -35.96 7.90
N THR L 3 -31.07 -0.16 8.19
CA THR L 3 -30.19 -1.16 7.58
C THR L 3 -30.79 -2.55 7.68
N THR L 4 -30.55 -3.37 6.66
CA THR L 4 -31.12 -4.71 6.61
C THR L 4 -30.39 -5.63 7.58
N VAL L 5 -31.16 -6.34 8.39
CA VAL L 5 -30.61 -7.30 9.36
C VAL L 5 -30.33 -8.60 8.63
N PRO L 6 -29.08 -9.06 8.54
CA PRO L 6 -28.82 -10.34 7.88
C PRO L 6 -29.52 -11.49 8.61
N GLN L 7 -29.95 -12.47 7.82
CA GLN L 7 -30.63 -13.65 8.33
C GLN L 7 -29.93 -14.91 7.83
N VAL L 8 -30.19 -16.01 8.52
CA VAL L 8 -29.75 -17.33 8.06
C VAL L 8 -30.93 -18.11 7.50
N VAL L 9 -32.13 -17.90 8.07
CA VAL L 9 -33.36 -18.50 7.56
C VAL L 9 -34.43 -17.41 7.59
N SER L 10 -35.53 -17.67 6.86
CA SER L 10 -36.58 -16.67 6.74
C SER L 10 -37.19 -16.27 8.08
N LEU L 11 -37.10 -17.14 9.08
CA LEU L 11 -37.78 -16.89 10.36
C LEU L 11 -36.89 -16.17 11.37
N ASP L 12 -35.63 -15.96 11.07
CA ASP L 12 -34.78 -15.14 11.94
C ASP L 12 -35.38 -13.73 12.05
N PRO L 13 -35.61 -13.22 13.26
CA PRO L 13 -36.23 -11.90 13.38
C PRO L 13 -35.30 -10.79 12.87
N THR L 14 -35.93 -9.67 12.49
CA THR L 14 -35.23 -8.56 11.88
C THR L 14 -35.23 -7.28 12.73
N THR L 15 -36.04 -7.22 13.78
CA THR L 15 -36.15 -6.01 14.59
C THR L 15 -36.28 -6.40 16.06
N ILE L 16 -35.90 -5.47 16.93
CA ILE L 16 -36.04 -5.63 18.37
C ILE L 16 -37.40 -5.06 18.78
N PRO L 17 -38.31 -5.88 19.30
CA PRO L 17 -39.60 -5.32 19.77
C PRO L 17 -39.40 -4.42 20.98
N ILE L 18 -39.85 -3.18 20.87
CA ILE L 18 -39.76 -2.20 21.94
C ILE L 18 -41.17 -1.73 22.28
N ASP L 19 -41.49 -1.67 23.57
CA ASP L 19 -42.78 -1.16 24.02
C ASP L 19 -42.60 0.32 24.37
N TYR L 20 -42.87 1.18 23.39
CA TYR L 20 -42.80 2.61 23.63
C TYR L 20 -43.99 3.12 24.43
N HIS L 21 -45.09 2.37 24.47
CA HIS L 21 -46.22 2.67 25.34
C HIS L 21 -46.15 1.81 26.59
N THR L 22 -46.55 2.38 27.71
CA THR L 22 -46.53 1.70 29.00
C THR L 22 -47.85 1.95 29.72
N PRO L 23 -48.31 0.98 30.53
CA PRO L 23 -49.51 1.24 31.35
C PRO L 23 -49.34 2.41 32.31
N ILE L 24 -48.11 2.90 32.51
CA ILE L 24 -47.90 4.04 33.40
C ILE L 24 -48.36 5.33 32.73
N ASP L 25 -48.17 5.43 31.41
CA ASP L 25 -48.52 6.66 30.69
C ASP L 25 -50.02 6.91 30.64
N ASP L 26 -50.84 5.91 30.97
CA ASP L 26 -52.28 6.07 30.96
C ASP L 26 -52.88 6.20 32.37
N LEU L 27 -52.05 6.26 33.40
CA LEU L 27 -52.51 6.38 34.78
C LEU L 27 -52.16 7.76 35.32
N SER L 28 -53.11 8.36 36.05
CA SER L 28 -52.91 9.67 36.64
C SER L 28 -52.28 9.53 38.03
N ILE L 29 -51.40 10.47 38.37
CA ILE L 29 -50.69 10.45 39.64
C ILE L 29 -50.68 11.86 40.22
N GLU L 30 -51.10 11.98 41.47
CA GLU L 30 -51.14 13.26 42.17
C GLU L 30 -50.66 13.06 43.60
N VAL L 31 -49.83 13.97 44.08
CA VAL L 31 -49.32 13.89 45.44
C VAL L 31 -50.28 14.59 46.40
N GLY L 44 -61.68 2.72 46.04
CA GLY L 44 -60.78 1.68 45.56
C GLY L 44 -59.94 1.10 46.66
N LEU L 45 -58.64 0.95 46.41
CA LEU L 45 -57.69 0.44 47.39
C LEU L 45 -56.87 1.58 47.96
N ILE L 46 -56.38 1.39 49.19
CA ILE L 46 -55.64 2.42 49.89
C ILE L 46 -54.51 1.79 50.70
N VAL L 47 -53.32 1.69 50.10
CA VAL L 47 -52.17 1.20 50.83
C VAL L 47 -51.78 2.19 51.91
N PHE L 48 -51.18 1.69 52.99
CA PHE L 48 -50.72 2.51 54.10
C PHE L 48 -49.32 2.05 54.48
N LEU L 49 -48.31 2.86 54.12
CA LEU L 49 -46.91 2.54 54.41
C LEU L 49 -46.62 2.95 55.86
N LEU L 50 -46.55 1.96 56.74
CA LEU L 50 -46.33 2.19 58.16
C LEU L 50 -45.02 1.54 58.60
N ASN L 51 -44.43 2.09 59.66
CA ASN L 51 -43.18 1.59 60.20
C ASN L 51 -43.45 0.56 61.29
N SER L 52 -42.38 0.06 61.92
CA SER L 52 -42.48 -1.02 62.89
C SER L 52 -43.08 -0.54 64.20
N GLN L 53 -44.09 -1.26 64.69
CA GLN L 53 -44.67 -1.00 66.02
C GLN L 53 -45.12 0.45 66.16
N ILE L 54 -45.64 1.03 65.09
CA ILE L 54 -46.25 2.34 65.10
C ILE L 54 -47.68 2.21 64.58
N LYS L 55 -48.61 2.92 65.21
CA LYS L 55 -50.02 2.84 64.83
C LYS L 55 -50.47 4.12 64.11
N ASN L 76 -52.68 -8.35 63.81
CA ASN L 76 -51.39 -9.03 63.97
C ASN L 76 -50.35 -8.41 63.05
N PHE L 77 -50.37 -7.08 62.94
CA PHE L 77 -49.56 -6.37 61.97
C PHE L 77 -48.07 -6.59 62.15
N THR L 78 -47.50 -6.08 63.24
CA THR L 78 -46.07 -6.10 63.48
C THR L 78 -45.41 -4.92 62.79
N GLY L 79 -45.42 -4.91 61.46
CA GLY L 79 -44.89 -3.82 60.68
C GLY L 79 -43.47 -4.00 60.18
N LYS L 80 -42.97 -5.23 60.14
CA LYS L 80 -41.62 -5.48 59.65
C LYS L 80 -41.59 -5.41 58.13
N LEU L 81 -40.37 -5.23 57.60
CA LEU L 81 -40.18 -5.07 56.17
C LEU L 81 -40.74 -6.27 55.41
N GLY L 82 -41.58 -5.98 54.41
CA GLY L 82 -42.12 -7.00 53.54
C GLY L 82 -43.47 -7.54 53.95
N THR L 83 -43.91 -7.33 55.18
CA THR L 83 -45.21 -7.82 55.63
C THR L 83 -46.33 -7.03 54.98
N SER L 84 -47.44 -7.71 54.69
CA SER L 84 -48.57 -7.09 54.02
C SER L 84 -49.87 -7.35 54.77
N LYS L 85 -50.99 -7.43 54.05
CA LYS L 85 -52.30 -7.63 54.67
C LYS L 85 -53.12 -8.64 53.87
N SER L 98 -61.25 -1.40 50.22
CA SER L 98 -59.97 -2.07 50.03
C SER L 98 -58.89 -1.47 50.92
N LEU L 99 -58.86 -1.94 52.18
CA LEU L 99 -57.87 -1.48 53.15
C LEU L 99 -56.68 -2.42 53.17
N ALA L 100 -55.51 -1.84 53.43
CA ALA L 100 -54.27 -2.60 53.44
C ALA L 100 -53.18 -1.76 54.11
N TYR L 101 -52.15 -2.43 54.60
CA TYR L 101 -51.00 -1.75 55.19
C TYR L 101 -49.78 -2.65 55.08
N VAL L 102 -48.67 -2.08 54.62
CA VAL L 102 -47.43 -2.81 54.42
C VAL L 102 -46.35 -2.20 55.30
N GLY L 103 -45.57 -3.06 55.95
CA GLY L 103 -44.52 -2.59 56.82
C GLY L 103 -43.29 -2.15 56.04
N CYS L 104 -42.56 -1.19 56.62
CA CYS L 104 -41.38 -0.62 55.99
C CYS L 104 -40.14 -0.73 56.88
N GLY L 105 -40.18 -1.58 57.91
CA GLY L 105 -39.03 -1.82 58.74
C GLY L 105 -38.93 -0.86 59.90
N PRO L 106 -37.74 -0.79 60.53
CA PRO L 106 -37.57 0.12 61.67
C PRO L 106 -37.68 1.57 61.23
N ALA L 107 -38.35 2.38 62.05
CA ALA L 107 -38.68 3.74 61.67
C ALA L 107 -37.41 4.58 61.52
N ASN L 108 -37.35 5.31 60.40
CA ASN L 108 -36.35 6.35 60.11
C ASN L 108 -34.98 5.80 59.73
N GLU L 109 -34.84 4.49 59.56
CA GLU L 109 -33.59 3.92 59.06
C GLU L 109 -33.85 3.20 57.74
N GLU L 110 -34.48 3.89 56.79
CA GLU L 110 -34.87 3.32 55.50
C GLU L 110 -33.89 3.78 54.42
N THR L 111 -33.43 2.83 53.62
CA THR L 111 -32.54 3.10 52.50
C THR L 111 -33.20 2.58 51.21
N GLU L 112 -32.42 2.55 50.13
CA GLU L 112 -32.93 2.00 48.87
C GLU L 112 -33.29 0.52 49.02
N LEU L 113 -32.61 -0.20 49.91
CA LEU L 113 -32.91 -1.61 50.11
C LEU L 113 -34.32 -1.80 50.68
N GLU L 114 -34.65 -1.07 51.74
CA GLU L 114 -35.95 -1.22 52.37
C GLU L 114 -37.08 -0.83 51.44
N ILE L 115 -36.89 0.23 50.65
CA ILE L 115 -37.97 0.72 49.80
C ILE L 115 -38.16 -0.20 48.58
N ARG L 116 -37.09 -0.82 48.09
CA ARG L 116 -37.25 -1.82 47.04
C ARG L 116 -38.07 -3.01 47.56
N LYS L 117 -37.89 -3.36 48.84
CA LYS L 117 -38.66 -4.46 49.43
C LYS L 117 -40.11 -4.04 49.70
N VAL L 118 -40.33 -2.77 50.05
CA VAL L 118 -41.70 -2.30 50.25
C VAL L 118 -42.40 -2.11 48.91
N ALA L 119 -41.66 -1.73 47.87
CA ALA L 119 -42.26 -1.61 46.54
C ALA L 119 -42.67 -2.96 46.00
N TYR L 120 -41.76 -3.93 46.01
CA TYR L 120 -42.10 -5.28 45.59
C TYR L 120 -43.30 -5.81 46.35
N ALA L 121 -43.35 -5.56 47.67
CA ALA L 121 -44.43 -6.08 48.49
C ALA L 121 -45.78 -5.52 48.03
N LEU L 122 -45.86 -4.20 47.84
CA LEU L 122 -47.13 -3.62 47.41
C LEU L 122 -47.48 -4.05 46.00
N VAL L 123 -46.48 -4.13 45.11
CA VAL L 123 -46.74 -4.66 43.77
C VAL L 123 -47.36 -6.05 43.87
N THR L 124 -46.90 -6.86 44.83
CA THR L 124 -47.51 -8.16 45.06
C THR L 124 -48.98 -8.04 45.43
N LEU L 125 -49.41 -6.87 45.90
CA LEU L 125 -50.82 -6.65 46.22
C LEU L 125 -51.62 -6.32 44.97
N LEU L 126 -51.12 -5.38 44.15
CA LEU L 126 -51.84 -4.97 42.95
C LEU L 126 -51.89 -6.10 41.92
N HIS L 127 -50.82 -6.89 41.83
CA HIS L 127 -50.76 -8.00 40.88
C HIS L 127 -52.00 -8.88 41.00
N HIS L 131 -57.38 -3.77 41.04
CA HIS L 131 -58.25 -2.68 41.49
C HIS L 131 -58.11 -1.46 40.59
N LYS L 132 -59.08 -0.55 40.68
CA LYS L 132 -59.14 0.61 39.80
C LYS L 132 -58.37 1.81 40.33
N LYS L 133 -58.45 2.07 41.64
CA LYS L 133 -57.85 3.24 42.25
C LYS L 133 -57.04 2.80 43.46
N VAL L 134 -55.82 3.33 43.58
CA VAL L 134 -54.92 2.99 44.68
C VAL L 134 -54.40 4.29 45.28
N SER L 135 -54.48 4.40 46.60
CA SER L 135 -53.99 5.57 47.33
C SER L 135 -52.92 5.12 48.31
N ILE L 136 -51.67 5.54 48.04
CA ILE L 136 -50.51 5.20 48.85
C ILE L 136 -50.31 6.33 49.87
N ILE L 137 -50.67 6.09 51.12
CA ILE L 137 -50.51 7.11 52.15
C ILE L 137 -49.28 6.78 52.99
N PHE L 138 -48.36 7.74 53.10
CA PHE L 138 -47.08 7.54 53.74
C PHE L 138 -47.16 8.00 55.19
N GLU L 139 -46.82 7.09 56.12
CA GLU L 139 -46.59 7.43 57.51
C GLU L 139 -45.14 7.17 57.87
N ILE L 140 -44.24 7.49 56.93
CA ILE L 140 -42.80 7.30 57.08
C ILE L 140 -42.12 8.63 56.78
N LYS L 141 -40.80 8.65 56.98
CA LYS L 141 -39.98 9.82 56.68
C LYS L 141 -38.93 9.42 55.65
N ILE L 142 -39.09 9.87 54.42
CA ILE L 142 -38.13 9.66 53.35
C ILE L 142 -38.06 10.93 52.52
N GLU L 143 -36.85 11.38 52.20
CA GLU L 143 -36.65 12.63 51.48
C GLU L 143 -37.19 12.48 50.05
N GLU L 144 -36.92 13.49 49.22
CA GLU L 144 -37.52 13.54 47.89
C GLU L 144 -36.86 12.54 46.94
N ALA L 145 -35.52 12.41 47.01
CA ALA L 145 -34.83 11.50 46.11
C ALA L 145 -35.29 10.06 46.33
N LEU L 146 -35.40 9.63 47.58
CA LEU L 146 -35.84 8.28 47.87
C LEU L 146 -37.35 8.11 47.70
N PHE L 147 -38.11 9.21 47.73
CA PHE L 147 -39.52 9.12 47.38
C PHE L 147 -39.69 8.85 45.89
N ARG L 148 -38.93 9.56 45.04
CA ARG L 148 -38.96 9.28 43.62
C ARG L 148 -38.52 7.86 43.32
N PHE L 149 -37.48 7.38 44.02
CA PHE L 149 -36.99 6.04 43.78
C PHE L 149 -38.05 4.99 44.09
N PHE L 150 -38.87 5.24 45.12
CA PHE L 150 -39.95 4.30 45.44
C PHE L 150 -40.93 4.17 44.28
N LEU L 151 -41.29 5.30 43.66
CA LEU L 151 -42.22 5.25 42.54
C LEU L 151 -41.60 4.56 41.34
N GLU L 152 -40.33 4.86 41.05
CA GLU L 152 -39.66 4.22 39.92
C GLU L 152 -39.67 2.70 40.07
N HIS L 153 -39.29 2.20 41.25
CA HIS L 153 -39.27 0.77 41.47
C HIS L 153 -40.67 0.18 41.52
N LEU L 154 -41.65 0.94 42.00
CA LEU L 154 -43.03 0.45 42.03
C LEU L 154 -43.50 0.08 40.63
N PHE L 155 -43.26 0.97 39.65
CA PHE L 155 -43.68 0.67 38.29
C PHE L 155 -42.74 -0.32 37.61
N TYR L 156 -41.44 -0.27 37.93
CA TYR L 156 -40.51 -1.25 37.36
C TYR L 156 -40.93 -2.67 37.71
N GLU L 157 -41.35 -2.89 38.95
CA GLU L 157 -41.82 -4.21 39.37
C GLU L 157 -43.25 -4.49 38.94
N TYR L 158 -44.00 -3.46 38.54
CA TYR L 158 -45.40 -3.62 38.17
C TYR L 158 -45.57 -4.00 36.70
N VAL L 159 -44.84 -3.35 35.80
CA VAL L 159 -44.96 -3.62 34.37
C VAL L 159 -44.25 -4.92 34.05
N THR L 160 -44.94 -5.82 33.36
CA THR L 160 -44.38 -7.10 32.95
C THR L 160 -43.92 -7.03 31.51
N ASP L 161 -42.88 -7.80 31.20
CA ASP L 161 -42.34 -7.92 29.84
C ASP L 161 -42.93 -9.17 29.20
N GLU L 162 -43.78 -8.99 28.18
CA GLU L 162 -44.41 -10.10 27.49
C GLU L 162 -44.13 -10.08 25.99
N ARG L 163 -43.02 -9.46 25.60
CA ARG L 163 -42.71 -9.33 24.17
C ARG L 163 -42.55 -10.68 23.50
N PHE L 164 -42.16 -11.72 24.26
CA PHE L 164 -41.79 -13.01 23.68
C PHE L 164 -42.72 -14.13 24.13
N LYS L 165 -43.90 -13.80 24.64
CA LYS L 165 -44.88 -14.80 25.04
C LYS L 165 -45.92 -14.98 23.93
N SER L 166 -46.43 -16.20 23.81
CA SER L 166 -47.44 -16.50 22.81
C SER L 166 -48.84 -16.18 23.33
N ASP L 174 -55.48 -5.93 32.13
CA ASP L 174 -55.98 -4.69 32.71
C ASP L 174 -54.99 -4.13 33.73
N PHE L 175 -55.13 -2.84 34.05
CA PHE L 175 -54.26 -2.18 35.01
C PHE L 175 -55.04 -1.08 35.70
N ILE L 176 -54.39 -0.44 36.68
CA ILE L 176 -54.99 0.65 37.45
C ILE L 176 -54.79 1.96 36.69
N LYS L 177 -55.76 2.86 36.81
CA LYS L 177 -55.78 4.10 36.04
C LYS L 177 -55.67 5.37 36.88
N ASN L 178 -55.87 5.29 38.20
CA ASN L 178 -55.81 6.46 39.07
C ASN L 178 -54.97 6.12 40.30
N LEU L 179 -54.01 6.98 40.63
CA LEU L 179 -53.09 6.73 41.73
C LEU L 179 -52.82 8.03 42.48
N SER L 180 -53.42 8.15 43.67
CA SER L 180 -53.11 9.25 44.58
C SER L 180 -52.11 8.77 45.62
N LEU L 181 -51.29 9.68 46.12
CA LEU L 181 -50.32 9.34 47.15
C LEU L 181 -50.29 10.46 48.18
N HIS L 182 -50.85 10.19 49.35
CA HIS L 182 -50.93 11.16 50.44
C HIS L 182 -49.70 11.05 51.32
N ILE L 183 -49.02 12.18 51.53
CA ILE L 183 -47.81 12.25 52.34
C ILE L 183 -47.77 13.60 53.03
N ALA L 184 -46.84 13.74 53.98
CA ALA L 184 -46.66 15.02 54.65
C ALA L 184 -45.94 16.01 53.73
N ASN L 185 -46.22 17.29 53.95
CA ASN L 185 -45.62 18.35 53.14
C ASN L 185 -46.22 18.37 51.75
N ALA L 186 -46.03 17.28 50.98
CA ALA L 186 -46.56 17.17 49.63
C ALA L 186 -45.97 18.21 48.68
N ASP L 187 -46.06 19.49 49.06
CA ASP L 187 -45.54 20.55 48.20
C ASP L 187 -44.14 20.25 47.70
N ALA L 188 -43.30 19.64 48.54
CA ALA L 188 -41.92 19.38 48.16
C ALA L 188 -41.75 18.14 47.28
N TYR L 189 -42.72 17.23 47.30
CA TYR L 189 -42.66 16.01 46.51
C TYR L 189 -43.40 16.10 45.19
N LYS L 190 -44.02 17.25 44.90
CA LYS L 190 -44.85 17.36 43.70
C LYS L 190 -44.02 17.27 42.43
N GLY L 191 -42.82 17.88 42.44
CA GLY L 191 -41.99 17.90 41.25
C GLY L 191 -41.27 16.62 40.92
N GLN L 192 -41.35 15.61 41.80
CA GLN L 192 -40.67 14.36 41.56
C GLN L 192 -41.44 13.45 40.61
N ILE L 193 -42.77 13.58 40.56
CA ILE L 193 -43.58 12.67 39.75
C ILE L 193 -43.13 12.72 38.30
N ASP L 194 -42.96 13.92 37.75
CA ASP L 194 -42.58 14.04 36.35
C ASP L 194 -41.25 13.34 36.07
N LYS L 195 -40.27 13.51 36.96
CA LYS L 195 -38.98 12.86 36.76
C LYS L 195 -39.06 11.36 36.97
N ALA L 196 -39.91 10.91 37.88
CA ALA L 196 -40.11 9.47 38.06
C ALA L 196 -40.63 8.83 36.79
N ARG L 197 -41.54 9.52 36.09
CA ARG L 197 -42.06 9.01 34.83
C ARG L 197 -40.95 8.86 33.80
N VAL L 198 -40.09 9.88 33.69
CA VAL L 198 -38.99 9.81 32.72
C VAL L 198 -37.94 8.81 33.19
N TYR L 199 -37.60 8.83 34.48
CA TYR L 199 -36.59 7.90 34.98
C TYR L 199 -37.03 6.45 34.89
N PHE L 200 -38.32 6.19 35.09
CA PHE L 200 -38.81 4.82 35.04
C PHE L 200 -38.65 4.24 33.64
N TYR L 201 -39.20 4.90 32.63
CA TYR L 201 -39.15 4.34 31.29
C TYR L 201 -37.72 4.26 30.77
N GLY L 202 -36.88 5.24 31.11
CA GLY L 202 -35.48 5.15 30.74
C GLY L 202 -34.86 3.85 31.22
N THR L 203 -35.17 3.45 32.46
CA THR L 203 -34.70 2.16 32.97
C THR L 203 -35.45 1.01 32.33
N TYR L 204 -36.78 1.17 32.17
CA TYR L 204 -37.58 0.12 31.54
C TYR L 204 -37.14 -0.10 30.09
N TYR L 205 -36.79 0.98 29.38
CA TYR L 205 -36.30 0.85 28.02
C TYR L 205 -34.99 0.09 27.98
N ALA L 206 -34.06 0.42 28.89
CA ALA L 206 -32.80 -0.30 28.95
C ALA L 206 -33.02 -1.77 29.29
N ALA L 207 -33.98 -2.05 30.17
CA ALA L 207 -34.25 -3.44 30.55
C ALA L 207 -34.82 -4.22 29.38
N GLN L 208 -35.66 -3.58 28.56
CA GLN L 208 -36.20 -4.26 27.38
C GLN L 208 -35.11 -4.61 26.40
N LEU L 209 -34.08 -3.77 26.28
CA LEU L 209 -32.98 -4.11 25.39
C LEU L 209 -32.21 -5.31 25.93
N ILE L 210 -31.92 -5.32 27.24
CA ILE L 210 -31.09 -6.38 27.81
C ILE L 210 -31.82 -7.72 27.77
N ALA L 211 -33.10 -7.73 28.13
CA ALA L 211 -33.86 -8.97 28.14
C ALA L 211 -34.05 -9.54 26.73
N ALA L 212 -33.85 -8.75 25.69
CA ALA L 212 -34.04 -9.24 24.33
C ALA L 212 -32.99 -10.29 24.00
N PRO L 213 -33.38 -11.45 23.48
CA PRO L 213 -32.38 -12.47 23.11
C PRO L 213 -31.48 -11.99 21.99
N SER L 214 -30.37 -12.71 21.83
CA SER L 214 -29.35 -12.28 20.87
C SER L 214 -29.76 -12.52 19.42
N ASN L 215 -30.68 -13.46 19.16
CA ASN L 215 -31.19 -13.62 17.80
C ASN L 215 -32.13 -12.48 17.43
N TYR L 216 -32.70 -11.79 18.41
CA TYR L 216 -33.46 -10.57 18.17
C TYR L 216 -32.58 -9.33 18.21
N CYS L 217 -31.74 -9.21 19.25
CA CYS L 217 -30.87 -8.04 19.44
C CYS L 217 -29.46 -8.42 18.99
N ASN L 218 -29.10 -7.97 17.79
CA ASN L 218 -27.78 -8.19 17.21
C ASN L 218 -27.17 -6.82 16.92
N PRO L 219 -25.88 -6.74 16.54
CA PRO L 219 -25.29 -5.42 16.28
C PRO L 219 -26.11 -4.56 15.33
N VAL L 220 -26.66 -5.14 14.25
CA VAL L 220 -27.44 -4.36 13.30
C VAL L 220 -28.76 -3.93 13.93
N SER L 221 -29.49 -4.88 14.52
CA SER L 221 -30.79 -4.55 15.10
C SER L 221 -30.66 -3.56 16.24
N LEU L 222 -29.54 -3.58 16.97
CA LEU L 222 -29.37 -2.66 18.09
C LEU L 222 -29.06 -1.25 17.58
N SER L 223 -28.25 -1.13 16.53
CA SER L 223 -27.96 0.18 15.97
C SER L 223 -29.23 0.85 15.44
N ASN L 224 -30.05 0.10 14.71
CA ASN L 224 -31.29 0.66 14.19
C ASN L 224 -32.22 1.08 15.31
N ALA L 225 -32.20 0.36 16.44
CA ALA L 225 -33.00 0.77 17.59
C ALA L 225 -32.50 2.09 18.16
N ALA L 226 -31.19 2.36 18.07
CA ALA L 226 -30.66 3.63 18.54
C ALA L 226 -31.07 4.77 17.61
N VAL L 227 -31.14 4.50 16.31
CA VAL L 227 -31.59 5.52 15.36
C VAL L 227 -33.04 5.90 15.66
N GLU L 228 -33.88 4.91 15.93
CA GLU L 228 -35.29 5.20 16.20
C GLU L 228 -35.46 5.95 17.52
N LEU L 229 -34.67 5.60 18.54
CA LEU L 229 -34.74 6.32 19.80
C LEU L 229 -34.29 7.77 19.62
N ALA L 230 -33.10 7.96 19.04
CA ALA L 230 -32.63 9.32 18.77
C ALA L 230 -33.63 10.10 17.93
N GLN L 231 -34.35 9.41 17.03
CA GLN L 231 -35.34 10.08 16.19
C GLN L 231 -36.53 10.57 17.02
N LYS L 232 -36.82 9.91 18.14
CA LYS L 232 -38.01 10.22 18.93
C LYS L 232 -37.73 11.15 20.09
N VAL L 233 -36.47 11.33 20.48
CA VAL L 233 -36.09 12.24 21.54
C VAL L 233 -35.27 13.41 21.01
N ASN L 234 -35.18 13.55 19.70
CA ASN L 234 -34.47 14.67 19.08
C ASN L 234 -33.02 14.74 19.54
N LEU L 235 -32.17 13.88 18.99
CA LEU L 235 -30.75 13.87 19.29
C LEU L 235 -29.99 13.52 18.01
N GLU L 236 -28.80 14.10 17.86
CA GLU L 236 -27.95 13.75 16.73
C GLU L 236 -27.69 12.25 16.74
N CYS L 237 -27.41 11.70 15.56
CA CYS L 237 -27.21 10.27 15.40
C CYS L 237 -26.20 10.02 14.30
N LYS L 238 -25.29 9.09 14.53
CA LYS L 238 -24.30 8.71 13.52
C LYS L 238 -23.86 7.28 13.82
N ILE L 239 -24.19 6.38 12.90
CA ILE L 239 -23.82 4.96 13.01
C ILE L 239 -22.64 4.74 12.06
N LEU L 240 -21.45 4.51 12.62
CA LEU L 240 -20.27 4.30 11.81
C LEU L 240 -20.21 2.85 11.34
N ASP L 241 -19.98 2.67 10.04
CA ASP L 241 -19.91 1.34 9.45
C ASP L 241 -18.47 0.84 9.41
N VAL L 242 -18.30 -0.39 8.92
CA VAL L 242 -16.99 -1.03 8.99
C VAL L 242 -15.97 -0.28 8.13
N LYS L 243 -16.39 0.29 7.02
CA LYS L 243 -15.48 1.04 6.17
C LYS L 243 -14.85 2.21 6.93
N GLU L 244 -15.69 2.99 7.61
CA GLU L 244 -15.16 4.13 8.37
C GLU L 244 -14.34 3.67 9.56
N LEU L 245 -14.77 2.60 10.24
CA LEU L 245 -14.04 2.12 11.40
C LEU L 245 -12.66 1.59 11.00
N GLU L 246 -12.52 1.07 9.79
CA GLU L 246 -11.19 0.70 9.29
C GLU L 246 -10.36 1.93 8.97
N GLU L 247 -10.99 3.01 8.53
CA GLU L 247 -10.26 4.24 8.24
C GLU L 247 -9.74 4.88 9.52
N LEU L 248 -10.48 4.77 10.62
CA LEU L 248 -10.00 5.23 11.92
C LEU L 248 -9.14 4.19 12.62
N LYS L 249 -8.91 3.03 12.00
CA LYS L 249 -7.98 2.03 12.51
C LYS L 249 -8.39 1.52 13.88
N MET L 250 -9.69 1.27 14.07
CA MET L 250 -10.21 0.65 15.28
C MET L 250 -9.96 -0.86 15.19
N GLY L 251 -8.68 -1.22 15.19
CA GLY L 251 -8.31 -2.61 14.98
C GLY L 251 -8.75 -3.54 16.09
N ALA L 252 -8.74 -3.05 17.34
CA ALA L 252 -9.16 -3.88 18.45
C ALA L 252 -10.66 -4.15 18.40
N TYR L 253 -11.48 -3.10 18.33
CA TYR L 253 -12.91 -3.27 18.25
C TYR L 253 -13.32 -4.10 17.04
N LEU L 254 -12.58 -4.01 15.94
CA LEU L 254 -12.95 -4.73 14.74
C LEU L 254 -12.50 -6.20 14.79
N SER L 255 -11.44 -6.50 15.53
CA SER L 255 -10.97 -7.88 15.64
C SER L 255 -11.91 -8.74 16.46
N VAL L 256 -12.72 -8.15 17.33
CA VAL L 256 -13.65 -8.93 18.14
C VAL L 256 -14.83 -9.40 17.31
N GLY L 257 -15.26 -8.63 16.32
CA GLY L 257 -16.38 -8.96 15.48
C GLY L 257 -16.06 -9.66 14.19
N LYS L 258 -14.80 -10.08 14.00
CA LYS L 258 -14.43 -10.73 12.75
C LYS L 258 -15.24 -12.00 12.52
N GLY L 259 -15.39 -12.83 13.56
CA GLY L 259 -16.09 -14.08 13.48
C GLY L 259 -17.59 -14.01 13.60
N SER L 260 -18.17 -12.81 13.57
CA SER L 260 -19.60 -12.63 13.69
C SER L 260 -20.23 -12.48 12.31
N MET L 261 -21.48 -12.96 12.19
CA MET L 261 -22.24 -12.80 10.97
C MET L 261 -22.81 -11.40 10.81
N TYR L 262 -22.75 -10.56 11.85
CA TYR L 262 -23.29 -9.21 11.81
C TYR L 262 -22.16 -8.20 11.71
N PRO L 263 -22.30 -7.18 10.86
CA PRO L 263 -21.25 -6.16 10.77
C PRO L 263 -21.18 -5.31 12.03
N ASN L 264 -19.99 -4.79 12.31
CA ASN L 264 -19.81 -3.89 13.44
C ASN L 264 -20.60 -2.60 13.22
N LYS L 265 -21.16 -2.09 14.31
CA LYS L 265 -21.95 -0.86 14.28
C LYS L 265 -21.55 -0.02 15.48
N PHE L 266 -20.99 1.16 15.24
CA PHE L 266 -20.59 2.09 16.29
C PHE L 266 -21.71 3.11 16.47
N ILE L 267 -22.34 3.10 17.64
CA ILE L 267 -23.44 4.01 17.94
C ILE L 267 -22.86 5.30 18.51
N HIS L 268 -23.31 6.44 17.97
CA HIS L 268 -22.87 7.76 18.45
C HIS L 268 -24.06 8.70 18.35
N LEU L 269 -24.71 8.93 19.48
CA LEU L 269 -25.73 9.98 19.62
C LEU L 269 -25.11 11.19 20.32
N THR L 270 -25.76 12.34 20.18
CA THR L 270 -25.30 13.56 20.83
C THR L 270 -26.49 14.40 21.28
N TYR L 271 -26.38 14.95 22.48
CA TYR L 271 -27.36 15.87 23.04
C TYR L 271 -26.79 17.29 22.95
N LYS L 272 -27.59 18.21 22.42
CA LYS L 272 -27.17 19.60 22.24
C LYS L 272 -28.05 20.48 23.12
N GLY L 273 -27.44 21.09 24.14
CA GLY L 273 -28.17 21.95 25.04
C GLY L 273 -28.02 23.42 24.71
N LYS L 284 -20.57 22.20 29.74
CA LYS L 284 -19.51 21.20 29.71
C LYS L 284 -19.79 20.13 28.66
N LYS L 285 -18.75 19.36 28.30
CA LYS L 285 -18.84 18.30 27.31
C LYS L 285 -18.55 16.97 27.99
N ILE L 286 -19.51 16.04 27.90
CA ILE L 286 -19.42 14.75 28.56
C ILE L 286 -19.48 13.65 27.52
N ALA L 287 -18.70 12.59 27.73
CA ALA L 287 -18.70 11.42 26.86
C ALA L 287 -19.07 10.20 27.70
N LEU L 288 -20.19 9.55 27.35
CA LEU L 288 -20.66 8.36 28.03
C LEU L 288 -20.46 7.17 27.09
N ILE L 289 -19.52 6.28 27.45
CA ILE L 289 -19.25 5.07 26.68
C ILE L 289 -19.97 3.90 27.35
N GLY L 290 -20.40 2.95 26.54
CA GLY L 290 -21.09 1.78 27.05
C GLY L 290 -20.72 0.50 26.33
N LYS L 291 -20.37 -0.54 27.09
CA LYS L 291 -20.05 -1.83 26.48
C LYS L 291 -21.27 -2.38 25.76
N GLY L 292 -21.06 -2.89 24.56
CA GLY L 292 -22.16 -3.37 23.75
C GLY L 292 -21.87 -4.64 22.97
N ILE L 293 -21.63 -5.74 23.67
CA ILE L 293 -21.46 -7.05 23.05
C ILE L 293 -22.81 -7.74 23.08
N THR L 294 -23.48 -7.81 21.92
CA THR L 294 -24.83 -8.36 21.87
C THR L 294 -24.85 -9.82 22.31
N PHE L 295 -23.76 -10.54 22.12
CA PHE L 295 -23.61 -11.87 22.69
C PHE L 295 -22.12 -12.19 22.77
N ASP L 296 -21.70 -12.75 23.90
CA ASP L 296 -20.31 -13.08 24.16
C ASP L 296 -20.23 -14.58 24.43
N SER L 297 -19.90 -15.35 23.40
CA SER L 297 -19.62 -16.77 23.59
C SER L 297 -18.28 -17.00 24.27
N GLY L 298 -17.42 -15.99 24.32
CA GLY L 298 -16.07 -16.15 24.78
C GLY L 298 -15.05 -16.40 23.69
N GLY L 299 -15.50 -16.55 22.44
CA GLY L 299 -14.58 -16.85 21.37
C GLY L 299 -13.97 -18.24 21.55
N TYR L 300 -12.79 -18.41 20.96
CA TYR L 300 -12.10 -19.69 21.08
C TYR L 300 -11.70 -19.99 22.52
N ASN L 301 -11.63 -18.96 23.37
CA ASN L 301 -11.66 -19.13 24.82
C ASN L 301 -13.12 -19.28 25.26
N LEU L 302 -13.77 -20.29 24.69
CA LEU L 302 -15.22 -20.43 24.82
C LEU L 302 -15.62 -20.59 26.28
N LYS L 303 -16.78 -20.03 26.63
CA LYS L 303 -17.35 -20.16 27.95
C LYS L 303 -17.88 -21.58 28.12
N ALA L 304 -16.96 -22.51 28.40
CA ALA L 304 -17.29 -23.91 28.57
C ALA L 304 -17.11 -24.41 30.00
N ALA L 305 -16.37 -23.68 30.84
CA ALA L 305 -16.16 -24.11 32.20
C ALA L 305 -17.45 -24.01 33.01
N PRO L 306 -17.65 -24.89 33.99
CA PRO L 306 -18.87 -24.80 34.81
C PRO L 306 -18.97 -23.44 35.50
N GLY L 307 -20.15 -22.84 35.42
CA GLY L 307 -20.39 -21.54 36.01
C GLY L 307 -20.13 -20.37 35.10
N SER L 308 -19.86 -20.59 33.82
CA SER L 308 -19.59 -19.49 32.90
C SER L 308 -20.85 -18.75 32.48
N MET L 309 -22.03 -19.34 32.67
CA MET L 309 -23.30 -18.69 32.36
C MET L 309 -23.35 -18.22 30.91
N ILE L 310 -22.95 -19.11 29.99
CA ILE L 310 -22.99 -18.77 28.58
C ILE L 310 -24.42 -18.50 28.12
N ASP L 311 -25.40 -19.08 28.81
CA ASP L 311 -26.80 -18.91 28.41
C ASP L 311 -27.33 -17.52 28.75
N LEU L 312 -26.64 -16.76 29.60
CA LEU L 312 -27.07 -15.43 29.99
C LEU L 312 -26.24 -14.34 29.32
N MET L 313 -25.40 -14.68 28.36
CA MET L 313 -24.46 -13.73 27.79
C MET L 313 -25.09 -12.72 26.87
N LYS L 314 -26.42 -12.73 26.70
CA LYS L 314 -27.10 -11.59 26.10
C LYS L 314 -26.97 -10.34 26.96
N PHE L 315 -26.44 -10.48 28.19
CA PHE L 315 -26.35 -9.37 29.14
C PHE L 315 -25.12 -8.49 28.90
N ASP L 316 -24.13 -8.96 28.14
CA ASP L 316 -22.91 -8.20 27.91
C ASP L 316 -23.17 -6.91 27.12
N MET L 317 -24.43 -6.64 26.82
CA MET L 317 -24.88 -5.41 26.19
C MET L 317 -25.37 -4.39 27.22
N SER L 318 -25.31 -4.73 28.51
CA SER L 318 -25.98 -3.93 29.53
C SER L 318 -25.39 -2.52 29.61
N GLY L 319 -24.07 -2.41 29.48
CA GLY L 319 -23.45 -1.09 29.50
C GLY L 319 -24.01 -0.17 28.44
N CYS L 320 -24.06 -0.65 27.20
CA CYS L 320 -24.68 0.13 26.12
C CYS L 320 -26.14 0.43 26.43
N ALA L 321 -26.88 -0.59 26.88
CA ALA L 321 -28.30 -0.39 27.15
C ALA L 321 -28.54 0.70 28.19
N ALA L 322 -27.61 0.86 29.14
CA ALA L 322 -27.76 1.92 30.13
C ALA L 322 -27.48 3.29 29.53
N VAL L 323 -26.48 3.37 28.63
CA VAL L 323 -26.15 4.63 27.98
C VAL L 323 -27.35 5.13 27.17
N LEU L 324 -27.95 4.25 26.36
CA LEU L 324 -29.08 4.65 25.54
C LEU L 324 -30.32 4.93 26.39
N GLY L 325 -30.49 4.19 27.47
CA GLY L 325 -31.57 4.50 28.40
C GLY L 325 -31.44 5.90 28.97
N CYS L 326 -30.23 6.28 29.36
CA CYS L 326 -29.99 7.66 29.81
C CYS L 326 -30.24 8.65 28.68
N ALA L 327 -29.94 8.27 27.44
CA ALA L 327 -30.18 9.16 26.32
C ALA L 327 -31.66 9.53 26.21
N TYR L 328 -32.56 8.61 26.55
CA TYR L 328 -33.98 8.92 26.53
C TYR L 328 -34.31 10.00 27.56
N CYS L 329 -33.81 9.85 28.78
CA CYS L 329 -34.10 10.82 29.83
C CYS L 329 -33.54 12.19 29.46
N ILE L 330 -32.30 12.25 28.99
CA ILE L 330 -31.70 13.52 28.59
C ILE L 330 -32.48 14.12 27.43
N GLY L 331 -32.76 13.31 26.40
CA GLY L 331 -33.54 13.80 25.29
C GLY L 331 -34.91 14.28 25.68
N THR L 332 -35.45 13.82 26.81
CA THR L 332 -36.78 14.21 27.26
C THR L 332 -36.74 15.48 28.10
N ILE L 333 -36.02 15.45 29.23
CA ILE L 333 -35.98 16.61 30.11
C ILE L 333 -35.29 17.78 29.42
N LYS L 334 -34.26 17.47 28.61
CA LYS L 334 -33.40 18.37 27.88
C LYS L 334 -32.88 19.48 28.78
N PRO L 335 -31.84 19.21 29.56
CA PRO L 335 -31.19 20.26 30.35
C PRO L 335 -30.50 21.29 29.48
N ASP L 336 -30.19 22.43 30.09
CA ASP L 336 -29.53 23.54 29.43
C ASP L 336 -28.03 23.47 29.65
N ASN L 337 -27.28 24.01 28.70
CA ASN L 337 -25.83 24.17 28.82
C ASN L 337 -25.14 22.84 29.10
N VAL L 338 -25.56 21.80 28.40
CA VAL L 338 -24.98 20.46 28.55
C VAL L 338 -24.77 19.88 27.15
N GLU L 339 -23.62 19.23 26.96
CA GLU L 339 -23.30 18.54 25.71
C GLU L 339 -22.81 17.14 26.05
N VAL L 340 -23.59 16.12 25.67
CA VAL L 340 -23.31 14.73 26.01
C VAL L 340 -23.12 13.95 24.73
N HIS L 341 -22.13 13.06 24.72
CA HIS L 341 -21.88 12.13 23.62
C HIS L 341 -22.15 10.72 24.12
N PHE L 342 -23.11 10.04 23.48
CA PHE L 342 -23.49 8.67 23.85
C PHE L 342 -22.83 7.71 22.88
N LEU L 343 -21.88 6.92 23.38
CA LEU L 343 -21.05 6.06 22.55
C LEU L 343 -21.21 4.60 22.93
N SER L 344 -21.07 3.73 21.94
CA SER L 344 -21.09 2.28 22.16
C SER L 344 -20.57 1.55 20.92
N ALA L 345 -19.46 0.84 21.07
CA ALA L 345 -18.88 0.05 19.99
C ALA L 345 -19.52 -1.33 20.05
N VAL L 346 -20.53 -1.56 19.19
CA VAL L 346 -21.35 -2.77 19.25
C VAL L 346 -20.77 -3.82 18.32
N CYS L 347 -20.73 -5.06 18.80
CA CYS L 347 -20.25 -6.19 18.00
C CYS L 347 -20.69 -7.48 18.70
N GLU L 348 -20.13 -8.61 18.26
CA GLU L 348 -20.50 -9.92 18.77
C GLU L 348 -19.25 -10.80 18.74
N ASN L 349 -19.08 -11.60 19.80
CA ASN L 349 -17.92 -12.47 19.96
C ASN L 349 -18.37 -13.91 19.74
N MET L 350 -18.01 -14.48 18.60
CA MET L 350 -18.45 -15.82 18.21
C MET L 350 -17.25 -16.67 17.81
N VAL L 351 -17.52 -17.95 17.58
CA VAL L 351 -16.52 -18.91 17.12
C VAL L 351 -16.80 -19.20 15.66
N SER L 352 -15.75 -19.17 14.84
CA SER L 352 -15.91 -19.28 13.40
C SER L 352 -14.53 -19.42 12.78
N LYS L 353 -14.52 -19.67 11.46
CA LYS L 353 -13.28 -19.68 10.71
C LYS L 353 -12.66 -18.29 10.61
N ASN L 354 -13.47 -17.24 10.73
CA ASN L 354 -13.02 -15.86 10.59
C ASN L 354 -12.78 -15.19 11.94
N SER L 355 -12.74 -15.96 13.03
CA SER L 355 -12.56 -15.39 14.35
C SER L 355 -11.09 -15.06 14.62
N TYR L 356 -10.87 -14.02 15.42
CA TYR L 356 -9.52 -13.74 15.90
C TYR L 356 -9.14 -14.76 16.97
N ARG L 357 -7.87 -15.16 16.95
CA ARG L 357 -7.42 -16.29 17.75
C ARG L 357 -6.77 -15.82 19.05
N PRO L 358 -6.78 -16.67 20.09
CA PRO L 358 -5.91 -16.41 21.25
C PRO L 358 -4.47 -16.32 20.81
N GLY L 359 -3.78 -15.29 21.31
CA GLY L 359 -2.41 -15.04 20.92
C GLY L 359 -2.23 -14.11 19.74
N ASP L 360 -3.32 -13.66 19.13
CA ASP L 360 -3.24 -12.70 18.04
C ASP L 360 -2.81 -11.34 18.58
N ILE L 361 -2.03 -10.62 17.79
CA ILE L 361 -1.61 -9.25 18.10
C ILE L 361 -2.37 -8.32 17.16
N ILE L 362 -3.14 -7.40 17.75
CA ILE L 362 -3.93 -6.44 17.00
C ILE L 362 -3.54 -5.04 17.46
N THR L 363 -3.73 -4.07 16.57
CA THR L 363 -3.35 -2.69 16.83
C THR L 363 -4.60 -1.83 17.02
N ALA L 364 -4.58 -0.99 18.04
CA ALA L 364 -5.73 -0.17 18.39
C ALA L 364 -5.69 1.17 17.67
N SER L 365 -6.74 1.97 17.89
CA SER L 365 -6.88 3.24 17.20
C SER L 365 -5.76 4.22 17.53
N ASN L 366 -5.05 4.00 18.63
CA ASN L 366 -3.99 4.92 19.07
C ASN L 366 -2.60 4.35 18.84
N GLY L 367 -2.46 3.36 17.95
CA GLY L 367 -1.17 2.81 17.61
C GLY L 367 -0.66 1.74 18.53
N LYS L 368 -1.25 1.57 19.70
CA LYS L 368 -0.78 0.56 20.65
C LYS L 368 -1.15 -0.83 20.17
N THR L 369 -0.19 -1.76 20.26
CA THR L 369 -0.42 -3.15 19.90
C THR L 369 -0.79 -3.96 21.13
N ILE L 370 -1.77 -4.86 20.97
CA ILE L 370 -2.31 -5.64 22.07
C ILE L 370 -2.25 -7.12 21.70
N GLU L 371 -1.62 -7.91 22.55
CA GLU L 371 -1.60 -9.36 22.38
C GLU L 371 -2.79 -9.97 23.12
N VAL L 372 -3.68 -10.61 22.37
CA VAL L 372 -4.90 -11.16 22.95
C VAL L 372 -4.58 -12.49 23.64
N GLY L 373 -4.22 -12.41 24.92
CA GLY L 373 -3.97 -13.63 25.68
C GLY L 373 -5.22 -14.44 25.96
N ASN L 374 -6.40 -13.83 25.83
CA ASN L 374 -7.66 -14.52 26.09
C ASN L 374 -8.75 -13.82 25.28
N THR L 375 -9.44 -14.58 24.42
CA THR L 375 -10.45 -14.00 23.56
C THR L 375 -11.72 -13.64 24.33
N ASP L 376 -11.89 -14.18 25.54
CA ASP L 376 -13.07 -13.86 26.35
C ASP L 376 -12.94 -12.52 27.06
N ALA L 377 -11.77 -11.91 27.06
CA ALA L 377 -11.59 -10.54 27.54
C ALA L 377 -11.68 -9.54 26.39
N GLU L 378 -12.75 -9.65 25.60
CA GLU L 378 -12.93 -8.83 24.41
C GLU L 378 -13.59 -7.50 24.71
N GLY L 379 -14.29 -7.36 25.83
CA GLY L 379 -14.99 -6.12 26.12
C GLY L 379 -14.04 -4.93 26.24
N ARG L 380 -12.88 -5.14 26.87
CA ARG L 380 -11.93 -4.05 27.02
C ARG L 380 -11.27 -3.69 25.70
N LEU L 381 -11.15 -4.65 24.78
CA LEU L 381 -10.60 -4.35 23.46
C LEU L 381 -11.50 -3.39 22.70
N THR L 382 -12.83 -3.60 22.77
CA THR L 382 -13.76 -2.68 22.13
C THR L 382 -13.87 -1.37 22.89
N LEU L 383 -13.76 -1.42 24.22
CA LEU L 383 -13.78 -0.19 25.01
C LEU L 383 -12.56 0.67 24.70
N ALA L 384 -11.41 0.05 24.50
CA ALA L 384 -10.18 0.81 24.23
C ALA L 384 -10.37 1.74 23.04
N ASP L 385 -10.79 1.20 21.89
CA ASP L 385 -11.01 2.03 20.72
C ASP L 385 -12.12 3.04 20.95
N ALA L 386 -13.13 2.68 21.75
CA ALA L 386 -14.23 3.59 21.98
C ALA L 386 -13.81 4.82 22.78
N LEU L 387 -12.84 4.67 23.69
CA LEU L 387 -12.40 5.82 24.48
C LEU L 387 -11.42 6.68 23.69
N VAL L 388 -10.54 6.07 22.90
CA VAL L 388 -9.72 6.86 21.97
C VAL L 388 -10.63 7.74 21.12
N TYR L 389 -11.72 7.16 20.61
CA TYR L 389 -12.71 7.95 19.87
C TYR L 389 -13.37 8.98 20.77
N ALA L 390 -13.55 8.67 22.05
CA ALA L 390 -14.19 9.63 22.95
C ALA L 390 -13.27 10.79 23.27
N GLU L 391 -11.98 10.51 23.51
CA GLU L 391 -11.05 11.57 23.90
C GLU L 391 -10.85 12.57 22.77
N LYS L 392 -10.80 12.08 21.52
CA LYS L 392 -10.64 12.99 20.39
C LYS L 392 -11.86 13.89 20.20
N LEU L 393 -12.99 13.55 20.81
CA LEU L 393 -14.13 14.46 20.82
C LEU L 393 -13.84 15.73 21.62
N GLY L 394 -12.76 15.76 22.40
CA GLY L 394 -12.43 16.92 23.20
C GLY L 394 -13.47 17.22 24.27
N VAL L 395 -13.55 16.35 25.27
CA VAL L 395 -14.61 16.40 26.27
C VAL L 395 -14.01 16.71 27.63
N ASP L 396 -14.88 17.07 28.58
CA ASP L 396 -14.44 17.40 29.93
C ASP L 396 -14.30 16.15 30.78
N TYR L 397 -15.26 15.23 30.70
CA TYR L 397 -15.25 14.00 31.47
C TYR L 397 -15.61 12.82 30.57
N ILE L 398 -14.98 11.68 30.83
CA ILE L 398 -15.24 10.43 30.11
C ILE L 398 -15.59 9.37 31.13
N VAL L 399 -16.78 8.78 31.01
CA VAL L 399 -17.22 7.73 31.91
C VAL L 399 -17.75 6.57 31.07
N ASP L 400 -17.22 5.37 31.33
CA ASP L 400 -17.65 4.16 30.65
C ASP L 400 -18.35 3.24 31.65
N ILE L 401 -19.32 2.49 31.14
CA ILE L 401 -20.12 1.56 31.93
C ILE L 401 -20.15 0.22 31.21
N ALA L 402 -19.81 -0.85 31.92
CA ALA L 402 -19.63 -2.13 31.26
C ALA L 402 -19.82 -3.28 32.23
N THR L 403 -20.36 -4.39 31.71
CA THR L 403 -20.36 -5.68 32.40
C THR L 403 -19.07 -6.40 32.02
N LEU L 404 -17.98 -6.01 32.68
CA LEU L 404 -16.64 -6.44 32.27
C LEU L 404 -16.18 -7.69 33.00
N THR L 405 -16.04 -7.60 34.33
CA THR L 405 -15.35 -8.63 35.11
C THR L 405 -16.34 -9.48 35.89
N GLY L 406 -16.16 -10.80 35.81
CA GLY L 406 -16.89 -11.71 36.67
C GLY L 406 -16.40 -11.73 38.10
N ALA L 407 -15.27 -11.07 38.39
CA ALA L 407 -14.75 -11.03 39.75
C ALA L 407 -15.54 -10.09 40.65
N MET L 408 -16.28 -9.12 40.08
CA MET L 408 -17.11 -8.26 40.91
C MET L 408 -18.11 -9.08 41.73
N LEU L 409 -18.55 -10.22 41.20
CA LEU L 409 -19.41 -11.10 41.97
C LEU L 409 -18.72 -11.57 43.25
N TYR L 410 -17.39 -11.68 43.22
CA TYR L 410 -16.62 -12.15 44.37
C TYR L 410 -16.13 -11.03 45.28
N SER L 411 -16.32 -9.77 44.89
CA SER L 411 -15.87 -8.65 45.69
C SER L 411 -17.06 -7.88 46.26
N LEU L 412 -17.75 -7.10 45.43
CA LEU L 412 -18.88 -6.31 45.90
C LEU L 412 -20.21 -7.03 45.78
N GLY L 413 -20.28 -8.08 44.96
CA GLY L 413 -21.50 -8.87 44.87
C GLY L 413 -22.50 -8.37 43.84
N THR L 414 -23.79 -8.55 44.13
CA THR L 414 -24.85 -8.29 43.17
C THR L 414 -25.65 -7.03 43.51
N SER L 415 -25.13 -6.16 44.37
CA SER L 415 -25.88 -4.97 44.76
C SER L 415 -25.07 -3.70 44.59
N TYR L 416 -23.77 -3.77 44.81
CA TYR L 416 -22.90 -2.60 44.75
C TYR L 416 -22.00 -2.69 43.52
N ALA L 417 -22.11 -1.71 42.63
CA ALA L 417 -21.23 -1.61 41.48
C ALA L 417 -19.88 -1.01 41.90
N GLY L 418 -18.86 -1.27 41.10
CA GLY L 418 -17.52 -0.77 41.35
C GLY L 418 -17.17 0.35 40.37
N VAL L 419 -16.56 1.41 40.89
CA VAL L 419 -16.13 2.54 40.09
C VAL L 419 -14.64 2.75 40.28
N PHE L 420 -13.92 2.82 39.17
CA PHE L 420 -12.49 3.15 39.14
C PHE L 420 -12.33 4.46 38.37
N GLY L 421 -11.10 4.96 38.33
CA GLY L 421 -10.84 6.20 37.62
C GLY L 421 -9.44 6.71 37.88
N ASN L 422 -9.08 7.74 37.12
CA ASN L 422 -7.79 8.39 37.24
C ASN L 422 -7.87 9.79 37.84
N ASN L 423 -9.07 10.24 38.22
CA ASN L 423 -9.27 11.58 38.76
C ASN L 423 -10.26 11.50 39.90
N ASP L 424 -9.84 11.97 41.08
CA ASP L 424 -10.68 11.83 42.27
C ASP L 424 -11.92 12.71 42.19
N GLN L 425 -11.79 13.91 41.64
CA GLN L 425 -12.93 14.82 41.56
C GLN L 425 -14.08 14.18 40.78
N LEU L 426 -13.77 13.58 39.62
CA LEU L 426 -14.82 12.95 38.81
C LEU L 426 -15.41 11.74 39.53
N ILE L 427 -14.57 10.92 40.17
CA ILE L 427 -15.07 9.75 40.88
C ILE L 427 -16.09 10.16 41.93
N ASN L 428 -15.78 11.20 42.70
CA ASN L 428 -16.66 11.58 43.81
C ASN L 428 -18.02 12.01 43.29
N LYS L 429 -18.06 12.67 42.13
CA LYS L 429 -19.34 13.10 41.58
C LYS L 429 -20.13 11.94 41.01
N ILE L 430 -19.47 10.85 40.64
CA ILE L 430 -20.19 9.63 40.31
C ILE L 430 -20.79 9.01 41.58
N LEU L 431 -20.04 9.06 42.68
CA LEU L 431 -20.57 8.60 43.96
C LEU L 431 -21.70 9.50 44.44
N SER L 432 -21.61 10.80 44.18
CA SER L 432 -22.71 11.70 44.53
C SER L 432 -23.97 11.33 43.76
N SER L 433 -23.86 11.18 42.44
CA SER L 433 -25.00 10.75 41.64
C SER L 433 -25.48 9.36 42.04
N SER L 434 -24.60 8.54 42.63
CA SER L 434 -25.03 7.24 43.12
C SER L 434 -26.04 7.40 44.26
N LYS L 435 -25.86 8.41 45.11
CA LYS L 435 -26.82 8.67 46.17
C LYS L 435 -28.08 9.33 45.64
N THR L 436 -27.93 10.22 44.66
CA THR L 436 -29.08 10.89 44.07
C THR L 436 -30.02 9.88 43.42
N SER L 437 -29.47 8.95 42.64
CA SER L 437 -30.25 7.94 41.94
C SER L 437 -30.50 6.69 42.77
N ASN L 438 -29.77 6.53 43.88
CA ASN L 438 -29.86 5.36 44.75
C ASN L 438 -29.55 4.06 44.01
N GLU L 439 -28.65 4.15 43.02
CA GLU L 439 -28.04 2.99 42.39
C GLU L 439 -26.68 2.77 43.05
N PRO L 440 -26.56 1.87 44.02
CA PRO L 440 -25.35 1.83 44.84
C PRO L 440 -24.09 1.60 44.02
N VAL L 441 -23.04 2.36 44.34
CA VAL L 441 -21.72 2.22 43.74
C VAL L 441 -20.68 2.38 44.85
N TRP L 442 -19.54 1.74 44.67
CA TRP L 442 -18.47 1.78 45.66
C TRP L 442 -17.13 1.95 44.96
N TRP L 443 -16.27 2.78 45.55
CA TRP L 443 -14.99 3.14 44.94
C TRP L 443 -13.97 2.03 45.19
N LEU L 444 -13.37 1.53 44.11
CA LEU L 444 -12.29 0.57 44.17
C LEU L 444 -11.04 1.16 43.56
N PRO L 445 -9.86 0.70 43.98
CA PRO L 445 -8.62 1.34 43.52
C PRO L 445 -8.05 0.72 42.25
N ILE L 446 -7.29 1.54 41.53
CA ILE L 446 -6.47 1.09 40.41
C ILE L 446 -5.05 0.97 40.95
N ILE L 447 -4.63 -0.24 41.27
CA ILE L 447 -3.35 -0.48 41.92
C ILE L 447 -2.27 -0.56 40.83
N ASN L 448 -1.44 0.48 40.74
CA ASN L 448 -0.43 0.53 39.70
C ASN L 448 0.63 -0.56 39.84
N GLU L 449 0.67 -1.27 40.97
CA GLU L 449 1.64 -2.34 41.13
C GLU L 449 1.37 -3.50 40.18
N TYR L 450 0.11 -3.68 39.78
CA TYR L 450 -0.25 -4.77 38.87
C TYR L 450 -0.03 -4.42 37.40
N ARG L 451 0.31 -3.17 37.09
CA ARG L 451 0.46 -2.76 35.70
C ARG L 451 1.49 -3.61 34.97
N SER L 452 2.60 -3.93 35.64
CA SER L 452 3.67 -4.67 34.96
C SER L 452 3.26 -6.09 34.60
N SER L 453 2.18 -6.61 35.20
CA SER L 453 1.71 -7.94 34.83
C SER L 453 0.99 -7.92 33.48
N LEU L 454 0.62 -6.75 32.97
CA LEU L 454 0.00 -6.63 31.66
C LEU L 454 1.02 -6.54 30.54
N ASN L 455 2.32 -6.52 30.86
CA ASN L 455 3.34 -6.37 29.84
C ASN L 455 3.41 -7.61 28.96
N SER L 456 3.55 -7.40 27.66
CA SER L 456 3.66 -8.46 26.68
C SER L 456 5.11 -8.54 26.18
N LYS L 457 5.59 -9.77 25.99
CA LYS L 457 6.94 -9.96 25.49
C LYS L 457 7.11 -9.43 24.07
N TYR L 458 6.02 -9.36 23.31
CA TYR L 458 6.09 -8.97 21.91
C TYR L 458 5.23 -7.76 21.59
N ALA L 459 3.99 -7.73 22.06
CA ALA L 459 3.14 -6.56 21.88
C ALA L 459 3.45 -5.53 22.96
N ASP L 460 2.78 -4.38 22.88
CA ASP L 460 2.89 -3.38 23.95
C ASP L 460 2.16 -3.84 25.20
N LEU L 461 0.92 -4.34 25.03
CA LEU L 461 0.05 -4.71 26.13
C LEU L 461 -0.55 -6.08 25.87
N ASN L 462 -0.76 -6.84 26.94
CA ASN L 462 -1.61 -8.02 26.91
C ASN L 462 -2.97 -7.62 27.45
N ASN L 463 -4.02 -8.24 26.92
CA ASN L 463 -5.36 -7.88 27.35
C ASN L 463 -5.78 -8.59 28.65
N ILE L 464 -4.92 -9.42 29.23
CA ILE L 464 -5.14 -10.04 30.53
C ILE L 464 -3.80 -10.20 31.21
N SER L 465 -3.83 -10.49 32.51
CA SER L 465 -2.66 -10.38 33.36
C SER L 465 -1.84 -11.66 33.39
N SER L 466 -0.53 -11.49 33.64
CA SER L 466 0.39 -12.61 33.73
C SER L 466 0.27 -13.34 35.07
N SER L 467 -0.04 -12.59 36.13
CA SER L 467 0.22 -13.03 37.50
C SER L 467 -0.88 -12.67 38.48
N VAL L 468 -1.69 -11.64 38.20
CA VAL L 468 -2.56 -11.02 39.19
C VAL L 468 -3.98 -11.51 38.96
N LYS L 469 -4.57 -12.08 40.00
CA LYS L 469 -5.95 -12.56 39.95
C LYS L 469 -6.97 -11.47 40.25
N ALA L 470 -6.52 -10.28 40.63
CA ALA L 470 -7.41 -9.14 40.79
C ALA L 470 -7.89 -8.67 39.42
N SER L 471 -8.78 -9.45 38.80
CA SER L 471 -9.12 -9.21 37.39
C SER L 471 -9.73 -7.83 37.18
N SER L 472 -10.56 -7.38 38.12
CA SER L 472 -11.24 -6.10 37.94
C SER L 472 -10.31 -4.91 38.16
N VAL L 473 -9.22 -5.08 38.90
CA VAL L 473 -8.21 -4.03 38.99
C VAL L 473 -7.36 -4.01 37.74
N VAL L 474 -7.04 -5.20 37.21
CA VAL L 474 -6.22 -5.28 36.00
C VAL L 474 -6.96 -4.70 34.80
N ALA L 475 -8.24 -5.01 34.66
CA ALA L 475 -9.00 -4.53 33.51
C ALA L 475 -9.00 -3.00 33.46
N SER L 476 -9.16 -2.35 34.61
CA SER L 476 -9.13 -0.89 34.63
C SER L 476 -7.74 -0.36 34.29
N LEU L 477 -6.68 -1.08 34.69
CA LEU L 477 -5.34 -0.71 34.28
C LEU L 477 -5.20 -0.77 32.76
N PHE L 478 -5.88 -1.73 32.12
CA PHE L 478 -5.81 -1.84 30.66
C PHE L 478 -6.56 -0.69 30.00
N LEU L 479 -7.80 -0.43 30.46
CA LEU L 479 -8.58 0.66 29.89
C LEU L 479 -7.85 2.00 30.04
N LYS L 480 -7.20 2.21 31.18
CA LYS L 480 -6.51 3.48 31.40
C LYS L 480 -5.42 3.74 30.37
N GLU L 481 -4.92 2.69 29.71
CA GLU L 481 -3.88 2.85 28.70
C GLU L 481 -4.40 3.48 27.41
N PHE L 482 -5.68 3.89 27.36
CA PHE L 482 -6.25 4.50 26.18
C PHE L 482 -6.96 5.81 26.50
N ILE L 483 -6.71 6.37 27.68
CA ILE L 483 -7.15 7.71 28.05
C ILE L 483 -5.88 8.48 28.43
N GLU L 484 -5.51 9.45 27.60
CA GLU L 484 -4.20 10.09 27.69
C GLU L 484 -4.18 11.27 28.67
N ASN L 485 -5.08 12.24 28.48
CA ASN L 485 -5.05 13.46 29.27
C ASN L 485 -6.46 13.99 29.49
N THR L 486 -7.34 13.14 30.01
CA THR L 486 -8.72 13.55 30.28
C THR L 486 -9.22 12.82 31.52
N PRO L 487 -9.96 13.51 32.39
CA PRO L 487 -10.57 12.81 33.54
C PRO L 487 -11.45 11.65 33.07
N TRP L 488 -11.23 10.47 33.65
CA TRP L 488 -11.89 9.26 33.20
C TRP L 488 -12.28 8.38 34.37
N ALA L 489 -13.52 7.88 34.35
CA ALA L 489 -14.02 6.95 35.35
C ALA L 489 -14.59 5.72 34.63
N HIS L 490 -14.53 4.59 35.33
CA HIS L 490 -14.95 3.30 34.77
C HIS L 490 -15.90 2.63 35.76
N ILE L 491 -17.11 2.32 35.31
CA ILE L 491 -18.13 1.69 36.13
C ILE L 491 -18.30 0.25 35.68
N ASP L 492 -18.07 -0.69 36.59
CA ASP L 492 -18.19 -2.12 36.31
C ASP L 492 -19.51 -2.62 36.90
N ILE L 493 -20.42 -3.05 36.03
CA ILE L 493 -21.74 -3.48 36.43
C ILE L 493 -21.96 -4.97 36.13
N ALA L 494 -20.88 -5.74 35.99
CA ALA L 494 -21.02 -7.15 35.64
C ALA L 494 -21.75 -7.93 36.73
N GLY L 495 -21.59 -7.54 37.99
CA GLY L 495 -22.18 -8.27 39.08
C GLY L 495 -23.58 -7.80 39.44
N VAL L 496 -23.90 -6.55 39.14
CA VAL L 496 -25.15 -5.94 39.55
C VAL L 496 -26.17 -5.81 38.43
N SER L 497 -25.78 -6.07 37.18
CA SER L 497 -26.67 -5.75 36.06
C SER L 497 -27.84 -6.73 36.00
N TRP L 498 -27.60 -8.01 36.28
CA TRP L 498 -28.61 -9.05 36.14
C TRP L 498 -29.00 -9.60 37.50
N ASN L 499 -30.30 -9.59 37.79
CA ASN L 499 -30.84 -10.16 39.01
C ASN L 499 -31.02 -11.66 38.80
N PHE L 500 -30.10 -12.46 39.34
CA PHE L 500 -30.09 -13.89 39.05
C PHE L 500 -31.30 -14.60 39.65
N LYS L 501 -31.79 -14.14 40.79
CA LYS L 501 -32.95 -14.77 41.39
C LYS L 501 -34.25 -14.38 40.68
N ALA L 502 -34.40 -13.09 40.35
CA ALA L 502 -35.58 -12.62 39.63
C ALA L 502 -35.54 -12.96 38.15
N ARG L 503 -34.38 -13.35 37.62
CA ARG L 503 -34.26 -13.78 36.22
C ARG L 503 -34.66 -12.66 35.26
N LYS L 504 -34.22 -11.44 35.56
CA LYS L 504 -34.55 -10.29 34.72
C LYS L 504 -33.50 -9.22 34.93
N PRO L 505 -33.26 -8.35 33.94
CA PRO L 505 -32.28 -7.30 34.12
C PRO L 505 -32.81 -6.14 34.96
N LYS L 506 -31.91 -5.49 35.67
CA LYS L 506 -32.28 -4.38 36.55
C LYS L 506 -32.26 -3.03 35.86
N GLY L 507 -31.63 -2.92 34.69
CA GLY L 507 -31.46 -1.63 34.06
C GLY L 507 -30.49 -0.73 34.78
N PHE L 508 -29.45 -1.29 35.38
CA PHE L 508 -28.54 -0.53 36.21
C PHE L 508 -27.73 0.45 35.37
N GLY L 509 -27.63 1.69 35.86
CA GLY L 509 -26.79 2.71 35.27
C GLY L 509 -27.55 3.86 34.64
N VAL L 510 -28.78 3.61 34.20
CA VAL L 510 -29.54 4.65 33.50
C VAL L 510 -29.70 5.88 34.38
N ARG L 511 -30.30 5.70 35.56
CA ARG L 511 -30.55 6.84 36.44
C ARG L 511 -29.26 7.42 37.01
N LEU L 512 -28.25 6.57 37.24
CA LEU L 512 -26.98 7.06 37.75
C LEU L 512 -26.34 8.03 36.76
N LEU L 513 -26.27 7.63 35.49
CA LEU L 513 -25.64 8.49 34.49
C LEU L 513 -26.49 9.73 34.21
N THR L 514 -27.82 9.59 34.22
CA THR L 514 -28.68 10.74 34.03
C THR L 514 -28.48 11.76 35.15
N GLU L 515 -28.47 11.29 36.40
CA GLU L 515 -28.21 12.18 37.53
C GLU L 515 -26.82 12.80 37.42
N PHE L 516 -25.84 12.03 36.94
CA PHE L 516 -24.49 12.58 36.77
C PHE L 516 -24.50 13.75 35.79
N VAL L 517 -25.30 13.62 34.72
CA VAL L 517 -25.41 14.63 33.68
C VAL L 517 -26.12 15.87 34.19
N LEU L 518 -27.31 15.67 34.78
CA LEU L 518 -28.14 16.77 35.25
C LEU L 518 -27.42 17.54 36.34
N ASN L 519 -26.89 16.85 37.33
CA ASN L 519 -26.19 17.50 38.43
C ASN L 519 -24.74 17.79 38.05
C1 GOL M . 2.03 43.39 -39.65
O1 GOL M . 1.98 41.99 -39.80
C2 GOL M . 1.35 43.72 -38.30
O2 GOL M . -0.03 43.62 -38.38
C3 GOL M . 1.82 45.17 -37.98
O3 GOL M . 1.46 45.44 -36.64
H11 GOL M . 1.58 43.85 -40.37
H12 GOL M . 2.94 43.72 -39.64
HO1 GOL M . 2.44 41.79 -40.49
H2 GOL M . 1.63 43.10 -37.60
HO2 GOL M . -0.37 44.29 -38.00
H31 GOL M . 1.41 45.77 -38.62
H32 GOL M . 2.77 45.23 -38.14
HO3 GOL M . 0.96 44.79 -36.39
C1 GOL N . -4.20 67.04 -20.84
O1 GOL N . -2.84 67.36 -20.86
C2 GOL N . -4.45 66.19 -19.57
O2 GOL N . -3.96 66.80 -18.44
C3 GOL N . -5.98 66.01 -19.54
O3 GOL N . -6.21 64.71 -19.10
H11 GOL N . -4.48 66.54 -21.62
H12 GOL N . -4.77 67.82 -20.81
HO1 GOL N . -2.47 66.80 -21.39
H2 GOL N . -4.00 65.33 -19.63
HO2 GOL N . -3.21 67.16 -18.63
H31 GOL N . -6.34 66.19 -20.42
H32 GOL N . -6.36 66.68 -18.96
HO3 GOL N . -7.00 64.50 -19.33
C1 PEG O . 7.23 43.73 -24.34
O1 PEG O . 8.50 43.66 -23.74
C2 PEG O . 7.40 43.93 -25.85
O2 PEG O . 7.49 42.69 -26.51
C3 PEG O . 6.31 41.95 -26.63
C4 PEG O . 5.32 42.63 -27.57
O4 PEG O . 4.25 41.78 -27.83
H11 PEG O . 6.74 44.47 -23.97
H12 PEG O . 6.75 42.90 -24.17
HO1 PEG O . 8.41 43.57 -22.90
H21 PEG O . 8.20 44.44 -26.02
H22 PEG O . 6.62 44.40 -26.19
H31 PEG O . 5.90 41.86 -25.75
H32 PEG O . 6.52 41.07 -26.98
H41 PEG O . 5.77 42.85 -28.41
H42 PEG O . 5.00 43.45 -27.16
HO4 PEG O . 3.72 42.14 -28.40
C1 GOL P . 21.88 30.25 -0.18
O1 GOL P . 22.78 29.22 -0.37
C2 GOL P . 20.64 29.92 -1.03
O2 GOL P . 19.88 28.90 -0.47
C3 GOL P . 19.87 31.25 -1.11
O3 GOL P . 18.66 30.96 -1.76
H11 GOL P . 22.23 31.11 -0.45
H12 GOL P . 21.62 30.35 0.75
HO1 GOL P . 23.42 29.33 0.17
H2 GOL P . 20.90 29.59 -1.90
HO2 GOL P . 19.65 28.37 -1.09
H31 GOL P . 20.43 31.89 -1.57
H32 GOL P . 19.76 31.59 -0.21
HO3 GOL P . 18.07 30.86 -1.16
C1 GOL Q . 20.50 43.14 -26.77
O1 GOL Q . 20.51 43.51 -25.42
C2 GOL Q . 21.46 44.10 -27.51
O2 GOL Q . 22.59 44.39 -26.76
C3 GOL Q . 20.61 45.36 -27.80
O3 GOL Q . 21.37 46.21 -28.62
H11 GOL Q . 19.61 43.21 -27.16
H12 GOL Q . 20.78 42.23 -26.92
H2 GOL Q . 21.78 43.70 -28.33
HO2 GOL Q . 22.38 44.33 -25.93
H31 GOL Q . 20.37 45.77 -26.95
H32 GOL Q . 19.77 45.09 -28.21
HO3 GOL Q . 21.90 45.71 -29.07
C1 GOL R . 10.85 66.64 -30.41
O1 GOL R . 12.05 66.24 -29.80
C2 GOL R . 10.55 65.61 -31.53
O2 GOL R . 10.40 64.32 -31.04
C3 GOL R . 9.26 66.13 -32.23
O3 GOL R . 8.23 66.08 -31.27
H11 GOL R . 10.91 67.52 -30.79
H12 GOL R . 10.10 66.66 -29.79
HO1 GOL R . 12.32 65.56 -30.24
H2 GOL R . 11.29 65.58 -32.16
HO2 GOL R . 9.58 64.20 -30.88
H31 GOL R . 9.09 65.58 -33.01
H32 GOL R . 9.43 67.03 -32.56
HO3 GOL R . 7.53 66.36 -31.65
C1 GOL S . -18.27 38.41 -36.70
O1 GOL S . -16.94 38.45 -37.12
C2 GOL S . -18.32 39.06 -35.30
O2 GOL S . -18.47 40.44 -35.37
C3 GOL S . -19.50 38.37 -34.57
O3 GOL S . -19.56 38.90 -33.27
H11 GOL S . -18.61 37.50 -36.64
H12 GOL S . -18.87 38.88 -37.30
HO1 GOL S . -16.86 37.87 -37.75
H2 GOL S . -17.49 38.92 -34.82
HO2 GOL S . -18.51 40.75 -34.57
H31 GOL S . -19.36 37.40 -34.59
H32 GOL S . -20.31 38.52 -35.09
HO3 GOL S . -20.09 38.41 -32.83
ZN ZN T . 7.89 42.93 -16.51
ZN ZN U . 6.78 41.02 -18.11
S SO4 V . 4.83 44.92 -18.87
O1 SO4 V . 5.14 43.56 -18.42
O2 SO4 V . 5.16 45.05 -20.28
O3 SO4 V . 5.61 45.86 -18.07
O4 SO4 V . 3.40 45.17 -18.66
S SO4 W . 3.13 25.68 -5.76
O1 SO4 W . 2.03 25.29 -6.64
O2 SO4 W . 4.28 24.82 -5.99
O3 SO4 W . 3.50 27.06 -6.06
O4 SO4 W . 2.72 25.54 -4.37
S SO4 X . 50.48 59.79 -2.65
O1 SO4 X . 49.60 60.38 -3.65
O2 SO4 X . 51.39 58.86 -3.30
O3 SO4 X . 51.24 60.85 -1.98
O4 SO4 X . 49.67 59.08 -1.66
C1 GOL Y . 1.31 -3.33 -51.28
O1 GOL Y . 1.72 -3.73 -52.56
C2 GOL Y . 1.45 -1.78 -51.20
O2 GOL Y . 2.60 -1.30 -51.80
C3 GOL Y . 1.41 -1.49 -49.67
O3 GOL Y . 2.53 -0.72 -49.37
H11 GOL Y . 1.85 -3.73 -50.58
H12 GOL Y . 0.40 -3.58 -51.09
HO1 GOL Y . 2.49 -3.40 -52.69
H2 GOL Y . 0.72 -1.33 -51.66
HO2 GOL Y . 3.08 -0.92 -51.21
H31 GOL Y . 1.37 -2.33 -49.19
H32 GOL Y . 0.57 -1.04 -49.47
HO3 GOL Y . 3.08 -1.25 -48.98
C1 GOL Z . -21.62 17.71 -60.70
O1 GOL Z . -21.32 16.36 -60.77
C2 GOL Z . -20.57 18.43 -61.56
O2 GOL Z . -20.84 18.31 -62.91
C3 GOL Z . -20.58 19.88 -61.07
O3 GOL Z . -19.89 20.63 -62.03
H11 GOL Z . -21.59 18.06 -59.80
H12 GOL Z . -22.51 17.92 -61.04
HO1 GOL Z . -20.93 16.17 -60.02
H2 GOL Z . -19.68 18.03 -61.43
HO2 GOL Z . -20.32 18.84 -63.32
H31 GOL Z . -20.19 19.93 -60.19
H32 GOL Z . -21.50 20.16 -60.95
HO3 GOL Z . -20.37 21.31 -62.22
C1 PEG AA . 6.84 -1.71 -43.11
O1 PEG AA . 7.64 -0.78 -42.44
C2 PEG AA . 5.36 -1.32 -42.96
O2 PEG AA . 4.55 -2.41 -43.30
C3 PEG AA . 4.39 -2.60 -44.68
C4 PEG AA . 3.80 -3.98 -44.94
O4 PEG AA . 4.82 -4.96 -44.91
H11 PEG AA . 6.98 -2.59 -42.72
H12 PEG AA . 7.07 -1.73 -44.05
HO1 PEG AA . 8.46 -1.04 -42.47
H21 PEG AA . 5.17 -0.57 -43.55
H22 PEG AA . 5.19 -1.06 -42.04
H31 PEG AA . 5.26 -2.53 -45.12
H32 PEG AA . 3.79 -1.92 -45.03
H41 PEG AA . 3.38 -3.99 -45.82
H42 PEG AA . 3.14 -4.19 -44.26
HO4 PEG AA . 4.46 -5.73 -44.83
C1 PEG BA . 0.50 22.09 -49.04
O1 PEG BA . 1.61 22.90 -49.30
C2 PEG BA . -0.09 22.41 -47.66
O2 PEG BA . 0.74 21.89 -46.66
C3 PEG BA . 0.13 21.09 -45.70
C4 PEG BA . 0.23 21.78 -44.34
O4 PEG BA . 1.37 22.59 -44.32
H11 PEG BA . 0.77 21.16 -49.07
H12 PEG BA . -0.17 22.25 -49.72
HO1 PEG BA . 2.26 22.66 -48.80
H21 PEG BA . -0.97 22.02 -47.59
H22 PEG BA . -0.16 23.38 -47.56
H31 PEG BA . 0.57 20.23 -45.65
H32 PEG BA . -0.81 20.96 -45.93
H41 PEG BA . 0.28 21.11 -43.63
H42 PEG BA . -0.56 22.33 -44.20
HO4 PEG BA . 1.63 22.73 -45.12
C1 GOL CA . 24.97 13.22 -60.93
O1 GOL CA . 24.62 14.55 -61.21
C2 GOL CA . 26.46 13.07 -61.28
O2 GOL CA . 27.27 13.86 -60.48
C3 GOL CA . 26.75 11.56 -61.10
O3 GOL CA . 27.96 11.46 -60.41
H11 GOL CA . 24.46 12.59 -61.45
H12 GOL CA . 24.83 12.99 -60.01
HO1 GOL CA . 24.93 14.72 -61.98
H2 GOL CA . 26.64 13.34 -62.20
HO2 GOL CA . 26.79 14.17 -59.85
H31 GOL CA . 26.75 11.13 -61.96
H32 GOL CA . 26.00 11.16 -60.61
HO3 GOL CA . 28.06 12.18 -59.98
ZN ZN DA . 5.06 21.96 -52.98
ZN ZN EA . 4.86 19.65 -54.37
S SO4 FA . 0.92 21.58 -53.77
O1 SO4 FA . 0.23 22.60 -54.56
O2 SO4 FA . 0.77 20.27 -54.38
O3 SO4 FA . 0.35 21.62 -52.42
O4 SO4 FA . 2.36 21.87 -53.70
S SO4 GA . 20.69 30.57 -62.05
O1 SO4 GA . 21.10 30.68 -63.46
O2 SO4 GA . 19.73 29.50 -61.89
O3 SO4 GA . 20.09 31.82 -61.60
O4 SO4 GA . 21.88 30.27 -61.26
S SO4 HA . 14.90 -27.25 -54.47
O1 SO4 HA . 14.53 -28.25 -55.47
O2 SO4 HA . 15.55 -26.10 -55.13
O3 SO4 HA . 15.84 -27.84 -53.51
O4 SO4 HA . 13.70 -26.81 -53.79
C1 GOL IA . 19.60 -9.53 -5.50
O1 GOL IA . 18.94 -10.04 -4.37
C2 GOL IA . 20.67 -10.57 -5.90
O2 GOL IA . 21.18 -11.24 -4.79
C3 GOL IA . 19.95 -11.52 -6.87
O3 GOL IA . 20.93 -12.42 -7.33
H11 GOL IA . 20.03 -8.68 -5.33
H12 GOL IA . 19.00 -9.38 -6.25
HO1 GOL IA . 19.53 -10.45 -3.92
H2 GOL IA . 21.43 -10.14 -6.33
HO2 GOL IA . 21.67 -11.88 -5.07
H31 GOL IA . 19.55 -11.01 -7.58
H32 GOL IA . 19.22 -11.95 -6.42
HO3 GOL IA . 20.58 -13.19 -7.31
C1 PEG JA . 24.33 20.97 -23.03
O1 PEG JA . 23.45 22.00 -23.39
C2 PEG JA . 24.24 20.74 -21.53
O2 PEG JA . 23.35 19.68 -21.28
C3 PEG JA . 22.20 20.02 -20.56
C4 PEG JA . 22.56 20.29 -19.10
O4 PEG JA . 21.72 19.55 -18.26
H11 PEG JA . 25.24 21.23 -23.26
H12 PEG JA . 24.10 20.16 -23.50
HO1 PEG JA . 23.53 22.17 -24.22
H21 PEG JA . 23.89 21.54 -21.10
H22 PEG JA . 25.11 20.53 -21.17
H31 PEG JA . 21.57 19.28 -20.60
H32 PEG JA . 21.80 20.81 -20.95
H41 PEG JA . 22.46 21.24 -18.91
H42 PEG JA . 23.48 20.04 -18.94
HO4 PEG JA . 22.09 18.81 -18.06
C1 GOL KA . -0.53 8.92 -9.56
O1 GOL KA . 0.79 9.07 -9.09
C2 GOL KA . -0.92 7.44 -9.42
O2 GOL KA . 0.04 6.59 -9.95
C3 GOL KA . -2.28 7.31 -10.15
O3 GOL KA . -2.63 5.95 -10.14
H11 GOL KA . -0.63 9.19 -10.50
H12 GOL KA . -1.17 9.48 -9.07
HO1 GOL KA . 0.74 9.61 -8.43
H2 GOL KA . -1.00 7.19 -8.48
HO2 GOL KA . 0.79 6.99 -9.89
H31 GOL KA . -2.19 7.67 -11.04
H32 GOL KA . -2.93 7.88 -9.70
HO3 GOL KA . -1.91 5.51 -10.25
ZN ZN LA . 19.95 17.43 -14.70
ZN ZN MA . 19.38 19.93 -15.98
S SO4 NA . 23.57 19.77 -15.02
O1 SO4 NA . 23.97 20.03 -16.41
O2 SO4 NA . 23.93 18.40 -14.68
O3 SO4 NA . 24.30 20.70 -14.14
O4 SO4 NA . 22.14 19.96 -14.86
C1 GOL OA . 51.42 46.63 -38.61
O1 GOL OA . 50.77 46.01 -39.69
C2 GOL OA . 50.37 47.47 -37.84
O2 GOL OA . 49.52 48.14 -38.71
C3 GOL OA . 51.20 48.43 -36.97
O3 GOL OA . 50.44 48.71 -35.83
H11 GOL OA . 52.15 47.21 -38.90
H12 GOL OA . 51.82 45.98 -38.01
HO1 GOL OA . 50.18 46.58 -39.96
H2 GOL OA . 49.80 46.90 -37.30
HO2 GOL OA . 48.84 47.65 -38.83
H31 GOL OA . 51.41 49.22 -37.49
H32 GOL OA . 52.06 48.02 -36.77
HO3 GOL OA . 50.84 49.34 -35.41
C1 PEG PA . 40.70 39.04 -28.34
O1 PEG PA . 41.39 38.18 -29.20
C2 PEG PA . 39.66 39.83 -29.13
O2 PEG PA . 40.23 41.00 -29.63
C3 PEG PA . 41.28 40.80 -30.54
C4 PEG PA . 41.54 42.08 -31.32
O4 PEG PA . 42.41 41.80 -32.40
H11 PEG PA . 41.33 39.65 -27.92
H12 PEG PA . 40.25 38.51 -27.65
HO1 PEG PA . 41.92 37.70 -28.75
H21 PEG PA . 38.91 40.06 -28.54
H22 PEG PA . 39.33 39.30 -29.87
H31 PEG PA . 41.04 40.09 -31.15
H32 PEG PA . 42.07 40.54 -30.04
H41 PEG PA . 41.95 42.74 -30.73
H42 PEG PA . 40.70 42.43 -31.66
HO4 PEG PA . 42.50 42.50 -32.87
C1 GOL QA . 37.65 43.38 -31.42
O1 GOL QA . 36.91 42.47 -32.19
C2 GOL QA . 37.78 44.69 -32.24
O2 GOL QA . 38.04 45.78 -31.42
C3 GOL QA . 38.90 44.43 -33.26
O3 GOL QA . 39.39 45.70 -33.65
H11 GOL QA . 38.55 43.05 -31.22
H12 GOL QA . 37.25 43.57 -30.57
HO1 GOL QA . 36.82 41.77 -31.73
H2 GOL QA . 36.94 44.88 -32.70
HO2 GOL QA . 38.59 46.29 -31.83
H31 GOL QA . 38.55 43.92 -34.01
H32 GOL QA . 39.59 43.87 -32.85
HO3 GOL QA . 40.23 45.63 -33.76
C1 GOL RA . 31.36 43.10 -56.33
O1 GOL RA . 32.02 41.89 -56.58
C2 GOL RA . 32.37 44.24 -56.58
O2 GOL RA . 33.48 44.15 -55.76
C3 GOL RA . 31.56 45.54 -56.33
O3 GOL RA . 32.50 46.57 -56.08
H11 GOL RA . 31.03 43.16 -55.42
H12 GOL RA . 30.59 43.23 -56.89
HO1 GOL RA . 31.59 41.49 -57.18
H2 GOL RA . 32.71 44.20 -57.49
HO2 GOL RA . 33.63 44.92 -55.44
H31 GOL RA . 30.96 45.39 -55.59
H32 GOL RA . 31.00 45.71 -57.09
HO3 GOL RA . 32.20 47.28 -56.43
ZN ZN SA . 28.78 22.55 -45.50
ZN ZN TA . 31.36 23.27 -45.89
S SO4 UA . 31.00 19.02 -44.75
O1 SO4 UA . 30.33 20.16 -45.37
O2 SO4 UA . 30.83 17.83 -45.60
O3 SO4 UA . 30.46 18.76 -43.42
O4 SO4 UA . 32.43 19.32 -44.63
C1 GOL VA . 1.86 33.38 -66.71
O1 GOL VA . 0.53 33.73 -67.00
C2 GOL VA . 2.67 34.69 -66.61
O2 GOL VA . 2.10 35.58 -65.71
C3 GOL VA . 4.09 34.25 -66.20
O3 GOL VA . 4.77 35.41 -65.73
H11 GOL VA . 2.25 32.80 -67.39
H12 GOL VA . 1.95 32.88 -65.88
HO1 GOL VA . 0.58 34.35 -67.59
H2 GOL VA . 2.68 35.15 -67.46
HO2 GOL VA . 2.73 36.08 -65.42
H31 GOL VA . 4.53 33.83 -66.96
H32 GOL VA . 4.02 33.55 -65.52
HO3 GOL VA . 5.52 35.45 -66.14
C1 GOL WA . 26.47 68.56 -42.07
O1 GOL WA . 27.07 67.63 -42.93
C2 GOL WA . 25.15 68.99 -42.73
O2 GOL WA . 25.35 69.81 -43.84
C3 GOL WA . 24.37 69.73 -41.63
O3 GOL WA . 23.20 70.20 -42.22
H11 GOL WA . 27.02 69.35 -41.93
H12 GOL WA . 26.29 68.21 -41.19
HO1 GOL WA . 27.83 67.45 -42.60
H2 GOL WA . 24.66 68.22 -43.05
HO2 GOL WA . 24.59 70.03 -44.14
H31 GOL WA . 24.93 70.43 -41.25
H32 GOL WA . 24.21 69.12 -40.89
HO3 GOL WA . 23.44 70.82 -42.76
C1 GOL XA . 14.76 36.09 -41.52
O1 GOL XA . 14.54 35.08 -42.48
C2 GOL XA . 14.53 37.43 -42.24
O2 GOL XA . 13.97 37.24 -43.50
C3 GOL XA . 13.62 38.25 -41.32
O3 GOL XA . 13.23 39.39 -42.06
H11 GOL XA . 15.65 36.07 -41.15
H12 GOL XA . 14.15 36.03 -40.77
HO1 GOL XA . 15.25 34.60 -42.48
H2 GOL XA . 15.38 37.88 -42.39
HO2 GOL XA . 13.34 37.81 -43.60
H31 GOL XA . 14.10 38.47 -40.51
H32 GOL XA . 12.87 37.70 -41.03
HO3 GOL XA . 12.39 39.46 -42.00
C1 GOL YA . -3.12 47.78 -40.59
O1 GOL YA . -2.48 46.60 -41.01
C2 GOL YA . -2.79 48.86 -41.65
O2 GOL YA . -1.42 49.11 -41.73
C3 GOL YA . -3.58 50.10 -41.20
O3 GOL YA . -3.17 51.18 -42.00
H11 GOL YA . -2.81 48.08 -39.72
H12 GOL YA . -4.07 47.69 -40.52
HO1 GOL YA . -1.67 46.81 -41.14
H2 GOL YA . -3.05 48.57 -42.54
HO2 GOL YA . -1.08 48.50 -42.23
H31 GOL YA . -3.42 50.25 -40.25
H32 GOL YA . -4.52 49.91 -41.26
HO3 GOL YA . -2.38 50.99 -42.26
C1 GOL ZA . 11.94 59.20 -74.38
O1 GOL ZA . 12.46 58.09 -73.69
C2 GOL ZA . 10.60 59.54 -73.72
O2 GOL ZA . 10.50 60.90 -73.42
C3 GOL ZA . 9.52 59.09 -74.74
O3 GOL ZA . 8.29 59.10 -74.07
H11 GOL ZA . 11.81 59.03 -75.32
H12 GOL ZA . 12.53 59.97 -74.34
HO1 GOL ZA . 13.25 57.95 -73.99
H2 GOL ZA . 10.49 59.08 -72.88
HO2 GOL ZA . 10.10 60.97 -72.68
H31 GOL ZA . 9.77 58.22 -75.08
H32 GOL ZA . 9.55 59.69 -75.51
HO3 GOL ZA . 7.69 58.88 -74.65
C1 PEG AB . 14.88 43.56 -36.39
O1 PEG AB . 15.89 44.38 -35.85
C2 PEG AB . 13.51 44.05 -35.91
O2 PEG AB . 12.50 43.17 -36.32
C3 PEG AB . 12.37 42.00 -35.56
C4 PEG AB . 11.81 42.33 -34.17
O4 PEG AB . 11.34 41.16 -33.56
H11 PEG AB . 15.02 42.64 -36.10
H12 PEG AB . 14.92 43.60 -37.36
HO1 PEG AB . 16.65 44.01 -35.97
H21 PEG AB . 13.34 44.93 -36.29
H22 PEG AB . 13.52 44.11 -34.94
H31 PEG AB . 13.22 41.58 -35.47
H32 PEG AB . 11.75 41.40 -36.01
H41 PEG AB . 11.08 42.96 -34.25
H42 PEG AB . 12.51 42.71 -33.63
HO4 PEG AB . 11.20 41.30 -32.73
C1 PEG BB . 18.70 47.44 -40.11
O1 PEG BB . 20.08 47.65 -39.97
C2 PEG BB . 18.41 46.00 -40.52
O2 PEG BB . 17.22 45.57 -39.90
C3 PEG BB . 16.11 45.52 -40.75
C4 PEG BB . 14.90 44.94 -40.00
O4 PEG BB . 14.30 45.96 -39.24
H11 PEG BB . 18.37 48.04 -40.81
H12 PEG BB . 18.26 47.64 -39.27
HO1 PEG BB . 20.23 48.37 -39.55
H21 PEG BB . 19.14 45.43 -40.22
H22 PEG BB . 18.31 45.93 -41.47
H31 PEG BB . 16.31 44.95 -41.51
H32 PEG BB . 15.90 46.41 -41.07
H41 PEG BB . 15.20 44.23 -39.40
H42 PEG BB . 14.27 44.58 -40.63
HO4 PEG BB . 14.15 45.68 -38.46
C1 PEG CB . -14.26 67.04 -65.25
O1 PEG CB . -15.50 66.48 -65.58
C2 PEG CB . -14.39 68.55 -65.11
O2 PEG CB . -15.26 68.85 -64.05
C3 PEG CB . -15.18 70.18 -63.62
C4 PEG CB . -16.17 70.41 -62.49
O4 PEG CB . -15.63 69.94 -61.28
H11 PEG CB . -13.62 66.83 -65.95
H12 PEG CB . -13.95 66.66 -64.42
HO1 PEG CB . -16.11 66.85 -65.12
H21 PEG CB . -14.75 68.91 -65.94
H22 PEG CB . -13.52 68.94 -64.94
H31 PEG CB . -15.40 70.77 -64.36
H32 PEG CB . -14.28 70.36 -63.31
H41 PEG CB . -16.99 69.94 -62.67
H42 PEG CB . -16.35 71.36 -62.40
HO4 PEG CB . -15.47 70.59 -60.76
ZN ZN DB . 14.58 45.60 -48.99
ZN ZN EB . 15.85 43.61 -47.65
S SO4 FB . 17.40 47.50 -46.36
O1 SO4 FB . 18.85 47.71 -46.41
O2 SO4 FB . 17.06 46.29 -47.10
O3 SO4 FB . 16.70 48.63 -46.96
O4 SO4 FB . 16.99 47.37 -44.97
C1 GOL GB . -8.71 37.99 -9.41
O1 GOL GB . -9.16 36.75 -9.91
C2 GOL GB . -9.61 39.10 -10.01
O2 GOL GB . -10.96 38.84 -9.81
C3 GOL GB . -9.17 40.40 -9.31
O3 GOL GB . -10.11 41.39 -9.65
H11 GOL GB . -7.78 38.17 -9.67
H12 GOL GB . -8.73 38.05 -8.44
HO1 GOL GB . -9.07 36.18 -9.27
H2 GOL GB . -9.50 39.14 -10.98
HO2 GOL GB . -11.11 38.85 -8.97
H31 GOL GB . -8.26 40.61 -9.60
H32 GOL GB . -9.10 40.24 -8.36
HO3 GOL GB . -10.83 40.99 -9.82
C1 GOL HB . -16.47 13.09 -0.24
O1 GOL HB . -15.21 13.04 0.38
C2 GOL HB . -16.44 12.11 -1.45
O2 GOL HB . -16.25 10.81 -1.06
C3 GOL HB . -17.79 12.35 -2.17
O3 GOL HB . -17.74 11.69 -3.40
H11 GOL HB . -16.70 13.97 -0.54
H12 GOL HB . -17.18 12.81 0.36
HO1 GOL HB . -14.71 13.55 -0.08
H2 GOL HB . -15.69 12.32 -2.04
HO2 GOL HB . -17.01 10.43 -1.02
H31 GOL HB . -17.95 13.31 -2.24
H32 GOL HB . -18.51 12.03 -1.60
HO3 GOL HB . -18.29 11.05 -3.38
C1 PEG IB . -3.65 18.19 -27.44
O1 PEG IB . -4.24 18.91 -28.50
C2 PEG IB . -4.54 18.31 -26.20
O2 PEG IB . -4.61 19.66 -25.84
C3 PEG IB . -5.83 20.06 -25.29
C4 PEG IB . -6.10 21.51 -25.71
O4 PEG IB . -6.80 21.52 -26.93
H11 PEG IB . -2.77 18.55 -27.26
H12 PEG IB . -3.56 17.25 -27.70
HO1 PEG IB . -5.08 18.81 -28.46
H21 PEG IB . -4.15 17.79 -25.48
H22 PEG IB . -5.42 17.98 -26.41
H31 PEG IB . -5.79 20.00 -24.33
H32 PEG IB . -6.54 19.49 -25.62
H41 PEG IB . -5.26 21.97 -25.82
H42 PEG IB . -6.63 21.95 -25.03
HO4 PEG IB . -7.56 21.90 -26.82
C1 PEG JB . -2.39 17.64 -31.84
O1 PEG JB . -0.99 17.52 -31.85
C2 PEG JB . -2.91 17.23 -30.47
O2 PEG JB . -2.83 15.83 -30.32
C3 PEG JB . -1.92 15.35 -29.35
C4 PEG JB . -0.81 14.56 -30.06
O4 PEG JB . 0.32 14.49 -29.23
H11 PEG JB . -2.76 17.06 -32.52
H12 PEG JB . -2.63 18.55 -32.02
HO1 PEG JB . -0.66 17.98 -32.48
H21 PEG JB . -3.83 17.52 -30.38
H22 PEG JB . -2.37 17.66 -29.78
H31 PEG JB . -2.38 14.78 -28.73
H32 PEG JB . -1.54 16.11 -28.88
H41 PEG JB . -0.57 15.01 -30.88
H42 PEG JB . -1.13 13.67 -30.24
HO4 PEG JB . 0.97 14.15 -29.66
C1 GOL KB . -14.61 2.09 -37.30
O1 GOL KB . -13.91 1.85 -36.10
C2 GOL KB . -13.58 2.62 -38.33
O2 GOL KB . -13.01 3.79 -37.88
C3 GOL KB . -14.36 2.81 -39.64
O3 GOL KB . -13.86 1.87 -40.56
H11 GOL KB . -15.32 2.74 -37.19
H12 GOL KB . -15.04 1.29 -37.65
HO1 GOL KB . -14.19 2.44 -35.54
H2 GOL KB . -12.86 1.98 -38.45
HO2 GOL KB . -13.64 4.32 -37.66
H31 GOL KB . -14.25 3.73 -39.93
H32 GOL KB . -15.30 2.72 -39.46
HO3 GOL KB . -14.30 1.97 -41.29
ZN ZN LB . -4.19 19.53 -23.49
ZN ZN MB . -6.94 19.89 -22.89
S SO4 NB . -6.25 15.79 -24.80
O1 SO4 NB . -7.55 16.44 -24.89
O2 SO4 NB . -5.65 15.65 -26.12
O3 SO4 NB . -5.40 16.59 -23.92
O4 SO4 NB . -6.41 14.46 -24.22
C1 GOL OB . -45.29 -55.62 71.59
O1 GOL OB . -45.75 -54.38 72.03
C2 GOL OB . -44.48 -56.23 72.75
O2 GOL OB . -43.50 -55.36 73.21
C3 GOL OB . -43.88 -57.53 72.18
O3 GOL OB . -44.18 -58.55 73.09
H11 GOL OB . -44.72 -55.55 70.81
H12 GOL OB . -46.00 -56.22 71.35
HO1 GOL OB . -45.18 -54.09 72.59
H2 GOL OB . -45.06 -56.43 73.50
HO2 GOL OB . -42.80 -55.80 73.35
H31 GOL OB . -42.92 -57.40 72.05
H32 GOL OB . -44.23 -57.68 71.29
HO3 GOL OB . -43.90 -59.29 72.75
C1 PEG PB . -23.06 -44.86 45.08
O1 PEG PB . -23.10 -46.21 44.67
C2 PEG PB . -24.14 -44.08 44.33
O2 PEG PB . -23.78 -42.74 44.24
C3 PEG PB . -24.43 -42.03 43.23
C4 PEG PB . -23.73 -42.28 41.89
O4 PEG PB . -24.59 -41.92 40.84
H11 PEG PB . -22.19 -44.50 44.87
H12 PEG PB . -23.22 -44.80 46.02
HO1 PEG PB . -23.64 -46.29 44.02
H21 PEG PB . -24.98 -44.15 44.80
H22 PEG PB . -24.25 -44.44 43.43
H31 PEG PB . -24.41 -41.08 43.43
H32 PEG PB . -25.35 -42.33 43.17
H41 PEG PB . -23.50 -43.22 41.82
H42 PEG PB . -22.92 -41.74 41.85
HO4 PEG PB . -24.49 -42.46 40.19
C1 GOL QB . -20.29 -26.75 71.12
O1 GOL QB . -21.33 -25.82 71.30
C2 GOL QB . -20.84 -27.85 70.19
O2 GOL QB . -22.13 -28.23 70.55
C3 GOL QB . -19.84 -29.02 70.33
O3 GOL QB . -20.35 -30.08 69.54
H11 GOL QB . -20.00 -27.15 71.95
H12 GOL QB . -19.51 -26.35 70.71
HO1 GOL QB . -22.06 -26.27 71.27
H2 GOL QB . -20.89 -27.53 69.28
HO2 GOL QB . -22.37 -28.86 70.02
H31 GOL QB . -19.74 -29.25 71.26
H32 GOL QB . -18.96 -28.72 70.05
HO3 GOL QB . -20.01 -30.79 69.85
ZN ZN RB . -24.31 -43.15 52.58
ZN ZN SB . -22.10 -43.00 51.15
S SO4 TB . -24.37 -46.53 49.84
O1 SO4 TB . -24.65 -46.13 48.45
O2 SO4 TB . -23.92 -47.92 49.84
O3 SO4 TB . -23.34 -45.68 50.41
O4 SO4 TB . -25.58 -46.37 50.62
S SO4 UB . -7.43 -40.17 64.39
O1 SO4 UB . -8.81 -40.32 63.95
O2 SO4 UB . -6.54 -40.91 63.51
O3 SO4 UB . -7.08 -38.75 64.37
O4 SO4 UB . -7.27 -40.67 65.75
C1 GOL VB . -34.78 -18.27 14.82
O1 GOL VB . -33.95 -17.17 15.08
C2 GOL VB . -36.22 -17.84 15.18
O2 GOL VB . -36.32 -17.34 16.48
C3 GOL VB . -37.05 -19.13 15.00
O3 GOL VB . -38.39 -18.81 15.27
H11 GOL VB . -34.54 -19.05 15.33
H12 GOL VB . -34.75 -18.53 13.88
HO1 GOL VB . -33.47 -17.04 14.39
H2 GOL VB . -36.54 -17.14 14.60
HO2 GOL VB . -37.12 -17.08 16.60
H31 GOL VB . -36.70 -19.81 15.59
H32 GOL VB . -36.91 -19.47 14.10
HO3 GOL VB . -38.87 -19.45 14.97
C1 PEG WB . -29.15 -33.76 26.51
O1 PEG WB . -28.73 -34.95 25.91
C2 PEG WB . -29.39 -34.01 28.00
O2 PEG WB . -28.94 -35.29 28.35
C3 PEG WB . -29.12 -35.61 29.70
C4 PEG WB . -27.99 -35.01 30.54
O4 PEG WB . -28.10 -35.48 31.85
H11 PEG WB . -29.97 -33.45 26.10
H12 PEG WB . -28.46 -33.09 26.41
HO1 PEG WB . -29.42 -35.42 25.70
H21 PEG WB . -30.34 -33.94 28.20
H22 PEG WB . -28.91 -33.34 28.52
H31 PEG WB . -29.12 -36.58 29.80
H32 PEG WB . -29.97 -35.25 30.00
H41 PEG WB . -28.06 -34.05 30.52
H42 PEG WB . -27.14 -35.29 30.16
HO4 PEG WB . -28.93 -35.59 32.05
ZN ZN XB . -27.47 -32.78 22.25
ZN ZN YB . -28.43 -34.86 20.84
S SO4 ZB . -31.81 -33.52 23.36
O1 SO4 ZB . -32.24 -34.55 22.42
O2 SO4 ZB . -30.47 -33.08 22.99
O3 SO4 ZB . -31.80 -34.07 24.72
O4 SO4 ZB . -32.73 -32.39 23.31
C1 GOL AC . -14.75 -19.16 50.03
O1 GOL AC . -15.53 -18.81 48.92
C2 GOL AC . -13.40 -18.43 49.90
O2 GOL AC . -13.54 -17.05 49.77
C3 GOL AC . -12.63 -18.81 51.18
O3 GOL AC . -11.50 -18.00 51.25
H11 GOL AC . -14.59 -20.12 50.08
H12 GOL AC . -15.17 -18.92 50.87
HO1 GOL AC . -15.92 -18.08 49.12
H2 GOL AC . -12.93 -18.70 49.10
HO2 GOL AC . -14.27 -16.83 50.14
H31 GOL AC . -12.42 -19.76 51.15
H32 GOL AC . -13.22 -18.71 51.94
HO3 GOL AC . -10.96 -18.38 51.80
C1 GOL BC . 9.20 -33.34 62.52
O1 GOL BC . 7.89 -33.81 62.75
C2 GOL BC . 10.17 -34.53 62.73
O2 GOL BC . 9.73 -35.67 62.06
C3 GOL BC . 11.54 -34.03 62.21
O3 GOL BC . 12.04 -35.03 61.35
H11 GOL BC . 9.45 -32.62 63.12
H12 GOL BC . 9.31 -32.98 61.62
HO1 GOL BC . 7.96 -34.40 63.36
H2 GOL BC . 10.21 -34.77 63.67
HO2 GOL BC . 8.87 -35.66 62.06
H31 GOL BC . 12.11 -33.85 62.96
H32 GOL BC . 11.41 -33.18 61.76
HO3 GOL BC . 11.36 -35.48 61.09
ZN ZN CC . -8.87 -20.46 57.55
ZN ZN DC . -10.24 -22.09 56.40
S SO4 EC . -12.33 -18.42 57.56
O1 SO4 EC . -12.69 -17.85 56.26
O2 SO4 EC . -11.87 -19.79 57.39
O3 SO4 EC . -11.25 -17.64 58.13
O4 SO4 EC . -13.50 -18.39 58.42
C1 GOL FC . -14.02 -57.56 58.57
O1 GOL FC . -14.33 -58.88 58.22
C2 GOL FC . -12.48 -57.47 58.73
O2 GOL FC . -11.82 -58.01 57.62
C3 GOL FC . -12.18 -55.97 58.93
O3 GOL FC . -10.85 -55.73 58.49
H11 GOL FC . -14.43 -57.29 59.40
H12 GOL FC . -14.30 -56.92 57.89
HO1 GOL FC . -14.94 -59.13 58.75
H2 GOL FC . -12.17 -57.99 59.48
HO2 GOL FC . -11.06 -57.62 57.55
H31 GOL FC . -12.33 -55.74 59.85
H32 GOL FC . -12.84 -55.45 58.44
HO3 GOL FC . -10.40 -55.54 59.19
C1 GOL GC . 3.25 -38.08 38.08
O1 GOL GC . 4.49 -38.70 37.89
C2 GOL GC . 3.04 -37.95 39.59
O2 GOL GC . 3.46 -39.09 40.27
C3 GOL GC . 1.54 -37.69 39.75
O3 GOL GC . 1.41 -36.71 40.75
H11 GOL GC . 2.52 -38.60 37.69
H12 GOL GC . 3.19 -37.22 37.65
HO1 GOL GC . 4.95 -38.49 38.57
H2 GOL GC . 3.57 -37.22 39.95
HO2 GOL GC . 3.31 -38.97 41.10
H31 GOL GC . 1.10 -38.52 39.98
H32 GOL GC . 1.17 -37.42 38.90
HO3 GOL GC . 0.58 -36.56 40.84
C1 GOL HC . 17.77 -47.08 26.58
O1 GOL HC . 17.35 -48.31 26.03
C2 GOL HC . 18.66 -46.39 25.52
O2 GOL HC . 19.84 -47.09 25.29
C3 GOL HC . 18.92 -44.98 26.10
O3 GOL HC . 19.78 -44.31 25.20
H11 GOL HC . 18.28 -47.19 27.40
H12 GOL HC . 17.03 -46.50 26.79
HO1 GOL HC . 17.99 -48.86 26.16
H2 GOL HC . 18.22 -46.34 24.66
HO2 GOL HC . 20.49 -46.53 25.35
H31 GOL HC . 19.29 -45.07 26.99
H32 GOL HC . 18.07 -44.54 26.21
HO3 GOL HC . 20.09 -43.64 25.62
ZN ZN IC . 3.12 -43.69 46.82
ZN ZN JC . 2.18 -41.31 47.06
S SO4 KC . 6.37 -40.89 45.95
O1 SO4 KC . 6.38 -40.28 44.62
O2 SO4 KC . 6.73 -42.30 45.86
O3 SO4 KC . 7.33 -40.19 46.80
O4 SO4 KC . 5.03 -40.78 46.52
ZN ZN LC . -1.16 -29.85 17.10
ZN ZN MC . -3.20 -30.90 18.41
S SO4 NC . -0.80 -34.01 17.19
O1 SO4 NC . -0.86 -35.27 16.47
O2 SO4 NC . 0.29 -33.20 16.65
O3 SO4 NC . -0.56 -34.29 18.60
O4 SO4 NC . -2.05 -33.27 17.05
ZN ZN OC . -17.78 -9.96 27.63
ZN ZN PC . -15.92 -11.77 27.62
S SO4 QC . -14.04 -8.18 29.01
O1 SO4 QC . -14.50 -9.25 28.14
O2 SO4 QC . -12.88 -7.54 28.42
O3 SO4 QC . -15.12 -7.22 29.18
O4 SO4 QC . -13.66 -8.71 30.32
S SO4 RC . -18.16 -20.47 9.94
O1 SO4 RC . -18.68 -20.13 8.63
O2 SO4 RC . -16.73 -20.74 9.87
O3 SO4 RC . -18.41 -19.35 10.85
O4 SO4 RC . -18.83 -21.66 10.44
#